data_9JGA
#
_entry.id   9JGA
#
_cell.length_a   1.00
_cell.length_b   1.00
_cell.length_c   1.00
_cell.angle_alpha   90.00
_cell.angle_beta   90.00
_cell.angle_gamma   90.00
#
_symmetry.space_group_name_H-M   'P 1'
#
_entity_poly.entity_id   1
_entity_poly.type   'polypeptide(L)'
_entity_poly.pdbx_seq_one_letter_code
;MADNENRLESILSRFDADWTASDEARREAKNDLFFSRVSQWDDWLSQYTTLQYRGQFDVVRPVVRKLVSEMRQNPIDVLY
RPKDGARPDAADVLMGMYRTDMRHNTAKIAVNIAVREQIEAGVGAWRLVTDYEDQSPTSNNQVIRREPIHSACSHVIWDS
NSKLMDKSDARHCTVIHSMSQNGWEDFAEKYDLDADDIPSFQNPNDWVFPWLTQDTIQIAEFYEVVEKKETAFIYQDPVT
GEPVSYFKRDIKDVIDDLADSGFIKIAERQIKRRRVYKSIITCTAVLKDKQLIAGEHIPIVPVFGEWGFVEDKEVYEGVV
RLTKDGQRLRNMIMSFNADIVARTPKKKPFFWPEQIAGFEHMYDGNDDYPYYLLNRTDENSGDLPTQPLAYYENPEVPQA
NAYMLEAATSAVKEVATLGVDTEAVNGGQVAFDTVNQLNMRADLETYVFQDNLATAMRRDGEIYQSIVNDIYDVPRNVTI
TLEDGSEKDVQLMAEVVDLATGEKQVLNDIRGRYECYTDVGPSFQSMKQQNRAEILELLGKTPQGTPEYQLLLLQYFTLL
DGKGVEMMRDYANKQLIQMGVKKPETPEEQQWLVEAQQAKQGQQDPAMVQAQGVLLQGQAELAKAQNQTLSLQIDAAKVE
AQNQLNAARIAEIFNNMDLSKQSEFREFLKTVASFQQDRSEDARANAELLLKGDEQTHKQRMDIANILQSQRQNQPSGSV
AETPQ
;
_entity_poly.pdbx_strand_id   A,B,C,D,E,F,G,H,I,J,K,L
#
# COMPACT_ATOMS: atom_id res chain seq x y z
N ASN A 6 -68.65 -13.24 -49.78
CA ASN A 6 -67.59 -12.38 -50.28
C ASN A 6 -66.85 -11.69 -49.15
N ARG A 7 -67.52 -11.56 -48.00
CA ARG A 7 -66.91 -10.91 -46.84
C ARG A 7 -65.64 -11.63 -46.42
N LEU A 8 -65.69 -12.96 -46.36
CA LEU A 8 -64.51 -13.72 -45.96
C LEU A 8 -63.37 -13.53 -46.95
N GLU A 9 -63.68 -13.32 -48.23
CA GLU A 9 -62.59 -13.09 -49.17
C GLU A 9 -61.89 -11.77 -48.90
N SER A 10 -62.64 -10.74 -48.52
CA SER A 10 -62.01 -9.48 -48.11
C SER A 10 -61.20 -9.67 -46.83
N ILE A 11 -61.74 -10.40 -45.87
CA ILE A 11 -61.01 -10.63 -44.62
C ILE A 11 -59.69 -11.34 -44.89
N LEU A 12 -59.74 -12.39 -45.71
CA LEU A 12 -58.53 -13.15 -46.01
C LEU A 12 -57.57 -12.35 -46.87
N SER A 13 -58.07 -11.48 -47.75
CA SER A 13 -57.18 -10.60 -48.49
C SER A 13 -56.39 -9.71 -47.54
N ARG A 14 -57.09 -9.07 -46.59
CA ARG A 14 -56.41 -8.21 -45.64
C ARG A 14 -55.42 -9.00 -44.79
N PHE A 15 -55.83 -10.18 -44.32
CA PHE A 15 -54.96 -10.97 -43.46
C PHE A 15 -53.72 -11.44 -44.22
N ASP A 16 -53.89 -11.88 -45.47
CA ASP A 16 -52.75 -12.32 -46.26
C ASP A 16 -51.80 -11.16 -46.55
N ALA A 17 -52.36 -9.98 -46.85
CA ALA A 17 -51.50 -8.83 -47.07
C ALA A 17 -50.67 -8.51 -45.84
N ASP A 18 -51.31 -8.51 -44.66
CA ASP A 18 -50.58 -8.23 -43.43
C ASP A 18 -49.52 -9.29 -43.16
N TRP A 19 -49.87 -10.56 -43.37
CA TRP A 19 -48.95 -11.66 -43.13
C TRP A 19 -47.71 -11.54 -44.03
N THR A 20 -47.93 -11.38 -45.33
CA THR A 20 -46.79 -11.30 -46.24
C THR A 20 -45.98 -10.03 -46.02
N ALA A 21 -46.62 -8.96 -45.56
CA ALA A 21 -45.86 -7.74 -45.29
C ALA A 21 -44.97 -7.89 -44.06
N SER A 22 -45.43 -8.61 -43.03
CA SER A 22 -44.63 -8.77 -41.82
C SER A 22 -43.87 -10.09 -41.77
N ASP A 23 -43.82 -10.82 -42.89
CA ASP A 23 -43.19 -12.13 -42.91
C ASP A 23 -41.73 -12.09 -42.47
N GLU A 24 -40.95 -11.12 -42.96
CA GLU A 24 -39.52 -11.12 -42.65
C GLU A 24 -39.28 -10.90 -41.16
N ALA A 25 -39.95 -9.90 -40.59
CA ALA A 25 -39.80 -9.62 -39.17
C ALA A 25 -40.29 -10.79 -38.33
N ARG A 26 -41.41 -11.40 -38.71
CA ARG A 26 -41.91 -12.54 -37.97
C ARG A 26 -40.95 -13.71 -38.03
N ARG A 27 -40.33 -13.95 -39.19
CA ARG A 27 -39.34 -15.02 -39.31
C ARG A 27 -38.17 -14.79 -38.38
N GLU A 28 -37.59 -13.59 -38.42
CA GLU A 28 -36.44 -13.35 -37.58
C GLU A 28 -36.80 -13.39 -36.10
N ALA A 29 -37.99 -12.90 -35.72
CA ALA A 29 -38.38 -12.95 -34.32
C ALA A 29 -38.63 -14.37 -33.86
N LYS A 30 -39.26 -15.20 -34.69
CA LYS A 30 -39.45 -16.59 -34.32
C LYS A 30 -38.12 -17.31 -34.16
N ASN A 31 -37.16 -17.02 -35.04
CA ASN A 31 -35.84 -17.61 -34.89
C ASN A 31 -35.20 -17.16 -33.59
N ASP A 32 -35.35 -15.88 -33.24
CA ASP A 32 -34.80 -15.36 -31.99
C ASP A 32 -35.40 -16.08 -30.78
N LEU A 33 -36.72 -16.19 -30.76
CA LEU A 33 -37.40 -16.83 -29.65
C LEU A 33 -36.99 -18.29 -29.54
N PHE A 34 -36.92 -18.99 -30.67
CA PHE A 34 -36.54 -20.39 -30.65
C PHE A 34 -35.09 -20.56 -30.20
N PHE A 35 -34.22 -19.62 -30.56
CA PHE A 35 -32.85 -19.67 -30.07
C PHE A 35 -32.79 -19.45 -28.57
N SER A 36 -33.62 -18.56 -28.03
CA SER A 36 -33.54 -18.23 -26.62
C SER A 36 -34.41 -19.11 -25.74
N ARG A 37 -35.05 -20.14 -26.29
CA ARG A 37 -35.88 -21.00 -25.46
C ARG A 37 -35.75 -22.49 -25.74
N VAL A 38 -35.13 -22.91 -26.85
CA VAL A 38 -35.09 -24.33 -27.17
C VAL A 38 -33.65 -24.81 -27.31
N SER A 39 -32.92 -24.25 -28.28
CA SER A 39 -31.57 -24.74 -28.56
C SER A 39 -30.77 -23.65 -29.25
N GLN A 40 -29.54 -23.41 -28.76
CA GLN A 40 -28.71 -22.37 -29.34
C GLN A 40 -28.25 -22.71 -30.75
N TRP A 41 -28.26 -24.00 -31.11
CA TRP A 41 -27.66 -24.45 -32.36
C TRP A 41 -28.71 -24.49 -33.45
N ASP A 42 -28.84 -23.39 -34.17
CA ASP A 42 -29.75 -23.33 -35.31
C ASP A 42 -29.30 -24.31 -36.39
N ASP A 43 -30.12 -24.51 -37.42
CA ASP A 43 -29.76 -25.50 -38.44
C ASP A 43 -28.63 -25.01 -39.32
N TRP A 44 -28.61 -23.71 -39.64
CA TRP A 44 -27.46 -23.15 -40.36
C TRP A 44 -26.16 -23.52 -39.67
N LEU A 45 -26.10 -23.31 -38.36
CA LEU A 45 -24.87 -23.60 -37.64
C LEU A 45 -24.54 -25.08 -37.64
N SER A 46 -25.56 -25.94 -37.54
CA SER A 46 -25.29 -27.37 -37.63
C SER A 46 -24.84 -27.78 -39.02
N GLN A 47 -25.09 -26.96 -40.04
CA GLN A 47 -24.60 -27.30 -41.37
C GLN A 47 -23.14 -26.89 -41.55
N TYR A 48 -22.81 -25.64 -41.23
CA TYR A 48 -21.40 -25.23 -41.20
C TYR A 48 -20.89 -25.47 -39.78
N THR A 49 -20.41 -26.69 -39.57
CA THR A 49 -19.61 -27.09 -38.43
C THR A 49 -19.31 -28.56 -38.62
N THR A 50 -18.37 -29.07 -37.85
CA THR A 50 -18.09 -30.49 -37.88
C THR A 50 -18.02 -31.05 -36.47
N LEU A 51 -18.06 -30.17 -35.46
CA LEU A 51 -17.99 -30.58 -34.06
C LEU A 51 -18.99 -31.69 -33.78
N GLN A 52 -18.58 -32.65 -32.95
CA GLN A 52 -19.45 -33.77 -32.62
C GLN A 52 -20.16 -33.59 -31.29
N TYR A 53 -19.64 -32.78 -30.39
CA TYR A 53 -20.30 -32.52 -29.11
C TYR A 53 -20.91 -31.12 -29.16
N ARG A 54 -22.15 -31.04 -29.59
CA ARG A 54 -22.85 -29.76 -29.62
C ARG A 54 -23.33 -29.44 -28.21
N GLY A 55 -22.80 -28.37 -27.62
CA GLY A 55 -23.14 -27.97 -26.28
C GLY A 55 -23.85 -26.63 -26.27
N GLN A 56 -24.40 -26.28 -25.10
CA GLN A 56 -25.05 -24.99 -24.89
C GLN A 56 -24.58 -24.43 -23.56
N PHE A 57 -23.48 -23.70 -23.59
CA PHE A 57 -22.92 -23.06 -22.40
C PHE A 57 -23.32 -21.58 -22.40
N ASP A 58 -24.63 -21.34 -22.26
CA ASP A 58 -25.16 -20.02 -22.59
C ASP A 58 -24.96 -19.03 -21.46
N VAL A 59 -24.86 -17.75 -21.82
CA VAL A 59 -24.87 -16.67 -20.86
C VAL A 59 -25.89 -15.62 -21.29
N VAL A 60 -26.85 -16.03 -22.09
CA VAL A 60 -27.91 -15.12 -22.51
C VAL A 60 -28.96 -14.95 -21.42
N ARG A 61 -29.46 -16.08 -20.90
CA ARG A 61 -30.50 -16.01 -19.87
C ARG A 61 -30.11 -15.22 -18.64
N PRO A 62 -28.88 -15.27 -18.12
CA PRO A 62 -28.53 -14.32 -17.06
C PRO A 62 -28.74 -12.87 -17.46
N VAL A 63 -28.43 -12.51 -18.70
CA VAL A 63 -28.63 -11.13 -19.14
C VAL A 63 -30.11 -10.80 -19.21
N VAL A 64 -30.91 -11.69 -19.78
CA VAL A 64 -32.34 -11.44 -19.87
C VAL A 64 -32.95 -11.33 -18.48
N ARG A 65 -32.50 -12.17 -17.55
CA ARG A 65 -32.99 -12.10 -16.18
C ARG A 65 -32.63 -10.77 -15.55
N LYS A 66 -31.41 -10.30 -15.75
CA LYS A 66 -31.03 -9.00 -15.20
C LYS A 66 -31.89 -7.89 -15.77
N LEU A 67 -32.15 -7.91 -17.08
CA LEU A 67 -32.97 -6.87 -17.68
C LEU A 67 -34.40 -6.90 -17.13
N VAL A 68 -34.99 -8.08 -17.00
CA VAL A 68 -36.36 -8.14 -16.49
C VAL A 68 -36.41 -7.68 -15.05
N SER A 69 -35.42 -8.05 -14.23
CA SER A 69 -35.39 -7.58 -12.86
C SER A 69 -35.27 -6.07 -12.81
N GLU A 70 -34.44 -5.49 -13.67
CA GLU A 70 -34.31 -4.04 -13.73
C GLU A 70 -35.62 -3.38 -14.09
N MET A 71 -36.38 -3.98 -15.01
CA MET A 71 -37.74 -3.50 -15.27
C MET A 71 -38.59 -3.57 -14.02
N ARG A 72 -38.55 -4.70 -13.32
CA ARG A 72 -39.40 -4.90 -12.16
C ARG A 72 -39.12 -3.91 -11.05
N GLN A 73 -37.88 -3.43 -10.95
CA GLN A 73 -37.51 -2.50 -9.88
C GLN A 73 -37.81 -1.05 -10.22
N ASN A 74 -38.33 -0.74 -11.40
CA ASN A 74 -38.70 0.61 -11.78
C ASN A 74 -40.13 0.60 -12.30
N PRO A 75 -41.11 0.46 -11.41
CA PRO A 75 -42.48 0.23 -11.88
C PRO A 75 -43.08 1.48 -12.51
N ILE A 76 -43.97 1.25 -13.47
CA ILE A 76 -44.58 2.30 -14.26
C ILE A 76 -46.02 2.47 -13.83
N ASP A 77 -46.40 3.69 -13.47
CA ASP A 77 -47.78 4.00 -13.12
C ASP A 77 -48.48 4.64 -14.29
N VAL A 78 -49.80 4.54 -14.30
CA VAL A 78 -50.63 5.16 -15.31
C VAL A 78 -51.53 6.17 -14.64
N LEU A 79 -51.57 7.37 -15.19
CA LEU A 79 -52.35 8.46 -14.64
C LEU A 79 -53.54 8.73 -15.56
N TYR A 80 -54.34 9.72 -15.21
CA TYR A 80 -55.52 10.04 -16.02
C TYR A 80 -55.78 11.54 -15.97
N ARG A 81 -55.61 12.19 -17.11
CA ARG A 81 -55.94 13.60 -17.24
C ARG A 81 -57.45 13.75 -17.31
N PRO A 82 -58.09 14.50 -16.41
CA PRO A 82 -59.54 14.72 -16.53
C PRO A 82 -59.80 15.79 -17.58
N LYS A 83 -60.61 15.45 -18.57
CA LYS A 83 -60.91 16.36 -19.67
C LYS A 83 -62.39 16.73 -19.70
N ASP A 84 -62.68 17.78 -20.45
CA ASP A 84 -64.05 18.26 -20.65
C ASP A 84 -64.76 18.52 -19.33
N GLY A 85 -64.04 19.18 -18.42
CA GLY A 85 -64.62 19.63 -17.17
C GLY A 85 -65.01 18.54 -16.20
N ALA A 86 -64.49 17.34 -16.37
CA ALA A 86 -64.77 16.28 -15.41
C ALA A 86 -64.07 16.55 -14.08
N ARG A 87 -64.72 16.13 -13.01
CA ARG A 87 -64.19 16.40 -11.69
C ARG A 87 -62.91 15.61 -11.44
N PRO A 88 -61.99 16.15 -10.64
CA PRO A 88 -60.78 15.38 -10.30
C PRO A 88 -61.08 14.12 -9.52
N ASP A 89 -62.20 14.03 -8.82
CA ASP A 89 -62.49 12.84 -8.03
C ASP A 89 -62.80 11.64 -8.92
N ALA A 90 -63.51 11.84 -10.03
CA ALA A 90 -63.69 10.74 -10.97
C ALA A 90 -62.36 10.30 -11.55
N ALA A 91 -61.47 11.25 -11.83
CA ALA A 91 -60.13 10.89 -12.27
C ALA A 91 -59.42 10.05 -11.24
N ASP A 92 -59.53 10.42 -9.96
CA ASP A 92 -58.89 9.65 -8.90
C ASP A 92 -59.49 8.24 -8.80
N VAL A 93 -60.79 8.12 -9.01
CA VAL A 93 -61.40 6.80 -8.95
C VAL A 93 -60.91 5.91 -10.09
N LEU A 94 -60.74 6.47 -11.29
CA LEU A 94 -60.11 5.68 -12.35
C LEU A 94 -58.64 5.37 -12.04
N MET A 95 -57.91 6.30 -11.44
CA MET A 95 -56.57 5.98 -10.96
C MET A 95 -56.60 4.73 -10.12
N GLY A 96 -57.51 4.69 -9.13
CA GLY A 96 -57.56 3.57 -8.22
C GLY A 96 -58.00 2.28 -8.89
N MET A 97 -59.02 2.34 -9.75
CA MET A 97 -59.48 1.11 -10.38
C MET A 97 -58.44 0.54 -11.33
N TYR A 98 -57.74 1.41 -12.07
CA TYR A 98 -56.66 0.89 -12.91
C TYR A 98 -55.56 0.29 -12.05
N ARG A 99 -55.23 0.91 -10.93
CA ARG A 99 -54.19 0.34 -10.08
C ARG A 99 -54.60 -1.01 -9.53
N THR A 100 -55.86 -1.17 -9.13
CA THR A 100 -56.29 -2.45 -8.58
C THR A 100 -56.53 -3.50 -9.66
N ASP A 101 -56.71 -3.08 -10.92
CA ASP A 101 -56.82 -4.05 -12.00
C ASP A 101 -55.48 -4.39 -12.62
N MET A 102 -54.43 -3.60 -12.32
CA MET A 102 -53.07 -3.93 -12.72
C MET A 102 -52.29 -4.65 -11.63
N ARG A 103 -52.74 -4.57 -10.38
CA ARG A 103 -52.10 -5.31 -9.31
C ARG A 103 -52.66 -6.72 -9.17
N HIS A 104 -53.78 -7.01 -9.83
CA HIS A 104 -54.33 -8.36 -9.79
C HIS A 104 -53.35 -9.33 -10.42
N ASN A 105 -53.31 -10.55 -9.89
CA ASN A 105 -52.23 -11.46 -10.25
C ASN A 105 -52.28 -11.88 -11.72
N THR A 106 -53.47 -12.02 -12.30
CA THR A 106 -53.54 -12.36 -13.72
C THR A 106 -52.91 -11.27 -14.58
N ALA A 107 -53.18 -10.02 -14.26
CA ALA A 107 -52.55 -8.92 -14.98
C ALA A 107 -51.04 -8.93 -14.81
N LYS A 108 -50.56 -9.29 -13.62
CA LYS A 108 -49.12 -9.37 -13.42
C LYS A 108 -48.51 -10.48 -14.26
N ILE A 109 -49.19 -11.62 -14.37
CA ILE A 109 -48.69 -12.69 -15.23
C ILE A 109 -48.64 -12.22 -16.68
N ALA A 110 -49.70 -11.55 -17.14
CA ALA A 110 -49.74 -11.09 -18.52
C ALA A 110 -48.63 -10.09 -18.81
N VAL A 111 -48.45 -9.11 -17.92
CA VAL A 111 -47.41 -8.12 -18.15
C VAL A 111 -46.03 -8.77 -18.10
N ASN A 112 -45.82 -9.71 -17.18
CA ASN A 112 -44.51 -10.35 -17.09
C ASN A 112 -44.20 -11.15 -18.35
N ILE A 113 -45.18 -11.89 -18.87
CA ILE A 113 -44.94 -12.64 -20.10
C ILE A 113 -44.67 -11.71 -21.26
N ALA A 114 -45.44 -10.62 -21.36
CA ALA A 114 -45.22 -9.67 -22.44
C ALA A 114 -43.83 -9.06 -22.36
N VAL A 115 -43.39 -8.68 -21.17
CA VAL A 115 -42.08 -8.05 -21.05
C VAL A 115 -40.97 -9.06 -21.34
N ARG A 116 -41.14 -10.31 -20.89
CA ARG A 116 -40.13 -11.33 -21.15
C ARG A 116 -40.00 -11.59 -22.65
N GLU A 117 -41.12 -11.65 -23.36
CA GLU A 117 -41.04 -11.85 -24.81
C GLU A 117 -40.57 -10.60 -25.54
N GLN A 118 -40.82 -9.41 -24.97
CA GLN A 118 -40.22 -8.20 -25.52
C GLN A 118 -38.70 -8.28 -25.46
N ILE A 119 -38.17 -8.64 -24.30
CA ILE A 119 -36.73 -8.65 -24.12
C ILE A 119 -36.09 -9.76 -24.93
N GLU A 120 -36.73 -10.92 -25.02
CA GLU A 120 -36.13 -12.01 -25.78
C GLU A 120 -36.35 -11.83 -27.28
N ALA A 121 -37.61 -11.83 -27.73
CA ALA A 121 -37.88 -11.79 -29.16
C ALA A 121 -37.93 -10.36 -29.67
N GLY A 122 -38.82 -9.56 -29.12
CA GLY A 122 -39.00 -8.19 -29.57
C GLY A 122 -40.44 -7.73 -29.53
N VAL A 123 -41.39 -8.65 -29.37
CA VAL A 123 -42.81 -8.32 -29.31
C VAL A 123 -43.45 -9.13 -28.19
N GLY A 124 -44.30 -8.50 -27.39
CA GLY A 124 -44.98 -9.23 -26.35
C GLY A 124 -46.50 -9.28 -26.40
N ALA A 125 -47.11 -8.17 -26.83
CA ALA A 125 -48.54 -8.11 -27.15
C ALA A 125 -49.48 -8.81 -26.19
N TRP A 126 -49.59 -8.37 -24.95
CA TRP A 126 -50.64 -8.91 -24.09
C TRP A 126 -51.99 -8.35 -24.50
N ARG A 127 -53.07 -8.95 -23.99
CA ARG A 127 -54.41 -8.67 -24.50
C ARG A 127 -55.38 -8.36 -23.37
N LEU A 128 -56.28 -7.41 -23.61
CA LEU A 128 -57.38 -7.10 -22.71
C LEU A 128 -58.60 -7.97 -23.04
N VAL A 129 -59.38 -8.30 -22.01
CA VAL A 129 -60.60 -9.08 -22.20
C VAL A 129 -61.51 -8.81 -21.01
N THR A 130 -62.81 -8.98 -21.21
CA THR A 130 -63.82 -8.69 -20.21
C THR A 130 -64.67 -9.92 -19.94
N ASP A 131 -65.10 -10.09 -18.69
CA ASP A 131 -65.94 -11.22 -18.31
C ASP A 131 -66.71 -10.86 -17.05
N TYR A 132 -67.73 -11.67 -16.76
CA TYR A 132 -68.59 -11.38 -15.62
C TYR A 132 -67.89 -11.72 -14.31
N GLU A 133 -68.29 -11.03 -13.25
CA GLU A 133 -67.97 -11.40 -11.88
C GLU A 133 -69.26 -11.67 -11.15
N ASP A 134 -69.14 -12.22 -9.94
CA ASP A 134 -70.28 -12.38 -9.03
C ASP A 134 -71.40 -13.18 -9.68
N GLN A 135 -71.11 -14.47 -9.89
CA GLN A 135 -71.99 -15.31 -10.68
C GLN A 135 -73.36 -15.42 -10.04
N SER A 136 -74.34 -14.73 -10.63
CA SER A 136 -75.73 -14.71 -10.22
C SER A 136 -76.54 -14.03 -11.32
N PRO A 137 -77.71 -14.56 -11.69
CA PRO A 137 -78.45 -13.96 -12.80
C PRO A 137 -79.07 -12.61 -12.48
N THR A 138 -79.07 -12.20 -11.21
CA THR A 138 -79.73 -10.95 -10.82
C THR A 138 -79.11 -9.76 -11.52
N SER A 139 -77.79 -9.72 -11.62
CA SER A 139 -77.08 -8.57 -12.17
C SER A 139 -76.29 -8.97 -13.41
N ASN A 140 -75.59 -7.99 -13.98
CA ASN A 140 -74.76 -8.17 -15.16
C ASN A 140 -73.43 -7.43 -15.01
N ASN A 141 -72.88 -7.40 -13.80
CA ASN A 141 -71.64 -6.69 -13.56
C ASN A 141 -70.48 -7.40 -14.26
N GLN A 142 -69.53 -6.61 -14.79
CA GLN A 142 -68.40 -7.14 -15.53
C GLN A 142 -67.11 -6.52 -15.02
N VAL A 143 -66.01 -7.23 -15.23
CA VAL A 143 -64.69 -6.78 -14.82
C VAL A 143 -63.73 -6.94 -16.00
N ILE A 144 -62.49 -6.49 -15.79
CA ILE A 144 -61.46 -6.47 -16.83
C ILE A 144 -60.27 -7.27 -16.33
N ARG A 145 -59.91 -8.33 -17.06
CA ARG A 145 -58.70 -9.07 -16.81
C ARG A 145 -57.92 -9.18 -18.11
N ARG A 146 -56.62 -9.48 -17.99
CA ARG A 146 -55.72 -9.46 -19.13
C ARG A 146 -55.18 -10.86 -19.36
N GLU A 147 -55.54 -11.45 -20.49
CA GLU A 147 -55.02 -12.75 -20.87
C GLU A 147 -53.78 -12.57 -21.75
N PRO A 148 -52.64 -13.12 -21.36
CA PRO A 148 -51.43 -12.95 -22.16
C PRO A 148 -51.55 -13.71 -23.48
N ILE A 149 -50.80 -13.23 -24.46
CA ILE A 149 -50.70 -13.87 -25.77
C ILE A 149 -49.30 -14.43 -25.89
N HIS A 150 -49.18 -15.75 -25.95
CA HIS A 150 -47.88 -16.39 -25.96
C HIS A 150 -47.30 -16.43 -27.35
N SER A 151 -45.98 -16.23 -27.44
CA SER A 151 -45.26 -16.13 -28.70
C SER A 151 -45.97 -15.13 -29.61
N ALA A 152 -46.07 -13.90 -29.11
CA ALA A 152 -46.84 -12.87 -29.80
C ALA A 152 -46.23 -12.43 -31.12
N CYS A 153 -44.98 -12.79 -31.39
CA CYS A 153 -44.38 -12.43 -32.67
C CYS A 153 -44.90 -13.27 -33.82
N SER A 154 -45.63 -14.35 -33.53
CA SER A 154 -46.15 -15.23 -34.56
C SER A 154 -47.64 -15.49 -34.47
N HIS A 155 -48.29 -15.17 -33.36
CA HIS A 155 -49.72 -15.41 -33.20
C HIS A 155 -50.55 -14.13 -33.26
N VAL A 156 -49.91 -12.99 -33.51
CA VAL A 156 -50.61 -11.72 -33.69
C VAL A 156 -50.07 -11.08 -34.94
N ILE A 157 -50.95 -10.69 -35.85
CA ILE A 157 -50.55 -10.07 -37.11
C ILE A 157 -51.20 -8.69 -37.15
N TRP A 158 -50.46 -7.69 -36.73
CA TRP A 158 -50.95 -6.32 -36.75
C TRP A 158 -51.12 -5.85 -38.19
N ASP A 159 -51.99 -4.86 -38.36
CA ASP A 159 -52.22 -4.32 -39.69
C ASP A 159 -50.93 -3.75 -40.26
N SER A 160 -50.59 -4.16 -41.47
CA SER A 160 -49.32 -3.76 -42.06
C SER A 160 -49.25 -2.27 -42.31
N ASN A 161 -50.39 -1.62 -42.51
CA ASN A 161 -50.40 -0.21 -42.90
C ASN A 161 -50.10 0.72 -41.74
N SER A 162 -50.51 0.36 -40.53
CA SER A 162 -50.33 1.24 -39.38
C SER A 162 -48.86 1.50 -39.11
N LYS A 163 -48.56 2.71 -38.64
CA LYS A 163 -47.19 3.18 -38.48
C LYS A 163 -47.00 3.82 -37.13
N LEU A 164 -47.52 3.21 -36.07
CA LEU A 164 -47.34 3.72 -34.72
C LEU A 164 -46.96 2.57 -33.79
N MET A 165 -46.16 2.88 -32.76
CA MET A 165 -45.75 1.84 -31.82
C MET A 165 -46.91 1.37 -30.97
N ASP A 166 -47.90 2.23 -30.73
CA ASP A 166 -49.12 1.78 -30.08
C ASP A 166 -49.90 0.81 -30.94
N LYS A 167 -49.64 0.79 -32.25
CA LYS A 167 -50.55 0.22 -33.22
C LYS A 167 -51.93 0.84 -33.08
N SER A 168 -51.96 2.11 -32.68
CA SER A 168 -53.22 2.84 -32.55
C SER A 168 -53.89 3.01 -33.90
N ASP A 169 -53.10 3.29 -34.94
CA ASP A 169 -53.67 3.50 -36.27
C ASP A 169 -54.21 2.22 -36.86
N ALA A 170 -53.76 1.06 -36.38
CA ALA A 170 -54.17 -0.21 -36.96
C ALA A 170 -55.69 -0.37 -36.86
N ARG A 171 -56.30 -0.73 -37.99
CA ARG A 171 -57.74 -0.83 -38.09
C ARG A 171 -58.24 -2.27 -38.15
N HIS A 172 -57.35 -3.24 -37.94
CA HIS A 172 -57.70 -4.64 -37.78
C HIS A 172 -56.45 -5.39 -37.37
N CYS A 173 -56.63 -6.45 -36.58
CA CYS A 173 -55.49 -7.27 -36.17
C CYS A 173 -56.00 -8.64 -35.73
N THR A 174 -55.46 -9.69 -36.34
CA THR A 174 -55.92 -11.04 -36.08
C THR A 174 -55.20 -11.63 -34.88
N VAL A 175 -55.72 -12.75 -34.39
CA VAL A 175 -55.04 -13.55 -33.38
C VAL A 175 -55.17 -15.01 -33.78
N ILE A 176 -54.13 -15.57 -34.41
CA ILE A 176 -54.19 -16.95 -34.84
C ILE A 176 -54.20 -17.88 -33.64
N HIS A 177 -54.95 -18.97 -33.74
CA HIS A 177 -54.91 -20.05 -32.77
C HIS A 177 -54.72 -21.35 -33.53
N SER A 178 -53.59 -22.00 -33.31
CA SER A 178 -53.31 -23.29 -33.95
C SER A 178 -53.87 -24.40 -33.06
N MET A 179 -55.11 -24.79 -33.32
CA MET A 179 -55.82 -25.74 -32.48
C MET A 179 -55.94 -27.10 -33.18
N SER A 180 -55.82 -28.16 -32.38
CA SER A 180 -56.01 -29.53 -32.83
C SER A 180 -57.49 -29.90 -32.71
N GLN A 181 -57.79 -31.19 -32.83
CA GLN A 181 -59.18 -31.64 -32.78
C GLN A 181 -59.83 -31.28 -31.44
N ASN A 182 -59.12 -31.53 -30.33
CA ASN A 182 -59.65 -31.12 -29.04
C ASN A 182 -59.75 -29.61 -28.94
N GLY A 183 -58.71 -28.90 -29.41
CA GLY A 183 -58.78 -27.44 -29.41
C GLY A 183 -59.92 -26.92 -30.25
N TRP A 184 -60.08 -27.47 -31.47
CA TRP A 184 -61.21 -27.06 -32.29
C TRP A 184 -62.53 -27.31 -31.59
N GLU A 185 -62.73 -28.51 -31.04
CA GLU A 185 -64.04 -28.83 -30.48
C GLU A 185 -64.37 -27.95 -29.29
N ASP A 186 -63.40 -27.71 -28.39
CA ASP A 186 -63.74 -26.92 -27.22
C ASP A 186 -63.86 -25.43 -27.56
N PHE A 187 -62.94 -24.89 -28.37
CA PHE A 187 -63.02 -23.47 -28.72
C PHE A 187 -64.14 -23.18 -29.71
N ALA A 188 -64.76 -24.20 -30.30
CA ALA A 188 -65.95 -24.03 -31.13
C ALA A 188 -67.24 -24.18 -30.34
N GLU A 189 -67.32 -25.16 -29.44
CA GLU A 189 -68.49 -25.29 -28.59
C GLU A 189 -68.58 -24.13 -27.59
N LYS A 190 -67.43 -23.56 -27.21
CA LYS A 190 -67.42 -22.56 -26.16
C LYS A 190 -68.23 -21.32 -26.55
N TYR A 191 -68.07 -20.84 -27.78
CA TYR A 191 -68.67 -19.57 -28.15
C TYR A 191 -69.75 -19.68 -29.22
N ASP A 192 -69.44 -20.20 -30.41
CA ASP A 192 -70.39 -20.06 -31.50
C ASP A 192 -71.20 -21.31 -31.81
N LEU A 193 -70.53 -22.38 -32.25
CA LEU A 193 -71.15 -23.62 -32.71
C LEU A 193 -70.06 -24.66 -32.88
N ASP A 194 -70.47 -25.93 -32.88
CA ASP A 194 -69.57 -27.05 -33.12
C ASP A 194 -69.57 -27.48 -34.57
N ALA A 195 -69.80 -26.55 -35.49
CA ALA A 195 -69.83 -26.85 -36.92
C ALA A 195 -68.41 -27.09 -37.40
N ASP A 196 -68.14 -28.30 -37.89
CA ASP A 196 -66.82 -28.64 -38.38
C ASP A 196 -66.50 -27.83 -39.65
N ASP A 197 -65.21 -27.79 -39.99
CA ASP A 197 -64.75 -27.06 -41.17
C ASP A 197 -65.37 -27.61 -42.45
N ILE A 217 -55.56 -27.26 -37.30
CA ILE A 217 -56.79 -26.53 -37.56
C ILE A 217 -56.68 -25.14 -36.94
N GLN A 218 -56.42 -24.15 -37.80
CA GLN A 218 -56.07 -22.80 -37.36
C GLN A 218 -57.30 -21.91 -37.44
N ILE A 219 -57.77 -21.46 -36.28
CA ILE A 219 -58.85 -20.51 -36.20
C ILE A 219 -58.26 -19.12 -35.98
N ALA A 220 -59.09 -18.08 -36.14
CA ALA A 220 -58.62 -16.71 -36.03
C ALA A 220 -59.62 -15.89 -35.24
N GLU A 221 -59.18 -14.73 -34.78
CA GLU A 221 -60.05 -13.74 -34.14
C GLU A 221 -59.76 -12.40 -34.80
N PHE A 222 -60.53 -12.04 -35.82
CA PHE A 222 -60.24 -10.88 -36.65
C PHE A 222 -60.90 -9.66 -36.04
N TYR A 223 -60.16 -8.93 -35.21
CA TYR A 223 -60.66 -7.68 -34.68
C TYR A 223 -60.77 -6.63 -35.79
N GLU A 224 -61.57 -5.61 -35.55
CA GLU A 224 -61.81 -4.61 -36.57
C GLU A 224 -62.30 -3.32 -35.93
N VAL A 225 -61.90 -2.20 -36.51
CA VAL A 225 -62.33 -0.88 -36.06
C VAL A 225 -62.93 -0.18 -37.27
N VAL A 226 -64.22 0.10 -37.21
CA VAL A 226 -64.92 0.76 -38.30
C VAL A 226 -65.19 2.20 -37.89
N GLU A 227 -65.17 3.09 -38.88
CA GLU A 227 -65.34 4.51 -38.64
C GLU A 227 -66.36 5.07 -39.60
N LYS A 228 -67.03 6.15 -39.17
CA LYS A 228 -67.98 6.88 -40.00
C LYS A 228 -67.46 8.30 -40.13
N LYS A 229 -67.12 8.70 -41.36
CA LYS A 229 -66.51 9.99 -41.63
C LYS A 229 -67.42 10.79 -42.57
N GLU A 230 -67.73 12.02 -42.18
CA GLU A 230 -68.59 12.89 -42.97
C GLU A 230 -68.00 14.30 -43.00
N THR A 231 -68.77 15.28 -43.46
CA THR A 231 -68.29 16.65 -43.60
C THR A 231 -68.81 17.59 -42.53
N ALA A 232 -70.11 17.53 -42.22
CA ALA A 232 -70.73 18.20 -41.09
C ALA A 232 -70.86 19.71 -41.24
N PHE A 233 -70.18 20.30 -42.22
CA PHE A 233 -70.49 21.62 -42.77
C PHE A 233 -71.01 22.65 -41.77
N ILE A 234 -70.22 22.99 -40.75
CA ILE A 234 -70.70 23.95 -39.76
C ILE A 234 -71.08 25.27 -40.41
N TYR A 235 -72.20 25.82 -39.97
CA TYR A 235 -72.73 27.11 -40.43
C TYR A 235 -72.88 28.03 -39.24
N GLN A 236 -72.67 29.32 -39.44
CA GLN A 236 -72.69 30.29 -38.36
C GLN A 236 -73.84 31.27 -38.52
N ASP A 237 -74.41 31.67 -37.38
CA ASP A 237 -75.51 32.62 -37.30
C ASP A 237 -75.15 33.71 -36.29
N PRO A 238 -76.00 34.75 -36.10
CA PRO A 238 -75.74 35.71 -35.01
C PRO A 238 -75.55 35.04 -33.66
N VAL A 239 -76.43 34.08 -33.33
CA VAL A 239 -76.22 33.27 -32.15
C VAL A 239 -75.06 32.31 -32.38
N THR A 240 -74.61 31.68 -31.30
CA THR A 240 -73.51 30.72 -31.41
C THR A 240 -73.89 29.60 -32.38
N GLY A 241 -72.92 29.17 -33.18
CA GLY A 241 -73.19 28.22 -34.24
C GLY A 241 -73.47 26.82 -33.71
N GLU A 242 -74.73 26.42 -33.77
CA GLU A 242 -75.12 25.07 -33.38
C GLU A 242 -74.79 24.09 -34.50
N PRO A 243 -74.70 22.79 -34.19
CA PRO A 243 -74.40 21.81 -35.25
C PRO A 243 -75.50 21.77 -36.30
N VAL A 244 -75.18 22.24 -37.50
CA VAL A 244 -76.12 22.25 -38.61
C VAL A 244 -75.43 21.59 -39.79
N SER A 245 -76.25 21.00 -40.67
CA SER A 245 -75.76 20.31 -41.86
C SER A 245 -74.85 19.15 -41.48
N TYR A 246 -75.32 18.33 -40.54
CA TYR A 246 -74.52 17.21 -40.04
C TYR A 246 -74.10 16.28 -41.17
N PHE A 247 -74.94 16.13 -42.19
CA PHE A 247 -74.66 15.31 -43.35
C PHE A 247 -74.66 16.17 -44.61
N LYS A 248 -74.37 15.54 -45.74
CA LYS A 248 -74.56 16.22 -47.01
C LYS A 248 -76.04 16.27 -47.42
N ARG A 249 -76.84 15.29 -47.01
CA ARG A 249 -78.26 15.29 -47.32
C ARG A 249 -79.00 16.39 -46.57
N ASP A 250 -78.59 16.69 -45.34
CA ASP A 250 -79.21 17.78 -44.60
C ASP A 250 -78.98 19.12 -45.27
N ILE A 251 -77.85 19.28 -45.98
CA ILE A 251 -77.64 20.47 -46.80
C ILE A 251 -78.73 20.58 -47.87
N LYS A 252 -78.98 19.48 -48.58
CA LYS A 252 -80.05 19.47 -49.57
C LYS A 252 -81.43 19.54 -48.94
N ASP A 253 -81.52 19.38 -47.62
CA ASP A 253 -82.76 19.65 -46.91
C ASP A 253 -82.90 21.11 -46.48
N VAL A 254 -81.83 21.89 -46.54
CA VAL A 254 -81.87 23.29 -46.13
C VAL A 254 -81.40 24.21 -47.25
N ILE A 255 -81.70 23.84 -48.50
CA ILE A 255 -81.28 24.64 -49.65
C ILE A 255 -81.70 26.09 -49.52
N ASP A 256 -82.81 26.35 -48.84
CA ASP A 256 -83.24 27.72 -48.58
C ASP A 256 -82.56 28.29 -47.34
N ASP A 257 -82.45 27.50 -46.27
CA ASP A 257 -81.90 27.99 -45.01
C ASP A 257 -80.43 28.37 -45.16
N LEU A 258 -79.69 27.67 -46.01
CA LEU A 258 -78.27 28.00 -46.20
C LEU A 258 -78.11 29.39 -46.81
N ALA A 259 -79.03 29.79 -47.67
CA ALA A 259 -79.00 31.13 -48.26
C ALA A 259 -79.66 32.19 -47.40
N ASP A 260 -80.56 31.80 -46.51
CA ASP A 260 -81.23 32.77 -45.64
C ASP A 260 -80.46 33.06 -44.35
N SER A 261 -79.41 32.29 -44.05
CA SER A 261 -78.66 32.52 -42.83
C SER A 261 -77.72 33.71 -42.97
N GLY A 262 -77.20 34.17 -41.83
CA GLY A 262 -76.29 35.30 -41.84
C GLY A 262 -74.97 34.99 -42.52
N PHE A 263 -74.41 33.81 -42.26
CA PHE A 263 -73.14 33.39 -42.84
C PHE A 263 -73.33 32.10 -43.62
N ILE A 264 -72.58 31.96 -44.72
CA ILE A 264 -72.81 30.88 -45.67
C ILE A 264 -71.95 29.65 -45.35
N LYS A 265 -70.72 29.83 -44.90
CA LYS A 265 -69.84 28.70 -44.60
C LYS A 265 -68.66 29.21 -43.80
N ILE A 266 -68.28 28.47 -42.76
CA ILE A 266 -67.15 28.83 -41.91
C ILE A 266 -66.10 27.72 -41.89
N ALA A 267 -66.51 26.47 -41.70
CA ALA A 267 -65.56 25.38 -41.60
C ALA A 267 -66.24 24.08 -42.02
N GLU A 268 -65.41 23.06 -42.26
CA GLU A 268 -65.83 21.75 -42.75
C GLU A 268 -65.34 20.66 -41.82
N ARG A 269 -65.57 20.82 -40.51
CA ARG A 269 -65.10 19.84 -39.54
C ARG A 269 -65.63 18.44 -39.82
N GLN A 270 -64.74 17.52 -40.18
CA GLN A 270 -65.11 16.15 -40.51
C GLN A 270 -65.24 15.35 -39.23
N ILE A 271 -66.46 15.34 -38.67
CA ILE A 271 -66.69 14.59 -37.44
C ILE A 271 -66.56 13.10 -37.69
N LYS A 272 -65.96 12.39 -36.73
CA LYS A 272 -65.68 10.97 -36.86
C LYS A 272 -66.19 10.23 -35.63
N ARG A 273 -66.70 9.02 -35.86
CA ARG A 273 -67.20 8.17 -34.78
C ARG A 273 -66.79 6.74 -35.09
N ARG A 274 -66.19 6.07 -34.10
CA ARG A 274 -65.60 4.76 -34.32
C ARG A 274 -66.11 3.77 -33.26
N ARG A 275 -66.21 2.51 -33.67
CA ARG A 275 -66.62 1.42 -32.79
C ARG A 275 -65.98 0.13 -33.30
N VAL A 276 -65.62 -0.75 -32.36
CA VAL A 276 -64.86 -1.95 -32.66
C VAL A 276 -65.78 -3.05 -33.14
N TYR A 277 -65.24 -4.03 -33.87
CA TYR A 277 -65.99 -5.23 -34.23
C TYR A 277 -65.05 -6.42 -34.26
N LYS A 278 -65.52 -7.55 -33.74
CA LYS A 278 -64.72 -8.76 -33.62
C LYS A 278 -65.41 -9.89 -34.36
N SER A 279 -64.66 -10.60 -35.19
CA SER A 279 -65.20 -11.70 -35.97
C SER A 279 -64.24 -12.87 -35.92
N ILE A 280 -64.79 -14.07 -35.81
CA ILE A 280 -63.99 -15.30 -35.69
C ILE A 280 -64.11 -16.03 -37.01
N ILE A 281 -63.00 -16.12 -37.74
CA ILE A 281 -62.99 -16.72 -39.06
C ILE A 281 -62.10 -17.95 -39.06
N THR A 282 -62.14 -18.69 -40.17
CA THR A 282 -61.24 -19.81 -40.41
C THR A 282 -60.80 -19.78 -41.86
N CYS A 283 -59.66 -20.39 -42.14
CA CYS A 283 -59.04 -20.23 -43.46
C CYS A 283 -59.92 -20.84 -44.55
N THR A 284 -60.32 -22.09 -44.39
CA THR A 284 -61.06 -22.77 -45.45
C THR A 284 -62.54 -22.46 -45.39
N ALA A 285 -63.20 -22.84 -44.30
CA ALA A 285 -64.65 -22.70 -44.20
C ALA A 285 -65.03 -21.23 -44.04
N VAL A 286 -66.34 -20.98 -44.09
CA VAL A 286 -66.88 -19.64 -43.97
C VAL A 286 -66.66 -19.12 -42.55
N LEU A 287 -66.77 -17.82 -42.37
CA LEU A 287 -66.60 -17.21 -41.06
C LEU A 287 -67.74 -17.64 -40.13
N LYS A 288 -67.42 -17.74 -38.84
CA LYS A 288 -68.33 -18.30 -37.85
C LYS A 288 -69.16 -17.23 -37.14
N ASP A 289 -68.58 -16.07 -36.84
CA ASP A 289 -69.31 -14.94 -36.29
C ASP A 289 -69.03 -13.71 -37.13
N LYS A 290 -70.08 -12.96 -37.47
CA LYS A 290 -69.89 -11.86 -38.43
C LYS A 290 -69.36 -10.61 -37.75
N GLN A 291 -70.04 -10.12 -36.71
CA GLN A 291 -69.59 -8.92 -36.04
C GLN A 291 -70.11 -8.94 -34.61
N LEU A 292 -69.28 -8.45 -33.69
CA LEU A 292 -69.64 -8.30 -32.29
C LEU A 292 -68.90 -7.09 -31.75
N ILE A 293 -69.50 -6.42 -30.78
CA ILE A 293 -68.91 -5.21 -30.19
C ILE A 293 -68.27 -5.58 -28.86
N ALA A 294 -67.07 -5.07 -28.62
CA ALA A 294 -66.42 -5.26 -27.32
C ALA A 294 -65.53 -4.05 -27.05
N GLY A 295 -66.07 -3.07 -26.32
CA GLY A 295 -65.30 -1.89 -25.97
C GLY A 295 -65.31 -0.81 -27.05
N GLU A 296 -64.21 -0.07 -27.19
CA GLU A 296 -64.14 0.98 -28.21
C GLU A 296 -62.88 0.86 -29.06
N HIS A 297 -61.79 0.37 -28.50
CA HIS A 297 -60.57 0.12 -29.23
C HIS A 297 -60.39 -1.38 -29.43
N ILE A 298 -59.37 -1.76 -30.19
CA ILE A 298 -59.00 -3.17 -30.30
C ILE A 298 -58.18 -3.53 -29.06
N PRO A 299 -58.62 -4.52 -28.28
CA PRO A 299 -58.00 -4.75 -26.97
C PRO A 299 -56.52 -5.07 -27.01
N ILE A 300 -56.04 -5.74 -28.05
CA ILE A 300 -54.63 -6.18 -28.07
C ILE A 300 -53.72 -4.97 -27.99
N VAL A 301 -52.81 -4.98 -27.02
CA VAL A 301 -51.81 -3.94 -26.87
C VAL A 301 -50.43 -4.54 -27.00
N PRO A 302 -49.62 -4.11 -27.95
CA PRO A 302 -48.30 -4.73 -28.12
C PRO A 302 -47.19 -3.97 -27.42
N VAL A 303 -46.17 -4.68 -26.98
CA VAL A 303 -44.91 -4.08 -26.56
C VAL A 303 -43.88 -4.40 -27.62
N PHE A 304 -42.92 -3.50 -27.81
CA PHE A 304 -41.89 -3.69 -28.81
C PHE A 304 -40.53 -3.42 -28.20
N GLY A 305 -39.51 -4.09 -28.72
CA GLY A 305 -38.15 -3.80 -28.28
C GLY A 305 -37.65 -2.57 -28.97
N GLU A 306 -36.41 -2.60 -29.45
CA GLU A 306 -35.94 -1.51 -30.31
C GLU A 306 -36.68 -1.59 -31.64
N TRP A 307 -37.61 -0.67 -31.85
CA TRP A 307 -38.55 -0.73 -32.97
C TRP A 307 -38.39 0.51 -33.84
N GLY A 308 -38.32 0.31 -35.15
CA GLY A 308 -38.20 1.41 -36.08
C GLY A 308 -38.47 0.94 -37.49
N PHE A 309 -38.53 1.90 -38.41
CA PHE A 309 -38.77 1.62 -39.80
C PHE A 309 -37.48 1.77 -40.58
N VAL A 310 -37.16 0.76 -41.40
CA VAL A 310 -35.97 0.77 -42.24
C VAL A 310 -36.39 0.42 -43.65
N GLU A 311 -36.19 1.33 -44.58
CA GLU A 311 -36.60 1.15 -45.98
C GLU A 311 -38.08 0.76 -46.06
N ASP A 312 -38.89 1.37 -45.21
CA ASP A 312 -40.33 1.21 -45.19
C ASP A 312 -40.72 -0.24 -44.86
N LYS A 313 -40.00 -0.83 -43.92
CA LYS A 313 -40.33 -2.14 -43.39
C LYS A 313 -40.28 -2.10 -41.88
N GLU A 314 -41.31 -2.63 -41.23
CA GLU A 314 -41.30 -2.73 -39.78
C GLU A 314 -40.24 -3.72 -39.32
N VAL A 315 -39.27 -3.24 -38.55
CA VAL A 315 -38.24 -4.10 -37.99
C VAL A 315 -38.16 -3.82 -36.48
N TYR A 316 -38.25 -4.87 -35.68
CA TYR A 316 -38.13 -4.77 -34.24
C TYR A 316 -37.12 -5.81 -33.77
N GLU A 317 -36.41 -5.49 -32.69
CA GLU A 317 -35.38 -6.40 -32.21
C GLU A 317 -35.53 -6.67 -30.72
N GLY A 318 -34.55 -7.34 -30.14
CA GLY A 318 -34.55 -7.58 -28.71
C GLY A 318 -33.17 -7.44 -28.13
N VAL A 319 -32.82 -8.29 -27.18
CA VAL A 319 -31.48 -8.29 -26.63
C VAL A 319 -30.93 -9.69 -26.84
N VAL A 320 -31.43 -10.38 -27.87
CA VAL A 320 -31.06 -11.76 -28.11
C VAL A 320 -30.31 -11.97 -29.41
N ARG A 321 -30.39 -11.07 -30.40
CA ARG A 321 -29.64 -11.29 -31.63
C ARG A 321 -28.14 -11.14 -31.43
N LEU A 322 -27.75 -10.07 -30.75
CA LEU A 322 -26.33 -9.77 -30.57
C LEU A 322 -25.68 -10.81 -29.67
N THR A 323 -26.30 -11.05 -28.51
CA THR A 323 -25.89 -12.14 -27.66
C THR A 323 -26.00 -13.46 -28.37
N LYS A 324 -26.85 -13.56 -29.39
CA LYS A 324 -26.99 -14.83 -30.10
C LYS A 324 -25.74 -15.15 -30.88
N ASP A 325 -25.23 -14.16 -31.61
CA ASP A 325 -23.98 -14.39 -32.34
C ASP A 325 -22.83 -14.66 -31.37
N GLY A 326 -22.73 -13.86 -30.31
CA GLY A 326 -21.67 -14.11 -29.34
C GLY A 326 -21.78 -15.49 -28.69
N GLN A 327 -23.01 -15.91 -28.41
CA GLN A 327 -23.25 -17.18 -27.77
C GLN A 327 -22.92 -18.34 -28.70
N ARG A 328 -23.17 -18.18 -30.00
CA ARG A 328 -22.75 -19.22 -30.93
C ARG A 328 -21.23 -19.35 -30.96
N LEU A 329 -20.52 -18.23 -30.91
CA LEU A 329 -19.06 -18.35 -30.86
C LEU A 329 -18.59 -19.04 -29.58
N ARG A 330 -19.19 -18.69 -28.44
CA ARG A 330 -18.80 -19.33 -27.18
C ARG A 330 -19.10 -20.83 -27.20
N ASN A 331 -20.27 -21.20 -27.73
CA ASN A 331 -20.63 -22.60 -27.85
C ASN A 331 -19.62 -23.34 -28.71
N MET A 332 -19.22 -22.75 -29.84
CA MET A 332 -18.23 -23.40 -30.68
C MET A 332 -16.92 -23.60 -29.94
N ILE A 333 -16.46 -22.60 -29.20
CA ILE A 333 -15.17 -22.71 -28.54
C ILE A 333 -15.19 -23.81 -27.49
N MET A 334 -16.21 -23.81 -26.63
CA MET A 334 -16.27 -24.85 -25.61
C MET A 334 -16.51 -26.23 -26.21
N SER A 335 -17.29 -26.33 -27.29
CA SER A 335 -17.46 -27.63 -27.92
C SER A 335 -16.17 -28.12 -28.55
N PHE A 336 -15.37 -27.22 -29.09
CA PHE A 336 -14.05 -27.58 -29.60
C PHE A 336 -13.17 -28.13 -28.49
N ASN A 337 -13.18 -27.48 -27.33
CA ASN A 337 -12.44 -27.99 -26.19
C ASN A 337 -12.93 -29.38 -25.80
N ALA A 338 -14.24 -29.56 -25.71
CA ALA A 338 -14.79 -30.86 -25.32
C ALA A 338 -14.48 -31.93 -26.34
N ASP A 339 -14.41 -31.56 -27.62
CA ASP A 339 -14.02 -32.53 -28.64
C ASP A 339 -12.57 -32.92 -28.50
N ILE A 340 -11.70 -32.00 -28.10
CA ILE A 340 -10.33 -32.38 -27.78
C ILE A 340 -10.28 -33.37 -26.62
N VAL A 341 -11.07 -33.11 -25.57
CA VAL A 341 -10.93 -33.87 -24.34
C VAL A 341 -11.32 -35.33 -24.52
N ALA A 342 -12.46 -35.58 -25.17
CA ALA A 342 -13.01 -36.94 -25.16
C ALA A 342 -12.25 -37.88 -26.08
N ARG A 343 -10.95 -38.04 -25.84
CA ARG A 343 -10.14 -39.02 -26.55
C ARG A 343 -9.19 -39.59 -25.52
N THR A 344 -9.07 -40.92 -25.46
CA THR A 344 -8.18 -41.50 -24.48
C THR A 344 -6.75 -41.00 -24.75
N PRO A 345 -6.09 -40.43 -23.75
CA PRO A 345 -4.74 -39.89 -23.97
C PRO A 345 -3.72 -40.93 -24.38
N LYS A 346 -3.99 -42.21 -24.18
CA LYS A 346 -3.04 -43.24 -24.57
C LYS A 346 -2.76 -43.13 -26.06
N LYS A 347 -1.47 -43.18 -26.41
CA LYS A 347 -1.08 -43.05 -27.80
C LYS A 347 -1.49 -44.28 -28.58
N LYS A 348 -1.89 -44.05 -29.84
CA LYS A 348 -2.18 -45.13 -30.77
C LYS A 348 -1.03 -45.23 -31.75
N PRO A 349 -0.30 -46.35 -31.80
CA PRO A 349 0.86 -46.46 -32.66
C PRO A 349 0.55 -46.98 -34.06
N PHE A 350 1.46 -46.69 -34.98
CA PHE A 350 1.37 -47.15 -36.37
C PHE A 350 2.46 -48.17 -36.62
N PHE A 351 2.07 -49.41 -36.91
CA PHE A 351 3.02 -50.40 -37.36
C PHE A 351 2.36 -51.51 -38.15
N TRP A 352 3.18 -52.17 -38.98
CA TRP A 352 2.82 -53.18 -39.97
C TRP A 352 2.19 -54.40 -39.31
N PRO A 353 1.30 -55.11 -40.00
CA PRO A 353 0.74 -56.32 -39.39
C PRO A 353 1.77 -57.40 -39.10
N GLU A 354 2.83 -57.50 -39.90
CA GLU A 354 3.87 -58.48 -39.62
C GLU A 354 4.87 -57.99 -38.60
N GLN A 355 4.82 -56.71 -38.22
CA GLN A 355 5.67 -56.22 -37.15
C GLN A 355 5.25 -56.76 -35.80
N ILE A 356 4.01 -57.23 -35.67
CA ILE A 356 3.53 -57.86 -34.45
C ILE A 356 2.89 -59.20 -34.74
N ALA A 357 3.37 -59.88 -35.78
CA ALA A 357 2.77 -61.13 -36.26
C ALA A 357 2.31 -62.03 -35.13
N GLY A 358 3.20 -62.35 -34.21
CA GLY A 358 2.84 -63.20 -33.10
C GLY A 358 2.32 -62.44 -31.90
N PHE A 359 2.99 -61.35 -31.54
CA PHE A 359 2.67 -60.58 -30.33
C PHE A 359 1.54 -59.61 -30.65
N GLU A 360 0.32 -60.12 -30.59
CA GLU A 360 -0.86 -59.28 -30.68
C GLU A 360 -1.61 -59.19 -29.36
N HIS A 361 -1.42 -60.14 -28.45
CA HIS A 361 -2.04 -60.09 -27.15
C HIS A 361 -1.39 -59.08 -26.23
N MET A 362 -0.23 -58.54 -26.62
CA MET A 362 0.46 -57.52 -25.86
C MET A 362 -0.23 -56.16 -26.00
N TYR A 363 -0.68 -55.85 -27.21
CA TYR A 363 -1.04 -54.48 -27.58
C TYR A 363 -2.56 -54.32 -27.51
N ASP A 364 -3.10 -54.41 -26.30
CA ASP A 364 -4.53 -54.29 -26.11
C ASP A 364 -4.94 -53.33 -25.01
N GLY A 365 -4.07 -53.03 -24.05
CA GLY A 365 -4.43 -52.15 -22.97
C GLY A 365 -5.16 -52.89 -21.85
N ASN A 366 -5.56 -54.13 -22.13
CA ASN A 366 -6.18 -54.97 -21.10
C ASN A 366 -5.17 -55.51 -20.11
N ASP A 367 -3.88 -55.35 -20.39
CA ASP A 367 -2.83 -55.73 -19.47
C ASP A 367 -1.70 -54.72 -19.57
N ASP A 368 -0.84 -54.71 -18.56
CA ASP A 368 0.36 -53.86 -18.57
C ASP A 368 1.57 -54.77 -18.41
N TYR A 369 2.38 -54.87 -19.45
CA TYR A 369 3.54 -55.74 -19.47
C TYR A 369 4.82 -54.97 -19.20
N PRO A 370 5.87 -55.63 -18.71
CA PRO A 370 7.11 -54.91 -18.41
C PRO A 370 7.78 -54.34 -19.63
N TYR A 371 7.99 -55.16 -20.67
CA TYR A 371 8.60 -54.71 -21.91
C TYR A 371 7.66 -55.02 -23.08
N TYR A 372 7.92 -54.37 -24.20
CA TYR A 372 7.12 -54.54 -25.41
C TYR A 372 7.99 -55.17 -26.48
N LEU A 373 7.51 -56.25 -27.08
CA LEU A 373 8.26 -57.02 -28.06
C LEU A 373 7.83 -56.68 -29.47
N LEU A 374 8.82 -56.65 -30.37
CA LEU A 374 8.58 -56.44 -31.79
C LEU A 374 9.51 -57.38 -32.56
N ASN A 375 8.97 -58.07 -33.56
CA ASN A 375 9.75 -59.05 -34.29
C ASN A 375 10.64 -58.35 -35.31
N ARG A 376 11.19 -59.13 -36.26
CA ARG A 376 12.34 -58.71 -37.06
C ARG A 376 12.25 -57.28 -37.59
N THR A 377 11.23 -56.98 -38.40
CA THR A 377 11.03 -55.65 -38.96
C THR A 377 9.70 -55.53 -39.69
N PRO A 388 11.03 -49.23 -32.70
CA PRO A 388 10.85 -48.50 -33.96
C PRO A 388 9.41 -48.47 -34.42
N LEU A 389 8.75 -47.32 -34.34
CA LEU A 389 7.35 -47.17 -34.70
C LEU A 389 6.96 -45.71 -34.56
N ALA A 390 5.81 -45.36 -35.13
CA ALA A 390 5.29 -44.00 -35.12
C ALA A 390 3.88 -43.98 -34.55
N TYR A 391 3.49 -42.86 -33.97
CA TYR A 391 2.22 -42.75 -33.24
C TYR A 391 1.24 -41.85 -33.98
N TYR A 392 -0.02 -41.90 -33.52
CA TYR A 392 -1.11 -41.12 -34.08
C TYR A 392 -1.25 -39.85 -33.26
N GLU A 393 -1.08 -38.70 -33.90
CA GLU A 393 -1.01 -37.43 -33.17
C GLU A 393 -2.39 -37.03 -32.68
N ASN A 394 -2.60 -37.10 -31.36
CA ASN A 394 -3.81 -36.59 -30.78
C ASN A 394 -3.84 -35.06 -30.90
N PRO A 395 -5.02 -34.47 -30.95
CA PRO A 395 -5.11 -33.00 -31.05
C PRO A 395 -4.59 -32.35 -29.78
N GLU A 396 -4.15 -31.10 -29.93
CA GLU A 396 -3.66 -30.33 -28.80
C GLU A 396 -4.50 -29.08 -28.63
N VAL A 397 -4.74 -28.72 -27.38
CA VAL A 397 -5.50 -27.50 -27.08
C VAL A 397 -4.66 -26.29 -27.44
N PRO A 398 -5.14 -25.37 -28.28
CA PRO A 398 -4.27 -24.29 -28.75
C PRO A 398 -3.79 -23.36 -27.66
N GLN A 399 -4.53 -23.24 -26.56
CA GLN A 399 -4.18 -22.42 -25.41
C GLN A 399 -4.24 -20.94 -25.81
N ALA A 400 -4.52 -20.68 -27.07
CA ALA A 400 -4.90 -19.36 -27.52
C ALA A 400 -6.40 -19.15 -27.40
N ASN A 401 -7.15 -20.18 -27.03
CA ASN A 401 -8.58 -20.04 -26.86
C ASN A 401 -8.97 -19.32 -25.58
N ALA A 402 -8.02 -19.06 -24.68
CA ALA A 402 -8.36 -18.33 -23.47
C ALA A 402 -8.96 -16.96 -23.82
N TYR A 403 -8.23 -16.20 -24.63
CA TYR A 403 -8.75 -14.89 -24.98
C TYR A 403 -9.92 -14.99 -25.94
N MET A 404 -9.97 -16.04 -26.75
CA MET A 404 -11.10 -16.20 -27.66
C MET A 404 -12.40 -16.35 -26.87
N LEU A 405 -12.41 -17.28 -25.91
CA LEU A 405 -13.57 -17.49 -25.07
C LEU A 405 -13.88 -16.26 -24.24
N GLU A 406 -12.85 -15.59 -23.72
CA GLU A 406 -13.12 -14.42 -22.89
C GLU A 406 -13.72 -13.30 -23.72
N ALA A 407 -13.25 -13.11 -24.95
CA ALA A 407 -13.82 -12.09 -25.81
C ALA A 407 -15.27 -12.40 -26.14
N ALA A 408 -15.58 -13.67 -26.48
CA ALA A 408 -16.95 -14.01 -26.82
C ALA A 408 -17.88 -13.84 -25.63
N THR A 409 -17.48 -14.33 -24.46
CA THR A 409 -18.33 -14.24 -23.28
C THR A 409 -18.52 -12.78 -22.86
N SER A 410 -17.43 -11.99 -22.85
CA SER A 410 -17.57 -10.59 -22.49
C SER A 410 -18.42 -9.84 -23.50
N ALA A 411 -18.34 -10.21 -24.78
CA ALA A 411 -19.21 -9.59 -25.76
C ALA A 411 -20.66 -9.86 -25.43
N VAL A 412 -21.00 -11.12 -25.14
CA VAL A 412 -22.39 -11.43 -24.82
C VAL A 412 -22.84 -10.68 -23.58
N LYS A 413 -21.98 -10.59 -22.57
CA LYS A 413 -22.38 -10.01 -21.30
C LYS A 413 -22.33 -8.48 -21.26
N GLU A 414 -21.69 -7.82 -22.21
CA GLU A 414 -21.72 -6.37 -22.16
C GLU A 414 -22.43 -5.73 -23.34
N VAL A 415 -22.33 -6.30 -24.54
CA VAL A 415 -23.08 -5.78 -25.68
C VAL A 415 -24.56 -5.76 -25.39
N ALA A 416 -25.04 -6.78 -24.67
CA ALA A 416 -26.43 -6.81 -24.27
C ALA A 416 -26.74 -5.68 -23.30
N THR A 417 -26.08 -5.68 -22.14
CA THR A 417 -26.35 -4.70 -21.10
C THR A 417 -25.05 -4.09 -20.61
N LEU A 418 -25.12 -2.82 -20.21
CA LEU A 418 -23.98 -2.04 -19.72
C LEU A 418 -22.70 -2.28 -20.51
N ASP A 443 -28.01 4.80 -17.21
CA ASP A 443 -29.10 3.88 -17.52
C ASP A 443 -29.93 3.55 -16.28
N LEU A 444 -29.45 2.56 -15.51
CA LEU A 444 -30.14 2.01 -14.34
C LEU A 444 -31.40 1.28 -14.79
N GLU A 445 -31.68 1.34 -16.08
CA GLU A 445 -32.75 0.64 -16.77
C GLU A 445 -32.57 0.89 -18.26
N THR A 446 -32.73 -0.15 -19.07
CA THR A 446 -32.51 0.02 -20.49
C THR A 446 -33.57 0.97 -21.02
N TYR A 447 -33.16 2.22 -21.27
CA TYR A 447 -34.12 3.30 -21.48
C TYR A 447 -35.03 3.01 -22.66
N VAL A 448 -34.54 2.37 -23.71
CA VAL A 448 -35.37 2.13 -24.88
C VAL A 448 -36.45 1.11 -24.55
N PHE A 449 -36.08 0.02 -23.87
CA PHE A 449 -37.07 -0.96 -23.48
C PHE A 449 -38.06 -0.40 -22.48
N GLN A 450 -37.59 0.39 -21.51
CA GLN A 450 -38.49 0.98 -20.53
C GLN A 450 -39.45 1.97 -21.18
N ASP A 451 -38.95 2.80 -22.10
CA ASP A 451 -39.82 3.74 -22.80
C ASP A 451 -40.85 3.01 -23.65
N ASN A 452 -40.46 1.95 -24.34
CA ASN A 452 -41.42 1.20 -25.14
C ASN A 452 -42.47 0.55 -24.26
N LEU A 453 -42.06 -0.01 -23.12
CA LEU A 453 -43.03 -0.56 -22.18
C LEU A 453 -43.96 0.53 -21.65
N ALA A 454 -43.44 1.72 -21.40
CA ALA A 454 -44.28 2.83 -20.94
C ALA A 454 -45.31 3.21 -21.99
N THR A 455 -44.89 3.29 -23.26
CA THR A 455 -45.83 3.64 -24.32
C THR A 455 -46.90 2.58 -24.47
N ALA A 456 -46.51 1.30 -24.41
CA ALA A 456 -47.50 0.23 -24.49
C ALA A 456 -48.44 0.26 -23.30
N MET A 457 -47.92 0.56 -22.11
CA MET A 457 -48.79 0.65 -20.94
C MET A 457 -49.75 1.83 -21.05
N ARG A 458 -49.32 2.92 -21.68
CA ARG A 458 -50.25 4.01 -21.94
C ARG A 458 -51.36 3.59 -22.89
N ARG A 459 -51.01 2.82 -23.93
CA ARG A 459 -52.06 2.26 -24.79
C ARG A 459 -53.00 1.38 -23.99
N ASP A 460 -52.45 0.56 -23.10
CA ASP A 460 -53.27 -0.26 -22.22
C ASP A 460 -54.20 0.62 -21.39
N GLY A 461 -53.70 1.75 -20.92
CA GLY A 461 -54.54 2.66 -20.18
C GLY A 461 -55.68 3.19 -21.01
N GLU A 462 -55.42 3.56 -22.27
CA GLU A 462 -56.50 4.05 -23.12
C GLU A 462 -57.55 2.98 -23.35
N ILE A 463 -57.11 1.74 -23.64
CA ILE A 463 -58.08 0.67 -23.88
C ILE A 463 -58.89 0.40 -22.62
N TYR A 464 -58.22 0.33 -21.48
CA TYR A 464 -58.92 0.06 -20.23
C TYR A 464 -59.90 1.18 -19.91
N GLN A 465 -59.54 2.42 -20.17
CA GLN A 465 -60.44 3.52 -19.89
C GLN A 465 -61.65 3.48 -20.82
N SER A 466 -61.46 3.15 -22.10
CA SER A 466 -62.62 3.05 -22.99
C SER A 466 -63.55 1.95 -22.53
N ILE A 467 -63.00 0.79 -22.16
CA ILE A 467 -63.87 -0.30 -21.73
C ILE A 467 -64.57 0.06 -20.43
N VAL A 468 -63.86 0.69 -19.50
CA VAL A 468 -64.48 1.12 -18.24
C VAL A 468 -65.61 2.11 -18.50
N ASN A 469 -65.38 3.06 -19.41
CA ASN A 469 -66.42 3.99 -19.78
C ASN A 469 -67.63 3.29 -20.36
N ASP A 470 -67.42 2.17 -21.07
CA ASP A 470 -68.52 1.53 -21.76
C ASP A 470 -69.18 0.39 -20.99
N ILE A 471 -68.64 -0.04 -19.84
CA ILE A 471 -69.25 -1.12 -19.08
C ILE A 471 -69.71 -0.65 -17.70
N TYR A 472 -68.91 0.21 -17.04
CA TYR A 472 -69.29 0.68 -15.72
C TYR A 472 -70.40 1.72 -15.80
N ASP A 473 -71.60 1.27 -16.18
CA ASP A 473 -72.76 2.14 -16.29
C ASP A 473 -73.76 1.92 -15.16
N VAL A 474 -74.13 0.67 -14.92
CA VAL A 474 -75.09 0.32 -13.88
C VAL A 474 -74.49 0.73 -12.54
N PRO A 475 -75.29 1.25 -11.60
CA PRO A 475 -74.75 1.52 -10.25
C PRO A 475 -74.11 0.28 -9.64
N ARG A 476 -72.80 0.36 -9.43
CA ARG A 476 -72.02 -0.77 -8.97
C ARG A 476 -71.14 -0.38 -7.80
N ASN A 477 -70.59 -1.40 -7.15
CA ASN A 477 -69.62 -1.23 -6.08
C ASN A 477 -68.28 -1.79 -6.56
N VAL A 478 -67.24 -1.00 -6.44
CA VAL A 478 -65.90 -1.39 -6.88
C VAL A 478 -64.93 -1.21 -5.72
N THR A 479 -63.79 -1.85 -5.85
CA THR A 479 -62.69 -1.70 -4.89
C THR A 479 -61.60 -0.86 -5.53
N ILE A 480 -61.11 0.11 -4.79
CA ILE A 480 -60.12 1.06 -5.26
C ILE A 480 -58.85 0.86 -4.45
N THR A 481 -57.72 0.79 -5.14
CA THR A 481 -56.42 0.72 -4.48
C THR A 481 -55.77 2.08 -4.61
N LEU A 482 -56.03 2.96 -3.65
CA LEU A 482 -55.33 4.23 -3.60
C LEU A 482 -53.84 3.96 -3.42
N GLU A 483 -53.05 5.01 -3.59
CA GLU A 483 -51.61 4.82 -3.55
C GLU A 483 -51.19 4.42 -2.14
N ASP A 484 -50.03 3.76 -2.05
CA ASP A 484 -49.50 3.18 -0.82
C ASP A 484 -50.33 1.99 -0.37
N GLY A 485 -50.87 1.23 -1.33
CA GLY A 485 -51.60 0.02 -1.03
C GLY A 485 -52.82 0.16 -0.16
N SER A 486 -53.22 1.39 0.18
CA SER A 486 -54.34 1.61 1.09
C SER A 486 -55.62 1.20 0.39
N GLU A 487 -56.08 -0.01 0.65
CA GLU A 487 -57.29 -0.51 0.02
C GLU A 487 -58.49 0.33 0.44
N LYS A 488 -59.50 0.37 -0.42
CA LYS A 488 -60.67 1.18 -0.14
C LYS A 488 -61.86 0.65 -0.92
N ASP A 489 -63.04 0.78 -0.33
CA ASP A 489 -64.30 0.42 -0.97
C ASP A 489 -65.05 1.69 -1.35
N VAL A 490 -65.52 1.76 -2.58
CA VAL A 490 -66.20 2.95 -3.08
C VAL A 490 -67.33 2.52 -4.01
N GLN A 491 -68.48 3.18 -3.88
CA GLN A 491 -69.58 3.00 -4.81
C GLN A 491 -69.43 3.95 -5.99
N LEU A 492 -69.89 3.51 -7.16
CA LEU A 492 -69.63 4.28 -8.37
C LEU A 492 -70.63 5.41 -8.56
N MET A 493 -71.92 5.10 -8.61
CA MET A 493 -72.90 6.17 -8.83
C MET A 493 -73.18 6.94 -7.55
N ALA A 494 -73.60 6.25 -6.50
CA ALA A 494 -73.88 6.87 -5.20
C ALA A 494 -74.94 7.96 -5.35
N GLU A 495 -76.14 7.51 -5.70
CA GLU A 495 -77.27 8.36 -6.09
C GLU A 495 -77.77 9.27 -4.96
N VAL A 496 -77.12 9.26 -3.79
CA VAL A 496 -77.59 10.03 -2.64
C VAL A 496 -77.81 11.49 -3.04
N VAL A 497 -78.94 12.04 -2.62
CA VAL A 497 -79.29 13.43 -2.88
C VAL A 497 -78.66 14.30 -1.79
N ASP A 498 -78.25 15.51 -2.18
CA ASP A 498 -77.53 16.39 -1.28
C ASP A 498 -78.42 16.84 -0.12
N LEU A 499 -77.76 17.34 0.93
CA LEU A 499 -78.46 17.83 2.11
C LEU A 499 -78.70 19.34 2.03
N ALA A 500 -77.62 20.12 1.92
CA ALA A 500 -77.70 21.57 1.92
C ALA A 500 -77.75 22.18 0.52
N THR A 501 -77.71 21.35 -0.53
CA THR A 501 -77.70 21.84 -1.91
C THR A 501 -79.08 21.73 -2.55
N GLY A 502 -79.66 20.54 -2.55
CA GLY A 502 -80.96 20.31 -3.13
C GLY A 502 -80.97 19.71 -4.53
N GLU A 503 -79.81 19.42 -5.10
CA GLU A 503 -79.70 18.82 -6.42
C GLU A 503 -79.36 17.34 -6.27
N LYS A 504 -79.38 16.64 -7.40
CA LYS A 504 -79.11 15.20 -7.39
C LYS A 504 -77.62 14.94 -7.13
N GLN A 505 -76.75 15.41 -8.03
CA GLN A 505 -75.30 15.41 -7.82
C GLN A 505 -74.79 14.00 -7.54
N VAL A 506 -74.85 13.15 -8.58
CA VAL A 506 -74.23 11.84 -8.49
C VAL A 506 -72.75 12.02 -8.17
N LEU A 507 -72.22 11.15 -7.32
CA LEU A 507 -70.94 11.43 -6.67
C LEU A 507 -69.77 11.24 -7.62
N ASN A 508 -69.56 10.03 -8.13
CA ASN A 508 -68.36 9.72 -8.88
C ASN A 508 -68.57 9.77 -10.39
N ASP A 509 -69.47 8.94 -10.91
CA ASP A 509 -69.85 8.97 -12.32
C ASP A 509 -68.63 8.89 -13.24
N ILE A 510 -68.00 7.72 -13.21
CA ILE A 510 -66.74 7.49 -13.92
C ILE A 510 -66.85 7.85 -15.39
N ARG A 511 -68.01 7.59 -16.00
CA ARG A 511 -68.17 7.82 -17.43
C ARG A 511 -67.77 9.24 -17.81
N GLY A 512 -66.87 9.35 -18.78
CA GLY A 512 -66.38 10.65 -19.22
C GLY A 512 -65.48 10.55 -20.44
N ARG A 513 -64.40 11.32 -20.45
CA ARG A 513 -63.45 11.27 -21.55
C ARG A 513 -62.07 11.64 -21.00
N TYR A 514 -61.24 10.64 -20.76
CA TYR A 514 -59.94 10.85 -20.14
C TYR A 514 -58.84 10.37 -21.08
N GLU A 515 -57.69 11.02 -21.04
CA GLU A 515 -56.51 10.58 -21.75
C GLU A 515 -55.42 10.22 -20.76
N CYS A 516 -54.66 9.17 -21.06
CA CYS A 516 -53.69 8.63 -20.12
C CYS A 516 -52.33 9.24 -20.35
N TYR A 517 -51.56 9.36 -19.28
CA TYR A 517 -50.18 9.81 -19.38
C TYR A 517 -49.40 9.22 -18.21
N THR A 518 -48.27 8.60 -18.50
CA THR A 518 -47.52 7.86 -17.51
C THR A 518 -46.33 8.67 -16.99
N ASP A 519 -46.01 8.46 -15.72
CA ASP A 519 -44.88 9.13 -15.07
C ASP A 519 -43.89 8.05 -14.61
N VAL A 520 -43.02 7.63 -15.53
CA VAL A 520 -41.99 6.67 -15.19
C VAL A 520 -40.90 7.37 -14.39
N GLY A 521 -40.49 6.75 -13.29
CA GLY A 521 -39.45 7.31 -12.47
C GLY A 521 -39.43 6.76 -11.06
N PRO A 522 -39.39 7.66 -10.08
CA PRO A 522 -39.26 7.22 -8.68
C PRO A 522 -40.52 6.50 -8.22
N SER A 523 -40.34 5.25 -7.81
CA SER A 523 -41.44 4.49 -7.23
C SER A 523 -41.83 5.08 -5.88
N PHE A 524 -43.06 4.79 -5.46
CA PHE A 524 -43.57 5.41 -4.24
C PHE A 524 -42.75 5.00 -3.02
N GLN A 525 -42.38 3.72 -2.94
CA GLN A 525 -41.55 3.29 -1.82
C GLN A 525 -40.19 3.97 -1.86
N SER A 526 -39.62 4.14 -3.05
CA SER A 526 -38.37 4.88 -3.16
C SER A 526 -38.55 6.33 -2.76
N MET A 527 -39.67 6.94 -3.15
CA MET A 527 -39.96 8.30 -2.72
C MET A 527 -40.02 8.39 -1.20
N LYS A 528 -40.69 7.45 -0.56
CA LYS A 528 -40.80 7.48 0.90
C LYS A 528 -39.45 7.26 1.57
N GLN A 529 -38.64 6.35 1.03
CA GLN A 529 -37.31 6.13 1.62
C GLN A 529 -36.45 7.37 1.49
N GLN A 530 -36.49 8.04 0.33
CA GLN A 530 -35.72 9.27 0.18
C GLN A 530 -36.24 10.36 1.11
N ASN A 531 -37.56 10.44 1.29
CA ASN A 531 -38.12 11.40 2.22
C ASN A 531 -37.65 11.14 3.64
N ARG A 532 -37.63 9.88 4.07
CA ARG A 532 -37.15 9.56 5.40
C ARG A 532 -35.68 9.91 5.54
N ALA A 533 -34.89 9.67 4.50
CA ALA A 533 -33.48 10.02 4.56
C ALA A 533 -33.30 11.53 4.73
N GLU A 534 -34.07 12.31 3.98
CA GLU A 534 -33.97 13.77 4.07
C GLU A 534 -34.40 14.27 5.45
N ILE A 535 -35.49 13.73 5.98
CA ILE A 535 -35.95 14.15 7.30
C ILE A 535 -34.94 13.77 8.37
N LEU A 536 -34.33 12.59 8.25
CA LEU A 536 -33.32 12.19 9.21
C LEU A 536 -32.10 13.11 9.14
N GLU A 537 -31.71 13.50 7.93
CA GLU A 537 -30.61 14.45 7.80
C GLU A 537 -30.93 15.78 8.48
N LEU A 538 -32.15 16.29 8.26
CA LEU A 538 -32.55 17.53 8.91
C LEU A 538 -32.53 17.38 10.42
N LEU A 539 -33.03 16.25 10.93
CA LEU A 539 -32.94 16.01 12.37
C LEU A 539 -31.51 16.03 12.85
N GLY A 540 -30.58 15.56 12.01
CA GLY A 540 -29.18 15.66 12.37
C GLY A 540 -28.65 17.09 12.32
N LYS A 541 -29.28 17.96 11.53
CA LYS A 541 -28.79 19.32 11.36
C LYS A 541 -29.80 20.38 11.81
N THR A 542 -30.39 20.20 13.00
CA THR A 542 -31.35 21.15 13.51
C THR A 542 -31.25 21.20 15.03
N PRO A 543 -31.19 22.38 15.64
CA PRO A 543 -31.15 22.45 17.10
C PRO A 543 -32.43 21.89 17.72
N GLN A 544 -32.28 21.31 18.90
CA GLN A 544 -33.36 20.59 19.55
C GLN A 544 -34.30 21.54 20.28
N GLY A 545 -35.44 21.00 20.71
CA GLY A 545 -36.39 21.75 21.49
C GLY A 545 -37.34 22.61 20.68
N THR A 546 -36.82 23.22 19.61
CA THR A 546 -37.64 24.12 18.80
C THR A 546 -38.78 23.34 18.14
N PRO A 547 -39.91 23.99 17.90
CA PRO A 547 -41.04 23.27 17.27
C PRO A 547 -40.72 22.68 15.92
N GLU A 548 -39.74 23.24 15.20
CA GLU A 548 -39.34 22.64 13.93
C GLU A 548 -38.77 21.24 14.14
N TYR A 549 -37.91 21.08 15.15
CA TYR A 549 -37.33 19.76 15.41
C TYR A 549 -38.40 18.77 15.83
N GLN A 550 -39.34 19.19 16.67
CA GLN A 550 -40.42 18.29 17.06
C GLN A 550 -41.27 17.91 15.85
N LEU A 551 -41.58 18.88 14.99
CA LEU A 551 -42.38 18.57 13.81
C LEU A 551 -41.65 17.60 12.90
N LEU A 552 -40.34 17.78 12.72
CA LEU A 552 -39.56 16.86 11.91
C LEU A 552 -39.56 15.46 12.51
N LEU A 553 -39.40 15.35 13.83
CA LEU A 553 -39.39 14.04 14.46
C LEU A 553 -40.74 13.34 14.30
N LEU A 554 -41.83 14.07 14.50
CA LEU A 554 -43.15 13.46 14.32
C LEU A 554 -43.41 13.08 12.87
N GLN A 555 -42.94 13.88 11.92
CA GLN A 555 -43.14 13.50 10.53
C GLN A 555 -42.28 12.30 10.17
N TYR A 556 -41.11 12.16 10.78
CA TYR A 556 -40.36 10.91 10.61
C TYR A 556 -41.13 9.73 11.18
N PHE A 557 -41.75 9.92 12.34
CA PHE A 557 -42.54 8.84 12.92
C PHE A 557 -43.66 8.41 11.98
N THR A 558 -44.37 9.38 11.40
CA THR A 558 -45.53 9.02 10.59
C THR A 558 -45.13 8.42 9.24
N LEU A 559 -43.84 8.43 8.92
CA LEU A 559 -43.34 7.83 7.69
C LEU A 559 -42.72 6.46 7.89
N LEU A 560 -42.93 5.84 9.06
CA LEU A 560 -42.31 4.55 9.34
C LEU A 560 -43.08 3.44 8.61
N ASP A 561 -42.74 2.19 8.93
CA ASP A 561 -43.34 1.04 8.28
C ASP A 561 -44.60 0.63 9.05
N GLY A 562 -45.10 -0.59 8.80
CA GLY A 562 -46.42 -0.96 9.26
C GLY A 562 -46.51 -1.59 10.63
N LYS A 563 -46.74 -2.91 10.66
CA LYS A 563 -47.22 -3.59 11.85
C LYS A 563 -46.38 -3.32 13.09
N GLY A 564 -45.06 -3.33 12.95
CA GLY A 564 -44.18 -3.24 14.09
C GLY A 564 -44.30 -1.98 14.92
N VAL A 565 -44.37 -0.82 14.28
CA VAL A 565 -44.29 0.44 14.99
C VAL A 565 -45.57 1.23 14.83
N GLU A 566 -46.69 0.51 14.67
CA GLU A 566 -47.98 1.17 14.49
C GLU A 566 -48.28 2.13 15.63
N MET A 567 -47.88 1.76 16.85
CA MET A 567 -48.24 2.58 18.01
C MET A 567 -47.56 3.94 17.97
N MET A 568 -46.30 4.00 17.56
CA MET A 568 -45.65 5.32 17.44
C MET A 568 -46.26 6.13 16.32
N ARG A 569 -46.65 5.50 15.22
CA ARG A 569 -47.29 6.25 14.14
C ARG A 569 -48.61 6.84 14.59
N ASP A 570 -49.40 6.07 15.34
CA ASP A 570 -50.65 6.60 15.86
C ASP A 570 -50.41 7.72 16.86
N TYR A 571 -49.42 7.57 17.73
CA TYR A 571 -49.07 8.66 18.66
C TYR A 571 -48.65 9.90 17.89
N ALA A 572 -47.87 9.74 16.83
CA ALA A 572 -47.44 10.88 16.04
C ALA A 572 -48.61 11.58 15.39
N ASN A 573 -49.57 10.81 14.85
CA ASN A 573 -50.75 11.45 14.28
C ASN A 573 -51.52 12.21 15.35
N LYS A 574 -51.65 11.64 16.55
CA LYS A 574 -52.36 12.34 17.61
C LYS A 574 -51.67 13.65 17.98
N GLN A 575 -50.34 13.61 18.14
CA GLN A 575 -49.62 14.82 18.48
C GLN A 575 -49.66 15.86 17.37
N LEU A 576 -49.58 15.42 16.11
CA LEU A 576 -49.66 16.35 15.00
C LEU A 576 -51.02 17.02 14.95
N ILE A 577 -52.09 16.25 15.14
CA ILE A 577 -53.42 16.81 15.04
C ILE A 577 -53.69 17.74 16.21
N GLN A 578 -53.26 17.36 17.42
CA GLN A 578 -53.42 18.25 18.56
C GLN A 578 -52.51 19.46 18.49
N MET A 579 -51.42 19.39 17.73
CA MET A 579 -50.58 20.57 17.52
C MET A 579 -51.22 21.54 16.56
N GLY A 580 -52.05 21.06 15.64
CA GLY A 580 -52.71 21.89 14.66
C GLY A 580 -52.04 21.92 13.30
N VAL A 581 -51.00 21.11 13.09
CA VAL A 581 -50.29 21.12 11.81
C VAL A 581 -51.00 20.24 10.80
N LYS A 582 -51.30 19.01 11.18
CA LYS A 582 -52.03 18.09 10.31
C LYS A 582 -53.52 18.21 10.55
N LYS A 583 -54.27 18.35 9.46
CA LYS A 583 -55.72 18.51 9.57
C LYS A 583 -56.36 17.22 10.08
N PRO A 584 -57.43 17.33 10.87
CA PRO A 584 -58.15 16.12 11.31
C PRO A 584 -58.88 15.47 10.17
N GLU A 585 -59.07 14.15 10.27
CA GLU A 585 -59.73 13.39 9.23
C GLU A 585 -60.90 12.56 9.73
N THR A 586 -61.24 12.62 11.02
CA THR A 586 -62.32 11.84 11.58
C THR A 586 -62.73 12.47 12.90
N PRO A 587 -64.00 12.34 13.32
CA PRO A 587 -64.48 13.09 14.49
C PRO A 587 -63.73 12.82 15.78
N GLU A 588 -63.15 11.64 15.97
CA GLU A 588 -62.35 11.42 17.17
C GLU A 588 -61.13 12.33 17.17
N GLU A 589 -60.51 12.52 16.00
CA GLU A 589 -59.39 13.45 15.91
C GLU A 589 -59.86 14.88 16.17
N GLN A 590 -61.07 15.23 15.73
CA GLN A 590 -61.61 16.55 16.02
C GLN A 590 -61.80 16.75 17.52
N GLN A 591 -62.31 15.73 18.20
CA GLN A 591 -62.45 15.80 19.65
C GLN A 591 -61.09 15.95 20.31
N TRP A 592 -60.09 15.23 19.81
CA TRP A 592 -58.74 15.38 20.36
C TRP A 592 -58.22 16.80 20.16
N LEU A 593 -58.46 17.37 18.98
CA LEU A 593 -58.00 18.72 18.68
C LEU A 593 -58.64 19.73 19.63
N VAL A 594 -59.96 19.64 19.80
CA VAL A 594 -60.63 20.61 20.67
C VAL A 594 -60.23 20.38 22.13
N GLU A 595 -60.02 19.13 22.54
CA GLU A 595 -59.55 18.87 23.90
C GLU A 595 -58.19 19.52 24.14
N ALA A 596 -57.27 19.37 23.18
CA ALA A 596 -55.95 19.97 23.33
C ALA A 596 -56.03 21.49 23.32
N GLN A 597 -56.85 22.06 22.44
CA GLN A 597 -56.92 23.51 22.30
C GLN A 597 -57.53 24.15 23.54
N GLN A 598 -58.68 23.62 23.99
CA GLN A 598 -59.35 24.20 25.15
C GLN A 598 -58.62 23.91 26.47
N ALA A 599 -57.65 23.01 26.46
CA ALA A 599 -56.92 22.66 27.66
C ALA A 599 -56.12 23.86 28.19
N ASN B 6 -68.06 -47.25 -22.37
CA ASN B 6 -67.60 -46.22 -23.30
C ASN B 6 -66.93 -45.08 -22.56
N ARG B 7 -67.30 -44.89 -21.30
CA ARG B 7 -66.73 -43.81 -20.51
C ARG B 7 -65.22 -43.94 -20.39
N LEU B 8 -64.74 -45.16 -20.12
CA LEU B 8 -63.31 -45.37 -19.99
C LEU B 8 -62.58 -45.09 -21.30
N GLU B 9 -63.23 -45.34 -22.43
CA GLU B 9 -62.60 -45.00 -23.70
C GLU B 9 -62.43 -43.51 -23.86
N SER B 10 -63.42 -42.71 -23.45
CA SER B 10 -63.25 -41.26 -23.47
C SER B 10 -62.15 -40.82 -22.52
N ILE B 11 -62.11 -41.40 -21.32
CA ILE B 11 -61.07 -41.03 -20.35
C ILE B 11 -59.69 -41.33 -20.93
N LEU B 12 -59.52 -42.52 -21.51
CA LEU B 12 -58.23 -42.89 -22.06
C LEU B 12 -57.88 -42.07 -23.30
N SER B 13 -58.88 -41.67 -24.09
CA SER B 13 -58.60 -40.79 -25.21
C SER B 13 -58.04 -39.46 -24.72
N ARG B 14 -58.68 -38.86 -23.71
CA ARG B 14 -58.17 -37.59 -23.18
C ARG B 14 -56.79 -37.76 -22.58
N PHE B 15 -56.57 -38.83 -21.82
CA PHE B 15 -55.27 -39.05 -21.20
C PHE B 15 -54.18 -39.27 -22.24
N ASP B 16 -54.47 -40.05 -23.28
CA ASP B 16 -53.48 -40.28 -24.32
C ASP B 16 -53.17 -38.99 -25.08
N ALA B 17 -54.18 -38.17 -25.34
CA ALA B 17 -53.92 -36.90 -26.00
C ALA B 17 -53.00 -36.03 -25.16
N ASP B 18 -53.27 -35.94 -23.86
CA ASP B 18 -52.43 -35.14 -22.98
C ASP B 18 -51.00 -35.69 -22.93
N TRP B 19 -50.88 -37.01 -22.83
CA TRP B 19 -49.56 -37.65 -22.76
C TRP B 19 -48.75 -37.36 -24.01
N THR B 20 -49.33 -37.61 -25.19
CA THR B 20 -48.58 -37.39 -26.42
C THR B 20 -48.30 -35.91 -26.65
N ALA B 21 -49.17 -35.03 -26.16
CA ALA B 21 -48.91 -33.61 -26.32
C ALA B 21 -47.74 -33.14 -25.44
N SER B 22 -47.61 -33.69 -24.24
CA SER B 22 -46.55 -33.27 -23.33
C SER B 22 -45.35 -34.20 -23.35
N ASP B 23 -45.30 -35.13 -24.30
CA ASP B 23 -44.22 -36.13 -24.32
C ASP B 23 -42.83 -35.49 -24.39
N GLU B 24 -42.64 -34.49 -25.25
CA GLU B 24 -41.30 -33.94 -25.43
C GLU B 24 -40.81 -33.27 -24.14
N ALA B 25 -41.66 -32.44 -23.54
CA ALA B 25 -41.28 -31.76 -22.30
C ALA B 25 -41.05 -32.77 -21.18
N ARG B 26 -41.89 -33.80 -21.09
CA ARG B 26 -41.69 -34.80 -20.05
C ARG B 26 -40.40 -35.56 -20.26
N ARG B 27 -40.06 -35.88 -21.50
CA ARG B 27 -38.79 -36.56 -21.79
C ARG B 27 -37.62 -35.73 -21.32
N GLU B 28 -37.58 -34.46 -21.72
CA GLU B 28 -36.44 -33.63 -21.35
C GLU B 28 -36.38 -33.41 -19.84
N ALA B 29 -37.53 -33.25 -19.18
CA ALA B 29 -37.52 -33.06 -17.74
C ALA B 29 -37.06 -34.32 -17.01
N LYS B 30 -37.50 -35.50 -17.47
CA LYS B 30 -37.02 -36.73 -16.85
C LYS B 30 -35.52 -36.89 -17.03
N ASN B 31 -35.01 -36.54 -18.21
CA ASN B 31 -33.57 -36.60 -18.41
C ASN B 31 -32.85 -35.64 -17.47
N ASP B 32 -33.40 -34.44 -17.28
CA ASP B 32 -32.81 -33.47 -16.35
C ASP B 32 -32.77 -34.04 -14.94
N LEU B 33 -33.89 -34.57 -14.47
CA LEU B 33 -33.96 -35.10 -13.13
C LEU B 33 -33.00 -36.27 -12.94
N PHE B 34 -32.94 -37.17 -13.92
CA PHE B 34 -32.04 -38.30 -13.84
C PHE B 34 -30.59 -37.86 -13.86
N PHE B 35 -30.27 -36.81 -14.61
CA PHE B 35 -28.92 -36.28 -14.60
C PHE B 35 -28.57 -35.68 -13.24
N SER B 36 -29.50 -35.00 -12.60
CA SER B 36 -29.21 -34.32 -11.35
C SER B 36 -29.42 -35.18 -10.11
N ARG B 37 -29.76 -36.45 -10.28
CA ARG B 37 -29.97 -37.30 -9.12
C ARG B 37 -29.35 -38.69 -9.20
N VAL B 38 -28.93 -39.16 -10.37
CA VAL B 38 -28.44 -40.53 -10.49
C VAL B 38 -27.01 -40.55 -11.01
N SER B 39 -26.79 -40.04 -12.21
CA SER B 39 -25.47 -40.12 -12.83
C SER B 39 -25.35 -39.05 -13.89
N GLN B 40 -24.25 -38.28 -13.85
CA GLN B 40 -24.07 -37.19 -14.80
C GLN B 40 -23.85 -37.70 -16.22
N TRP B 41 -23.45 -38.96 -16.37
CA TRP B 41 -23.05 -39.49 -17.67
C TRP B 41 -24.25 -40.14 -18.35
N ASP B 42 -24.96 -39.35 -19.16
CA ASP B 42 -26.05 -39.88 -19.96
C ASP B 42 -25.52 -40.91 -20.95
N ASP B 43 -26.42 -41.60 -21.64
CA ASP B 43 -25.96 -42.64 -22.57
C ASP B 43 -25.34 -42.05 -23.83
N TRP B 44 -25.87 -40.92 -24.30
CA TRP B 44 -25.25 -40.24 -25.43
C TRP B 44 -23.79 -39.96 -25.16
N LEU B 45 -23.48 -39.39 -24.00
CA LEU B 45 -22.09 -39.09 -23.68
C LEU B 45 -21.27 -40.37 -23.54
N SER B 46 -21.87 -41.45 -23.07
CA SER B 46 -21.15 -42.71 -23.00
C SER B 46 -20.86 -43.28 -24.38
N GLN B 47 -21.63 -42.88 -25.40
CA GLN B 47 -21.34 -43.33 -26.75
C GLN B 47 -20.28 -42.44 -27.40
N TYR B 48 -20.45 -41.12 -27.32
CA TYR B 48 -19.40 -40.17 -27.68
C TYR B 48 -18.46 -39.98 -26.49
N THR B 49 -17.59 -40.96 -26.31
CA THR B 49 -16.41 -40.86 -25.45
C THR B 49 -15.69 -42.18 -25.59
N THR B 50 -14.43 -42.19 -25.15
CA THR B 50 -13.72 -43.44 -25.04
C THR B 50 -13.00 -43.50 -23.70
N LEU B 51 -13.10 -42.44 -22.90
CA LEU B 51 -12.53 -42.41 -21.56
C LEU B 51 -12.92 -43.66 -20.80
N GLN B 52 -11.99 -44.15 -19.99
CA GLN B 52 -12.23 -45.36 -19.22
C GLN B 52 -12.60 -45.08 -17.77
N TYR B 53 -12.19 -43.94 -17.21
CA TYR B 53 -12.56 -43.60 -15.84
C TYR B 53 -13.68 -42.56 -15.89
N ARG B 54 -14.90 -43.04 -15.99
CA ARG B 54 -16.06 -42.15 -15.99
C ARG B 54 -16.31 -41.71 -14.56
N GLY B 55 -16.06 -40.43 -14.27
CA GLY B 55 -16.21 -39.88 -12.94
C GLY B 55 -17.32 -38.85 -12.91
N GLN B 56 -17.66 -38.41 -11.69
CA GLN B 56 -18.69 -37.39 -11.49
C GLN B 56 -18.19 -36.39 -10.47
N PHE B 57 -17.48 -35.37 -10.96
CA PHE B 57 -16.99 -34.29 -10.10
C PHE B 57 -17.89 -33.07 -10.27
N ASP B 58 -19.09 -33.16 -9.68
CA ASP B 58 -20.15 -32.22 -10.02
C ASP B 58 -20.08 -30.96 -9.18
N VAL B 59 -20.59 -29.87 -9.76
CA VAL B 59 -20.76 -28.63 -9.02
C VAL B 59 -22.16 -28.12 -9.24
N VAL B 60 -23.08 -29.02 -9.61
CA VAL B 60 -24.48 -28.63 -9.80
C VAL B 60 -25.19 -28.57 -8.46
N ARG B 61 -25.09 -29.63 -7.66
CA ARG B 61 -25.80 -29.67 -6.38
C ARG B 61 -25.45 -28.51 -5.46
N PRO B 62 -24.22 -28.03 -5.36
CA PRO B 62 -24.01 -26.78 -4.61
C PRO B 62 -24.85 -25.63 -5.12
N VAL B 63 -25.01 -25.51 -6.44
CA VAL B 63 -25.83 -24.43 -6.98
C VAL B 63 -27.29 -24.61 -6.62
N VAL B 64 -27.80 -25.84 -6.77
CA VAL B 64 -29.20 -26.09 -6.43
C VAL B 64 -29.44 -25.84 -4.94
N ARG B 65 -28.49 -26.24 -4.10
CA ARG B 65 -28.62 -25.99 -2.68
C ARG B 65 -28.65 -24.50 -2.39
N LYS B 66 -27.79 -23.73 -3.05
CA LYS B 66 -27.80 -22.29 -2.84
C LYS B 66 -29.14 -21.69 -3.24
N LEU B 67 -29.69 -22.13 -4.38
CA LEU B 67 -30.98 -21.59 -4.82
C LEU B 67 -32.10 -21.93 -3.83
N VAL B 68 -32.14 -23.18 -3.36
CA VAL B 68 -33.22 -23.56 -2.45
C VAL B 68 -33.10 -22.78 -1.14
N SER B 69 -31.89 -22.65 -0.61
CA SER B 69 -31.71 -21.87 0.61
C SER B 69 -32.13 -20.42 0.40
N GLU B 70 -31.74 -19.86 -0.74
CA GLU B 70 -32.05 -18.46 -1.01
C GLU B 70 -33.55 -18.24 -1.13
N MET B 71 -34.28 -19.23 -1.64
CA MET B 71 -35.74 -19.19 -1.52
C MET B 71 -36.20 -19.28 -0.08
N ARG B 72 -35.62 -20.20 0.69
CA ARG B 72 -36.04 -20.40 2.07
C ARG B 72 -35.90 -19.14 2.90
N GLN B 73 -34.97 -18.27 2.55
CA GLN B 73 -34.74 -17.05 3.31
C GLN B 73 -35.67 -15.91 2.91
N ASN B 74 -36.55 -16.10 1.94
CA ASN B 74 -37.52 -15.09 1.52
C ASN B 74 -38.92 -15.71 1.50
N PRO B 75 -39.49 -15.97 2.67
CA PRO B 75 -40.74 -16.72 2.72
C PRO B 75 -41.90 -15.95 2.09
N ILE B 76 -42.83 -16.71 1.53
CA ILE B 76 -43.99 -16.15 0.82
C ILE B 76 -45.23 -16.35 1.67
N ASP B 77 -45.95 -15.27 1.92
CA ASP B 77 -47.18 -15.34 2.70
C ASP B 77 -48.37 -15.27 1.75
N VAL B 78 -49.50 -15.80 2.21
CA VAL B 78 -50.75 -15.76 1.47
C VAL B 78 -51.77 -14.98 2.28
N LEU B 79 -52.40 -14.02 1.65
CA LEU B 79 -53.41 -13.19 2.26
C LEU B 79 -54.77 -13.62 1.73
N TYR B 80 -55.83 -12.94 2.16
CA TYR B 80 -57.16 -13.25 1.68
C TYR B 80 -57.97 -11.96 1.59
N ARG B 81 -58.31 -11.57 0.38
CA ARG B 81 -59.17 -10.42 0.17
C ARG B 81 -60.61 -10.79 0.53
N PRO B 82 -61.25 -10.07 1.44
CA PRO B 82 -62.67 -10.36 1.74
C PRO B 82 -63.56 -9.74 0.67
N LYS B 83 -64.39 -10.56 0.05
CA LYS B 83 -65.27 -10.10 -1.02
C LYS B 83 -66.73 -10.26 -0.61
N ASP B 84 -67.60 -9.59 -1.38
CA ASP B 84 -69.04 -9.66 -1.19
C ASP B 84 -69.43 -9.30 0.24
N GLY B 85 -68.81 -8.25 0.75
CA GLY B 85 -69.18 -7.71 2.04
C GLY B 85 -68.85 -8.58 3.23
N ALA B 86 -67.97 -9.56 3.07
CA ALA B 86 -67.56 -10.37 4.20
C ALA B 86 -66.73 -9.55 5.18
N ARG B 87 -66.90 -9.85 6.46
CA ARG B 87 -66.23 -9.08 7.50
C ARG B 87 -64.72 -9.31 7.44
N PRO B 88 -63.92 -8.29 7.77
CA PRO B 88 -62.46 -8.49 7.81
C PRO B 88 -62.02 -9.50 8.83
N ASP B 89 -62.81 -9.73 9.88
CA ASP B 89 -62.41 -10.72 10.88
C ASP B 89 -62.38 -12.13 10.32
N ALA B 90 -63.34 -12.47 9.46
CA ALA B 90 -63.30 -13.78 8.81
C ALA B 90 -62.08 -13.90 7.90
N ALA B 91 -61.73 -12.81 7.21
CA ALA B 91 -60.52 -12.82 6.40
C ALA B 91 -59.29 -13.05 7.26
N ASP B 92 -59.23 -12.41 8.42
CA ASP B 92 -58.09 -12.63 9.32
C ASP B 92 -58.06 -14.07 9.80
N VAL B 93 -59.24 -14.65 10.08
CA VAL B 93 -59.28 -16.04 10.54
C VAL B 93 -58.75 -16.97 9.45
N LEU B 94 -59.16 -16.77 8.20
CA LEU B 94 -58.60 -17.62 7.14
C LEU B 94 -57.12 -17.38 6.93
N MET B 95 -56.67 -16.13 7.02
CA MET B 95 -55.23 -15.88 6.93
C MET B 95 -54.48 -16.70 7.98
N GLY B 96 -54.93 -16.64 9.23
CA GLY B 96 -54.26 -17.39 10.27
C GLY B 96 -54.39 -18.89 10.10
N MET B 97 -55.55 -19.35 9.63
CA MET B 97 -55.74 -20.79 9.46
C MET B 97 -54.84 -21.34 8.36
N TYR B 98 -54.71 -20.59 7.27
CA TYR B 98 -53.77 -21.00 6.23
C TYR B 98 -52.35 -20.98 6.75
N ARG B 99 -52.01 -19.99 7.57
CA ARG B 99 -50.66 -19.96 8.13
C ARG B 99 -50.40 -21.18 9.01
N THR B 100 -51.37 -21.59 9.82
CA THR B 100 -51.14 -22.75 10.68
C THR B 100 -51.24 -24.06 9.93
N ASP B 101 -51.89 -24.09 8.77
CA ASP B 101 -51.89 -25.29 7.94
C ASP B 101 -50.71 -25.35 6.99
N MET B 102 -49.95 -24.25 6.87
CA MET B 102 -48.74 -24.25 6.05
C MET B 102 -47.47 -24.39 6.87
N ARG B 103 -47.50 -24.06 8.17
CA ARG B 103 -46.35 -24.32 9.01
C ARG B 103 -46.29 -25.76 9.48
N HIS B 104 -47.37 -26.51 9.33
CA HIS B 104 -47.38 -27.91 9.72
C HIS B 104 -46.33 -28.66 8.91
N ASN B 105 -45.66 -29.62 9.57
CA ASN B 105 -44.44 -30.18 9.00
C ASN B 105 -44.70 -30.93 7.70
N THR B 106 -45.85 -31.58 7.56
CA THR B 106 -46.14 -32.27 6.30
C THR B 106 -46.21 -31.29 5.14
N ALA B 107 -46.84 -30.14 5.36
CA ALA B 107 -46.88 -29.12 4.33
C ALA B 107 -45.49 -28.59 4.00
N LYS B 108 -44.63 -28.45 5.01
CA LYS B 108 -43.28 -28.00 4.73
C LYS B 108 -42.50 -29.03 3.92
N ILE B 109 -42.69 -30.32 4.21
CA ILE B 109 -42.04 -31.35 3.39
C ILE B 109 -42.54 -31.28 1.96
N ALA B 110 -43.85 -31.14 1.77
CA ALA B 110 -44.40 -31.07 0.42
C ALA B 110 -43.87 -29.87 -0.34
N VAL B 111 -43.87 -28.70 0.29
CA VAL B 111 -43.37 -27.51 -0.38
C VAL B 111 -41.89 -27.64 -0.70
N ASN B 112 -41.11 -28.19 0.22
CA ASN B 112 -39.68 -28.34 -0.04
C ASN B 112 -39.41 -29.29 -1.19
N ILE B 113 -40.12 -30.41 -1.26
CA ILE B 113 -39.92 -31.33 -2.38
C ILE B 113 -40.34 -30.68 -3.68
N ALA B 114 -41.47 -29.97 -3.68
CA ALA B 114 -41.91 -29.31 -4.90
C ALA B 114 -40.90 -28.27 -5.37
N VAL B 115 -40.36 -27.48 -4.46
CA VAL B 115 -39.40 -26.45 -4.87
C VAL B 115 -38.11 -27.08 -5.34
N ARG B 116 -37.66 -28.15 -4.68
CA ARG B 116 -36.44 -28.81 -5.11
C ARG B 116 -36.59 -29.39 -6.51
N GLU B 117 -37.74 -29.99 -6.81
CA GLU B 117 -37.95 -30.50 -8.15
C GLU B 117 -38.21 -29.39 -9.17
N GLN B 118 -38.74 -28.26 -8.73
CA GLN B 118 -38.81 -27.09 -9.61
C GLN B 118 -37.43 -26.64 -10.03
N ILE B 119 -36.53 -26.50 -9.07
CA ILE B 119 -35.19 -25.99 -9.37
C ILE B 119 -34.40 -27.00 -10.17
N GLU B 120 -34.53 -28.29 -9.86
CA GLU B 120 -33.77 -29.29 -10.61
C GLU B 120 -34.40 -29.58 -11.95
N ALA B 121 -35.62 -30.14 -11.96
CA ALA B 121 -36.22 -30.57 -13.21
C ALA B 121 -36.96 -29.43 -13.90
N GLY B 122 -37.92 -28.83 -13.22
CA GLY B 122 -38.72 -27.78 -13.80
C GLY B 122 -40.17 -27.81 -13.36
N VAL B 123 -40.63 -28.92 -12.78
CA VAL B 123 -42.00 -29.07 -12.32
C VAL B 123 -41.98 -29.74 -10.96
N GLY B 124 -42.78 -29.23 -10.01
CA GLY B 124 -42.83 -29.87 -8.70
C GLY B 124 -44.17 -30.39 -8.24
N ALA B 125 -45.25 -29.69 -8.58
CA ALA B 125 -46.62 -30.15 -8.41
C ALA B 125 -46.94 -30.87 -7.11
N TRP B 126 -46.88 -30.20 -5.96
CA TRP B 126 -47.38 -30.81 -4.75
C TRP B 126 -48.91 -30.86 -4.78
N ARG B 127 -49.50 -31.63 -3.87
CA ARG B 127 -50.92 -31.95 -3.96
C ARG B 127 -51.63 -31.71 -2.64
N LEU B 128 -52.87 -31.23 -2.72
CA LEU B 128 -53.75 -31.09 -1.56
C LEU B 128 -54.55 -32.36 -1.35
N VAL B 129 -54.90 -32.63 -0.09
CA VAL B 129 -55.72 -33.79 0.25
C VAL B 129 -56.36 -33.53 1.60
N THR B 130 -57.53 -34.13 1.82
CA THR B 130 -58.30 -33.93 3.04
C THR B 130 -58.53 -35.26 3.75
N ASP B 131 -58.52 -35.21 5.09
CA ASP B 131 -58.75 -36.40 5.88
C ASP B 131 -59.22 -35.99 7.27
N TYR B 132 -59.72 -36.97 8.02
CA TYR B 132 -60.29 -36.70 9.33
C TYR B 132 -59.21 -36.44 10.36
N GLU B 133 -59.56 -35.68 11.39
CA GLU B 133 -58.79 -35.60 12.61
C GLU B 133 -59.65 -36.13 13.75
N ASP B 134 -59.04 -36.28 14.92
CA ASP B 134 -59.77 -36.54 16.16
C ASP B 134 -60.62 -37.82 16.03
N GLN B 135 -59.91 -38.94 15.94
CA GLN B 135 -60.56 -40.21 15.63
C GLN B 135 -61.59 -40.58 16.70
N SER B 136 -62.86 -40.41 16.36
CA SER B 136 -64.01 -40.76 17.19
C SER B 136 -65.25 -40.64 16.33
N PRO B 137 -66.20 -41.58 16.39
CA PRO B 137 -67.36 -41.53 15.49
C PRO B 137 -68.35 -40.44 15.84
N THR B 138 -68.19 -39.76 16.98
CA THR B 138 -69.15 -38.75 17.40
C THR B 138 -69.24 -37.62 16.38
N SER B 139 -68.09 -37.21 15.85
CA SER B 139 -68.04 -36.08 14.92
C SER B 139 -67.52 -36.53 13.56
N ASN B 140 -67.45 -35.57 12.63
CA ASN B 140 -66.93 -35.79 11.29
C ASN B 140 -65.96 -34.66 10.90
N ASN B 141 -65.18 -34.20 11.86
CA ASN B 141 -64.26 -33.10 11.60
C ASN B 141 -63.14 -33.53 10.66
N GLN B 142 -62.80 -32.64 9.72
CA GLN B 142 -61.78 -32.91 8.72
C GLN B 142 -60.76 -31.77 8.70
N VAL B 143 -59.56 -32.08 8.23
CA VAL B 143 -58.47 -31.12 8.12
C VAL B 143 -57.87 -31.21 6.72
N ILE B 144 -56.84 -30.40 6.48
CA ILE B 144 -56.20 -30.29 5.18
C ILE B 144 -54.70 -30.49 5.35
N ARG B 145 -54.15 -31.51 4.71
CA ARG B 145 -52.72 -31.70 4.65
C ARG B 145 -52.30 -31.87 3.21
N ARG B 146 -51.01 -31.67 2.94
CA ARG B 146 -50.50 -31.65 1.58
C ARG B 146 -49.54 -32.81 1.38
N GLU B 147 -49.91 -33.73 0.53
CA GLU B 147 -49.05 -34.87 0.20
C GLU B 147 -48.24 -34.56 -1.05
N PRO B 148 -46.91 -34.58 -0.98
CA PRO B 148 -46.11 -34.26 -2.16
C PRO B 148 -46.26 -35.33 -3.23
N ILE B 149 -46.01 -34.92 -4.47
CA ILE B 149 -46.01 -35.81 -5.62
C ILE B 149 -44.58 -35.88 -6.13
N HIS B 150 -43.96 -37.05 -6.01
CA HIS B 150 -42.56 -37.20 -6.35
C HIS B 150 -42.38 -37.39 -7.85
N SER B 151 -41.32 -36.81 -8.39
CA SER B 151 -41.06 -36.79 -9.82
C SER B 151 -42.31 -36.36 -10.58
N ALA B 152 -42.76 -35.15 -10.24
CA ALA B 152 -44.00 -34.64 -10.79
C ALA B 152 -43.95 -34.39 -12.28
N CYS B 153 -42.76 -34.34 -12.87
CA CYS B 153 -42.67 -34.15 -14.32
C CYS B 153 -43.08 -35.39 -15.10
N SER B 154 -43.26 -36.52 -14.43
CA SER B 154 -43.64 -37.76 -15.10
C SER B 154 -44.85 -38.46 -14.49
N HIS B 155 -45.26 -38.10 -13.27
CA HIS B 155 -46.39 -38.75 -12.62
C HIS B 155 -47.63 -37.86 -12.57
N VAL B 156 -47.57 -36.67 -13.16
CA VAL B 156 -48.73 -35.79 -13.27
C VAL B 156 -48.85 -35.38 -14.71
N ILE B 157 -50.03 -35.58 -15.30
CA ILE B 157 -50.25 -35.29 -16.71
C ILE B 157 -51.33 -34.22 -16.78
N TRP B 158 -50.91 -32.96 -16.79
CA TRP B 158 -51.85 -31.87 -16.89
C TRP B 158 -52.52 -31.86 -18.26
N ASP B 159 -53.74 -31.33 -18.28
CA ASP B 159 -54.47 -31.24 -19.55
C ASP B 159 -53.70 -30.38 -20.53
N SER B 160 -53.52 -30.89 -21.75
CA SER B 160 -52.70 -30.20 -22.73
C SER B 160 -53.29 -28.87 -23.16
N ASN B 161 -54.60 -28.71 -23.05
CA ASN B 161 -55.26 -27.54 -23.62
C ASN B 161 -55.08 -26.29 -22.75
N SER B 162 -55.06 -26.45 -21.43
CA SER B 162 -54.96 -25.30 -20.54
C SER B 162 -53.66 -24.55 -20.73
N LYS B 163 -53.72 -23.23 -20.55
CA LYS B 163 -52.63 -22.34 -20.94
C LYS B 163 -52.32 -21.32 -19.86
N LEU B 164 -52.33 -21.73 -18.59
CA LEU B 164 -51.83 -20.88 -17.52
C LEU B 164 -50.91 -21.66 -16.61
N MET B 165 -49.99 -20.93 -15.98
CA MET B 165 -49.05 -21.54 -15.06
C MET B 165 -49.75 -22.09 -13.82
N ASP B 166 -50.88 -21.50 -13.45
CA ASP B 166 -51.74 -22.11 -12.44
C ASP B 166 -52.32 -23.43 -12.90
N LYS B 167 -52.36 -23.67 -14.21
CA LYS B 167 -53.16 -24.75 -14.78
C LYS B 167 -54.61 -24.66 -14.29
N SER B 168 -55.11 -23.43 -14.16
CA SER B 168 -56.46 -23.21 -13.67
C SER B 168 -57.50 -23.75 -14.63
N ASP B 169 -57.32 -23.53 -15.93
CA ASP B 169 -58.33 -23.94 -16.90
C ASP B 169 -58.40 -25.44 -17.07
N ALA B 170 -57.35 -26.16 -16.70
CA ALA B 170 -57.29 -27.59 -16.97
C ALA B 170 -58.50 -28.29 -16.36
N ARG B 171 -59.22 -29.04 -17.20
CA ARG B 171 -60.44 -29.69 -16.79
C ARG B 171 -60.22 -31.13 -16.37
N HIS B 172 -58.97 -31.58 -16.36
CA HIS B 172 -58.62 -32.92 -15.91
C HIS B 172 -57.11 -33.02 -15.82
N CYS B 173 -56.63 -33.78 -14.85
CA CYS B 173 -55.20 -34.00 -14.70
C CYS B 173 -54.98 -35.27 -13.91
N THR B 174 -54.40 -36.29 -14.54
CA THR B 174 -54.24 -37.59 -13.93
C THR B 174 -53.07 -37.58 -12.95
N VAL B 175 -53.01 -38.63 -12.13
CA VAL B 175 -51.84 -38.85 -11.28
C VAL B 175 -51.47 -40.32 -11.38
N ILE B 176 -50.52 -40.62 -12.25
CA ILE B 176 -50.14 -42.01 -12.48
C ILE B 176 -49.45 -42.58 -11.25
N HIS B 177 -49.74 -43.86 -10.95
CA HIS B 177 -49.06 -44.57 -9.89
C HIS B 177 -48.55 -45.89 -10.45
N SER B 178 -47.23 -46.04 -10.50
CA SER B 178 -46.63 -47.28 -10.99
C SER B 178 -46.51 -48.25 -9.81
N MET B 179 -47.55 -49.08 -9.63
CA MET B 179 -47.58 -50.05 -8.55
C MET B 179 -47.26 -51.45 -9.05
N SER B 180 -46.48 -52.17 -8.26
CA SER B 180 -46.24 -53.59 -8.42
C SER B 180 -47.39 -54.33 -7.74
N GLN B 181 -47.21 -55.63 -7.52
CA GLN B 181 -48.26 -56.42 -6.88
C GLN B 181 -48.61 -55.87 -5.51
N ASN B 182 -47.59 -55.57 -4.70
CA ASN B 182 -47.81 -55.06 -3.34
C ASN B 182 -48.57 -53.73 -3.37
N GLY B 183 -48.08 -52.78 -4.16
CA GLY B 183 -48.82 -51.53 -4.32
C GLY B 183 -50.19 -51.77 -4.89
N TRP B 184 -50.32 -52.75 -5.77
CA TRP B 184 -51.63 -53.03 -6.34
C TRP B 184 -52.64 -53.40 -5.25
N GLU B 185 -52.33 -54.38 -4.41
CA GLU B 185 -53.37 -54.81 -3.48
C GLU B 185 -53.56 -53.76 -2.38
N ASP B 186 -52.51 -53.04 -2.00
CA ASP B 186 -52.73 -52.05 -0.95
C ASP B 186 -53.58 -50.89 -1.44
N PHE B 187 -53.27 -50.35 -2.63
CA PHE B 187 -54.05 -49.24 -3.15
C PHE B 187 -55.39 -49.68 -3.74
N ALA B 188 -55.62 -50.99 -3.87
CA ALA B 188 -56.93 -51.50 -4.26
C ALA B 188 -57.83 -51.76 -3.05
N GLU B 189 -57.31 -52.40 -2.00
CA GLU B 189 -58.09 -52.63 -0.81
C GLU B 189 -58.31 -51.35 -0.01
N LYS B 190 -57.39 -50.39 -0.13
CA LYS B 190 -57.49 -49.20 0.70
C LYS B 190 -58.76 -48.41 0.42
N TYR B 191 -59.14 -48.27 -0.85
CA TYR B 191 -60.25 -47.40 -1.21
C TYR B 191 -61.44 -48.14 -1.82
N ASP B 192 -61.27 -48.83 -2.94
CA ASP B 192 -62.44 -49.28 -3.68
C ASP B 192 -62.77 -50.76 -3.52
N LEU B 193 -61.89 -51.64 -3.97
CA LEU B 193 -62.12 -53.09 -4.03
C LEU B 193 -60.80 -53.75 -4.41
N ASP B 194 -60.70 -55.05 -4.10
CA ASP B 194 -59.54 -55.85 -4.46
C ASP B 194 -59.75 -56.64 -5.74
N ALA B 195 -60.55 -56.11 -6.66
CA ALA B 195 -60.83 -56.80 -7.92
C ALA B 195 -59.63 -56.65 -8.83
N ASP B 196 -59.01 -57.76 -9.19
CA ASP B 196 -57.79 -57.76 -9.99
C ASP B 196 -58.07 -57.20 -11.39
N ASP B 197 -57.01 -56.82 -12.08
CA ASP B 197 -57.10 -56.30 -13.44
C ASP B 197 -57.70 -57.32 -14.39
N ILE B 217 -48.41 -52.71 -13.05
CA ILE B 217 -49.78 -52.35 -12.72
C ILE B 217 -49.84 -50.85 -12.45
N GLN B 218 -50.16 -50.08 -13.50
CA GLN B 218 -50.19 -48.63 -13.42
C GLN B 218 -51.63 -48.17 -13.25
N ILE B 219 -51.95 -47.65 -12.08
CA ILE B 219 -53.26 -47.13 -11.80
C ILE B 219 -53.22 -45.62 -11.93
N ALA B 220 -54.39 -44.98 -11.99
CA ALA B 220 -54.47 -43.55 -12.22
C ALA B 220 -55.50 -42.93 -11.29
N GLU B 221 -55.43 -41.61 -11.15
CA GLU B 221 -56.43 -40.84 -10.41
C GLU B 221 -56.85 -39.69 -11.33
N PHE B 222 -57.89 -39.90 -12.12
CA PHE B 222 -58.30 -38.95 -13.15
C PHE B 222 -59.21 -37.91 -12.54
N TYR B 223 -58.63 -36.79 -12.11
CA TYR B 223 -59.44 -35.68 -11.62
C TYR B 223 -60.21 -35.05 -12.78
N GLU B 224 -61.26 -34.32 -12.45
CA GLU B 224 -62.12 -33.76 -13.48
C GLU B 224 -62.88 -32.57 -12.90
N VAL B 225 -63.13 -31.58 -13.76
CA VAL B 225 -63.93 -30.41 -13.39
C VAL B 225 -65.06 -30.31 -14.40
N VAL B 226 -66.28 -30.47 -13.92
CA VAL B 226 -67.45 -30.39 -14.78
C VAL B 226 -68.12 -29.05 -14.58
N GLU B 227 -68.66 -28.51 -15.67
CA GLU B 227 -69.26 -27.18 -15.66
C GLU B 227 -70.64 -27.23 -16.30
N LYS B 228 -71.51 -26.34 -15.86
CA LYS B 228 -72.86 -26.20 -16.40
C LYS B 228 -73.00 -24.77 -16.91
N LYS B 229 -73.12 -24.61 -18.22
CA LYS B 229 -73.17 -23.30 -18.85
C LYS B 229 -74.52 -23.11 -19.52
N GLU B 230 -75.21 -22.03 -19.16
CA GLU B 230 -76.50 -21.70 -19.72
C GLU B 230 -76.53 -20.25 -20.17
N THR B 231 -77.71 -19.71 -20.50
CA THR B 231 -77.83 -18.35 -21.00
C THR B 231 -78.41 -17.38 -20.00
N ALA B 232 -79.47 -17.77 -19.29
CA ALA B 232 -80.03 -17.05 -18.13
C ALA B 232 -80.76 -15.77 -18.48
N PHE B 233 -80.61 -15.27 -19.72
CA PHE B 233 -81.53 -14.32 -20.34
C PHE B 233 -82.16 -13.30 -19.39
N ILE B 234 -81.36 -12.46 -18.73
CA ILE B 234 -81.91 -11.52 -17.77
C ILE B 234 -82.92 -10.59 -18.45
N TYR B 235 -84.02 -10.34 -17.74
CA TYR B 235 -85.10 -9.46 -18.17
C TYR B 235 -85.28 -8.36 -17.13
N GLN B 236 -85.65 -7.16 -17.57
CA GLN B 236 -85.77 -6.02 -16.69
C GLN B 236 -87.21 -5.54 -16.60
N ASP B 237 -87.59 -5.07 -15.41
CA ASP B 237 -88.91 -4.53 -15.11
C ASP B 237 -88.76 -3.17 -14.44
N PRO B 238 -89.86 -2.45 -14.13
CA PRO B 238 -89.73 -1.21 -13.35
C PRO B 238 -89.00 -1.43 -12.03
N VAL B 239 -89.31 -2.53 -11.35
CA VAL B 239 -88.52 -2.90 -10.18
C VAL B 239 -87.17 -3.45 -10.61
N THR B 240 -86.26 -3.60 -9.65
CA THR B 240 -84.94 -4.13 -9.98
C THR B 240 -85.07 -5.51 -10.60
N GLY B 241 -84.23 -5.78 -11.60
CA GLY B 241 -84.36 -7.01 -12.36
C GLY B 241 -83.94 -8.23 -11.58
N GLU B 242 -84.92 -9.02 -11.16
CA GLU B 242 -84.65 -10.27 -10.48
C GLU B 242 -84.29 -11.35 -11.48
N PRO B 243 -83.64 -12.44 -11.03
CA PRO B 243 -83.33 -13.52 -11.97
C PRO B 243 -84.59 -14.14 -12.54
N VAL B 244 -84.84 -13.89 -13.82
CA VAL B 244 -86.01 -14.40 -14.51
C VAL B 244 -85.52 -15.05 -15.80
N SER B 245 -86.28 -16.06 -16.26
CA SER B 245 -85.96 -16.77 -17.50
C SER B 245 -84.58 -17.42 -17.40
N TYR B 246 -84.39 -18.22 -16.37
CA TYR B 246 -83.08 -18.81 -16.10
C TYR B 246 -82.64 -19.76 -17.20
N PHE B 247 -83.55 -20.52 -17.78
CA PHE B 247 -83.23 -21.51 -18.79
C PHE B 247 -83.81 -21.09 -20.13
N LYS B 248 -83.53 -21.92 -21.15
CA LYS B 248 -84.25 -21.78 -22.41
C LYS B 248 -85.66 -22.37 -22.33
N ARG B 249 -85.89 -23.33 -21.43
CA ARG B 249 -87.22 -23.85 -21.21
C ARG B 249 -88.10 -22.89 -20.42
N ASP B 250 -87.49 -22.13 -19.50
CA ASP B 250 -88.24 -21.11 -18.79
C ASP B 250 -88.72 -20.01 -19.73
N ILE B 251 -88.00 -19.77 -20.83
CA ILE B 251 -88.52 -18.90 -21.89
C ILE B 251 -89.85 -19.44 -22.40
N LYS B 252 -89.88 -20.72 -22.76
CA LYS B 252 -91.10 -21.33 -23.26
C LYS B 252 -92.15 -21.49 -22.18
N ASP B 253 -91.80 -21.30 -20.92
CA ASP B 253 -92.79 -21.23 -19.85
C ASP B 253 -93.33 -19.82 -19.63
N VAL B 254 -92.68 -18.79 -20.17
CA VAL B 254 -93.14 -17.41 -19.98
C VAL B 254 -93.37 -16.73 -21.32
N ILE B 255 -93.81 -17.50 -22.33
CA ILE B 255 -94.07 -16.92 -23.66
C ILE B 255 -94.96 -15.70 -23.58
N ASP B 256 -95.86 -15.65 -22.61
CA ASP B 256 -96.68 -14.46 -22.41
C ASP B 256 -95.96 -13.41 -21.57
N ASP B 257 -95.30 -13.83 -20.49
CA ASP B 257 -94.67 -12.88 -19.58
C ASP B 257 -93.54 -12.11 -20.25
N LEU B 258 -92.84 -12.74 -21.19
CA LEU B 258 -91.76 -12.04 -21.88
C LEU B 258 -92.28 -10.87 -22.70
N ALA B 259 -93.49 -11.00 -23.25
CA ALA B 259 -94.09 -9.91 -24.03
C ALA B 259 -94.90 -8.95 -23.17
N ASP B 260 -95.32 -9.37 -21.96
CA ASP B 260 -96.06 -8.47 -21.09
C ASP B 260 -95.16 -7.62 -20.18
N SER B 261 -93.87 -7.91 -20.14
CA SER B 261 -92.96 -7.17 -19.27
C SER B 261 -92.64 -5.80 -19.88
N GLY B 262 -92.06 -4.93 -19.04
CA GLY B 262 -91.70 -3.60 -19.50
C GLY B 262 -90.60 -3.60 -20.54
N PHE B 263 -89.56 -4.41 -20.33
CA PHE B 263 -88.44 -4.52 -21.25
C PHE B 263 -88.30 -5.95 -21.73
N ILE B 264 -87.88 -6.10 -22.99
CA ILE B 264 -87.90 -7.41 -23.64
C ILE B 264 -86.60 -8.17 -23.43
N LYS B 265 -85.45 -7.49 -23.42
CA LYS B 265 -84.16 -8.16 -23.25
C LYS B 265 -83.11 -7.11 -22.95
N ILE B 266 -82.24 -7.39 -21.97
CA ILE B 266 -81.17 -6.48 -21.59
C ILE B 266 -79.80 -7.13 -21.74
N ALA B 267 -79.64 -8.35 -21.25
CA ALA B 267 -78.34 -9.00 -21.29
C ALA B 267 -78.53 -10.52 -21.28
N GLU B 268 -77.46 -11.23 -21.63
CA GLU B 268 -77.45 -12.67 -21.76
C GLU B 268 -76.35 -13.28 -20.91
N ARG B 269 -76.30 -12.88 -19.63
CA ARG B 269 -75.25 -13.36 -18.74
C ARG B 269 -75.27 -14.88 -18.61
N GLN B 270 -74.20 -15.52 -19.09
CA GLN B 270 -74.09 -16.98 -19.08
C GLN B 270 -73.59 -17.42 -17.72
N ILE B 271 -74.52 -17.70 -16.80
CA ILE B 271 -74.14 -18.12 -15.46
C ILE B 271 -73.53 -19.51 -15.50
N LYS B 272 -72.53 -19.74 -14.64
CA LYS B 272 -71.75 -20.96 -14.64
C LYS B 272 -71.53 -21.43 -13.21
N ARG B 273 -71.60 -22.74 -13.01
CA ARG B 273 -71.21 -23.37 -11.74
C ARG B 273 -70.41 -24.62 -12.03
N ARG B 274 -69.39 -24.87 -11.20
CA ARG B 274 -68.44 -25.94 -11.43
C ARG B 274 -68.26 -26.76 -10.16
N ARG B 275 -67.96 -28.04 -10.34
CA ARG B 275 -67.73 -28.94 -9.22
C ARG B 275 -66.78 -30.03 -9.68
N VAL B 276 -65.84 -30.41 -8.81
CA VAL B 276 -64.77 -31.34 -9.17
C VAL B 276 -65.29 -32.76 -9.11
N TYR B 277 -64.70 -33.65 -9.91
CA TYR B 277 -65.02 -35.07 -9.89
C TYR B 277 -63.72 -35.87 -10.02
N LYS B 278 -63.60 -36.93 -9.23
CA LYS B 278 -62.40 -37.74 -9.18
C LYS B 278 -62.74 -39.19 -9.46
N SER B 279 -62.00 -39.80 -10.37
CA SER B 279 -62.23 -41.19 -10.75
C SER B 279 -60.90 -41.91 -10.83
N ILE B 280 -60.88 -43.16 -10.38
CA ILE B 280 -59.68 -43.98 -10.34
C ILE B 280 -59.81 -45.04 -11.43
N ILE B 281 -59.00 -44.93 -12.47
CA ILE B 281 -59.10 -45.79 -13.63
C ILE B 281 -57.84 -46.64 -13.74
N THR B 282 -57.86 -47.57 -14.70
CA THR B 282 -56.68 -48.37 -15.03
C THR B 282 -56.65 -48.54 -16.54
N CYS B 283 -55.45 -48.81 -17.07
CA CYS B 283 -55.26 -48.80 -18.51
C CYS B 283 -56.04 -49.94 -19.18
N THR B 284 -55.88 -51.16 -18.68
CA THR B 284 -56.50 -52.32 -19.34
C THR B 284 -57.96 -52.48 -18.92
N ALA B 285 -58.20 -52.71 -17.63
CA ALA B 285 -59.55 -52.99 -17.17
C ALA B 285 -60.37 -51.71 -17.11
N VAL B 286 -61.64 -51.87 -16.76
CA VAL B 286 -62.57 -50.75 -16.67
C VAL B 286 -62.22 -49.93 -15.43
N LEU B 287 -62.79 -48.73 -15.34
CA LEU B 287 -62.54 -47.86 -14.20
C LEU B 287 -63.16 -48.46 -12.94
N LYS B 288 -62.54 -48.17 -11.80
CA LYS B 288 -62.94 -48.73 -10.52
C LYS B 288 -63.92 -47.84 -9.75
N ASP B 289 -63.73 -46.53 -9.79
CA ASP B 289 -64.69 -45.58 -9.23
C ASP B 289 -65.12 -44.62 -10.32
N LYS B 290 -66.42 -44.39 -10.43
CA LYS B 290 -66.91 -43.57 -11.54
C LYS B 290 -66.74 -42.09 -11.26
N GLN B 291 -67.28 -41.60 -10.15
CA GLN B 291 -67.23 -40.18 -9.88
C GLN B 291 -67.35 -39.94 -8.39
N LEU B 292 -66.56 -39.00 -7.87
CA LEU B 292 -66.61 -38.61 -6.47
C LEU B 292 -66.29 -37.13 -6.37
N ILE B 293 -66.81 -36.48 -5.36
CA ILE B 293 -66.60 -35.05 -5.15
C ILE B 293 -65.55 -34.86 -4.07
N ALA B 294 -64.62 -33.93 -4.29
CA ALA B 294 -63.65 -33.59 -3.25
C ALA B 294 -63.26 -32.12 -3.43
N GLY B 295 -63.95 -31.23 -2.72
CA GLY B 295 -63.64 -29.81 -2.81
C GLY B 295 -64.35 -29.10 -3.95
N GLU B 296 -63.71 -28.09 -4.54
CA GLU B 296 -64.31 -27.36 -5.65
C GLU B 296 -63.38 -27.29 -6.87
N HIS B 297 -62.08 -27.15 -6.64
CA HIS B 297 -61.09 -27.17 -7.71
C HIS B 297 -60.40 -28.53 -7.73
N ILE B 298 -59.53 -28.73 -8.71
CA ILE B 298 -58.67 -29.92 -8.72
C ILE B 298 -57.50 -29.66 -7.78
N PRO B 299 -57.30 -30.50 -6.77
CA PRO B 299 -56.33 -30.18 -5.72
C PRO B 299 -54.90 -30.00 -6.19
N ILE B 300 -54.46 -30.70 -7.23
CA ILE B 300 -53.06 -30.68 -7.61
C ILE B 300 -52.68 -29.26 -8.03
N VAL B 301 -51.63 -28.73 -7.41
CA VAL B 301 -51.12 -27.40 -7.72
C VAL B 301 -49.69 -27.53 -8.21
N PRO B 302 -49.37 -27.11 -9.44
CA PRO B 302 -48.03 -27.28 -9.95
C PRO B 302 -47.15 -26.07 -9.76
N VAL B 303 -45.85 -26.27 -9.57
CA VAL B 303 -44.87 -25.21 -9.67
C VAL B 303 -44.08 -25.44 -10.96
N PHE B 304 -43.65 -24.35 -11.58
CA PHE B 304 -42.90 -24.43 -12.83
C PHE B 304 -41.65 -23.58 -12.73
N GLY B 305 -40.62 -23.97 -13.45
CA GLY B 305 -39.43 -23.16 -13.52
C GLY B 305 -39.62 -22.03 -14.50
N GLU B 306 -38.63 -21.78 -15.35
CA GLU B 306 -38.83 -20.86 -16.46
C GLU B 306 -39.79 -21.50 -17.44
N TRP B 307 -41.02 -21.00 -17.50
CA TRP B 307 -42.11 -21.64 -18.24
C TRP B 307 -42.65 -20.68 -19.28
N GLY B 308 -42.82 -21.18 -20.50
CA GLY B 308 -43.35 -20.37 -21.58
C GLY B 308 -43.75 -21.26 -22.73
N PHE B 309 -44.42 -20.65 -23.70
CA PHE B 309 -44.88 -21.36 -24.89
C PHE B 309 -43.99 -21.01 -26.07
N VAL B 310 -43.54 -22.03 -26.79
CA VAL B 310 -42.70 -21.86 -27.97
C VAL B 310 -43.30 -22.68 -29.10
N GLU B 311 -43.72 -22.01 -30.17
CA GLU B 311 -44.36 -22.66 -31.31
C GLU B 311 -45.52 -23.54 -30.86
N ASP B 312 -46.29 -23.03 -29.90
CA ASP B 312 -47.49 -23.69 -29.39
C ASP B 312 -47.15 -25.03 -28.76
N LYS B 313 -46.05 -25.07 -28.01
CA LYS B 313 -45.68 -26.24 -27.23
C LYS B 313 -45.27 -25.77 -25.84
N GLU B 314 -45.80 -26.42 -24.82
CA GLU B 314 -45.46 -26.06 -23.45
C GLU B 314 -44.06 -26.55 -23.11
N VAL B 315 -43.16 -25.61 -22.84
CA VAL B 315 -41.77 -25.95 -22.50
C VAL B 315 -41.43 -25.26 -21.19
N TYR B 316 -40.87 -26.03 -20.26
CA TYR B 316 -40.41 -25.53 -18.98
C TYR B 316 -39.01 -26.02 -18.71
N GLU B 317 -38.23 -25.24 -17.98
CA GLU B 317 -36.85 -25.63 -17.69
C GLU B 317 -36.54 -25.55 -16.21
N GLY B 318 -35.27 -25.69 -15.87
CA GLY B 318 -34.85 -25.57 -14.50
C GLY B 318 -33.52 -24.84 -14.41
N VAL B 319 -32.64 -25.29 -13.55
CA VAL B 319 -31.30 -24.72 -13.47
C VAL B 319 -30.32 -25.86 -13.67
N VAL B 320 -30.77 -26.90 -14.36
CA VAL B 320 -29.96 -28.11 -14.51
C VAL B 320 -29.56 -28.38 -15.95
N ARG B 321 -30.24 -27.84 -16.96
CA ARG B 321 -29.81 -28.10 -18.33
C ARG B 321 -28.48 -27.41 -18.64
N LEU B 322 -28.39 -26.14 -18.29
CA LEU B 322 -27.21 -25.35 -18.63
C LEU B 322 -26.00 -25.83 -17.86
N THR B 323 -26.16 -25.94 -16.54
CA THR B 323 -25.15 -26.57 -15.72
C THR B 323 -24.91 -28.00 -16.14
N LYS B 324 -25.86 -28.63 -16.81
CA LYS B 324 -25.67 -30.00 -17.24
C LYS B 324 -24.63 -30.08 -18.34
N ASP B 325 -24.75 -29.21 -19.33
CA ASP B 325 -23.72 -29.18 -20.38
C ASP B 325 -22.36 -28.81 -19.80
N GLY B 326 -22.33 -27.79 -18.95
CA GLY B 326 -21.05 -27.41 -18.33
C GLY B 326 -20.46 -28.54 -17.50
N GLN B 327 -21.31 -29.25 -16.77
CA GLN B 327 -20.87 -30.32 -15.90
C GLN B 327 -20.35 -31.51 -16.70
N ARG B 328 -20.96 -31.78 -17.85
CA ARG B 328 -20.42 -32.84 -18.70
C ARG B 328 -19.03 -32.48 -19.18
N LEU B 329 -18.81 -31.22 -19.55
CA LEU B 329 -17.45 -30.84 -19.95
C LEU B 329 -16.45 -30.98 -18.81
N ARG B 330 -16.84 -30.55 -17.60
CA ARG B 330 -15.93 -30.68 -16.46
C ARG B 330 -15.63 -32.13 -16.15
N ASN B 331 -16.66 -32.99 -16.18
CA ASN B 331 -16.44 -34.41 -15.95
C ASN B 331 -15.48 -34.99 -16.95
N MET B 332 -15.63 -34.60 -18.22
CA MET B 332 -14.75 -35.12 -19.25
C MET B 332 -13.32 -34.68 -19.02
N ILE B 333 -13.11 -33.43 -18.60
CA ILE B 333 -11.73 -32.97 -18.38
C ILE B 333 -11.09 -33.71 -17.20
N MET B 334 -11.81 -33.82 -16.08
CA MET B 334 -11.28 -34.59 -14.95
C MET B 334 -11.00 -36.04 -15.33
N SER B 335 -11.90 -36.68 -16.08
CA SER B 335 -11.68 -38.06 -16.47
C SER B 335 -10.48 -38.20 -17.39
N PHE B 336 -10.26 -37.22 -18.28
CA PHE B 336 -9.06 -37.24 -19.10
C PHE B 336 -7.80 -37.19 -18.25
N ASN B 337 -7.78 -36.31 -17.26
CA ASN B 337 -6.62 -36.25 -16.36
C ASN B 337 -6.42 -37.57 -15.63
N ALA B 338 -7.50 -38.15 -15.11
CA ALA B 338 -7.38 -39.40 -14.37
C ALA B 338 -6.94 -40.54 -15.27
N ASP B 339 -7.34 -40.51 -16.54
CA ASP B 339 -6.89 -41.52 -17.48
C ASP B 339 -5.40 -41.37 -17.77
N ILE B 340 -4.89 -40.14 -17.81
CA ILE B 340 -3.44 -39.96 -17.91
C ILE B 340 -2.74 -40.54 -16.71
N VAL B 341 -3.27 -40.31 -15.51
CA VAL B 341 -2.55 -40.66 -14.28
C VAL B 341 -2.40 -42.17 -14.14
N ALA B 342 -3.46 -42.92 -14.38
CA ALA B 342 -3.46 -44.34 -14.02
C ALA B 342 -2.63 -45.20 -14.96
N ARG B 343 -1.35 -44.88 -15.08
CA ARG B 343 -0.40 -45.70 -15.81
C ARG B 343 0.91 -45.64 -15.05
N THR B 344 1.55 -46.78 -14.84
CA THR B 344 2.83 -46.75 -14.16
C THR B 344 3.80 -45.88 -14.93
N PRO B 345 4.43 -44.90 -14.29
CA PRO B 345 5.34 -44.01 -15.01
C PRO B 345 6.54 -44.71 -15.59
N LYS B 346 6.86 -45.93 -15.13
CA LYS B 346 8.02 -46.63 -15.67
C LYS B 346 7.87 -46.81 -17.17
N LYS B 347 8.94 -46.50 -17.89
CA LYS B 347 8.91 -46.60 -19.34
C LYS B 347 8.83 -48.07 -19.76
N LYS B 348 8.09 -48.32 -20.84
CA LYS B 348 8.02 -49.63 -21.44
C LYS B 348 8.87 -49.62 -22.70
N PRO B 349 9.92 -50.44 -22.78
CA PRO B 349 10.81 -50.39 -23.94
C PRO B 349 10.36 -51.31 -25.08
N PHE B 350 10.83 -50.97 -26.28
CA PHE B 350 10.58 -51.75 -27.49
C PHE B 350 11.88 -52.39 -27.93
N PHE B 351 11.93 -53.72 -27.90
CA PHE B 351 13.06 -54.43 -28.49
C PHE B 351 12.69 -55.85 -28.86
N TRP B 352 13.47 -56.39 -29.81
CA TRP B 352 13.30 -57.68 -30.47
C TRP B 352 13.36 -58.83 -29.48
N PRO B 353 12.68 -59.95 -29.74
CA PRO B 353 12.77 -61.08 -28.82
C PRO B 353 14.17 -61.64 -28.72
N GLU B 354 14.97 -61.59 -29.78
CA GLU B 354 16.35 -62.07 -29.68
C GLU B 354 17.30 -61.03 -29.13
N GLN B 355 16.85 -59.79 -28.95
CA GLN B 355 17.67 -58.78 -28.31
C GLN B 355 17.85 -59.06 -26.81
N ILE B 356 16.94 -59.83 -26.22
CA ILE B 356 17.06 -60.23 -24.83
C ILE B 356 16.91 -61.74 -24.70
N ALA B 357 17.33 -62.48 -25.73
CA ALA B 357 17.13 -63.92 -25.81
C ALA B 357 17.38 -64.61 -24.47
N GLY B 358 18.55 -64.40 -23.89
CA GLY B 358 18.86 -65.02 -22.62
C GLY B 358 18.40 -64.20 -21.42
N PHE B 359 18.62 -62.89 -21.48
CA PHE B 359 18.33 -62.00 -20.35
C PHE B 359 16.88 -61.56 -20.42
N GLU B 360 15.99 -62.43 -19.95
CA GLU B 360 14.60 -62.07 -19.75
C GLU B 360 14.24 -61.88 -18.29
N HIS B 361 15.07 -62.34 -17.36
CA HIS B 361 14.82 -62.16 -15.95
C HIS B 361 15.28 -60.79 -15.46
N MET B 362 15.89 -59.99 -16.33
CA MET B 362 16.34 -58.65 -15.97
C MET B 362 15.18 -57.65 -16.05
N TYR B 363 14.39 -57.74 -17.11
CA TYR B 363 13.36 -56.74 -17.41
C TYR B 363 11.99 -57.26 -16.94
N ASP B 364 11.83 -57.28 -15.62
CA ASP B 364 10.56 -57.66 -15.03
C ASP B 364 10.04 -56.67 -14.00
N GLY B 365 10.88 -55.79 -13.47
CA GLY B 365 10.43 -54.85 -12.47
C GLY B 365 10.41 -55.42 -11.08
N ASN B 366 10.57 -56.74 -10.97
CA ASN B 366 10.64 -57.40 -9.68
C ASN B 366 12.00 -57.25 -9.02
N ASP B 367 13.01 -56.78 -9.75
CA ASP B 367 14.33 -56.50 -9.20
C ASP B 367 14.90 -55.28 -9.92
N ASP B 368 15.85 -54.61 -9.27
CA ASP B 368 16.64 -53.57 -9.92
C ASP B 368 18.10 -53.98 -9.85
N TYR B 369 18.72 -54.15 -11.02
CA TYR B 369 20.10 -54.56 -11.20
C TYR B 369 20.98 -53.36 -11.53
N PRO B 370 22.28 -53.43 -11.27
CA PRO B 370 23.16 -52.27 -11.52
C PRO B 370 23.21 -51.88 -12.98
N TYR B 371 23.40 -52.83 -13.89
CA TYR B 371 23.47 -52.56 -15.31
C TYR B 371 22.47 -53.46 -16.05
N TYR B 372 22.13 -53.04 -17.26
CA TYR B 372 21.19 -53.76 -18.09
C TYR B 372 21.93 -54.31 -19.31
N LEU B 373 21.76 -55.59 -19.58
CA LEU B 373 22.49 -56.29 -20.62
C LEU B 373 21.63 -56.47 -21.87
N LEU B 374 22.29 -56.36 -23.03
CA LEU B 374 21.66 -56.61 -24.31
C LEU B 374 22.65 -57.39 -25.16
N ASN B 375 22.19 -58.45 -25.82
CA ASN B 375 23.08 -59.31 -26.59
C ASN B 375 23.37 -58.67 -27.94
N ARG B 376 23.92 -59.45 -28.87
CA ARG B 376 24.61 -58.93 -30.05
C ARG B 376 23.89 -57.78 -30.74
N THR B 377 22.66 -58.02 -31.22
CA THR B 377 21.86 -56.99 -31.88
C THR B 377 20.44 -57.47 -32.14
N PRO B 388 20.81 -49.48 -26.90
CA PRO B 388 20.10 -49.24 -28.16
C PRO B 388 18.70 -49.82 -28.14
N LEU B 389 17.68 -48.96 -28.02
CA LEU B 389 16.29 -49.39 -27.94
C LEU B 389 15.40 -48.15 -27.90
N ALA B 390 14.11 -48.36 -28.14
CA ALA B 390 13.13 -47.29 -28.16
C ALA B 390 12.01 -47.58 -27.15
N TYR B 391 11.34 -46.53 -26.70
CA TYR B 391 10.37 -46.64 -25.62
C TYR B 391 8.96 -46.34 -26.10
N TYR B 392 7.99 -46.67 -25.25
CA TYR B 392 6.57 -46.47 -25.51
C TYR B 392 6.15 -45.16 -24.86
N GLU B 393 5.68 -44.22 -25.66
CA GLU B 393 5.43 -42.86 -25.19
C GLU B 393 4.18 -42.84 -24.30
N ASN B 394 4.38 -42.61 -23.01
CA ASN B 394 3.25 -42.38 -22.12
C ASN B 394 2.60 -41.05 -22.48
N PRO B 395 1.30 -40.90 -22.22
CA PRO B 395 0.63 -39.62 -22.51
C PRO B 395 1.13 -38.53 -21.58
N GLU B 396 0.99 -37.29 -22.05
CA GLU B 396 1.40 -36.13 -21.27
C GLU B 396 0.20 -35.23 -21.03
N VAL B 397 0.14 -34.68 -19.82
CA VAL B 397 -0.95 -33.76 -19.48
C VAL B 397 -0.77 -32.46 -20.25
N PRO B 398 -1.79 -31.99 -20.96
CA PRO B 398 -1.59 -30.82 -21.84
C PRO B 398 -1.15 -29.58 -21.10
N GLN B 399 -1.58 -29.39 -19.86
CA GLN B 399 -1.28 -28.21 -19.04
C GLN B 399 -1.98 -27.00 -19.65
N ALA B 400 -2.59 -27.18 -20.81
CA ALA B 400 -3.54 -26.23 -21.35
C ALA B 400 -4.94 -26.50 -20.85
N ASN B 401 -5.13 -27.56 -20.07
CA ASN B 401 -6.44 -27.87 -19.51
C ASN B 401 -6.77 -27.03 -18.30
N ALA B 402 -5.82 -26.24 -17.78
CA ALA B 402 -6.13 -25.39 -16.63
C ALA B 402 -7.27 -24.45 -16.96
N TYR B 403 -7.15 -23.71 -18.06
CA TYR B 403 -8.20 -22.77 -18.41
C TYR B 403 -9.44 -23.48 -18.91
N MET B 404 -9.28 -24.66 -19.52
CA MET B 404 -10.44 -25.43 -19.95
C MET B 404 -11.32 -25.78 -18.76
N LEU B 405 -10.70 -26.36 -17.73
CA LEU B 405 -11.41 -26.74 -16.53
C LEU B 405 -11.99 -25.51 -15.83
N GLU B 406 -11.22 -24.42 -15.77
CA GLU B 406 -11.73 -23.24 -15.08
C GLU B 406 -12.91 -22.64 -15.82
N ALA B 407 -12.87 -22.63 -17.15
CA ALA B 407 -14.00 -22.13 -17.92
C ALA B 407 -15.24 -23.00 -17.69
N ALA B 408 -15.08 -24.32 -17.72
CA ALA B 408 -16.24 -25.19 -17.52
C ALA B 408 -16.83 -25.02 -16.13
N THR B 409 -15.99 -25.04 -15.10
CA THR B 409 -16.47 -24.92 -13.72
C THR B 409 -17.12 -23.55 -13.50
N SER B 410 -16.48 -22.48 -13.96
CA SER B 410 -17.07 -21.17 -13.80
C SER B 410 -18.37 -21.04 -14.57
N ALA B 411 -18.46 -21.67 -15.73
CA ALA B 411 -19.73 -21.66 -16.45
C ALA B 411 -20.82 -22.31 -15.62
N VAL B 412 -20.56 -23.49 -15.06
CA VAL B 412 -21.58 -24.14 -14.24
C VAL B 412 -21.96 -23.27 -13.06
N LYS B 413 -20.99 -22.63 -12.42
CA LYS B 413 -21.26 -21.89 -11.19
C LYS B 413 -21.80 -20.49 -11.41
N GLU B 414 -21.74 -19.93 -12.62
CA GLU B 414 -22.32 -18.60 -12.78
C GLU B 414 -23.49 -18.56 -13.76
N VAL B 415 -23.47 -19.39 -14.81
CA VAL B 415 -24.62 -19.45 -15.73
C VAL B 415 -25.88 -19.81 -14.96
N ALA B 416 -25.73 -20.68 -13.97
CA ALA B 416 -26.86 -21.03 -13.13
C ALA B 416 -27.32 -19.83 -12.30
N THR B 417 -26.46 -19.32 -11.44
CA THR B 417 -26.81 -18.22 -10.54
C THR B 417 -25.76 -17.13 -10.62
N LEU B 418 -26.21 -15.89 -10.41
CA LEU B 418 -25.37 -14.69 -10.42
C LEU B 418 -24.33 -14.69 -11.54
N ASP B 443 -31.19 -9.10 -7.70
CA ASP B 443 -31.77 -10.41 -7.46
C ASP B 443 -32.06 -10.64 -5.98
N LEU B 444 -31.06 -11.19 -5.27
CA LEU B 444 -31.16 -11.61 -3.88
C LEU B 444 -32.13 -12.77 -3.74
N GLU B 445 -32.73 -13.15 -4.87
CA GLU B 445 -33.53 -14.36 -5.07
C GLU B 445 -33.85 -14.43 -6.54
N THR B 446 -33.72 -15.61 -7.14
CA THR B 446 -33.92 -15.73 -8.58
C THR B 446 -35.36 -15.37 -8.87
N TYR B 447 -35.56 -14.19 -9.45
CA TYR B 447 -36.89 -13.60 -9.50
C TYR B 447 -37.88 -14.47 -10.27
N VAL B 448 -37.42 -15.17 -11.32
CA VAL B 448 -38.36 -15.98 -12.10
C VAL B 448 -38.84 -17.17 -11.29
N PHE B 449 -37.92 -17.87 -10.63
CA PHE B 449 -38.32 -19.00 -9.82
C PHE B 449 -39.17 -18.57 -8.63
N GLN B 450 -38.81 -17.45 -7.99
CA GLN B 450 -39.58 -16.96 -6.86
C GLN B 450 -40.98 -16.54 -7.28
N ASP B 451 -41.11 -15.84 -8.41
CA ASP B 451 -42.43 -15.45 -8.90
C ASP B 451 -43.26 -16.65 -9.27
N ASN B 452 -42.66 -17.67 -9.89
CA ASN B 452 -43.42 -18.87 -10.23
C ASN B 452 -43.88 -19.59 -8.97
N LEU B 453 -43.02 -19.68 -7.96
CA LEU B 453 -43.45 -20.26 -6.69
C LEU B 453 -44.56 -19.44 -6.06
N ALA B 454 -44.50 -18.11 -6.17
CA ALA B 454 -45.56 -17.28 -5.63
C ALA B 454 -46.89 -17.54 -6.33
N THR B 455 -46.85 -17.65 -7.67
CA THR B 455 -48.09 -17.91 -8.40
C THR B 455 -48.65 -19.28 -8.05
N ALA B 456 -47.79 -20.28 -7.92
CA ALA B 456 -48.27 -21.60 -7.52
C ALA B 456 -48.83 -21.57 -6.10
N MET B 457 -48.19 -20.84 -5.19
CA MET B 457 -48.72 -20.73 -3.83
C MET B 457 -50.05 -20.01 -3.81
N ARG B 458 -50.26 -19.04 -4.71
CA ARG B 458 -51.57 -18.42 -4.81
C ARG B 458 -52.62 -19.41 -5.28
N ARG B 459 -52.28 -20.27 -6.24
CA ARG B 459 -53.21 -21.33 -6.62
C ARG B 459 -53.50 -22.25 -5.45
N ASP B 460 -52.47 -22.57 -4.67
CA ASP B 460 -52.68 -23.36 -3.46
C ASP B 460 -53.63 -22.66 -2.51
N GLY B 461 -53.50 -21.34 -2.41
CA GLY B 461 -54.43 -20.59 -1.58
C GLY B 461 -55.86 -20.70 -2.06
N GLU B 462 -56.07 -20.60 -3.38
CA GLU B 462 -57.44 -20.73 -3.88
C GLU B 462 -58.01 -22.11 -3.61
N ILE B 463 -57.22 -23.15 -3.84
CA ILE B 463 -57.71 -24.51 -3.60
C ILE B 463 -58.03 -24.71 -2.13
N TYR B 464 -57.13 -24.26 -1.26
CA TYR B 464 -57.34 -24.39 0.17
C TYR B 464 -58.57 -23.62 0.62
N GLN B 465 -58.77 -22.42 0.08
CA GLN B 465 -59.95 -21.65 0.46
C GLN B 465 -61.24 -22.32 0.01
N SER B 466 -61.24 -22.90 -1.20
CA SER B 466 -62.45 -23.59 -1.64
C SER B 466 -62.75 -24.78 -0.75
N ILE B 467 -61.72 -25.55 -0.40
CA ILE B 467 -61.97 -26.70 0.45
C ILE B 467 -62.43 -26.26 1.84
N VAL B 468 -61.83 -25.21 2.39
CA VAL B 468 -62.27 -24.67 3.67
C VAL B 468 -63.72 -24.22 3.58
N ASN B 469 -64.08 -23.54 2.52
CA ASN B 469 -65.46 -23.11 2.34
C ASN B 469 -66.42 -24.29 2.29
N ASP B 470 -65.96 -25.43 1.79
CA ASP B 470 -66.86 -26.55 1.56
C ASP B 470 -66.87 -27.61 2.67
N ILE B 471 -65.91 -27.60 3.60
CA ILE B 471 -65.85 -28.60 4.66
C ILE B 471 -66.06 -27.98 6.04
N TYR B 472 -65.52 -26.78 6.26
CA TYR B 472 -65.63 -26.13 7.56
C TYR B 472 -67.02 -25.54 7.77
N ASP B 473 -68.02 -26.41 7.85
CA ASP B 473 -69.41 -25.99 8.03
C ASP B 473 -69.89 -26.25 9.45
N VAL B 474 -69.74 -27.48 9.93
CA VAL B 474 -70.18 -27.88 11.26
C VAL B 474 -69.45 -27.01 12.29
N PRO B 475 -70.11 -26.56 13.37
CA PRO B 475 -69.39 -25.81 14.41
C PRO B 475 -68.21 -26.57 14.97
N ARG B 476 -67.01 -26.06 14.75
CA ARG B 476 -65.79 -26.73 15.14
C ARG B 476 -64.93 -25.79 15.98
N ASN B 477 -63.82 -26.33 16.47
CA ASN B 477 -62.78 -25.56 17.12
C ASN B 477 -61.50 -25.69 16.30
N VAL B 478 -60.86 -24.57 16.00
CA VAL B 478 -59.65 -24.55 15.20
C VAL B 478 -58.57 -23.78 15.94
N THR B 479 -57.34 -23.94 15.49
CA THR B 479 -56.20 -23.19 15.99
C THR B 479 -55.72 -22.24 14.91
N ILE B 480 -55.39 -21.02 15.30
CA ILE B 480 -54.97 -19.97 14.38
C ILE B 480 -53.56 -19.55 14.75
N THR B 481 -52.69 -19.44 13.75
CA THR B 481 -51.34 -18.93 13.95
C THR B 481 -51.28 -17.53 13.38
N LEU B 482 -51.46 -16.54 14.25
CA LEU B 482 -51.29 -15.15 13.84
C LEU B 482 -49.83 -14.89 13.50
N GLU B 483 -49.54 -13.67 13.08
CA GLU B 483 -48.17 -13.29 12.84
C GLU B 483 -47.37 -13.34 14.15
N ASP B 484 -46.05 -13.30 14.01
CA ASP B 484 -45.13 -13.42 15.14
C ASP B 484 -45.31 -14.76 15.85
N GLY B 485 -45.72 -15.79 15.12
CA GLY B 485 -45.86 -17.13 15.66
C GLY B 485 -46.79 -17.28 16.84
N SER B 486 -47.55 -16.25 17.20
CA SER B 486 -48.39 -16.29 18.38
C SER B 486 -49.61 -17.17 18.10
N GLU B 487 -49.58 -18.39 18.60
CA GLU B 487 -50.72 -19.29 18.43
C GLU B 487 -51.93 -18.74 19.16
N LYS B 488 -53.10 -19.20 18.74
CA LYS B 488 -54.35 -18.75 19.35
C LYS B 488 -55.42 -19.79 19.08
N ASP B 489 -56.36 -19.91 20.02
CA ASP B 489 -57.49 -20.80 19.91
C ASP B 489 -58.74 -20.00 19.58
N VAL B 490 -59.49 -20.45 18.59
CA VAL B 490 -60.66 -19.73 18.11
C VAL B 490 -61.73 -20.74 17.71
N GLN B 491 -62.97 -20.45 18.07
CA GLN B 491 -64.11 -21.23 17.61
C GLN B 491 -64.65 -20.64 16.30
N LEU B 492 -65.22 -21.50 15.46
CA LEU B 492 -65.60 -21.06 14.12
C LEU B 492 -66.98 -20.42 14.10
N MET B 493 -68.00 -21.12 14.59
CA MET B 493 -69.34 -20.52 14.58
C MET B 493 -69.51 -19.53 15.73
N ALA B 494 -69.34 -20.00 16.97
CA ALA B 494 -69.52 -19.16 18.16
C ALA B 494 -70.93 -18.57 18.19
N GLU B 495 -71.89 -19.48 18.32
CA GLU B 495 -73.32 -19.18 18.18
C GLU B 495 -73.85 -18.24 19.25
N VAL B 496 -72.99 -17.72 20.14
CA VAL B 496 -73.44 -16.88 21.25
C VAL B 496 -74.30 -15.74 20.74
N VAL B 497 -75.42 -15.50 21.39
CA VAL B 497 -76.34 -14.41 21.06
C VAL B 497 -75.86 -13.15 21.74
N ASP B 498 -76.03 -12.01 21.06
CA ASP B 498 -75.50 -10.76 21.55
C ASP B 498 -76.18 -10.31 22.84
N LEU B 499 -75.53 -9.38 23.53
CA LEU B 499 -76.06 -8.85 24.78
C LEU B 499 -76.86 -7.57 24.56
N ALA B 500 -76.22 -6.54 24.00
CA ALA B 500 -76.85 -5.25 23.79
C ALA B 500 -77.46 -5.09 22.40
N THR B 501 -77.37 -6.10 21.54
CA THR B 501 -77.91 -6.03 20.19
C THR B 501 -79.25 -6.74 20.06
N GLY B 502 -79.31 -8.01 20.43
CA GLY B 502 -80.53 -8.78 20.35
C GLY B 502 -80.64 -9.70 19.16
N GLU B 503 -79.66 -9.72 18.26
CA GLU B 503 -79.65 -10.59 17.09
C GLU B 503 -78.74 -11.78 17.35
N LYS B 504 -78.77 -12.72 16.39
CA LYS B 504 -77.95 -13.93 16.52
C LYS B 504 -76.48 -13.61 16.33
N GLN B 505 -76.11 -13.13 15.13
CA GLN B 505 -74.78 -12.61 14.85
C GLN B 505 -73.69 -13.64 15.15
N VAL B 506 -73.68 -14.70 14.34
CA VAL B 506 -72.58 -15.66 14.40
C VAL B 506 -71.27 -14.92 14.19
N LEU B 507 -70.24 -15.32 14.94
CA LEU B 507 -69.06 -14.48 15.08
C LEU B 507 -68.17 -14.53 13.85
N ASN B 508 -67.64 -15.72 13.51
CA ASN B 508 -66.62 -15.81 12.48
C ASN B 508 -67.20 -16.19 11.12
N ASP B 509 -67.83 -17.35 11.01
CA ASP B 509 -68.58 -17.74 9.81
C ASP B 509 -67.68 -17.68 8.57
N ILE B 510 -66.71 -18.59 8.55
CA ILE B 510 -65.66 -18.60 7.52
C ILE B 510 -66.24 -18.64 6.11
N ARG B 511 -67.34 -19.37 5.91
CA ARG B 511 -67.88 -19.57 4.58
C ARG B 511 -68.15 -18.23 3.90
N GLY B 512 -67.69 -18.12 2.66
CA GLY B 512 -67.86 -16.90 1.88
C GLY B 512 -67.27 -17.02 0.49
N ARG B 513 -66.61 -15.97 0.03
CA ARG B 513 -65.91 -16.01 -1.26
C ARG B 513 -64.74 -15.06 -1.16
N TYR B 514 -63.52 -15.61 -1.17
CA TYR B 514 -62.31 -14.83 -1.04
C TYR B 514 -61.39 -15.12 -2.22
N GLU B 515 -60.59 -14.13 -2.60
CA GLU B 515 -59.56 -14.29 -3.60
C GLU B 515 -58.20 -14.06 -2.96
N CYS B 516 -57.22 -14.86 -3.34
CA CYS B 516 -55.90 -14.81 -2.73
C CYS B 516 -55.01 -13.81 -3.43
N TYR B 517 -54.13 -13.18 -2.66
CA TYR B 517 -53.10 -12.33 -3.22
C TYR B 517 -51.90 -12.34 -2.29
N THR B 518 -50.73 -12.66 -2.82
CA THR B 518 -49.53 -12.85 -2.02
C THR B 518 -48.66 -11.60 -2.05
N ASP B 519 -47.99 -11.33 -0.94
CA ASP B 519 -47.07 -10.20 -0.82
C ASP B 519 -45.68 -10.76 -0.57
N VAL B 520 -44.97 -11.11 -1.65
CA VAL B 520 -43.61 -11.58 -1.54
C VAL B 520 -42.69 -10.41 -1.22
N GLY B 521 -41.82 -10.58 -0.24
CA GLY B 521 -40.89 -9.53 0.11
C GLY B 521 -40.35 -9.66 1.51
N PRO B 522 -40.44 -8.58 2.28
CA PRO B 522 -39.84 -8.56 3.63
C PRO B 522 -40.55 -9.52 4.57
N SER B 523 -39.81 -10.49 5.09
CA SER B 523 -40.34 -11.38 6.10
C SER B 523 -40.59 -10.62 7.40
N PHE B 524 -41.48 -11.16 8.22
CA PHE B 524 -41.87 -10.45 9.44
C PHE B 524 -40.69 -10.24 10.38
N GLN B 525 -39.85 -11.26 10.53
CA GLN B 525 -38.67 -11.10 11.38
C GLN B 525 -37.73 -10.05 10.80
N SER B 526 -37.55 -10.04 9.48
CA SER B 526 -36.73 -9.00 8.87
C SER B 526 -37.36 -7.63 9.05
N MET B 527 -38.68 -7.55 8.95
CA MET B 527 -39.36 -6.28 9.19
C MET B 527 -39.08 -5.78 10.60
N LYS B 528 -39.17 -6.68 11.59
CA LYS B 528 -38.93 -6.29 12.97
C LYS B 528 -37.47 -5.90 13.19
N GLN B 529 -36.53 -6.61 12.56
CA GLN B 529 -35.13 -6.25 12.73
C GLN B 529 -34.84 -4.87 12.14
N GLN B 530 -35.39 -4.58 10.97
CA GLN B 530 -35.21 -3.25 10.40
C GLN B 530 -35.86 -2.18 11.28
N ASN B 531 -37.03 -2.50 11.86
CA ASN B 531 -37.67 -1.56 12.76
C ASN B 531 -36.81 -1.27 13.99
N ARG B 532 -36.21 -2.31 14.56
CA ARG B 532 -35.33 -2.11 15.70
C ARG B 532 -34.13 -1.26 15.30
N ALA B 533 -33.58 -1.48 14.11
CA ALA B 533 -32.47 -0.67 13.65
C ALA B 533 -32.86 0.80 13.54
N GLU B 534 -34.04 1.07 12.99
CA GLU B 534 -34.48 2.45 12.83
C GLU B 534 -34.73 3.11 14.18
N ILE B 535 -35.36 2.39 15.12
CA ILE B 535 -35.61 2.94 16.44
C ILE B 535 -34.30 3.22 17.16
N LEU B 536 -33.33 2.32 17.03
CA LEU B 536 -32.03 2.55 17.65
C LEU B 536 -31.34 3.77 17.04
N GLU B 537 -31.46 3.95 15.73
CA GLU B 537 -30.88 5.13 15.11
C GLU B 537 -31.51 6.41 15.66
N LEU B 538 -32.84 6.43 15.78
CA LEU B 538 -33.49 7.61 16.35
C LEU B 538 -33.06 7.84 17.79
N LEU B 539 -32.93 6.78 18.57
CA LEU B 539 -32.41 6.92 19.92
C LEU B 539 -31.02 7.55 19.91
N GLY B 540 -30.23 7.22 18.90
CA GLY B 540 -28.93 7.87 18.75
C GLY B 540 -29.03 9.32 18.35
N LYS B 541 -30.12 9.71 17.69
CA LYS B 541 -30.25 11.06 17.17
C LYS B 541 -31.43 11.82 17.76
N THR B 542 -31.59 11.79 19.08
CA THR B 542 -32.68 12.49 19.74
C THR B 542 -32.23 12.95 21.12
N PRO B 543 -32.48 14.21 21.50
CA PRO B 543 -32.11 14.64 22.85
C PRO B 543 -32.89 13.88 23.90
N GLN B 544 -32.24 13.67 25.05
CA GLN B 544 -32.77 12.83 26.11
C GLN B 544 -33.80 13.57 26.96
N GLY B 545 -34.49 12.81 27.79
CA GLY B 545 -35.46 13.39 28.71
C GLY B 545 -36.82 13.64 28.12
N THR B 546 -36.86 14.10 26.87
CA THR B 546 -38.13 14.43 26.24
C THR B 546 -39.00 13.18 26.12
N PRO B 547 -40.33 13.34 26.15
CA PRO B 547 -41.21 12.17 26.05
C PRO B 547 -41.02 11.38 24.76
N GLU B 548 -40.54 12.02 23.68
CA GLU B 548 -40.26 11.27 22.47
C GLU B 548 -39.16 10.24 22.71
N TYR B 549 -38.10 10.63 23.41
CA TYR B 549 -37.01 9.70 23.69
C TYR B 549 -37.50 8.55 24.55
N GLN B 550 -38.28 8.85 25.58
CA GLN B 550 -38.80 7.78 26.42
C GLN B 550 -39.69 6.84 25.63
N LEU B 551 -40.56 7.39 24.78
CA LEU B 551 -41.44 6.54 23.99
C LEU B 551 -40.64 5.66 23.04
N LEU B 552 -39.60 6.22 22.42
CA LEU B 552 -38.74 5.43 21.54
C LEU B 552 -38.06 4.31 22.30
N LEU B 553 -37.55 4.60 23.50
CA LEU B 553 -36.86 3.58 24.27
C LEU B 553 -37.80 2.46 24.68
N LEU B 554 -39.01 2.81 25.14
CA LEU B 554 -39.99 1.79 25.48
C LEU B 554 -40.42 0.98 24.27
N GLN B 555 -40.57 1.62 23.11
CA GLN B 555 -40.93 0.86 21.92
C GLN B 555 -39.81 -0.09 21.50
N TYR B 556 -38.56 0.35 21.66
CA TYR B 556 -37.44 -0.56 21.41
C TYR B 556 -37.48 -1.73 22.36
N PHE B 557 -37.82 -1.48 23.62
CA PHE B 557 -37.99 -2.58 24.57
C PHE B 557 -39.05 -3.56 24.09
N THR B 558 -40.17 -3.03 23.59
CA THR B 558 -41.27 -3.90 23.17
C THR B 558 -40.89 -4.79 22.00
N LEU B 559 -39.90 -4.38 21.20
CA LEU B 559 -39.53 -5.11 20.00
C LEU B 559 -38.42 -6.12 20.23
N LEU B 560 -38.09 -6.43 21.48
CA LEU B 560 -36.98 -7.33 21.75
C LEU B 560 -37.42 -8.78 21.52
N ASP B 561 -36.54 -9.71 21.87
CA ASP B 561 -36.78 -11.14 21.67
C ASP B 561 -37.47 -11.71 22.91
N GLY B 562 -37.49 -13.04 23.04
CA GLY B 562 -38.41 -13.69 23.94
C GLY B 562 -37.94 -13.94 25.36
N LYS B 563 -37.57 -15.18 25.66
CA LYS B 563 -37.43 -15.64 27.04
C LYS B 563 -36.50 -14.77 27.88
N GLY B 564 -35.38 -14.36 27.30
CA GLY B 564 -34.36 -13.65 28.06
C GLY B 564 -34.80 -12.34 28.66
N VAL B 565 -35.48 -11.50 27.88
CA VAL B 565 -35.79 -10.15 28.32
C VAL B 565 -37.30 -9.96 28.41
N GLU B 566 -38.01 -11.03 28.77
CA GLU B 566 -39.46 -10.94 28.92
C GLU B 566 -39.85 -9.89 29.96
N MET B 567 -39.08 -9.80 31.03
CA MET B 567 -39.41 -8.85 32.09
C MET B 567 -39.32 -7.41 31.60
N MET B 568 -38.31 -7.09 30.79
CA MET B 568 -38.23 -5.74 30.24
C MET B 568 -39.38 -5.44 29.29
N ARG B 569 -39.77 -6.42 28.47
CA ARG B 569 -40.90 -6.19 27.57
C ARG B 569 -42.19 -5.96 28.36
N ASP B 570 -42.40 -6.74 29.42
CA ASP B 570 -43.59 -6.55 30.25
C ASP B 570 -43.57 -5.19 30.93
N TYR B 571 -42.41 -4.77 31.44
CA TYR B 571 -42.30 -3.45 32.04
C TYR B 571 -42.60 -2.36 31.01
N ALA B 572 -42.10 -2.54 29.78
CA ALA B 572 -42.35 -1.56 28.74
C ALA B 572 -43.83 -1.47 28.41
N ASN B 573 -44.52 -2.62 28.33
CA ASN B 573 -45.96 -2.57 28.09
C ASN B 573 -46.68 -1.86 29.22
N LYS B 574 -46.30 -2.14 30.47
CA LYS B 574 -46.93 -1.47 31.59
C LYS B 574 -46.72 0.03 31.53
N GLN B 575 -45.49 0.46 31.23
CA GLN B 575 -45.19 1.88 31.23
C GLN B 575 -45.87 2.58 30.06
N LEU B 576 -45.94 1.94 28.89
CA LEU B 576 -46.67 2.51 27.76
C LEU B 576 -48.15 2.65 28.06
N ILE B 577 -48.74 1.62 28.67
CA ILE B 577 -50.17 1.66 28.93
C ILE B 577 -50.49 2.73 29.99
N GLN B 578 -49.68 2.80 31.04
CA GLN B 578 -49.87 3.84 32.05
C GLN B 578 -49.52 5.22 31.53
N MET B 579 -48.74 5.31 30.46
CA MET B 579 -48.51 6.59 29.81
C MET B 579 -49.73 7.04 29.01
N GLY B 580 -50.52 6.08 28.53
CA GLY B 580 -51.69 6.38 27.75
C GLY B 580 -51.50 6.32 26.26
N VAL B 581 -50.33 5.89 25.79
CA VAL B 581 -50.06 5.87 24.35
C VAL B 581 -50.56 4.58 23.73
N LYS B 582 -50.23 3.45 24.33
CA LYS B 582 -50.71 2.15 23.88
C LYS B 582 -52.03 1.82 24.56
N LYS B 583 -52.99 1.38 23.76
CA LYS B 583 -54.31 1.06 24.29
C LYS B 583 -54.24 -0.20 25.16
N PRO B 584 -55.01 -0.24 26.24
CA PRO B 584 -55.06 -1.45 27.07
C PRO B 584 -55.77 -2.58 26.35
N GLU B 585 -55.42 -3.82 26.72
CA GLU B 585 -55.98 -5.00 26.08
C GLU B 585 -56.57 -6.01 27.04
N THR B 586 -56.56 -5.74 28.34
CA THR B 586 -57.09 -6.66 29.34
C THR B 586 -57.35 -5.89 30.62
N PRO B 587 -58.32 -6.32 31.43
CA PRO B 587 -58.74 -5.48 32.58
C PRO B 587 -57.65 -5.15 33.58
N GLU B 588 -56.62 -6.00 33.72
CA GLU B 588 -55.52 -5.62 34.61
C GLU B 588 -54.79 -4.39 34.07
N GLU B 589 -54.62 -4.33 32.75
CA GLU B 589 -54.03 -3.14 32.14
C GLU B 589 -54.93 -1.92 32.34
N GLN B 590 -56.24 -2.11 32.27
CA GLN B 590 -57.17 -1.01 32.53
C GLN B 590 -57.02 -0.51 33.96
N GLN B 591 -56.91 -1.44 34.92
CA GLN B 591 -56.70 -1.04 36.30
C GLN B 591 -55.39 -0.28 36.46
N TRP B 592 -54.34 -0.74 35.77
CA TRP B 592 -53.08 -0.02 35.82
C TRP B 592 -53.22 1.38 35.26
N LEU B 593 -53.94 1.52 34.15
CA LEU B 593 -54.13 2.83 33.53
C LEU B 593 -54.86 3.78 34.46
N VAL B 594 -55.96 3.31 35.07
CA VAL B 594 -56.72 4.19 35.96
C VAL B 594 -55.93 4.49 37.22
N GLU B 595 -55.15 3.54 37.72
CA GLU B 595 -54.31 3.79 38.89
C GLU B 595 -53.28 4.87 38.59
N ALA B 596 -52.64 4.78 37.43
CA ALA B 596 -51.66 5.80 37.06
C ALA B 596 -52.32 7.16 36.86
N GLN B 597 -53.48 7.18 36.20
CA GLN B 597 -54.12 8.46 35.89
C GLN B 597 -54.62 9.16 37.16
N GLN B 598 -55.32 8.43 38.01
CA GLN B 598 -55.85 9.02 39.24
C GLN B 598 -54.77 9.32 40.26
N ALA B 599 -53.57 8.80 40.08
CA ALA B 599 -52.48 9.03 41.03
C ALA B 599 -52.09 10.51 41.08
N ASN C 6 -47.57 -70.95 8.06
CA ASN C 6 -47.80 -70.11 6.89
C ASN C 6 -47.49 -68.66 7.18
N ARG C 7 -47.56 -68.28 8.46
CA ARG C 7 -47.29 -66.90 8.85
C ARG C 7 -45.88 -66.50 8.48
N LEU C 8 -44.91 -67.37 8.74
CA LEU C 8 -43.53 -67.05 8.40
C LEU C 8 -43.35 -66.89 6.91
N GLU C 9 -44.11 -67.63 6.10
CA GLU C 9 -43.99 -67.45 4.66
C GLU C 9 -44.45 -66.07 4.23
N SER C 10 -45.53 -65.55 4.84
CA SER C 10 -45.93 -64.18 4.57
C SER C 10 -44.88 -63.18 5.04
N ILE C 11 -44.32 -63.41 6.23
CA ILE C 11 -43.30 -62.49 6.75
C ILE C 11 -42.11 -62.44 5.81
N LEU C 12 -41.63 -63.61 5.38
CA LEU C 12 -40.48 -63.65 4.49
C LEU C 12 -40.81 -63.12 3.12
N SER C 13 -42.04 -63.29 2.64
CA SER C 13 -42.42 -62.68 1.38
C SER C 13 -42.31 -61.16 1.46
N ARG C 14 -42.84 -60.57 2.54
CA ARG C 14 -42.74 -59.12 2.69
C ARG C 14 -41.29 -58.68 2.83
N PHE C 15 -40.51 -59.41 3.61
CA PHE C 15 -39.11 -59.02 3.82
C PHE C 15 -38.31 -59.12 2.54
N ASP C 16 -38.53 -60.18 1.76
CA ASP C 16 -37.81 -60.32 0.49
C ASP C 16 -38.22 -59.25 -0.49
N ALA C 17 -39.51 -58.89 -0.52
CA ALA C 17 -39.94 -57.81 -1.40
C ALA C 17 -39.24 -56.51 -1.02
N ASP C 18 -39.19 -56.20 0.27
CA ASP C 18 -38.51 -54.98 0.71
C ASP C 18 -37.03 -55.01 0.35
N TRP C 19 -36.39 -56.16 0.57
CA TRP C 19 -34.97 -56.30 0.29
C TRP C 19 -34.67 -56.08 -1.19
N THR C 20 -35.38 -56.78 -2.06
CA THR C 20 -35.12 -56.66 -3.49
C THR C 20 -35.49 -55.28 -4.01
N ALA C 21 -36.49 -54.63 -3.40
CA ALA C 21 -36.84 -53.30 -3.86
C ALA C 21 -35.80 -52.26 -3.46
N SER C 22 -35.16 -52.42 -2.30
CA SER C 22 -34.15 -51.45 -1.87
C SER C 22 -32.73 -51.92 -2.13
N ASP C 23 -32.55 -52.99 -2.91
CA ASP C 23 -31.23 -53.55 -3.12
C ASP C 23 -30.25 -52.54 -3.73
N GLU C 24 -30.68 -51.79 -4.74
CA GLU C 24 -29.74 -50.90 -5.41
C GLU C 24 -29.26 -49.80 -4.47
N ALA C 25 -30.19 -49.16 -3.75
CA ALA C 25 -29.82 -48.11 -2.81
C ALA C 25 -28.95 -48.66 -1.69
N ARG C 26 -29.28 -49.85 -1.19
CA ARG C 26 -28.46 -50.43 -0.14
C ARG C 26 -27.05 -50.75 -0.63
N ARG C 27 -26.93 -51.24 -1.87
CA ARG C 27 -25.61 -51.52 -2.43
C ARG C 27 -24.77 -50.26 -2.50
N GLU C 28 -25.34 -49.19 -3.07
CA GLU C 28 -24.56 -47.97 -3.20
C GLU C 28 -24.22 -47.37 -1.84
N ALA C 29 -25.14 -47.44 -0.88
CA ALA C 29 -24.85 -46.91 0.45
C ALA C 29 -23.77 -47.72 1.15
N LYS C 30 -23.81 -49.05 1.04
CA LYS C 30 -22.75 -49.85 1.64
C LYS C 30 -21.41 -49.56 0.99
N ASN C 31 -21.38 -49.36 -0.32
CA ASN C 31 -20.14 -48.99 -0.97
C ASN C 31 -19.63 -47.66 -0.45
N ASP C 32 -20.53 -46.69 -0.26
CA ASP C 32 -20.16 -45.39 0.28
C ASP C 32 -19.55 -45.53 1.67
N LEU C 33 -20.22 -46.27 2.54
CA LEU C 33 -19.74 -46.44 3.90
C LEU C 33 -18.39 -47.13 3.92
N PHE C 34 -18.23 -48.18 3.10
CA PHE C 34 -16.97 -48.89 3.05
C PHE C 34 -15.86 -48.01 2.50
N PHE C 35 -16.18 -47.13 1.56
CA PHE C 35 -15.18 -46.19 1.06
C PHE C 35 -14.78 -45.20 2.13
N SER C 36 -15.72 -44.74 2.95
CA SER C 36 -15.45 -43.71 3.93
C SER C 36 -14.96 -44.24 5.26
N ARG C 37 -14.78 -45.55 5.40
CA ARG C 37 -14.34 -46.10 6.67
C ARG C 37 -13.27 -47.19 6.58
N VAL C 38 -13.01 -47.76 5.40
CA VAL C 38 -12.08 -48.87 5.32
C VAL C 38 -10.94 -48.55 4.36
N SER C 39 -11.25 -48.34 3.09
CA SER C 39 -10.20 -48.13 2.09
C SER C 39 -10.79 -47.38 0.91
N GLN C 40 -10.08 -46.33 0.46
CA GLN C 40 -10.57 -45.52 -0.65
C GLN C 40 -10.54 -46.28 -1.96
N TRP C 41 -9.73 -47.33 -2.06
CA TRP C 41 -9.47 -48.01 -3.33
C TRP C 41 -10.45 -49.16 -3.48
N ASP C 42 -11.61 -48.89 -4.08
CA ASP C 42 -12.57 -49.94 -4.38
C ASP C 42 -11.96 -50.94 -5.36
N ASP C 43 -12.65 -52.06 -5.58
CA ASP C 43 -12.07 -53.09 -6.44
C ASP C 43 -12.07 -52.66 -7.90
N TRP C 44 -13.10 -51.95 -8.34
CA TRP C 44 -13.11 -51.41 -9.69
C TRP C 44 -11.84 -50.61 -9.97
N LEU C 45 -11.51 -49.69 -9.06
CA LEU C 45 -10.31 -48.88 -9.26
C LEU C 45 -9.06 -49.73 -9.27
N SER C 46 -8.99 -50.75 -8.40
CA SER C 46 -7.83 -51.62 -8.41
C SER C 46 -7.70 -52.42 -9.68
N GLN C 47 -8.81 -52.64 -10.40
CA GLN C 47 -8.70 -53.34 -11.67
C GLN C 47 -8.25 -52.41 -12.79
N TYR C 48 -8.89 -51.24 -12.91
CA TYR C 48 -8.41 -50.21 -13.84
C TYR C 48 -7.38 -49.36 -13.11
N THR C 49 -6.16 -49.87 -13.07
CA THR C 49 -4.99 -49.15 -12.61
C THR C 49 -3.81 -50.10 -12.77
N THR C 50 -2.62 -49.53 -12.68
CA THR C 50 -1.43 -50.37 -12.66
C THR C 50 -0.47 -49.87 -11.59
N LEU C 51 -0.77 -48.73 -10.97
CA LEU C 51 0.03 -48.18 -9.88
C LEU C 51 0.36 -49.26 -8.86
N GLN C 52 1.58 -49.22 -8.35
CA GLN C 52 2.02 -50.21 -7.38
C GLN C 52 1.97 -49.72 -5.95
N TYR C 53 2.06 -48.41 -5.71
CA TYR C 53 1.95 -47.87 -4.36
C TYR C 53 0.54 -47.29 -4.21
N ARG C 54 -0.38 -48.13 -3.80
CA ARG C 54 -1.75 -47.70 -3.58
C ARG C 54 -1.84 -47.03 -2.21
N GLY C 55 -2.04 -45.70 -2.22
CA GLY C 55 -2.08 -44.93 -1.00
C GLY C 55 -3.45 -44.30 -0.80
N GLN C 56 -3.63 -43.71 0.38
CA GLN C 56 -4.88 -43.03 0.73
C GLN C 56 -4.54 -41.70 1.39
N PHE C 57 -4.42 -40.66 0.56
CA PHE C 57 -4.21 -39.31 1.07
C PHE C 57 -5.53 -38.54 1.02
N ASP C 58 -6.43 -38.91 1.92
CA ASP C 58 -7.82 -38.47 1.81
C ASP C 58 -8.04 -37.10 2.43
N VAL C 59 -9.05 -36.41 1.93
CA VAL C 59 -9.50 -35.16 2.52
C VAL C 59 -11.01 -35.20 2.70
N VAL C 60 -11.57 -36.41 2.77
CA VAL C 60 -13.01 -36.55 2.98
C VAL C 60 -13.35 -36.38 4.45
N ARG C 61 -12.66 -37.10 5.32
CA ARG C 61 -12.96 -37.02 6.75
C ARG C 61 -12.88 -35.62 7.33
N PRO C 62 -11.94 -34.74 6.95
CA PRO C 62 -12.06 -33.35 7.38
C PRO C 62 -13.39 -32.72 7.00
N VAL C 63 -13.91 -33.01 5.81
CA VAL C 63 -15.19 -32.44 5.41
C VAL C 63 -16.32 -33.00 6.25
N VAL C 64 -16.34 -34.31 6.46
CA VAL C 64 -17.39 -34.90 7.27
C VAL C 64 -17.34 -34.38 8.69
N ARG C 65 -16.14 -34.20 9.23
CA ARG C 65 -16.00 -33.64 10.56
C ARG C 65 -16.54 -32.22 10.62
N LYS C 66 -16.24 -31.41 9.61
CA LYS C 66 -16.76 -30.05 9.60
C LYS C 66 -18.28 -30.05 9.56
N LEU C 67 -18.88 -30.92 8.74
CA LEU C 67 -20.34 -30.96 8.67
C LEU C 67 -20.96 -31.40 10.00
N VAL C 68 -20.40 -32.42 10.63
CA VAL C 68 -20.94 -32.88 11.90
C VAL C 68 -20.81 -31.78 12.95
N SER C 69 -19.69 -31.07 12.97
CA SER C 69 -19.53 -29.98 13.93
C SER C 69 -20.55 -28.89 13.67
N GLU C 70 -20.79 -28.55 12.40
CA GLU C 70 -21.78 -27.52 12.09
C GLU C 70 -23.16 -27.93 12.57
N MET C 71 -23.53 -29.20 12.40
CA MET C 71 -24.80 -29.65 12.96
C MET C 71 -24.82 -29.56 14.47
N ARG C 72 -23.73 -29.96 15.12
CA ARG C 72 -23.67 -29.94 16.58
C ARG C 72 -23.81 -28.54 17.13
N GLN C 73 -23.39 -27.53 16.38
CA GLN C 73 -23.47 -26.15 16.85
C GLN C 73 -24.82 -25.49 16.60
N ASN C 74 -25.77 -26.20 16.00
CA ASN C 74 -27.12 -25.68 15.77
C ASN C 74 -28.13 -26.67 16.31
N PRO C 75 -28.25 -26.78 17.63
CA PRO C 75 -29.06 -27.85 18.22
C PRO C 75 -30.54 -27.69 17.91
N ILE C 76 -31.22 -28.82 17.82
CA ILE C 76 -32.63 -28.87 17.45
C ILE C 76 -33.44 -29.22 18.69
N ASP C 77 -34.45 -28.41 18.99
CA ASP C 77 -35.35 -28.67 20.10
C ASP C 77 -36.64 -29.26 19.58
N VAL C 78 -37.33 -29.98 20.47
CA VAL C 78 -38.64 -30.54 20.15
C VAL C 78 -39.65 -29.95 21.11
N LEU C 79 -40.75 -29.46 20.57
CA LEU C 79 -41.82 -28.84 21.33
C LEU C 79 -43.03 -29.77 21.32
N TYR C 80 -44.12 -29.31 21.92
CA TYR C 80 -45.35 -30.12 21.94
C TYR C 80 -46.56 -29.21 21.93
N ARG C 81 -47.33 -29.28 20.86
CA ARG C 81 -48.61 -28.58 20.81
C ARG C 81 -49.61 -29.31 21.69
N PRO C 82 -50.23 -28.65 22.67
CA PRO C 82 -51.28 -29.31 23.46
C PRO C 82 -52.57 -29.38 22.67
N LYS C 83 -53.09 -30.58 22.49
CA LYS C 83 -54.29 -30.80 21.70
C LYS C 83 -55.42 -31.33 22.57
N ASP C 84 -56.63 -31.21 22.06
CA ASP C 84 -57.84 -31.70 22.71
C ASP C 84 -57.96 -31.16 24.14
N GLY C 85 -57.69 -29.86 24.27
CA GLY C 85 -57.88 -29.17 25.53
C GLY C 85 -56.93 -29.56 26.64
N ALA C 86 -55.79 -30.17 26.32
CA ALA C 86 -54.80 -30.47 27.33
C ALA C 86 -54.17 -29.18 27.86
N ARG C 87 -53.89 -29.17 29.15
CA ARG C 87 -53.37 -27.97 29.79
C ARG C 87 -51.95 -27.68 29.29
N PRO C 88 -51.58 -26.41 29.22
CA PRO C 88 -50.20 -26.08 28.83
C PRO C 88 -49.16 -26.60 29.79
N ASP C 89 -49.51 -26.82 31.07
CA ASP C 89 -48.52 -27.34 32.01
C ASP C 89 -48.12 -28.77 31.68
N ALA C 90 -49.07 -29.60 31.22
CA ALA C 90 -48.70 -30.93 30.78
C ALA C 90 -47.77 -30.86 29.56
N ALA C 91 -48.03 -29.94 28.65
CA ALA C 91 -47.14 -29.75 27.51
C ALA C 91 -45.75 -29.36 27.98
N ASP C 92 -45.65 -28.46 28.95
CA ASP C 92 -44.34 -28.08 29.47
C ASP C 92 -43.64 -29.26 30.13
N VAL C 93 -44.40 -30.09 30.84
CA VAL C 93 -43.79 -31.26 31.49
C VAL C 93 -43.23 -32.21 30.43
N LEU C 94 -43.99 -32.47 29.37
CA LEU C 94 -43.44 -33.33 28.31
C LEU C 94 -42.25 -32.69 27.62
N MET C 95 -42.30 -31.39 27.37
CA MET C 95 -41.15 -30.72 26.75
C MET C 95 -39.90 -30.92 27.59
N GLY C 96 -39.97 -30.65 28.90
CA GLY C 96 -38.82 -30.86 29.75
C GLY C 96 -38.42 -32.32 29.86
N MET C 97 -39.40 -33.20 29.89
CA MET C 97 -39.11 -34.63 30.03
C MET C 97 -38.38 -35.16 28.80
N TYR C 98 -38.82 -34.76 27.62
CA TYR C 98 -38.09 -35.11 26.41
C TYR C 98 -36.70 -34.49 26.41
N ARG C 99 -36.58 -33.26 26.91
CA ARG C 99 -35.26 -32.65 26.96
C ARG C 99 -34.32 -33.45 27.85
N THR C 100 -34.79 -33.94 28.99
CA THR C 100 -33.92 -34.72 29.86
C THR C 100 -33.72 -36.15 29.38
N ASP C 101 -34.60 -36.66 28.52
CA ASP C 101 -34.37 -37.96 27.92
C ASP C 101 -33.55 -37.89 26.64
N MET C 102 -33.30 -36.69 26.13
CA MET C 102 -32.42 -36.50 24.99
C MET C 102 -31.04 -36.01 25.39
N ARG C 103 -30.92 -35.34 26.53
CA ARG C 103 -29.60 -34.94 27.02
C ARG C 103 -28.86 -36.09 27.69
N HIS C 104 -29.55 -37.20 27.96
CA HIS C 104 -28.88 -38.36 28.53
C HIS C 104 -27.83 -38.88 27.55
N ASN C 105 -26.72 -39.39 28.09
CA ASN C 105 -25.55 -39.65 27.26
C ASN C 105 -25.79 -40.76 26.24
N THR C 106 -26.57 -41.78 26.58
CA THR C 106 -26.86 -42.83 25.60
C THR C 106 -27.60 -42.28 24.39
N ALA C 107 -28.56 -41.39 24.63
CA ALA C 107 -29.26 -40.76 23.52
C ALA C 107 -28.32 -39.90 22.69
N LYS C 108 -27.36 -39.24 23.33
CA LYS C 108 -26.40 -38.46 22.57
C LYS C 108 -25.51 -39.34 21.71
N ILE C 109 -25.11 -40.50 22.22
CA ILE C 109 -24.34 -41.43 21.40
C ILE C 109 -25.16 -41.90 20.21
N ALA C 110 -26.43 -42.25 20.45
CA ALA C 110 -27.27 -42.74 19.35
C ALA C 110 -27.46 -41.66 18.29
N VAL C 111 -27.77 -40.44 18.71
CA VAL C 111 -27.98 -39.37 17.74
C VAL C 111 -26.69 -39.09 16.97
N ASN C 112 -25.55 -39.08 17.66
CA ASN C 112 -24.30 -38.80 16.98
C ASN C 112 -23.96 -39.88 15.95
N ILE C 113 -24.18 -41.15 16.29
CA ILE C 113 -23.90 -42.21 15.32
C ILE C 113 -24.85 -42.10 14.14
N ALA C 114 -26.13 -41.82 14.40
CA ALA C 114 -27.07 -41.67 13.30
C ALA C 114 -26.68 -40.52 12.39
N VAL C 115 -26.28 -39.39 12.96
CA VAL C 115 -25.87 -38.25 12.14
C VAL C 115 -24.62 -38.56 11.34
N ARG C 116 -23.64 -39.23 11.96
CA ARG C 116 -22.41 -39.54 11.25
C ARG C 116 -22.68 -40.46 10.08
N GLU C 117 -23.53 -41.47 10.27
CA GLU C 117 -23.84 -42.36 9.16
C GLU C 117 -24.78 -41.71 8.15
N GLN C 118 -25.53 -40.69 8.56
CA GLN C 118 -26.27 -39.88 7.60
C GLN C 118 -25.33 -39.14 6.67
N ILE C 119 -24.35 -38.46 7.26
CA ILE C 119 -23.45 -37.63 6.47
C ILE C 119 -22.56 -38.49 5.58
N GLU C 120 -22.09 -39.63 6.10
CA GLU C 120 -21.22 -40.47 5.29
C GLU C 120 -22.02 -41.30 4.28
N ALA C 121 -22.86 -42.21 4.78
CA ALA C 121 -23.56 -43.12 3.88
C ALA C 121 -24.81 -42.46 3.30
N GLY C 122 -25.73 -42.05 4.16
CA GLY C 122 -26.99 -41.48 3.72
C GLY C 122 -28.15 -41.86 4.60
N VAL C 123 -27.97 -42.84 5.48
CA VAL C 123 -29.01 -43.31 6.38
C VAL C 123 -28.39 -43.57 7.74
N GLY C 124 -29.06 -43.14 8.82
CA GLY C 124 -28.54 -43.42 10.14
C GLY C 124 -29.43 -44.23 11.07
N ALA C 125 -30.74 -44.00 10.99
CA ALA C 125 -31.75 -44.83 11.65
C ALA C 125 -31.45 -45.27 13.08
N TRP C 126 -31.37 -44.36 14.04
CA TRP C 126 -31.30 -44.79 15.42
C TRP C 126 -32.65 -45.32 15.88
N ARG C 127 -32.68 -45.97 17.04
CA ARG C 127 -33.84 -46.73 17.47
C ARG C 127 -34.23 -46.38 18.90
N LEU C 128 -35.53 -46.38 19.18
CA LEU C 128 -36.05 -46.22 20.53
C LEU C 128 -36.23 -47.58 21.19
N VAL C 129 -36.10 -47.63 22.51
CA VAL C 129 -36.28 -48.86 23.27
C VAL C 129 -36.62 -48.49 24.70
N THR C 130 -37.30 -49.39 25.40
CA THR C 130 -37.77 -49.16 26.76
C THR C 130 -37.27 -50.26 27.69
N ASP C 131 -36.97 -49.89 28.93
CA ASP C 131 -36.49 -50.84 29.92
C ASP C 131 -36.75 -50.29 31.31
N TYR C 132 -36.62 -51.16 32.31
CA TYR C 132 -36.93 -50.77 33.68
C TYR C 132 -35.81 -49.94 34.27
N GLU C 133 -36.17 -49.07 35.21
CA GLU C 133 -35.22 -48.42 36.10
C GLU C 133 -35.52 -48.90 37.52
N ASP C 134 -34.63 -48.52 38.45
CA ASP C 134 -34.88 -48.68 39.88
C ASP C 134 -35.17 -50.15 40.21
N GLN C 135 -34.13 -50.97 40.06
CA GLN C 135 -34.30 -52.42 40.14
C GLN C 135 -34.81 -52.83 41.51
N SER C 136 -36.09 -53.17 41.58
CA SER C 136 -36.78 -53.67 42.77
C SER C 136 -38.14 -54.19 42.34
N PRO C 137 -38.59 -55.33 42.85
CA PRO C 137 -39.86 -55.89 42.38
C PRO C 137 -41.08 -55.13 42.88
N THR C 138 -40.91 -54.17 43.79
CA THR C 138 -42.04 -53.45 44.36
C THR C 138 -42.82 -52.71 43.28
N SER C 139 -42.11 -52.08 42.35
CA SER C 139 -42.74 -51.29 41.31
C SER C 139 -42.44 -51.87 39.93
N ASN C 140 -42.94 -51.18 38.90
CA ASN C 140 -42.72 -51.54 37.51
C ASN C 140 -42.42 -50.31 36.67
N ASN C 141 -41.61 -49.39 37.22
CA ASN C 141 -41.30 -48.16 36.52
C ASN C 141 -40.39 -48.43 35.33
N GLN C 142 -40.61 -47.69 34.24
CA GLN C 142 -39.85 -47.85 33.01
C GLN C 142 -39.39 -46.50 32.49
N VAL C 143 -38.33 -46.51 31.70
CA VAL C 143 -37.76 -45.32 31.09
C VAL C 143 -37.52 -45.58 29.61
N ILE C 144 -37.03 -44.56 28.91
CA ILE C 144 -36.84 -44.61 27.47
C ILE C 144 -35.40 -44.24 27.16
N ARG C 145 -34.66 -45.16 26.56
CA ARG C 145 -33.32 -44.88 26.07
C ARG C 145 -33.25 -45.28 24.60
N ARG C 146 -32.22 -44.78 23.92
CA ARG C 146 -32.09 -44.94 22.48
C ARG C 146 -30.84 -45.75 22.16
N GLU C 147 -31.04 -46.94 21.65
CA GLU C 147 -29.92 -47.78 21.20
C GLU C 147 -29.65 -47.53 19.73
N PRO C 148 -28.45 -47.10 19.37
CA PRO C 148 -28.17 -46.83 17.96
C PRO C 148 -28.12 -48.11 17.14
N ILE C 149 -28.39 -47.96 15.85
CA ILE C 149 -28.33 -49.06 14.90
C ILE C 149 -27.14 -48.78 14.00
N HIS C 150 -26.12 -49.62 14.08
CA HIS C 150 -24.89 -49.39 13.33
C HIS C 150 -25.04 -49.90 11.90
N SER C 151 -24.47 -49.15 10.97
CA SER C 151 -24.58 -49.44 9.54
C SER C 151 -26.04 -49.64 9.16
N ALA C 152 -26.85 -48.63 9.46
CA ALA C 152 -28.28 -48.74 9.28
C ALA C 152 -28.70 -48.79 7.82
N CYS C 153 -27.79 -48.51 6.89
CA CYS C 153 -28.12 -48.63 5.48
C CYS C 153 -28.21 -50.08 5.03
N SER C 154 -27.78 -51.03 5.86
CA SER C 154 -27.84 -52.44 5.52
C SER C 154 -28.49 -53.32 6.59
N HIS C 155 -28.64 -52.84 7.81
CA HIS C 155 -29.23 -53.62 8.89
C HIS C 155 -30.66 -53.21 9.20
N VAL C 156 -31.22 -52.23 8.48
CA VAL C 156 -32.60 -51.82 8.62
C VAL C 156 -33.22 -51.88 7.24
N ILE C 157 -34.32 -52.60 7.11
CA ILE C 157 -34.96 -52.78 5.81
C ILE C 157 -36.36 -52.22 5.93
N TRP C 158 -36.51 -50.94 5.57
CA TRP C 158 -37.80 -50.27 5.66
C TRP C 158 -38.75 -50.84 4.62
N ASP C 159 -40.05 -50.68 4.90
CA ASP C 159 -41.06 -51.18 3.97
C ASP C 159 -40.95 -50.44 2.64
N SER C 160 -40.79 -51.20 1.57
CA SER C 160 -40.58 -50.60 0.26
C SER C 160 -41.77 -49.78 -0.20
N ASN C 161 -42.96 -50.07 0.31
CA ASN C 161 -44.18 -49.43 -0.18
C ASN C 161 -44.31 -48.01 0.33
N SER C 162 -43.87 -47.72 1.55
CA SER C 162 -44.04 -46.40 2.13
C SER C 162 -43.30 -45.35 1.33
N LYS C 163 -43.90 -44.16 1.26
CA LYS C 163 -43.40 -43.07 0.43
C LYS C 163 -43.27 -41.80 1.25
N LEU C 164 -42.95 -41.93 2.54
CA LEU C 164 -42.77 -40.78 3.41
C LEU C 164 -41.35 -40.82 3.98
N MET C 165 -40.78 -39.65 4.20
CA MET C 165 -39.41 -39.60 4.67
C MET C 165 -39.30 -39.97 6.15
N ASP C 166 -40.34 -39.68 6.93
CA ASP C 166 -40.38 -40.22 8.29
C ASP C 166 -40.48 -41.73 8.30
N LYS C 167 -40.81 -42.34 7.16
CA LYS C 167 -41.22 -43.74 7.11
C LYS C 167 -42.41 -43.96 8.03
N SER C 168 -43.24 -42.93 8.19
CA SER C 168 -44.45 -43.05 8.99
C SER C 168 -45.43 -44.02 8.36
N ASP C 169 -45.51 -44.03 7.03
CA ASP C 169 -46.47 -44.89 6.35
C ASP C 169 -46.09 -46.35 6.45
N ALA C 170 -44.81 -46.66 6.63
CA ALA C 170 -44.35 -48.04 6.61
C ALA C 170 -45.06 -48.86 7.67
N ARG C 171 -45.53 -50.04 7.28
CA ARG C 171 -46.27 -50.93 8.16
C ARG C 171 -45.42 -52.05 8.73
N HIS C 172 -44.12 -52.08 8.40
CA HIS C 172 -43.20 -53.07 8.95
C HIS C 172 -41.79 -52.68 8.55
N CYS C 173 -40.84 -52.97 9.43
CA CYS C 173 -39.44 -52.70 9.14
C CYS C 173 -38.58 -53.59 10.01
N THR C 174 -37.71 -54.38 9.39
CA THR C 174 -36.93 -55.37 10.10
C THR C 174 -35.63 -54.75 10.62
N VAL C 175 -34.99 -55.49 11.52
CA VAL C 175 -33.64 -55.14 11.97
C VAL C 175 -32.80 -56.40 11.97
N ILE C 176 -32.04 -56.61 10.90
CA ILE C 176 -31.25 -57.83 10.77
C ILE C 176 -30.11 -57.81 11.78
N HIS C 177 -29.78 -58.98 12.31
CA HIS C 177 -28.63 -59.14 13.19
C HIS C 177 -27.79 -60.30 12.68
N SER C 178 -26.59 -60.01 12.20
CA SER C 178 -25.69 -61.05 11.72
C SER C 178 -24.91 -61.59 12.90
N MET C 179 -25.45 -62.62 13.55
CA MET C 179 -24.82 -63.22 14.72
C MET C 179 -24.13 -64.53 14.34
N SER C 180 -22.97 -64.73 14.96
CA SER C 180 -22.26 -66.00 14.93
C SER C 180 -22.80 -66.87 16.05
N GLN C 181 -22.09 -67.95 16.38
CA GLN C 181 -22.55 -68.86 17.43
C GLN C 181 -22.76 -68.11 18.74
N ASN C 182 -21.76 -67.33 19.17
CA ASN C 182 -21.85 -66.62 20.44
C ASN C 182 -23.02 -65.64 20.47
N GLY C 183 -23.13 -64.82 19.43
CA GLY C 183 -24.31 -63.97 19.32
C GLY C 183 -25.58 -64.78 19.30
N TRP C 184 -25.54 -65.96 18.66
CA TRP C 184 -26.73 -66.79 18.62
C TRP C 184 -27.21 -67.17 20.00
N GLU C 185 -26.36 -67.78 20.83
CA GLU C 185 -26.92 -68.29 22.07
C GLU C 185 -27.18 -67.15 23.06
N ASP C 186 -26.40 -66.07 22.99
CA ASP C 186 -26.69 -65.01 23.95
C ASP C 186 -27.98 -64.28 23.60
N PHE C 187 -28.18 -63.93 22.31
CA PHE C 187 -29.41 -63.28 21.92
C PHE C 187 -30.60 -64.22 21.87
N ALA C 188 -30.37 -65.54 21.97
CA ALA C 188 -31.46 -66.49 22.10
C ALA C 188 -31.87 -66.74 23.56
N GLU C 189 -30.91 -66.93 24.46
CA GLU C 189 -31.23 -67.08 25.87
C GLU C 189 -31.70 -65.78 26.48
N LYS C 190 -31.31 -64.64 25.90
CA LYS C 190 -31.64 -63.36 26.51
C LYS C 190 -33.16 -63.15 26.56
N TYR C 191 -33.88 -63.47 25.49
CA TYR C 191 -35.29 -63.14 25.43
C TYR C 191 -36.21 -64.35 25.38
N ASP C 192 -36.09 -65.22 24.36
CA ASP C 192 -37.16 -66.19 24.14
C ASP C 192 -36.83 -67.62 24.58
N LEU C 193 -35.84 -68.24 23.95
CA LEU C 193 -35.49 -69.65 24.13
C LEU C 193 -34.14 -69.89 23.47
N ASP C 194 -33.48 -70.97 23.89
CA ASP C 194 -32.21 -71.39 23.31
C ASP C 194 -32.39 -72.50 22.28
N ALA C 195 -33.54 -72.54 21.61
CA ALA C 195 -33.84 -73.57 20.62
C ALA C 195 -33.06 -73.27 19.35
N ASP C 196 -32.15 -74.17 18.99
CA ASP C 196 -31.28 -73.97 17.84
C ASP C 196 -32.09 -73.93 16.55
N ASP C 197 -31.45 -73.40 15.50
CA ASP C 197 -32.07 -73.31 14.18
C ASP C 197 -32.42 -74.69 13.63
N ILE C 217 -25.67 -67.11 11.24
CA ILE C 217 -26.93 -67.15 11.97
C ILE C 217 -27.52 -65.75 12.02
N GLN C 218 -28.35 -65.42 11.04
CA GLN C 218 -28.92 -64.09 10.90
C GLN C 218 -30.34 -64.10 11.44
N ILE C 219 -30.55 -63.42 12.55
CA ILE C 219 -31.86 -63.31 13.17
C ILE C 219 -32.45 -61.96 12.79
N ALA C 220 -33.75 -61.79 13.03
CA ALA C 220 -34.43 -60.57 12.62
C ALA C 220 -35.34 -60.10 13.75
N GLU C 221 -35.73 -58.82 13.67
CA GLU C 221 -36.74 -58.25 14.56
C GLU C 221 -37.78 -57.58 13.68
N PHE C 222 -38.81 -58.33 13.30
CA PHE C 222 -39.80 -57.87 12.33
C PHE C 222 -40.88 -57.08 13.05
N TYR C 223 -40.71 -55.76 13.09
CA TYR C 223 -41.74 -54.90 13.63
C TYR C 223 -42.97 -54.90 12.71
N GLU C 224 -44.10 -54.45 13.24
CA GLU C 224 -45.33 -54.50 12.48
C GLU C 224 -46.33 -53.52 13.10
N VAL C 225 -47.14 -52.91 12.26
CA VAL C 225 -48.21 -52.02 12.68
C VAL C 225 -49.51 -52.57 12.13
N VAL C 226 -50.39 -53.02 13.01
CA VAL C 226 -51.67 -53.59 12.62
C VAL C 226 -52.75 -52.55 12.85
N GLU C 227 -53.71 -52.52 11.93
CA GLU C 227 -54.75 -51.50 11.94
C GLU C 227 -56.11 -52.14 11.75
N LYS C 228 -57.13 -51.48 12.27
CA LYS C 228 -58.52 -51.91 12.14
C LYS C 228 -59.31 -50.78 11.52
N LYS C 229 -59.80 -50.99 10.30
CA LYS C 229 -60.50 -49.97 9.53
C LYS C 229 -61.94 -50.41 9.30
N GLU C 230 -62.89 -49.57 9.70
CA GLU C 230 -64.30 -49.86 9.53
C GLU C 230 -65.00 -48.64 8.91
N THR C 231 -66.33 -48.64 8.90
CA THR C 231 -67.10 -47.57 8.28
C THR C 231 -67.76 -46.62 9.28
N ALA C 232 -68.38 -47.15 10.33
CA ALA C 232 -68.84 -46.41 11.50
C ALA C 232 -70.08 -45.54 11.24
N PHE C 233 -70.45 -45.33 9.97
CA PHE C 233 -71.79 -44.91 9.57
C PHE C 233 -72.50 -43.94 10.51
N ILE C 234 -71.94 -42.76 10.76
CA ILE C 234 -72.56 -41.83 11.69
C ILE C 234 -73.98 -41.48 11.23
N TYR C 235 -74.89 -41.43 12.20
CA TYR C 235 -76.29 -41.07 12.00
C TYR C 235 -76.62 -39.88 12.87
N GLN C 236 -77.53 -39.04 12.40
CA GLN C 236 -77.87 -37.80 13.09
C GLN C 236 -79.32 -37.83 13.57
N ASP C 237 -79.55 -37.20 14.74
CA ASP C 237 -80.86 -37.09 15.36
C ASP C 237 -81.09 -35.62 15.73
N PRO C 238 -82.29 -35.25 16.26
CA PRO C 238 -82.46 -33.87 16.76
C PRO C 238 -81.39 -33.48 17.77
N VAL C 239 -81.07 -34.39 18.71
CA VAL C 239 -79.94 -34.18 19.59
C VAL C 239 -78.64 -34.34 18.81
N THR C 240 -77.53 -33.94 19.44
CA THR C 240 -76.23 -34.07 18.78
C THR C 240 -75.97 -35.53 18.44
N GLY C 241 -75.37 -35.76 17.27
CA GLY C 241 -75.20 -37.11 16.78
C GLY C 241 -74.17 -37.90 17.54
N GLU C 242 -74.62 -38.85 18.35
CA GLU C 242 -73.74 -39.73 19.08
C GLU C 242 -73.25 -40.85 18.16
N PRO C 243 -72.13 -41.51 18.52
CA PRO C 243 -71.64 -42.60 17.68
C PRO C 243 -72.63 -43.75 17.60
N VAL C 244 -73.22 -43.94 16.43
CA VAL C 244 -74.17 -45.03 16.20
C VAL C 244 -73.71 -45.77 14.97
N SER C 245 -74.05 -47.07 14.91
CA SER C 245 -73.68 -47.94 13.81
C SER C 245 -72.16 -48.02 13.67
N TYR C 246 -71.50 -48.30 14.80
CA TYR C 246 -70.04 -48.36 14.82
C TYR C 246 -69.51 -49.38 13.83
N PHE C 247 -70.25 -50.47 13.61
CA PHE C 247 -69.86 -51.51 12.67
C PHE C 247 -70.93 -51.61 11.58
N LYS C 248 -70.69 -52.52 10.63
CA LYS C 248 -71.72 -52.89 9.68
C LYS C 248 -72.75 -53.81 10.31
N ARG C 249 -72.34 -54.64 11.28
CA ARG C 249 -73.28 -55.52 11.96
C ARG C 249 -74.26 -54.76 12.85
N ASP C 250 -73.80 -53.66 13.47
CA ASP C 250 -74.72 -52.86 14.27
C ASP C 250 -75.80 -52.22 13.42
N ILE C 251 -75.51 -51.93 12.15
CA ILE C 251 -76.56 -51.50 11.22
C ILE C 251 -77.62 -52.57 11.09
N LYS C 252 -77.22 -53.81 10.88
CA LYS C 252 -78.16 -54.92 10.81
C LYS C 252 -78.80 -55.21 12.15
N ASP C 253 -78.28 -54.64 13.23
CA ASP C 253 -78.96 -54.71 14.52
C ASP C 253 -79.96 -53.58 14.73
N VAL C 254 -79.94 -52.55 13.90
CA VAL C 254 -80.85 -51.41 14.05
C VAL C 254 -81.65 -51.19 12.77
N ILE C 255 -82.00 -52.27 12.06
CA ILE C 255 -82.75 -52.16 10.82
C ILE C 255 -84.00 -51.32 10.99
N ASP C 256 -84.59 -51.33 12.19
CA ASP C 256 -85.75 -50.48 12.45
C ASP C 256 -85.34 -49.07 12.86
N ASP C 257 -84.32 -48.95 13.72
CA ASP C 257 -83.93 -47.65 14.24
C ASP C 257 -83.40 -46.74 13.13
N LEU C 258 -82.73 -47.30 12.13
CA LEU C 258 -82.22 -46.49 11.04
C LEU C 258 -83.34 -45.81 10.27
N ALA C 259 -84.50 -46.46 10.15
CA ALA C 259 -85.64 -45.86 9.48
C ALA C 259 -86.52 -45.05 10.42
N ASP C 260 -86.44 -45.27 11.73
CA ASP C 260 -87.22 -44.48 12.68
C ASP C 260 -86.55 -43.20 13.12
N SER C 261 -85.27 -43.00 12.79
CA SER C 261 -84.56 -41.81 13.21
C SER C 261 -84.93 -40.62 12.33
N GLY C 262 -84.54 -39.42 12.78
CA GLY C 262 -84.83 -38.21 12.03
C GLY C 262 -84.10 -38.15 10.70
N PHE C 263 -82.82 -38.53 10.68
CA PHE C 263 -82.00 -38.47 9.50
C PHE C 263 -81.43 -39.86 9.19
N ILE C 264 -81.26 -40.13 7.90
CA ILE C 264 -80.92 -41.50 7.46
C ILE C 264 -79.41 -41.68 7.29
N LYS C 265 -78.69 -40.65 6.85
CA LYS C 265 -77.26 -40.79 6.60
C LYS C 265 -76.65 -39.41 6.47
N ILE C 266 -75.53 -39.17 7.14
CA ILE C 266 -74.83 -37.89 7.06
C ILE C 266 -73.39 -38.07 6.59
N ALA C 267 -72.65 -39.00 7.19
CA ALA C 267 -71.25 -39.18 6.83
C ALA C 267 -70.84 -40.62 7.09
N GLU C 268 -69.70 -40.99 6.52
CA GLU C 268 -69.16 -42.35 6.56
C GLU C 268 -67.75 -42.34 7.15
N ARG C 269 -67.57 -41.68 8.29
CA ARG C 269 -66.24 -41.55 8.88
C ARG C 269 -65.63 -42.91 9.21
N GLN C 270 -64.57 -43.27 8.50
CA GLN C 270 -63.90 -44.57 8.69
C GLN C 270 -62.93 -44.45 9.85
N ILE C 271 -63.42 -44.78 11.06
CA ILE C 271 -62.58 -44.71 12.24
C ILE C 271 -61.50 -45.78 12.19
N LYS C 272 -60.30 -45.43 12.65
CA LYS C 272 -59.13 -46.29 12.55
C LYS C 272 -58.44 -46.37 13.91
N ARG C 273 -57.90 -47.55 14.22
CA ARG C 273 -57.20 -47.76 15.48
C ARG C 273 -56.02 -48.69 15.20
N ARG C 274 -54.85 -48.33 15.72
CA ARG C 274 -53.61 -49.01 15.37
C ARG C 274 -52.79 -49.34 16.61
N ARG C 275 -52.04 -50.45 16.52
CA ARG C 275 -51.14 -50.89 17.58
C ARG C 275 -49.93 -51.55 16.94
N VAL C 276 -48.76 -51.35 17.52
CA VAL C 276 -47.52 -51.87 16.96
C VAL C 276 -47.20 -53.25 17.51
N TYR C 277 -46.81 -54.18 16.64
CA TYR C 277 -46.55 -55.56 17.02
C TYR C 277 -45.15 -55.94 16.57
N LYS C 278 -44.44 -56.69 17.41
CA LYS C 278 -43.04 -57.03 17.19
C LYS C 278 -42.88 -58.54 17.20
N SER C 279 -42.16 -59.06 16.22
CA SER C 279 -41.92 -60.49 16.13
C SER C 279 -40.46 -60.75 15.76
N ILE C 280 -39.89 -61.79 16.33
CA ILE C 280 -38.49 -62.15 16.12
C ILE C 280 -38.46 -63.42 15.31
N ILE C 281 -38.06 -63.33 14.05
CA ILE C 281 -38.08 -64.45 13.13
C ILE C 281 -36.65 -64.83 12.74
N THR C 282 -36.52 -65.94 12.04
CA THR C 282 -35.26 -66.37 11.45
C THR C 282 -35.54 -66.90 10.05
N CYS C 283 -34.51 -66.89 9.21
CA CYS C 283 -34.71 -67.19 7.79
C CYS C 283 -35.12 -68.64 7.59
N THR C 284 -34.37 -69.58 8.16
CA THR C 284 -34.64 -70.99 7.91
C THR C 284 -35.74 -71.54 8.81
N ALA C 285 -35.50 -71.52 10.12
CA ALA C 285 -36.44 -72.13 11.06
C ALA C 285 -37.68 -71.26 11.21
N VAL C 286 -38.66 -71.79 11.95
CA VAL C 286 -39.91 -71.10 12.17
C VAL C 286 -39.66 -69.89 13.05
N LEU C 287 -40.61 -68.96 13.07
CA LEU C 287 -40.44 -67.75 13.87
C LEU C 287 -40.45 -68.10 15.35
N LYS C 288 -39.71 -67.32 16.13
CA LYS C 288 -39.48 -67.62 17.53
C LYS C 288 -40.46 -66.95 18.47
N ASP C 289 -40.84 -65.71 18.19
CA ASP C 289 -41.91 -65.04 18.91
C ASP C 289 -42.96 -64.58 17.91
N LYS C 290 -44.23 -64.87 18.21
CA LYS C 290 -45.27 -64.58 17.23
C LYS C 290 -45.61 -63.10 17.20
N GLN C 291 -46.00 -62.53 18.34
CA GLN C 291 -46.51 -61.18 18.35
C GLN C 291 -46.38 -60.61 19.75
N LEU C 292 -45.90 -59.37 19.84
CA LEU C 292 -45.76 -58.67 21.11
C LEU C 292 -46.01 -57.19 20.88
N ILE C 293 -46.49 -56.51 21.91
CA ILE C 293 -46.82 -55.10 21.81
C ILE C 293 -45.75 -54.29 22.54
N ALA C 294 -45.29 -53.20 21.92
CA ALA C 294 -44.33 -52.32 22.56
C ALA C 294 -44.54 -50.91 22.03
N GLY C 295 -45.34 -50.12 22.76
CA GLY C 295 -45.58 -48.73 22.37
C GLY C 295 -46.76 -48.57 21.43
N GLU C 296 -46.71 -47.59 20.52
CA GLU C 296 -47.80 -47.40 19.57
C GLU C 296 -47.30 -47.29 18.13
N HIS C 297 -46.10 -46.74 17.93
CA HIS C 297 -45.47 -46.70 16.62
C HIS C 297 -44.33 -47.70 16.58
N ILE C 298 -43.77 -47.90 15.38
CA ILE C 298 -42.55 -48.68 15.26
C ILE C 298 -41.39 -47.81 15.73
N PRO C 299 -40.63 -48.25 16.73
CA PRO C 299 -39.64 -47.36 17.36
C PRO C 299 -38.56 -46.85 16.43
N ILE C 300 -38.17 -47.63 15.42
CA ILE C 300 -37.05 -47.23 14.57
C ILE C 300 -37.38 -45.92 13.88
N VAL C 301 -36.50 -44.93 14.04
CA VAL C 301 -36.65 -43.64 13.37
C VAL C 301 -35.45 -43.43 12.46
N PRO C 302 -35.65 -43.23 11.16
CA PRO C 302 -34.51 -43.08 10.26
C PRO C 302 -34.14 -41.64 9.99
N VAL C 303 -32.87 -41.36 9.76
CA VAL C 303 -32.44 -40.09 9.20
C VAL C 303 -31.95 -40.37 7.79
N PHE C 304 -32.13 -39.40 6.91
CA PHE C 304 -31.71 -39.55 5.53
C PHE C 304 -30.91 -38.33 5.09
N GLY C 305 -30.02 -38.54 4.14
CA GLY C 305 -29.30 -37.42 3.57
C GLY C 305 -30.16 -36.73 2.53
N GLU C 306 -29.60 -36.39 1.38
CA GLU C 306 -30.40 -35.90 0.27
C GLU C 306 -31.25 -37.06 -0.25
N TRP C 307 -32.55 -37.02 0.03
CA TRP C 307 -33.45 -38.14 -0.21
C TRP C 307 -34.56 -37.72 -1.14
N GLY C 308 -34.82 -38.55 -2.15
CA GLY C 308 -35.89 -38.28 -3.09
C GLY C 308 -36.19 -39.50 -3.92
N PHE C 309 -37.28 -39.43 -4.67
CA PHE C 309 -37.72 -40.51 -5.54
C PHE C 309 -37.35 -40.18 -6.97
N VAL C 310 -36.70 -41.13 -7.66
CA VAL C 310 -36.32 -40.98 -9.05
C VAL C 310 -36.81 -42.22 -9.78
N GLU C 311 -37.72 -42.04 -10.73
CA GLU C 311 -38.31 -43.13 -11.50
C GLU C 311 -38.88 -44.20 -10.58
N ASP C 312 -39.53 -43.74 -9.51
CA ASP C 312 -40.23 -44.61 -8.55
C ASP C 312 -39.26 -45.56 -7.83
N LYS C 313 -38.07 -45.06 -7.55
CA LYS C 313 -37.09 -45.81 -6.75
C LYS C 313 -36.56 -44.90 -5.66
N GLU C 314 -36.53 -45.40 -4.43
CA GLU C 314 -35.97 -44.63 -3.33
C GLU C 314 -34.46 -44.50 -3.51
N VAL C 315 -33.98 -43.27 -3.62
CA VAL C 315 -32.55 -43.00 -3.71
C VAL C 315 -32.20 -41.97 -2.64
N TYR C 316 -31.18 -42.26 -1.84
CA TYR C 316 -30.67 -41.35 -0.84
C TYR C 316 -29.17 -41.26 -0.99
N GLU C 317 -28.62 -40.08 -0.70
CA GLU C 317 -27.18 -39.90 -0.85
C GLU C 317 -26.55 -39.35 0.42
N GLY C 318 -25.29 -38.97 0.33
CA GLY C 318 -24.61 -38.36 1.45
C GLY C 318 -23.71 -37.24 0.97
N VAL C 319 -22.54 -37.11 1.58
CA VAL C 319 -21.57 -36.14 1.12
C VAL C 319 -20.28 -36.91 0.86
N VAL C 320 -20.43 -38.18 0.48
CA VAL C 320 -19.29 -39.05 0.26
C VAL C 320 -19.15 -39.52 -1.18
N ARG C 321 -20.21 -39.52 -1.99
CA ARG C 321 -20.05 -39.99 -3.37
C ARG C 321 -19.22 -39.01 -4.19
N LEU C 322 -19.55 -37.72 -4.09
CA LEU C 322 -18.90 -36.72 -4.93
C LEU C 322 -17.44 -36.55 -4.52
N THR C 323 -17.23 -36.36 -3.23
CA THR C 323 -15.89 -36.38 -2.68
C THR C 323 -15.21 -37.71 -2.93
N LYS C 324 -15.98 -38.79 -3.15
CA LYS C 324 -15.37 -40.08 -3.40
C LYS C 324 -14.68 -40.09 -4.75
N ASP C 325 -15.38 -39.59 -5.77
CA ASP C 325 -14.74 -39.53 -7.09
C ASP C 325 -13.54 -38.59 -7.05
N GLY C 326 -13.70 -37.42 -6.44
CA GLY C 326 -12.56 -36.51 -6.33
C GLY C 326 -11.39 -37.13 -5.58
N GLN C 327 -11.69 -37.86 -4.52
CA GLN C 327 -10.66 -38.47 -3.70
C GLN C 327 -9.95 -39.59 -4.44
N ARG C 328 -10.67 -40.34 -5.27
CA ARG C 328 -9.99 -41.34 -6.10
C ARG C 328 -9.01 -40.68 -7.04
N LEU C 329 -9.41 -39.57 -7.65
CA LEU C 329 -8.45 -38.88 -8.53
C LEU C 329 -7.23 -38.39 -7.76
N ARG C 330 -7.44 -37.81 -6.58
CA ARG C 330 -6.30 -37.34 -5.79
C ARG C 330 -5.38 -38.48 -5.39
N ASN C 331 -5.96 -39.61 -4.97
CA ASN C 331 -5.16 -40.77 -4.60
C ASN C 331 -4.34 -41.25 -5.78
N MET C 332 -4.95 -41.31 -6.96
CA MET C 332 -4.22 -41.76 -8.13
C MET C 332 -3.06 -40.83 -8.45
N ILE C 333 -3.28 -39.52 -8.37
CA ILE C 333 -2.20 -38.58 -8.70
C ILE C 333 -1.04 -38.74 -7.72
N MET C 334 -1.35 -38.76 -6.42
CA MET C 334 -0.28 -38.84 -5.44
C MET C 334 0.44 -40.19 -5.49
N SER C 335 -0.29 -41.27 -5.76
CA SER C 335 0.36 -42.56 -5.93
C SER C 335 1.25 -42.57 -7.17
N PHE C 336 0.84 -41.87 -8.23
CA PHE C 336 1.69 -41.75 -9.41
C PHE C 336 2.99 -41.04 -9.07
N ASN C 337 2.91 -39.95 -8.31
CA ASN C 337 4.13 -39.28 -7.88
C ASN C 337 5.01 -40.20 -7.04
N ALA C 338 4.40 -40.94 -6.12
CA ALA C 338 5.17 -41.84 -5.28
C ALA C 338 5.82 -42.95 -6.09
N ASP C 339 5.13 -43.43 -7.12
CA ASP C 339 5.71 -44.45 -7.98
C ASP C 339 6.89 -43.91 -8.78
N ILE C 340 6.83 -42.64 -9.19
CA ILE C 340 8.01 -42.03 -9.80
C ILE C 340 9.18 -41.99 -8.83
N VAL C 341 8.90 -41.61 -7.58
CA VAL C 341 9.99 -41.36 -6.62
C VAL C 341 10.74 -42.65 -6.28
N ALA C 342 10.03 -43.71 -5.95
CA ALA C 342 10.68 -44.87 -5.36
C ALA C 342 11.47 -45.70 -6.37
N ARG C 343 12.47 -45.07 -6.99
CA ARG C 343 13.40 -45.75 -7.89
C ARG C 343 14.78 -45.23 -7.56
N THR C 344 15.81 -46.06 -7.70
CA THR C 344 17.16 -45.55 -7.54
C THR C 344 17.41 -44.46 -8.58
N PRO C 345 17.77 -43.25 -8.16
CA PRO C 345 18.06 -42.20 -9.15
C PRO C 345 19.22 -42.52 -10.05
N LYS C 346 20.11 -43.44 -9.64
CA LYS C 346 21.25 -43.80 -10.47
C LYS C 346 20.78 -44.31 -11.82
N LYS C 347 21.47 -43.88 -12.87
CA LYS C 347 21.15 -44.37 -14.19
C LYS C 347 21.56 -45.83 -14.33
N LYS C 348 20.76 -46.59 -15.08
CA LYS C 348 21.09 -47.97 -15.42
C LYS C 348 21.52 -48.02 -16.87
N PRO C 349 22.74 -48.43 -17.18
CA PRO C 349 23.23 -48.41 -18.55
C PRO C 349 22.92 -49.69 -19.32
N PHE C 350 22.89 -49.56 -20.64
CA PHE C 350 22.69 -50.67 -21.57
C PHE C 350 23.99 -50.94 -22.31
N PHE C 351 24.56 -52.13 -22.13
CA PHE C 351 25.69 -52.54 -22.94
C PHE C 351 25.84 -54.05 -22.96
N TRP C 352 26.49 -54.53 -24.03
CA TRP C 352 26.68 -55.93 -24.40
C TRP C 352 27.43 -56.69 -23.33
N PRO C 353 27.19 -58.00 -23.17
CA PRO C 353 27.95 -58.76 -22.18
C PRO C 353 29.44 -58.78 -22.46
N GLU C 354 29.86 -58.75 -23.73
CA GLU C 354 31.29 -58.70 -24.04
C GLU C 354 31.85 -57.30 -23.98
N GLN C 355 31.01 -56.27 -23.86
CA GLN C 355 31.50 -54.93 -23.66
C GLN C 355 32.12 -54.75 -22.28
N ILE C 356 31.77 -55.60 -21.33
CA ILE C 356 32.37 -55.60 -20.00
C ILE C 356 32.84 -56.99 -19.63
N ALA C 357 33.24 -57.78 -20.63
CA ALA C 357 33.56 -59.19 -20.45
C ALA C 357 34.33 -59.46 -19.16
N GLY C 358 35.46 -58.80 -18.98
CA GLY C 358 36.23 -58.97 -17.77
C GLY C 358 35.85 -57.99 -16.69
N PHE C 359 35.45 -56.78 -17.09
CA PHE C 359 35.26 -55.67 -16.16
C PHE C 359 33.83 -55.70 -15.65
N GLU C 360 33.57 -56.61 -14.71
CA GLU C 360 32.26 -56.70 -14.08
C GLU C 360 32.27 -56.27 -12.62
N HIS C 361 33.42 -56.27 -11.97
CA HIS C 361 33.50 -55.81 -10.59
C HIS C 361 33.48 -54.29 -10.50
N MET C 362 33.60 -53.60 -11.62
CA MET C 362 33.52 -52.15 -11.67
C MET C 362 32.08 -51.68 -11.49
N TYR C 363 31.14 -52.37 -12.14
CA TYR C 363 29.79 -51.85 -12.35
C TYR C 363 28.82 -52.50 -11.36
N ASP C 364 28.99 -52.15 -10.09
CA ASP C 364 28.12 -52.70 -9.05
C ASP C 364 27.55 -51.67 -8.10
N GLY C 365 28.15 -50.51 -7.96
CA GLY C 365 27.65 -49.51 -7.02
C GLY C 365 28.16 -49.76 -5.62
N ASN C 366 28.75 -50.93 -5.39
CA ASN C 366 29.38 -51.22 -4.11
C ASN C 366 30.73 -50.54 -3.96
N ASP C 367 31.23 -49.91 -5.02
CA ASP C 367 32.47 -49.16 -4.97
C ASP C 367 32.33 -47.93 -5.87
N ASP C 368 33.19 -46.94 -5.63
CA ASP C 368 33.27 -45.76 -6.48
C ASP C 368 34.70 -45.64 -6.97
N TYR C 369 34.90 -45.84 -8.25
CA TYR C 369 36.13 -45.94 -9.01
C TYR C 369 36.40 -44.67 -9.80
N PRO C 370 37.67 -44.31 -10.00
CA PRO C 370 37.98 -43.02 -10.63
C PRO C 370 37.52 -42.94 -12.07
N TYR C 371 37.84 -43.96 -12.87
CA TYR C 371 37.43 -44.03 -14.25
C TYR C 371 36.71 -45.35 -14.48
N TYR C 372 35.94 -45.42 -15.57
CA TYR C 372 35.21 -46.62 -15.94
C TYR C 372 35.79 -47.19 -17.21
N LEU C 373 36.09 -48.48 -17.21
CA LEU C 373 36.76 -49.13 -18.33
C LEU C 373 35.77 -49.93 -19.17
N LEU C 374 36.00 -49.91 -20.48
CA LEU C 374 35.22 -50.67 -21.44
C LEU C 374 36.19 -51.25 -22.46
N ASN C 375 36.02 -52.53 -22.78
CA ASN C 375 36.95 -53.21 -23.68
C ASN C 375 36.59 -52.86 -25.13
N ARG C 376 37.16 -53.61 -26.09
CA ARG C 376 37.25 -53.19 -27.48
C ARG C 376 35.96 -52.57 -28.03
N THR C 377 34.87 -53.34 -28.05
CA THR C 377 33.59 -52.86 -28.55
C THR C 377 32.47 -53.86 -28.26
N PRO C 388 31.04 -45.13 -24.72
CA PRO C 388 29.99 -45.49 -25.68
C PRO C 388 28.97 -46.46 -25.09
N LEU C 389 27.77 -45.97 -24.78
CA LEU C 389 26.72 -46.78 -24.16
C LEU C 389 25.47 -45.92 -24.03
N ALA C 390 24.35 -46.59 -23.78
CA ALA C 390 23.05 -45.93 -23.64
C ALA C 390 22.42 -46.32 -22.31
N TYR C 391 21.56 -45.44 -21.79
CA TYR C 391 21.00 -45.60 -20.45
C TYR C 391 19.51 -45.91 -20.51
N TYR C 392 18.98 -46.31 -19.35
CA TYR C 392 17.57 -46.67 -19.19
C TYR C 392 16.85 -45.44 -18.63
N GLU C 393 15.88 -44.94 -19.39
CA GLU C 393 15.24 -43.67 -19.07
C GLU C 393 14.32 -43.83 -17.86
N ASN C 394 14.71 -43.23 -16.74
CA ASN C 394 13.83 -43.17 -15.59
C ASN C 394 12.64 -42.25 -15.90
N PRO C 395 11.50 -42.48 -15.25
CA PRO C 395 10.35 -41.61 -15.48
C PRO C 395 10.61 -40.22 -14.93
N GLU C 396 9.91 -39.24 -15.49
CA GLU C 396 10.02 -37.85 -15.07
C GLU C 396 8.67 -37.35 -14.59
N VAL C 397 8.70 -36.55 -13.54
CA VAL C 397 7.46 -35.99 -12.99
C VAL C 397 6.90 -34.96 -13.96
N PRO C 398 5.63 -35.05 -14.34
CA PRO C 398 5.13 -34.18 -15.41
C PRO C 398 5.20 -32.70 -15.08
N GLN C 399 5.08 -32.33 -13.81
CA GLN C 399 5.06 -30.93 -13.37
C GLN C 399 3.81 -30.24 -13.86
N ALA C 400 3.01 -30.94 -14.66
CA ALA C 400 1.64 -30.54 -14.93
C ALA C 400 0.68 -31.10 -13.91
N ASN C 401 1.15 -31.94 -13.00
CA ASN C 401 0.29 -32.51 -11.98
C ASN C 401 0.00 -31.53 -10.86
N ALA C 402 0.66 -30.37 -10.83
CA ALA C 402 0.35 -29.39 -9.79
C ALA C 402 -1.11 -28.99 -9.87
N TYR C 403 -1.55 -28.55 -11.05
CA TYR C 403 -2.94 -28.14 -11.18
C TYR C 403 -3.87 -29.32 -11.13
N MET C 404 -3.42 -30.50 -11.55
CA MET C 404 -4.27 -31.69 -11.47
C MET C 404 -4.61 -31.99 -10.02
N LEU C 405 -3.60 -32.07 -9.17
CA LEU C 405 -3.82 -32.32 -7.75
C LEU C 405 -4.62 -31.20 -7.12
N GLU C 406 -4.35 -29.94 -7.50
CA GLU C 406 -5.09 -28.85 -6.89
C GLU C 406 -6.56 -28.89 -7.29
N ALA C 407 -6.85 -29.22 -8.55
CA ALA C 407 -8.24 -29.32 -8.97
C ALA C 407 -8.95 -30.44 -8.23
N ALA C 408 -8.31 -31.61 -8.10
CA ALA C 408 -8.96 -32.72 -7.41
C ALA C 408 -9.20 -32.40 -5.94
N THR C 409 -8.18 -31.88 -5.25
CA THR C 409 -8.34 -31.57 -3.83
C THR C 409 -9.38 -30.48 -3.62
N SER C 410 -9.34 -29.43 -4.42
CA SER C 410 -10.32 -28.36 -4.27
C SER C 410 -11.71 -28.86 -4.59
N ALA C 411 -11.85 -29.77 -5.55
CA ALA C 411 -13.16 -30.35 -5.82
C ALA C 411 -13.68 -31.07 -4.59
N VAL C 412 -12.85 -31.91 -3.97
CA VAL C 412 -13.31 -32.64 -2.79
C VAL C 412 -13.69 -31.67 -1.68
N LYS C 413 -12.91 -30.61 -1.50
CA LYS C 413 -13.13 -29.71 -0.37
C LYS C 413 -14.20 -28.65 -0.61
N GLU C 414 -14.65 -28.44 -1.84
CA GLU C 414 -15.71 -27.46 -2.04
C GLU C 414 -17.01 -28.06 -2.54
N VAL C 415 -16.96 -29.07 -3.41
CA VAL C 415 -18.18 -29.72 -3.88
C VAL C 415 -18.96 -30.26 -2.68
N ALA C 416 -18.25 -30.76 -1.69
CA ALA C 416 -18.89 -31.25 -0.49
C ALA C 416 -19.53 -30.11 0.30
N THR C 417 -18.73 -29.16 0.74
CA THR C 417 -19.21 -28.07 1.58
C THR C 417 -18.78 -26.74 1.00
N LEU C 418 -19.61 -25.71 1.22
CA LEU C 418 -19.38 -24.35 0.77
C LEU C 418 -18.80 -24.27 -0.65
N ASP C 443 -25.87 -20.41 4.30
CA ASP C 443 -25.88 -21.76 4.86
C ASP C 443 -25.65 -21.74 6.36
N LEU C 444 -24.37 -21.73 6.76
CA LEU C 444 -23.92 -21.82 8.15
C LEU C 444 -24.27 -23.19 8.71
N GLU C 445 -24.96 -24.00 7.91
CA GLU C 445 -25.29 -25.39 8.14
C GLU C 445 -25.92 -25.92 6.86
N THR C 446 -25.56 -27.14 6.49
CA THR C 446 -26.09 -27.68 5.24
C THR C 446 -27.59 -27.84 5.41
N TYR C 447 -28.34 -26.93 4.79
CA TYR C 447 -29.76 -26.81 5.09
C TYR C 447 -30.51 -28.11 4.81
N VAL C 448 -30.12 -28.85 3.77
CA VAL C 448 -30.82 -30.08 3.45
C VAL C 448 -30.60 -31.12 4.54
N PHE C 449 -29.36 -31.27 4.98
CA PHE C 449 -29.08 -32.23 6.05
C PHE C 449 -29.72 -31.79 7.37
N GLN C 450 -29.70 -30.50 7.67
CA GLN C 450 -30.31 -30.03 8.90
C GLN C 450 -31.82 -30.23 8.89
N ASP C 451 -32.47 -29.93 7.77
CA ASP C 451 -33.91 -30.16 7.67
C ASP C 451 -34.24 -31.64 7.77
N ASN C 452 -33.42 -32.50 7.15
CA ASN C 452 -33.67 -33.93 7.24
C ASN C 452 -33.53 -34.41 8.69
N LEU C 453 -32.50 -33.94 9.39
CA LEU C 453 -32.35 -34.29 10.79
C LEU C 453 -33.51 -33.76 11.62
N ALA C 454 -34.02 -32.57 11.29
CA ALA C 454 -35.16 -32.03 12.02
C ALA C 454 -36.40 -32.88 11.82
N THR C 455 -36.66 -33.31 10.58
CA THR C 455 -37.82 -34.14 10.32
C THR C 455 -37.70 -35.48 11.04
N ALA C 456 -36.52 -36.08 11.03
CA ALA C 456 -36.32 -37.32 11.74
C ALA C 456 -36.48 -37.14 13.25
N MET C 457 -35.98 -36.02 13.78
CA MET C 457 -36.15 -35.76 15.21
C MET C 457 -37.62 -35.52 15.55
N ARG C 458 -38.40 -34.96 14.65
CA ARG C 458 -39.83 -34.84 14.89
C ARG C 458 -40.49 -36.21 14.94
N ARG C 459 -40.08 -37.11 14.05
CA ARG C 459 -40.57 -38.49 14.17
C ARG C 459 -40.18 -39.09 15.52
N ASP C 460 -38.94 -38.85 15.95
CA ASP C 460 -38.53 -39.32 17.26
C ASP C 460 -39.42 -38.75 18.35
N GLY C 461 -39.81 -37.49 18.20
CA GLY C 461 -40.72 -36.90 19.16
C GLY C 461 -42.06 -37.60 19.19
N GLU C 462 -42.62 -37.92 18.02
CA GLU C 462 -43.90 -38.61 18.01
C GLU C 462 -43.80 -39.98 18.65
N ILE C 463 -42.75 -40.73 18.33
CA ILE C 463 -42.59 -42.06 18.91
C ILE C 463 -42.43 -41.96 20.42
N TYR C 464 -41.59 -41.03 20.88
CA TYR C 464 -41.37 -40.86 22.30
C TYR C 464 -42.65 -40.46 23.00
N GLN C 465 -43.42 -39.57 22.40
CA GLN C 465 -44.67 -39.14 23.04
C GLN C 465 -45.66 -40.29 23.13
N SER C 466 -45.77 -41.12 22.08
CA SER C 466 -46.68 -42.25 22.16
C SER C 466 -46.25 -43.21 23.25
N ILE C 467 -44.95 -43.47 23.36
CA ILE C 467 -44.48 -44.41 24.36
C ILE C 467 -44.67 -43.84 25.77
N VAL C 468 -44.44 -42.54 25.95
CA VAL C 468 -44.73 -41.91 27.24
C VAL C 468 -46.21 -41.98 27.56
N ASN C 469 -47.07 -41.75 26.57
CA ASN C 469 -48.49 -41.84 26.79
C ASN C 469 -48.91 -43.22 27.23
N ASP C 470 -48.26 -44.26 26.70
CA ASP C 470 -48.69 -45.63 26.98
C ASP C 470 -47.94 -46.26 28.16
N ILE C 471 -46.90 -45.62 28.70
CA ILE C 471 -46.17 -46.13 29.86
C ILE C 471 -46.43 -45.31 31.11
N TYR C 472 -46.23 -44.00 31.04
CA TYR C 472 -46.29 -43.20 32.26
C TYR C 472 -47.73 -43.07 32.76
N ASP C 473 -48.28 -44.18 33.24
CA ASP C 473 -49.63 -44.21 33.78
C ASP C 473 -49.64 -44.24 35.30
N VAL C 474 -48.89 -45.16 35.89
CA VAL C 474 -48.86 -45.31 37.35
C VAL C 474 -48.26 -44.04 37.96
N PRO C 475 -48.72 -43.62 39.14
CA PRO C 475 -48.04 -42.53 39.85
C PRO C 475 -46.53 -42.70 39.88
N ARG C 476 -45.81 -41.72 39.35
CA ARG C 476 -44.36 -41.78 39.22
C ARG C 476 -43.73 -40.48 39.70
N ASN C 477 -42.43 -40.55 39.93
CA ASN C 477 -41.62 -39.36 40.13
C ASN C 477 -40.60 -39.31 39.00
N VAL C 478 -40.52 -38.17 38.32
CA VAL C 478 -39.63 -38.00 37.18
C VAL C 478 -38.80 -36.74 37.40
N THR C 479 -37.72 -36.65 36.63
CA THR C 479 -36.88 -35.47 36.61
C THR C 479 -37.12 -34.72 35.30
N ILE C 480 -37.21 -33.40 35.39
CA ILE C 480 -37.48 -32.55 34.24
C ILE C 480 -36.32 -31.60 34.07
N THR C 481 -35.81 -31.49 32.86
CA THR C 481 -34.78 -30.51 32.54
C THR C 481 -35.48 -29.35 31.84
N LEU C 482 -35.91 -28.37 32.62
CA LEU C 482 -36.43 -27.15 32.04
C LEU C 482 -35.35 -26.47 31.22
N GLU C 483 -35.75 -25.45 30.46
CA GLU C 483 -34.80 -24.80 29.59
C GLU C 483 -33.73 -24.10 30.43
N ASP C 484 -32.57 -23.89 29.82
CA ASP C 484 -31.39 -23.32 30.47
C ASP C 484 -30.81 -24.29 31.49
N GLY C 485 -30.89 -25.58 31.21
CA GLY C 485 -30.27 -26.60 32.04
C GLY C 485 -30.77 -26.66 33.47
N SER C 486 -31.79 -25.91 33.83
CA SER C 486 -32.26 -25.85 35.20
C SER C 486 -32.96 -27.16 35.54
N GLU C 487 -32.28 -28.02 36.28
CA GLU C 487 -32.87 -29.27 36.72
C GLU C 487 -34.10 -29.00 37.57
N LYS C 488 -35.01 -29.97 37.62
CA LYS C 488 -36.17 -29.86 38.46
C LYS C 488 -36.72 -31.25 38.73
N ASP C 489 -37.41 -31.38 39.86
CA ASP C 489 -38.06 -32.61 40.26
C ASP C 489 -39.57 -32.40 40.26
N VAL C 490 -40.30 -33.32 39.65
CA VAL C 490 -41.74 -33.18 39.48
C VAL C 490 -42.38 -34.55 39.61
N GLN C 491 -43.50 -34.61 40.33
CA GLN C 491 -44.32 -35.81 40.37
C GLN C 491 -45.35 -35.77 39.24
N LEU C 492 -45.69 -36.96 38.73
CA LEU C 492 -46.52 -37.02 37.53
C LEU C 492 -48.00 -36.90 37.87
N MET C 493 -48.49 -37.67 38.83
CA MET C 493 -49.90 -37.58 39.18
C MET C 493 -50.17 -36.45 40.16
N ALA C 494 -49.56 -36.49 41.33
CA ALA C 494 -49.76 -35.51 42.39
C ALA C 494 -51.25 -35.43 42.76
N GLU C 495 -51.73 -36.54 43.31
CA GLU C 495 -53.14 -36.77 43.57
C GLU C 495 -53.74 -35.82 44.61
N VAL C 496 -52.95 -34.86 45.11
CA VAL C 496 -53.42 -33.97 46.18
C VAL C 496 -54.73 -33.32 45.79
N VAL C 497 -55.67 -33.29 46.74
CA VAL C 497 -56.98 -32.67 46.57
C VAL C 497 -56.85 -31.17 46.84
N ASP C 498 -57.61 -30.38 46.10
CA ASP C 498 -57.50 -28.93 46.18
C ASP C 498 -57.95 -28.42 47.55
N LEU C 499 -57.55 -27.19 47.85
CA LEU C 499 -57.90 -26.56 49.12
C LEU C 499 -59.17 -25.71 48.99
N ALA C 500 -59.15 -24.72 48.11
CA ALA C 500 -60.28 -23.80 47.95
C ALA C 500 -61.24 -24.22 46.84
N THR C 501 -60.96 -25.33 46.15
CA THR C 501 -61.81 -25.79 45.05
C THR C 501 -62.74 -26.92 45.48
N GLY C 502 -62.18 -28.01 46.01
CA GLY C 502 -62.96 -29.14 46.45
C GLY C 502 -63.01 -30.31 45.50
N GLU C 503 -62.38 -30.21 44.33
CA GLU C 503 -62.35 -31.29 43.36
C GLU C 503 -61.01 -32.03 43.45
N LYS C 504 -60.92 -33.13 42.71
CA LYS C 504 -59.71 -33.95 42.74
C LYS C 504 -58.56 -33.23 42.03
N GLN C 505 -58.72 -32.99 40.73
CA GLN C 505 -57.81 -32.13 39.96
C GLN C 505 -56.36 -32.65 40.05
N VAL C 506 -56.14 -33.82 39.44
CA VAL C 506 -54.79 -34.32 39.29
C VAL C 506 -53.95 -33.28 38.54
N LEU C 507 -52.70 -33.12 38.97
CA LEU C 507 -51.95 -31.94 38.57
C LEU C 507 -51.45 -32.02 37.14
N ASN C 508 -50.60 -33.01 36.83
CA ASN C 508 -49.91 -33.03 35.55
C ASN C 508 -50.58 -33.93 34.52
N ASP C 509 -50.71 -35.22 34.81
CA ASP C 509 -51.47 -36.15 33.97
C ASP C 509 -51.01 -36.10 32.50
N ILE C 510 -49.77 -36.54 32.31
CA ILE C 510 -49.11 -36.49 31.00
C ILE C 510 -49.97 -37.10 29.91
N ARG C 511 -50.72 -38.15 30.24
CA ARG C 511 -51.52 -38.85 29.23
C ARG C 511 -52.43 -37.89 28.48
N GLY C 512 -52.35 -37.93 27.16
CA GLY C 512 -53.18 -37.07 26.32
C GLY C 512 -52.98 -37.32 24.84
N ARG C 513 -53.00 -36.26 24.04
CA ARG C 513 -52.71 -36.37 22.61
C ARG C 513 -51.94 -35.14 22.20
N TYR C 514 -50.75 -35.34 21.63
CA TYR C 514 -49.82 -34.26 21.35
C TYR C 514 -49.22 -34.44 19.97
N GLU C 515 -48.95 -33.34 19.29
CA GLU C 515 -48.22 -33.34 18.03
C GLU C 515 -46.93 -32.57 18.22
N CYS C 516 -45.86 -33.03 17.59
CA CYS C 516 -44.55 -32.44 17.76
C CYS C 516 -44.26 -31.45 16.65
N TYR C 517 -43.59 -30.36 17.00
CA TYR C 517 -43.15 -29.39 16.02
C TYR C 517 -41.83 -28.79 16.50
N THR C 518 -40.82 -28.82 15.65
CA THR C 518 -39.48 -28.40 16.02
C THR C 518 -39.19 -27.00 15.52
N ASP C 519 -38.44 -26.24 16.32
CA ASP C 519 -38.04 -24.88 15.97
C ASP C 519 -36.52 -24.85 15.85
N VAL C 520 -36.02 -25.20 14.66
CA VAL C 520 -34.59 -25.15 14.40
C VAL C 520 -34.17 -23.70 14.20
N GLY C 521 -33.08 -23.30 14.84
CA GLY C 521 -32.59 -21.95 14.69
C GLY C 521 -31.70 -21.52 15.83
N PRO C 522 -32.01 -20.36 16.43
CA PRO C 522 -31.15 -19.80 17.47
C PRO C 522 -31.17 -20.67 18.72
N SER C 523 -29.99 -21.19 19.08
CA SER C 523 -29.87 -21.94 20.32
C SER C 523 -30.04 -20.99 21.51
N PHE C 524 -30.41 -21.57 22.65
CA PHE C 524 -30.75 -20.75 23.81
C PHE C 524 -29.55 -19.93 24.27
N GLN C 525 -28.36 -20.54 24.31
CA GLN C 525 -27.18 -19.78 24.69
C GLN C 525 -26.91 -18.66 23.68
N SER C 526 -27.11 -18.93 22.40
CA SER C 526 -26.97 -17.87 21.41
C SER C 526 -28.00 -16.77 21.61
N MET C 527 -29.24 -17.16 21.96
CA MET C 527 -30.26 -16.17 22.27
C MET C 527 -29.83 -15.29 23.43
N LYS C 528 -29.28 -15.90 24.49
CA LYS C 528 -28.87 -15.13 25.66
C LYS C 528 -27.69 -14.22 25.33
N GLN C 529 -26.75 -14.70 24.54
CA GLN C 529 -25.61 -13.86 24.17
C GLN C 529 -26.06 -12.67 23.33
N GLN C 530 -26.98 -12.89 22.39
CA GLN C 530 -27.50 -11.78 21.61
C GLN C 530 -28.27 -10.80 22.48
N ASN C 531 -29.02 -11.31 23.46
CA ASN C 531 -29.73 -10.44 24.39
C ASN C 531 -28.76 -9.58 25.20
N ARG C 532 -27.68 -10.18 25.69
CA ARG C 532 -26.69 -9.41 26.42
C ARG C 532 -26.05 -8.36 25.54
N ALA C 533 -25.77 -8.70 24.28
CA ALA C 533 -25.19 -7.72 23.37
C ALA C 533 -26.14 -6.54 23.16
N GLU C 534 -27.43 -6.82 22.98
CA GLU C 534 -28.40 -5.75 22.77
C GLU C 534 -28.52 -4.86 24.01
N ILE C 535 -28.57 -5.48 25.19
CA ILE C 535 -28.69 -4.70 26.42
C ILE C 535 -27.44 -3.86 26.64
N LEU C 536 -26.26 -4.41 26.33
CA LEU C 536 -25.04 -3.63 26.46
C LEU C 536 -25.03 -2.44 25.49
N GLU C 537 -25.52 -2.65 24.28
CA GLU C 537 -25.62 -1.54 23.34
C GLU C 537 -26.54 -0.45 23.87
N LEU C 538 -27.69 -0.84 24.42
CA LEU C 538 -28.60 0.14 24.99
C LEU C 538 -27.95 0.90 26.15
N LEU C 539 -27.22 0.18 27.00
CA LEU C 539 -26.49 0.85 28.07
C LEU C 539 -25.50 1.86 27.50
N GLY C 540 -24.90 1.54 26.34
CA GLY C 540 -24.05 2.51 25.68
C GLY C 540 -24.81 3.70 25.13
N LYS C 541 -26.09 3.52 24.81
CA LYS C 541 -26.87 4.59 24.18
C LYS C 541 -28.08 5.02 25.02
N THR C 542 -27.86 5.27 26.31
CA THR C 542 -28.94 5.70 27.18
C THR C 542 -28.39 6.62 28.26
N PRO C 543 -29.02 7.77 28.52
CA PRO C 543 -28.54 8.63 29.60
C PRO C 543 -28.67 7.94 30.96
N GLN C 544 -27.76 8.29 31.85
CA GLN C 544 -27.62 7.63 33.14
C GLN C 544 -28.63 8.19 34.15
N GLY C 545 -28.73 7.50 35.28
CA GLY C 545 -29.56 7.95 36.38
C GLY C 545 -31.03 7.59 36.24
N THR C 546 -31.55 7.66 35.02
CA THR C 546 -32.96 7.38 34.80
C THR C 546 -33.27 5.92 35.15
N PRO C 547 -34.49 5.64 35.61
CA PRO C 547 -34.83 4.25 35.96
C PRO C 547 -34.68 3.27 34.81
N GLU C 548 -34.76 3.73 33.56
CA GLU C 548 -34.51 2.83 32.44
C GLU C 548 -33.08 2.32 32.46
N TYR C 549 -32.11 3.19 32.75
CA TYR C 549 -30.72 2.78 32.83
C TYR C 549 -30.52 1.76 33.95
N GLN C 550 -31.09 2.03 35.13
CA GLN C 550 -30.94 1.09 36.23
C GLN C 550 -31.57 -0.25 35.90
N LEU C 551 -32.75 -0.22 35.26
CA LEU C 551 -33.41 -1.47 34.88
C LEU C 551 -32.58 -2.25 33.88
N LEU C 552 -32.02 -1.57 32.87
CA LEU C 552 -31.19 -2.25 31.89
C LEU C 552 -29.95 -2.85 32.52
N LEU C 553 -29.31 -2.09 33.42
CA LEU C 553 -28.11 -2.61 34.08
C LEU C 553 -28.44 -3.82 34.94
N LEU C 554 -29.57 -3.77 35.66
CA LEU C 554 -29.96 -4.91 36.49
C LEU C 554 -30.28 -6.13 35.64
N GLN C 555 -30.93 -5.92 34.49
CA GLN C 555 -31.24 -7.05 33.62
C GLN C 555 -29.97 -7.62 33.00
N TYR C 556 -29.00 -6.78 32.71
CA TYR C 556 -27.72 -7.29 32.26
C TYR C 556 -27.05 -8.11 33.34
N PHE C 557 -27.16 -7.67 34.59
CA PHE C 557 -26.63 -8.47 35.70
C PHE C 557 -27.28 -9.83 35.75
N THR C 558 -28.60 -9.89 35.62
CA THR C 558 -29.29 -11.17 35.81
C THR C 558 -29.10 -12.08 34.61
N LEU C 559 -28.48 -11.60 33.54
CA LEU C 559 -28.19 -12.42 32.37
C LEU C 559 -26.75 -12.93 32.33
N LEU C 560 -26.01 -12.81 33.43
CA LEU C 560 -24.61 -13.20 33.42
C LEU C 560 -24.49 -14.72 33.53
N ASP C 561 -23.27 -15.19 33.73
CA ASP C 561 -22.97 -16.62 33.83
C ASP C 561 -23.05 -17.05 35.29
N GLY C 562 -22.52 -18.22 35.62
CA GLY C 562 -22.84 -18.87 36.88
C GLY C 562 -21.96 -18.57 38.07
N LYS C 563 -21.08 -19.51 38.42
CA LYS C 563 -20.42 -19.51 39.72
C LYS C 563 -19.73 -18.20 40.06
N GLY C 564 -19.06 -17.60 39.09
CA GLY C 564 -18.27 -16.42 39.34
C GLY C 564 -19.03 -15.22 39.88
N VAL C 565 -20.17 -14.91 39.27
CA VAL C 565 -20.89 -13.68 39.59
C VAL C 565 -22.25 -13.99 40.18
N GLU C 566 -22.35 -15.10 40.91
CA GLU C 566 -23.62 -15.49 41.51
C GLU C 566 -24.13 -14.41 42.45
N MET C 567 -23.24 -13.81 43.24
CA MET C 567 -23.67 -12.77 44.17
C MET C 567 -24.23 -11.56 43.44
N MET C 568 -23.63 -11.18 42.31
CA MET C 568 -24.15 -10.07 41.54
C MET C 568 -25.54 -10.38 40.99
N ARG C 569 -25.74 -11.60 40.48
CA ARG C 569 -27.06 -11.97 39.98
C ARG C 569 -28.10 -11.96 41.10
N ASP C 570 -27.74 -12.47 42.28
CA ASP C 570 -28.67 -12.46 43.40
C ASP C 570 -29.01 -11.05 43.82
N TYR C 571 -28.02 -10.16 43.87
CA TYR C 571 -28.29 -8.76 44.18
C TYR C 571 -29.20 -8.13 43.12
N ALA C 572 -28.98 -8.48 41.86
CA ALA C 572 -29.84 -7.95 40.81
C ALA C 572 -31.27 -8.41 40.98
N ASN C 573 -31.48 -9.68 41.31
CA ASN C 573 -32.84 -10.15 41.55
C ASN C 573 -33.47 -9.43 42.72
N LYS C 574 -32.71 -9.22 43.80
CA LYS C 574 -33.25 -8.50 44.95
C LYS C 574 -33.65 -7.09 44.56
N GLN C 575 -32.78 -6.39 43.82
CA GLN C 575 -33.08 -5.01 43.44
C GLN C 575 -34.28 -4.95 42.51
N LEU C 576 -34.39 -5.89 41.58
CA LEU C 576 -35.53 -5.90 40.67
C LEU C 576 -36.83 -6.17 41.42
N ILE C 577 -36.81 -7.13 42.35
CA ILE C 577 -38.03 -7.47 43.06
C ILE C 577 -38.46 -6.34 43.98
N GLN C 578 -37.51 -5.74 44.70
CA GLN C 578 -37.84 -4.61 45.55
C GLN C 578 -38.18 -3.36 44.75
N MET C 579 -37.74 -3.27 43.50
CA MET C 579 -38.16 -2.19 42.63
C MET C 579 -39.61 -2.37 42.18
N GLY C 580 -40.06 -3.61 42.07
CA GLY C 580 -41.42 -3.91 41.68
C GLY C 580 -41.61 -4.30 40.23
N VAL C 581 -40.53 -4.47 39.47
CA VAL C 581 -40.65 -4.82 38.06
C VAL C 581 -40.79 -6.33 37.89
N LYS C 582 -39.89 -7.09 38.51
CA LYS C 582 -39.93 -8.54 38.44
C LYS C 582 -40.80 -9.09 39.57
N LYS C 583 -41.71 -9.98 39.21
CA LYS C 583 -42.62 -10.55 40.20
C LYS C 583 -41.86 -11.45 41.16
N PRO C 584 -42.24 -11.45 42.44
CA PRO C 584 -41.63 -12.36 43.40
C PRO C 584 -42.01 -13.81 43.10
N GLU C 585 -41.12 -14.73 43.48
CA GLU C 585 -41.33 -16.15 43.22
C GLU C 585 -41.22 -17.02 44.47
N THR C 586 -40.96 -16.44 45.64
CA THR C 586 -40.81 -17.20 46.87
C THR C 586 -41.04 -16.27 48.05
N PRO C 587 -41.53 -16.79 49.18
CA PRO C 587 -41.96 -15.88 50.26
C PRO C 587 -40.87 -14.96 50.80
N GLU C 588 -39.60 -15.35 50.75
CA GLU C 588 -38.55 -14.42 51.17
C GLU C 588 -38.51 -13.20 50.26
N GLU C 589 -38.69 -13.41 48.95
CA GLU C 589 -38.78 -12.27 48.04
C GLU C 589 -40.01 -11.42 48.32
N GLN C 590 -41.12 -12.05 48.70
CA GLN C 590 -42.31 -11.30 49.08
C GLN C 590 -42.04 -10.43 50.30
N GLN C 591 -41.34 -10.98 51.30
CA GLN C 591 -40.98 -10.20 52.47
C GLN C 591 -40.07 -9.05 52.09
N TRP C 592 -39.13 -9.29 51.18
CA TRP C 592 -38.27 -8.21 50.71
C TRP C 592 -39.08 -7.12 50.03
N LEU C 593 -40.05 -7.51 49.20
CA LEU C 593 -40.87 -6.54 48.48
C LEU C 593 -41.67 -5.70 49.45
N VAL C 594 -42.32 -6.33 50.43
CA VAL C 594 -43.13 -5.55 51.37
C VAL C 594 -42.24 -4.68 52.26
N GLU C 595 -41.06 -5.18 52.64
CA GLU C 595 -40.14 -4.36 53.43
C GLU C 595 -39.71 -3.12 52.67
N ALA C 596 -39.37 -3.29 51.39
CA ALA C 596 -38.97 -2.14 50.58
C ALA C 596 -40.13 -1.17 50.39
N GLN C 597 -41.33 -1.70 50.13
CA GLN C 597 -42.47 -0.84 49.85
C GLN C 597 -42.88 -0.03 51.08
N GLN C 598 -43.01 -0.70 52.23
CA GLN C 598 -43.42 -0.02 53.45
C GLN C 598 -42.33 0.87 54.03
N ALA C 599 -41.10 0.75 53.54
CA ALA C 599 -40.00 1.56 54.04
C ALA C 599 -40.23 3.04 53.75
N ASN D 6 -12.71 -78.04 33.39
CA ASN D 6 -13.51 -77.65 32.23
C ASN D 6 -13.72 -76.15 32.18
N ARG D 7 -13.62 -75.50 33.34
CA ARG D 7 -13.81 -74.06 33.40
C ARG D 7 -12.81 -73.32 32.53
N LEU D 8 -11.54 -73.74 32.60
CA LEU D 8 -10.51 -73.08 31.78
C LEU D 8 -10.78 -73.27 30.30
N GLU D 9 -11.38 -74.39 29.91
CA GLU D 9 -11.69 -74.55 28.49
C GLU D 9 -12.75 -73.56 28.04
N SER D 10 -13.74 -73.28 28.89
CA SER D 10 -14.71 -72.23 28.56
C SER D 10 -14.04 -70.87 28.51
N ILE D 11 -13.16 -70.58 29.47
CA ILE D 11 -12.47 -69.29 29.48
C ILE D 11 -11.67 -69.10 28.21
N LEU D 12 -10.92 -70.13 27.82
CA LEU D 12 -10.09 -70.03 26.62
C LEU D 12 -10.93 -70.01 25.36
N SER D 13 -12.08 -70.67 25.35
CA SER D 13 -12.98 -70.55 24.20
C SER D 13 -13.43 -69.11 24.03
N ARG D 14 -13.87 -68.48 25.12
CA ARG D 14 -14.31 -67.09 25.02
C ARG D 14 -13.16 -66.18 24.60
N PHE D 15 -11.99 -66.38 25.20
CA PHE D 15 -10.85 -65.52 24.87
C PHE D 15 -10.40 -65.69 23.42
N ASP D 16 -10.38 -66.92 22.92
CA ASP D 16 -10.01 -67.15 21.53
C ASP D 16 -11.04 -66.55 20.59
N ALA D 17 -12.32 -66.68 20.91
CA ALA D 17 -13.34 -66.06 20.08
C ALA D 17 -13.15 -64.56 20.00
N ASP D 18 -12.93 -63.91 21.15
CA ASP D 18 -12.71 -62.47 21.16
C ASP D 18 -11.47 -62.08 20.38
N TRP D 19 -10.38 -62.84 20.56
CA TRP D 19 -9.13 -62.56 19.88
C TRP D 19 -9.30 -62.64 18.37
N THR D 20 -9.85 -63.76 17.87
CA THR D 20 -10.00 -63.91 16.43
C THR D 20 -11.01 -62.93 15.86
N ALA D 21 -12.01 -62.51 16.65
CA ALA D 21 -12.94 -61.52 16.14
C ALA D 21 -12.31 -60.15 16.01
N SER D 22 -11.41 -59.77 16.93
CA SER D 22 -10.79 -58.45 16.87
C SER D 22 -9.41 -58.48 16.23
N ASP D 23 -9.03 -59.60 15.60
CA ASP D 23 -7.69 -59.74 15.04
C ASP D 23 -7.37 -58.65 14.01
N GLU D 24 -8.30 -58.36 13.10
CA GLU D 24 -7.98 -57.42 12.03
C GLU D 24 -7.73 -56.01 12.59
N ALA D 25 -8.62 -55.55 13.46
CA ALA D 25 -8.46 -54.23 14.06
C ALA D 25 -7.19 -54.17 14.91
N ARG D 26 -6.90 -55.23 15.66
CA ARG D 26 -5.69 -55.24 16.46
C ARG D 26 -4.45 -55.20 15.59
N ARG D 27 -4.46 -55.93 14.48
CA ARG D 27 -3.32 -55.90 13.56
C ARG D 27 -3.08 -54.49 13.03
N GLU D 28 -4.13 -53.86 12.53
CA GLU D 28 -3.94 -52.53 11.96
C GLU D 28 -3.53 -51.52 13.03
N ALA D 29 -4.09 -51.63 14.25
CA ALA D 29 -3.70 -50.70 15.30
C ALA D 29 -2.26 -50.91 15.75
N LYS D 30 -1.82 -52.16 15.85
CA LYS D 30 -0.43 -52.41 16.20
C LYS D 30 0.50 -51.87 15.13
N ASN D 31 0.13 -52.02 13.85
CA ASN D 31 0.95 -51.45 12.80
C ASN D 31 1.00 -49.93 12.91
N ASP D 32 -0.14 -49.31 13.23
CA ASP D 32 -0.18 -47.86 13.40
C ASP D 32 0.74 -47.41 14.53
N LEU D 33 0.64 -48.07 15.68
CA LEU D 33 1.45 -47.70 16.82
C LEU D 33 2.93 -47.90 16.52
N PHE D 34 3.28 -49.01 15.87
CA PHE D 34 4.67 -49.27 15.54
C PHE D 34 5.19 -48.25 14.53
N PHE D 35 4.34 -47.81 13.61
CA PHE D 35 4.74 -46.77 12.68
C PHE D 35 4.97 -45.44 13.40
N SER D 36 4.16 -45.12 14.39
CA SER D 36 4.25 -43.83 15.05
C SER D 36 5.20 -43.83 16.24
N ARG D 37 5.91 -44.92 16.50
CA ARG D 37 6.83 -44.94 17.63
C ARG D 37 8.17 -45.58 17.36
N VAL D 38 8.36 -46.32 16.27
CA VAL D 38 9.62 -47.03 16.05
C VAL D 38 10.26 -46.59 14.74
N SER D 39 9.59 -46.83 13.62
CA SER D 39 10.18 -46.57 12.32
C SER D 39 9.09 -46.37 11.29
N GLN D 40 9.20 -45.31 10.49
CA GLN D 40 8.18 -45.02 9.49
C GLN D 40 8.18 -46.05 8.37
N TRP D 41 9.28 -46.76 8.18
CA TRP D 41 9.46 -47.63 7.02
C TRP D 41 9.01 -49.04 7.36
N ASP D 42 7.73 -49.32 7.12
CA ASP D 42 7.22 -50.67 7.29
C ASP D 42 7.90 -51.63 6.33
N ASP D 43 7.66 -52.92 6.48
CA ASP D 43 8.35 -53.90 5.63
C ASP D 43 7.82 -53.87 4.20
N TRP D 44 6.51 -53.67 4.03
CA TRP D 44 5.96 -53.53 2.69
C TRP D 44 6.70 -52.45 1.91
N LEU D 45 6.87 -51.27 2.51
CA LEU D 45 7.56 -50.20 1.81
C LEU D 45 9.01 -50.55 1.56
N SER D 46 9.66 -51.27 2.49
CA SER D 46 11.02 -51.70 2.25
C SER D 46 11.13 -52.70 1.12
N GLN D 47 10.03 -53.38 0.78
CA GLN D 47 10.07 -54.27 -0.38
C GLN D 47 9.82 -53.51 -1.67
N TYR D 48 8.75 -52.72 -1.71
CA TYR D 48 8.55 -51.75 -2.80
C TYR D 48 9.34 -50.48 -2.50
N THR D 49 10.64 -50.56 -2.74
CA THR D 49 11.51 -49.42 -2.88
C THR D 49 12.91 -49.96 -3.15
N THR D 50 13.75 -49.12 -3.71
CA THR D 50 15.16 -49.45 -3.87
C THR D 50 16.06 -48.33 -3.39
N LEU D 51 15.51 -47.31 -2.74
CA LEU D 51 16.31 -46.28 -2.12
C LEU D 51 17.29 -46.90 -1.15
N GLN D 52 18.51 -46.38 -1.13
CA GLN D 52 19.54 -46.90 -0.22
C GLN D 52 19.63 -46.10 1.07
N TYR D 53 19.19 -44.85 1.09
CA TYR D 53 19.18 -44.06 2.32
C TYR D 53 17.75 -43.95 2.81
N ARG D 54 17.35 -44.89 3.66
CA ARG D 54 16.03 -44.85 4.26
C ARG D 54 16.06 -43.84 5.40
N GLY D 55 15.35 -42.73 5.23
CA GLY D 55 15.30 -41.68 6.23
C GLY D 55 13.91 -41.56 6.83
N GLN D 56 13.83 -40.76 7.90
CA GLN D 56 12.55 -40.48 8.57
C GLN D 56 12.49 -38.98 8.87
N PHE D 57 11.99 -38.21 7.92
CA PHE D 57 11.76 -36.79 8.11
C PHE D 57 10.27 -36.56 8.37
N ASP D 58 9.85 -36.90 9.58
CA ASP D 58 8.42 -37.02 9.86
C ASP D 58 7.82 -35.69 10.28
N VAL D 59 6.52 -35.55 10.01
CA VAL D 59 5.75 -34.42 10.51
C VAL D 59 4.49 -34.93 11.18
N VAL D 60 4.51 -36.18 11.63
CA VAL D 60 3.37 -36.75 12.33
C VAL D 60 3.37 -36.32 13.79
N ARG D 61 4.50 -36.50 14.47
CA ARG D 61 4.56 -36.16 15.90
C ARG D 61 4.23 -34.71 16.21
N PRO D 62 4.62 -33.71 15.42
CA PRO D 62 4.08 -32.37 15.67
C PRO D 62 2.56 -32.32 15.66
N VAL D 63 1.93 -33.06 14.76
CA VAL D 63 0.46 -33.06 14.71
C VAL D 63 -0.11 -33.73 15.95
N VAL D 64 0.44 -34.88 16.34
CA VAL D 64 -0.05 -35.56 17.52
C VAL D 64 0.14 -34.69 18.76
N ARG D 65 1.27 -34.00 18.84
CA ARG D 65 1.51 -33.10 19.97
C ARG D 65 0.49 -31.97 20.00
N LYS D 66 0.19 -31.40 18.84
CA LYS D 66 -0.82 -30.34 18.80
C LYS D 66 -2.17 -30.86 19.26
N LEU D 67 -2.55 -32.06 18.82
CA LEU D 67 -3.85 -32.60 19.22
C LEU D 67 -3.90 -32.86 20.73
N VAL D 68 -2.84 -33.42 21.30
CA VAL D 68 -2.85 -33.70 22.73
C VAL D 68 -2.89 -32.40 23.52
N SER D 69 -2.15 -31.39 23.08
CA SER D 69 -2.20 -30.10 23.77
C SER D 69 -3.60 -29.50 23.70
N GLU D 70 -4.25 -29.62 22.54
CA GLU D 70 -5.61 -29.12 22.41
C GLU D 70 -6.55 -29.84 23.37
N MET D 71 -6.37 -31.15 23.54
CA MET D 71 -7.12 -31.87 24.57
C MET D 71 -6.84 -31.28 25.95
N ARG D 72 -5.57 -31.06 26.26
CA ARG D 72 -5.17 -30.61 27.59
C ARG D 72 -5.76 -29.24 27.92
N GLN D 73 -5.99 -28.40 26.91
CA GLN D 73 -6.50 -27.06 27.14
C GLN D 73 -8.02 -26.99 27.24
N ASN D 74 -8.72 -28.11 27.08
CA ASN D 74 -10.18 -28.15 27.22
C ASN D 74 -10.54 -29.28 28.18
N PRO D 75 -10.32 -29.09 29.47
CA PRO D 75 -10.45 -30.21 30.41
C PRO D 75 -11.90 -30.60 30.61
N ILE D 76 -12.11 -31.88 30.89
CA ILE D 76 -13.44 -32.47 31.01
C ILE D 76 -13.70 -32.77 32.48
N ASP D 77 -14.82 -32.26 32.99
CA ASP D 77 -15.23 -32.51 34.36
C ASP D 77 -16.29 -33.60 34.38
N VAL D 78 -16.39 -34.27 35.53
CA VAL D 78 -17.39 -35.30 35.73
C VAL D 78 -18.29 -34.86 36.88
N LEU D 79 -19.59 -34.94 36.64
CA LEU D 79 -20.60 -34.54 37.61
C LEU D 79 -21.31 -35.78 38.13
N TYR D 80 -22.30 -35.57 39.01
CA TYR D 80 -23.02 -36.69 39.58
C TYR D 80 -24.46 -36.28 39.83
N ARG D 81 -25.39 -36.87 39.08
CA ARG D 81 -26.80 -36.64 39.32
C ARG D 81 -27.21 -37.43 40.56
N PRO D 82 -27.74 -36.80 41.60
CA PRO D 82 -28.21 -37.55 42.77
C PRO D 82 -29.56 -38.17 42.49
N LYS D 83 -29.66 -39.48 42.66
CA LYS D 83 -30.87 -40.21 42.35
C LYS D 83 -31.47 -40.83 43.62
N ASP D 84 -32.73 -41.24 43.50
CA ASP D 84 -33.45 -41.90 44.58
C ASP D 84 -33.42 -41.08 45.87
N GLY D 85 -33.65 -39.78 45.72
CA GLY D 85 -33.81 -38.91 46.86
C GLY D 85 -32.57 -38.66 47.67
N ALA D 86 -31.39 -38.93 47.12
CA ALA D 86 -30.16 -38.63 47.83
C ALA D 86 -29.94 -37.13 47.92
N ARG D 87 -29.35 -36.70 49.03
CA ARG D 87 -29.16 -35.28 49.26
C ARG D 87 -28.12 -34.70 48.29
N PRO D 88 -28.30 -33.45 47.89
CA PRO D 88 -27.29 -32.82 47.02
C PRO D 88 -25.92 -32.69 47.67
N ASP D 89 -25.85 -32.67 49.00
CA ASP D 89 -24.54 -32.57 49.65
C ASP D 89 -23.69 -33.81 49.45
N ALA D 90 -24.32 -34.99 49.47
CA ALA D 90 -23.57 -36.20 49.14
C ALA D 90 -23.09 -36.16 47.69
N ALA D 91 -23.92 -35.63 46.80
CA ALA D 91 -23.50 -35.48 45.42
C ALA D 91 -22.30 -34.56 45.31
N ASP D 92 -22.30 -33.46 46.06
CA ASP D 92 -21.15 -32.55 46.04
C ASP D 92 -19.91 -33.21 46.61
N VAL D 93 -20.07 -34.04 47.64
CA VAL D 93 -18.93 -34.73 48.21
C VAL D 93 -18.33 -35.69 47.19
N LEU D 94 -19.17 -36.44 46.46
CA LEU D 94 -18.62 -37.30 45.41
C LEU D 94 -18.01 -36.48 44.28
N MET D 95 -18.60 -35.35 43.93
CA MET D 95 -18.00 -34.47 42.93
C MET D 95 -16.57 -34.14 43.31
N GLY D 96 -16.38 -33.66 44.54
CA GLY D 96 -15.06 -33.27 44.98
C GLY D 96 -14.12 -34.47 45.12
N MET D 97 -14.65 -35.60 45.59
CA MET D 97 -13.81 -36.78 45.75
C MET D 97 -13.30 -37.28 44.41
N TYR D 98 -14.16 -37.32 43.39
CA TYR D 98 -13.68 -37.67 42.07
C TYR D 98 -12.69 -36.65 41.54
N ARG D 99 -12.93 -35.37 41.81
CA ARG D 99 -11.97 -34.37 41.36
C ARG D 99 -10.60 -34.57 41.99
N THR D 100 -10.55 -34.89 43.28
CA THR D 100 -9.25 -35.08 43.93
C THR D 100 -8.63 -36.42 43.60
N ASP D 101 -9.41 -37.40 43.15
CA ASP D 101 -8.83 -38.66 42.69
C ASP D 101 -8.46 -38.63 41.22
N MET D 102 -8.90 -37.61 40.48
CA MET D 102 -8.47 -37.40 39.10
C MET D 102 -7.35 -36.39 38.98
N ARG D 103 -7.15 -35.54 40.00
CA ARG D 103 -6.04 -34.61 39.97
C ARG D 103 -4.76 -35.22 40.51
N HIS D 104 -4.85 -36.39 41.14
CA HIS D 104 -3.65 -37.07 41.62
C HIS D 104 -2.75 -37.43 40.44
N ASN D 105 -1.44 -37.37 40.67
CA ASN D 105 -0.51 -37.44 39.54
C ASN D 105 -0.54 -38.78 38.83
N THR D 106 -0.77 -39.88 39.55
CA THR D 106 -0.85 -41.18 38.88
C THR D 106 -2.03 -41.22 37.90
N ALA D 107 -3.16 -40.67 38.31
CA ALA D 107 -4.30 -40.60 37.40
C ALA D 107 -4.01 -39.73 36.20
N LYS D 108 -3.25 -38.65 36.39
CA LYS D 108 -2.89 -37.81 35.26
C LYS D 108 -1.98 -38.55 34.30
N ILE D 109 -1.04 -39.34 34.81
CA ILE D 109 -0.19 -40.15 33.93
C ILE D 109 -1.04 -41.15 33.15
N ALA D 110 -1.97 -41.82 33.83
CA ALA D 110 -2.81 -42.81 33.16
C ALA D 110 -3.66 -42.18 32.07
N VAL D 111 -4.30 -41.05 32.37
CA VAL D 111 -5.13 -40.40 31.37
C VAL D 111 -4.28 -39.90 30.20
N ASN D 112 -3.10 -39.36 30.49
CA ASN D 112 -2.26 -38.87 29.41
C ASN D 112 -1.81 -40.00 28.49
N ILE D 113 -1.41 -41.14 29.06
CA ILE D 113 -1.00 -42.27 28.22
C ILE D 113 -2.19 -42.77 27.40
N ALA D 114 -3.36 -42.86 28.01
CA ALA D 114 -4.53 -43.33 27.28
C ALA D 114 -4.87 -42.39 26.13
N VAL D 115 -4.82 -41.08 26.36
CA VAL D 115 -5.16 -40.14 25.31
C VAL D 115 -4.11 -40.18 24.20
N ARG D 116 -2.83 -40.29 24.57
CA ARG D 116 -1.79 -40.35 23.55
C ARG D 116 -1.93 -41.58 22.68
N GLU D 117 -2.26 -42.73 23.27
CA GLU D 117 -2.47 -43.92 22.46
C GLU D 117 -3.79 -43.88 21.70
N GLN D 118 -4.78 -43.16 22.20
CA GLN D 118 -5.99 -42.91 21.42
C GLN D 118 -5.65 -42.16 20.15
N ILE D 119 -4.90 -41.07 20.29
CA ILE D 119 -4.60 -40.23 19.13
C ILE D 119 -3.68 -40.94 18.16
N GLU D 120 -2.71 -41.70 18.66
CA GLU D 120 -1.80 -42.39 17.75
C GLU D 120 -2.43 -43.64 17.17
N ALA D 121 -2.76 -44.62 18.02
CA ALA D 121 -3.25 -45.90 17.52
C ALA D 121 -4.76 -45.87 17.31
N GLY D 122 -5.50 -45.59 18.37
CA GLY D 122 -6.95 -45.60 18.30
C GLY D 122 -7.61 -46.12 19.56
N VAL D 123 -6.85 -46.75 20.45
CA VAL D 123 -7.37 -47.28 21.71
C VAL D 123 -6.39 -46.95 22.82
N GLY D 124 -6.90 -46.51 23.96
CA GLY D 124 -6.01 -46.23 25.08
C GLY D 124 -6.23 -47.03 26.36
N ALA D 125 -7.49 -47.31 26.68
CA ALA D 125 -7.89 -48.24 27.74
C ALA D 125 -7.09 -48.15 29.04
N TRP D 126 -7.17 -47.05 29.77
CA TRP D 126 -6.58 -47.04 31.11
C TRP D 126 -7.46 -47.84 32.06
N ARG D 127 -6.91 -48.16 33.23
CA ARG D 127 -7.52 -49.14 34.13
C ARG D 127 -7.66 -48.60 35.53
N LEU D 128 -8.78 -48.90 36.18
CA LEU D 128 -9.00 -48.60 37.59
C LEU D 128 -8.46 -49.74 38.46
N VAL D 129 -8.00 -49.40 39.66
CA VAL D 129 -7.53 -50.40 40.60
C VAL D 129 -7.60 -49.80 42.00
N THR D 130 -7.73 -50.66 43.00
CA THR D 130 -7.87 -50.24 44.39
C THR D 130 -6.75 -50.84 45.23
N ASP D 131 -6.30 -50.09 46.24
CA ASP D 131 -5.24 -50.55 47.11
C ASP D 131 -5.33 -49.84 48.44
N TYR D 132 -4.54 -50.31 49.40
CA TYR D 132 -4.57 -49.76 50.75
C TYR D 132 -3.85 -48.43 50.81
N GLU D 133 -4.28 -47.60 51.75
CA GLU D 133 -3.51 -46.44 52.18
C GLU D 133 -3.26 -46.56 53.68
N ASP D 134 -2.38 -45.70 54.20
CA ASP D 134 -2.17 -45.55 55.64
C ASP D 134 -1.79 -46.89 56.26
N GLN D 135 -0.58 -47.34 55.90
CA GLN D 135 -0.15 -48.69 56.26
C GLN D 135 -0.11 -48.86 57.78
N SER D 136 -1.11 -49.56 58.31
CA SER D 136 -1.24 -49.88 59.73
C SER D 136 -2.34 -50.93 59.86
N PRO D 137 -2.13 -51.98 60.65
CA PRO D 137 -3.14 -53.05 60.73
C PRO D 137 -4.41 -52.63 61.44
N THR D 138 -4.43 -51.46 62.10
CA THR D 138 -5.60 -51.05 62.87
C THR D 138 -6.84 -50.92 61.98
N SER D 139 -6.67 -50.33 60.81
CA SER D 139 -7.78 -50.05 59.91
C SER D 139 -7.65 -50.84 58.61
N ASN D 140 -8.62 -50.65 57.72
CA ASN D 140 -8.64 -51.28 56.41
C ASN D 140 -9.06 -50.28 55.33
N ASN D 141 -8.67 -49.01 55.49
CA ASN D 141 -9.06 -47.99 54.54
C ASN D 141 -8.41 -48.24 53.19
N GLN D 142 -9.16 -47.94 52.12
CA GLN D 142 -8.69 -48.17 50.75
C GLN D 142 -8.94 -46.92 49.92
N VAL D 143 -8.16 -46.78 48.85
CA VAL D 143 -8.26 -45.66 47.92
C VAL D 143 -8.30 -46.19 46.50
N ILE D 144 -8.42 -45.28 45.55
CA ILE D 144 -8.57 -45.61 44.14
C ILE D 144 -7.48 -44.89 43.35
N ARG D 145 -6.64 -45.65 42.67
CA ARG D 145 -5.68 -45.10 41.74
C ARG D 145 -5.82 -45.81 40.41
N ARG D 146 -5.28 -45.20 39.36
CA ARG D 146 -5.47 -45.68 38.00
C ARG D 146 -4.13 -46.07 37.40
N GLU D 147 -3.95 -47.34 37.13
CA GLU D 147 -2.76 -47.83 36.47
C GLU D 147 -2.97 -47.87 34.97
N PRO D 148 -2.16 -47.17 34.18
CA PRO D 148 -2.35 -47.20 32.73
C PRO D 148 -2.03 -48.56 32.15
N ILE D 149 -2.63 -48.84 31.00
CA ILE D 149 -2.39 -50.06 30.25
C ILE D 149 -1.67 -49.66 28.98
N HIS D 150 -0.42 -50.09 28.84
CA HIS D 150 0.40 -49.66 27.71
C HIS D 150 0.12 -50.52 26.50
N SER D 151 0.14 -49.89 25.34
CA SER D 151 -0.22 -50.53 24.07
C SER D 151 -1.53 -51.29 24.23
N ALA D 152 -2.57 -50.54 24.57
CA ALA D 152 -3.86 -51.12 24.88
C ALA D 152 -4.55 -51.74 23.70
N CYS D 153 -4.09 -51.48 22.47
CA CYS D 153 -4.69 -52.10 21.31
C CYS D 153 -4.30 -53.56 21.16
N SER D 154 -3.33 -54.03 21.93
CA SER D 154 -2.87 -55.41 21.83
C SER D 154 -2.84 -56.15 23.16
N HIS D 155 -2.92 -55.47 24.30
CA HIS D 155 -2.88 -56.11 25.60
C HIS D 155 -4.24 -56.14 26.28
N VAL D 156 -5.29 -55.66 25.62
CA VAL D 156 -6.65 -55.73 26.15
C VAL D 156 -7.53 -56.27 25.03
N ILE D 157 -8.30 -57.30 25.34
CA ILE D 157 -9.18 -57.92 24.35
C ILE D 157 -10.60 -57.83 24.91
N TRP D 158 -11.32 -56.80 24.48
CA TRP D 158 -12.69 -56.62 24.91
C TRP D 158 -13.57 -57.72 24.32
N ASP D 159 -14.71 -57.95 24.97
CA ASP D 159 -15.63 -58.97 24.50
C ASP D 159 -16.10 -58.65 23.10
N SER D 160 -16.00 -59.63 22.21
CA SER D 160 -16.32 -59.40 20.80
C SER D 160 -17.79 -59.07 20.60
N ASN D 161 -18.67 -59.51 21.48
CA ASN D 161 -20.10 -59.39 21.25
C ASN D 161 -20.63 -58.03 21.64
N SER D 162 -19.99 -57.34 22.59
CA SER D 162 -20.48 -56.04 23.03
C SER D 162 -20.47 -55.05 21.88
N LYS D 163 -21.50 -54.21 21.85
CA LYS D 163 -21.71 -53.26 20.76
C LYS D 163 -21.91 -51.85 21.30
N LEU D 164 -21.24 -51.54 22.40
CA LEU D 164 -21.31 -50.20 22.99
C LEU D 164 -19.90 -49.64 23.11
N MET D 165 -19.79 -48.33 22.94
CA MET D 165 -18.47 -47.71 22.96
C MET D 165 -17.89 -47.62 24.35
N ASP D 166 -18.75 -47.56 25.38
CA ASP D 166 -18.26 -47.69 26.75
C ASP D 166 -17.67 -49.06 27.00
N LYS D 167 -17.97 -50.03 26.14
CA LYS D 167 -17.82 -51.44 26.44
C LYS D 167 -18.57 -51.79 27.71
N SER D 168 -19.67 -51.07 27.95
CA SER D 168 -20.53 -51.35 29.10
C SER D 168 -21.18 -52.73 28.96
N ASP D 169 -21.62 -53.07 27.75
CA ASP D 169 -22.27 -54.35 27.53
C ASP D 169 -21.31 -55.52 27.68
N ALA D 170 -20.02 -55.29 27.51
CA ALA D 170 -19.04 -56.36 27.57
C ALA D 170 -19.11 -57.06 28.92
N ARG D 171 -19.18 -58.39 28.88
CA ARG D 171 -19.36 -59.20 30.07
C ARG D 171 -18.10 -59.95 30.46
N HIS D 172 -16.98 -59.68 29.80
CA HIS D 172 -15.66 -60.17 30.18
C HIS D 172 -14.63 -59.48 29.30
N CYS D 173 -13.43 -59.27 29.86
CA CYS D 173 -12.36 -58.65 29.09
C CYS D 173 -11.03 -58.99 29.74
N THR D 174 -10.12 -59.56 28.96
CA THR D 174 -8.84 -60.02 29.48
C THR D 174 -7.82 -58.88 29.47
N VAL D 175 -6.71 -59.12 30.16
CA VAL D 175 -5.55 -58.24 30.09
C VAL D 175 -4.31 -59.10 30.00
N ILE D 176 -3.79 -59.27 28.78
CA ILE D 176 -2.61 -60.12 28.59
C ILE D 176 -1.40 -59.45 29.20
N HIS D 177 -0.52 -60.27 29.78
CA HIS D 177 0.78 -59.81 30.25
C HIS D 177 1.83 -60.76 29.69
N SER D 178 2.72 -60.24 28.84
CA SER D 178 3.79 -61.05 28.28
C SER D 178 4.99 -60.97 29.20
N MET D 179 5.10 -61.90 30.14
CA MET D 179 6.12 -61.88 31.16
C MET D 179 7.19 -62.94 30.90
N SER D 180 8.42 -62.59 31.20
CA SER D 180 9.57 -63.50 31.12
C SER D 180 9.74 -64.19 32.47
N GLN D 181 10.87 -64.86 32.66
CA GLN D 181 11.09 -65.63 33.88
C GLN D 181 11.05 -64.74 35.11
N ASN D 182 11.71 -63.58 35.05
CA ASN D 182 11.64 -62.64 36.16
C ASN D 182 10.22 -62.10 36.33
N GLY D 183 9.58 -61.72 35.22
CA GLY D 183 8.20 -61.29 35.29
C GLY D 183 7.29 -62.38 35.82
N TRP D 184 7.49 -63.61 35.33
CA TRP D 184 6.69 -64.72 35.85
C TRP D 184 6.86 -64.87 37.35
N GLU D 185 8.11 -64.90 37.83
CA GLU D 185 8.32 -65.18 39.25
C GLU D 185 7.76 -64.06 40.12
N ASP D 186 7.94 -62.80 39.73
CA ASP D 186 7.46 -61.73 40.61
C ASP D 186 5.94 -61.61 40.55
N PHE D 187 5.35 -61.65 39.35
CA PHE D 187 3.91 -61.54 39.24
C PHE D 187 3.18 -62.80 39.70
N ALA D 188 3.90 -63.90 39.93
CA ALA D 188 3.30 -65.09 40.54
C ALA D 188 3.44 -65.11 42.05
N GLU D 189 4.61 -64.73 42.59
CA GLU D 189 4.76 -64.64 44.03
C GLU D 189 3.95 -63.49 44.61
N LYS D 190 3.69 -62.45 43.80
CA LYS D 190 3.03 -61.26 44.34
C LYS D 190 1.64 -61.57 44.85
N TYR D 191 0.87 -62.36 44.12
CA TYR D 191 -0.54 -62.53 44.44
C TYR D 191 -0.90 -63.95 44.85
N ASP D 192 -0.71 -64.95 43.98
CA ASP D 192 -1.31 -66.25 44.27
C ASP D 192 -0.33 -67.31 44.78
N LEU D 193 0.65 -67.68 43.97
CA LEU D 193 1.59 -68.77 44.23
C LEU D 193 2.69 -68.71 43.19
N ASP D 194 3.82 -69.33 43.52
CA ASP D 194 4.95 -69.45 42.59
C ASP D 194 4.94 -70.76 41.84
N ALA D 195 3.77 -71.33 41.58
CA ALA D 195 3.65 -72.59 40.88
C ALA D 195 3.96 -72.37 39.41
N ASP D 196 4.98 -73.06 38.90
CA ASP D 196 5.38 -72.92 37.51
C ASP D 196 4.30 -73.51 36.60
N ASP D 197 4.39 -73.15 35.32
CA ASP D 197 3.46 -73.65 34.31
C ASP D 197 3.54 -75.17 34.18
N ILE D 217 6.21 -66.17 28.30
CA ILE D 217 5.25 -66.72 29.25
C ILE D 217 4.14 -65.72 29.48
N GLN D 218 2.99 -65.95 28.86
CA GLN D 218 1.90 -64.97 28.81
C GLN D 218 0.84 -65.35 29.84
N ILE D 219 0.66 -64.50 30.83
CA ILE D 219 -0.39 -64.67 31.83
C ILE D 219 -1.52 -63.72 31.48
N ALA D 220 -2.69 -63.92 32.10
CA ALA D 220 -3.87 -63.14 31.78
C ALA D 220 -4.59 -62.75 33.06
N GLU D 221 -5.48 -61.76 32.93
CA GLU D 221 -6.39 -61.35 34.00
C GLU D 221 -7.80 -61.31 33.42
N PHE D 222 -8.54 -62.40 33.57
CA PHE D 222 -9.84 -62.54 32.90
C PHE D 222 -10.93 -61.97 33.79
N TYR D 223 -11.26 -60.70 33.57
CA TYR D 223 -12.37 -60.11 34.29
C TYR D 223 -13.69 -60.71 33.82
N GLU D 224 -14.73 -60.57 34.63
CA GLU D 224 -16.00 -61.19 34.32
C GLU D 224 -17.11 -60.48 35.08
N VAL D 225 -18.28 -60.39 34.45
CA VAL D 225 -19.47 -59.82 35.07
C VAL D 225 -20.56 -60.87 34.99
N VAL D 226 -20.99 -61.37 36.14
CA VAL D 226 -22.03 -62.38 36.19
C VAL D 226 -23.32 -61.72 36.64
N GLU D 227 -24.45 -62.23 36.16
CA GLU D 227 -25.74 -61.64 36.43
C GLU D 227 -26.73 -62.74 36.81
N LYS D 228 -27.76 -62.33 37.56
CA LYS D 228 -28.84 -63.21 37.96
C LYS D 228 -30.14 -62.61 37.44
N LYS D 229 -30.79 -63.31 36.52
CA LYS D 229 -32.00 -62.80 35.87
C LYS D 229 -33.16 -63.74 36.18
N GLU D 230 -34.26 -63.17 36.67
CA GLU D 230 -35.45 -63.95 37.00
C GLU D 230 -36.69 -63.23 36.48
N THR D 231 -37.87 -63.66 36.92
CA THR D 231 -39.13 -63.09 36.44
C THR D 231 -39.81 -62.17 37.45
N ALA D 232 -39.87 -62.57 38.71
CA ALA D 232 -40.28 -61.74 39.85
C ALA D 232 -41.77 -61.43 39.89
N PHE D 233 -42.51 -61.70 38.80
CA PHE D 233 -43.96 -61.87 38.80
C PHE D 233 -44.73 -60.97 39.77
N ILE D 234 -44.63 -59.65 39.62
CA ILE D 234 -45.34 -58.77 40.54
C ILE D 234 -46.84 -59.06 40.54
N TYR D 235 -47.41 -59.07 41.74
CA TYR D 235 -48.84 -59.27 41.96
C TYR D 235 -49.39 -58.07 42.71
N GLN D 236 -50.64 -57.71 42.43
CA GLN D 236 -51.25 -56.52 43.01
C GLN D 236 -52.41 -56.89 43.93
N ASP D 237 -52.56 -56.11 45.00
CA ASP D 237 -53.62 -56.27 45.99
C ASP D 237 -54.30 -54.92 46.21
N PRO D 238 -55.36 -54.84 47.04
CA PRO D 238 -55.92 -53.51 47.37
C PRO D 238 -54.87 -52.55 47.91
N VAL D 239 -54.02 -53.03 48.82
CA VAL D 239 -52.88 -52.23 49.25
C VAL D 239 -51.85 -52.17 48.13
N THR D 240 -50.87 -51.29 48.28
CA THR D 240 -49.82 -51.16 47.27
C THR D 240 -49.10 -52.48 47.09
N GLY D 241 -48.76 -52.80 45.85
CA GLY D 241 -48.20 -54.10 45.53
C GLY D 241 -46.78 -54.27 46.04
N GLU D 242 -46.62 -55.07 47.09
CA GLU D 242 -45.30 -55.38 47.61
C GLU D 242 -44.64 -56.45 46.74
N PRO D 243 -43.31 -56.57 46.82
CA PRO D 243 -42.64 -57.61 46.01
C PRO D 243 -43.07 -59.01 46.42
N VAL D 244 -43.81 -59.67 45.54
CA VAL D 244 -44.28 -61.02 45.77
C VAL D 244 -43.89 -61.86 44.57
N SER D 245 -43.70 -63.17 44.82
CA SER D 245 -43.31 -64.12 43.79
C SER D 245 -41.95 -63.74 43.18
N TYR D 246 -40.99 -63.48 44.07
CA TYR D 246 -39.67 -63.06 43.63
C TYR D 246 -39.04 -64.07 42.68
N PHE D 247 -39.31 -65.36 42.89
CA PHE D 247 -38.82 -66.43 42.03
C PHE D 247 -40.00 -67.15 41.41
N LYS D 248 -39.69 -68.15 40.57
CA LYS D 248 -40.72 -69.05 40.09
C LYS D 248 -41.12 -70.07 41.14
N ARG D 249 -40.19 -70.45 42.03
CA ARG D 249 -40.52 -71.40 43.09
C ARG D 249 -41.46 -70.79 44.13
N ASP D 250 -41.34 -69.50 44.40
CA ASP D 250 -42.26 -68.84 45.33
C ASP D 250 -43.69 -68.83 44.79
N ILE D 251 -43.84 -68.80 43.46
CA ILE D 251 -45.18 -68.98 42.86
C ILE D 251 -45.75 -70.34 43.25
N LYS D 252 -44.95 -71.40 43.09
CA LYS D 252 -45.39 -72.73 43.50
C LYS D 252 -45.51 -72.86 45.01
N ASP D 253 -45.00 -71.89 45.77
CA ASP D 253 -45.26 -71.83 47.20
C ASP D 253 -46.54 -71.08 47.55
N VAL D 254 -47.12 -70.35 46.60
CA VAL D 254 -48.34 -69.57 46.86
C VAL D 254 -49.44 -69.96 45.89
N ILE D 255 -49.49 -71.24 45.50
CA ILE D 255 -50.51 -71.71 44.55
C ILE D 255 -51.91 -71.32 45.01
N ASP D 256 -52.14 -71.24 46.31
CA ASP D 256 -53.44 -70.78 46.81
C ASP D 256 -53.51 -69.26 46.86
N ASP D 257 -52.44 -68.60 47.32
CA ASP D 257 -52.46 -67.16 47.48
C ASP D 257 -52.63 -66.43 46.15
N LEU D 258 -52.07 -67.00 45.07
CA LEU D 258 -52.21 -66.36 43.77
C LEU D 258 -53.66 -66.31 43.32
N ALA D 259 -54.46 -67.31 43.70
CA ALA D 259 -55.88 -67.33 43.35
C ALA D 259 -56.75 -66.63 44.39
N ASP D 260 -56.27 -66.47 45.62
CA ASP D 260 -57.04 -65.77 46.64
C ASP D 260 -56.84 -64.26 46.65
N SER D 261 -55.87 -63.75 45.89
CA SER D 261 -55.61 -62.32 45.89
C SER D 261 -56.62 -61.59 45.00
N GLY D 262 -56.64 -60.26 45.13
CA GLY D 262 -57.56 -59.45 44.35
C GLY D 262 -57.25 -59.47 42.86
N PHE D 263 -55.97 -59.38 42.51
CA PHE D 263 -55.52 -59.37 41.12
C PHE D 263 -54.56 -60.52 40.87
N ILE D 264 -54.62 -61.08 39.67
CA ILE D 264 -53.90 -62.32 39.37
C ILE D 264 -52.51 -62.05 38.79
N LYS D 265 -52.36 -61.02 37.97
CA LYS D 265 -51.06 -60.73 37.36
C LYS D 265 -51.12 -59.34 36.75
N ILE D 266 -50.07 -58.55 36.96
CA ILE D 266 -49.98 -57.20 36.43
C ILE D 266 -48.76 -57.03 35.53
N ALA D 267 -47.59 -57.48 35.97
CA ALA D 267 -46.37 -57.30 35.20
C ALA D 267 -45.38 -58.39 35.55
N GLU D 268 -44.35 -58.51 34.70
CA GLU D 268 -43.32 -59.54 34.82
C GLU D 268 -41.94 -58.90 34.85
N ARG D 269 -41.77 -57.91 35.73
CA ARG D 269 -40.49 -57.20 35.82
C ARG D 269 -39.33 -58.15 36.11
N GLN D 270 -38.42 -58.30 35.16
CA GLN D 270 -37.28 -59.20 35.31
C GLN D 270 -36.17 -58.48 36.07
N ILE D 271 -36.19 -58.62 37.40
CA ILE D 271 -35.18 -57.99 38.23
C ILE D 271 -33.83 -58.63 37.98
N LYS D 272 -32.78 -57.81 37.98
CA LYS D 272 -31.43 -58.23 37.66
C LYS D 272 -30.47 -57.73 38.73
N ARG D 273 -29.45 -58.55 39.01
CA ARG D 273 -28.42 -58.19 39.98
C ARG D 273 -27.09 -58.69 39.43
N ARG D 274 -26.07 -57.83 39.43
CA ARG D 274 -24.80 -58.14 38.81
C ARG D 274 -23.65 -57.88 39.77
N ARG D 275 -22.59 -58.67 39.61
CA ARG D 275 -21.38 -58.54 40.41
C ARG D 275 -20.20 -58.97 39.56
N VAL D 276 -19.07 -58.28 39.71
CA VAL D 276 -17.89 -58.53 38.89
C VAL D 276 -17.07 -59.65 39.50
N TYR D 277 -16.39 -60.43 38.66
CA TYR D 277 -15.51 -61.49 39.13
C TYR D 277 -14.24 -61.49 38.29
N LYS D 278 -13.10 -61.70 38.95
CA LYS D 278 -11.78 -61.60 38.33
C LYS D 278 -11.03 -62.90 38.51
N SER D 279 -10.44 -63.40 37.43
CA SER D 279 -9.68 -64.63 37.47
C SER D 279 -8.39 -64.47 36.69
N ILE D 280 -7.31 -65.07 37.20
CA ILE D 280 -5.99 -64.99 36.59
C ILE D 280 -5.70 -66.36 36.01
N ILE D 281 -5.64 -66.45 34.69
CA ILE D 281 -5.45 -67.71 34.00
C ILE D 281 -4.14 -67.69 33.22
N THR D 282 -3.77 -68.85 32.69
CA THR D 282 -2.64 -68.98 31.78
C THR D 282 -3.02 -69.94 30.67
N CYS D 283 -2.34 -69.81 29.53
CA CYS D 283 -2.76 -70.54 28.33
C CYS D 283 -2.65 -72.05 28.54
N THR D 284 -1.48 -72.53 28.95
CA THR D 284 -1.26 -73.96 29.04
C THR D 284 -1.81 -74.53 30.35
N ALA D 285 -1.27 -74.10 31.48
CA ALA D 285 -1.63 -74.68 32.76
C ALA D 285 -3.02 -74.23 33.19
N VAL D 286 -3.49 -74.82 34.28
CA VAL D 286 -4.83 -74.53 34.80
C VAL D 286 -4.84 -73.11 35.36
N LEU D 287 -6.03 -72.56 35.56
CA LEU D 287 -6.15 -71.22 36.10
C LEU D 287 -5.67 -71.19 37.55
N LYS D 288 -5.16 -70.04 37.96
CA LYS D 288 -4.53 -69.91 39.26
C LYS D 288 -5.44 -69.34 40.33
N ASP D 289 -6.34 -68.43 39.97
CA ASP D 289 -7.40 -67.98 40.86
C ASP D 289 -8.73 -68.16 40.17
N LYS D 290 -9.70 -68.76 40.89
CA LYS D 290 -10.96 -69.08 40.24
C LYS D 290 -11.83 -67.83 40.09
N GLN D 291 -12.22 -67.21 41.20
CA GLN D 291 -13.00 -65.98 41.14
C GLN D 291 -12.66 -65.11 42.34
N LEU D 292 -12.68 -63.81 42.12
CA LEU D 292 -12.52 -62.82 43.18
C LEU D 292 -13.40 -61.63 42.83
N ILE D 293 -13.87 -60.92 43.85
CA ILE D 293 -14.76 -59.79 43.65
C ILE D 293 -13.96 -58.50 43.84
N ALA D 294 -14.16 -57.54 42.95
CA ALA D 294 -13.50 -56.23 43.09
C ALA D 294 -14.41 -55.17 42.46
N GLY D 295 -15.24 -54.54 43.29
CA GLY D 295 -16.12 -53.49 42.79
C GLY D 295 -17.44 -53.98 42.25
N GLU D 296 -17.99 -53.31 41.24
CA GLU D 296 -19.26 -53.74 40.66
C GLU D 296 -19.21 -53.85 39.14
N HIS D 297 -18.41 -53.01 38.49
CA HIS D 297 -18.18 -53.09 37.06
C HIS D 297 -16.79 -53.66 36.80
N ILE D 298 -16.49 -53.91 35.53
CA ILE D 298 -15.13 -54.27 35.14
C ILE D 298 -14.31 -52.99 35.07
N PRO D 299 -13.21 -52.89 35.83
CA PRO D 299 -12.53 -51.60 35.97
C PRO D 299 -12.00 -51.02 34.68
N ILE D 300 -11.58 -51.84 33.73
CA ILE D 300 -10.96 -51.32 32.52
C ILE D 300 -11.92 -50.42 31.79
N VAL D 301 -11.49 -49.20 31.49
CA VAL D 301 -12.27 -48.24 30.72
C VAL D 301 -11.51 -47.88 29.46
N PRO D 302 -12.06 -48.10 28.28
CA PRO D 302 -11.32 -47.81 27.05
C PRO D 302 -11.65 -46.46 26.47
N VAL D 303 -10.69 -45.84 25.80
CA VAL D 303 -10.95 -44.68 24.94
C VAL D 303 -10.76 -45.15 23.51
N PHE D 304 -11.52 -44.55 22.60
CA PHE D 304 -11.46 -44.92 21.19
C PHE D 304 -11.32 -43.67 20.34
N GLY D 305 -10.68 -43.82 19.19
CA GLY D 305 -10.59 -42.71 18.27
C GLY D 305 -11.88 -42.61 17.48
N GLU D 306 -11.78 -42.41 16.17
CA GLU D 306 -12.97 -42.53 15.32
C GLU D 306 -13.39 -43.99 15.29
N TRP D 307 -14.47 -44.31 16.00
CA TRP D 307 -14.90 -45.69 16.22
C TRP D 307 -16.28 -45.91 15.65
N GLY D 308 -16.45 -47.01 14.92
CA GLY D 308 -17.74 -47.35 14.36
C GLY D 308 -17.73 -48.77 13.86
N PHE D 309 -18.91 -49.23 13.45
CA PHE D 309 -19.10 -50.58 12.94
C PHE D 309 -19.24 -50.53 11.43
N VAL D 310 -18.48 -51.37 10.73
CA VAL D 310 -18.54 -51.47 9.28
C VAL D 310 -18.66 -52.95 8.93
N GLU D 311 -19.77 -53.32 8.30
CA GLU D 311 -20.05 -54.70 7.92
C GLU D 311 -19.93 -55.62 9.14
N ASP D 312 -20.41 -55.13 10.28
CA ASP D 312 -20.46 -55.88 11.53
C ASP D 312 -19.06 -56.25 12.03
N LYS D 313 -18.11 -55.34 11.86
CA LYS D 313 -16.77 -55.50 12.41
C LYS D 313 -16.39 -54.23 13.13
N GLU D 314 -15.87 -54.36 14.34
CA GLU D 314 -15.37 -53.20 15.08
C GLU D 314 -14.14 -52.64 14.40
N VAL D 315 -14.22 -51.39 13.96
CA VAL D 315 -13.08 -50.71 13.37
C VAL D 315 -12.91 -49.36 14.07
N TYR D 316 -11.71 -49.10 14.56
CA TYR D 316 -11.37 -47.84 15.19
C TYR D 316 -10.09 -47.31 14.55
N GLU D 317 -9.97 -45.99 14.50
CA GLU D 317 -8.81 -45.39 13.85
C GLU D 317 -8.16 -44.35 14.74
N GLY D 318 -7.20 -43.62 14.19
CA GLY D 318 -6.57 -42.54 14.92
C GLY D 318 -6.31 -41.35 14.04
N VAL D 319 -5.18 -40.68 14.22
CA VAL D 319 -4.80 -39.59 13.34
C VAL D 319 -3.45 -39.95 12.75
N VAL D 320 -3.19 -41.25 12.65
CA VAL D 320 -1.88 -41.72 12.20
C VAL D 320 -1.94 -42.48 10.89
N ARG D 321 -3.07 -43.02 10.46
CA ARG D 321 -3.10 -43.74 9.19
C ARG D 321 -2.94 -42.80 8.01
N LEU D 322 -3.70 -41.71 8.02
CA LEU D 322 -3.71 -40.77 6.90
C LEU D 322 -2.36 -40.07 6.80
N THR D 323 -1.91 -39.51 7.91
CA THR D 323 -0.56 -38.97 7.98
C THR D 323 0.47 -40.04 7.71
N LYS D 324 0.13 -41.31 7.92
CA LYS D 324 1.10 -42.37 7.67
C LYS D 324 1.38 -42.50 6.18
N ASP D 325 0.33 -42.52 5.38
CA ASP D 325 0.53 -42.58 3.94
C ASP D 325 1.25 -41.33 3.44
N GLY D 326 0.81 -40.15 3.90
CA GLY D 326 1.49 -38.93 3.49
C GLY D 326 2.95 -38.92 3.91
N GLN D 327 3.24 -39.42 5.10
CA GLN D 327 4.59 -39.43 5.63
C GLN D 327 5.48 -40.40 4.86
N ARG D 328 4.91 -41.52 4.41
CA ARG D 328 5.70 -42.42 3.57
C ARG D 328 6.06 -41.75 2.26
N LEU D 329 5.13 -41.00 1.67
CA LEU D 329 5.49 -40.30 0.44
C LEU D 329 6.58 -39.26 0.69
N ARG D 330 6.48 -38.50 1.78
CA ARG D 330 7.51 -37.50 2.08
C ARG D 330 8.86 -38.15 2.33
N ASN D 331 8.88 -39.27 3.06
CA ASN D 331 10.12 -39.99 3.31
C ASN D 331 10.75 -40.44 2.01
N MET D 332 9.95 -40.99 1.11
CA MET D 332 10.50 -41.45 -0.16
C MET D 332 11.06 -40.29 -0.97
N ILE D 333 10.38 -39.13 -0.97
CA ILE D 333 10.89 -38.00 -1.76
C ILE D 333 12.22 -37.51 -1.21
N MET D 334 12.30 -37.30 0.11
CA MET D 334 13.56 -36.82 0.66
C MET D 334 14.67 -37.87 0.55
N SER D 335 14.33 -39.16 0.67
CA SER D 335 15.35 -40.17 0.48
C SER D 335 15.85 -40.21 -0.96
N PHE D 336 14.96 -39.96 -1.93
CA PHE D 336 15.38 -39.85 -3.31
C PHE D 336 16.36 -38.69 -3.49
N ASN D 337 16.05 -37.54 -2.89
CA ASN D 337 16.99 -36.42 -2.94
C ASN D 337 18.34 -36.80 -2.33
N ALA D 338 18.31 -37.42 -1.16
CA ALA D 338 19.55 -37.77 -0.47
C ALA D 338 20.35 -38.80 -1.26
N ASP D 339 19.67 -39.69 -1.98
CA ASP D 339 20.38 -40.65 -2.81
C ASP D 339 21.01 -39.97 -4.02
N ILE D 340 20.38 -38.93 -4.56
CA ILE D 340 21.05 -38.15 -5.60
C ILE D 340 22.29 -37.48 -5.04
N VAL D 341 22.22 -36.92 -3.83
CA VAL D 341 23.31 -36.08 -3.32
C VAL D 341 24.58 -36.89 -3.11
N ALA D 342 24.48 -38.04 -2.45
CA ALA D 342 25.67 -38.71 -1.95
C ALA D 342 26.47 -39.44 -3.02
N ARG D 343 26.86 -38.73 -4.07
CA ARG D 343 27.81 -39.25 -5.05
C ARG D 343 28.71 -38.10 -5.45
N THR D 344 30.02 -38.36 -5.48
CA THR D 344 30.95 -37.29 -5.78
C THR D 344 30.62 -36.68 -7.13
N PRO D 345 30.48 -35.36 -7.21
CA PRO D 345 30.10 -34.73 -8.48
C PRO D 345 31.11 -34.93 -9.60
N LYS D 346 32.34 -35.35 -9.29
CA LYS D 346 33.33 -35.54 -10.34
C LYS D 346 32.82 -36.54 -11.37
N LYS D 347 32.99 -36.20 -12.63
CA LYS D 347 32.54 -37.09 -13.69
C LYS D 347 33.43 -38.33 -13.75
N LYS D 348 32.81 -39.47 -14.02
CA LYS D 348 33.53 -40.71 -14.25
C LYS D 348 33.56 -40.98 -15.74
N PRO D 349 34.74 -41.05 -16.36
CA PRO D 349 34.81 -41.21 -17.81
C PRO D 349 34.84 -42.67 -18.25
N PHE D 350 34.46 -42.88 -19.51
CA PHE D 350 34.46 -44.19 -20.15
C PHE D 350 35.54 -44.21 -21.22
N PHE D 351 36.56 -45.05 -21.03
CA PHE D 351 37.53 -45.27 -22.10
C PHE D 351 38.24 -46.61 -21.93
N TRP D 352 38.76 -47.10 -23.06
CA TRP D 352 39.37 -48.41 -23.26
C TRP D 352 40.60 -48.57 -22.39
N PRO D 353 40.94 -49.79 -21.97
CA PRO D 353 42.16 -49.97 -21.19
C PRO D 353 43.42 -49.58 -21.93
N GLU D 354 43.47 -49.73 -23.26
CA GLU D 354 44.65 -49.31 -24.01
C GLU D 354 44.63 -47.83 -24.34
N GLN D 355 43.52 -47.15 -24.09
CA GLN D 355 43.49 -45.71 -24.28
C GLN D 355 44.31 -44.97 -23.22
N ILE D 356 44.58 -45.63 -22.10
CA ILE D 356 45.45 -45.07 -21.06
C ILE D 356 46.53 -46.07 -20.68
N ALA D 357 46.95 -46.91 -21.63
CA ALA D 357 47.88 -48.00 -21.37
C ALA D 357 49.00 -47.62 -20.42
N GLY D 358 49.72 -46.54 -20.73
CA GLY D 358 50.78 -46.10 -19.86
C GLY D 358 50.32 -45.13 -18.79
N PHE D 359 49.49 -44.16 -19.17
CA PHE D 359 49.07 -43.09 -18.25
C PHE D 359 47.87 -43.57 -17.44
N GLU D 360 48.16 -44.31 -16.38
CA GLU D 360 47.14 -44.68 -15.41
C GLU D 360 47.29 -43.95 -14.09
N HIS D 361 48.44 -43.31 -13.85
CA HIS D 361 48.64 -42.53 -12.64
C HIS D 361 48.08 -41.13 -12.76
N MET D 362 47.52 -40.77 -13.91
CA MET D 362 46.92 -39.46 -14.12
C MET D 362 45.50 -39.42 -13.61
N TYR D 363 44.72 -40.46 -13.90
CA TYR D 363 43.29 -40.48 -13.59
C TYR D 363 43.04 -41.25 -12.29
N ASP D 364 43.43 -40.63 -11.19
CA ASP D 364 43.18 -41.19 -9.87
C ASP D 364 42.53 -40.23 -8.89
N GLY D 365 42.58 -38.93 -9.15
CA GLY D 365 41.98 -37.97 -8.24
C GLY D 365 42.90 -37.63 -7.08
N ASN D 366 43.97 -38.38 -6.92
CA ASN D 366 44.96 -38.10 -5.88
C ASN D 366 45.90 -36.97 -6.26
N ASP D 367 45.86 -36.52 -7.51
CA ASP D 367 46.67 -35.40 -7.96
C ASP D 367 45.86 -34.59 -8.96
N ASP D 368 46.28 -33.35 -9.18
CA ASP D 368 45.68 -32.49 -10.20
C ASP D 368 46.78 -32.06 -11.16
N TYR D 369 46.70 -32.53 -12.40
CA TYR D 369 47.72 -32.28 -13.40
C TYR D 369 47.27 -31.18 -14.36
N PRO D 370 48.20 -30.49 -15.02
CA PRO D 370 47.82 -29.41 -15.92
C PRO D 370 47.04 -29.88 -17.13
N TYR D 371 47.55 -30.89 -17.84
CA TYR D 371 46.88 -31.46 -18.99
C TYR D 371 46.69 -32.95 -18.79
N TYR D 372 45.79 -33.52 -19.59
CA TYR D 372 45.49 -34.95 -19.52
C TYR D 372 45.90 -35.61 -20.82
N LEU D 373 46.67 -36.69 -20.72
CA LEU D 373 47.24 -37.36 -21.87
C LEU D 373 46.44 -38.60 -22.23
N LEU D 374 46.33 -38.84 -23.54
CA LEU D 374 45.69 -40.03 -24.08
C LEU D 374 46.51 -40.50 -25.26
N ASN D 375 46.79 -41.81 -25.31
CA ASN D 375 47.64 -42.36 -26.36
C ASN D 375 46.84 -42.53 -27.64
N ARG D 376 47.39 -43.28 -28.60
CA ARG D 376 46.95 -43.23 -30.00
C ARG D 376 45.44 -43.23 -30.19
N THR D 377 44.76 -44.29 -29.72
CA THR D 377 43.30 -44.40 -29.83
C THR D 377 42.78 -45.60 -29.06
N PRO D 388 39.03 -37.23 -26.57
CA PRO D 388 37.96 -38.10 -27.07
C PRO D 388 37.58 -39.18 -26.06
N LEU D 389 36.41 -39.06 -25.47
CA LEU D 389 35.94 -39.99 -24.44
C LEU D 389 34.52 -39.61 -24.03
N ALA D 390 33.84 -40.53 -23.35
CA ALA D 390 32.46 -40.34 -22.91
C ALA D 390 32.38 -40.50 -21.41
N TYR D 391 31.36 -39.88 -20.80
CA TYR D 391 31.25 -39.80 -19.36
C TYR D 391 30.06 -40.60 -18.84
N TYR D 392 30.06 -40.83 -17.53
CA TYR D 392 29.01 -41.56 -16.83
C TYR D 392 28.02 -40.55 -16.26
N GLU D 393 26.78 -40.62 -16.71
CA GLU D 393 25.80 -39.59 -16.38
C GLU D 393 25.34 -39.74 -14.94
N ASN D 394 25.73 -38.79 -14.09
CA ASN D 394 25.22 -38.75 -12.74
C ASN D 394 23.74 -38.37 -12.76
N PRO D 395 22.98 -38.80 -11.78
CA PRO D 395 21.56 -38.44 -11.73
C PRO D 395 21.37 -36.95 -11.52
N GLU D 396 20.23 -36.45 -11.97
CA GLU D 396 19.90 -35.04 -11.82
C GLU D 396 18.63 -34.91 -10.99
N VAL D 397 18.60 -33.90 -10.14
CA VAL D 397 17.41 -33.63 -9.33
C VAL D 397 16.31 -33.11 -10.24
N PRO D 398 15.12 -33.72 -10.24
CA PRO D 398 14.10 -33.32 -11.24
C PRO D 398 13.62 -31.90 -11.08
N GLN D 399 13.69 -31.33 -9.87
CA GLN D 399 13.30 -29.95 -9.59
C GLN D 399 11.78 -29.83 -9.71
N ALA D 400 11.13 -30.90 -10.14
CA ALA D 400 9.69 -31.02 -10.02
C ALA D 400 9.28 -31.57 -8.67
N ASN D 401 10.24 -31.98 -7.84
CA ASN D 401 9.93 -32.50 -6.52
C ASN D 401 9.54 -31.41 -5.55
N ALA D 402 9.71 -30.13 -5.88
CA ALA D 402 9.31 -29.08 -4.97
C ALA D 402 7.83 -29.21 -4.63
N TYR D 403 6.98 -29.26 -5.65
CA TYR D 403 5.56 -29.38 -5.38
C TYR D 403 5.19 -30.75 -4.86
N MET D 404 5.95 -31.78 -5.24
CA MET D 404 5.67 -33.12 -4.73
C MET D 404 5.81 -33.16 -3.22
N LEU D 405 6.97 -32.69 -2.74
CA LEU D 405 7.22 -32.64 -1.31
C LEU D 405 6.24 -31.71 -0.61
N GLU D 406 5.93 -30.57 -1.22
CA GLU D 406 5.00 -29.65 -0.55
C GLU D 406 3.61 -30.25 -0.45
N ALA D 407 3.16 -30.95 -1.49
CA ALA D 407 1.86 -31.60 -1.43
C ALA D 407 1.83 -32.68 -0.36
N ALA D 408 2.88 -33.50 -0.28
CA ALA D 408 2.89 -34.56 0.73
C ALA D 408 2.91 -33.98 2.14
N THR D 409 3.79 -33.01 2.40
CA THR D 409 3.88 -32.42 3.73
C THR D 409 2.59 -31.70 4.11
N SER D 410 2.03 -30.92 3.19
CA SER D 410 0.79 -30.23 3.50
C SER D 410 -0.34 -31.21 3.72
N ALA D 411 -0.36 -32.33 2.98
CA ALA D 411 -1.35 -33.36 3.24
C ALA D 411 -1.24 -33.88 4.66
N VAL D 412 -0.02 -34.22 5.09
CA VAL D 412 0.14 -34.74 6.44
C VAL D 412 -0.29 -33.70 7.47
N LYS D 413 0.04 -32.44 7.24
CA LYS D 413 -0.20 -31.41 8.25
C LYS D 413 -1.63 -30.86 8.24
N GLU D 414 -2.42 -31.11 7.19
CA GLU D 414 -3.79 -30.60 7.26
C GLU D 414 -4.84 -31.69 7.28
N VAL D 415 -4.61 -32.81 6.58
CA VAL D 415 -5.56 -33.93 6.63
C VAL D 415 -5.73 -34.39 8.07
N ALA D 416 -4.65 -34.38 8.83
CA ALA D 416 -4.73 -34.74 10.24
C ALA D 416 -5.56 -33.73 11.02
N THR D 417 -5.14 -32.47 11.03
CA THR D 417 -5.81 -31.44 11.80
C THR D 417 -6.03 -30.21 10.93
N LEU D 418 -7.13 -29.50 11.22
CA LEU D 418 -7.55 -28.30 10.49
C LEU D 418 -7.35 -28.40 8.98
N ASP D 443 -13.93 -25.96 15.28
CA ASP D 443 -13.33 -27.04 16.05
C ASP D 443 -12.80 -26.54 17.39
N LEU D 444 -11.58 -26.00 17.37
CA LEU D 444 -10.83 -25.57 18.55
C LEU D 444 -10.46 -26.78 19.40
N GLU D 445 -10.93 -27.95 18.98
CA GLU D 445 -10.64 -29.26 19.54
C GLU D 445 -11.27 -30.28 18.61
N THR D 446 -10.54 -31.36 18.33
CA THR D 446 -11.08 -32.35 17.41
C THR D 446 -12.30 -32.97 18.07
N TYR D 447 -13.48 -32.57 17.61
CA TYR D 447 -14.71 -32.86 18.33
C TYR D 447 -14.93 -34.35 18.51
N VAL D 448 -14.54 -35.16 17.52
CA VAL D 448 -14.76 -36.60 17.63
C VAL D 448 -13.89 -37.19 18.74
N PHE D 449 -12.62 -36.81 18.79
CA PHE D 449 -11.74 -37.31 19.82
C PHE D 449 -12.15 -36.79 21.20
N GLN D 450 -12.55 -35.53 21.29
CA GLN D 450 -12.98 -34.98 22.57
C GLN D 450 -14.25 -35.64 23.06
N ASP D 451 -15.22 -35.86 22.18
CA ASP D 451 -16.44 -36.55 22.58
C ASP D 451 -16.15 -37.98 23.00
N ASN D 452 -15.25 -38.68 22.30
CA ASN D 452 -14.90 -40.03 22.68
C ASN D 452 -14.23 -40.06 24.06
N LEU D 453 -13.33 -39.12 24.31
CA LEU D 453 -12.71 -39.04 25.62
C LEU D 453 -13.75 -38.71 26.69
N ALA D 454 -14.73 -37.87 26.36
CA ALA D 454 -15.77 -37.56 27.33
C ALA D 454 -16.61 -38.79 27.66
N THR D 455 -16.96 -39.58 26.66
CA THR D 455 -17.75 -40.78 26.91
C THR D 455 -16.95 -41.78 27.75
N ALA D 456 -15.67 -41.95 27.43
CA ALA D 456 -14.85 -42.84 28.23
C ALA D 456 -14.68 -42.33 29.66
N MET D 457 -14.54 -41.02 29.84
CA MET D 457 -14.44 -40.47 31.19
C MET D 457 -15.75 -40.64 31.95
N ARG D 458 -16.89 -40.59 31.27
CA ARG D 458 -18.15 -40.90 31.94
C ARG D 458 -18.19 -42.35 32.40
N ARG D 459 -17.70 -43.27 31.56
CA ARG D 459 -17.59 -44.65 32.02
C ARG D 459 -16.67 -44.75 33.23
N ASP D 460 -15.56 -44.03 33.20
CA ASP D 460 -14.68 -43.98 34.37
C ASP D 460 -15.41 -43.48 35.59
N GLY D 461 -16.27 -42.49 35.41
CA GLY D 461 -17.06 -42.00 36.51
C GLY D 461 -17.98 -43.06 37.09
N GLU D 462 -18.63 -43.83 36.21
CA GLU D 462 -19.52 -44.87 36.70
C GLU D 462 -18.74 -45.93 37.47
N ILE D 463 -17.59 -46.36 36.95
CA ILE D 463 -16.80 -47.37 37.65
C ILE D 463 -16.32 -46.83 38.99
N TYR D 464 -15.83 -45.59 39.00
CA TYR D 464 -15.34 -45.00 40.23
C TYR D 464 -16.45 -44.87 41.25
N GLN D 465 -17.66 -44.50 40.82
CA GLN D 465 -18.75 -44.37 41.76
C GLN D 465 -19.17 -45.71 42.31
N SER D 466 -19.19 -46.76 41.48
CA SER D 466 -19.52 -48.08 42.01
C SER D 466 -18.51 -48.53 43.04
N ILE D 467 -17.22 -48.29 42.76
CA ILE D 467 -16.20 -48.71 43.73
C ILE D 467 -16.28 -47.87 45.00
N VAL D 468 -16.55 -46.57 44.87
CA VAL D 468 -16.73 -45.75 46.05
C VAL D 468 -17.90 -46.23 46.89
N ASN D 469 -19.00 -46.60 46.23
CA ASN D 469 -20.15 -47.11 46.94
C ASN D 469 -19.82 -48.40 47.68
N ASP D 470 -19.04 -49.28 47.08
CA ASP D 470 -18.78 -50.58 47.68
C ASP D 470 -17.52 -50.62 48.54
N ILE D 471 -16.78 -49.51 48.68
CA ILE D 471 -15.57 -49.45 49.48
C ILE D 471 -15.71 -48.48 50.65
N TYR D 472 -16.15 -47.25 50.36
CA TYR D 472 -16.20 -46.22 51.39
C TYR D 472 -17.37 -46.45 52.33
N ASP D 473 -17.31 -47.51 53.13
CA ASP D 473 -18.37 -47.85 54.07
C ASP D 473 -18.00 -47.49 55.50
N VAL D 474 -16.86 -47.97 55.97
CA VAL D 474 -16.40 -47.71 57.34
C VAL D 474 -16.18 -46.21 57.48
N PRO D 475 -16.57 -45.60 58.61
CA PRO D 475 -16.27 -44.18 58.82
C PRO D 475 -14.82 -43.84 58.53
N ARG D 476 -14.59 -43.02 57.51
CA ARG D 476 -13.25 -42.62 57.13
C ARG D 476 -13.16 -41.10 57.12
N ASN D 477 -11.94 -40.61 56.91
CA ASN D 477 -11.70 -39.20 56.65
C ASN D 477 -11.13 -39.06 55.25
N VAL D 478 -11.71 -38.17 54.46
CA VAL D 478 -11.31 -37.98 53.07
C VAL D 478 -10.94 -36.52 52.87
N THR D 479 -10.19 -36.28 51.79
CA THR D 479 -9.88 -34.93 51.34
C THR D 479 -10.68 -34.66 50.07
N ILE D 480 -11.32 -33.50 50.03
CA ILE D 480 -12.18 -33.11 48.93
C ILE D 480 -11.56 -31.90 48.24
N THR D 481 -11.49 -31.95 46.92
CA THR D 481 -11.02 -30.80 46.14
C THR D 481 -12.26 -30.16 45.53
N LEU D 482 -12.86 -29.23 46.27
CA LEU D 482 -13.93 -28.43 45.70
C LEU D 482 -13.40 -27.64 44.51
N GLU D 483 -14.31 -27.05 43.75
CA GLU D 483 -13.91 -26.38 42.54
C GLU D 483 -13.05 -25.16 42.90
N ASP D 484 -12.22 -24.75 41.95
CA ASP D 484 -11.24 -23.67 42.11
C ASP D 484 -10.11 -24.11 43.05
N GLY D 485 -9.75 -25.39 43.02
CA GLY D 485 -8.63 -25.91 43.78
C GLY D 485 -8.72 -25.74 45.29
N SER D 486 -9.85 -25.26 45.81
CA SER D 486 -9.98 -24.99 47.23
C SER D 486 -10.01 -26.32 47.98
N GLU D 487 -8.86 -26.72 48.50
CA GLU D 487 -8.76 -27.99 49.22
C GLU D 487 -9.63 -27.95 50.46
N LYS D 488 -10.07 -29.14 50.89
CA LYS D 488 -10.94 -29.20 52.06
C LYS D 488 -10.85 -30.58 52.67
N ASP D 489 -10.99 -30.64 53.99
CA ASP D 489 -11.04 -31.88 54.75
C ASP D 489 -12.46 -32.15 55.19
N VAL D 490 -12.94 -33.37 54.98
CA VAL D 490 -14.32 -33.73 55.29
C VAL D 490 -14.35 -35.16 55.82
N GLN D 491 -15.15 -35.39 56.85
CA GLN D 491 -15.41 -36.74 57.33
C GLN D 491 -16.63 -37.31 56.61
N LEU D 492 -16.62 -38.63 56.40
CA LEU D 492 -17.65 -39.23 55.57
C LEU D 492 -18.94 -39.51 56.34
N MET D 493 -18.85 -40.27 57.42
CA MET D 493 -20.08 -40.59 58.16
C MET D 493 -20.52 -39.42 59.03
N ALA D 494 -19.65 -38.96 59.93
CA ALA D 494 -19.94 -37.83 60.82
C ALA D 494 -21.18 -38.13 61.67
N GLU D 495 -21.02 -39.15 62.52
CA GLU D 495 -22.11 -39.73 63.30
C GLU D 495 -22.72 -38.77 64.31
N VAL D 496 -22.28 -37.51 64.37
CA VAL D 496 -22.76 -36.57 65.37
C VAL D 496 -24.28 -36.51 65.35
N VAL D 497 -24.87 -36.54 66.55
CA VAL D 497 -26.32 -36.47 66.73
C VAL D 497 -26.73 -35.01 66.75
N ASP D 498 -27.91 -34.73 66.21
CA ASP D 498 -28.37 -33.36 66.06
C ASP D 498 -28.62 -32.70 67.41
N LEU D 499 -28.67 -31.37 67.39
CA LEU D 499 -28.93 -30.59 68.60
C LEU D 499 -30.41 -30.28 68.77
N ALA D 500 -31.00 -29.59 67.80
CA ALA D 500 -32.39 -29.16 67.88
C ALA D 500 -33.36 -30.12 67.21
N THR D 501 -32.87 -31.21 66.62
CA THR D 501 -33.72 -32.17 65.92
C THR D 501 -34.03 -33.40 66.77
N GLY D 502 -32.99 -34.08 67.26
CA GLY D 502 -33.15 -35.25 68.09
C GLY D 502 -32.98 -36.58 67.37
N GLU D 503 -32.68 -36.57 66.07
CA GLU D 503 -32.46 -37.78 65.30
C GLU D 503 -30.97 -37.98 65.07
N LYS D 504 -30.63 -39.15 64.51
CA LYS D 504 -29.23 -39.47 64.26
C LYS D 504 -28.67 -38.62 63.13
N GLN D 505 -29.22 -38.78 61.93
CA GLN D 505 -28.93 -37.91 60.78
C GLN D 505 -27.44 -37.89 60.47
N VAL D 506 -26.94 -39.03 60.00
CA VAL D 506 -25.58 -39.10 59.48
C VAL D 506 -25.44 -38.07 58.37
N LEU D 507 -24.29 -37.39 58.34
CA LEU D 507 -24.19 -36.16 57.57
C LEU D 507 -24.07 -36.43 56.08
N ASN D 508 -22.99 -37.09 55.65
CA ASN D 508 -22.71 -37.21 54.23
C ASN D 508 -23.23 -38.54 53.64
N ASP D 509 -22.74 -39.67 54.14
CA ASP D 509 -23.24 -40.98 53.74
C ASP D 509 -23.22 -41.15 52.22
N ILE D 510 -22.00 -41.19 51.68
CA ILE D 510 -21.78 -41.22 50.24
C ILE D 510 -22.56 -42.36 49.58
N ARG D 511 -22.65 -43.50 50.24
CA ARG D 511 -23.31 -44.66 49.66
C ARG D 511 -24.70 -44.32 49.15
N GLY D 512 -24.94 -44.63 47.88
CA GLY D 512 -26.23 -44.33 47.25
C GLY D 512 -26.34 -44.92 45.86
N ARG D 513 -26.90 -44.15 44.93
CA ARG D 513 -27.02 -44.59 43.55
C ARG D 513 -26.98 -43.36 42.66
N TYR D 514 -25.84 -43.11 42.03
CA TYR D 514 -25.64 -41.91 41.23
C TYR D 514 -25.29 -42.29 39.80
N GLU D 515 -25.70 -41.47 38.85
CA GLU D 515 -25.32 -41.61 37.46
C GLU D 515 -24.50 -40.40 37.05
N CYS D 516 -23.49 -40.63 36.21
CA CYS D 516 -22.55 -39.58 35.86
C CYS D 516 -22.96 -38.89 34.57
N TYR D 517 -22.67 -37.60 34.49
CA TYR D 517 -22.88 -36.85 33.26
C TYR D 517 -21.84 -35.74 33.19
N THR D 518 -21.16 -35.62 32.06
CA THR D 518 -20.06 -34.70 31.91
C THR D 518 -20.48 -33.44 31.17
N ASP D 519 -19.88 -32.32 31.53
CA ASP D 519 -20.14 -31.02 30.90
C ASP D 519 -18.84 -30.54 30.27
N VAL D 520 -18.56 -31.00 29.05
CA VAL D 520 -17.39 -30.54 28.33
C VAL D 520 -17.64 -29.13 27.81
N GLY D 521 -16.68 -28.24 28.01
CA GLY D 521 -16.81 -26.89 27.55
C GLY D 521 -15.89 -25.91 28.25
N PRO D 522 -16.46 -24.80 28.72
CA PRO D 522 -15.62 -23.75 29.33
C PRO D 522 -15.01 -24.22 30.64
N SER D 523 -13.68 -24.21 30.69
CA SER D 523 -12.98 -24.53 31.93
C SER D 523 -13.22 -23.43 32.95
N PHE D 524 -13.04 -23.79 34.22
CA PHE D 524 -13.35 -22.85 35.30
C PHE D 524 -12.49 -21.59 35.21
N GLN D 525 -11.19 -21.76 34.93
CA GLN D 525 -10.33 -20.59 34.78
C GLN D 525 -10.78 -19.74 33.60
N SER D 526 -11.18 -20.38 32.50
CA SER D 526 -11.71 -19.61 31.37
C SER D 526 -13.00 -18.90 31.75
N MET D 527 -13.86 -19.56 32.52
CA MET D 527 -15.07 -18.92 32.99
C MET D 527 -14.74 -17.68 33.82
N LYS D 528 -13.76 -17.79 34.72
CA LYS D 528 -13.40 -16.66 35.56
C LYS D 528 -12.80 -15.53 34.73
N GLN D 529 -11.96 -15.87 33.76
CA GLN D 529 -11.37 -14.81 32.92
C GLN D 529 -12.44 -14.09 32.12
N GLN D 530 -13.41 -14.83 31.57
CA GLN D 530 -14.49 -14.18 30.84
C GLN D 530 -15.33 -13.32 31.77
N ASN D 531 -15.56 -13.80 33.00
CA ASN D 531 -16.30 -13.00 33.98
C ASN D 531 -15.58 -11.70 34.29
N ARG D 532 -14.27 -11.76 34.49
CA ARG D 532 -13.50 -10.55 34.75
C ARG D 532 -13.56 -9.61 33.56
N ALA D 533 -13.50 -10.14 32.34
CA ALA D 533 -13.60 -9.29 31.16
C ALA D 533 -14.95 -8.57 31.11
N GLU D 534 -16.02 -9.30 31.40
CA GLU D 534 -17.35 -8.69 31.37
C GLU D 534 -17.51 -7.63 32.45
N ILE D 535 -17.02 -7.91 33.66
CA ILE D 535 -17.12 -6.94 34.74
C ILE D 535 -16.30 -5.70 34.41
N LEU D 536 -15.11 -5.88 33.82
CA LEU D 536 -14.30 -4.74 33.43
C LEU D 536 -15.00 -3.91 32.37
N GLU D 537 -15.67 -4.57 31.42
CA GLU D 537 -16.42 -3.84 30.41
C GLU D 537 -17.52 -3.00 31.04
N LEU D 538 -18.27 -3.59 31.98
CA LEU D 538 -19.31 -2.83 32.66
C LEU D 538 -18.71 -1.65 33.42
N LEU D 539 -17.58 -1.86 34.10
CA LEU D 539 -16.92 -0.75 34.76
C LEU D 539 -16.57 0.34 33.78
N GLY D 540 -16.23 -0.03 32.55
CA GLY D 540 -16.00 0.97 31.52
C GLY D 540 -17.27 1.66 31.06
N LYS D 541 -18.41 1.00 31.21
CA LYS D 541 -19.68 1.54 30.70
C LYS D 541 -20.71 1.76 31.80
N THR D 542 -20.30 2.37 32.91
CA THR D 542 -21.22 2.64 34.01
C THR D 542 -20.81 3.94 34.70
N PRO D 543 -21.75 4.84 34.96
CA PRO D 543 -21.39 6.07 35.68
C PRO D 543 -20.91 5.76 37.09
N GLN D 544 -19.99 6.60 37.57
CA GLN D 544 -19.29 6.36 38.82
C GLN D 544 -20.14 6.81 40.01
N GLY D 545 -19.69 6.42 41.20
CA GLY D 545 -20.33 6.84 42.42
C GLY D 545 -21.53 6.01 42.82
N THR D 546 -22.32 5.58 41.83
CA THR D 546 -23.53 4.83 42.13
C THR D 546 -23.16 3.49 42.77
N PRO D 547 -24.03 2.94 43.62
CA PRO D 547 -23.71 1.66 44.27
C PRO D 547 -23.49 0.52 43.29
N GLU D 548 -24.06 0.59 42.09
CA GLU D 548 -23.78 -0.43 41.09
C GLU D 548 -22.32 -0.44 40.69
N TYR D 549 -21.74 0.74 40.48
CA TYR D 549 -20.33 0.81 40.10
C TYR D 549 -19.44 0.30 41.23
N GLN D 550 -19.75 0.66 42.47
CA GLN D 550 -18.97 0.16 43.59
C GLN D 550 -19.09 -1.35 43.70
N LEU D 551 -20.30 -1.89 43.53
CA LEU D 551 -20.47 -3.33 43.60
C LEU D 551 -19.69 -4.03 42.51
N LEU D 552 -19.70 -3.49 41.30
CA LEU D 552 -18.94 -4.07 40.20
C LEU D 552 -17.44 -4.04 40.50
N LEU D 553 -16.95 -2.93 41.04
CA LEU D 553 -15.52 -2.84 41.34
C LEU D 553 -15.12 -3.85 42.41
N LEU D 554 -15.93 -3.98 43.46
CA LEU D 554 -15.62 -4.96 44.50
C LEU D 554 -15.70 -6.39 43.97
N GLN D 555 -16.67 -6.67 43.08
CA GLN D 555 -16.73 -8.03 42.55
C GLN D 555 -15.56 -8.30 41.62
N TYR D 556 -15.06 -7.27 40.92
CA TYR D 556 -13.82 -7.45 40.18
C TYR D 556 -12.66 -7.75 41.12
N PHE D 557 -12.61 -7.05 42.25
CA PHE D 557 -11.55 -7.31 43.22
C PHE D 557 -11.59 -8.76 43.70
N THR D 558 -12.79 -9.26 44.02
CA THR D 558 -12.86 -10.60 44.59
C THR D 558 -12.61 -11.69 43.56
N LEU D 559 -12.49 -11.32 42.29
CA LEU D 559 -12.21 -12.27 41.23
C LEU D 559 -10.74 -12.26 40.80
N LEU D 560 -9.86 -11.65 41.57
CA LEU D 560 -8.46 -11.54 41.16
C LEU D 560 -7.74 -12.85 41.43
N ASP D 561 -6.42 -12.83 41.30
CA ASP D 561 -5.58 -14.01 41.47
C ASP D 561 -5.18 -14.15 42.94
N GLY D 562 -4.18 -14.97 43.22
CA GLY D 562 -3.90 -15.39 44.59
C GLY D 562 -2.96 -14.51 45.39
N LYS D 563 -1.72 -15.00 45.59
CA LYS D 563 -0.84 -14.47 46.63
C LYS D 563 -0.62 -12.97 46.53
N GLY D 564 -0.43 -12.46 45.32
CA GLY D 564 -0.04 -11.07 45.14
C GLY D 564 -1.03 -10.05 45.69
N VAL D 565 -2.32 -10.24 45.42
CA VAL D 565 -3.31 -9.22 45.71
C VAL D 565 -4.30 -9.72 46.74
N GLU D 566 -3.85 -10.62 47.62
CA GLU D 566 -4.73 -11.19 48.64
C GLU D 566 -5.36 -10.10 49.49
N MET D 567 -4.61 -9.03 49.77
CA MET D 567 -5.11 -8.00 50.68
C MET D 567 -6.30 -7.25 50.08
N MET D 568 -6.26 -6.95 48.78
CA MET D 568 -7.44 -6.31 48.18
C MET D 568 -8.63 -7.25 48.14
N ARG D 569 -8.40 -8.54 47.90
CA ARG D 569 -9.52 -9.48 47.90
C ARG D 569 -10.17 -9.56 49.27
N ASP D 570 -9.36 -9.58 50.33
CA ASP D 570 -9.91 -9.60 51.68
C ASP D 570 -10.65 -8.32 51.99
N TYR D 571 -10.11 -7.17 51.58
CA TYR D 571 -10.81 -5.90 51.77
C TYR D 571 -12.13 -5.90 51.02
N ALA D 572 -12.15 -6.44 49.81
CA ALA D 572 -13.38 -6.50 49.04
C ALA D 572 -14.42 -7.37 49.72
N ASN D 573 -14.01 -8.52 50.25
CA ASN D 573 -14.95 -9.35 50.99
C ASN D 573 -15.50 -8.61 52.20
N LYS D 574 -14.64 -7.88 52.92
CA LYS D 574 -15.12 -7.14 54.08
C LYS D 574 -16.13 -6.08 53.69
N GLN D 575 -15.84 -5.32 52.63
CA GLN D 575 -16.76 -4.29 52.18
C GLN D 575 -18.07 -4.87 51.66
N LEU D 576 -18.00 -6.00 50.94
CA LEU D 576 -19.21 -6.64 50.45
C LEU D 576 -20.08 -7.12 51.59
N ILE D 577 -19.46 -7.74 52.61
CA ILE D 577 -20.24 -8.28 53.72
C ILE D 577 -20.83 -7.15 54.55
N GLN D 578 -20.06 -6.09 54.79
CA GLN D 578 -20.58 -4.95 55.52
C GLN D 578 -21.62 -4.17 54.72
N MET D 579 -21.59 -4.27 53.38
CA MET D 579 -22.62 -3.66 52.56
C MET D 579 -23.93 -4.43 52.63
N GLY D 580 -23.86 -5.74 52.87
CA GLY D 580 -25.04 -6.58 52.94
C GLY D 580 -25.34 -7.35 51.67
N VAL D 581 -24.47 -7.28 50.66
CA VAL D 581 -24.72 -7.96 49.40
C VAL D 581 -24.29 -9.42 49.48
N LYS D 582 -23.07 -9.66 49.92
CA LYS D 582 -22.57 -11.01 50.10
C LYS D 582 -22.86 -11.51 51.50
N LYS D 583 -23.41 -12.71 51.59
CA LYS D 583 -23.76 -13.27 52.89
C LYS D 583 -22.51 -13.60 53.69
N PRO D 584 -22.56 -13.43 55.01
CA PRO D 584 -21.42 -13.82 55.85
C PRO D 584 -21.24 -15.32 55.89
N GLU D 585 -20.00 -15.75 56.09
CA GLU D 585 -19.68 -17.18 56.13
C GLU D 585 -18.93 -17.61 57.38
N THR D 586 -18.69 -16.71 58.33
CA THR D 586 -17.96 -17.03 59.55
C THR D 586 -18.25 -15.95 60.57
N PRO D 587 -18.21 -16.28 61.88
CA PRO D 587 -18.67 -15.31 62.89
C PRO D 587 -17.93 -13.99 62.91
N GLU D 588 -16.66 -13.94 62.50
CA GLU D 588 -15.98 -12.65 62.43
C GLU D 588 -16.65 -11.76 61.39
N GLU D 589 -17.05 -12.34 60.25
CA GLU D 589 -17.78 -11.58 59.26
C GLU D 589 -19.14 -11.12 59.80
N GLN D 590 -19.78 -11.96 60.61
CA GLN D 590 -21.04 -11.55 61.23
C GLN D 590 -20.83 -10.36 62.17
N GLN D 591 -19.75 -10.39 62.95
CA GLN D 591 -19.44 -9.26 63.81
C GLN D 591 -19.17 -8.01 62.98
N TRP D 592 -18.47 -8.16 61.86
CA TRP D 592 -18.24 -7.02 60.98
C TRP D 592 -19.55 -6.47 60.45
N LEU D 593 -20.46 -7.35 60.05
CA LEU D 593 -21.75 -6.92 59.52
C LEU D 593 -22.55 -6.15 60.55
N VAL D 594 -22.62 -6.67 61.78
CA VAL D 594 -23.39 -5.98 62.81
C VAL D 594 -22.71 -4.68 63.21
N GLU D 595 -21.37 -4.65 63.23
CA GLU D 595 -20.67 -3.40 63.52
C GLU D 595 -20.98 -2.34 62.48
N ALA D 596 -20.97 -2.72 61.20
CA ALA D 596 -21.29 -1.76 60.14
C ALA D 596 -22.74 -1.30 60.22
N GLN D 597 -23.65 -2.23 60.48
CA GLN D 597 -25.07 -1.90 60.48
C GLN D 597 -25.42 -0.99 61.65
N GLN D 598 -24.99 -1.35 62.85
CA GLN D 598 -25.31 -0.55 64.03
C GLN D 598 -24.55 0.77 64.08
N ALA D 599 -23.53 0.95 63.23
CA ALA D 599 -22.75 2.17 63.21
C ALA D 599 -23.60 3.37 62.81
N ASN E 6 27.21 -66.62 46.74
CA ASN E 6 26.06 -66.82 45.87
C ASN E 6 25.30 -65.52 45.66
N ARG E 7 25.45 -64.59 46.60
CA ARG E 7 24.79 -63.30 46.48
C ARG E 7 25.24 -62.57 45.22
N LEU E 8 26.53 -62.63 44.92
CA LEU E 8 27.06 -61.97 43.73
C LEU E 8 26.40 -62.52 42.48
N GLU E 9 26.18 -63.83 42.41
CA GLU E 9 25.58 -64.40 41.21
C GLU E 9 24.14 -63.94 41.04
N SER E 10 23.39 -63.81 42.14
CA SER E 10 22.04 -63.24 42.04
C SER E 10 22.09 -61.80 41.56
N ILE E 11 23.00 -61.00 42.13
CA ILE E 11 23.11 -59.60 41.72
C ILE E 11 23.42 -59.49 40.23
N LEU E 12 24.40 -60.27 39.77
CA LEU E 12 24.77 -60.19 38.36
C LEU E 12 23.71 -60.77 37.46
N SER E 13 22.95 -61.76 37.92
CA SER E 13 21.83 -62.25 37.12
C SER E 13 20.81 -61.13 36.91
N ARG E 14 20.46 -60.42 37.97
CA ARG E 14 19.51 -59.32 37.83
C ARG E 14 20.07 -58.22 36.93
N PHE E 15 21.34 -57.87 37.11
CA PHE E 15 21.94 -56.80 36.32
C PHE E 15 22.03 -57.18 34.85
N ASP E 16 22.42 -58.42 34.56
CA ASP E 16 22.51 -58.85 33.17
C ASP E 16 21.13 -58.90 32.53
N ALA E 17 20.11 -59.33 33.27
CA ALA E 17 18.75 -59.32 32.72
C ALA E 17 18.33 -57.91 32.38
N ASP E 18 18.57 -56.95 33.27
CA ASP E 18 18.21 -55.57 33.00
C ASP E 18 18.97 -55.02 31.80
N TRP E 19 20.28 -55.32 31.72
CA TRP E 19 21.10 -54.83 30.64
C TRP E 19 20.62 -55.35 29.29
N THR E 20 20.42 -56.67 29.19
CA THR E 20 19.98 -57.23 27.92
C THR E 20 18.56 -56.80 27.58
N ALA E 21 17.73 -56.53 28.58
CA ALA E 21 16.38 -56.06 28.28
C ALA E 21 16.38 -54.64 27.74
N SER E 22 17.26 -53.77 28.23
CA SER E 22 17.29 -52.39 27.78
C SER E 22 18.38 -52.13 26.74
N ASP E 23 18.99 -53.18 26.20
CA ASP E 23 20.10 -53.00 25.26
C ASP E 23 19.70 -52.18 24.03
N GLU E 24 18.55 -52.46 23.44
CA GLU E 24 18.19 -51.76 22.20
C GLU E 24 18.00 -50.27 22.45
N ALA E 25 17.25 -49.92 23.49
CA ALA E 25 17.03 -48.52 23.81
C ALA E 25 18.32 -47.82 24.18
N ARG E 26 19.19 -48.50 24.94
CA ARG E 26 20.46 -47.88 25.29
C ARG E 26 21.34 -47.67 24.07
N ARG E 27 21.34 -48.62 23.14
CA ARG E 27 22.10 -48.45 21.90
C ARG E 27 21.64 -47.23 21.14
N GLU E 28 20.33 -47.13 20.91
CA GLU E 28 19.84 -46.00 20.13
C GLU E 28 20.07 -44.67 20.85
N ALA E 29 19.92 -44.65 22.18
CA ALA E 29 20.15 -43.41 22.91
C ALA E 29 21.62 -43.00 22.88
N LYS E 30 22.54 -43.98 23.01
CA LYS E 30 23.95 -43.65 22.90
C LYS E 30 24.29 -43.12 21.52
N ASN E 31 23.70 -43.70 20.48
CA ASN E 31 23.94 -43.17 19.15
C ASN E 31 23.41 -41.76 19.02
N ASP E 32 22.24 -41.48 19.60
CA ASP E 32 21.69 -40.13 19.59
C ASP E 32 22.63 -39.14 20.26
N LEU E 33 23.10 -39.49 21.46
CA LEU E 33 23.97 -38.60 22.21
C LEU E 33 25.28 -38.37 21.46
N PHE E 34 25.85 -39.43 20.89
CA PHE E 34 27.09 -39.29 20.15
C PHE E 34 26.90 -38.45 18.90
N PHE E 35 25.75 -38.56 18.25
CA PHE E 35 25.46 -37.71 17.11
C PHE E 35 25.33 -36.25 17.52
N SER E 36 24.74 -35.99 18.68
CA SER E 36 24.49 -34.62 19.10
C SER E 36 25.64 -34.00 19.87
N ARG E 37 26.74 -34.70 20.06
CA ARG E 37 27.85 -34.14 20.82
C ARG E 37 29.24 -34.37 20.24
N VAL E 38 29.41 -35.26 19.26
CA VAL E 38 30.74 -35.56 18.77
C VAL E 38 30.85 -35.29 17.28
N SER E 39 30.06 -36.00 16.48
CA SER E 39 30.16 -35.88 15.03
C SER E 39 28.86 -36.33 14.39
N GLN E 40 28.34 -35.51 13.47
CA GLN E 40 27.06 -35.84 12.83
C GLN E 40 27.18 -37.05 11.91
N TRP E 41 28.38 -37.39 11.48
CA TRP E 41 28.58 -38.43 10.47
C TRP E 41 28.81 -39.77 11.14
N ASP E 42 27.72 -40.51 11.35
CA ASP E 42 27.82 -41.87 11.87
C ASP E 42 28.59 -42.74 10.91
N ASP E 43 28.92 -43.97 11.32
CA ASP E 43 29.71 -44.83 10.45
C ASP E 43 28.89 -45.36 9.28
N TRP E 44 27.61 -45.64 9.49
CA TRP E 44 26.74 -46.03 8.38
C TRP E 44 26.80 -45.02 7.26
N LEU E 45 26.63 -43.74 7.60
CA LEU E 45 26.67 -42.71 6.56
C LEU E 45 28.05 -42.62 5.92
N SER E 46 29.11 -42.85 6.69
CA SER E 46 30.43 -42.87 6.08
C SER E 46 30.62 -44.03 5.12
N GLN E 47 29.85 -45.11 5.28
CA GLN E 47 29.93 -46.21 4.34
C GLN E 47 29.09 -45.93 3.10
N TYR E 48 27.83 -45.52 3.29
CA TYR E 48 27.00 -45.01 2.21
C TYR E 48 27.30 -43.53 2.00
N THR E 49 28.40 -43.28 1.30
CA THR E 49 28.73 -41.97 0.75
C THR E 49 30.03 -42.15 0.00
N THR E 50 30.38 -41.15 -0.79
CA THR E 50 31.69 -41.12 -1.39
C THR E 50 32.26 -39.72 -1.29
N LEU E 51 31.48 -38.77 -0.78
CA LEU E 51 31.93 -37.40 -0.57
C LEU E 51 33.27 -37.39 0.16
N GLN E 52 34.13 -36.46 -0.25
CA GLN E 52 35.45 -36.36 0.35
C GLN E 52 35.56 -35.26 1.39
N TYR E 53 34.70 -34.24 1.34
CA TYR E 53 34.70 -33.20 2.35
C TYR E 53 33.51 -33.43 3.28
N ARG E 54 33.74 -34.26 4.29
CA ARG E 54 32.72 -34.52 5.29
C ARG E 54 32.67 -33.34 6.24
N GLY E 55 31.57 -32.57 6.17
CA GLY E 55 31.41 -31.39 6.99
C GLY E 55 30.26 -31.57 7.97
N GLN E 56 30.14 -30.60 8.88
CA GLN E 56 29.07 -30.61 9.88
C GLN E 56 28.49 -29.20 9.97
N PHE E 57 27.50 -28.92 9.12
CA PHE E 57 26.81 -27.64 9.13
C PHE E 57 25.46 -27.81 9.83
N ASP E 58 25.52 -27.95 11.14
CA ASP E 58 24.36 -28.42 11.89
C ASP E 58 23.40 -27.30 12.26
N VAL E 59 22.14 -27.65 12.45
CA VAL E 59 21.15 -26.74 12.99
C VAL E 59 20.38 -27.44 14.10
N VAL E 60 20.98 -28.49 14.68
CA VAL E 60 20.34 -29.18 15.79
C VAL E 60 20.54 -28.44 17.09
N ARG E 61 21.79 -28.08 17.40
CA ARG E 61 22.07 -27.41 18.67
C ARG E 61 21.30 -26.11 18.86
N PRO E 62 21.07 -25.26 17.85
CA PRO E 62 20.13 -24.15 18.07
C PRO E 62 18.77 -24.60 18.55
N VAL E 63 18.25 -25.70 18.00
CA VAL E 63 16.94 -26.18 18.43
C VAL E 63 16.98 -26.66 19.87
N VAL E 64 18.01 -27.43 20.22
CA VAL E 64 18.12 -27.92 21.60
C VAL E 64 18.27 -26.75 22.57
N ARG E 65 19.04 -25.74 22.18
CA ARG E 65 19.19 -24.57 23.03
C ARG E 65 17.85 -23.86 23.21
N LYS E 66 17.08 -23.73 22.14
CA LYS E 66 15.77 -23.10 22.26
C LYS E 66 14.88 -23.88 23.22
N LEU E 67 14.88 -25.21 23.11
CA LEU E 67 14.04 -26.01 23.99
C LEU E 67 14.46 -25.87 25.44
N VAL E 68 15.77 -25.92 25.72
CA VAL E 68 16.22 -25.83 27.10
C VAL E 68 15.87 -24.46 27.68
N SER E 69 16.09 -23.39 26.91
CA SER E 69 15.73 -22.07 27.41
C SER E 69 14.23 -21.96 27.65
N GLU E 70 13.43 -22.52 26.74
CA GLU E 70 11.98 -22.42 26.87
C GLU E 70 11.51 -23.18 28.12
N MET E 71 12.18 -24.28 28.47
CA MET E 71 11.94 -24.88 29.78
C MET E 71 12.36 -23.96 30.91
N ARG E 72 13.54 -23.35 30.80
CA ARG E 72 14.06 -22.51 31.88
C ARG E 72 13.12 -21.36 32.19
N GLN E 73 12.35 -20.90 31.21
CA GLN E 73 11.44 -19.79 31.42
C GLN E 73 10.10 -20.19 32.02
N ASN E 74 9.86 -21.47 32.27
CA ASN E 74 8.63 -21.95 32.90
C ASN E 74 8.99 -22.86 34.06
N PRO E 75 9.47 -22.29 35.16
CA PRO E 75 10.00 -23.12 36.25
C PRO E 75 8.91 -23.92 36.93
N ILE E 76 9.28 -25.09 37.45
CA ILE E 76 8.37 -26.01 38.11
C ILE E 76 8.63 -25.97 39.61
N ASP E 77 7.59 -25.73 40.38
CA ASP E 77 7.67 -25.75 41.83
C ASP E 77 7.15 -27.08 42.35
N VAL E 78 7.61 -27.45 43.54
CA VAL E 78 7.16 -28.66 44.20
C VAL E 78 6.48 -28.27 45.50
N LEU E 79 5.28 -28.78 45.70
CA LEU E 79 4.49 -28.49 46.88
C LEU E 79 4.52 -29.70 47.80
N TYR E 80 3.81 -29.62 48.91
CA TYR E 80 3.75 -30.75 49.84
C TYR E 80 2.39 -30.79 50.50
N ARG E 81 1.62 -31.81 50.18
CA ARG E 81 0.33 -32.02 50.82
C ARG E 81 0.56 -32.55 52.24
N PRO E 82 0.05 -31.88 53.27
CA PRO E 82 0.17 -32.43 54.63
C PRO E 82 -0.86 -33.52 54.87
N LYS E 83 -0.40 -34.69 55.25
CA LYS E 83 -1.27 -35.84 55.47
C LYS E 83 -1.25 -36.27 56.92
N ASP E 84 -2.24 -37.09 57.29
CA ASP E 84 -2.35 -37.67 58.61
C ASP E 84 -2.36 -36.58 59.69
N GLY E 85 -3.10 -35.51 59.42
CA GLY E 85 -3.31 -34.47 60.40
C GLY E 85 -2.09 -33.64 60.72
N ALA E 86 -1.06 -33.67 59.89
CA ALA E 86 0.10 -32.81 60.11
C ALA E 86 -0.27 -31.35 59.91
N ARG E 87 0.35 -30.49 60.71
CA ARG E 87 0.03 -29.08 60.67
C ARG E 87 0.48 -28.46 59.35
N PRO E 88 -0.25 -27.47 58.84
CA PRO E 88 0.18 -26.80 57.61
C PRO E 88 1.50 -26.08 57.76
N ASP E 89 1.90 -25.70 58.98
CA ASP E 89 3.18 -25.00 59.14
C ASP E 89 4.35 -25.92 58.82
N ALA E 90 4.29 -27.19 59.22
CA ALA E 90 5.35 -28.11 58.83
C ALA E 90 5.38 -28.30 57.32
N ALA E 91 4.22 -28.34 56.69
CA ALA E 91 4.18 -28.42 55.23
C ALA E 91 4.85 -27.21 54.60
N ASP E 92 4.60 -26.02 55.14
CA ASP E 92 5.23 -24.82 54.61
C ASP E 92 6.73 -24.87 54.83
N VAL E 93 7.16 -25.41 55.97
CA VAL E 93 8.60 -25.51 56.23
C VAL E 93 9.26 -26.43 55.21
N LEU E 94 8.65 -27.57 54.90
CA LEU E 94 9.23 -28.42 53.86
C LEU E 94 9.16 -27.77 52.49
N MET E 95 8.09 -27.04 52.20
CA MET E 95 8.03 -26.28 50.96
C MET E 95 9.25 -25.40 50.81
N GLY E 96 9.53 -24.59 51.84
CA GLY E 96 10.67 -23.69 51.78
C GLY E 96 12.00 -24.41 51.78
N MET E 97 12.10 -25.51 52.54
CA MET E 97 13.36 -26.23 52.60
C MET E 97 13.69 -26.86 51.25
N TYR E 98 12.70 -27.43 50.58
CA TYR E 98 12.93 -27.94 49.24
C TYR E 98 13.28 -26.82 48.28
N ARG E 99 12.63 -25.66 48.42
CA ARG E 99 12.97 -24.55 47.54
C ARG E 99 14.41 -24.11 47.74
N THR E 100 14.90 -24.05 48.98
CA THR E 100 16.26 -23.63 49.22
C THR E 100 17.28 -24.71 48.91
N ASP E 101 16.86 -25.98 48.87
CA ASP E 101 17.75 -27.04 48.45
C ASP E 101 17.72 -27.26 46.94
N MET E 102 16.78 -26.64 46.24
CA MET E 102 16.74 -26.72 44.78
C MET E 102 17.31 -25.48 44.09
N ARG E 103 17.38 -24.34 44.77
CA ARG E 103 18.06 -23.20 44.17
C ARG E 103 19.55 -23.23 44.42
N HIS E 104 20.04 -24.12 45.29
CA HIS E 104 21.47 -24.27 45.48
C HIS E 104 22.14 -24.65 44.16
N ASN E 105 23.32 -24.09 43.92
CA ASN E 105 23.89 -24.14 42.57
C ASN E 105 24.19 -25.56 42.12
N THR E 106 24.59 -26.46 43.03
CA THR E 106 24.84 -27.84 42.62
C THR E 106 23.57 -28.49 42.10
N ALA E 107 22.45 -28.25 42.77
CA ALA E 107 21.17 -28.78 42.28
C ALA E 107 20.81 -28.20 40.93
N LYS E 108 21.10 -26.93 40.70
CA LYS E 108 20.82 -26.33 39.40
C LYS E 108 21.69 -26.95 38.31
N ILE E 109 22.95 -27.24 38.61
CA ILE E 109 23.80 -27.92 37.63
C ILE E 109 23.25 -29.30 37.32
N ALA E 110 22.84 -30.03 38.35
CA ALA E 110 22.32 -31.38 38.14
C ALA E 110 21.05 -31.35 37.29
N VAL E 111 20.13 -30.45 37.62
CA VAL E 111 18.89 -30.36 36.87
C VAL E 111 19.16 -29.96 35.42
N ASN E 112 20.07 -29.01 35.22
CA ASN E 112 20.36 -28.56 33.87
C ASN E 112 20.98 -29.68 33.03
N ILE E 113 21.91 -30.45 33.60
CA ILE E 113 22.50 -31.56 32.86
C ILE E 113 21.44 -32.61 32.55
N ALA E 114 20.58 -32.91 33.53
CA ALA E 114 19.55 -33.91 33.28
C ALA E 114 18.59 -33.47 32.18
N VAL E 115 18.19 -32.21 32.19
CA VAL E 115 17.26 -31.73 31.16
C VAL E 115 17.93 -31.69 29.80
N ARG E 116 19.19 -31.29 29.75
CA ARG E 116 19.90 -31.26 28.47
C ARG E 116 20.02 -32.66 27.88
N GLU E 117 20.32 -33.65 28.71
CA GLU E 117 20.39 -35.01 28.20
C GLU E 117 19.02 -35.60 27.92
N GLN E 118 17.98 -35.13 28.60
CA GLN E 118 16.62 -35.50 28.22
C GLN E 118 16.31 -35.02 26.81
N ILE E 119 16.59 -33.75 26.53
CA ILE E 119 16.23 -33.19 25.25
C ILE E 119 17.09 -33.79 24.14
N GLU E 120 18.37 -34.02 24.40
CA GLU E 120 19.22 -34.58 23.36
C GLU E 120 19.02 -36.08 23.21
N ALA E 121 19.34 -36.84 24.25
CA ALA E 121 19.31 -38.30 24.14
C ALA E 121 17.92 -38.84 24.41
N GLY E 122 17.38 -38.57 25.59
CA GLY E 122 16.10 -39.08 26.00
C GLY E 122 16.00 -39.43 27.47
N VAL E 123 17.15 -39.56 28.14
CA VAL E 123 17.19 -39.89 29.56
C VAL E 123 18.22 -39.00 30.24
N GLY E 124 17.89 -38.44 31.40
CA GLY E 124 18.85 -37.62 32.11
C GLY E 124 19.26 -38.08 33.49
N ALA E 125 18.32 -38.63 34.25
CA ALA E 125 18.58 -39.32 35.52
C ALA E 125 19.58 -38.66 36.46
N TRP E 126 19.27 -37.47 36.99
CA TRP E 126 20.12 -36.94 38.05
C TRP E 126 19.91 -37.73 39.34
N ARG E 127 20.81 -37.52 40.31
CA ARG E 127 20.86 -38.39 41.48
C ARG E 127 20.89 -37.59 42.77
N LEU E 128 20.21 -38.09 43.79
CA LEU E 128 20.26 -37.54 45.14
C LEU E 128 21.39 -38.17 45.93
N VAL E 129 21.96 -37.41 46.88
CA VAL E 129 23.02 -37.91 47.74
C VAL E 129 23.05 -37.04 48.98
N THR E 130 23.49 -37.63 50.10
CA THR E 130 23.52 -36.95 51.39
C THR E 130 24.94 -36.91 51.94
N ASP E 131 25.28 -35.81 52.62
CA ASP E 131 26.60 -35.66 53.21
C ASP E 131 26.53 -34.63 54.33
N TYR E 132 27.58 -34.60 55.14
CA TYR E 132 27.60 -33.72 56.31
C TYR E 132 27.83 -32.28 55.89
N GLU E 133 27.34 -31.36 56.74
CA GLU E 133 27.74 -29.96 56.71
C GLU E 133 28.44 -29.64 58.02
N ASP E 134 29.00 -28.44 58.09
CA ASP E 134 29.48 -27.88 59.36
C ASP E 134 30.51 -28.81 60.00
N GLN E 135 31.66 -28.91 59.34
CA GLN E 135 32.67 -29.89 59.74
C GLN E 135 33.16 -29.65 61.16
N SER E 136 32.69 -30.48 62.08
CA SER E 136 33.07 -30.48 63.48
C SER E 136 32.51 -31.74 64.12
N PRO E 137 33.28 -32.45 64.95
CA PRO E 137 32.78 -33.74 65.49
C PRO E 137 31.69 -33.57 66.53
N THR E 138 31.40 -32.36 66.98
CA THR E 138 30.41 -32.15 68.03
C THR E 138 29.04 -32.64 67.60
N SER E 139 28.67 -32.39 66.34
CA SER E 139 27.36 -32.75 65.84
C SER E 139 27.47 -33.76 64.69
N ASN E 140 26.31 -34.16 64.16
CA ASN E 140 26.22 -35.06 63.02
C ASN E 140 25.21 -34.54 62.01
N ASN E 141 25.17 -33.23 61.81
CA ASN E 141 24.20 -32.64 60.90
C ASN E 141 24.53 -33.01 59.45
N GLN E 142 23.48 -33.30 58.69
CA GLN E 142 23.61 -33.70 57.29
C GLN E 142 22.69 -32.85 56.42
N VAL E 143 23.05 -32.74 55.14
CA VAL E 143 22.28 -31.99 54.16
C VAL E 143 22.10 -32.86 52.92
N ILE E 144 21.40 -32.30 51.93
CA ILE E 144 21.04 -33.01 50.71
C ILE E 144 21.50 -32.20 49.52
N ARG E 145 22.37 -32.79 48.70
CA ARG E 145 22.78 -32.20 47.44
C ARG E 145 22.58 -33.23 46.33
N ARG E 146 22.53 -32.75 45.09
CA ARG E 146 22.21 -33.60 43.96
C ARG E 146 23.41 -33.67 43.02
N GLU E 147 23.99 -34.84 42.90
CA GLU E 147 25.10 -35.06 41.98
C GLU E 147 24.57 -35.57 40.66
N PRO E 148 24.84 -34.89 39.55
CA PRO E 148 24.33 -35.35 38.26
C PRO E 148 25.01 -36.63 37.82
N ILE E 149 24.31 -37.38 36.97
CA ILE E 149 24.83 -38.60 36.38
C ILE E 149 24.98 -38.34 34.89
N HIS E 150 26.21 -38.34 34.42
CA HIS E 150 26.49 -37.97 33.04
C HIS E 150 26.28 -39.16 32.12
N SER E 151 25.73 -38.89 30.93
CA SER E 151 25.36 -39.92 29.98
C SER E 151 24.52 -41.00 30.67
N ALA E 152 23.41 -40.56 31.23
CA ALA E 152 22.57 -41.44 32.02
C ALA E 152 21.93 -42.55 31.21
N CYS E 153 21.90 -42.44 29.90
CA CYS E 153 21.33 -43.50 29.08
C CYS E 153 22.20 -44.74 29.03
N SER E 154 23.45 -44.65 29.50
CA SER E 154 24.37 -45.79 29.48
C SER E 154 24.99 -46.10 30.82
N HIS E 155 24.92 -45.21 31.81
CA HIS E 155 25.54 -45.44 33.10
C HIS E 155 24.52 -45.70 34.20
N VAL E 156 23.23 -45.77 33.86
CA VAL E 156 22.18 -46.12 34.81
C VAL E 156 21.36 -47.23 34.17
N ILE E 157 21.21 -48.34 34.87
CA ILE E 157 20.51 -49.50 34.34
C ILE E 157 19.30 -49.73 35.24
N TRP E 158 18.17 -49.14 34.86
CA TRP E 158 16.95 -49.31 35.63
C TRP E 158 16.44 -50.73 35.52
N ASP E 159 15.74 -51.17 36.57
CA ASP E 159 15.17 -52.51 36.56
C ASP E 159 14.20 -52.67 35.40
N SER E 160 14.33 -53.76 34.66
CA SER E 160 13.53 -53.95 33.47
C SER E 160 12.05 -54.14 33.79
N ASN E 161 11.72 -54.61 34.99
CA ASN E 161 10.35 -54.96 35.31
C ASN E 161 9.47 -53.76 35.58
N SER E 162 10.01 -52.69 36.18
CA SER E 162 9.22 -51.53 36.53
C SER E 162 8.66 -50.84 35.29
N LYS E 163 7.46 -50.27 35.45
CA LYS E 163 6.69 -49.78 34.30
C LYS E 163 6.10 -48.41 34.58
N LEU E 164 6.84 -47.51 35.22
CA LEU E 164 6.42 -46.13 35.36
C LEU E 164 7.57 -45.19 35.01
N MET E 165 7.21 -43.99 34.57
CA MET E 165 8.22 -42.97 34.28
C MET E 165 8.96 -42.56 35.54
N ASP E 166 8.30 -42.63 36.69
CA ASP E 166 9.00 -42.44 37.96
C ASP E 166 10.03 -43.53 38.20
N LYS E 167 9.88 -44.68 37.56
CA LYS E 167 10.61 -45.89 37.93
C LYS E 167 10.43 -46.19 39.42
N SER E 168 9.22 -45.92 39.92
CA SER E 168 8.93 -46.11 41.34
C SER E 168 9.01 -47.57 41.73
N ASP E 169 8.45 -48.46 40.90
CA ASP E 169 8.39 -49.87 41.28
C ASP E 169 9.76 -50.53 41.23
N ALA E 170 10.71 -49.95 40.51
CA ALA E 170 12.00 -50.61 40.33
C ALA E 170 12.63 -50.93 41.66
N ARG E 171 12.99 -52.20 41.85
CA ARG E 171 13.53 -52.69 43.11
C ARG E 171 15.05 -52.70 43.12
N HIS E 172 15.68 -52.22 42.05
CA HIS E 172 17.13 -52.13 41.97
C HIS E 172 17.49 -51.36 40.72
N CYS E 173 18.58 -50.60 40.79
CA CYS E 173 19.07 -49.86 39.64
C CYS E 173 20.53 -49.52 39.85
N THR E 174 21.39 -50.08 39.01
CA THR E 174 22.82 -49.93 39.18
C THR E 174 23.28 -48.57 38.68
N VAL E 175 24.50 -48.20 39.03
CA VAL E 175 25.14 -47.03 38.47
C VAL E 175 26.57 -47.41 38.09
N ILE E 176 26.77 -47.76 36.82
CA ILE E 176 28.08 -48.22 36.38
C ILE E 176 29.08 -47.07 36.42
N HIS E 177 30.32 -47.39 36.76
CA HIS E 177 31.42 -46.42 36.73
C HIS E 177 32.59 -47.05 35.99
N SER E 178 32.97 -46.46 34.86
CA SER E 178 34.11 -46.95 34.09
C SER E 178 35.37 -46.28 34.62
N MET E 179 36.03 -46.91 35.59
CA MET E 179 37.23 -46.39 36.19
C MET E 179 38.48 -47.09 35.67
N SER E 180 39.53 -46.31 35.45
CA SER E 180 40.86 -46.79 35.15
C SER E 180 41.59 -47.03 36.46
N GLN E 181 42.92 -47.20 36.38
CA GLN E 181 43.69 -47.48 37.59
C GLN E 181 43.54 -46.37 38.63
N ASN E 182 43.63 -45.11 38.18
CA ASN E 182 43.46 -44.00 39.10
C ASN E 182 42.03 -43.94 39.65
N GLY E 183 41.04 -44.07 38.77
CA GLY E 183 39.66 -44.09 39.23
C GLY E 183 39.39 -45.26 40.16
N TRP E 184 39.90 -46.44 39.81
CA TRP E 184 39.75 -47.59 40.69
C TRP E 184 40.34 -47.32 42.06
N GLU E 185 41.58 -46.83 42.12
CA GLU E 185 42.24 -46.67 43.41
C GLU E 185 41.54 -45.61 44.25
N ASP E 186 41.10 -44.51 43.64
CA ASP E 186 40.47 -43.48 44.46
C ASP E 186 39.07 -43.91 44.92
N PHE E 187 38.27 -44.49 44.04
CA PHE E 187 36.93 -44.91 44.43
C PHE E 187 36.95 -46.18 45.28
N ALA E 188 38.10 -46.85 45.40
CA ALA E 188 38.25 -47.95 46.33
C ALA E 188 38.75 -47.50 47.70
N GLU E 189 39.75 -46.61 47.74
CA GLU E 189 40.20 -46.09 49.03
C GLU E 189 39.17 -45.18 49.67
N LYS E 190 38.35 -44.51 48.86
CA LYS E 190 37.46 -43.49 49.40
C LYS E 190 36.45 -44.09 50.38
N TYR E 191 35.87 -45.24 50.02
CA TYR E 191 34.76 -45.77 50.81
C TYR E 191 35.07 -47.09 51.50
N ASP E 192 35.44 -48.14 50.77
CA ASP E 192 35.45 -49.47 51.39
C ASP E 192 36.84 -49.98 51.75
N LEU E 193 37.70 -50.20 50.76
CA LEU E 193 39.01 -50.83 50.90
C LEU E 193 39.74 -50.69 49.58
N ASP E 194 41.07 -50.80 49.64
CA ASP E 194 41.92 -50.78 48.45
C ASP E 194 42.27 -52.18 47.98
N ALA E 195 41.38 -53.15 48.21
CA ALA E 195 41.63 -54.53 47.80
C ALA E 195 41.41 -54.64 46.30
N ASP E 196 42.47 -54.98 45.57
CA ASP E 196 42.41 -55.03 44.11
C ASP E 196 41.45 -56.12 43.65
N ASP E 197 41.07 -56.04 42.38
CA ASP E 197 40.18 -57.02 41.77
C ASP E 197 40.78 -58.42 41.80
N ILE E 217 38.30 -51.32 34.51
CA ILE E 217 37.83 -51.59 35.85
C ILE E 217 36.48 -50.93 36.06
N GLN E 218 35.41 -51.68 35.81
CA GLN E 218 34.05 -51.16 35.88
C GLN E 218 33.43 -51.57 37.21
N ILE E 219 33.24 -50.61 38.09
CA ILE E 219 32.61 -50.85 39.37
C ILE E 219 31.15 -50.43 39.27
N ALA E 220 30.34 -50.85 40.25
CA ALA E 220 28.91 -50.61 40.20
C ALA E 220 28.42 -50.14 41.57
N GLU E 221 27.22 -49.56 41.59
CA GLU E 221 26.53 -49.21 42.83
C GLU E 221 25.12 -49.77 42.73
N PHE E 222 24.93 -50.98 43.24
CA PHE E 222 23.67 -51.71 43.06
C PHE E 222 22.71 -51.31 44.17
N TYR E 223 21.86 -50.32 43.90
CA TYR E 223 20.83 -49.96 44.85
C TYR E 223 19.77 -51.07 44.91
N GLU E 224 19.01 -51.07 46.00
CA GLU E 224 18.04 -52.13 46.22
C GLU E 224 16.97 -51.66 47.18
N VAL E 225 15.75 -52.14 46.96
CA VAL E 225 14.62 -51.86 47.83
C VAL E 225 14.06 -53.19 48.29
N VAL E 226 14.15 -53.45 49.58
CA VAL E 226 13.64 -54.69 50.15
C VAL E 226 12.31 -54.41 50.83
N GLU E 227 11.40 -55.38 50.75
CA GLU E 227 10.06 -55.23 51.28
C GLU E 227 9.71 -56.44 52.13
N LYS E 228 8.85 -56.21 53.12
CA LYS E 228 8.34 -57.26 53.99
C LYS E 228 6.83 -57.27 53.87
N LYS E 229 6.28 -58.34 53.30
CA LYS E 229 4.86 -58.46 53.02
C LYS E 229 4.27 -59.59 53.84
N GLU E 230 3.24 -59.28 54.63
CA GLU E 230 2.56 -60.26 55.47
C GLU E 230 1.05 -60.16 55.26
N THR E 231 0.28 -60.82 56.11
CA THR E 231 -1.18 -60.85 55.97
C THR E 231 -1.91 -59.99 56.99
N ALA E 232 -1.51 -60.07 58.27
CA ALA E 232 -1.94 -59.17 59.34
C ALA E 232 -3.38 -59.38 59.79
N PHE E 233 -4.18 -60.14 59.03
CA PHE E 233 -5.40 -60.79 59.51
C PHE E 233 -6.19 -60.00 60.55
N ILE E 234 -6.67 -58.80 60.20
CA ILE E 234 -7.38 -57.99 61.17
C ILE E 234 -8.61 -58.71 61.71
N TYR E 235 -8.82 -58.59 63.01
CA TYR E 235 -9.96 -59.18 63.71
C TYR E 235 -10.72 -58.06 64.42
N GLN E 236 -12.04 -58.21 64.51
CA GLN E 236 -12.89 -57.18 65.08
C GLN E 236 -13.55 -57.65 66.37
N ASP E 237 -13.73 -56.71 67.30
CA ASP E 237 -14.36 -56.94 68.59
C ASP E 237 -15.43 -55.88 68.82
N PRO E 238 -16.20 -55.93 69.92
CA PRO E 238 -17.13 -54.82 70.22
C PRO E 238 -16.44 -53.47 70.27
N VAL E 239 -15.25 -53.42 70.87
CA VAL E 239 -14.43 -52.21 70.80
C VAL E 239 -13.83 -52.09 69.41
N THR E 240 -13.26 -50.93 69.12
CA THR E 240 -12.63 -50.71 67.82
C THR E 240 -11.53 -51.74 67.59
N GLY E 241 -11.43 -52.22 66.36
CA GLY E 241 -10.51 -53.31 66.08
C GLY E 241 -9.06 -52.87 66.10
N GLU E 242 -8.35 -53.26 67.16
CA GLU E 242 -6.93 -52.98 67.27
C GLU E 242 -6.14 -53.97 66.42
N PRO E 243 -4.88 -53.65 66.09
CA PRO E 243 -4.08 -54.61 65.33
C PRO E 243 -3.85 -55.88 66.12
N VAL E 244 -4.49 -56.96 65.68
CA VAL E 244 -4.39 -58.27 66.32
C VAL E 244 -4.05 -59.28 65.23
N SER E 245 -3.35 -60.33 65.62
CA SER E 245 -2.97 -61.40 64.70
C SER E 245 -2.10 -60.86 63.57
N TYR E 246 -1.02 -60.17 63.95
CA TYR E 246 -0.18 -59.51 62.97
C TYR E 246 0.49 -60.50 62.02
N PHE E 247 0.86 -61.68 62.50
CA PHE E 247 1.57 -62.66 61.70
C PHE E 247 0.70 -63.90 61.51
N LYS E 248 1.22 -64.86 60.76
CA LYS E 248 0.62 -66.18 60.71
C LYS E 248 0.97 -67.00 61.96
N ARG E 249 2.09 -66.69 62.62
CA ARG E 249 2.44 -67.36 63.87
C ARG E 249 1.60 -66.82 65.03
N ASP E 250 1.24 -65.54 64.99
CA ASP E 250 0.36 -64.99 66.01
C ASP E 250 -1.02 -65.64 65.95
N ILE E 251 -1.46 -66.10 64.78
CA ILE E 251 -2.66 -66.93 64.69
C ILE E 251 -2.50 -68.17 65.55
N LYS E 252 -1.39 -68.89 65.38
CA LYS E 252 -1.15 -70.09 66.17
C LYS E 252 -0.85 -69.79 67.62
N ASP E 253 -0.63 -68.52 67.97
CA ASP E 253 -0.56 -68.11 69.36
C ASP E 253 -1.90 -67.73 69.96
N VAL E 254 -2.93 -67.52 69.14
CA VAL E 254 -4.25 -67.14 69.63
C VAL E 254 -5.32 -68.12 69.15
N ILE E 255 -4.95 -69.40 69.03
CA ILE E 255 -5.90 -70.42 68.57
C ILE E 255 -7.19 -70.39 69.38
N ASP E 256 -7.10 -70.01 70.65
CA ASP E 256 -8.31 -69.86 71.47
C ASP E 256 -8.95 -68.49 71.27
N ASP E 257 -8.13 -67.43 71.26
CA ASP E 257 -8.66 -66.08 71.19
C ASP E 257 -9.39 -65.82 69.88
N LEU E 258 -8.96 -66.45 68.80
CA LEU E 258 -9.64 -66.26 67.52
C LEU E 258 -11.06 -66.79 67.55
N ALA E 259 -11.30 -67.86 68.31
CA ALA E 259 -12.63 -68.42 68.44
C ALA E 259 -13.44 -67.80 69.58
N ASP E 260 -12.77 -67.16 70.55
CA ASP E 260 -13.49 -66.52 71.65
C ASP E 260 -13.88 -65.08 71.35
N SER E 261 -13.40 -64.49 70.26
CA SER E 261 -13.73 -63.11 69.95
C SER E 261 -15.14 -63.01 69.36
N GLY E 262 -15.65 -61.78 69.29
CA GLY E 262 -16.97 -61.56 68.75
C GLY E 262 -17.08 -61.88 67.26
N PHE E 263 -16.07 -61.46 66.49
CA PHE E 263 -16.04 -61.68 65.04
C PHE E 263 -14.81 -62.47 64.67
N ILE E 264 -14.95 -63.33 63.67
CA ILE E 264 -13.90 -64.30 63.34
C ILE E 264 -12.90 -63.75 62.33
N LYS E 265 -13.37 -62.96 61.35
CA LYS E 265 -12.48 -62.40 60.33
C LYS E 265 -13.21 -61.31 59.59
N ILE E 266 -12.53 -60.19 59.33
CA ILE E 266 -13.11 -59.06 58.62
C ILE E 266 -12.32 -58.73 57.36
N ALA E 267 -11.00 -58.65 57.47
CA ALA E 267 -10.18 -58.28 56.31
C ALA E 267 -8.79 -58.87 56.49
N GLU E 268 -8.04 -58.85 55.39
CA GLU E 268 -6.70 -59.43 55.30
C GLU E 268 -5.71 -58.40 54.80
N ARG E 269 -5.72 -57.21 55.39
CA ARG E 269 -4.84 -56.13 54.96
C ARG E 269 -3.38 -56.52 55.03
N GLN E 270 -2.73 -56.60 53.86
CA GLN E 270 -1.33 -57.01 53.77
C GLN E 270 -0.44 -55.80 54.03
N ILE E 271 -0.06 -55.60 55.29
CA ILE E 271 0.78 -54.47 55.64
C ILE E 271 2.17 -54.66 55.07
N LYS E 272 2.78 -53.56 54.64
CA LYS E 272 4.07 -53.58 53.95
C LYS E 272 4.96 -52.47 54.49
N ARG E 273 6.25 -52.79 54.63
CA ARG E 273 7.26 -51.79 54.98
C ARG E 273 8.51 -52.03 54.14
N ARG E 274 9.13 -50.94 53.69
CA ARG E 274 10.23 -51.01 52.75
C ARG E 274 11.39 -50.15 53.24
N ARG E 275 12.60 -50.56 52.89
CA ARG E 275 13.81 -49.83 53.26
C ARG E 275 14.86 -50.10 52.20
N VAL E 276 15.60 -49.05 51.82
CA VAL E 276 16.55 -49.14 50.72
C VAL E 276 17.83 -49.81 51.18
N TYR E 277 18.54 -50.46 50.26
CA TYR E 277 19.84 -51.06 50.54
C TYR E 277 20.76 -50.80 49.35
N LYS E 278 22.01 -50.45 49.65
CA LYS E 278 22.99 -50.08 48.64
C LYS E 278 24.23 -50.95 48.77
N SER E 279 24.66 -51.53 47.67
CA SER E 279 25.83 -52.41 47.67
C SER E 279 26.71 -52.06 46.47
N ILE E 280 28.01 -52.10 46.68
CA ILE E 280 28.99 -51.75 45.64
C ILE E 280 29.65 -53.05 45.21
N ILE E 281 29.40 -53.46 43.97
CA ILE E 281 29.88 -54.73 43.46
C ILE E 281 30.85 -54.47 42.31
N THR E 282 31.47 -55.55 41.84
CA THR E 282 32.30 -55.52 40.65
C THR E 282 32.05 -56.79 39.86
N CYS E 283 32.34 -56.73 38.55
CA CYS E 283 31.97 -57.83 37.67
C CYS E 283 32.71 -59.11 38.03
N THR E 284 34.03 -59.04 38.13
CA THR E 284 34.82 -60.25 38.36
C THR E 284 34.89 -60.60 39.84
N ALA E 285 35.48 -59.73 40.65
CA ALA E 285 35.73 -60.04 42.05
C ALA E 285 34.44 -59.98 42.86
N VAL E 286 34.56 -60.30 44.14
CA VAL E 286 33.42 -60.34 45.04
C VAL E 286 32.93 -58.93 45.31
N LEU E 287 31.70 -58.81 45.79
CA LEU E 287 31.17 -57.50 46.15
C LEU E 287 31.92 -56.95 47.35
N LYS E 288 32.05 -55.63 47.39
CA LYS E 288 32.89 -54.96 48.38
C LYS E 288 32.11 -54.50 49.61
N ASP E 289 30.88 -54.05 49.43
CA ASP E 289 29.98 -53.77 50.55
C ASP E 289 28.70 -54.55 50.36
N LYS E 290 28.26 -55.23 51.42
CA LYS E 290 27.10 -56.10 51.27
C LYS E 290 25.81 -55.31 51.27
N GLN E 291 25.56 -54.51 52.31
CA GLN E 291 24.31 -53.80 52.41
C GLN E 291 24.50 -52.57 53.28
N LEU E 292 23.87 -51.47 52.87
CA LEU E 292 23.90 -50.22 53.63
C LEU E 292 22.57 -49.50 53.41
N ILE E 293 22.16 -48.72 54.38
CA ILE E 293 20.90 -47.98 54.32
C ILE E 293 21.20 -46.53 53.97
N ALA E 294 20.41 -45.95 53.07
CA ALA E 294 20.53 -44.53 52.78
C ALA E 294 19.15 -44.01 52.36
N GLY E 295 18.40 -43.48 53.32
CA GLY E 295 17.08 -42.95 53.02
C GLY E 295 15.97 -43.98 53.05
N GLU E 296 14.96 -43.82 52.19
CA GLU E 296 13.86 -44.78 52.14
C GLU E 296 13.57 -45.28 50.73
N HIS E 297 13.78 -44.43 49.73
CA HIS E 297 13.64 -44.82 48.33
C HIS E 297 15.04 -44.94 47.72
N ILE E 298 15.09 -45.38 46.46
CA ILE E 298 16.33 -45.35 45.71
C ILE E 298 16.54 -43.94 45.19
N PRO E 299 17.67 -43.30 45.52
CA PRO E 299 17.80 -41.86 45.23
C PRO E 299 17.72 -41.50 43.77
N ILE E 300 18.17 -42.36 42.86
CA ILE E 300 18.26 -41.97 41.45
C ILE E 300 16.87 -41.66 40.93
N VAL E 301 16.71 -40.47 40.36
CA VAL E 301 15.45 -40.04 39.76
C VAL E 301 15.67 -39.80 38.28
N PRO E 302 14.97 -40.50 37.40
CA PRO E 302 15.21 -40.32 35.96
C PRO E 302 14.26 -39.33 35.32
N VAL E 303 14.72 -38.62 34.29
CA VAL E 303 13.83 -37.88 33.41
C VAL E 303 13.81 -38.62 32.08
N PHE E 304 12.68 -38.56 31.39
CA PHE E 304 12.53 -39.23 30.11
C PHE E 304 11.95 -38.26 29.09
N GLY E 305 12.28 -38.47 27.83
CA GLY E 305 11.69 -37.68 26.78
C GLY E 305 10.32 -38.20 26.45
N GLU E 306 9.99 -38.33 25.17
CA GLU E 306 8.77 -39.02 24.78
C GLU E 306 8.94 -40.51 25.10
N TRP E 307 8.27 -40.98 26.13
CA TRP E 307 8.48 -42.32 26.68
C TRP E 307 7.19 -43.12 26.61
N GLY E 308 7.29 -44.36 26.13
CA GLY E 308 6.13 -45.22 26.05
C GLY E 308 6.58 -46.65 25.79
N PHE E 309 5.62 -47.56 25.88
CA PHE E 309 5.88 -48.97 25.65
C PHE E 309 5.36 -49.38 24.29
N VAL E 310 6.18 -50.08 23.53
CA VAL E 310 5.82 -50.56 22.20
C VAL E 310 6.18 -52.04 22.13
N GLU E 311 5.18 -52.89 21.95
CA GLU E 311 5.37 -54.34 21.90
C GLU E 311 6.14 -54.83 23.13
N ASP E 312 5.80 -54.26 24.29
CA ASP E 312 6.37 -54.64 25.57
C ASP E 312 7.89 -54.41 25.59
N LYS E 313 8.30 -53.27 25.04
CA LYS E 313 9.69 -52.84 25.11
C LYS E 313 9.71 -51.36 25.47
N GLU E 314 10.54 -51.01 26.45
CA GLU E 314 10.64 -49.62 26.86
C GLU E 314 11.41 -48.82 25.82
N VAL E 315 10.76 -47.85 25.20
CA VAL E 315 11.39 -47.03 24.18
C VAL E 315 11.17 -45.56 24.55
N TYR E 316 12.25 -44.79 24.55
CA TYR E 316 12.20 -43.35 24.82
C TYR E 316 12.98 -42.62 23.73
N GLU E 317 12.58 -41.39 23.45
CA GLU E 317 13.25 -40.62 22.41
C GLU E 317 13.64 -39.24 22.90
N GLY E 318 14.10 -38.40 21.98
CA GLY E 318 14.44 -37.05 22.32
C GLY E 318 13.98 -36.09 21.24
N VAL E 319 14.80 -35.11 20.92
CA VAL E 319 14.49 -34.21 19.82
C VAL E 319 15.67 -34.27 18.86
N VAL E 320 16.39 -35.38 18.89
CA VAL E 320 17.61 -35.51 18.11
C VAL E 320 17.54 -36.58 17.02
N ARG E 321 16.64 -37.55 17.10
CA ARG E 321 16.56 -38.54 16.03
C ARG E 321 16.04 -37.94 14.73
N LEU E 322 14.94 -37.19 14.85
CA LEU E 322 14.27 -36.66 13.66
C LEU E 322 15.14 -35.59 13.00
N THR E 323 15.57 -34.63 13.80
CA THR E 323 16.55 -33.67 13.35
C THR E 323 17.84 -34.35 12.93
N LYS E 324 18.10 -35.56 13.41
CA LYS E 324 19.31 -36.25 13.01
C LYS E 324 19.25 -36.67 11.55
N ASP E 325 18.12 -37.25 11.15
CA ASP E 325 17.97 -37.60 9.75
C ASP E 325 17.99 -36.35 8.86
N GLY E 326 17.27 -35.31 9.27
CA GLY E 326 17.29 -34.08 8.49
C GLY E 326 18.68 -33.47 8.40
N GLN E 327 19.43 -33.53 9.50
CA GLN E 327 20.76 -32.95 9.56
C GLN E 327 21.73 -33.73 8.70
N ARG E 328 21.58 -35.05 8.64
CA ARG E 328 22.42 -35.83 7.73
C ARG E 328 22.18 -35.41 6.29
N LEU E 329 20.92 -35.20 5.92
CA LEU E 329 20.66 -34.74 4.55
C LEU E 329 21.28 -33.37 4.29
N ARG E 330 21.15 -32.44 5.23
CA ARG E 330 21.73 -31.12 5.04
C ARG E 330 23.26 -31.18 4.92
N ASN E 331 23.89 -31.98 5.78
CA ASN E 331 25.33 -32.16 5.72
C ASN E 331 25.75 -32.70 4.37
N MET E 332 25.00 -33.67 3.86
CA MET E 332 25.34 -34.26 2.56
C MET E 332 25.23 -33.22 1.45
N ILE E 333 24.20 -32.37 1.49
CA ILE E 333 24.04 -31.37 0.44
C ILE E 333 25.18 -30.35 0.49
N MET E 334 25.50 -29.83 1.68
CA MET E 334 26.63 -28.91 1.78
C MET E 334 27.93 -29.56 1.34
N SER E 335 28.18 -30.80 1.74
CA SER E 335 29.41 -31.46 1.33
C SER E 335 29.47 -31.66 -0.17
N PHE E 336 28.34 -31.95 -0.81
CA PHE E 336 28.31 -32.05 -2.26
C PHE E 336 28.70 -30.72 -2.90
N ASN E 337 28.14 -29.62 -2.39
CA ASN E 337 28.51 -28.30 -2.92
C ASN E 337 30.00 -28.05 -2.76
N ALA E 338 30.53 -28.33 -1.57
CA ALA E 338 31.95 -28.08 -1.31
C ALA E 338 32.83 -28.96 -2.16
N ASP E 339 32.38 -30.18 -2.46
CA ASP E 339 33.15 -31.05 -3.35
C ASP E 339 33.15 -30.52 -4.78
N ILE E 340 32.06 -29.90 -5.22
CA ILE E 340 32.09 -29.22 -6.51
C ILE E 340 33.10 -28.09 -6.50
N VAL E 341 33.12 -27.30 -5.43
CA VAL E 341 33.89 -26.05 -5.42
C VAL E 341 35.39 -26.31 -5.47
N ALA E 342 35.88 -27.21 -4.64
CA ALA E 342 37.32 -27.30 -4.42
C ALA E 342 38.07 -28.00 -5.56
N ARG E 343 37.92 -27.49 -6.77
CA ARG E 343 38.76 -27.90 -7.90
C ARG E 343 39.03 -26.66 -8.74
N THR E 344 40.27 -26.51 -9.20
CA THR E 344 40.61 -25.33 -9.98
C THR E 344 39.72 -25.23 -11.20
N PRO E 345 39.07 -24.09 -11.41
CA PRO E 345 38.18 -23.95 -12.57
C PRO E 345 38.88 -24.08 -13.90
N LYS E 346 40.20 -23.94 -13.96
CA LYS E 346 40.90 -24.05 -15.23
C LYS E 346 40.62 -25.38 -15.88
N LYS E 347 40.30 -25.35 -17.17
CA LYS E 347 39.99 -26.57 -17.89
C LYS E 347 41.24 -27.43 -18.04
N LYS E 348 41.05 -28.74 -17.96
CA LYS E 348 42.12 -29.69 -18.21
C LYS E 348 41.88 -30.30 -19.59
N PRO E 349 42.78 -30.12 -20.54
CA PRO E 349 42.56 -30.62 -21.90
C PRO E 349 43.04 -32.06 -22.09
N PHE E 350 42.45 -32.71 -23.09
CA PHE E 350 42.81 -34.06 -23.51
C PHE E 350 43.51 -34.00 -24.86
N PHE E 351 44.78 -34.37 -24.91
CA PHE E 351 45.45 -34.53 -26.18
C PHE E 351 46.64 -35.47 -26.08
N TRP E 352 47.00 -36.04 -27.24
CA TRP E 352 48.01 -37.08 -27.45
C TRP E 352 49.38 -36.62 -27.00
N PRO E 353 50.25 -37.52 -26.55
CA PRO E 353 51.60 -37.11 -26.17
C PRO E 353 52.39 -36.52 -27.33
N GLU E 354 52.17 -36.98 -28.55
CA GLU E 354 52.88 -36.39 -29.69
C GLU E 354 52.20 -35.14 -30.21
N GLN E 355 51.01 -34.81 -29.73
CA GLN E 355 50.37 -33.56 -30.10
C GLN E 355 51.08 -32.35 -29.49
N ILE E 356 51.84 -32.56 -28.41
CA ILE E 356 52.64 -31.51 -27.79
C ILE E 356 54.07 -31.97 -27.62
N ALA E 357 54.54 -32.84 -28.51
CA ALA E 357 55.85 -33.47 -28.39
C ALA E 357 56.92 -32.49 -27.93
N GLY E 358 57.08 -31.39 -28.62
CA GLY E 358 58.07 -30.39 -28.25
C GLY E 358 57.57 -29.39 -27.23
N PHE E 359 56.35 -28.90 -27.44
CA PHE E 359 55.78 -27.84 -26.61
C PHE E 359 55.11 -28.45 -25.39
N GLU E 360 55.93 -28.78 -24.39
CA GLU E 360 55.41 -29.18 -23.10
C GLU E 360 55.59 -28.11 -22.03
N HIS E 361 56.42 -27.11 -22.29
CA HIS E 361 56.60 -26.01 -21.35
C HIS E 361 55.52 -24.95 -21.49
N MET E 362 54.62 -25.11 -22.44
CA MET E 362 53.52 -24.17 -22.63
C MET E 362 52.37 -24.46 -21.68
N TYR E 363 52.03 -25.74 -21.53
CA TYR E 363 50.84 -26.15 -20.80
C TYR E 363 51.24 -26.60 -19.39
N ASP E 364 51.61 -25.62 -18.57
CA ASP E 364 51.93 -25.88 -17.17
C ASP E 364 51.21 -24.98 -16.19
N GLY E 365 50.68 -23.85 -16.63
CA GLY E 365 50.00 -22.94 -15.73
C GLY E 365 50.94 -22.03 -14.99
N ASN E 366 52.24 -22.31 -15.08
CA ASN E 366 53.25 -21.46 -14.47
C ASN E 366 53.54 -20.20 -15.28
N ASP E 367 53.00 -20.12 -16.51
CA ASP E 367 53.15 -18.95 -17.35
C ASP E 367 51.87 -18.74 -18.14
N ASP E 368 51.73 -17.57 -18.73
CA ASP E 368 50.61 -17.26 -19.63
C ASP E 368 51.18 -16.75 -20.93
N TYR E 369 51.04 -17.54 -22.00
CA TYR E 369 51.60 -17.19 -23.30
C TYR E 369 50.53 -16.59 -24.20
N PRO E 370 50.92 -15.82 -25.22
CA PRO E 370 49.91 -15.20 -26.09
C PRO E 370 49.11 -16.21 -26.89
N TYR E 371 49.78 -17.15 -27.56
CA TYR E 371 49.12 -18.18 -28.36
C TYR E 371 49.59 -19.55 -27.89
N TYR E 372 48.79 -20.56 -28.23
CA TYR E 372 49.09 -21.93 -27.85
C TYR E 372 49.38 -22.73 -29.11
N LEU E 373 50.50 -23.45 -29.11
CA LEU E 373 50.96 -24.17 -30.29
C LEU E 373 50.65 -25.65 -30.19
N LEU E 374 50.33 -26.24 -31.34
CA LEU E 374 50.10 -27.68 -31.47
C LEU E 374 50.75 -28.14 -32.76
N ASN E 375 51.49 -29.23 -32.70
CA ASN E 375 52.23 -29.71 -33.86
C ASN E 375 51.28 -30.45 -34.80
N ARG E 376 51.85 -31.20 -35.76
CA ARG E 376 51.13 -31.65 -36.95
C ARG E 376 49.73 -32.18 -36.67
N THR E 377 49.62 -33.24 -35.87
CA THR E 377 48.34 -33.83 -35.51
C THR E 377 48.49 -34.89 -34.42
N PRO E 388 42.47 -27.86 -32.00
CA PRO E 388 41.79 -29.15 -32.03
C PRO E 388 42.11 -30.01 -30.82
N LEU E 389 41.16 -30.12 -29.88
CA LEU E 389 41.37 -30.87 -28.65
C LEU E 389 40.07 -30.85 -27.85
N ALA E 390 39.99 -31.75 -26.86
CA ALA E 390 38.81 -31.89 -26.02
C ALA E 390 39.20 -31.71 -24.56
N TYR E 391 38.22 -31.32 -23.74
CA TYR E 391 38.46 -30.95 -22.35
C TYR E 391 37.82 -31.94 -21.38
N TYR E 392 38.25 -31.85 -20.13
CA TYR E 392 37.75 -32.68 -19.04
C TYR E 392 36.64 -31.92 -18.33
N GLU E 393 35.42 -32.46 -18.38
CA GLU E 393 34.25 -31.74 -17.90
C GLU E 393 34.27 -31.64 -16.39
N ASN E 394 34.45 -30.43 -15.87
CA ASN E 394 34.30 -30.19 -14.44
C ASN E 394 32.84 -30.37 -14.05
N PRO E 395 32.56 -30.75 -12.81
CA PRO E 395 31.18 -30.89 -12.36
C PRO E 395 30.49 -29.53 -12.31
N GLU E 396 29.17 -29.56 -12.44
CA GLU E 396 28.36 -28.36 -12.40
C GLU E 396 27.40 -28.44 -11.23
N VAL E 397 27.15 -27.30 -10.59
CA VAL E 397 26.20 -27.23 -9.49
C VAL E 397 24.79 -27.42 -10.04
N PRO E 398 23.99 -28.33 -9.48
CA PRO E 398 22.66 -28.58 -10.06
C PRO E 398 21.76 -27.36 -10.05
N GLN E 399 21.87 -26.49 -9.05
CA GLN E 399 21.04 -25.30 -8.87
C GLN E 399 19.62 -25.73 -8.56
N ALA E 400 19.37 -27.03 -8.63
CA ALA E 400 18.15 -27.60 -8.08
C ALA E 400 18.32 -27.95 -6.61
N ASN E 401 19.52 -27.77 -6.06
CA ASN E 401 19.76 -28.04 -4.66
C ASN E 401 19.25 -26.94 -3.74
N ALA E 402 18.82 -25.81 -4.28
CA ALA E 402 18.29 -24.76 -3.43
C ALA E 402 17.12 -25.27 -2.61
N TYR E 403 16.13 -25.85 -3.28
CA TYR E 403 14.98 -26.34 -2.55
C TYR E 403 15.30 -27.59 -1.74
N MET E 404 16.26 -28.39 -2.20
CA MET E 404 16.67 -29.55 -1.43
C MET E 404 17.21 -29.13 -0.07
N LEU E 405 18.14 -28.18 -0.08
CA LEU E 405 18.73 -27.67 1.15
C LEU E 405 17.68 -26.99 2.01
N GLU E 406 16.80 -26.21 1.40
CA GLU E 406 15.79 -25.52 2.19
C GLU E 406 14.82 -26.50 2.83
N ALA E 407 14.44 -27.54 2.11
CA ALA E 407 13.57 -28.56 2.69
C ALA E 407 14.25 -29.26 3.86
N ALA E 408 15.52 -29.63 3.70
CA ALA E 408 16.20 -30.33 4.80
C ALA E 408 16.35 -29.42 6.02
N THR E 409 16.79 -28.18 5.82
CA THR E 409 16.98 -27.27 6.94
C THR E 409 15.66 -26.96 7.63
N SER E 410 14.62 -26.68 6.85
CA SER E 410 13.33 -26.38 7.45
C SER E 410 12.78 -27.60 8.17
N ALA E 411 13.02 -28.81 7.65
CA ALA E 411 12.60 -30.00 8.37
C ALA E 411 13.27 -30.07 9.73
N VAL E 412 14.59 -29.87 9.78
CA VAL E 412 15.28 -29.93 11.06
C VAL E 412 14.73 -28.87 12.01
N LYS E 413 14.47 -27.67 11.50
CA LYS E 413 14.08 -26.57 12.37
C LYS E 413 12.60 -26.55 12.74
N GLU E 414 11.74 -27.31 12.07
CA GLU E 414 10.35 -27.31 12.51
C GLU E 414 9.87 -28.65 13.02
N VAL E 415 10.33 -29.76 12.45
CA VAL E 415 9.95 -31.09 12.96
C VAL E 415 10.32 -31.21 14.43
N ALA E 416 11.43 -30.59 14.80
CA ALA E 416 11.82 -30.56 16.21
C ALA E 416 10.85 -29.73 17.02
N THR E 417 10.74 -28.44 16.73
CA THR E 417 9.91 -27.53 17.49
C THR E 417 9.03 -26.72 16.57
N LEU E 418 7.84 -26.36 17.07
CA LEU E 418 6.83 -25.58 16.35
C LEU E 418 6.69 -25.98 14.89
N ASP E 443 1.39 -24.36 22.78
CA ASP E 443 2.59 -24.89 23.39
C ASP E 443 3.19 -23.90 24.40
N LEU E 444 4.06 -23.02 23.90
CA LEU E 444 4.83 -22.08 24.69
C LEU E 444 5.82 -22.82 25.59
N GLU E 445 5.76 -24.14 25.52
CA GLU E 445 6.71 -25.09 26.10
C GLU E 445 6.32 -26.46 25.62
N THR E 446 7.29 -27.27 25.21
CA THR E 446 6.96 -28.57 24.63
C THR E 446 6.31 -29.40 25.72
N TYR E 447 4.99 -29.58 25.60
CA TYR E 447 4.20 -30.08 26.72
C TYR E 447 4.65 -31.46 27.17
N VAL E 448 5.08 -32.32 26.25
CA VAL E 448 5.47 -33.68 26.64
C VAL E 448 6.75 -33.65 27.45
N PHE E 449 7.75 -32.89 27.00
CA PHE E 449 8.99 -32.79 27.74
C PHE E 449 8.78 -32.10 29.08
N GLN E 450 7.95 -31.04 29.10
CA GLN E 450 7.68 -30.34 30.35
C GLN E 450 6.95 -31.23 31.35
N ASP E 451 5.95 -31.98 30.88
CA ASP E 451 5.23 -32.88 31.77
C ASP E 451 6.13 -33.99 32.29
N ASN E 452 7.00 -34.53 31.44
CA ASN E 452 7.92 -35.56 31.91
C ASN E 452 8.89 -35.00 32.95
N LEU E 453 9.40 -33.79 32.73
CA LEU E 453 10.24 -33.16 33.73
C LEU E 453 9.48 -32.92 35.02
N ALA E 454 8.20 -32.54 34.93
CA ALA E 454 7.40 -32.33 36.13
C ALA E 454 7.22 -33.64 36.90
N THR E 455 6.95 -34.73 36.20
CA THR E 455 6.79 -36.02 36.87
C THR E 455 8.09 -36.45 37.54
N ALA E 456 9.21 -36.27 36.85
CA ALA E 456 10.50 -36.59 37.46
C ALA E 456 10.79 -35.72 38.66
N MET E 457 10.45 -34.42 38.59
CA MET E 457 10.66 -33.55 39.74
C MET E 457 9.75 -33.94 40.90
N ARG E 458 8.56 -34.45 40.62
CA ARG E 458 7.72 -34.97 41.70
C ARG E 458 8.36 -36.18 42.35
N ARG E 459 8.95 -37.08 41.56
CA ARG E 459 9.69 -38.19 42.16
C ARG E 459 10.85 -37.67 43.01
N ASP E 460 11.55 -36.65 42.52
CA ASP E 460 12.59 -36.03 43.31
C ASP E 460 12.05 -35.50 44.62
N GLY E 461 10.85 -34.92 44.57
CA GLY E 461 10.22 -34.45 45.79
C GLY E 461 9.96 -35.57 46.77
N GLU E 462 9.46 -36.71 46.29
CA GLU E 462 9.21 -37.83 47.19
C GLU E 462 10.50 -38.33 47.81
N ILE E 463 11.55 -38.48 47.01
CA ILE E 463 12.81 -38.97 47.56
C ILE E 463 13.37 -37.99 48.58
N TYR E 464 13.34 -36.70 48.26
CA TYR E 464 13.85 -35.69 49.18
C TYR E 464 13.04 -35.68 50.47
N GLN E 465 11.73 -35.83 50.37
CA GLN E 465 10.92 -35.82 51.58
C GLN E 465 11.21 -37.04 52.44
N SER E 466 11.40 -38.21 51.83
CA SER E 466 11.73 -39.38 52.63
C SER E 466 13.06 -39.20 53.34
N ILE E 467 14.06 -38.66 52.63
CA ILE E 467 15.36 -38.47 53.26
C ILE E 467 15.26 -37.43 54.38
N VAL E 468 14.52 -36.35 54.15
CA VAL E 468 14.30 -35.35 55.20
C VAL E 468 13.62 -35.97 56.40
N ASN E 469 12.60 -36.79 56.16
CA ASN E 469 11.92 -37.46 57.25
C ASN E 469 12.86 -38.35 58.04
N ASP E 470 13.88 -38.90 57.39
CA ASP E 470 14.74 -39.87 58.06
C ASP E 470 15.99 -39.27 58.71
N ILE E 471 16.50 -38.12 58.26
CA ILE E 471 17.75 -37.58 58.76
C ILE E 471 17.53 -36.33 59.62
N TYR E 472 16.53 -35.52 59.28
CA TYR E 472 16.25 -34.30 60.03
C TYR E 472 15.52 -34.61 61.33
N ASP E 473 16.20 -35.31 62.24
CA ASP E 473 15.63 -35.70 63.52
C ASP E 473 16.20 -34.87 64.67
N VAL E 474 17.52 -34.81 64.78
CA VAL E 474 18.20 -34.09 65.84
C VAL E 474 17.80 -32.62 65.76
N PRO E 475 17.58 -31.93 66.88
CA PRO E 475 17.28 -30.49 66.81
C PRO E 475 18.35 -29.71 66.08
N ARG E 476 17.99 -29.13 64.95
CA ARG E 476 18.94 -28.43 64.09
C ARG E 476 18.44 -27.04 63.78
N ASN E 477 19.26 -26.28 63.06
CA ASN E 477 18.87 -24.99 62.52
C ASN E 477 19.00 -25.07 61.00
N VAL E 478 17.95 -24.64 60.30
CA VAL E 478 17.91 -24.71 58.85
C VAL E 478 17.56 -23.33 58.31
N THR E 479 17.83 -23.14 57.03
CA THR E 479 17.45 -21.93 56.32
C THR E 479 16.32 -22.26 55.35
N ILE E 480 15.31 -21.41 55.31
CA ILE E 480 14.13 -21.61 54.48
C ILE E 480 14.05 -20.47 53.49
N THR E 481 13.81 -20.81 52.22
CA THR E 481 13.58 -19.80 51.20
C THR E 481 12.08 -19.80 50.90
N LEU E 482 11.35 -18.89 51.54
CA LEU E 482 9.95 -18.73 51.22
C LEU E 482 9.80 -18.26 49.79
N GLU E 483 8.56 -18.29 49.31
CA GLU E 483 8.29 -17.81 47.97
C GLU E 483 8.61 -16.31 47.89
N ASP E 484 8.94 -15.86 46.69
CA ASP E 484 9.46 -14.51 46.43
C ASP E 484 10.86 -14.34 47.03
N GLY E 485 11.67 -15.40 47.00
CA GLY E 485 13.06 -15.34 47.35
C GLY E 485 13.39 -14.80 48.73
N SER E 486 12.39 -14.53 49.56
CA SER E 486 12.63 -13.95 50.88
C SER E 486 13.21 -15.01 51.80
N GLU E 487 14.53 -14.97 52.00
CA GLU E 487 15.17 -15.93 52.87
C GLU E 487 14.70 -15.77 54.30
N LYS E 488 14.82 -16.84 55.08
CA LYS E 488 14.39 -16.82 56.47
C LYS E 488 15.14 -17.90 57.23
N ASP E 489 15.38 -17.64 58.51
CA ASP E 489 16.02 -18.58 59.40
C ASP E 489 14.98 -19.19 60.34
N VAL E 490 15.00 -20.51 60.46
CA VAL E 490 14.00 -21.24 61.24
C VAL E 490 14.67 -22.40 61.95
N GLN E 491 14.31 -22.62 63.20
CA GLN E 491 14.73 -23.81 63.93
C GLN E 491 13.70 -24.92 63.74
N LEU E 492 14.19 -26.17 63.79
CA LEU E 492 13.34 -27.30 63.43
C LEU E 492 12.49 -27.78 64.61
N MET E 493 13.13 -28.10 65.73
CA MET E 493 12.35 -28.56 66.88
C MET E 493 11.71 -27.41 67.63
N ALA E 494 12.53 -26.46 68.11
CA ALA E 494 12.04 -25.31 68.88
C ALA E 494 11.27 -25.78 70.10
N GLU E 495 12.00 -26.44 71.00
CA GLU E 495 11.45 -27.16 72.14
C GLU E 495 10.79 -26.23 73.17
N VAL E 496 10.70 -24.93 72.89
CA VAL E 496 10.13 -23.97 73.84
C VAL E 496 8.76 -24.43 74.31
N VAL E 497 8.55 -24.37 75.63
CA VAL E 497 7.28 -24.73 76.25
C VAL E 497 6.35 -23.53 76.19
N ASP E 498 5.06 -23.79 76.01
CA ASP E 498 4.09 -22.74 75.80
C ASP E 498 3.93 -21.88 77.05
N LEU E 499 3.36 -20.69 76.86
CA LEU E 499 3.12 -19.76 77.95
C LEU E 499 1.73 -19.91 78.53
N ALA E 500 0.70 -19.72 77.71
CA ALA E 500 -0.69 -19.78 78.16
C ALA E 500 -1.33 -21.14 77.97
N THR E 501 -0.60 -22.13 77.44
CA THR E 501 -1.14 -23.46 77.21
C THR E 501 -0.74 -24.45 78.29
N GLY E 502 0.57 -24.60 78.52
CA GLY E 502 1.07 -25.51 79.53
C GLY E 502 1.59 -26.83 79.01
N GLU E 503 1.51 -27.08 77.71
CA GLU E 503 2.01 -28.31 77.09
C GLU E 503 3.35 -28.05 76.42
N LYS E 504 3.97 -29.13 75.96
CA LYS E 504 5.27 -29.03 75.32
C LYS E 504 5.16 -28.37 73.95
N GLN E 505 4.43 -29.00 73.03
CA GLN E 505 4.06 -28.41 71.75
C GLN E 505 5.30 -27.97 70.96
N VAL E 506 6.07 -28.97 70.53
CA VAL E 506 7.17 -28.71 69.61
C VAL E 506 6.62 -28.01 68.38
N LEU E 507 7.38 -27.04 67.87
CA LEU E 507 6.82 -26.07 66.93
C LEU E 507 6.67 -26.66 65.53
N ASN E 508 7.77 -27.06 64.91
CA ASN E 508 7.73 -27.44 63.50
C ASN E 508 7.61 -28.94 63.29
N ASP E 509 8.58 -29.71 63.78
CA ASP E 509 8.49 -31.18 63.80
C ASP E 509 8.21 -31.74 62.40
N ILE E 510 9.23 -31.59 61.55
CA ILE E 510 9.11 -31.91 60.12
C ILE E 510 8.66 -33.35 59.89
N ARG E 511 9.12 -34.27 60.74
CA ARG E 511 8.84 -35.69 60.52
C ARG E 511 7.34 -35.92 60.41
N GLY E 512 6.95 -36.68 59.38
CA GLY E 512 5.56 -36.99 59.14
C GLY E 512 5.36 -37.85 57.92
N ARG E 513 4.34 -37.56 57.11
CA ARG E 513 4.13 -38.27 55.86
C ARG E 513 3.46 -37.31 54.90
N TYR E 514 4.17 -36.91 53.86
CA TYR E 514 3.67 -35.95 52.88
C TYR E 514 3.75 -36.56 51.49
N GLU E 515 2.83 -36.16 50.62
CA GLU E 515 2.87 -36.53 49.22
C GLU E 515 3.05 -35.28 48.38
N CYS E 516 3.86 -35.38 47.33
CA CYS E 516 4.21 -34.23 46.52
C CYS E 516 3.22 -34.04 45.39
N TYR E 517 2.97 -32.79 45.03
CA TYR E 517 2.17 -32.47 43.86
C TYR E 517 2.64 -31.13 43.31
N THR E 518 2.99 -31.11 42.03
CA THR E 518 3.58 -29.92 41.42
C THR E 518 2.53 -29.12 40.65
N ASP E 519 2.70 -27.80 40.65
CA ASP E 519 1.81 -26.88 39.93
C ASP E 519 2.64 -26.19 38.85
N VAL E 520 2.77 -26.83 37.70
CA VAL E 520 3.47 -26.24 36.57
C VAL E 520 2.60 -25.15 35.97
N GLY E 521 3.18 -23.98 35.71
CA GLY E 521 2.45 -22.90 35.11
C GLY E 521 3.06 -21.55 35.36
N PRO E 522 2.24 -20.60 35.85
CA PRO E 522 2.70 -19.23 36.02
C PRO E 522 3.77 -19.13 37.10
N SER E 523 4.95 -18.67 36.71
CA SER E 523 5.99 -18.40 37.68
C SER E 523 5.60 -17.20 38.55
N PHE E 524 6.19 -17.13 39.74
CA PHE E 524 5.79 -16.09 40.68
C PHE E 524 6.06 -14.69 40.12
N GLN E 525 7.21 -14.50 39.48
CA GLN E 525 7.49 -13.19 38.89
C GLN E 525 6.48 -12.86 37.80
N SER E 526 6.11 -13.84 36.98
CA SER E 526 5.08 -13.60 35.98
C SER E 526 3.74 -13.31 36.64
N MET E 527 3.43 -14.00 37.73
CA MET E 527 2.19 -13.72 38.45
C MET E 527 2.16 -12.28 38.93
N LYS E 528 3.27 -11.81 39.50
CA LYS E 528 3.34 -10.45 40.02
C LYS E 528 3.27 -9.43 38.88
N GLN E 529 3.91 -9.72 37.75
CA GLN E 529 3.85 -8.79 36.63
C GLN E 529 2.43 -8.66 36.10
N GLN E 530 1.73 -9.79 35.97
CA GLN E 530 0.33 -9.73 35.53
C GLN E 530 -0.52 -8.99 36.55
N ASN E 531 -0.24 -9.18 37.84
CA ASN E 531 -0.98 -8.46 38.88
C ASN E 531 -0.76 -6.96 38.77
N ARG E 532 0.48 -6.54 38.54
CA ARG E 532 0.74 -5.12 38.36
C ARG E 532 0.02 -4.58 37.13
N ALA E 533 -0.01 -5.36 36.05
CA ALA E 533 -0.74 -4.92 34.87
C ALA E 533 -2.22 -4.72 35.16
N GLU E 534 -2.82 -5.66 35.89
CA GLU E 534 -4.24 -5.55 36.21
C GLU E 534 -4.53 -4.36 37.12
N ILE E 535 -3.67 -4.15 38.13
CA ILE E 535 -3.87 -3.01 39.02
C ILE E 535 -3.71 -1.70 38.26
N LEU E 536 -2.73 -1.63 37.36
CA LEU E 536 -2.57 -0.43 36.56
C LEU E 536 -3.77 -0.18 35.67
N GLU E 537 -4.34 -1.25 35.11
CA GLU E 537 -5.54 -1.08 34.30
C GLU E 537 -6.70 -0.51 35.12
N LEU E 538 -6.90 -1.06 36.33
CA LEU E 538 -7.95 -0.53 37.19
C LEU E 538 -7.70 0.93 37.56
N LEU E 539 -6.45 1.27 37.84
CA LEU E 539 -6.12 2.67 38.09
C LEU E 539 -6.48 3.53 36.89
N GLY E 540 -6.34 3.00 35.68
CA GLY E 540 -6.78 3.72 34.51
C GLY E 540 -8.29 3.81 34.39
N LYS E 541 -9.01 2.88 35.00
CA LYS E 541 -10.47 2.83 34.85
C LYS E 541 -11.20 2.98 36.18
N THR E 542 -10.82 3.97 36.98
CA THR E 542 -11.48 4.20 38.26
C THR E 542 -11.45 5.69 38.58
N PRO E 543 -12.56 6.29 39.00
CA PRO E 543 -12.53 7.70 39.39
C PRO E 543 -11.64 7.93 40.59
N GLN E 544 -11.02 9.10 40.63
CA GLN E 544 -10.00 9.43 41.61
C GLN E 544 -10.62 9.86 42.93
N GLY E 545 -9.78 9.95 43.95
CA GLY E 545 -10.20 10.42 45.26
C GLY E 545 -10.84 9.36 46.13
N THR E 546 -11.64 8.48 45.52
CA THR E 546 -12.34 7.46 46.28
C THR E 546 -11.35 6.52 46.96
N PRO E 547 -11.70 5.96 48.12
CA PRO E 547 -10.76 5.06 48.81
C PRO E 547 -10.35 3.86 47.99
N GLU E 548 -11.18 3.42 47.03
CA GLU E 548 -10.77 2.33 46.16
C GLU E 548 -9.55 2.72 45.32
N TYR E 549 -9.56 3.93 44.77
CA TYR E 549 -8.42 4.37 43.98
C TYR E 549 -7.16 4.47 44.83
N GLN E 550 -7.28 5.01 46.03
CA GLN E 550 -6.12 5.11 46.91
C GLN E 550 -5.60 3.72 47.25
N LEU E 551 -6.50 2.79 47.57
CA LEU E 551 -6.07 1.45 47.91
C LEU E 551 -5.37 0.77 46.73
N LEU E 552 -5.91 0.96 45.53
CA LEU E 552 -5.27 0.41 44.34
C LEU E 552 -3.87 1.00 44.15
N LEU E 553 -3.74 2.31 44.34
CA LEU E 553 -2.44 2.95 44.13
C LEU E 553 -1.41 2.45 45.13
N LEU E 554 -1.79 2.35 46.41
CA LEU E 554 -0.88 1.80 47.40
C LEU E 554 -0.55 0.34 47.13
N GLN E 555 -1.52 -0.45 46.69
CA GLN E 555 -1.19 -1.84 46.39
C GLN E 555 -0.24 -1.94 45.20
N TYR E 556 -0.40 -1.07 44.21
CA TYR E 556 0.57 -1.03 43.12
C TYR E 556 1.94 -0.67 43.63
N PHE E 557 2.01 0.29 44.57
CA PHE E 557 3.29 0.61 45.19
C PHE E 557 3.90 -0.62 45.84
N THR E 558 3.09 -1.41 46.55
CA THR E 558 3.62 -2.56 47.27
C THR E 558 4.18 -3.61 46.33
N LEU E 559 3.72 -3.65 45.10
CA LEU E 559 4.12 -4.68 44.15
C LEU E 559 5.33 -4.28 43.31
N LEU E 560 6.02 -3.20 43.66
CA LEU E 560 7.14 -2.73 42.85
C LEU E 560 8.37 -3.62 43.08
N ASP E 561 9.50 -3.21 42.51
CA ASP E 561 10.74 -3.95 42.60
C ASP E 561 11.53 -3.47 43.82
N GLY E 562 12.81 -3.80 43.90
CA GLY E 562 13.54 -3.73 45.15
C GLY E 562 14.24 -2.43 45.46
N LYS E 563 15.57 -2.42 45.30
CA LYS E 563 16.42 -1.38 45.89
C LYS E 563 15.99 0.03 45.54
N GLY E 564 15.62 0.26 44.29
CA GLY E 564 15.34 1.60 43.82
C GLY E 564 14.19 2.30 44.52
N VAL E 565 13.06 1.62 44.66
CA VAL E 565 11.85 2.25 45.16
C VAL E 565 11.46 1.67 46.51
N GLU E 566 12.46 1.25 47.29
CA GLU E 566 12.18 0.69 48.61
C GLU E 566 11.43 1.68 49.49
N MET E 567 11.77 2.97 49.37
CA MET E 567 11.13 3.98 50.21
C MET E 567 9.63 4.09 49.90
N MET E 568 9.26 4.03 48.61
CA MET E 568 7.84 4.07 48.28
C MET E 568 7.11 2.83 48.79
N ARG E 569 7.74 1.66 48.69
CA ARG E 569 7.09 0.46 49.20
C ARG E 569 6.89 0.54 50.71
N ASP E 570 7.89 1.05 51.43
CA ASP E 570 7.75 1.21 52.88
C ASP E 570 6.67 2.21 53.23
N TYR E 571 6.60 3.33 52.49
CA TYR E 571 5.53 4.29 52.71
C TYR E 571 4.17 3.67 52.45
N ALA E 572 4.07 2.85 51.40
CA ALA E 572 2.81 2.20 51.09
C ALA E 572 2.39 1.25 52.19
N ASN E 573 3.34 0.48 52.72
CA ASN E 573 3.00 -0.41 53.84
C ASN E 573 2.53 0.39 55.05
N LYS E 574 3.21 1.50 55.35
CA LYS E 574 2.79 2.32 56.48
C LYS E 574 1.39 2.86 56.27
N GLN E 575 1.11 3.37 55.08
CA GLN E 575 -0.19 3.97 54.82
C GLN E 575 -1.30 2.93 54.82
N LEU E 576 -1.03 1.74 54.27
CA LEU E 576 -2.02 0.66 54.31
C LEU E 576 -2.30 0.23 55.74
N ILE E 577 -1.26 0.08 56.56
CA ILE E 577 -1.45 -0.38 57.92
C ILE E 577 -2.21 0.66 58.73
N GLN E 578 -1.85 1.94 58.58
CA GLN E 578 -2.58 3.00 59.27
C GLN E 578 -3.98 3.20 58.71
N MET E 579 -4.24 2.75 57.49
CA MET E 579 -5.59 2.75 56.96
C MET E 579 -6.43 1.66 57.61
N GLY E 580 -5.80 0.57 58.05
CA GLY E 580 -6.50 -0.54 58.65
C GLY E 580 -6.83 -1.67 57.72
N VAL E 581 -6.37 -1.62 56.47
CA VAL E 581 -6.72 -2.66 55.50
C VAL E 581 -5.75 -3.84 55.61
N LYS E 582 -4.45 -3.55 55.62
CA LYS E 582 -3.44 -4.58 55.80
C LYS E 582 -3.15 -4.78 57.27
N LYS E 583 -3.12 -6.04 57.70
CA LYS E 583 -2.87 -6.36 59.09
C LYS E 583 -1.42 -6.03 59.47
N PRO E 584 -1.20 -5.54 60.68
CA PRO E 584 0.17 -5.29 61.14
C PRO E 584 0.93 -6.58 61.37
N GLU E 585 2.24 -6.51 61.26
CA GLU E 585 3.08 -7.69 61.40
C GLU E 585 4.22 -7.53 62.40
N THR E 586 4.34 -6.38 63.05
CA THR E 586 5.41 -6.13 64.00
C THR E 586 5.01 -4.97 64.89
N PRO E 587 5.48 -4.91 66.13
CA PRO E 587 4.95 -3.93 67.10
C PRO E 587 5.10 -2.47 66.66
N GLU E 588 6.11 -2.12 65.86
CA GLU E 588 6.18 -0.76 65.37
C GLU E 588 4.98 -0.44 64.47
N GLU E 589 4.57 -1.40 63.66
CA GLU E 589 3.37 -1.21 62.84
C GLU E 589 2.14 -1.09 63.73
N GLN E 590 2.08 -1.86 64.82
CA GLN E 590 0.96 -1.73 65.74
C GLN E 590 0.91 -0.34 66.37
N GLN E 591 2.08 0.19 66.76
CA GLN E 591 2.14 1.54 67.29
C GLN E 591 1.68 2.55 66.24
N TRP E 592 2.08 2.36 64.98
CA TRP E 592 1.62 3.24 63.92
C TRP E 592 0.11 3.17 63.77
N LEU E 593 -0.45 1.97 63.83
CA LEU E 593 -1.90 1.81 63.68
C LEU E 593 -2.64 2.52 64.80
N VAL E 594 -2.21 2.32 66.04
CA VAL E 594 -2.91 2.96 67.15
C VAL E 594 -2.71 4.47 67.12
N GLU E 595 -1.53 4.94 66.70
CA GLU E 595 -1.31 6.37 66.58
C GLU E 595 -2.24 6.98 65.56
N ALA E 596 -2.39 6.32 64.40
CA ALA E 596 -3.30 6.84 63.39
C ALA E 596 -4.75 6.79 63.85
N GLN E 597 -5.15 5.71 64.52
CA GLN E 597 -6.54 5.56 64.92
C GLN E 597 -6.92 6.57 66.00
N GLN E 598 -6.10 6.69 67.03
CA GLN E 598 -6.41 7.61 68.12
C GLN E 598 -6.22 9.07 67.72
N ALA E 599 -5.59 9.34 66.59
CA ALA E 599 -5.35 10.71 66.15
C ALA E 599 -6.67 11.42 65.86
N ASN F 6 61.68 -39.76 44.48
CA ASN F 6 60.51 -40.54 44.09
C ASN F 6 59.28 -39.67 43.97
N ARG F 7 59.28 -38.55 44.70
CA ARG F 7 58.13 -37.65 44.67
C ARG F 7 57.86 -37.13 43.27
N LEU F 8 58.92 -36.74 42.56
CA LEU F 8 58.75 -36.24 41.20
C LEU F 8 58.19 -37.32 40.28
N GLU F 9 58.55 -38.58 40.52
CA GLU F 9 57.99 -39.62 39.67
C GLU F 9 56.48 -39.75 39.88
N SER F 10 55.99 -39.62 41.11
CA SER F 10 54.55 -39.59 41.34
C SER F 10 53.91 -38.37 40.69
N ILE F 11 54.55 -37.20 40.82
CA ILE F 11 53.99 -35.99 40.23
C ILE F 11 53.86 -36.15 38.72
N LEU F 12 54.92 -36.63 38.07
CA LEU F 12 54.89 -36.78 36.63
C LEU F 12 53.96 -37.90 36.19
N SER F 13 53.79 -38.94 37.01
CA SER F 13 52.80 -39.95 36.69
C SER F 13 51.40 -39.34 36.65
N ARG F 14 51.07 -38.54 37.66
CA ARG F 14 49.75 -37.90 37.67
C ARG F 14 49.60 -36.94 36.50
N PHE F 15 50.64 -36.16 36.22
CA PHE F 15 50.56 -35.19 35.13
C PHE F 15 50.42 -35.87 33.79
N ASP F 16 51.17 -36.95 33.56
CA ASP F 16 51.06 -37.68 32.30
C ASP F 16 49.69 -38.33 32.15
N ALA F 17 49.15 -38.86 33.25
CA ALA F 17 47.80 -39.42 33.18
C ALA F 17 46.79 -38.36 32.78
N ASP F 18 46.87 -37.18 33.39
CA ASP F 18 45.95 -36.09 33.05
C ASP F 18 46.12 -35.68 31.59
N TRP F 19 47.37 -35.56 31.15
CA TRP F 19 47.65 -35.14 29.78
C TRP F 19 47.07 -36.13 28.77
N THR F 20 47.38 -37.41 28.94
CA THR F 20 46.89 -38.39 27.98
C THR F 20 45.37 -38.55 28.05
N ALA F 21 44.77 -38.32 29.22
CA ALA F 21 43.33 -38.43 29.30
C ALA F 21 42.63 -37.26 28.61
N SER F 22 43.21 -36.07 28.65
CA SER F 22 42.59 -34.92 28.01
C SER F 22 43.19 -34.59 26.65
N ASP F 23 44.01 -35.48 26.10
CA ASP F 23 44.68 -35.19 24.84
C ASP F 23 43.72 -34.88 23.70
N GLU F 24 42.65 -35.67 23.56
CA GLU F 24 41.77 -35.46 22.41
C GLU F 24 41.07 -34.11 22.49
N ALA F 25 40.53 -33.78 23.65
CA ALA F 25 39.85 -32.49 23.82
C ALA F 25 40.83 -31.34 23.64
N ARG F 26 42.04 -31.47 24.17
CA ARG F 26 43.03 -30.41 24.00
C ARG F 26 43.42 -30.24 22.55
N ARG F 27 43.55 -31.34 21.81
CA ARG F 27 43.87 -31.25 20.38
C ARG F 27 42.79 -30.49 19.64
N GLU F 28 41.53 -30.88 19.83
CA GLU F 28 40.46 -30.20 19.10
C GLU F 28 40.34 -28.74 19.52
N ALA F 29 40.52 -28.43 20.81
CA ALA F 29 40.44 -27.04 21.24
C ALA F 29 41.59 -26.20 20.66
N LYS F 30 42.80 -26.74 20.63
CA LYS F 30 43.91 -26.02 20.02
C LYS F 30 43.66 -25.78 18.54
N ASN F 31 43.11 -26.78 17.85
CA ASN F 31 42.77 -26.57 16.44
C ASN F 31 41.74 -25.47 16.28
N ASP F 32 40.73 -25.43 17.17
CA ASP F 32 39.73 -24.38 17.14
C ASP F 32 40.35 -23.01 17.33
N LEU F 33 41.20 -22.88 18.34
CA LEU F 33 41.82 -21.59 18.63
C LEU F 33 42.71 -21.16 17.48
N PHE F 34 43.48 -22.07 16.91
CA PHE F 34 44.34 -21.74 15.79
C PHE F 34 43.53 -21.36 14.57
N PHE F 35 42.39 -22.00 14.36
CA PHE F 35 41.52 -21.60 13.26
C PHE F 35 40.95 -20.22 13.46
N SER F 36 40.59 -19.86 14.69
CA SER F 36 39.93 -18.59 14.96
C SER F 36 40.90 -17.46 15.21
N ARG F 37 42.20 -17.68 15.14
CA ARG F 37 43.15 -16.61 15.40
C ARG F 37 44.32 -16.53 14.42
N VAL F 38 44.57 -17.54 13.60
CA VAL F 38 45.75 -17.52 12.75
C VAL F 38 45.37 -17.64 11.27
N SER F 39 44.75 -18.75 10.90
CA SER F 39 44.44 -18.99 9.50
C SER F 39 43.30 -20.00 9.38
N GLN F 40 42.30 -19.69 8.55
CA GLN F 40 41.16 -20.57 8.41
C GLN F 40 41.51 -21.87 7.71
N TRP F 41 42.60 -21.88 6.95
CA TRP F 41 42.93 -23.01 6.08
C TRP F 41 43.83 -23.98 6.83
N ASP F 42 43.22 -24.96 7.49
CA ASP F 42 43.98 -25.99 8.17
C ASP F 42 44.77 -26.82 7.15
N ASP F 43 45.67 -27.67 7.62
CA ASP F 43 46.50 -28.42 6.69
C ASP F 43 45.70 -29.48 5.94
N TRP F 44 44.76 -30.14 6.63
CA TRP F 44 43.86 -31.06 5.95
C TRP F 44 43.20 -30.38 4.76
N LEU F 45 42.70 -29.17 4.97
CA LEU F 45 42.03 -28.47 3.88
C LEU F 45 43.00 -28.13 2.77
N SER F 46 44.23 -27.75 3.10
CA SER F 46 45.21 -27.46 2.06
C SER F 46 45.59 -28.72 1.28
N GLN F 47 45.38 -29.90 1.85
CA GLN F 47 45.64 -31.11 1.09
C GLN F 47 44.46 -31.44 0.18
N TYR F 48 43.25 -31.45 0.73
CA TYR F 48 42.03 -31.52 -0.08
C TYR F 48 41.66 -30.14 -0.59
N THR F 49 42.35 -29.72 -1.64
CA THR F 49 41.97 -28.60 -2.47
C THR F 49 43.03 -28.47 -3.55
N THR F 50 42.71 -27.71 -4.58
CA THR F 50 43.67 -27.41 -5.61
C THR F 50 43.71 -25.91 -5.87
N LEU F 51 42.78 -25.16 -5.29
CA LEU F 51 42.71 -23.72 -5.43
C LEU F 51 44.08 -23.09 -5.20
N GLN F 52 44.38 -22.05 -5.99
CA GLN F 52 45.66 -21.37 -5.88
C GLN F 52 45.59 -20.08 -5.09
N TYR F 53 44.43 -19.43 -5.03
CA TYR F 53 44.28 -18.22 -4.22
C TYR F 53 43.54 -18.59 -2.94
N ARG F 54 44.29 -19.05 -1.96
CA ARG F 54 43.71 -19.38 -0.66
C ARG F 54 43.48 -18.09 0.10
N GLY F 55 42.20 -17.73 0.29
CA GLY F 55 41.83 -16.51 0.96
C GLY F 55 41.09 -16.80 2.26
N GLN F 56 40.79 -15.72 2.99
CA GLN F 56 40.06 -15.81 4.27
C GLN F 56 39.04 -14.69 4.33
N PHE F 57 37.84 -14.96 3.83
CA PHE F 57 36.73 -14.01 3.92
C PHE F 57 35.79 -14.46 5.04
N ASP F 58 36.23 -14.23 6.27
CA ASP F 58 35.58 -14.87 7.41
C ASP F 58 34.40 -14.06 7.92
N VAL F 59 33.45 -14.77 8.51
CA VAL F 59 32.33 -14.13 9.20
C VAL F 59 32.19 -14.73 10.58
N VAL F 60 33.29 -15.29 11.10
CA VAL F 60 33.27 -15.87 12.44
C VAL F 60 33.48 -14.79 13.49
N ARG F 61 34.52 -13.97 13.33
CA ARG F 61 34.81 -12.94 14.31
C ARG F 61 33.66 -11.97 14.55
N PRO F 62 32.88 -11.53 13.56
CA PRO F 62 31.67 -10.78 13.90
C PRO F 62 30.75 -11.53 14.86
N VAL F 63 30.61 -12.84 14.68
CA VAL F 63 29.74 -13.60 15.57
C VAL F 63 30.32 -13.64 16.98
N VAL F 64 31.62 -13.91 17.08
CA VAL F 64 32.25 -13.97 18.40
C VAL F 64 32.15 -12.61 19.09
N ARG F 65 32.33 -11.53 18.33
CA ARG F 65 32.22 -10.20 18.90
C ARG F 65 30.80 -9.94 19.41
N LYS F 66 29.79 -10.37 18.63
CA LYS F 66 28.42 -10.18 19.08
C LYS F 66 28.15 -10.96 20.37
N LEU F 67 28.65 -12.19 20.46
CA LEU F 67 28.42 -12.98 21.67
C LEU F 67 29.11 -12.35 22.88
N VAL F 68 30.36 -11.89 22.71
CA VAL F 68 31.05 -11.27 23.84
C VAL F 68 30.34 -10.01 24.27
N SER F 69 29.87 -9.20 23.32
CA SER F 69 29.14 -8.00 23.68
C SER F 69 27.86 -8.34 24.44
N GLU F 70 27.14 -9.37 23.99
CA GLU F 70 25.92 -9.76 24.68
C GLU F 70 26.22 -10.18 26.11
N MET F 71 27.30 -10.93 26.31
CA MET F 71 27.69 -11.26 27.68
C MET F 71 28.03 -10.01 28.49
N ARG F 72 28.77 -9.08 27.89
CA ARG F 72 29.17 -7.88 28.60
C ARG F 72 27.99 -7.03 29.02
N GLN F 73 26.89 -7.09 28.28
CA GLN F 73 25.71 -6.28 28.58
C GLN F 73 24.80 -6.92 29.62
N ASN F 74 25.13 -8.11 30.13
CA ASN F 74 24.35 -8.76 31.18
C ASN F 74 25.29 -9.14 32.31
N PRO F 75 25.73 -8.15 33.10
CA PRO F 75 26.79 -8.41 34.08
C PRO F 75 26.32 -9.35 35.17
N ILE F 76 27.26 -10.12 35.70
CA ILE F 76 27.00 -11.17 36.68
C ILE F 76 27.54 -10.71 38.03
N ASP F 77 26.68 -10.69 39.03
CA ASP F 77 27.08 -10.31 40.37
C ASP F 77 27.31 -11.56 41.22
N VAL F 78 28.08 -11.40 42.28
CA VAL F 78 28.35 -12.47 43.23
C VAL F 78 27.89 -12.00 44.60
N LEU F 79 27.11 -12.84 45.27
CA LEU F 79 26.56 -12.53 46.57
C LEU F 79 27.25 -13.41 47.61
N TYR F 80 26.82 -13.30 48.86
CA TYR F 80 27.41 -14.10 49.93
C TYR F 80 26.34 -14.41 50.96
N ARG F 81 26.00 -15.68 51.10
CA ARG F 81 25.10 -16.12 52.15
C ARG F 81 25.86 -16.12 53.48
N PRO F 82 25.38 -15.40 54.50
CA PRO F 82 26.05 -15.46 55.80
C PRO F 82 25.69 -16.76 56.52
N LYS F 83 26.71 -17.53 56.89
CA LYS F 83 26.51 -18.82 57.52
C LYS F 83 27.07 -18.83 58.93
N ASP F 84 26.62 -19.81 59.71
CA ASP F 84 27.08 -20.03 61.08
C ASP F 84 26.94 -18.75 61.91
N GLY F 85 25.80 -18.09 61.77
CA GLY F 85 25.48 -16.94 62.59
C GLY F 85 26.31 -15.71 62.33
N ALA F 86 26.98 -15.62 61.19
CA ALA F 86 27.71 -14.42 60.85
C ALA F 86 26.75 -13.27 60.59
N ARG F 87 27.15 -12.07 61.02
CA ARG F 87 26.30 -10.92 60.89
C ARG F 87 26.12 -10.54 59.43
N PRO F 88 24.97 -9.97 59.06
CA PRO F 88 24.79 -9.52 57.67
C PRO F 88 25.76 -8.42 57.29
N ASP F 89 26.25 -7.63 58.23
CA ASP F 89 27.18 -6.56 57.87
C ASP F 89 28.51 -7.09 57.36
N ALA F 90 29.01 -8.17 57.96
CA ALA F 90 30.21 -8.80 57.42
C ALA F 90 29.97 -9.33 56.02
N ALA F 91 28.79 -9.90 55.78
CA ALA F 91 28.45 -10.35 54.45
C ALA F 91 28.45 -9.18 53.47
N ASP F 92 27.91 -8.04 53.87
CA ASP F 92 27.90 -6.87 52.99
C ASP F 92 29.31 -6.36 52.73
N VAL F 93 30.18 -6.44 53.73
CA VAL F 93 31.56 -6.01 53.53
C VAL F 93 32.26 -6.91 52.52
N LEU F 94 32.05 -8.23 52.60
CA LEU F 94 32.59 -9.10 51.56
C LEU F 94 31.97 -8.82 50.20
N MET F 95 30.67 -8.55 50.16
CA MET F 95 30.04 -8.14 48.90
C MET F 95 30.82 -6.98 48.28
N GLY F 96 31.08 -5.95 49.09
CA GLY F 96 31.77 -4.79 48.58
C GLY F 96 33.20 -5.05 48.18
N MET F 97 33.93 -5.81 48.99
CA MET F 97 35.33 -6.08 48.63
C MET F 97 35.42 -6.91 47.36
N TYR F 98 34.55 -7.90 47.20
CA TYR F 98 34.57 -8.64 45.95
C TYR F 98 34.21 -7.74 44.77
N ARG F 99 33.23 -6.84 44.96
CA ARG F 99 32.87 -5.96 43.86
C ARG F 99 34.03 -5.04 43.48
N THR F 100 34.77 -4.53 44.46
CA THR F 100 35.88 -3.65 44.13
C THR F 100 37.11 -4.41 43.67
N ASP F 101 37.21 -5.70 43.95
CA ASP F 101 38.30 -6.50 43.43
C ASP F 101 37.97 -7.12 42.07
N MET F 102 36.72 -7.04 41.64
CA MET F 102 36.33 -7.46 40.31
C MET F 102 36.18 -6.30 39.34
N ARG F 103 35.93 -5.09 39.85
CA ARG F 103 35.91 -3.92 39.00
C ARG F 103 37.31 -3.39 38.69
N HIS F 104 38.33 -3.86 39.41
CA HIS F 104 39.69 -3.46 39.12
C HIS F 104 40.09 -3.90 37.72
N ASN F 105 40.89 -3.09 37.05
CA ASN F 105 41.09 -3.27 35.62
C ASN F 105 41.80 -4.58 35.29
N THR F 106 42.74 -5.01 36.13
CA THR F 106 43.41 -6.28 35.86
C THR F 106 42.43 -7.44 35.89
N ALA F 107 41.51 -7.43 36.84
CA ALA F 107 40.48 -8.47 36.88
C ALA F 107 39.59 -8.40 35.66
N LYS F 108 39.29 -7.20 35.16
CA LYS F 108 38.49 -7.09 33.95
C LYS F 108 39.22 -7.66 32.75
N ILE F 109 40.53 -7.42 32.65
CA ILE F 109 41.30 -8.01 31.56
C ILE F 109 41.28 -9.53 31.66
N ALA F 110 41.47 -10.07 32.86
CA ALA F 110 41.48 -11.52 33.02
C ALA F 110 40.14 -12.13 32.65
N VAL F 111 39.05 -11.53 33.13
CA VAL F 111 37.72 -12.07 32.83
C VAL F 111 37.45 -11.98 31.33
N ASN F 112 37.83 -10.86 30.71
CA ASN F 112 37.57 -10.72 29.28
C ASN F 112 38.35 -11.73 28.45
N ILE F 113 39.61 -11.98 28.80
CA ILE F 113 40.38 -12.99 28.07
C ILE F 113 39.78 -14.37 28.28
N ALA F 114 39.39 -14.68 29.51
CA ALA F 114 38.78 -15.98 29.76
C ALA F 114 37.50 -16.16 28.95
N VAL F 115 36.66 -15.13 28.92
CA VAL F 115 35.42 -15.22 28.16
C VAL F 115 35.70 -15.36 26.67
N ARG F 116 36.65 -14.60 26.14
CA ARG F 116 36.94 -14.67 24.72
C ARG F 116 37.45 -16.06 24.34
N GLU F 117 38.32 -16.65 25.16
CA GLU F 117 38.79 -17.99 24.86
C GLU F 117 37.74 -19.06 25.16
N GLN F 118 36.76 -18.76 26.02
CA GLN F 118 35.62 -19.64 26.17
C GLN F 118 34.80 -19.68 24.89
N ILE F 119 34.47 -18.52 24.35
CA ILE F 119 33.62 -18.45 23.19
C ILE F 119 34.33 -19.01 21.96
N GLU F 120 35.62 -18.74 21.81
CA GLU F 120 36.33 -19.24 20.64
C GLU F 120 36.70 -20.71 20.80
N ALA F 121 37.55 -21.02 21.77
CA ALA F 121 38.05 -22.39 21.92
C ALA F 121 37.07 -23.25 22.70
N GLY F 122 36.77 -22.87 23.93
CA GLY F 122 35.90 -23.65 24.79
C GLY F 122 36.33 -23.62 26.24
N VAL F 123 37.54 -23.15 26.52
CA VAL F 123 38.07 -23.07 27.88
C VAL F 123 38.81 -21.75 28.04
N GLY F 124 38.58 -21.06 29.16
CA GLY F 124 39.32 -19.83 29.40
C GLY F 124 40.20 -19.76 30.62
N ALA F 125 39.76 -20.39 31.72
CA ALA F 125 40.56 -20.62 32.91
C ALA F 125 41.43 -19.47 33.39
N TRP F 126 40.84 -18.35 33.82
CA TRP F 126 41.67 -17.34 34.46
C TRP F 126 42.07 -17.79 35.86
N ARG F 127 43.01 -17.07 36.47
CA ARG F 127 43.67 -17.54 37.67
C ARG F 127 43.69 -16.46 38.75
N LEU F 128 43.54 -16.86 40.01
CA LEU F 128 43.70 -15.98 41.15
C LEU F 128 45.15 -15.98 41.63
N VAL F 129 45.59 -14.86 42.19
CA VAL F 129 46.94 -14.75 42.72
C VAL F 129 46.95 -13.61 43.73
N THR F 130 47.87 -13.68 44.69
CA THR F 130 47.96 -12.71 45.77
C THR F 130 49.34 -12.08 45.82
N ASP F 131 49.40 -10.81 46.18
CA ASP F 131 50.66 -10.10 46.28
C ASP F 131 50.49 -8.90 47.21
N TYR F 132 51.62 -8.32 47.61
CA TYR F 132 51.60 -7.23 48.57
C TYR F 132 51.13 -5.93 47.92
N GLU F 133 50.56 -5.06 48.74
CA GLU F 133 50.35 -3.67 48.39
C GLU F 133 51.14 -2.81 49.36
N ASP F 134 51.20 -1.50 49.07
CA ASP F 134 51.71 -0.52 50.02
C ASP F 134 53.14 -0.87 50.43
N GLN F 135 54.04 -0.75 49.46
CA GLN F 135 55.41 -1.24 49.64
C GLN F 135 56.11 -0.51 50.78
N SER F 136 56.25 -1.19 51.91
CA SER F 136 56.94 -0.72 53.10
C SER F 136 57.08 -1.89 54.05
N PRO F 137 58.23 -2.08 54.69
CA PRO F 137 58.42 -3.26 55.54
C PRO F 137 57.64 -3.20 56.85
N THR F 138 57.03 -2.06 57.18
CA THR F 138 56.33 -1.92 58.44
C THR F 138 55.20 -2.94 58.56
N SER F 139 54.46 -3.14 57.48
CA SER F 139 53.30 -4.03 57.49
C SER F 139 53.51 -5.18 56.51
N ASN F 140 52.49 -6.05 56.44
CA ASN F 140 52.47 -7.18 55.53
C ASN F 140 51.11 -7.30 54.84
N ASN F 141 50.53 -6.18 54.44
CA ASN F 141 49.22 -6.20 53.83
C ASN F 141 49.28 -6.80 52.43
N GLN F 142 48.23 -7.55 52.06
CA GLN F 142 48.16 -8.23 50.78
C GLN F 142 46.81 -7.99 50.13
N VAL F 143 46.77 -8.12 48.80
CA VAL F 143 45.57 -7.95 48.02
C VAL F 143 45.44 -9.12 47.06
N ILE F 144 44.34 -9.12 46.29
CA ILE F 144 44.01 -10.21 45.38
C ILE F 144 43.80 -9.64 43.99
N ARG F 145 44.62 -10.07 43.04
CA ARG F 145 44.44 -9.72 41.65
C ARG F 145 44.40 -11.01 40.83
N ARG F 146 43.92 -10.89 39.59
CA ARG F 146 43.68 -12.05 38.75
C ARG F 146 44.56 -11.96 37.51
N GLU F 147 45.51 -12.87 37.40
CA GLU F 147 46.35 -12.96 36.21
C GLU F 147 45.74 -13.94 35.22
N PRO F 148 45.42 -13.51 34.01
CA PRO F 148 44.81 -14.42 33.04
C PRO F 148 45.80 -15.48 32.58
N ILE F 149 45.25 -16.61 32.16
CA ILE F 149 46.03 -17.71 31.60
C ILE F 149 45.70 -17.79 30.13
N HIS F 150 46.68 -17.49 29.29
CA HIS F 150 46.45 -17.42 27.85
C HIS F 150 46.50 -18.82 27.23
N SER F 151 45.62 -19.05 26.28
CA SER F 151 45.46 -20.35 25.64
C SER F 151 45.32 -21.45 26.70
N ALA F 152 44.32 -21.26 27.55
CA ALA F 152 44.14 -22.14 28.70
C ALA F 152 43.71 -23.55 28.29
N CYS F 153 43.33 -23.77 27.04
CA CYS F 153 42.98 -25.11 26.60
C CYS F 153 44.21 -25.99 26.45
N SER F 154 45.41 -25.42 26.50
CA SER F 154 46.64 -26.18 26.37
C SER F 154 47.67 -25.92 27.46
N HIS F 155 47.53 -24.84 28.23
CA HIS F 155 48.49 -24.51 29.28
C HIS F 155 47.96 -24.82 30.67
N VAL F 156 46.74 -25.35 30.78
CA VAL F 156 46.18 -25.77 32.05
C VAL F 156 45.73 -27.21 31.87
N ILE F 157 46.20 -28.10 32.74
CA ILE F 157 45.90 -29.52 32.63
C ILE F 157 45.16 -29.91 33.90
N TRP F 158 43.84 -29.86 33.84
CA TRP F 158 43.02 -30.20 35.00
C TRP F 158 43.11 -31.69 35.30
N ASP F 159 42.83 -32.04 36.54
CA ASP F 159 42.87 -33.44 36.93
C ASP F 159 41.82 -34.22 36.16
N SER F 160 42.24 -35.30 35.50
CA SER F 160 41.34 -36.07 34.66
C SER F 160 40.22 -36.71 35.44
N ASN F 161 40.43 -36.97 36.73
CA ASN F 161 39.47 -37.74 37.51
C ASN F 161 38.26 -36.90 37.90
N SER F 162 38.44 -35.62 38.16
CA SER F 162 37.34 -34.78 38.63
C SER F 162 36.24 -34.69 37.59
N LYS F 163 35.00 -34.65 38.06
CA LYS F 163 33.82 -34.72 37.20
C LYS F 163 32.86 -33.60 37.51
N LEU F 164 33.37 -32.45 37.93
CA LEU F 164 32.53 -31.27 38.14
C LEU F 164 33.01 -30.15 37.25
N MET F 165 32.07 -29.30 36.83
CA MET F 165 32.42 -28.22 35.92
C MET F 165 33.20 -27.12 36.61
N ASP F 166 32.99 -26.92 37.91
CA ASP F 166 33.87 -26.04 38.67
C ASP F 166 35.27 -26.59 38.76
N LYS F 167 35.46 -27.86 38.43
CA LYS F 167 36.69 -28.59 38.75
C LYS F 167 36.97 -28.52 40.25
N SER F 168 35.91 -28.50 41.05
CA SER F 168 36.06 -28.43 42.49
C SER F 168 36.70 -29.69 43.06
N ASP F 169 36.33 -30.86 42.51
CA ASP F 169 36.87 -32.11 43.04
C ASP F 169 38.34 -32.29 42.70
N ALA F 170 38.82 -31.63 41.66
CA ALA F 170 40.18 -31.86 41.18
C ALA F 170 41.19 -31.61 42.30
N ARG F 171 42.08 -32.57 42.50
CA ARG F 171 43.06 -32.50 43.57
C ARG F 171 44.42 -32.00 43.11
N HIS F 172 44.54 -31.63 41.83
CA HIS F 172 45.77 -31.07 41.29
C HIS F 172 45.50 -30.59 39.88
N CYS F 173 46.18 -29.50 39.50
CA CYS F 173 46.04 -28.97 38.16
C CYS F 173 47.27 -28.13 37.84
N THR F 174 47.99 -28.49 36.79
CA THR F 174 49.26 -27.85 36.48
C THR F 174 49.02 -26.59 35.65
N VAL F 175 50.08 -25.78 35.54
CA VAL F 175 50.08 -24.65 34.63
C VAL F 175 51.41 -24.65 33.89
N ILE F 176 51.43 -25.22 32.70
CA ILE F 176 52.67 -25.35 31.94
C ILE F 176 53.12 -23.96 31.48
N HIS F 177 54.44 -23.76 31.46
CA HIS F 177 55.02 -22.54 30.90
C HIS F 177 56.11 -22.92 29.92
N SER F 178 55.89 -22.63 28.64
CA SER F 178 56.87 -22.93 27.62
C SER F 178 57.86 -21.77 27.55
N MET F 179 58.91 -21.83 28.35
CA MET F 179 59.92 -20.79 28.40
C MET F 179 61.16 -21.18 27.61
N SER F 180 61.72 -20.19 26.92
CA SER F 180 63.02 -20.27 26.29
C SER F 180 64.08 -19.92 27.33
N GLN F 181 65.32 -19.67 26.88
CA GLN F 181 66.38 -19.34 27.81
C GLN F 181 66.03 -18.12 28.65
N ASN F 182 65.54 -17.05 28.01
CA ASN F 182 65.22 -15.82 28.73
C ASN F 182 64.11 -16.06 29.76
N GLY F 183 63.02 -16.68 29.34
CA GLY F 183 62.00 -17.07 30.29
C GLY F 183 62.55 -17.97 31.36
N TRP F 184 63.49 -18.85 31.00
CA TRP F 184 64.07 -19.74 31.99
C TRP F 184 64.73 -18.96 33.12
N GLU F 185 65.71 -18.11 32.81
CA GLU F 185 66.46 -17.55 33.93
C GLU F 185 65.64 -16.49 34.65
N ASP F 186 64.72 -15.80 33.95
CA ASP F 186 63.95 -14.81 34.69
C ASP F 186 62.94 -15.47 35.62
N PHE F 187 62.21 -16.48 35.15
CA PHE F 187 61.27 -17.18 36.02
C PHE F 187 61.97 -18.10 37.02
N ALA F 188 63.27 -18.32 36.87
CA ALA F 188 64.04 -19.06 37.86
C ALA F 188 64.61 -18.16 38.94
N GLU F 189 65.21 -17.03 38.57
CA GLU F 189 65.70 -16.09 39.56
C GLU F 189 64.55 -15.39 40.29
N LYS F 190 63.38 -15.31 39.67
CA LYS F 190 62.29 -14.56 40.27
C LYS F 190 61.86 -15.18 41.60
N TYR F 191 61.74 -16.51 41.66
CA TYR F 191 61.18 -17.14 42.85
C TYR F 191 62.18 -18.01 43.61
N ASP F 192 62.72 -19.06 42.99
CA ASP F 192 63.40 -20.08 43.78
C ASP F 192 64.93 -20.03 43.71
N LEU F 193 65.50 -20.26 42.53
CA LEU F 193 66.93 -20.40 42.32
C LEU F 193 67.20 -20.36 40.82
N ASP F 194 68.46 -20.06 40.47
CA ASP F 194 68.90 -20.06 39.08
C ASP F 194 69.64 -21.34 38.70
N ALA F 195 69.30 -22.45 39.35
CA ALA F 195 69.96 -23.72 39.07
C ALA F 195 69.44 -24.28 37.76
N ASP F 196 70.33 -24.45 36.79
CA ASP F 196 69.94 -24.90 35.46
C ASP F 196 69.40 -26.32 35.50
N ASP F 197 68.69 -26.70 34.43
CA ASP F 197 68.14 -28.03 34.30
C ASP F 197 69.23 -29.10 34.31
N ILE F 217 62.49 -25.30 27.33
CA ILE F 217 62.54 -25.32 28.78
C ILE F 217 61.13 -25.11 29.33
N GLN F 218 60.41 -26.20 29.53
CA GLN F 218 59.01 -26.16 29.95
C GLN F 218 58.95 -26.41 31.45
N ILE F 219 58.60 -25.38 32.21
CA ILE F 219 58.45 -25.48 33.64
C ILE F 219 56.96 -25.62 33.95
N ALA F 220 56.65 -25.99 35.19
CA ALA F 220 55.27 -26.25 35.58
C ALA F 220 55.00 -25.65 36.95
N GLU F 221 53.71 -25.48 37.25
CA GLU F 221 53.25 -25.07 38.58
C GLU F 221 52.21 -26.07 39.03
N PHE F 222 52.64 -27.12 39.73
CA PHE F 222 51.78 -28.24 40.08
C PHE F 222 51.06 -27.92 41.38
N TYR F 223 49.85 -27.38 41.27
CA TYR F 223 49.03 -27.16 42.44
C TYR F 223 48.56 -28.50 43.01
N GLU F 224 48.11 -28.48 44.26
CA GLU F 224 47.73 -29.70 44.95
C GLU F 224 46.83 -29.37 46.12
N VAL F 225 45.88 -30.25 46.39
CA VAL F 225 44.98 -30.13 47.53
C VAL F 225 45.15 -31.40 48.36
N VAL F 226 45.68 -31.25 49.57
CA VAL F 226 45.89 -32.38 50.45
C VAL F 226 44.81 -32.38 51.51
N GLU F 227 44.35 -33.59 51.87
CA GLU F 227 43.23 -33.74 52.77
C GLU F 227 43.57 -34.77 53.83
N LYS F 228 42.92 -34.63 54.98
CA LYS F 228 43.08 -35.54 56.11
C LYS F 228 41.69 -36.06 56.47
N LYS F 229 41.48 -37.36 56.27
CA LYS F 229 40.17 -37.99 56.50
C LYS F 229 40.29 -39.02 57.60
N GLU F 230 39.46 -38.89 58.63
CA GLU F 230 39.45 -39.80 59.76
C GLU F 230 38.01 -40.25 60.05
N THR F 231 37.80 -40.91 61.19
CA THR F 231 36.48 -41.43 61.54
C THR F 231 35.76 -40.63 62.62
N ALA F 232 36.47 -40.25 63.67
CA ALA F 232 36.02 -39.29 64.69
C ALA F 232 34.93 -39.81 65.62
N PHE F 233 34.31 -40.96 65.29
CA PHE F 233 33.58 -41.80 66.24
C PHE F 233 32.83 -41.05 67.34
N ILE F 234 31.86 -40.20 66.99
CA ILE F 234 31.14 -39.45 68.01
C ILE F 234 30.46 -40.39 68.99
N TYR F 235 30.54 -40.03 70.28
CA TYR F 235 29.92 -40.76 71.37
C TYR F 235 28.98 -39.83 72.12
N GLN F 236 27.90 -40.38 72.66
CA GLN F 236 26.88 -39.58 73.32
C GLN F 236 26.80 -39.90 74.81
N ASP F 237 26.51 -38.86 75.60
CA ASP F 237 26.37 -38.95 77.05
C ASP F 237 25.04 -38.29 77.45
N PRO F 238 24.66 -38.31 78.75
CA PRO F 238 23.48 -37.54 79.16
C PRO F 238 23.55 -36.08 78.76
N VAL F 239 24.72 -35.46 78.97
CA VAL F 239 24.95 -34.12 78.44
C VAL F 239 25.11 -34.18 76.93
N THR F 240 25.08 -33.01 76.29
CA THR F 240 25.24 -32.96 74.84
C THR F 240 26.56 -33.58 74.43
N GLY F 241 26.55 -34.30 73.33
CA GLY F 241 27.71 -35.07 72.93
C GLY F 241 28.85 -34.21 72.42
N GLU F 242 29.89 -34.07 73.23
CA GLU F 242 31.08 -33.33 72.82
C GLU F 242 31.96 -34.20 71.92
N PRO F 243 32.86 -33.59 71.14
CA PRO F 243 33.73 -34.39 70.27
C PRO F 243 34.63 -35.30 71.08
N VAL F 244 34.39 -36.60 71.00
CA VAL F 244 35.19 -37.61 71.68
C VAL F 244 35.63 -38.64 70.65
N SER F 245 36.77 -39.27 70.91
CA SER F 245 37.34 -40.27 70.01
C SER F 245 37.62 -39.67 68.64
N TYR F 246 38.31 -38.53 68.65
CA TYR F 246 38.61 -37.82 67.41
C TYR F 246 39.38 -38.70 66.43
N PHE F 247 40.23 -39.58 66.94
CA PHE F 247 41.01 -40.50 66.13
C PHE F 247 40.63 -41.93 66.47
N LYS F 248 41.25 -42.88 65.78
CA LYS F 248 41.16 -44.27 66.18
C LYS F 248 42.05 -44.57 67.38
N ARG F 249 43.17 -43.85 67.53
CA ARG F 249 44.05 -44.05 68.67
C ARG F 249 43.42 -43.55 69.96
N ASP F 250 42.63 -42.47 69.90
CA ASP F 250 41.96 -41.99 71.10
C ASP F 250 40.94 -43.01 71.60
N ILE F 251 40.35 -43.80 70.70
CA ILE F 251 39.51 -44.92 71.12
C ILE F 251 40.30 -45.89 71.98
N LYS F 252 41.49 -46.28 71.50
CA LYS F 252 42.36 -47.16 72.28
C LYS F 252 42.93 -46.47 73.51
N ASP F 253 42.78 -45.15 73.63
CA ASP F 253 43.09 -44.46 74.86
C ASP F 253 41.93 -44.41 75.85
N VAL F 254 40.71 -44.74 75.40
CA VAL F 254 39.54 -44.68 76.27
C VAL F 254 38.83 -46.03 76.30
N ILE F 255 39.60 -47.13 76.23
CA ILE F 255 39.02 -48.47 76.24
C ILE F 255 38.07 -48.66 77.41
N ASP F 256 38.33 -47.99 78.53
CA ASP F 256 37.41 -48.06 79.66
C ASP F 256 36.26 -47.06 79.52
N ASP F 257 36.56 -45.83 79.10
CA ASP F 257 35.53 -44.80 79.04
C ASP F 257 34.45 -45.14 78.02
N LEU F 258 34.81 -45.82 76.93
CA LEU F 258 33.80 -46.18 75.93
C LEU F 258 32.76 -47.13 76.51
N ALA F 259 33.16 -48.00 77.44
CA ALA F 259 32.23 -48.90 78.09
C ALA F 259 31.57 -48.31 79.32
N ASP F 260 32.17 -47.27 79.92
CA ASP F 260 31.57 -46.64 81.09
C ASP F 260 30.59 -45.52 80.74
N SER F 261 30.52 -45.11 79.48
CA SER F 261 29.62 -44.02 79.10
C SER F 261 28.18 -44.55 78.97
N GLY F 262 27.25 -43.60 78.88
CA GLY F 262 25.85 -43.97 78.75
C GLY F 262 25.53 -44.66 77.45
N PHE F 263 26.07 -44.16 76.34
CA PHE F 263 25.81 -44.71 75.02
C PHE F 263 27.13 -45.13 74.36
N ILE F 264 27.06 -46.18 73.56
CA ILE F 264 28.28 -46.82 73.03
C ILE F 264 28.64 -46.29 71.65
N LYS F 265 27.67 -45.97 70.81
CA LYS F 265 27.95 -45.51 69.45
C LYS F 265 26.70 -44.88 68.88
N ILE F 266 26.86 -43.71 68.25
CA ILE F 266 25.75 -43.01 67.62
C ILE F 266 26.01 -42.76 66.14
N ALA F 267 27.18 -42.21 65.80
CA ALA F 267 27.47 -41.88 64.42
C ALA F 267 28.98 -41.94 64.19
N GLU F 268 29.35 -41.97 62.91
CA GLU F 268 30.73 -42.12 62.46
C GLU F 268 31.12 -40.96 61.55
N ARG F 269 30.84 -39.73 61.99
CA ARG F 269 31.10 -38.56 61.15
C ARG F 269 32.57 -38.44 60.79
N GLN F 270 32.89 -38.61 59.51
CA GLN F 270 34.27 -38.56 59.02
C GLN F 270 34.65 -37.11 58.79
N ILE F 271 35.23 -36.47 59.81
CA ILE F 271 35.63 -35.08 59.70
C ILE F 271 36.81 -34.96 58.73
N LYS F 272 36.80 -33.88 57.95
CA LYS F 272 37.77 -33.67 56.89
C LYS F 272 38.35 -32.27 57.00
N ARG F 273 39.64 -32.14 56.69
CA ARG F 273 40.32 -30.85 56.72
C ARG F 273 41.30 -30.80 55.56
N ARG F 274 41.31 -29.69 54.83
CA ARG F 274 42.05 -29.59 53.58
C ARG F 274 42.85 -28.31 53.52
N ARG F 275 43.99 -28.36 52.80
CA ARG F 275 44.84 -27.21 52.56
C ARG F 275 45.49 -27.37 51.20
N VAL F 276 45.65 -26.25 50.48
CA VAL F 276 46.17 -26.29 49.13
C VAL F 276 47.69 -26.12 49.13
N TYR F 277 48.37 -26.96 48.34
CA TYR F 277 49.83 -26.96 48.30
C TYR F 277 50.30 -26.78 46.87
N LYS F 278 51.36 -25.99 46.69
CA LYS F 278 51.84 -25.61 45.37
C LYS F 278 53.29 -26.01 45.22
N SER F 279 53.62 -26.65 44.09
CA SER F 279 54.98 -27.09 43.83
C SER F 279 55.35 -26.78 42.39
N ILE F 280 56.60 -26.42 42.17
CA ILE F 280 57.11 -26.04 40.85
C ILE F 280 58.08 -27.13 40.41
N ILE F 281 57.72 -27.86 39.37
CA ILE F 281 58.51 -28.98 38.89
C ILE F 281 59.06 -28.66 37.51
N THR F 282 59.89 -29.57 37.00
CA THR F 282 60.35 -29.56 35.63
C THR F 282 60.41 -30.98 35.12
N CYS F 283 60.30 -31.14 33.81
CA CYS F 283 60.14 -32.48 33.24
C CYS F 283 61.39 -33.34 33.48
N THR F 284 62.57 -32.83 33.12
CA THR F 284 63.78 -33.63 33.21
C THR F 284 64.38 -33.59 34.61
N ALA F 285 64.78 -32.41 35.07
CA ALA F 285 65.46 -32.30 36.34
C ALA F 285 64.50 -32.51 37.51
N VAL F 286 65.06 -32.54 38.71
CA VAL F 286 64.27 -32.73 39.92
C VAL F 286 63.40 -31.51 40.17
N LEU F 287 62.39 -31.67 41.02
CA LEU F 287 61.50 -30.56 41.33
C LEU F 287 62.25 -29.47 42.09
N LYS F 288 61.83 -28.22 41.88
CA LYS F 288 62.54 -27.07 42.41
C LYS F 288 62.00 -26.59 43.75
N ASP F 289 60.69 -26.58 43.94
CA ASP F 289 60.09 -26.27 45.23
C ASP F 289 59.16 -27.41 45.63
N LYS F 290 59.32 -27.88 46.87
CA LYS F 290 58.60 -29.09 47.26
C LYS F 290 57.14 -28.80 47.57
N GLN F 291 56.87 -27.89 48.49
CA GLN F 291 55.50 -27.69 48.94
C GLN F 291 55.37 -26.30 49.55
N LEU F 292 54.32 -25.60 49.19
CA LEU F 292 54.04 -24.27 49.72
C LEU F 292 52.53 -24.09 49.82
N ILE F 293 52.11 -23.28 50.77
CA ILE F 293 50.69 -23.04 51.01
C ILE F 293 50.31 -21.67 50.46
N ALA F 294 49.18 -21.60 49.75
CA ALA F 294 48.69 -20.32 49.24
C ALA F 294 47.17 -20.39 49.18
N GLY F 295 46.51 -19.92 50.24
CA GLY F 295 45.04 -19.92 50.26
C GLY F 295 44.44 -21.21 50.79
N GLU F 296 43.27 -21.59 50.29
CA GLU F 296 42.64 -22.83 50.73
C GLU F 296 42.24 -23.72 49.56
N HIS F 297 41.81 -23.14 48.45
CA HIS F 297 41.50 -23.88 47.24
C HIS F 297 42.62 -23.68 46.23
N ILE F 298 42.56 -24.44 45.13
CA ILE F 298 43.47 -24.20 44.01
C ILE F 298 42.97 -22.97 43.27
N PRO F 299 43.80 -21.93 43.13
CA PRO F 299 43.30 -20.66 42.60
C PRO F 299 42.72 -20.73 41.20
N ILE F 300 43.24 -21.60 40.34
CA ILE F 300 42.80 -21.62 38.94
C ILE F 300 41.31 -21.91 38.88
N VAL F 301 40.56 -21.04 38.22
CA VAL F 301 39.13 -21.22 38.01
C VAL F 301 38.86 -21.30 36.51
N PRO F 302 38.28 -22.39 36.03
CA PRO F 302 38.07 -22.53 34.59
C PRO F 302 36.68 -22.08 34.15
N VAL F 303 36.57 -21.56 32.93
CA VAL F 303 35.28 -21.39 32.28
C VAL F 303 35.22 -22.39 31.14
N PHE F 304 34.02 -22.88 30.85
CA PHE F 304 33.83 -23.85 29.78
C PHE F 304 32.70 -23.40 28.89
N GLY F 305 32.76 -23.82 27.63
CA GLY F 305 31.66 -23.56 26.73
C GLY F 305 30.57 -24.59 26.95
N GLU F 306 30.01 -25.14 25.89
CA GLU F 306 29.10 -26.27 26.02
C GLU F 306 29.90 -27.48 26.46
N TRP F 307 29.74 -27.89 27.72
CA TRP F 307 30.59 -28.88 28.35
C TRP F 307 29.76 -30.05 28.84
N GLY F 308 30.19 -31.26 28.53
CA GLY F 308 29.50 -32.46 28.97
C GLY F 308 30.38 -33.67 28.80
N PHE F 309 29.92 -34.78 29.34
CA PHE F 309 30.63 -36.05 29.27
C PHE F 309 29.97 -36.93 28.22
N VAL F 310 30.78 -37.47 27.31
CA VAL F 310 30.31 -38.38 26.27
C VAL F 310 31.19 -39.61 26.31
N GLU F 311 30.59 -40.77 26.61
CA GLU F 311 31.32 -42.03 26.71
C GLU F 311 32.50 -41.91 27.67
N ASP F 312 32.27 -41.20 28.78
CA ASP F 312 33.25 -41.05 29.86
C ASP F 312 34.50 -40.32 29.39
N LYS F 313 34.31 -39.33 28.51
CA LYS F 313 35.39 -38.47 28.08
C LYS F 313 34.93 -37.03 28.19
N GLU F 314 35.75 -36.18 28.79
CA GLU F 314 35.43 -34.75 28.87
C GLU F 314 35.50 -34.14 27.49
N VAL F 315 34.37 -33.58 27.03
CA VAL F 315 34.34 -32.87 25.75
C VAL F 315 33.71 -31.51 26.00
N TYR F 316 34.39 -30.46 25.55
CA TYR F 316 33.88 -29.09 25.63
C TYR F 316 34.00 -28.45 24.26
N GLU F 317 33.07 -27.57 23.94
CA GLU F 317 33.09 -26.93 22.63
C GLU F 317 33.03 -25.41 22.74
N GLY F 318 32.86 -24.75 21.60
CA GLY F 318 32.71 -23.32 21.60
C GLY F 318 31.67 -22.90 20.59
N VAL F 319 31.90 -21.79 19.91
CA VAL F 319 31.00 -21.38 18.84
C VAL F 319 31.87 -21.22 17.60
N VAL F 320 32.93 -22.01 17.52
CA VAL F 320 33.88 -21.90 16.42
C VAL F 320 33.96 -23.17 15.57
N ARG F 321 33.55 -24.34 16.06
CA ARG F 321 33.63 -25.53 15.21
C ARG F 321 32.59 -25.48 14.09
N LEU F 322 31.36 -25.14 14.44
CA LEU F 322 30.27 -25.16 13.47
C LEU F 322 30.47 -24.07 12.42
N THR F 323 30.70 -22.85 12.90
CA THR F 323 31.09 -21.78 12.01
C THR F 323 32.38 -22.09 11.30
N LYS F 324 33.20 -22.98 11.84
CA LYS F 324 34.45 -23.31 11.18
C LYS F 324 34.19 -24.08 9.91
N ASP F 325 33.32 -25.08 9.98
CA ASP F 325 32.98 -25.81 8.76
C ASP F 325 32.29 -24.89 7.74
N GLY F 326 31.34 -24.08 8.21
CA GLY F 326 30.69 -23.15 7.29
C GLY F 326 31.68 -22.18 6.65
N GLN F 327 32.63 -21.70 7.45
CA GLN F 327 33.60 -20.74 6.99
C GLN F 327 34.56 -21.36 5.99
N ARG F 328 34.92 -22.63 6.18
CA ARG F 328 35.73 -23.30 5.17
C ARG F 328 35.01 -23.39 3.84
N LEU F 329 33.70 -23.69 3.88
CA LEU F 329 32.97 -23.71 2.62
C LEU F 329 32.93 -22.34 1.96
N ARG F 330 32.70 -21.29 2.74
CA ARG F 330 32.66 -19.95 2.17
C ARG F 330 34.01 -19.55 1.57
N ASN F 331 35.09 -19.87 2.28
CA ASN F 331 36.43 -19.58 1.78
C ASN F 331 36.67 -20.30 0.46
N MET F 332 36.28 -21.56 0.39
CA MET F 332 36.43 -22.31 -0.86
C MET F 332 35.69 -21.61 -1.99
N ILE F 333 34.44 -21.21 -1.75
CA ILE F 333 33.64 -20.63 -2.82
C ILE F 333 34.26 -19.34 -3.33
N MET F 334 34.63 -18.45 -2.40
CA MET F 334 35.16 -17.17 -2.82
C MET F 334 36.54 -17.32 -3.47
N SER F 335 37.36 -18.25 -2.98
CA SER F 335 38.62 -18.51 -3.65
C SER F 335 38.42 -19.08 -5.04
N PHE F 336 37.39 -19.91 -5.23
CA PHE F 336 37.08 -20.41 -6.56
C PHE F 336 36.71 -19.28 -7.51
N ASN F 337 35.89 -18.34 -7.03
CA ASN F 337 35.57 -17.17 -7.87
C ASN F 337 36.83 -16.38 -8.19
N ALA F 338 37.70 -16.16 -7.21
CA ALA F 338 38.92 -15.41 -7.46
C ALA F 338 39.82 -16.12 -8.44
N ASP F 339 39.87 -17.45 -8.38
CA ASP F 339 40.67 -18.22 -9.32
C ASP F 339 40.12 -18.11 -10.74
N ILE F 340 38.80 -18.06 -10.89
CA ILE F 340 38.23 -17.77 -12.20
C ILE F 340 38.66 -16.40 -12.70
N VAL F 341 38.62 -15.39 -11.82
CA VAL F 341 38.83 -14.02 -12.26
C VAL F 341 40.26 -13.79 -12.74
N ALA F 342 41.25 -14.24 -11.96
CA ALA F 342 42.62 -13.82 -12.24
C ALA F 342 43.23 -14.54 -13.44
N ARG F 343 42.56 -14.45 -14.59
CA ARG F 343 43.07 -14.89 -15.88
C ARG F 343 42.75 -13.78 -16.87
N THR F 344 43.68 -13.44 -17.73
CA THR F 344 43.38 -12.43 -18.73
C THR F 344 42.21 -12.89 -19.60
N PRO F 345 41.19 -12.06 -19.79
CA PRO F 345 40.04 -12.49 -20.58
C PRO F 345 40.38 -12.76 -22.04
N LYS F 346 41.50 -12.27 -22.54
CA LYS F 346 41.84 -12.48 -23.94
C LYS F 346 41.90 -13.98 -24.25
N LYS F 347 41.30 -14.35 -25.37
CA LYS F 347 41.34 -15.74 -25.78
C LYS F 347 42.75 -16.13 -26.21
N LYS F 348 43.13 -17.36 -25.87
CA LYS F 348 44.39 -17.92 -26.34
C LYS F 348 44.09 -18.91 -27.45
N PRO F 349 44.58 -18.70 -28.67
CA PRO F 349 44.23 -19.57 -29.79
C PRO F 349 45.18 -20.76 -29.93
N PHE F 350 44.68 -21.80 -30.59
CA PHE F 350 45.43 -23.01 -30.90
C PHE F 350 45.68 -23.07 -32.40
N PHE F 351 46.94 -23.03 -32.80
CA PHE F 351 47.29 -23.26 -34.19
C PHE F 351 48.73 -23.71 -34.34
N TRP F 352 48.99 -24.41 -35.45
CA TRP F 352 50.24 -25.08 -35.81
C TRP F 352 51.38 -24.10 -35.91
N PRO F 353 52.62 -24.52 -35.64
CA PRO F 353 53.74 -23.59 -35.79
C PRO F 353 53.92 -23.10 -37.21
N GLU F 354 53.60 -23.92 -38.22
CA GLU F 354 53.71 -23.46 -39.61
C GLU F 354 52.48 -22.67 -40.05
N GLN F 355 51.42 -22.66 -39.25
CA GLN F 355 50.28 -21.81 -39.56
C GLN F 355 50.60 -20.33 -39.39
N ILE F 356 51.63 -20.01 -38.60
CA ILE F 356 52.09 -18.64 -38.45
C ILE F 356 53.59 -18.56 -38.67
N ALA F 357 54.12 -19.44 -39.53
CA ALA F 357 55.55 -19.60 -39.72
C ALA F 357 56.30 -18.27 -39.72
N GLY F 358 55.90 -17.36 -40.60
CA GLY F 358 56.53 -16.06 -40.64
C GLY F 358 55.85 -15.04 -39.75
N PHE F 359 54.54 -15.16 -39.62
CA PHE F 359 53.71 -14.14 -38.95
C PHE F 359 53.65 -14.44 -37.46
N GLU F 360 54.75 -14.09 -36.78
CA GLU F 360 54.80 -14.24 -35.33
C GLU F 360 54.81 -12.92 -34.59
N HIS F 361 55.18 -11.82 -35.24
CA HIS F 361 55.14 -10.52 -34.61
C HIS F 361 53.74 -9.97 -34.53
N MET F 362 52.78 -10.60 -35.19
CA MET F 362 51.38 -10.21 -35.13
C MET F 362 50.75 -10.61 -33.80
N TYR F 363 51.07 -11.82 -33.34
CA TYR F 363 50.30 -12.48 -32.29
C TYR F 363 51.03 -12.37 -30.94
N ASP F 364 51.12 -11.13 -30.44
CA ASP F 364 51.79 -10.90 -29.17
C ASP F 364 51.00 -10.08 -28.18
N GLY F 365 50.03 -9.28 -28.62
CA GLY F 365 49.28 -8.45 -27.70
C GLY F 365 49.98 -7.14 -27.42
N ASN F 366 51.25 -7.05 -27.80
CA ASN F 366 51.98 -5.80 -27.70
C ASN F 366 51.57 -4.80 -28.76
N ASP F 367 50.79 -5.22 -29.74
CA ASP F 367 50.24 -4.35 -30.76
C ASP F 367 48.85 -4.82 -31.11
N ASP F 368 48.03 -3.91 -31.64
CA ASP F 368 46.73 -4.27 -32.21
C ASP F 368 46.71 -3.82 -33.66
N TYR F 369 46.63 -4.76 -34.56
CA TYR F 369 46.71 -4.75 -36.00
C TYR F 369 45.33 -4.85 -36.63
N PRO F 370 45.13 -4.26 -37.81
CA PRO F 370 43.79 -4.20 -38.39
C PRO F 370 43.22 -5.57 -38.74
N TYR F 371 44.00 -6.39 -39.41
CA TYR F 371 43.61 -7.74 -39.77
C TYR F 371 44.68 -8.71 -39.29
N TYR F 372 44.31 -9.98 -39.18
CA TYR F 372 45.21 -11.03 -38.75
C TYR F 372 45.48 -11.96 -39.90
N LEU F 373 46.76 -12.24 -40.17
CA LEU F 373 47.16 -13.03 -41.32
C LEU F 373 47.51 -14.45 -40.90
N LEU F 374 47.16 -15.40 -41.77
CA LEU F 374 47.49 -16.80 -41.60
C LEU F 374 47.90 -17.35 -42.95
N ASN F 375 48.99 -18.11 -42.99
CA ASN F 375 49.52 -18.61 -44.24
C ASN F 375 48.72 -19.84 -44.68
N ARG F 376 49.25 -20.59 -45.66
CA ARG F 376 48.47 -21.55 -46.44
C ARG F 376 47.53 -22.42 -45.62
N THR F 377 48.08 -23.21 -44.69
CA THR F 377 47.27 -24.08 -43.84
C THR F 377 48.13 -24.73 -42.74
N PRO F 388 40.65 -19.70 -39.64
CA PRO F 388 40.54 -21.10 -39.23
C PRO F 388 41.46 -21.44 -38.07
N LEU F 389 40.89 -21.61 -36.87
CA LEU F 389 41.67 -21.88 -35.66
C LEU F 389 40.69 -22.10 -34.52
N ALA F 390 41.21 -22.66 -33.42
CA ALA F 390 40.42 -22.96 -32.24
C ALA F 390 41.05 -22.33 -31.01
N TYR F 391 40.24 -22.04 -30.01
CA TYR F 391 40.68 -21.27 -28.85
C TYR F 391 40.71 -22.14 -27.59
N TYR F 392 41.33 -21.59 -26.55
CA TYR F 392 41.49 -22.26 -25.26
C TYR F 392 40.38 -21.76 -24.34
N GLU F 393 39.53 -22.68 -23.90
CA GLU F 393 38.31 -22.31 -23.17
C GLU F 393 38.66 -21.83 -21.76
N ASN F 394 38.48 -20.54 -21.51
CA ASN F 394 38.60 -20.02 -20.17
C ASN F 394 37.46 -20.54 -19.30
N PRO F 395 37.66 -20.65 -18.00
CA PRO F 395 36.59 -21.11 -17.12
C PRO F 395 35.47 -20.08 -17.05
N GLU F 396 34.29 -20.56 -16.71
CA GLU F 396 33.12 -19.70 -16.58
C GLU F 396 32.56 -19.81 -15.17
N VAL F 397 32.11 -18.68 -14.65
CA VAL F 397 31.54 -18.65 -13.29
C VAL F 397 30.20 -19.37 -13.30
N PRO F 398 29.97 -20.32 -12.40
CA PRO F 398 28.76 -21.15 -12.51
C PRO F 398 27.47 -20.37 -12.42
N GLN F 399 27.44 -19.27 -11.66
CA GLN F 399 26.26 -18.46 -11.42
C GLN F 399 25.24 -19.24 -10.59
N ALA F 400 25.54 -20.50 -10.34
CA ALA F 400 24.84 -21.28 -9.35
C ALA F 400 25.47 -21.15 -7.98
N ASN F 401 26.60 -20.45 -7.89
CA ASN F 401 27.25 -20.25 -6.61
C ASN F 401 26.61 -19.15 -5.78
N ALA F 402 25.65 -18.41 -6.33
CA ALA F 402 24.95 -17.41 -5.55
C ALA F 402 24.31 -18.04 -4.33
N TYR F 403 23.42 -19.01 -4.54
CA TYR F 403 22.76 -19.63 -3.41
C TYR F 403 23.72 -20.47 -2.59
N MET F 404 24.76 -21.01 -3.22
CA MET F 404 25.73 -21.79 -2.47
C MET F 404 26.44 -20.93 -1.42
N LEU F 405 26.97 -19.79 -1.87
CA LEU F 405 27.62 -18.85 -0.97
C LEU F 405 26.64 -18.33 0.07
N GLU F 406 25.40 -18.04 -0.34
CA GLU F 406 24.45 -17.52 0.62
C GLU F 406 24.12 -18.55 1.68
N ALA F 407 23.99 -19.82 1.31
CA ALA F 407 23.76 -20.87 2.29
C ALA F 407 24.93 -20.98 3.25
N ALA F 408 26.17 -20.95 2.74
CA ALA F 408 27.32 -21.08 3.63
C ALA F 408 27.41 -19.90 4.60
N THR F 409 27.29 -18.68 4.09
CA THR F 409 27.39 -17.50 4.95
C THR F 409 26.26 -17.46 5.97
N SER F 410 25.02 -17.73 5.53
CA SER F 410 23.91 -17.72 6.46
C SER F 410 24.06 -18.82 7.50
N ALA F 411 24.62 -19.98 7.11
CA ALA F 411 24.88 -21.01 8.10
C ALA F 411 25.84 -20.52 9.16
N VAL F 412 26.94 -19.90 8.75
CA VAL F 412 27.89 -19.41 9.75
C VAL F 412 27.23 -18.36 10.65
N LYS F 413 26.41 -17.49 10.08
CA LYS F 413 25.85 -16.39 10.86
C LYS F 413 24.62 -16.75 11.67
N GLU F 414 23.98 -17.90 11.44
CA GLU F 414 22.84 -18.22 12.29
C GLU F 414 23.05 -19.47 13.12
N VAL F 415 23.76 -20.49 12.61
CA VAL F 415 24.04 -21.68 13.40
C VAL F 415 24.77 -21.29 14.67
N ALA F 416 25.65 -20.29 14.57
CA ALA F 416 26.34 -19.79 15.75
C ALA F 416 25.37 -19.11 16.70
N THR F 417 24.74 -18.02 16.25
CA THR F 417 23.87 -17.23 17.11
C THR F 417 22.52 -17.04 16.46
N LEU F 418 21.49 -16.92 17.30
CA LEU F 418 20.10 -16.74 16.87
C LEU F 418 19.71 -17.58 15.66
N ASP F 443 16.33 -15.76 24.23
CA ASP F 443 17.76 -15.75 24.52
C ASP F 443 18.20 -14.41 25.11
N LEU F 444 18.51 -13.47 24.21
CA LEU F 444 19.06 -12.15 24.53
C LEU F 444 20.47 -12.30 25.10
N GLU F 445 20.89 -13.55 25.29
CA GLU F 445 22.21 -13.97 25.70
C GLU F 445 22.25 -15.48 25.60
N THR F 446 23.35 -16.02 25.07
CA THR F 446 23.42 -17.47 24.89
C THR F 446 23.37 -18.10 26.27
N TYR F 447 22.22 -18.70 26.60
CA TYR F 447 21.97 -19.11 27.98
C TYR F 447 23.00 -20.13 28.46
N VAL F 448 23.48 -21.00 27.58
CA VAL F 448 24.47 -21.99 28.00
C VAL F 448 25.78 -21.33 28.36
N PHE F 449 26.25 -20.40 27.53
CA PHE F 449 27.49 -19.69 27.82
C PHE F 449 27.33 -18.80 29.04
N GLN F 450 26.16 -18.14 29.18
CA GLN F 450 25.91 -17.31 30.34
C GLN F 450 25.91 -18.12 31.63
N ASP F 451 25.23 -19.27 31.63
CA ASP F 451 25.22 -20.11 32.82
C ASP F 451 26.60 -20.66 33.14
N ASN F 452 27.36 -21.04 32.12
CA ASN F 452 28.71 -21.53 32.37
C ASN F 452 29.59 -20.45 32.97
N LEU F 453 29.51 -19.22 32.45
CA LEU F 453 30.25 -18.13 33.04
C LEU F 453 29.80 -17.85 34.47
N ALA F 454 28.50 -17.98 34.73
CA ALA F 454 28.01 -17.77 36.09
C ALA F 454 28.55 -18.81 37.05
N THR F 455 28.57 -20.08 36.64
CA THR F 455 29.10 -21.13 37.51
C THR F 455 30.58 -20.92 37.77
N ALA F 456 31.34 -20.56 36.72
CA ALA F 456 32.75 -20.30 36.92
C ALA F 456 32.98 -19.10 37.82
N MET F 457 32.16 -18.05 37.68
CA MET F 457 32.29 -16.90 38.56
C MET F 457 31.93 -17.25 39.99
N ARG F 458 31.00 -18.17 40.21
CA ARG F 458 30.72 -18.63 41.56
C ARG F 458 31.93 -19.37 42.14
N ARG F 459 32.60 -20.19 41.34
CA ARG F 459 33.85 -20.78 41.82
C ARG F 459 34.87 -19.70 42.16
N ASP F 460 34.98 -18.68 41.32
CA ASP F 460 35.85 -17.56 41.63
C ASP F 460 35.48 -16.93 42.96
N GLY F 461 34.18 -16.83 43.23
CA GLY F 461 33.74 -16.30 44.50
C GLY F 461 34.20 -17.15 45.67
N GLU F 462 34.07 -18.47 45.55
CA GLU F 462 34.51 -19.33 46.64
C GLU F 462 36.00 -19.21 46.88
N ILE F 463 36.79 -19.20 45.80
CA ILE F 463 38.24 -19.09 45.96
C ILE F 463 38.60 -17.75 46.60
N TYR F 464 37.99 -16.67 46.10
CA TYR F 464 38.28 -15.35 46.65
C TYR F 464 37.89 -15.27 48.11
N GLN F 465 36.75 -15.86 48.47
CA GLN F 465 36.33 -15.81 49.86
C GLN F 465 37.28 -16.59 50.76
N SER F 466 37.74 -17.77 50.32
CA SER F 466 38.68 -18.51 51.14
C SER F 466 39.99 -17.73 51.32
N ILE F 467 40.46 -17.10 50.25
CA ILE F 467 41.71 -16.37 50.34
C ILE F 467 41.54 -15.13 51.23
N VAL F 468 40.41 -14.45 51.14
CA VAL F 468 40.12 -13.34 52.03
C VAL F 468 40.04 -13.81 53.47
N ASN F 469 39.42 -14.97 53.69
CA ASN F 469 39.32 -15.52 55.03
C ASN F 469 40.69 -15.79 55.62
N ASP F 470 41.63 -16.24 54.81
CA ASP F 470 42.93 -16.64 55.31
C ASP F 470 43.97 -15.52 55.28
N ILE F 471 43.68 -14.38 54.64
CA ILE F 471 44.61 -13.25 54.60
C ILE F 471 44.14 -12.08 55.46
N TYR F 472 42.89 -11.64 55.28
CA TYR F 472 42.45 -10.44 55.97
C TYR F 472 42.27 -10.72 57.46
N ASP F 473 43.38 -10.95 58.16
CA ASP F 473 43.37 -11.21 59.59
C ASP F 473 43.84 -9.99 60.39
N VAL F 474 44.98 -9.43 60.01
CA VAL F 474 45.55 -8.28 60.69
C VAL F 474 44.57 -7.11 60.54
N PRO F 475 44.44 -6.23 61.55
CA PRO F 475 43.63 -5.01 61.34
C PRO F 475 44.09 -4.23 60.12
N ARG F 476 43.15 -3.99 59.21
CA ARG F 476 43.44 -3.40 57.91
C ARG F 476 42.47 -2.28 57.61
N ASN F 477 42.82 -1.49 56.60
CA ASN F 477 41.89 -0.54 56.00
C ASN F 477 41.69 -0.96 54.55
N VAL F 478 40.43 -1.11 54.15
CA VAL F 478 40.10 -1.55 52.80
C VAL F 478 39.12 -0.55 52.20
N THR F 479 38.96 -0.63 50.88
CA THR F 479 37.98 0.15 50.16
C THR F 479 36.85 -0.77 49.71
N ILE F 480 35.63 -0.31 49.85
CA ILE F 480 34.45 -1.08 49.52
C ILE F 480 33.68 -0.34 48.43
N THR F 481 33.30 -1.05 47.38
CA THR F 481 32.47 -0.49 46.34
C THR F 481 31.06 -1.01 46.58
N LEU F 482 30.28 -0.26 47.34
CA LEU F 482 28.87 -0.59 47.50
C LEU F 482 28.18 -0.52 46.16
N GLU F 483 26.94 -0.99 46.12
CA GLU F 483 26.23 -1.02 44.85
C GLU F 483 25.98 0.41 44.38
N ASP F 484 25.79 0.55 43.07
CA ASP F 484 25.62 1.84 42.40
C ASP F 484 26.93 2.64 42.42
N GLY F 485 28.07 1.95 42.35
CA GLY F 485 29.36 2.60 42.25
C GLY F 485 29.73 3.50 43.41
N SER F 486 28.93 3.54 44.46
CA SER F 486 29.19 4.45 45.59
C SER F 486 30.40 3.95 46.35
N GLU F 487 31.54 4.60 46.13
CA GLU F 487 32.77 4.22 46.82
C GLU F 487 32.59 4.42 48.32
N LYS F 488 33.39 3.68 49.09
CA LYS F 488 33.35 3.85 50.54
C LYS F 488 34.66 3.37 51.14
N ASP F 489 34.98 3.89 52.31
CA ASP F 489 36.15 3.50 53.07
C ASP F 489 35.70 2.84 54.37
N VAL F 490 36.28 1.69 54.67
CA VAL F 490 35.87 0.91 55.83
C VAL F 490 37.09 0.24 56.44
N GLN F 491 37.17 0.26 57.77
CA GLN F 491 38.18 -0.51 58.48
C GLN F 491 37.66 -1.90 58.79
N LEU F 492 38.57 -2.88 58.79
CA LEU F 492 38.14 -4.27 58.88
C LEU F 492 37.89 -4.69 60.33
N MET F 493 38.86 -4.51 61.21
CA MET F 493 38.66 -4.94 62.59
C MET F 493 37.85 -3.93 63.38
N ALA F 494 38.34 -2.68 63.45
CA ALA F 494 37.66 -1.61 64.17
C ALA F 494 37.43 -1.98 65.64
N GLU F 495 38.57 -2.11 66.34
CA GLU F 495 38.62 -2.64 67.70
C GLU F 495 37.89 -1.76 68.72
N VAL F 496 37.28 -0.64 68.29
CA VAL F 496 36.67 0.30 69.22
C VAL F 496 35.71 -0.41 70.16
N VAL F 497 35.79 -0.07 71.44
CA VAL F 497 34.93 -0.65 72.48
C VAL F 497 33.63 0.15 72.53
N ASP F 498 32.54 -0.54 72.81
CA ASP F 498 31.22 0.07 72.77
C ASP F 498 31.07 1.12 73.86
N LEU F 499 30.04 1.96 73.70
CA LEU F 499 29.75 3.01 74.67
C LEU F 499 28.72 2.56 75.70
N ALA F 500 27.52 2.19 75.24
CA ALA F 500 26.43 1.81 76.12
C ALA F 500 26.36 0.32 76.39
N THR F 501 27.25 -0.48 75.79
CA THR F 501 27.22 -1.93 75.94
C THR F 501 28.25 -2.42 76.96
N GLY F 502 29.52 -2.07 76.77
CA GLY F 502 30.57 -2.47 77.67
C GLY F 502 31.40 -3.65 77.22
N GLU F 503 31.09 -4.25 76.08
CA GLU F 503 31.84 -5.36 75.53
C GLU F 503 32.77 -4.89 74.42
N LYS F 504 33.63 -5.80 73.95
CA LYS F 504 34.59 -5.45 72.92
C LYS F 504 33.89 -5.24 71.58
N GLN F 505 33.28 -6.28 71.05
CA GLN F 505 32.41 -6.20 69.88
C GLN F 505 33.14 -5.58 68.68
N VAL F 506 34.11 -6.35 68.17
CA VAL F 506 34.76 -5.97 66.92
C VAL F 506 33.70 -5.81 65.84
N LEU F 507 33.88 -4.79 65.00
CA LEU F 507 32.77 -4.33 64.17
C LEU F 507 32.50 -5.27 63.00
N ASN F 508 33.46 -5.46 62.11
CA ASN F 508 33.21 -6.16 60.85
C ASN F 508 33.64 -7.63 60.91
N ASP F 509 34.93 -7.89 61.13
CA ASP F 509 35.45 -9.24 61.33
C ASP F 509 35.03 -10.18 60.19
N ILE F 510 35.58 -9.89 59.01
CA ILE F 510 35.27 -10.64 57.81
C ILE F 510 35.53 -12.13 57.99
N ARG F 511 36.57 -12.47 58.75
CA ARG F 511 36.96 -13.86 58.94
C ARG F 511 35.78 -14.69 59.42
N GLY F 512 35.36 -15.64 58.58
CA GLY F 512 34.21 -16.47 58.90
C GLY F 512 34.03 -17.64 57.94
N ARG F 513 32.78 -17.94 57.60
CA ARG F 513 32.50 -19.01 56.63
C ARG F 513 31.30 -18.57 55.80
N TYR F 514 31.43 -18.64 54.48
CA TYR F 514 30.44 -18.10 53.57
C TYR F 514 30.32 -19.00 52.35
N GLU F 515 29.14 -19.03 51.74
CA GLU F 515 28.93 -19.69 50.46
C GLU F 515 28.44 -18.68 49.44
N CYS F 516 28.85 -18.84 48.20
CA CYS F 516 28.55 -17.88 47.16
C CYS F 516 27.35 -18.33 46.34
N TYR F 517 26.52 -17.37 45.95
CA TYR F 517 25.41 -17.65 45.05
C TYR F 517 25.19 -16.42 44.19
N THR F 518 25.13 -16.62 42.88
CA THR F 518 25.07 -15.52 41.93
C THR F 518 23.63 -15.32 41.44
N ASP F 519 23.30 -14.06 41.17
CA ASP F 519 21.98 -13.69 40.67
C ASP F 519 22.17 -13.04 39.30
N VAL F 520 22.25 -13.87 38.26
CA VAL F 520 22.33 -13.35 36.90
C VAL F 520 20.96 -12.87 36.46
N GLY F 521 20.90 -11.68 35.89
CA GLY F 521 19.66 -11.12 35.43
C GLY F 521 19.71 -9.63 35.22
N PRO F 522 18.74 -8.91 35.77
CA PRO F 522 18.65 -7.46 35.54
C PRO F 522 19.82 -6.73 36.19
N SER F 523 20.59 -6.03 35.37
CA SER F 523 21.67 -5.20 35.89
C SER F 523 21.09 -4.03 36.66
N PHE F 524 21.91 -3.47 37.56
CA PHE F 524 21.42 -2.42 38.44
C PHE F 524 20.96 -1.19 37.67
N GLN F 525 21.73 -0.79 36.66
CA GLN F 525 21.32 0.33 35.84
C GLN F 525 20.02 0.03 35.10
N SER F 526 19.88 -1.20 34.62
CA SER F 526 18.61 -1.60 34.00
C SER F 526 17.47 -1.56 35.00
N MET F 527 17.74 -2.01 36.23
CA MET F 527 16.73 -1.93 37.28
C MET F 527 16.29 -0.49 37.51
N LYS F 528 17.26 0.43 37.58
CA LYS F 528 16.93 1.83 37.83
C LYS F 528 16.17 2.43 36.65
N GLN F 529 16.56 2.09 35.43
CA GLN F 529 15.83 2.62 34.27
C GLN F 529 14.40 2.11 34.24
N GLN F 530 14.19 0.83 34.54
CA GLN F 530 12.83 0.30 34.59
C GLN F 530 12.03 0.96 35.71
N ASN F 531 12.67 1.22 36.86
CA ASN F 531 11.99 1.91 37.95
C ASN F 531 11.56 3.31 37.53
N ARG F 532 12.45 4.05 36.85
CA ARG F 532 12.09 5.37 36.39
C ARG F 532 10.95 5.32 35.38
N ALA F 533 10.96 4.32 34.50
CA ALA F 533 9.87 4.18 33.55
C ALA F 533 8.54 3.94 34.26
N GLU F 534 8.55 3.07 35.27
CA GLU F 534 7.32 2.79 36.01
C GLU F 534 6.81 4.02 36.76
N ILE F 535 7.72 4.76 37.41
CA ILE F 535 7.32 5.94 38.13
C ILE F 535 6.78 7.00 37.18
N LEU F 536 7.41 7.14 36.01
CA LEU F 536 6.90 8.10 35.03
C LEU F 536 5.51 7.70 34.54
N GLU F 537 5.28 6.42 34.33
CA GLU F 537 3.95 5.96 33.94
C GLU F 537 2.92 6.31 35.01
N LEU F 538 3.27 6.07 36.29
CA LEU F 538 2.35 6.41 37.36
C LEU F 538 2.07 7.90 37.40
N LEU F 539 3.11 8.72 37.21
CA LEU F 539 2.90 10.17 37.12
C LEU F 539 1.94 10.51 35.99
N GLY F 540 2.00 9.76 34.89
CA GLY F 540 1.04 9.95 33.82
C GLY F 540 -0.36 9.52 34.20
N LYS F 541 -0.49 8.58 35.14
CA LYS F 541 -1.80 8.04 35.50
C LYS F 541 -2.17 8.28 36.96
N THR F 542 -2.00 9.51 37.44
CA THR F 542 -2.34 9.83 38.82
C THR F 542 -2.81 11.27 38.90
N PRO F 543 -3.92 11.56 39.59
CA PRO F 543 -4.35 12.95 39.73
C PRO F 543 -3.34 13.76 40.53
N GLN F 544 -3.26 15.05 40.21
CA GLN F 544 -2.26 15.93 40.75
C GLN F 544 -2.66 16.46 42.13
N GLY F 545 -1.70 17.09 42.79
CA GLY F 545 -1.96 17.72 44.07
C GLY F 545 -1.89 16.77 45.26
N THR F 546 -2.38 15.56 45.09
CA THR F 546 -2.41 14.60 46.19
C THR F 546 -0.98 14.26 46.61
N PRO F 547 -0.78 13.95 47.90
CA PRO F 547 0.57 13.62 48.37
C PRO F 547 1.20 12.44 47.63
N GLU F 548 0.40 11.53 47.07
CA GLU F 548 0.97 10.46 46.26
C GLU F 548 1.69 11.00 45.05
N TYR F 549 1.11 11.99 44.37
CA TYR F 549 1.75 12.59 43.21
C TYR F 549 3.05 13.27 43.61
N GLN F 550 3.04 14.03 44.70
CA GLN F 550 4.26 14.70 45.13
C GLN F 550 5.33 13.68 45.50
N LEU F 551 4.94 12.60 46.18
CA LEU F 551 5.90 11.57 46.55
C LEU F 551 6.49 10.89 45.31
N LEU F 552 5.66 10.58 44.32
CA LEU F 552 6.15 9.96 43.11
C LEU F 552 7.09 10.88 42.36
N LEU F 553 6.75 12.16 42.28
CA LEU F 553 7.61 13.12 41.58
C LEU F 553 8.95 13.25 42.30
N LEU F 554 8.92 13.31 43.63
CA LEU F 554 10.17 13.42 44.38
C LEU F 554 11.03 12.17 44.21
N GLN F 555 10.40 10.99 44.20
CA GLN F 555 11.18 9.78 44.00
C GLN F 555 11.74 9.70 42.59
N TYR F 556 11.01 10.22 41.61
CA TYR F 556 11.58 10.30 40.27
C TYR F 556 12.77 11.23 40.25
N PHE F 557 12.69 12.34 40.98
CA PHE F 557 13.84 13.23 41.09
C PHE F 557 15.05 12.51 41.66
N THR F 558 14.84 11.75 42.74
CA THR F 558 16.00 11.15 43.40
C THR F 558 16.56 9.97 42.63
N LEU F 559 15.90 9.56 41.55
CA LEU F 559 16.38 8.48 40.70
C LEU F 559 17.09 8.98 39.44
N LEU F 560 17.40 10.28 39.36
CA LEU F 560 17.99 10.83 38.15
C LEU F 560 19.48 10.48 38.10
N ASP F 561 20.19 11.08 37.15
CA ASP F 561 21.60 10.83 36.94
C ASP F 561 22.42 11.83 37.75
N GLY F 562 23.70 11.98 37.45
CA GLY F 562 24.62 12.62 38.37
C GLY F 562 24.82 14.12 38.22
N LYS F 563 25.95 14.53 37.64
CA LYS F 563 26.42 15.91 37.74
C LYS F 563 25.39 16.95 37.34
N GLY F 564 24.66 16.67 36.26
CA GLY F 564 23.75 17.66 35.71
C GLY F 564 22.63 18.11 36.65
N VAL F 565 21.99 17.16 37.32
CA VAL F 565 20.80 17.47 38.10
C VAL F 565 21.05 17.18 39.58
N GLU F 566 22.29 17.37 40.03
CA GLU F 566 22.62 17.11 41.43
C GLU F 566 21.79 17.98 42.36
N MET F 567 21.58 19.24 42.00
CA MET F 567 20.80 20.13 42.86
C MET F 567 19.35 19.66 42.97
N MET F 568 18.77 19.17 41.88
CA MET F 568 17.41 18.65 41.94
C MET F 568 17.33 17.43 42.85
N ARG F 569 18.31 16.52 42.76
CA ARG F 569 18.31 15.35 43.63
C ARG F 569 18.45 15.75 45.10
N ASP F 570 19.32 16.72 45.38
CA ASP F 570 19.48 17.18 46.76
C ASP F 570 18.20 17.83 47.28
N TYR F 571 17.54 18.63 46.45
CA TYR F 571 16.26 19.21 46.85
C TYR F 571 15.23 18.12 47.10
N ALA F 572 15.23 17.08 46.27
CA ALA F 572 14.29 15.98 46.46
C ALA F 572 14.54 15.28 47.78
N ASN F 573 15.81 15.02 48.12
CA ASN F 573 16.10 14.41 49.41
C ASN F 573 15.65 15.29 50.56
N LYS F 574 15.88 16.60 50.45
CA LYS F 574 15.44 17.50 51.51
C LYS F 574 13.92 17.46 51.67
N GLN F 575 13.20 17.51 50.56
CA GLN F 575 11.74 17.51 50.62
C GLN F 575 11.22 16.19 51.17
N LEU F 576 11.82 15.07 50.78
CA LEU F 576 11.40 13.77 51.30
C LEU F 576 11.65 13.67 52.80
N ILE F 577 12.83 14.12 53.25
CA ILE F 577 13.16 13.99 54.66
C ILE F 577 12.28 14.90 55.51
N GLN F 578 12.07 16.13 55.06
CA GLN F 578 11.18 17.03 55.79
C GLN F 578 9.72 16.63 55.68
N MET F 579 9.35 15.85 54.67
CA MET F 579 8.02 15.30 54.59
C MET F 579 7.82 14.18 55.60
N GLY F 580 8.89 13.45 55.92
CA GLY F 580 8.83 12.38 56.89
C GLY F 580 8.78 10.98 56.30
N VAL F 581 8.89 10.84 54.99
CA VAL F 581 8.81 9.52 54.37
C VAL F 581 10.16 8.83 54.39
N LYS F 582 11.20 9.52 53.93
CA LYS F 582 12.55 8.97 53.92
C LYS F 582 13.24 9.28 55.24
N LYS F 583 13.84 8.26 55.84
CA LYS F 583 14.51 8.43 57.12
C LYS F 583 15.77 9.29 56.95
N PRO F 584 16.07 10.14 57.94
CA PRO F 584 17.31 10.91 57.89
C PRO F 584 18.52 10.01 58.05
N GLU F 585 19.64 10.44 57.47
CA GLU F 585 20.87 9.67 57.52
C GLU F 585 22.06 10.45 58.04
N THR F 586 21.89 11.70 58.43
CA THR F 586 22.99 12.53 58.92
C THR F 586 22.40 13.67 59.73
N PRO F 587 23.14 14.19 60.71
CA PRO F 587 22.53 15.16 61.65
C PRO F 587 21.98 16.42 61.00
N GLU F 588 22.53 16.87 59.87
CA GLU F 588 21.94 18.03 59.21
C GLU F 588 20.52 17.70 58.72
N GLU F 589 20.32 16.50 58.20
CA GLU F 589 18.98 16.08 57.81
C GLU F 589 18.06 15.98 59.02
N GLN F 590 18.58 15.53 60.15
CA GLN F 590 17.78 15.50 61.37
C GLN F 590 17.36 16.91 61.79
N GLN F 591 18.28 17.86 61.70
CA GLN F 591 17.94 19.24 62.01
C GLN F 591 16.88 19.77 61.05
N TRP F 592 17.00 19.42 59.76
CA TRP F 592 15.99 19.83 58.80
C TRP F 592 14.63 19.24 59.16
N LEU F 593 14.61 17.96 59.54
CA LEU F 593 13.36 17.30 59.90
C LEU F 593 12.71 17.98 61.09
N VAL F 594 13.49 18.25 62.13
CA VAL F 594 12.90 18.86 63.33
C VAL F 594 12.45 20.29 63.04
N GLU F 595 13.20 21.04 62.23
CA GLU F 595 12.78 22.39 61.88
C GLU F 595 11.47 22.36 61.10
N ALA F 596 11.34 21.43 60.15
CA ALA F 596 10.10 21.33 59.38
C ALA F 596 8.93 20.92 60.26
N GLN F 597 9.16 19.96 61.17
CA GLN F 597 8.08 19.46 62.01
C GLN F 597 7.60 20.53 62.99
N GLN F 598 8.54 21.19 63.68
CA GLN F 598 8.17 22.20 64.65
C GLN F 598 7.67 23.48 64.01
N ALA F 599 7.85 23.65 62.70
CA ALA F 599 7.41 24.86 62.01
C ALA F 599 5.89 25.00 62.07
N ASN G 6 81.19 -4.60 27.45
CA ASN G 6 80.37 -5.80 27.54
C ASN G 6 78.89 -5.46 27.72
N ARG G 7 78.63 -4.25 28.23
CA ARG G 7 77.26 -3.82 28.44
C ARG G 7 76.47 -3.80 27.13
N LEU G 8 77.08 -3.27 26.07
CA LEU G 8 76.40 -3.21 24.79
C LEU G 8 76.12 -4.61 24.25
N GLU G 9 76.97 -5.58 24.56
CA GLU G 9 76.67 -6.93 24.10
C GLU G 9 75.43 -7.49 24.78
N SER G 10 75.25 -7.20 26.07
CA SER G 10 74.01 -7.59 26.74
C SER G 10 72.81 -6.85 26.15
N ILE G 11 72.96 -5.56 25.89
CA ILE G 11 71.85 -4.79 25.31
C ILE G 11 71.44 -5.37 23.97
N LEU G 12 72.42 -5.66 23.12
CA LEU G 12 72.13 -6.19 21.80
C LEU G 12 71.60 -7.62 21.88
N SER G 13 72.05 -8.41 22.85
CA SER G 13 71.46 -9.73 23.03
C SER G 13 69.98 -9.62 23.34
N ARG G 14 69.62 -8.75 24.28
CA ARG G 14 68.21 -8.58 24.62
C ARG G 14 67.41 -8.07 23.42
N PHE G 15 67.96 -7.08 22.72
CA PHE G 15 67.24 -6.51 21.58
C PHE G 15 67.06 -7.52 20.46
N ASP G 16 68.10 -8.32 20.17
CA ASP G 16 67.97 -9.34 19.14
C ASP G 16 66.98 -10.42 19.54
N ALA G 17 66.97 -10.81 20.81
CA ALA G 17 65.99 -11.78 21.26
C ALA G 17 64.57 -11.26 21.07
N ASP G 18 64.33 -10.02 21.46
CA ASP G 18 63.00 -9.42 21.31
C ASP G 18 62.61 -9.34 19.83
N TRP G 19 63.56 -8.90 18.99
CA TRP G 19 63.30 -8.76 17.56
C TRP G 19 62.92 -10.10 16.94
N THR G 20 63.74 -11.12 17.15
CA THR G 20 63.46 -12.41 16.54
C THR G 20 62.20 -13.05 17.13
N ALA G 21 61.87 -12.76 18.39
CA ALA G 21 60.65 -13.29 18.95
C ALA G 21 59.40 -12.64 18.35
N SER G 22 59.46 -11.34 18.04
CA SER G 22 58.30 -10.66 17.49
C SER G 22 58.36 -10.52 15.97
N ASP G 23 59.30 -11.20 15.31
CA ASP G 23 59.49 -11.06 13.87
C ASP G 23 58.23 -11.38 13.09
N GLU G 24 57.54 -12.48 13.41
CA GLU G 24 56.39 -12.88 12.60
C GLU G 24 55.27 -11.84 12.68
N ALA G 25 54.94 -11.42 13.90
CA ALA G 25 53.88 -10.42 14.08
C ALA G 25 54.27 -9.11 13.41
N ARG G 26 55.53 -8.69 13.55
CA ARG G 26 55.97 -7.46 12.92
C ARG G 26 55.89 -7.55 11.42
N ARG G 27 56.25 -8.69 10.84
CA ARG G 27 56.15 -8.88 9.39
C ARG G 27 54.71 -8.73 8.93
N GLU G 28 53.80 -9.44 9.57
CA GLU G 28 52.41 -9.37 9.13
C GLU G 28 51.83 -7.98 9.34
N ALA G 29 52.18 -7.30 10.43
CA ALA G 29 51.66 -5.96 10.65
C ALA G 29 52.24 -4.96 9.64
N LYS G 30 53.52 -5.07 9.31
CA LYS G 30 54.07 -4.20 8.29
C LYS G 30 53.40 -4.43 6.94
N ASN G 31 53.12 -5.70 6.61
CA ASN G 31 52.40 -5.96 5.36
C ASN G 31 51.02 -5.35 5.40
N ASP G 32 50.34 -5.44 6.55
CA ASP G 32 49.01 -4.84 6.69
C ASP G 32 49.06 -3.34 6.47
N LEU G 33 50.00 -2.67 7.13
CA LEU G 33 50.11 -1.23 7.02
C LEU G 33 50.45 -0.82 5.60
N PHE G 34 51.37 -1.55 4.96
CA PHE G 34 51.74 -1.23 3.59
C PHE G 34 50.57 -1.46 2.64
N PHE G 35 49.75 -2.48 2.90
CA PHE G 35 48.57 -2.69 2.08
C PHE G 35 47.56 -1.57 2.25
N SER G 36 47.41 -1.05 3.47
CA SER G 36 46.39 -0.05 3.74
C SER G 36 46.87 1.38 3.53
N ARG G 37 48.10 1.58 3.05
CA ARG G 37 48.58 2.93 2.84
C ARG G 37 49.33 3.16 1.54
N VAL G 38 49.75 2.12 0.82
CA VAL G 38 50.56 2.33 -0.38
C VAL G 38 49.88 1.72 -1.60
N SER G 39 49.68 0.41 -1.59
CA SER G 39 49.15 -0.28 -2.76
C SER G 39 48.50 -1.58 -2.35
N GLN G 40 47.28 -1.82 -2.85
CA GLN G 40 46.56 -3.04 -2.48
C GLN G 40 47.21 -4.27 -3.06
N TRP G 41 48.00 -4.13 -4.12
CA TRP G 41 48.53 -5.27 -4.87
C TRP G 41 49.89 -5.67 -4.31
N ASP G 42 49.88 -6.57 -3.34
CA ASP G 42 51.12 -7.13 -2.81
C ASP G 42 51.87 -7.88 -3.90
N ASP G 43 53.10 -8.30 -3.61
CA ASP G 43 53.89 -8.96 -4.64
C ASP G 43 53.38 -10.36 -4.92
N TRP G 44 52.91 -11.08 -3.89
CA TRP G 44 52.32 -12.39 -4.11
C TRP G 44 51.20 -12.32 -5.14
N LEU G 45 50.28 -11.38 -4.97
CA LEU G 45 49.18 -11.26 -5.92
C LEU G 45 49.67 -10.88 -7.31
N SER G 46 50.70 -10.03 -7.39
CA SER G 46 51.26 -9.69 -8.69
C SER G 46 51.94 -10.88 -9.34
N GLN G 47 52.32 -11.90 -8.56
CA GLN G 47 52.92 -13.08 -9.16
C GLN G 47 51.85 -14.03 -9.70
N TYR G 48 50.88 -14.39 -8.87
CA TYR G 48 49.74 -15.16 -9.34
C TYR G 48 48.68 -14.17 -9.82
N THR G 49 48.80 -13.79 -11.09
CA THR G 49 47.81 -13.04 -11.84
C THR G 49 48.42 -12.83 -13.22
N THR G 50 47.60 -12.37 -14.14
CA THR G 50 48.12 -12.01 -15.44
C THR G 50 47.44 -10.72 -15.92
N LEU G 51 46.48 -10.20 -15.16
CA LEU G 51 45.81 -8.96 -15.48
C LEU G 51 46.83 -7.87 -15.81
N GLN G 52 46.51 -7.05 -16.80
CA GLN G 52 47.40 -5.99 -17.21
C GLN G 52 47.04 -4.63 -16.63
N TYR G 53 45.78 -4.42 -16.25
CA TYR G 53 45.37 -3.18 -15.61
C TYR G 53 45.22 -3.44 -14.11
N ARG G 54 46.29 -3.20 -13.38
CA ARG G 54 46.26 -3.35 -11.92
C ARG G 54 45.62 -2.09 -11.34
N GLY G 55 44.40 -2.23 -10.81
CA GLY G 55 43.66 -1.13 -10.27
C GLY G 55 43.49 -1.27 -8.77
N GLN G 56 43.02 -0.19 -8.13
CA GLN G 56 42.72 -0.18 -6.70
C GLN G 56 41.39 0.53 -6.48
N PHE G 57 40.31 -0.24 -6.54
CA PHE G 57 38.98 0.27 -6.22
C PHE G 57 38.59 -0.18 -4.81
N ASP G 58 39.19 0.49 -3.82
CA ASP G 58 39.15 -0.01 -2.46
C ASP G 58 37.92 0.47 -1.71
N VAL G 59 37.51 -0.33 -0.74
CA VAL G 59 36.45 0.08 0.19
C VAL G 59 36.92 -0.16 1.61
N VAL G 60 38.24 -0.19 1.81
CA VAL G 60 38.79 -0.37 3.15
C VAL G 60 38.79 0.96 3.91
N ARG G 61 39.34 2.00 3.29
CA ARG G 61 39.43 3.29 3.96
C ARG G 61 38.09 3.86 4.42
N PRO G 62 36.99 3.74 3.68
CA PRO G 62 35.70 4.12 4.29
C PRO G 62 35.41 3.38 5.58
N VAL G 63 35.75 2.09 5.67
CA VAL G 63 35.50 1.35 6.89
C VAL G 63 36.39 1.86 8.02
N VAL G 64 37.68 2.07 7.73
CA VAL G 64 38.58 2.57 8.76
C VAL G 64 38.14 3.94 9.24
N ARG G 65 37.69 4.79 8.31
CA ARG G 65 37.20 6.11 8.69
C ARG G 65 35.98 6.01 9.58
N LYS G 66 35.05 5.11 9.26
CA LYS G 66 33.89 4.93 10.11
C LYS G 66 34.28 4.48 11.51
N LEU G 67 35.23 3.54 11.60
CA LEU G 67 35.65 3.06 12.91
C LEU G 67 36.31 4.18 13.72
N VAL G 68 37.18 4.97 13.10
CA VAL G 68 37.85 6.04 13.84
C VAL G 68 36.83 7.07 14.29
N SER G 69 35.87 7.41 13.44
CA SER G 69 34.84 8.37 13.84
C SER G 69 34.03 7.83 15.01
N GLU G 70 33.71 6.53 14.98
CA GLU G 70 32.98 5.93 16.08
C GLU G 70 33.77 6.01 17.38
N MET G 71 35.09 5.81 17.30
CA MET G 71 35.95 6.05 18.46
C MET G 71 35.83 7.49 18.94
N ARG G 72 35.91 8.44 18.01
CA ARG G 72 35.92 9.85 18.35
C ARG G 72 34.64 10.29 19.03
N GLN G 73 33.52 9.63 18.72
CA GLN G 73 32.23 10.01 19.28
C GLN G 73 31.95 9.38 20.64
N ASN G 74 32.85 8.54 21.16
CA ASN G 74 32.70 7.93 22.48
C ASN G 74 33.98 8.16 23.27
N PRO G 75 34.19 9.38 23.74
CA PRO G 75 35.49 9.73 24.33
C PRO G 75 35.69 9.04 25.68
N ILE G 76 36.95 8.74 25.97
CA ILE G 76 37.33 8.01 27.17
C ILE G 76 37.98 8.96 28.14
N ASP G 77 37.49 9.00 29.37
CA ASP G 77 38.06 9.82 30.42
C ASP G 77 38.92 8.96 31.33
N VAL G 78 39.86 9.60 32.00
CA VAL G 78 40.74 8.93 32.96
C VAL G 78 40.50 9.55 34.32
N LEU G 79 40.29 8.71 35.31
CA LEU G 79 40.00 9.13 36.67
C LEU G 79 41.20 8.82 37.55
N TYR G 80 41.08 9.12 38.83
CA TYR G 80 42.19 8.90 39.76
C TYR G 80 41.65 8.56 41.14
N ARG G 81 41.86 7.33 41.56
CA ARG G 81 41.52 6.93 42.91
C ARG G 81 42.56 7.49 43.88
N PRO G 82 42.17 8.27 44.88
CA PRO G 82 43.13 8.73 45.88
C PRO G 82 43.41 7.61 46.89
N LYS G 83 44.69 7.28 47.06
CA LYS G 83 45.08 6.20 47.94
C LYS G 83 45.92 6.73 49.10
N ASP G 84 46.06 5.89 50.12
CA ASP G 84 46.87 6.19 51.30
C ASP G 84 46.45 7.52 51.93
N GLY G 85 45.14 7.70 52.06
CA GLY G 85 44.60 8.84 52.78
C GLY G 85 44.81 10.18 52.14
N ALA G 86 45.13 10.21 50.85
CA ALA G 86 45.27 11.49 50.15
C ALA G 86 43.90 12.16 50.01
N ARG G 87 43.91 13.48 50.08
CA ARG G 87 42.66 14.22 50.05
C ARG G 87 42.00 14.11 48.67
N PRO G 88 40.67 14.15 48.62
CA PRO G 88 39.99 14.14 47.31
C PRO G 88 40.31 15.35 46.47
N ASP G 89 40.71 16.48 47.07
CA ASP G 89 40.98 17.68 46.28
C ASP G 89 42.24 17.51 45.43
N ALA G 90 43.27 16.87 45.97
CA ALA G 90 44.44 16.58 45.14
C ALA G 90 44.07 15.64 43.99
N ALA G 91 43.21 14.67 44.27
CA ALA G 91 42.72 13.81 43.20
C ALA G 91 42.02 14.61 42.14
N ASP G 92 41.18 15.55 42.53
CA ASP G 92 40.46 16.38 41.57
C ASP G 92 41.43 17.23 40.76
N VAL G 93 42.48 17.73 41.40
CA VAL G 93 43.46 18.52 40.68
C VAL G 93 44.16 17.67 39.62
N LEU G 94 44.49 16.41 39.95
CA LEU G 94 45.05 15.55 38.90
C LEU G 94 44.02 15.20 37.83
N MET G 95 42.75 15.04 38.20
CA MET G 95 41.72 14.85 37.18
C MET G 95 41.80 15.97 36.15
N GLY G 96 41.78 17.21 36.63
CA GLY G 96 41.81 18.35 35.72
C GLY G 96 43.12 18.48 34.98
N MET G 97 44.23 18.18 35.66
CA MET G 97 45.54 18.30 35.03
C MET G 97 45.68 17.31 33.88
N TYR G 98 45.26 16.06 34.09
CA TYR G 98 45.29 15.11 33.00
C TYR G 98 44.34 15.52 31.88
N ARG G 99 43.18 16.05 32.24
CA ARG G 99 42.26 16.49 31.20
C ARG G 99 42.86 17.61 30.35
N THR G 100 43.55 18.55 30.96
CA THR G 100 44.13 19.65 30.19
C THR G 100 45.41 19.25 29.48
N ASP G 101 46.08 18.18 29.91
CA ASP G 101 47.23 17.68 29.17
C ASP G 101 46.84 16.68 28.09
N MET G 102 45.60 16.20 28.09
CA MET G 102 45.07 15.37 27.02
C MET G 102 44.26 16.15 26.00
N ARG G 103 43.79 17.34 26.36
CA ARG G 103 43.08 18.17 25.40
C ARG G 103 44.02 19.02 24.57
N HIS G 104 45.30 19.11 24.96
CA HIS G 104 46.27 19.86 24.18
C HIS G 104 46.42 19.22 22.80
N ASN G 105 46.64 20.06 21.78
CA ASN G 105 46.53 19.58 20.41
C ASN G 105 47.60 18.54 20.06
N THR G 106 48.80 18.66 20.61
CA THR G 106 49.82 17.65 20.34
C THR G 106 49.39 16.28 20.85
N ALA G 107 48.81 16.24 22.04
CA ALA G 107 48.30 14.97 22.56
C ALA G 107 47.18 14.43 21.69
N LYS G 108 46.34 15.30 21.15
CA LYS G 108 45.28 14.83 20.26
C LYS G 108 45.86 14.25 18.98
N ILE G 109 46.90 14.87 18.43
CA ILE G 109 47.55 14.30 17.25
C ILE G 109 48.14 12.93 17.57
N ALA G 110 48.81 12.81 18.71
CA ALA G 110 49.42 11.53 19.08
C ALA G 110 48.38 10.44 19.25
N VAL G 111 47.30 10.75 19.97
CA VAL G 111 46.27 9.74 20.18
C VAL G 111 45.61 9.37 18.86
N ASN G 112 45.36 10.36 17.99
CA ASN G 112 44.72 10.05 16.72
C ASN G 112 45.61 9.15 15.85
N ILE G 113 46.90 9.43 15.79
CA ILE G 113 47.80 8.58 15.01
C ILE G 113 47.85 7.18 15.60
N ALA G 114 47.93 7.08 16.92
CA ALA G 114 47.97 5.76 17.55
C ALA G 114 46.70 4.98 17.25
N VAL G 115 45.54 5.61 17.34
CA VAL G 115 44.29 4.90 17.10
C VAL G 115 44.18 4.50 15.63
N ARG G 116 44.60 5.38 14.72
CA ARG G 116 44.53 5.05 13.30
C ARG G 116 45.43 3.86 12.97
N GLU G 117 46.63 3.81 13.55
CA GLU G 117 47.49 2.66 13.30
C GLU G 117 47.03 1.42 14.05
N GLN G 118 46.33 1.58 15.16
CA GLN G 118 45.67 0.44 15.80
C GLN G 118 44.65 -0.18 14.87
N ILE G 119 43.79 0.65 14.30
CA ILE G 119 42.71 0.14 13.46
C ILE G 119 43.26 -0.44 12.16
N GLU G 120 44.28 0.19 11.58
CA GLU G 120 44.81 -0.33 10.33
C GLU G 120 45.73 -1.52 10.57
N ALA G 121 46.84 -1.31 11.28
CA ALA G 121 47.83 -2.38 11.43
C ALA G 121 47.50 -3.26 12.62
N GLY G 122 47.42 -2.69 13.80
CA GLY G 122 47.17 -3.43 15.01
C GLY G 122 47.90 -2.91 16.22
N VAL G 123 48.88 -2.03 16.01
CA VAL G 123 49.66 -1.44 17.09
C VAL G 123 49.82 0.04 16.83
N GLY G 124 49.65 0.88 17.85
CA GLY G 124 49.84 2.30 17.66
C GLY G 124 50.92 2.97 18.50
N ALA G 125 51.07 2.52 19.74
CA ALA G 125 52.18 2.89 20.61
C ALA G 125 52.60 4.36 20.60
N TRP G 126 51.75 5.27 21.05
CA TRP G 126 52.22 6.64 21.22
C TRP G 126 53.11 6.72 22.47
N ARG G 127 53.83 7.85 22.60
CA ARG G 127 54.90 7.94 23.57
C ARG G 127 54.77 9.20 24.42
N LEU G 128 55.05 9.08 25.71
CA LEU G 128 55.15 10.21 26.62
C LEU G 128 56.55 10.79 26.60
N VAL G 129 56.65 12.09 26.82
CA VAL G 129 57.95 12.76 26.87
C VAL G 129 57.77 14.05 27.65
N THR G 130 58.85 14.53 28.27
CA THR G 130 58.83 15.73 29.09
C THR G 130 59.80 16.76 28.53
N ASP G 131 59.42 18.04 28.64
CA ASP G 131 60.25 19.11 28.14
C ASP G 131 59.94 20.38 28.92
N TYR G 132 60.70 21.42 28.64
CA TYR G 132 60.63 22.64 29.43
C TYR G 132 59.51 23.55 28.92
N GLU G 133 58.97 24.35 29.82
CA GLU G 133 58.11 25.47 29.45
C GLU G 133 58.70 26.75 30.00
N ASP G 134 58.18 27.88 29.53
CA ASP G 134 58.50 29.19 30.10
C ASP G 134 60.02 29.44 30.06
N GLN G 135 60.52 29.58 28.83
CA GLN G 135 61.95 29.65 28.62
C GLN G 135 62.56 30.85 29.33
N SER G 136 63.23 30.59 30.44
CA SER G 136 63.94 31.57 31.26
C SER G 136 64.78 30.80 32.27
N PRO G 137 66.03 31.20 32.52
CA PRO G 137 66.89 30.42 33.42
C PRO G 137 66.48 30.52 34.88
N THR G 138 65.56 31.42 35.24
CA THR G 138 65.20 31.62 36.63
C THR G 138 64.61 30.35 37.23
N SER G 139 63.74 29.66 36.49
CA SER G 139 63.04 28.49 36.98
C SER G 139 63.45 27.24 36.22
N ASN G 140 62.84 26.12 36.58
CA ASN G 140 63.07 24.83 35.94
C ASN G 140 61.76 24.07 35.76
N ASN G 141 60.66 24.80 35.57
CA ASN G 141 59.36 24.15 35.42
C ASN G 141 59.31 23.33 34.13
N GLN G 142 58.65 22.18 34.20
CA GLN G 142 58.55 21.26 33.08
C GLN G 142 57.12 20.81 32.88
N VAL G 143 56.79 20.37 31.67
CA VAL G 143 55.46 19.93 31.32
C VAL G 143 55.57 18.58 30.61
N ILE G 144 54.41 18.03 30.25
CA ILE G 144 54.30 16.70 29.65
C ILE G 144 53.56 16.82 28.33
N ARG G 145 54.21 16.43 27.25
CA ARG G 145 53.56 16.32 25.95
C ARG G 145 53.84 14.94 25.38
N ARG G 146 53.04 14.57 24.38
CA ARG G 146 53.08 13.22 23.83
C ARG G 146 53.49 13.26 22.38
N GLU G 147 54.64 12.72 22.07
CA GLU G 147 55.11 12.61 20.70
C GLU G 147 54.69 11.27 20.13
N PRO G 148 53.94 11.26 19.02
CA PRO G 148 53.53 9.98 18.44
C PRO G 148 54.70 9.21 17.86
N ILE G 149 54.54 7.90 17.78
CA ILE G 149 55.52 7.02 17.18
C ILE G 149 54.90 6.47 15.92
N HIS G 150 55.46 6.81 14.77
CA HIS G 150 54.87 6.44 13.49
C HIS G 150 55.30 5.04 13.09
N SER G 151 54.37 4.31 12.49
CA SER G 151 54.57 2.90 12.15
C SER G 151 55.12 2.14 13.34
N ALA G 152 54.33 2.16 14.42
CA ALA G 152 54.76 1.60 15.69
C ALA G 152 54.91 0.09 15.67
N CYS G 153 54.38 -0.58 14.65
CA CYS G 153 54.54 -2.03 14.57
C CYS G 153 55.94 -2.43 14.15
N SER G 154 56.76 -1.49 13.70
CA SER G 154 58.11 -1.79 13.25
C SER G 154 59.19 -0.94 13.89
N HIS G 155 58.85 0.16 14.55
CA HIS G 155 59.83 1.03 15.18
C HIS G 155 59.84 0.91 16.70
N VAL G 156 59.03 0.03 17.27
CA VAL G 156 59.03 -0.24 18.70
C VAL G 156 59.08 -1.75 18.88
N ILE G 157 60.01 -2.21 19.69
CA ILE G 157 60.19 -3.64 19.94
C ILE G 157 60.03 -3.86 21.44
N TRP G 158 58.81 -4.19 21.85
CA TRP G 158 58.54 -4.47 23.24
C TRP G 158 59.27 -5.72 23.69
N ASP G 159 59.50 -5.82 25.00
CA ASP G 159 60.19 -6.98 25.53
C ASP G 159 59.38 -8.24 25.23
N SER G 160 60.05 -9.25 24.68
CA SER G 160 59.36 -10.45 24.26
C SER G 160 58.77 -11.21 25.45
N ASN G 161 59.36 -11.09 26.62
CA ASN G 161 58.95 -11.91 27.75
C ASN G 161 57.65 -11.42 28.38
N SER G 162 57.38 -10.12 28.35
CA SER G 162 56.20 -9.58 28.99
C SER G 162 54.94 -10.17 28.39
N LYS G 163 53.96 -10.44 29.27
CA LYS G 163 52.73 -11.11 28.89
C LYS G 163 51.53 -10.31 29.36
N LEU G 164 51.64 -8.99 29.36
CA LEU G 164 50.54 -8.13 29.72
C LEU G 164 50.27 -7.16 28.58
N MET G 165 49.00 -6.81 28.41
CA MET G 165 48.64 -5.96 27.29
C MET G 165 49.04 -4.51 27.50
N ASP G 166 49.14 -4.07 28.76
CA ASP G 166 49.72 -2.76 29.03
C ASP G 166 51.19 -2.72 28.65
N LYS G 167 51.80 -3.89 28.46
CA LYS G 167 53.27 -4.03 28.47
C LYS G 167 53.83 -3.48 29.77
N SER G 168 53.03 -3.57 30.84
CA SER G 168 53.48 -3.16 32.16
C SER G 168 54.64 -4.03 32.65
N ASP G 169 54.55 -5.34 32.39
CA ASP G 169 55.60 -6.25 32.85
C ASP G 169 56.90 -6.05 32.08
N ALA G 170 56.82 -5.48 30.88
CA ALA G 170 58.02 -5.31 30.07
C ALA G 170 59.06 -4.48 30.81
N ARG G 171 60.29 -4.97 30.83
CA ARG G 171 61.37 -4.36 31.59
C ARG G 171 62.40 -3.68 30.70
N HIS G 172 62.12 -3.57 29.40
CA HIS G 172 62.92 -2.79 28.47
C HIS G 172 62.19 -2.77 27.14
N CYS G 173 62.33 -1.68 26.40
CA CYS G 173 61.70 -1.57 25.08
C CYS G 173 62.42 -0.52 24.27
N THR G 174 62.90 -0.90 23.09
CA THR G 174 63.69 0.00 22.25
C THR G 174 62.77 0.85 21.38
N VAL G 175 63.36 1.89 20.78
CA VAL G 175 62.69 2.67 19.76
C VAL G 175 63.68 2.92 18.62
N ILE G 176 63.59 2.12 17.56
CA ILE G 176 64.52 2.26 16.44
C ILE G 176 64.26 3.58 15.72
N HIS G 177 65.34 4.21 15.27
CA HIS G 177 65.24 5.37 14.38
C HIS G 177 66.14 5.12 13.19
N SER G 178 65.54 4.98 12.01
CA SER G 178 66.33 4.77 10.79
C SER G 178 66.69 6.14 10.22
N MET G 179 67.85 6.65 10.61
CA MET G 179 68.28 7.98 10.24
C MET G 179 69.39 7.94 9.18
N SER G 180 69.34 8.91 8.28
CA SER G 180 70.35 9.10 7.26
C SER G 180 71.45 10.03 7.80
N GLN G 181 72.32 10.51 6.91
CA GLN G 181 73.43 11.34 7.34
C GLN G 181 72.93 12.62 8.04
N ASN G 182 71.94 13.28 7.44
CA ASN G 182 71.36 14.46 8.08
C ASN G 182 70.67 14.07 9.39
N GLY G 183 69.91 12.99 9.37
CA GLY G 183 69.27 12.53 10.59
C GLY G 183 70.28 12.15 11.65
N TRP G 184 71.33 11.44 11.25
CA TRP G 184 72.39 11.12 12.20
C TRP G 184 73.01 12.37 12.80
N GLU G 185 73.39 13.33 11.97
CA GLU G 185 74.09 14.50 12.49
C GLU G 185 73.20 15.31 13.43
N ASP G 186 71.91 15.49 13.08
CA ASP G 186 71.08 16.31 13.95
C ASP G 186 70.71 15.57 15.23
N PHE G 187 70.33 14.29 15.14
CA PHE G 187 69.97 13.56 16.35
C PHE G 187 71.17 13.17 17.20
N ALA G 188 72.39 13.34 16.68
CA ALA G 188 73.59 13.16 17.48
C ALA G 188 74.07 14.46 18.12
N GLU G 189 74.03 15.58 17.38
CA GLU G 189 74.39 16.86 17.98
C GLU G 189 73.34 17.32 18.99
N LYS G 190 72.09 16.88 18.81
CA LYS G 190 71.02 17.39 19.65
C LYS G 190 71.22 17.03 21.12
N TYR G 191 71.63 15.79 21.40
CA TYR G 191 71.65 15.32 22.78
C TYR G 191 73.05 14.99 23.28
N ASP G 192 73.78 14.06 22.66
CA ASP G 192 74.98 13.56 23.30
C ASP G 192 76.28 14.11 22.73
N LEU G 193 76.57 13.80 21.47
CA LEU G 193 77.83 14.12 20.80
C LEU G 193 77.67 13.84 19.31
N ASP G 194 78.53 14.46 18.51
CA ASP G 194 78.57 14.24 17.07
C ASP G 194 79.60 13.18 16.68
N ALA G 195 79.85 12.22 17.56
CA ALA G 195 80.83 11.18 17.30
C ALA G 195 80.26 10.21 16.28
N ASP G 196 80.91 10.11 15.11
CA ASP G 196 80.46 9.21 14.07
C ASP G 196 80.60 7.76 14.51
N ASP G 197 79.91 6.88 13.80
CA ASP G 197 79.94 5.45 14.09
C ASP G 197 81.36 4.88 13.97
N ILE G 217 71.55 4.45 8.72
CA ILE G 217 72.21 4.55 10.01
C ILE G 217 71.16 4.52 11.12
N GLN G 218 71.02 3.37 11.76
CA GLN G 218 69.92 3.10 12.67
C GLN G 218 70.39 3.29 14.11
N ILE G 219 69.83 4.29 14.78
CA ILE G 219 70.10 4.54 16.18
C ILE G 219 68.93 3.96 16.98
N ALA G 220 69.10 3.85 18.29
CA ALA G 220 68.08 3.26 19.15
C ALA G 220 67.95 4.07 20.42
N GLU G 221 66.83 3.85 21.13
CA GLU G 221 66.61 4.42 22.45
C GLU G 221 66.17 3.27 23.37
N PHE G 222 67.12 2.68 24.08
CA PHE G 222 66.86 1.47 24.85
C PHE G 222 66.40 1.85 26.25
N TYR G 223 65.08 1.93 26.43
CA TYR G 223 64.54 2.16 27.76
C TYR G 223 64.76 0.94 28.64
N GLU G 224 64.69 1.15 29.95
CA GLU G 224 64.99 0.07 30.88
C GLU G 224 64.34 0.38 32.23
N VAL G 225 63.92 -0.67 32.91
CA VAL G 225 63.35 -0.58 34.25
C VAL G 225 64.13 -1.52 35.15
N VAL G 226 64.84 -0.97 36.11
CA VAL G 226 65.63 -1.77 37.03
C VAL G 226 64.92 -1.83 38.37
N GLU G 227 65.08 -2.94 39.07
CA GLU G 227 64.39 -3.17 40.33
C GLU G 227 65.39 -3.68 41.35
N LYS G 228 65.08 -3.42 42.62
CA LYS G 228 65.87 -3.89 43.75
C LYS G 228 64.96 -4.74 44.63
N LYS G 229 65.23 -6.03 44.69
CA LYS G 229 64.38 -6.98 45.41
C LYS G 229 65.16 -7.60 46.54
N GLU G 230 64.59 -7.56 47.75
CA GLU G 230 65.22 -8.12 48.93
C GLU G 230 64.20 -8.91 49.74
N THR G 231 64.54 -9.27 50.98
CA THR G 231 63.66 -10.08 51.81
C THR G 231 62.97 -9.30 52.92
N ALA G 232 63.70 -8.43 53.62
CA ALA G 232 63.17 -7.44 54.56
C ALA G 232 62.64 -8.03 55.87
N PHE G 233 62.48 -9.36 55.93
CA PHE G 233 62.40 -10.12 57.18
C PHE G 233 61.71 -9.42 58.34
N ILE G 234 60.43 -9.06 58.19
CA ILE G 234 59.75 -8.36 59.27
C ILE G 234 59.78 -9.19 60.56
N TYR G 235 60.03 -8.49 61.67
CA TYR G 235 60.06 -9.07 63.01
C TYR G 235 59.05 -8.34 63.88
N GLN G 236 58.43 -9.06 64.80
CA GLN G 236 57.37 -8.50 65.63
C GLN G 236 57.79 -8.44 67.10
N ASP G 237 57.33 -7.40 67.78
CA ASP G 237 57.59 -7.15 69.20
C ASP G 237 56.27 -6.87 69.90
N PRO G 238 56.25 -6.68 71.24
CA PRO G 238 55.00 -6.25 71.89
C PRO G 238 54.42 -4.99 71.28
N VAL G 239 55.26 -3.99 71.01
CA VAL G 239 54.81 -2.83 70.25
C VAL G 239 54.60 -3.22 68.79
N THR G 240 53.97 -2.33 68.04
CA THR G 240 53.74 -2.60 66.62
C THR G 240 55.05 -2.82 65.91
N GLY G 241 55.05 -3.77 64.97
CA GLY G 241 56.28 -4.18 64.33
C GLY G 241 56.82 -3.14 63.37
N GLU G 242 57.89 -2.47 63.75
CA GLU G 242 58.55 -1.51 62.89
C GLU G 242 59.42 -2.24 61.87
N PRO G 243 59.77 -1.57 60.76
CA PRO G 243 60.64 -2.23 59.77
C PRO G 243 62.00 -2.57 60.34
N VAL G 244 62.26 -3.86 60.51
CA VAL G 244 63.53 -4.34 61.04
C VAL G 244 64.06 -5.40 60.08
N SER G 245 65.38 -5.53 60.03
CA SER G 245 66.05 -6.48 59.16
C SER G 245 65.73 -6.20 57.69
N TYR G 246 65.91 -4.92 57.31
CA TYR G 246 65.59 -4.50 55.96
C TYR G 246 66.38 -5.29 54.93
N PHE G 247 67.61 -5.68 55.26
CA PHE G 247 68.45 -6.48 54.40
C PHE G 247 68.77 -7.81 55.08
N LYS G 248 69.52 -8.65 54.37
CA LYS G 248 70.07 -9.84 55.00
C LYS G 248 71.27 -9.52 55.87
N ARG G 249 72.04 -8.47 55.54
CA ARG G 249 73.18 -8.08 56.36
C ARG G 249 72.74 -7.49 57.70
N ASP G 250 71.61 -6.80 57.74
CA ASP G 250 71.11 -6.27 59.01
C ASP G 250 70.72 -7.40 59.95
N ILE G 251 70.29 -8.55 59.42
CA ILE G 251 70.07 -9.73 60.25
C ILE G 251 71.37 -10.14 60.93
N LYS G 252 72.45 -10.23 60.15
CA LYS G 252 73.76 -10.54 60.73
C LYS G 252 74.29 -9.42 61.60
N ASP G 253 73.68 -8.25 61.56
CA ASP G 253 73.99 -7.19 62.52
C ASP G 253 73.18 -7.29 63.80
N VAL G 254 72.12 -8.11 63.83
CA VAL G 254 71.27 -8.23 65.00
C VAL G 254 71.18 -9.68 65.45
N ILE G 255 72.27 -10.43 65.30
CA ILE G 255 72.28 -11.85 65.68
C ILE G 255 71.81 -12.04 67.13
N ASP G 256 72.08 -11.06 67.98
CA ASP G 256 71.57 -11.14 69.36
C ASP G 256 70.13 -10.63 69.46
N ASP G 257 69.82 -9.54 68.77
CA ASP G 257 68.48 -8.94 68.89
C ASP G 257 67.41 -9.86 68.35
N LEU G 258 67.73 -10.65 67.31
CA LEU G 258 66.73 -11.57 66.76
C LEU G 258 66.32 -12.63 67.78
N ALA G 259 67.25 -13.03 68.66
CA ALA G 259 66.94 -14.00 69.70
C ALA G 259 66.43 -13.36 70.98
N ASP G 260 66.70 -12.07 71.21
CA ASP G 260 66.20 -11.40 72.40
C ASP G 260 64.82 -10.79 72.23
N SER G 261 64.27 -10.77 71.01
CA SER G 261 62.97 -10.18 70.79
C SER G 261 61.85 -11.14 71.21
N GLY G 262 60.64 -10.61 71.31
CA GLY G 262 59.51 -11.42 71.71
C GLY G 262 59.15 -12.48 70.68
N PHE G 263 59.16 -12.12 69.41
CA PHE G 263 58.82 -13.04 68.31
C PHE G 263 59.99 -13.14 67.35
N ILE G 264 60.18 -14.34 66.79
CA ILE G 264 61.38 -14.62 66.01
C ILE G 264 61.19 -14.33 64.53
N LYS G 265 60.00 -14.60 63.98
CA LYS G 265 59.76 -14.36 62.55
C LYS G 265 58.26 -14.43 62.29
N ILE G 266 57.75 -13.49 61.51
CA ILE G 266 56.35 -13.44 61.17
C ILE G 266 56.12 -13.52 59.66
N ALA G 267 56.86 -12.74 58.88
CA ALA G 267 56.67 -12.72 57.44
C ALA G 267 57.95 -12.30 56.76
N GLU G 268 58.01 -12.52 55.44
CA GLU G 268 59.17 -12.27 54.61
C GLU G 268 58.80 -11.36 53.44
N ARG G 269 58.15 -10.24 53.75
CA ARG G 269 57.70 -9.32 52.71
C ARG G 269 58.87 -8.82 51.86
N GLN G 270 58.89 -9.19 50.59
CA GLN G 270 59.96 -8.82 49.67
C GLN G 270 59.68 -7.43 49.13
N ILE G 271 60.20 -6.41 49.82
CA ILE G 271 59.99 -5.04 49.37
C ILE G 271 60.74 -4.79 48.07
N LYS G 272 60.12 -4.01 47.19
CA LYS G 272 60.66 -3.75 45.86
C LYS G 272 60.64 -2.26 45.58
N ARG G 273 61.67 -1.80 44.88
CA ARG G 273 61.76 -0.40 44.47
C ARG G 273 62.29 -0.36 43.05
N ARG G 274 61.66 0.41 42.18
CA ARG G 274 61.98 0.42 40.75
C ARG G 274 62.22 1.84 40.26
N ARG G 275 63.13 1.96 39.30
CA ARG G 275 63.44 3.23 38.66
C ARG G 275 63.77 2.96 37.20
N VAL G 276 63.42 3.90 36.32
CA VAL G 276 63.60 3.74 34.88
C VAL G 276 65.01 4.15 34.50
N TYR G 277 65.50 3.66 33.37
CA TYR G 277 66.76 4.12 32.81
C TYR G 277 66.69 4.08 31.29
N LYS G 278 67.22 5.12 30.66
CA LYS G 278 67.16 5.29 29.21
C LYS G 278 68.58 5.39 28.66
N SER G 279 68.88 4.59 27.66
CA SER G 279 70.21 4.60 27.05
C SER G 279 70.06 4.59 25.54
N ILE G 280 70.92 5.34 24.87
CA ILE G 280 70.88 5.51 23.42
C ILE G 280 72.05 4.73 22.85
N ILE G 281 71.76 3.66 22.13
CA ILE G 281 72.79 2.77 21.60
C ILE G 281 72.75 2.80 20.08
N THR G 282 73.76 2.18 19.48
CA THR G 282 73.81 1.96 18.05
C THR G 282 74.33 0.55 17.80
N CYS G 283 74.00 0.01 16.62
CA CYS G 283 74.27 -1.40 16.36
C CYS G 283 75.76 -1.69 16.35
N THR G 284 76.53 -0.93 15.56
CA THR G 284 77.95 -1.23 15.41
C THR G 284 78.78 -0.62 16.55
N ALA G 285 78.76 0.70 16.66
CA ALA G 285 79.63 1.38 17.61
C ALA G 285 79.10 1.19 19.04
N VAL G 286 79.89 1.67 20.00
CA VAL G 286 79.55 1.55 21.41
C VAL G 286 78.35 2.45 21.71
N LEU G 287 77.70 2.23 22.85
CA LEU G 287 76.57 3.05 23.23
C LEU G 287 77.01 4.47 23.56
N LYS G 288 76.12 5.42 23.31
CA LYS G 288 76.44 6.83 23.45
C LYS G 288 76.06 7.42 24.80
N ASP G 289 74.99 6.94 25.42
CA ASP G 289 74.65 7.30 26.79
C ASP G 289 74.41 6.02 27.58
N LYS G 290 74.96 5.96 28.80
CA LYS G 290 74.88 4.73 29.56
C LYS G 290 73.55 4.60 30.30
N GLN G 291 73.19 5.60 31.10
CA GLN G 291 71.95 5.55 31.84
C GLN G 291 71.48 6.96 32.16
N LEU G 292 70.17 7.17 32.09
CA LEU G 292 69.55 8.42 32.47
C LEU G 292 68.18 8.12 33.04
N ILE G 293 67.74 8.93 33.99
CA ILE G 293 66.45 8.73 34.64
C ILE G 293 65.42 9.66 34.02
N ALA G 294 64.23 9.13 33.74
CA ALA G 294 63.14 9.96 33.24
C ALA G 294 61.82 9.37 33.71
N GLY G 295 61.31 9.86 34.85
CA GLY G 295 60.04 9.38 35.37
C GLY G 295 60.17 8.14 36.23
N GLU G 296 59.15 7.26 36.20
CA GLU G 296 59.21 6.03 36.99
C GLU G 296 58.89 4.80 36.16
N HIS G 297 58.05 4.93 35.14
CA HIS G 297 57.76 3.85 34.20
C HIS G 297 58.45 4.13 32.88
N ILE G 298 58.38 3.18 31.96
CA ILE G 298 58.83 3.41 30.60
C ILE G 298 57.73 4.17 29.87
N PRO G 299 58.03 5.35 29.31
CA PRO G 299 56.96 6.22 28.81
C PRO G 299 56.13 5.62 27.69
N ILE G 300 56.71 4.78 26.85
CA ILE G 300 55.97 4.27 25.69
C ILE G 300 54.76 3.51 26.15
N VAL G 301 53.59 3.88 25.64
CA VAL G 301 52.34 3.18 25.92
C VAL G 301 51.77 2.65 24.62
N PRO G 302 51.55 1.35 24.49
CA PRO G 302 51.05 0.82 23.23
C PRO G 302 49.55 0.62 23.23
N VAL G 303 48.93 0.75 22.06
CA VAL G 303 47.55 0.31 21.85
C VAL G 303 47.62 -0.92 20.95
N PHE G 304 46.66 -1.82 21.14
CA PHE G 304 46.62 -3.06 20.37
C PHE G 304 45.22 -3.26 19.82
N GLY G 305 45.14 -3.94 18.68
CA GLY G 305 43.86 -4.30 18.14
C GLY G 305 43.32 -5.52 18.84
N GLU G 306 42.79 -6.48 18.09
CA GLU G 306 42.46 -7.77 18.68
C GLU G 306 43.75 -8.50 19.02
N TRP G 307 44.09 -8.52 20.31
CA TRP G 307 45.39 -9.00 20.77
C TRP G 307 45.21 -10.21 21.67
N GLY G 308 46.02 -11.25 21.43
CA GLY G 308 45.96 -12.44 22.24
C GLY G 308 47.17 -13.31 21.98
N PHE G 309 47.29 -14.36 22.78
CA PHE G 309 48.40 -15.30 22.66
C PHE G 309 47.90 -16.58 22.01
N VAL G 310 48.62 -17.05 21.00
CA VAL G 310 48.29 -18.30 20.30
C VAL G 310 49.57 -19.12 20.22
N GLU G 311 49.56 -20.30 20.85
CA GLU G 311 50.71 -21.18 20.88
C GLU G 311 51.95 -20.44 21.40
N ASP G 312 51.73 -19.59 22.40
CA ASP G 312 52.79 -18.84 23.08
C ASP G 312 53.50 -17.88 22.13
N LYS G 313 52.75 -17.26 21.23
CA LYS G 313 53.27 -16.22 20.36
C LYS G 313 52.34 -15.03 20.41
N GLU G 314 52.89 -13.84 20.58
CA GLU G 314 52.09 -12.62 20.54
C GLU G 314 51.56 -12.39 19.14
N VAL G 315 50.24 -12.38 18.99
CA VAL G 315 49.61 -12.08 17.71
C VAL G 315 48.57 -10.99 17.94
N TYR G 316 48.65 -9.93 17.16
CA TYR G 316 47.69 -8.84 17.19
C TYR G 316 47.21 -8.56 15.78
N GLU G 317 45.97 -8.11 15.66
CA GLU G 317 45.41 -7.88 14.33
C GLU G 317 44.79 -6.50 14.23
N GLY G 318 44.08 -6.24 13.13
CA GLY G 318 43.39 -4.99 12.97
C GLY G 318 42.05 -5.20 12.30
N VAL G 319 41.66 -4.28 11.44
CA VAL G 319 40.44 -4.45 10.66
C VAL G 319 40.84 -4.38 9.19
N VAL G 320 42.08 -4.74 8.90
CA VAL G 320 42.61 -4.63 7.55
C VAL G 320 42.96 -5.96 6.91
N ARG G 321 43.19 -7.04 7.67
CA ARG G 321 43.52 -8.31 7.04
C ARG G 321 42.31 -8.90 6.32
N LEU G 322 41.17 -8.91 6.98
CA LEU G 322 39.99 -9.55 6.45
C LEU G 322 39.46 -8.77 5.24
N THR G 323 39.30 -7.47 5.43
CA THR G 323 39.00 -6.59 4.32
C THR G 323 40.10 -6.63 3.28
N LYS G 324 41.31 -7.02 3.66
CA LYS G 324 42.40 -7.08 2.68
C LYS G 324 42.15 -8.19 1.68
N ASP G 325 41.78 -9.37 2.17
CA ASP G 325 41.46 -10.45 1.26
C ASP G 325 40.25 -10.11 0.40
N GLY G 326 39.20 -9.57 1.03
CA GLY G 326 38.04 -9.16 0.23
C GLY G 326 38.37 -8.11 -0.81
N GLN G 327 39.23 -7.17 -0.45
CA GLN G 327 39.61 -6.09 -1.33
C GLN G 327 40.45 -6.60 -2.50
N ARG G 328 41.29 -7.60 -2.26
CA ARG G 328 42.03 -8.19 -3.37
C ARG G 328 41.08 -8.86 -4.35
N LEU G 329 40.06 -9.54 -3.85
CA LEU G 329 39.09 -10.14 -4.78
C LEU G 329 38.37 -9.07 -5.58
N ARG G 330 37.94 -7.98 -4.93
CA ARG G 330 37.24 -6.92 -5.65
C ARG G 330 38.15 -6.27 -6.69
N ASN G 331 39.41 -6.04 -6.34
CA ASN G 331 40.36 -5.47 -7.28
C ASN G 331 40.53 -6.35 -8.49
N MET G 332 40.66 -7.66 -8.26
CA MET G 332 40.82 -8.56 -9.40
C MET G 332 39.59 -8.56 -10.29
N ILE G 333 38.39 -8.52 -9.70
CA ILE G 333 37.18 -8.55 -10.52
C ILE G 333 37.09 -7.30 -11.39
N MET G 334 37.27 -6.12 -10.79
CA MET G 334 37.18 -4.91 -11.58
C MET G 334 38.32 -4.79 -12.59
N SER G 335 39.51 -5.28 -12.25
CA SER G 335 40.58 -5.27 -13.23
C SER G 335 40.29 -6.21 -14.39
N PHE G 336 39.64 -7.34 -14.12
CA PHE G 336 39.21 -8.22 -15.19
C PHE G 336 38.23 -7.51 -16.12
N ASN G 337 37.27 -6.79 -15.55
CA ASN G 337 36.35 -6.01 -16.38
C ASN G 337 37.11 -4.99 -17.23
N ALA G 338 38.03 -4.26 -16.60
CA ALA G 338 38.76 -3.23 -17.33
C ALA G 338 39.64 -3.83 -18.41
N ASP G 339 40.15 -5.03 -18.19
CA ASP G 339 40.92 -5.70 -19.22
C ASP G 339 40.04 -6.13 -20.39
N ILE G 340 38.80 -6.51 -20.12
CA ILE G 340 37.86 -6.77 -21.21
C ILE G 340 37.61 -5.51 -22.03
N VAL G 341 37.43 -4.36 -21.35
CA VAL G 341 36.96 -3.17 -22.04
C VAL G 341 38.01 -2.64 -23.02
N ALA G 342 39.26 -2.55 -22.60
CA ALA G 342 40.23 -1.75 -23.36
C ALA G 342 40.75 -2.44 -24.62
N ARG G 343 39.86 -2.87 -25.50
CA ARG G 343 40.26 -3.35 -26.82
C ARG G 343 39.24 -2.84 -27.82
N THR G 344 39.70 -2.44 -29.00
CA THR G 344 38.78 -1.93 -30.00
C THR G 344 37.70 -2.96 -30.28
N PRO G 345 36.42 -2.60 -30.15
CA PRO G 345 35.35 -3.56 -30.43
C PRO G 345 35.32 -4.04 -31.86
N LYS G 346 36.00 -3.35 -32.78
CA LYS G 346 36.02 -3.80 -34.17
C LYS G 346 36.58 -5.20 -34.25
N LYS G 347 35.94 -6.04 -35.05
CA LYS G 347 36.42 -7.39 -35.22
C LYS G 347 37.71 -7.41 -36.02
N LYS G 348 38.61 -8.31 -35.65
CA LYS G 348 39.83 -8.55 -36.39
C LYS G 348 39.68 -9.83 -37.18
N PRO G 349 39.75 -9.78 -38.52
CA PRO G 349 39.51 -10.98 -39.32
C PRO G 349 40.77 -11.80 -39.58
N PHE G 350 40.54 -13.07 -39.90
CA PHE G 350 41.60 -14.02 -40.23
C PHE G 350 41.50 -14.37 -41.71
N PHE G 351 42.50 -13.99 -42.49
CA PHE G 351 42.57 -14.46 -43.87
C PHE G 351 43.99 -14.41 -44.40
N TRP G 352 44.22 -15.24 -45.44
CA TRP G 352 45.50 -15.53 -46.07
C TRP G 352 46.10 -14.28 -46.69
N PRO G 353 47.43 -14.18 -46.78
CA PRO G 353 48.02 -13.00 -47.43
C PRO G 353 47.63 -12.87 -48.89
N GLU G 354 47.42 -13.97 -49.61
CA GLU G 354 47.00 -13.87 -51.00
C GLU G 354 45.50 -13.66 -51.14
N GLN G 355 44.74 -13.78 -50.05
CA GLN G 355 43.32 -13.47 -50.10
C GLN G 355 43.06 -11.98 -50.27
N ILE G 356 44.04 -11.14 -49.94
CA ILE G 356 43.96 -9.70 -50.15
C ILE G 356 45.18 -9.19 -50.90
N ALA G 357 45.77 -10.04 -51.73
CA ALA G 357 47.03 -9.74 -52.41
C ALA G 357 47.11 -8.29 -52.88
N GLY G 358 46.12 -7.84 -53.64
CA GLY G 358 46.12 -6.47 -54.11
C GLY G 358 45.43 -5.51 -53.16
N PHE G 359 44.28 -5.91 -52.64
CA PHE G 359 43.45 -5.03 -51.81
C PHE G 359 43.93 -5.11 -50.37
N GLU G 360 45.00 -4.37 -50.08
CA GLU G 360 45.46 -4.19 -48.71
C GLU G 360 45.14 -2.82 -48.15
N HIS G 361 44.84 -1.85 -49.01
CA HIS G 361 44.48 -0.51 -48.56
C HIS G 361 43.02 -0.43 -48.12
N MET G 362 42.26 -1.50 -48.28
CA MET G 362 40.86 -1.53 -47.86
C MET G 362 40.74 -1.78 -46.37
N TYR G 363 41.51 -2.72 -45.83
CA TYR G 363 41.39 -3.16 -44.45
C TYR G 363 42.46 -2.48 -43.59
N ASP G 364 42.23 -1.21 -43.30
CA ASP G 364 43.10 -0.45 -42.41
C ASP G 364 42.35 0.31 -41.33
N GLY G 365 41.07 0.58 -41.50
CA GLY G 365 40.33 1.35 -40.52
C GLY G 365 40.47 2.84 -40.72
N ASN G 366 41.42 3.24 -41.57
CA ASN G 366 41.61 4.65 -41.89
C ASN G 366 40.59 5.17 -42.90
N ASP G 367 39.79 4.28 -43.50
CA ASP G 367 38.74 4.67 -44.42
C ASP G 367 37.56 3.73 -44.22
N ASP G 368 36.40 4.15 -44.70
CA ASP G 368 35.19 3.31 -44.70
C ASP G 368 34.70 3.22 -46.13
N TYR G 369 34.77 2.02 -46.71
CA TYR G 369 34.40 1.77 -48.09
C TYR G 369 33.01 1.14 -48.18
N PRO G 370 32.32 1.29 -49.32
CA PRO G 370 30.98 0.72 -49.44
C PRO G 370 30.96 -0.80 -49.38
N TYR G 371 31.80 -1.44 -50.20
CA TYR G 371 31.89 -2.89 -50.22
C TYR G 371 33.33 -3.31 -49.96
N TYR G 372 33.51 -4.57 -49.60
CA TYR G 372 34.82 -5.13 -49.32
C TYR G 372 35.14 -6.20 -50.35
N LEU G 373 36.31 -6.10 -50.95
CA LEU G 373 36.72 -6.97 -52.05
C LEU G 373 37.67 -8.06 -51.56
N LEU G 374 37.50 -9.25 -52.12
CA LEU G 374 38.37 -10.39 -51.86
C LEU G 374 38.61 -11.10 -53.18
N ASN G 375 39.88 -11.43 -53.45
CA ASN G 375 40.24 -12.04 -54.72
C ASN G 375 39.90 -13.54 -54.69
N ARG G 376 40.43 -14.29 -55.66
CA ARG G 376 39.92 -15.62 -56.00
C ARG G 376 39.63 -16.51 -54.79
N THR G 377 40.64 -16.80 -53.99
CA THR G 377 40.48 -17.64 -52.78
C THR G 377 41.75 -17.66 -51.95
N PRO G 388 33.93 -14.74 -47.38
CA PRO G 388 34.45 -15.95 -46.74
C PRO G 388 35.69 -15.66 -45.89
N LEU G 389 35.56 -15.71 -44.57
CA LEU G 389 36.66 -15.40 -43.66
C LEU G 389 36.18 -15.64 -42.23
N ALA G 390 37.13 -15.74 -41.31
CA ALA G 390 36.85 -15.99 -39.90
C ALA G 390 37.43 -14.87 -39.06
N TYR G 391 36.84 -14.65 -37.89
CA TYR G 391 37.16 -13.49 -37.05
C TYR G 391 37.88 -13.92 -35.77
N TYR G 392 38.45 -12.92 -35.09
CA TYR G 392 39.18 -13.13 -33.83
C TYR G 392 38.23 -12.81 -32.69
N GLU G 393 37.97 -13.81 -31.84
CA GLU G 393 36.93 -13.68 -30.82
C GLU G 393 37.41 -12.78 -29.69
N ASN G 394 36.83 -11.59 -29.60
CA ASN G 394 37.08 -10.72 -28.47
C ASN G 394 36.48 -11.35 -27.21
N PRO G 395 37.03 -11.05 -26.05
CA PRO G 395 36.47 -11.59 -24.80
C PRO G 395 35.09 -11.02 -24.53
N GLU G 396 34.31 -11.77 -23.77
CA GLU G 396 32.97 -11.35 -23.39
C GLU G 396 32.86 -11.25 -21.88
N VAL G 397 32.15 -10.25 -21.41
CA VAL G 397 31.93 -10.07 -19.98
C VAL G 397 31.01 -11.19 -19.48
N PRO G 398 31.40 -11.95 -18.47
CA PRO G 398 30.58 -13.13 -18.10
C PRO G 398 29.20 -12.78 -17.59
N GLN G 399 29.01 -11.58 -17.04
CA GLN G 399 27.73 -11.09 -16.55
C GLN G 399 27.34 -11.89 -15.31
N ALA G 400 28.12 -12.90 -14.97
CA ALA G 400 28.03 -13.55 -13.68
C ALA G 400 28.88 -12.84 -12.63
N ASN G 401 29.65 -11.83 -13.04
CA ASN G 401 30.46 -11.08 -12.11
C ASN G 401 29.65 -10.10 -11.26
N ALA G 402 28.37 -9.89 -11.57
CA ALA G 402 27.57 -9.00 -10.75
C ALA G 402 27.55 -9.49 -9.30
N TYR G 403 27.17 -10.75 -9.10
CA TYR G 403 27.13 -11.25 -7.75
C TYR G 403 28.52 -11.45 -7.18
N MET G 404 29.51 -11.74 -8.02
CA MET G 404 30.87 -11.89 -7.53
C MET G 404 31.37 -10.61 -6.88
N LEU G 405 31.24 -9.51 -7.61
CA LEU G 405 31.64 -8.21 -7.11
C LEU G 405 30.81 -7.82 -5.90
N GLU G 406 29.50 -8.08 -5.94
CA GLU G 406 28.67 -7.70 -4.80
C GLU G 406 29.04 -8.49 -3.55
N ALA G 407 29.33 -9.78 -3.70
CA ALA G 407 29.75 -10.57 -2.56
C ALA G 407 31.07 -10.07 -1.99
N ALA G 408 32.04 -9.77 -2.85
CA ALA G 408 33.33 -9.29 -2.36
C ALA G 408 33.20 -7.95 -1.65
N THR G 409 32.48 -7.00 -2.26
CA THR G 409 32.33 -5.68 -1.66
C THR G 409 31.55 -5.76 -0.35
N SER G 410 30.46 -6.53 -0.34
CA SER G 410 29.69 -6.65 0.89
C SER G 410 30.51 -7.35 1.97
N ALA G 411 31.35 -8.32 1.60
CA ALA G 411 32.22 -8.93 2.58
C ALA G 411 33.14 -7.89 3.20
N VAL G 412 33.79 -7.08 2.37
CA VAL G 412 34.69 -6.06 2.92
C VAL G 412 33.93 -5.09 3.83
N LYS G 413 32.72 -4.71 3.43
CA LYS G 413 32.00 -3.68 4.18
C LYS G 413 31.25 -4.21 5.39
N GLU G 414 31.05 -5.51 5.54
CA GLU G 414 30.37 -5.96 6.76
C GLU G 414 31.25 -6.82 7.66
N VAL G 415 32.14 -7.64 7.10
CA VAL G 415 33.05 -8.43 7.91
C VAL G 415 33.88 -7.50 8.79
N ALA G 416 34.25 -6.35 8.26
CA ALA G 416 34.98 -5.36 9.04
C ALA G 416 34.10 -4.82 10.16
N THR G 417 33.00 -4.17 9.82
CA THR G 417 32.13 -3.54 10.80
C THR G 417 30.68 -3.94 10.56
N LEU G 418 29.92 -4.01 11.65
CA LEU G 418 28.51 -4.40 11.65
C LEU G 418 28.20 -5.56 10.70
N ASP G 443 26.63 -2.87 19.60
CA ASP G 443 27.97 -2.30 19.47
C ASP G 443 27.96 -0.79 19.71
N LEU G 444 27.64 -0.04 18.65
CA LEU G 444 27.68 1.42 18.61
C LEU G 444 29.13 1.90 18.72
N GLU G 445 30.04 0.95 18.90
CA GLU G 445 31.49 1.11 18.93
C GLU G 445 32.09 -0.28 18.99
N THR G 446 33.15 -0.51 18.22
CA THR G 446 33.74 -1.84 18.20
C THR G 446 34.32 -2.09 19.58
N TYR G 447 33.61 -2.92 20.36
CA TYR G 447 33.88 -3.02 21.79
C TYR G 447 35.32 -3.47 22.06
N VAL G 448 35.86 -4.35 21.20
CA VAL G 448 37.22 -4.83 21.45
C VAL G 448 38.23 -3.70 21.26
N PHE G 449 38.08 -2.92 20.19
CA PHE G 449 39.00 -1.82 19.97
C PHE G 449 38.83 -0.74 21.02
N GLN G 450 37.59 -0.45 21.42
CA GLN G 450 37.36 0.56 22.45
C GLN G 450 37.94 0.13 23.79
N ASP G 451 37.74 -1.13 24.17
CA ASP G 451 38.31 -1.63 25.41
C ASP G 451 39.83 -1.61 25.37
N ASN G 452 40.42 -1.98 24.23
CA ASN G 452 41.87 -1.93 24.13
C ASN G 452 42.40 -0.50 24.25
N LEU G 453 41.72 0.45 23.60
CA LEU G 453 42.12 1.84 23.76
C LEU G 453 41.95 2.31 25.19
N ALA G 454 40.90 1.85 25.88
CA ALA G 454 40.70 2.23 27.27
C ALA G 454 41.83 1.69 28.15
N THR G 455 42.23 0.44 27.93
CA THR G 455 43.32 -0.12 28.72
C THR G 455 44.63 0.61 28.47
N ALA G 456 44.90 0.92 27.20
CA ALA G 456 46.11 1.68 26.89
C ALA G 456 46.07 3.08 27.49
N MET G 457 44.90 3.72 27.47
CA MET G 457 44.78 5.03 28.08
C MET G 457 44.94 4.98 29.59
N ARG G 458 44.51 3.89 30.22
CA ARG G 458 44.79 3.72 31.65
C ARG G 458 46.28 3.59 31.90
N ARG G 459 46.99 2.85 31.05
CA ARG G 459 48.44 2.82 31.18
C ARG G 459 49.03 4.22 31.01
N ASP G 460 48.52 4.98 30.04
CA ASP G 460 48.95 6.35 29.88
C ASP G 460 48.72 7.15 31.14
N GLY G 461 47.58 6.92 31.79
CA GLY G 461 47.31 7.60 33.05
C GLY G 461 48.33 7.26 34.11
N GLU G 462 48.69 5.98 34.23
CA GLU G 462 49.68 5.60 35.23
C GLU G 462 51.03 6.25 34.95
N ILE G 463 51.46 6.24 33.69
CA ILE G 463 52.74 6.85 33.35
C ILE G 463 52.71 8.35 33.63
N TYR G 464 51.62 9.02 33.23
CA TYR G 464 51.51 10.45 33.44
C TYR G 464 51.50 10.78 34.93
N GLN G 465 50.81 9.96 35.73
CA GLN G 465 50.77 10.23 37.16
C GLN G 465 52.13 10.02 37.80
N SER G 466 52.87 8.98 37.40
CA SER G 466 54.20 8.79 37.96
C SER G 466 55.11 9.95 37.61
N ILE G 467 55.06 10.41 36.35
CA ILE G 467 55.90 11.53 35.97
C ILE G 467 55.50 12.78 36.73
N VAL G 468 54.19 13.05 36.84
CA VAL G 468 53.72 14.23 37.56
C VAL G 468 54.16 14.18 39.02
N ASN G 469 54.08 13.00 39.63
CA ASN G 469 54.52 12.85 41.02
C ASN G 469 56.01 13.15 41.15
N ASP G 470 56.82 12.72 40.19
CA ASP G 470 58.25 12.88 40.31
C ASP G 470 58.79 14.17 39.67
N ILE G 471 57.93 15.02 39.11
CA ILE G 471 58.37 16.21 38.37
C ILE G 471 57.83 17.49 39.01
N TYR G 472 56.59 17.46 39.49
CA TYR G 472 55.94 18.66 40.01
C TYR G 472 56.24 18.83 41.49
N ASP G 473 57.49 19.14 41.83
CA ASP G 473 57.89 19.31 43.22
C ASP G 473 57.96 20.78 43.61
N VAL G 474 58.67 21.59 42.84
CA VAL G 474 58.83 23.01 43.14
C VAL G 474 57.45 23.67 43.07
N PRO G 475 57.14 24.61 43.95
CA PRO G 475 55.89 25.37 43.80
C PRO G 475 55.70 25.92 42.40
N ARG G 476 54.67 25.43 41.72
CA ARG G 476 54.39 25.85 40.36
C ARG G 476 52.95 26.32 40.26
N ASN G 477 52.65 26.97 39.13
CA ASN G 477 51.29 27.36 38.79
C ASN G 477 50.85 26.57 37.57
N VAL G 478 49.68 25.96 37.65
CA VAL G 478 49.17 25.10 36.59
C VAL G 478 47.79 25.59 36.19
N THR G 479 47.37 25.19 35.00
CA THR G 479 46.01 25.40 34.53
C THR G 479 45.26 24.09 34.57
N ILE G 480 44.05 24.13 35.10
CA ILE G 480 43.23 22.94 35.28
C ILE G 480 41.99 23.08 34.41
N THR G 481 41.67 22.02 33.67
CA THR G 481 40.44 21.99 32.88
C THR G 481 39.46 21.11 33.64
N LEU G 482 38.69 21.72 34.54
CA LEU G 482 37.60 21.00 35.17
C LEU G 482 36.61 20.55 34.11
N GLU G 483 35.69 19.68 34.51
CA GLU G 483 34.77 19.13 33.54
C GLU G 483 33.87 20.23 32.99
N ASP G 484 33.33 19.99 31.79
CA ASP G 484 32.53 20.95 31.03
C ASP G 484 33.39 22.11 30.54
N GLY G 485 34.65 21.84 30.20
CA GLY G 485 35.52 22.82 29.60
C GLY G 485 35.80 24.05 30.43
N SER G 486 35.33 24.10 31.67
CA SER G 486 35.48 25.29 32.51
C SER G 486 36.95 25.43 32.90
N GLU G 487 37.66 26.32 32.22
CA GLU G 487 39.06 26.54 32.52
C GLU G 487 39.21 27.07 33.93
N LYS G 488 40.38 26.85 34.52
CA LYS G 488 40.63 27.34 35.86
C LYS G 488 42.13 27.44 36.07
N ASP G 489 42.53 28.42 36.89
CA ASP G 489 43.92 28.61 37.30
C ASP G 489 44.06 28.20 38.75
N VAL G 490 45.08 27.40 39.04
CA VAL G 490 45.29 26.86 40.38
C VAL G 490 46.78 26.79 40.66
N GLN G 491 47.17 27.17 41.88
CA GLN G 491 48.53 26.99 42.34
C GLN G 491 48.67 25.62 43.02
N LEU G 492 49.85 25.02 42.89
CA LEU G 492 50.02 23.65 43.34
C LEU G 492 50.30 23.56 44.84
N MET G 493 51.35 24.24 45.31
CA MET G 493 51.66 24.14 46.73
C MET G 493 50.75 25.02 47.57
N ALA G 494 50.71 26.32 47.28
CA ALA G 494 49.85 27.27 47.99
C ALA G 494 50.17 27.25 49.49
N GLU G 495 51.38 27.69 49.79
CA GLU G 495 51.97 27.59 51.12
C GLU G 495 51.26 28.44 52.17
N VAL G 496 50.15 29.09 51.82
CA VAL G 496 49.46 29.98 52.75
C VAL G 496 49.15 29.25 54.05
N VAL G 497 49.43 29.93 55.17
CA VAL G 497 49.17 29.40 56.51
C VAL G 497 47.72 29.69 56.88
N ASP G 498 47.12 28.77 57.62
CA ASP G 498 45.71 28.87 57.94
C ASP G 498 45.43 30.06 58.85
N LEU G 499 44.16 30.45 58.90
CA LEU G 499 43.73 31.56 59.75
C LEU G 499 43.24 31.08 61.11
N ALA G 500 42.22 30.22 61.13
CA ALA G 500 41.61 29.76 62.37
C ALA G 500 42.17 28.44 62.84
N THR G 501 43.12 27.84 62.12
CA THR G 501 43.68 26.55 62.48
C THR G 501 45.04 26.69 63.17
N GLY G 502 45.99 27.37 62.53
CA GLY G 502 47.30 27.56 63.08
C GLY G 502 48.38 26.64 62.55
N GLU G 503 48.05 25.74 61.65
CA GLU G 503 49.01 24.82 61.05
C GLU G 503 49.38 25.30 59.65
N LYS G 504 50.38 24.63 59.06
CA LYS G 504 50.83 25.00 57.72
C LYS G 504 49.81 24.63 56.68
N GLN G 505 49.52 23.33 56.53
CA GLN G 505 48.42 22.83 55.71
C GLN G 505 48.55 23.31 54.26
N VAL G 506 49.58 22.79 53.59
CA VAL G 506 49.71 23.02 52.15
C VAL G 506 48.45 22.54 51.46
N LEU G 507 48.00 23.30 50.46
CA LEU G 507 46.64 23.14 49.98
C LEU G 507 46.47 21.89 49.11
N ASN G 508 47.17 21.84 47.98
CA ASN G 508 46.92 20.78 47.01
C ASN G 508 47.91 19.61 47.12
N ASP G 509 49.21 19.88 46.95
CA ASP G 509 50.25 18.89 47.17
C ASP G 509 49.98 17.61 46.37
N ILE G 510 50.07 17.76 45.05
CA ILE G 510 49.75 16.68 44.11
C ILE G 510 50.48 15.39 44.45
N ARG G 511 51.74 15.51 44.89
CA ARG G 511 52.56 14.34 45.14
C ARG G 511 51.85 13.36 46.07
N GLY G 512 51.78 12.10 45.65
CA GLY G 512 51.10 11.07 46.41
C GLY G 512 51.23 9.70 45.80
N ARG G 513 50.15 8.93 45.79
CA ARG G 513 50.16 7.60 45.18
C ARG G 513 48.74 7.31 44.70
N TYR G 514 48.51 7.45 43.41
CA TYR G 514 47.18 7.29 42.83
C TYR G 514 47.20 6.18 41.80
N GLU G 515 46.08 5.48 41.68
CA GLU G 515 45.89 4.49 40.62
C GLU G 515 44.76 4.96 39.72
N CYS G 516 44.89 4.69 38.43
CA CYS G 516 43.95 5.19 37.44
C CYS G 516 42.88 4.17 37.14
N TYR G 517 41.68 4.66 36.83
CA TYR G 517 40.60 3.78 36.40
C TYR G 517 39.68 4.58 35.50
N THR G 518 39.36 4.05 34.32
CA THR G 518 38.62 4.78 33.31
C THR G 518 37.16 4.37 33.32
N ASP G 519 36.30 5.34 33.00
CA ASP G 519 34.85 5.12 32.90
C ASP G 519 34.42 5.41 31.47
N VAL G 520 34.54 4.40 30.60
CA VAL G 520 34.10 4.55 29.22
C VAL G 520 32.58 4.46 29.17
N GLY G 521 31.96 5.38 28.43
CA GLY G 521 30.53 5.38 28.30
C GLY G 521 29.95 6.72 27.91
N PRO G 522 28.96 7.18 28.67
CA PRO G 522 28.26 8.42 28.31
C PRO G 522 29.18 9.63 28.43
N SER G 523 29.40 10.31 27.31
CA SER G 523 30.16 11.55 27.33
C SER G 523 29.37 12.63 28.07
N PHE G 524 30.10 13.64 28.55
CA PHE G 524 29.47 14.66 29.37
C PHE G 524 28.39 15.42 28.60
N GLN G 525 28.68 15.77 27.34
CA GLN G 525 27.68 16.45 26.54
C GLN G 525 26.46 15.56 26.31
N SER G 526 26.69 14.26 26.09
CA SER G 526 25.57 13.34 25.98
C SER G 526 24.79 13.24 27.28
N MET G 527 25.49 13.24 28.41
CA MET G 527 24.82 13.24 29.70
C MET G 527 23.94 14.48 29.84
N LYS G 528 24.46 15.64 29.47
CA LYS G 528 23.68 16.87 29.60
C LYS G 528 22.48 16.88 28.66
N GLN G 529 22.66 16.38 27.43
CA GLN G 529 21.53 16.33 26.51
C GLN G 529 20.44 15.39 27.02
N GLN G 530 20.83 14.24 27.56
CA GLN G 530 19.83 13.33 28.13
C GLN G 530 19.15 13.95 29.33
N ASN G 531 19.90 14.68 30.16
CA ASN G 531 19.30 15.37 31.29
C ASN G 531 18.28 16.40 30.85
N ARG G 532 18.61 17.18 29.82
CA ARG G 532 17.66 18.16 29.31
C ARG G 532 16.43 17.49 28.76
N ALA G 533 16.60 16.35 28.07
CA ALA G 533 15.44 15.63 27.55
C ALA G 533 14.54 15.16 28.68
N GLU G 534 15.13 14.63 29.76
CA GLU G 534 14.34 14.16 30.89
C GLU G 534 13.61 15.30 31.57
N ILE G 535 14.29 16.42 31.77
CA ILE G 535 13.65 17.57 32.41
C ILE G 535 12.53 18.11 31.55
N LEU G 536 12.73 18.14 30.23
CA LEU G 536 11.67 18.60 29.35
C LEU G 536 10.47 17.67 29.40
N GLU G 537 10.71 16.36 29.46
CA GLU G 537 9.61 15.42 29.60
C GLU G 537 8.83 15.67 30.89
N LEU G 538 9.55 15.87 32.00
CA LEU G 538 8.87 16.15 33.26
C LEU G 538 8.06 17.43 33.17
N LEU G 539 8.62 18.47 32.55
CA LEU G 539 7.85 19.69 32.33
C LEU G 539 6.59 19.41 31.53
N GLY G 540 6.66 18.47 30.59
CA GLY G 540 5.46 18.08 29.88
C GLY G 540 4.47 17.31 30.74
N LYS G 541 4.96 16.66 31.80
CA LYS G 541 4.09 15.81 32.63
C LYS G 541 4.04 16.28 34.08
N THR G 542 3.83 17.58 34.30
CA THR G 542 3.75 18.11 35.65
C THR G 542 2.78 19.29 35.66
N PRO G 543 1.85 19.34 36.61
CA PRO G 543 0.94 20.50 36.68
C PRO G 543 1.71 21.77 36.98
N GLN G 544 1.21 22.88 36.43
CA GLN G 544 1.89 24.16 36.48
C GLN G 544 1.68 24.86 37.81
N GLY G 545 2.45 25.91 38.04
CA GLY G 545 2.29 26.73 39.22
C GLY G 545 3.01 26.21 40.45
N THR G 546 3.00 24.89 40.63
CA THR G 546 3.61 24.29 41.81
C THR G 546 5.11 24.56 41.82
N PRO G 547 5.72 24.65 43.00
CA PRO G 547 7.17 24.91 43.05
C PRO G 547 8.01 23.86 42.35
N GLU G 548 7.50 22.62 42.22
CA GLU G 548 8.24 21.61 41.47
C GLU G 548 8.37 22.01 40.00
N TYR G 549 7.28 22.51 39.40
CA TYR G 549 7.35 22.91 38.00
C TYR G 549 8.30 24.08 37.80
N GLN G 550 8.25 25.07 38.71
CA GLN G 550 9.17 26.18 38.61
C GLN G 550 10.61 25.73 38.75
N LEU G 551 10.87 24.83 39.70
CA LEU G 551 12.22 24.33 39.88
C LEU G 551 12.70 23.58 38.64
N LEU G 552 11.83 22.77 38.04
CA LEU G 552 12.20 22.06 36.82
C LEU G 552 12.50 23.03 35.69
N LEU G 553 11.68 24.07 35.54
CA LEU G 553 11.92 25.03 34.47
C LEU G 553 13.23 25.77 34.67
N LEU G 554 13.52 26.17 35.91
CA LEU G 554 14.79 26.85 36.18
C LEU G 554 15.98 25.93 35.96
N GLN G 555 15.86 24.65 36.34
CA GLN G 555 16.97 23.74 36.10
C GLN G 555 17.16 23.47 34.61
N TYR G 556 16.07 23.49 33.84
CA TYR G 556 16.22 23.43 32.39
C TYR G 556 16.95 24.65 31.88
N PHE G 557 16.63 25.82 32.41
CA PHE G 557 17.30 27.04 32.00
C PHE G 557 18.80 26.94 32.26
N THR G 558 19.18 26.45 33.44
CA THR G 558 20.60 26.45 33.79
C THR G 558 21.37 25.38 33.04
N LEU G 559 20.68 24.52 32.29
CA LEU G 559 21.33 23.50 31.48
C LEU G 559 21.43 23.87 30.01
N LEU G 560 21.15 25.13 29.65
CA LEU G 560 21.16 25.52 28.26
C LEU G 560 22.61 25.65 27.77
N ASP G 561 22.77 26.15 26.55
CA ASP G 561 24.09 26.31 25.93
C ASP G 561 24.62 27.71 26.26
N GLY G 562 25.64 28.15 25.54
CA GLY G 562 26.45 29.27 26.00
C GLY G 562 26.02 30.65 25.60
N LYS G 563 26.76 31.27 24.67
CA LYS G 563 26.71 32.72 24.46
C LYS G 563 25.31 33.24 24.22
N GLY G 564 24.51 32.52 23.44
CA GLY G 564 23.21 33.01 23.05
C GLY G 564 22.24 33.28 24.19
N VAL G 565 22.18 32.36 25.15
CA VAL G 565 21.14 32.42 26.18
C VAL G 565 21.78 32.59 27.56
N GLU G 566 22.93 33.27 27.61
CA GLU G 566 23.61 33.48 28.88
C GLU G 566 22.72 34.22 29.87
N MET G 567 21.94 35.18 29.39
CA MET G 567 21.13 36.00 30.28
C MET G 567 20.06 35.17 30.99
N MET G 568 19.42 34.24 30.28
CA MET G 568 18.44 33.38 30.94
C MET G 568 19.10 32.45 31.94
N ARG G 569 20.29 31.94 31.64
CA ARG G 569 20.99 31.09 32.60
C ARG G 569 21.33 31.87 33.86
N ASP G 570 21.80 33.11 33.70
CA ASP G 570 22.12 33.93 34.88
C ASP G 570 20.87 34.24 35.69
N TYR G 571 19.76 34.54 35.01
CA TYR G 571 18.51 34.76 35.72
C TYR G 571 18.08 33.50 36.47
N ALA G 572 18.24 32.34 35.86
CA ALA G 572 17.89 31.10 36.52
C ALA G 572 18.74 30.87 37.76
N ASN G 573 20.04 31.14 37.67
CA ASN G 573 20.88 31.00 38.86
C ASN G 573 20.44 31.96 39.95
N LYS G 574 20.09 33.20 39.59
CA LYS G 574 19.65 34.15 40.60
C LYS G 574 18.37 33.67 41.28
N GLN G 575 17.40 33.20 40.49
CA GLN G 575 16.15 32.73 41.07
C GLN G 575 16.35 31.48 41.92
N LEU G 576 17.23 30.58 41.49
CA LEU G 576 17.50 29.38 42.28
C LEU G 576 18.15 29.74 43.60
N ILE G 577 19.11 30.66 43.58
CA ILE G 577 19.82 31.00 44.81
C ILE G 577 18.89 31.76 45.75
N GLN G 578 18.08 32.68 45.22
CA GLN G 578 17.13 33.38 46.06
C GLN G 578 15.99 32.49 46.55
N MET G 579 15.72 31.39 45.85
CA MET G 579 14.74 30.42 46.31
C MET G 579 15.28 29.59 47.46
N GLY G 580 16.59 29.39 47.52
CA GLY G 580 17.21 28.60 48.55
C GLY G 580 17.53 27.17 48.16
N VAL G 581 17.31 26.80 46.90
CA VAL G 581 17.56 25.43 46.47
C VAL G 581 19.02 25.22 46.13
N LYS G 582 19.59 26.11 45.31
CA LYS G 582 20.99 26.05 44.95
C LYS G 582 21.81 26.88 45.92
N LYS G 583 22.88 26.30 46.43
CA LYS G 583 23.72 27.00 47.39
C LYS G 583 24.47 28.15 46.72
N PRO G 584 24.67 29.25 47.45
CA PRO G 584 25.47 30.35 46.89
C PRO G 584 26.92 29.98 46.75
N GLU G 585 27.59 30.61 45.79
CA GLU G 585 29.00 30.33 45.52
C GLU G 585 29.88 31.57 45.52
N THR G 586 29.34 32.75 45.80
CA THR G 586 30.11 33.99 45.80
C THR G 586 29.33 35.04 46.58
N PRO G 587 30.02 36.00 47.21
CA PRO G 587 29.32 36.92 48.13
C PRO G 587 28.19 37.72 47.51
N GLU G 588 28.24 38.02 46.21
CA GLU G 588 27.10 38.71 45.61
C GLU G 588 25.86 37.83 45.64
N GLU G 589 26.02 36.53 45.40
CA GLU G 589 24.89 35.62 45.53
C GLU G 589 24.40 35.54 46.97
N GLN G 590 25.32 35.60 47.94
CA GLN G 590 24.90 35.64 49.34
C GLN G 590 24.08 36.89 49.64
N GLN G 591 24.50 38.03 49.12
CA GLN G 591 23.73 39.26 49.30
C GLN G 591 22.36 39.13 48.65
N TRP G 592 22.30 38.51 47.47
CA TRP G 592 21.00 38.28 46.83
C TRP G 592 20.11 37.39 47.70
N LEU G 593 20.70 36.33 48.27
CA LEU G 593 19.93 35.42 49.10
C LEU G 593 19.36 36.13 50.32
N VAL G 594 20.20 36.91 51.01
CA VAL G 594 19.71 37.60 52.21
C VAL G 594 18.70 38.68 51.83
N GLU G 595 18.88 39.35 50.70
CA GLU G 595 17.91 40.34 50.25
C GLU G 595 16.56 39.68 49.99
N ALA G 596 16.56 38.53 49.32
CA ALA G 596 15.30 37.84 49.06
C ALA G 596 14.66 37.34 50.35
N GLN G 597 15.47 36.80 51.27
CA GLN G 597 14.92 36.22 52.48
C GLN G 597 14.33 37.29 53.39
N GLN G 598 15.08 38.37 53.64
CA GLN G 598 14.61 39.42 54.52
C GLN G 598 13.50 40.27 53.89
N ALA G 599 13.26 40.13 52.59
CA ALA G 599 12.23 40.90 51.92
C ALA G 599 10.84 40.55 52.45
N ASN H 6 80.64 29.35 -0.05
CA ASN H 6 80.40 28.01 0.50
C ASN H 6 78.99 27.92 1.08
N ARG H 7 78.43 29.06 1.47
CA ARG H 7 77.10 29.06 2.05
C ARG H 7 76.06 28.51 1.07
N LEU H 8 76.15 28.94 -0.19
CA LEU H 8 75.20 28.46 -1.19
C LEU H 8 75.33 26.96 -1.41
N GLU H 9 76.54 26.42 -1.27
CA GLU H 9 76.69 24.98 -1.39
C GLU H 9 75.98 24.24 -0.26
N SER H 10 76.04 24.76 0.96
CA SER H 10 75.28 24.16 2.05
C SER H 10 73.77 24.28 1.80
N ILE H 11 73.32 25.44 1.33
CA ILE H 11 71.90 25.62 1.05
C ILE H 11 71.44 24.62 0.01
N LEU H 12 72.20 24.48 -1.07
CA LEU H 12 71.81 23.57 -2.13
C LEU H 12 71.92 22.12 -1.69
N SER H 13 72.86 21.79 -0.81
CA SER H 13 72.91 20.44 -0.28
C SER H 13 71.64 20.11 0.50
N ARG H 14 71.21 21.03 1.36
CA ARG H 14 69.98 20.79 2.13
C ARG H 14 68.77 20.70 1.21
N PHE H 15 68.69 21.60 0.23
CA PHE H 15 67.54 21.59 -0.69
C PHE H 15 67.51 20.31 -1.52
N ASP H 16 68.66 19.86 -2.00
CA ASP H 16 68.70 18.62 -2.79
C ASP H 16 68.33 17.42 -1.93
N ALA H 17 68.79 17.40 -0.68
CA ALA H 17 68.41 16.30 0.20
C ALA H 17 66.90 16.26 0.40
N ASP H 18 66.30 17.42 0.66
CA ASP H 18 64.85 17.46 0.84
C ASP H 18 64.11 17.04 -0.42
N TRP H 19 64.58 17.52 -1.57
CA TRP H 19 63.95 17.19 -2.85
C TRP H 19 63.98 15.70 -3.11
N THR H 20 65.16 15.10 -3.00
CA THR H 20 65.26 13.66 -3.28
C THR H 20 64.53 12.84 -2.24
N ALA H 21 64.42 13.33 -1.01
CA ALA H 21 63.68 12.59 0.00
C ALA H 21 62.17 12.61 -0.26
N SER H 22 61.65 13.72 -0.76
CA SER H 22 60.21 13.83 -1.01
C SER H 22 59.84 13.58 -2.46
N ASP H 23 60.78 13.11 -3.28
CA ASP H 23 60.51 12.94 -4.70
C ASP H 23 59.33 12.03 -4.98
N GLU H 24 59.23 10.89 -4.30
CA GLU H 24 58.17 9.94 -4.63
C GLU H 24 56.79 10.53 -4.33
N ALA H 25 56.64 11.12 -3.15
CA ALA H 25 55.37 11.74 -2.77
C ALA H 25 55.02 12.89 -3.71
N ARG H 26 56.02 13.71 -4.07
CA ARG H 26 55.75 14.81 -4.97
C ARG H 26 55.33 14.31 -6.34
N ARG H 27 55.96 13.25 -6.83
CA ARG H 27 55.58 12.67 -8.12
C ARG H 27 54.14 12.23 -8.10
N GLU H 28 53.76 11.44 -7.10
CA GLU H 28 52.39 10.94 -7.06
C GLU H 28 51.39 12.07 -6.88
N ALA H 29 51.71 13.08 -6.08
CA ALA H 29 50.78 14.19 -5.89
C ALA H 29 50.64 15.01 -7.16
N LYS H 30 51.74 15.25 -7.89
CA LYS H 30 51.63 15.95 -9.16
C LYS H 30 50.78 15.18 -10.15
N ASN H 31 50.95 13.85 -10.19
CA ASN H 31 50.11 13.05 -11.07
C ASN H 31 48.65 13.16 -10.67
N ASP H 32 48.37 13.15 -9.36
CA ASP H 32 46.99 13.31 -8.89
C ASP H 32 46.41 14.64 -9.34
N LEU H 33 47.14 15.72 -9.14
CA LEU H 33 46.66 17.05 -9.50
C LEU H 33 46.44 17.15 -10.99
N PHE H 34 47.37 16.63 -11.78
CA PHE H 34 47.23 16.67 -13.24
C PHE H 34 46.05 15.85 -13.71
N PHE H 35 45.79 14.72 -13.05
CA PHE H 35 44.61 13.93 -13.38
C PHE H 35 43.33 14.68 -13.06
N SER H 36 43.31 15.42 -11.95
CA SER H 36 42.09 16.07 -11.51
C SER H 36 41.91 17.47 -12.09
N ARG H 37 42.82 17.92 -12.96
CA ARG H 37 42.67 19.26 -13.51
C ARG H 37 42.94 19.39 -14.99
N VAL H 38 43.54 18.39 -15.65
CA VAL H 38 43.90 18.55 -17.06
C VAL H 38 43.23 17.47 -17.91
N SER H 39 43.55 16.20 -17.64
CA SER H 39 43.05 15.12 -18.48
C SER H 39 43.09 13.82 -17.69
N GLN H 40 41.97 13.10 -17.70
CA GLN H 40 41.89 11.85 -16.94
C GLN H 40 42.78 10.76 -17.51
N TRP H 41 43.20 10.89 -18.77
CA TRP H 41 43.91 9.83 -19.46
C TRP H 41 45.41 10.04 -19.32
N ASP H 42 46.00 9.43 -18.28
CA ASP H 42 47.44 9.47 -18.11
C ASP H 42 48.13 8.77 -19.27
N ASP H 43 49.45 8.87 -19.35
CA ASP H 43 50.15 8.27 -20.47
C ASP H 43 50.19 6.76 -20.37
N TRP H 44 50.31 6.22 -19.15
CA TRP H 44 50.23 4.78 -18.98
C TRP H 44 48.96 4.22 -19.59
N LEU H 45 47.82 4.83 -19.27
CA LEU H 45 46.56 4.34 -19.83
C LEU H 45 46.52 4.52 -21.33
N SER H 46 47.11 5.59 -21.86
CA SER H 46 47.15 5.75 -23.30
C SER H 46 48.01 4.70 -23.98
N GLN H 47 48.95 4.11 -23.26
CA GLN H 47 49.73 3.00 -23.84
C GLN H 47 48.97 1.69 -23.74
N TYR H 48 48.45 1.38 -22.56
CA TYR H 48 47.51 0.27 -22.39
C TYR H 48 46.10 0.72 -22.74
N THR H 49 45.86 0.80 -24.04
CA THR H 49 44.51 0.87 -24.60
C THR H 49 44.68 0.92 -26.10
N THR H 50 43.59 0.64 -26.81
CA THR H 50 43.53 0.87 -28.23
C THR H 50 42.26 1.61 -28.63
N LEU H 51 41.47 2.06 -27.65
CA LEU H 51 40.30 2.88 -27.93
C LEU H 51 40.70 4.11 -28.73
N GLN H 52 39.87 4.47 -29.70
CA GLN H 52 40.16 5.62 -30.54
C GLN H 52 39.44 6.88 -30.08
N TYR H 53 38.33 6.76 -29.35
CA TYR H 53 37.64 7.92 -28.83
C TYR H 53 37.93 8.04 -27.34
N ARG H 54 39.04 8.69 -27.02
CA ARG H 54 39.40 8.92 -25.63
C ARG H 54 38.54 10.05 -25.08
N GLY H 55 37.61 9.72 -24.18
CA GLY H 55 36.71 10.67 -23.61
C GLY H 55 36.97 10.86 -22.12
N GLN H 56 36.30 11.85 -21.54
CA GLN H 56 36.43 12.15 -20.11
C GLN H 56 35.03 12.39 -19.55
N PHE H 57 34.36 11.32 -19.14
CA PHE H 57 33.05 11.41 -18.52
C PHE H 57 33.20 11.25 -17.00
N ASP H 58 33.69 12.31 -16.37
CA ASP H 58 34.17 12.19 -15.00
C ASP H 58 33.08 12.41 -13.98
N VAL H 59 33.25 11.80 -12.81
CA VAL H 59 32.38 12.07 -11.68
C VAL H 59 33.22 12.36 -10.46
N VAL H 60 34.47 12.78 -10.69
CA VAL H 60 35.34 13.15 -9.58
C VAL H 60 35.04 14.55 -9.08
N ARG H 61 34.99 15.52 -10.00
CA ARG H 61 34.76 16.90 -9.59
C ARG H 61 33.47 17.10 -8.82
N PRO H 62 32.34 16.45 -9.13
CA PRO H 62 31.20 16.54 -8.21
C PRO H 62 31.54 16.11 -6.80
N VAL H 63 32.35 15.07 -6.63
CA VAL H 63 32.71 14.63 -5.30
C VAL H 63 33.58 15.66 -4.60
N VAL H 64 34.58 16.19 -5.31
CA VAL H 64 35.45 17.20 -4.71
C VAL H 64 34.64 18.43 -4.33
N ARG H 65 33.70 18.83 -5.19
CA ARG H 65 32.85 19.97 -4.87
C ARG H 65 32.03 19.70 -3.62
N LYS H 66 31.47 18.50 -3.50
CA LYS H 66 30.69 18.17 -2.31
C LYS H 66 31.56 18.25 -1.06
N LEU H 67 32.79 17.73 -1.13
CA LEU H 67 33.66 17.79 0.04
C LEU H 67 34.01 19.22 0.42
N VAL H 68 34.35 20.05 -0.56
CA VAL H 68 34.72 21.42 -0.24
C VAL H 68 33.54 22.17 0.36
N SER H 69 32.35 22.00 -0.21
CA SER H 69 31.17 22.65 0.35
C SER H 69 30.91 22.16 1.76
N GLU H 70 31.04 20.86 1.98
CA GLU H 70 30.77 20.29 3.30
C GLU H 70 31.75 20.82 4.34
N MET H 71 32.99 21.08 3.94
CA MET H 71 33.90 21.84 4.81
C MET H 71 33.41 23.25 5.04
N ARG H 72 33.00 23.94 3.96
CA ARG H 72 32.58 25.33 4.08
C ARG H 72 31.44 25.51 5.05
N GLN H 73 30.61 24.49 5.22
CA GLN H 73 29.46 24.58 6.10
C GLN H 73 29.79 24.28 7.56
N ASN H 74 31.04 23.97 7.89
CA ASN H 74 31.46 23.71 9.27
C ASN H 74 32.71 24.55 9.55
N PRO H 75 32.55 25.86 9.71
CA PRO H 75 33.72 26.73 9.81
C PRO H 75 34.50 26.49 11.09
N ILE H 76 35.82 26.72 11.00
CA ILE H 76 36.74 26.48 12.09
C ILE H 76 37.20 27.80 12.66
N ASP H 77 37.05 27.98 13.96
CA ASP H 77 37.49 29.18 14.64
C ASP H 77 38.80 28.93 15.36
N VAL H 78 39.56 29.99 15.57
CA VAL H 78 40.82 29.93 16.30
C VAL H 78 40.69 30.78 17.55
N LEU H 79 41.05 30.21 18.68
CA LEU H 79 40.98 30.87 19.97
C LEU H 79 42.39 31.21 20.42
N TYR H 80 42.50 31.79 21.62
CA TYR H 80 43.82 32.15 22.14
C TYR H 80 43.81 32.01 23.65
N ARG H 81 44.58 31.07 24.16
CA ARG H 81 44.77 30.93 25.59
C ARG H 81 45.70 32.03 26.08
N PRO H 82 45.30 32.86 27.06
CA PRO H 82 46.21 33.84 27.63
C PRO H 82 47.15 33.16 28.61
N LYS H 83 48.45 33.31 28.40
CA LYS H 83 49.45 32.68 29.24
C LYS H 83 50.28 33.73 29.97
N ASP H 84 50.99 33.26 31.00
CA ASP H 84 51.89 34.10 31.78
C ASP H 84 51.18 35.31 32.34
N GLY H 85 49.97 35.08 32.85
CA GLY H 85 49.22 36.12 33.53
C GLY H 85 48.72 37.24 32.66
N ALA H 86 48.66 37.05 31.34
CA ALA H 86 48.11 38.06 30.46
C ALA H 86 46.61 38.20 30.68
N ARG H 87 46.12 39.42 30.56
CA ARG H 87 44.72 39.69 30.82
C ARG H 87 43.84 39.04 29.77
N PRO H 88 42.64 38.59 30.15
CA PRO H 88 41.72 38.03 29.15
C PRO H 88 41.30 39.02 28.09
N ASP H 89 41.34 40.33 28.37
CA ASP H 89 40.93 41.30 27.38
C ASP H 89 41.88 41.33 26.19
N ALA H 90 43.19 41.21 26.43
CA ALA H 90 44.13 41.13 25.32
C ALA H 90 43.89 39.85 24.51
N ALA H 91 43.56 38.75 25.19
CA ALA H 91 43.22 37.53 24.48
C ALA H 91 42.00 37.73 23.59
N ASP H 92 40.99 38.44 24.10
CA ASP H 92 39.80 38.70 23.29
C ASP H 92 40.15 39.59 22.10
N VAL H 93 41.06 40.55 22.32
CA VAL H 93 41.44 41.42 21.21
C VAL H 93 42.14 40.63 20.11
N LEU H 94 43.05 39.71 20.47
CA LEU H 94 43.65 38.86 19.43
C LEU H 94 42.63 37.93 18.81
N MET H 95 41.69 37.42 19.59
CA MET H 95 40.61 36.62 19.01
C MET H 95 39.93 37.39 17.89
N GLY H 96 39.50 38.62 18.17
CA GLY H 96 38.82 39.41 17.18
C GLY H 96 39.71 39.82 16.02
N MET H 97 40.98 40.12 16.31
CA MET H 97 41.88 40.54 15.26
C MET H 97 42.14 39.40 14.27
N TYR H 98 42.34 38.19 14.79
CA TYR H 98 42.47 37.05 13.89
C TYR H 98 41.19 36.82 13.12
N ARG H 99 40.04 36.99 13.76
CA ARG H 99 38.80 36.80 13.03
C ARG H 99 38.66 37.80 11.89
N THR H 100 39.03 39.06 12.11
CA THR H 100 38.92 40.05 11.04
C THR H 100 40.02 39.91 10.01
N ASP H 101 41.14 39.26 10.34
CA ASP H 101 42.16 38.99 9.34
C ASP H 101 41.92 37.69 8.59
N MET H 102 40.98 36.86 9.05
CA MET H 102 40.58 35.67 8.31
C MET H 102 39.30 35.85 7.52
N ARG H 103 38.49 36.87 7.80
CA ARG H 103 37.34 37.14 6.96
C ARG H 103 37.71 38.01 5.76
N HIS H 104 38.89 38.62 5.77
CA HIS H 104 39.32 39.40 4.62
C HIS H 104 39.41 38.52 3.38
N ASN H 105 39.02 39.08 2.24
CA ASN H 105 38.79 38.23 1.07
C ASN H 105 40.05 37.55 0.57
N THR H 106 41.21 38.19 0.70
CA THR H 106 42.45 37.53 0.27
C THR H 106 42.71 36.27 1.10
N ALA H 107 42.47 36.35 2.41
CA ALA H 107 42.63 35.17 3.24
C ALA H 107 41.64 34.08 2.86
N LYS H 108 40.41 34.46 2.50
CA LYS H 108 39.44 33.46 2.09
C LYS H 108 39.86 32.79 0.79
N ILE H 109 40.41 33.55 -0.16
CA ILE H 109 40.92 32.95 -1.39
C ILE H 109 42.05 31.98 -1.08
N ALA H 110 42.97 32.38 -0.21
CA ALA H 110 44.10 31.50 0.12
C ALA H 110 43.62 30.22 0.79
N VAL H 111 42.72 30.33 1.76
CA VAL H 111 42.22 29.14 2.43
C VAL H 111 41.47 28.25 1.46
N ASN H 112 40.66 28.83 0.58
CA ASN H 112 39.91 28.02 -0.36
C ASN H 112 40.82 27.28 -1.33
N ILE H 113 41.86 27.94 -1.84
CA ILE H 113 42.79 27.25 -2.73
C ILE H 113 43.52 26.16 -1.99
N ALA H 114 43.96 26.43 -0.76
CA ALA H 114 44.66 25.40 0.01
C ALA H 114 43.77 24.19 0.27
N VAL H 115 42.52 24.41 0.63
CA VAL H 115 41.63 23.28 0.90
C VAL H 115 41.31 22.52 -0.37
N ARG H 116 41.12 23.23 -1.49
CA ARG H 116 40.85 22.54 -2.74
C ARG H 116 42.02 21.66 -3.16
N GLU H 117 43.24 22.16 -2.99
CA GLU H 117 44.40 21.33 -3.33
C GLU H 117 44.65 20.25 -2.30
N GLN H 118 44.23 20.44 -1.06
CA GLN H 118 44.25 19.35 -0.08
C GLN H 118 43.34 18.22 -0.53
N ILE H 119 42.11 18.54 -0.91
CA ILE H 119 41.16 17.51 -1.26
C ILE H 119 41.54 16.83 -2.56
N GLU H 120 42.04 17.60 -3.53
CA GLU H 120 42.42 16.98 -4.80
C GLU H 120 43.76 16.27 -4.71
N ALA H 121 44.84 17.02 -4.46
CA ALA H 121 46.16 16.43 -4.50
C ALA H 121 46.53 15.80 -3.16
N GLY H 122 46.52 16.60 -2.10
CA GLY H 122 46.91 16.13 -0.79
C GLY H 122 47.66 17.16 0.04
N VAL H 123 48.14 18.23 -0.60
CA VAL H 123 48.87 19.29 0.08
C VAL H 123 48.39 20.63 -0.45
N GLY H 124 48.13 21.58 0.44
CA GLY H 124 47.72 22.90 -0.02
C GLY H 124 48.61 24.08 0.33
N ALA H 125 49.20 24.05 1.53
CA ALA H 125 50.24 24.98 1.94
C ALA H 125 50.05 26.45 1.57
N TRP H 126 49.03 27.11 2.12
CA TRP H 126 48.97 28.55 1.92
C TRP H 126 50.05 29.24 2.76
N ARG H 127 50.26 30.53 2.50
CA ARG H 127 51.43 31.22 3.03
C ARG H 127 51.04 32.55 3.68
N LEU H 128 51.70 32.89 4.79
CA LEU H 128 51.57 34.18 5.44
C LEU H 128 52.58 35.16 4.86
N VAL H 129 52.20 36.44 4.86
CA VAL H 129 53.10 37.50 4.40
C VAL H 129 52.64 38.81 5.03
N THR H 130 53.57 39.75 5.17
CA THR H 130 53.29 41.03 5.82
C THR H 130 53.67 42.18 4.90
N ASP H 131 52.90 43.26 4.96
CA ASP H 131 53.16 44.44 4.15
C ASP H 131 52.48 45.65 4.79
N TYR H 132 52.86 46.82 4.31
CA TYR H 132 52.35 48.06 4.90
C TYR H 132 50.90 48.31 4.48
N GLU H 133 50.19 49.05 5.33
CA GLU H 133 48.93 49.67 4.98
C GLU H 133 49.07 51.18 5.08
N ASP H 134 48.05 51.89 4.64
CA ASP H 134 47.94 53.33 4.87
C ASP H 134 49.17 54.06 4.32
N GLN H 135 49.28 54.05 2.99
CA GLN H 135 50.48 54.54 2.32
C GLN H 135 50.73 56.01 2.64
N SER H 136 51.70 56.26 3.51
CA SER H 136 52.17 57.58 3.90
C SER H 136 53.45 57.41 4.69
N PRO H 137 54.48 58.22 4.47
CA PRO H 137 55.76 57.99 5.16
C PRO H 137 55.73 58.35 6.64
N THR H 138 54.65 58.98 7.12
CA THR H 138 54.59 59.41 8.51
C THR H 138 54.70 58.22 9.46
N SER H 139 54.04 57.12 9.12
CA SER H 139 53.99 55.95 9.97
C SER H 139 54.63 54.75 9.28
N ASN H 140 54.66 53.62 10.00
CA ASN H 140 55.19 52.36 9.50
C ASN H 140 54.28 51.20 9.89
N ASN H 141 52.97 51.43 9.88
CA ASN H 141 52.03 50.38 10.27
C ASN H 141 52.02 49.26 9.23
N GLN H 142 51.89 48.03 9.71
CA GLN H 142 51.90 46.85 8.86
C GLN H 142 50.70 45.97 9.19
N VAL H 143 50.29 45.17 8.20
CA VAL H 143 49.17 44.24 8.34
C VAL H 143 49.62 42.87 7.84
N ILE H 144 48.73 41.89 8.01
CA ILE H 144 49.01 40.50 7.68
C ILE H 144 47.99 40.01 6.67
N ARG H 145 48.46 39.64 5.49
CA ARG H 145 47.60 39.02 4.48
C ARG H 145 48.23 37.69 4.06
N ARG H 146 47.42 36.82 3.49
CA ARG H 146 47.83 35.46 3.18
C ARG H 146 47.82 35.26 1.67
N GLU H 147 49.00 35.07 1.09
CA GLU H 147 49.11 34.79 -0.32
C GLU H 147 49.13 33.28 -0.55
N PRO H 148 48.21 32.74 -1.35
CA PRO H 148 48.21 31.30 -1.57
C PRO H 148 49.40 30.85 -2.38
N ILE H 149 49.75 29.58 -2.22
CA ILE H 149 50.83 28.95 -2.97
C ILE H 149 50.18 27.90 -3.87
N HIS H 150 50.24 28.12 -5.17
CA HIS H 150 49.56 27.25 -6.10
C HIS H 150 50.38 26.02 -6.41
N SER H 151 49.70 24.88 -6.55
CA SER H 151 50.34 23.59 -6.72
C SER H 151 51.42 23.39 -5.66
N ALA H 152 50.99 23.45 -4.41
CA ALA H 152 51.91 23.39 -3.29
C ALA H 152 52.62 22.06 -3.16
N CYS H 153 52.14 21.01 -3.81
CA CYS H 153 52.81 19.73 -3.74
C CYS H 153 54.11 19.71 -4.52
N SER H 154 54.36 20.72 -5.36
CA SER H 154 55.58 20.79 -6.16
C SER H 154 56.36 22.08 -6.02
N HIS H 155 55.78 23.13 -5.45
CA HIS H 155 56.47 24.40 -5.31
C HIS H 155 56.87 24.71 -3.87
N VAL H 156 56.62 23.79 -2.95
CA VAL H 156 57.05 23.93 -1.56
C VAL H 156 57.79 22.66 -1.19
N ILE H 157 59.02 22.79 -0.72
CA ILE H 157 59.85 21.64 -0.39
C ILE H 157 60.12 21.70 1.10
N TRP H 158 59.28 21.06 1.89
CA TRP H 158 59.46 21.02 3.33
C TRP H 158 60.69 20.22 3.70
N ASP H 159 61.29 20.58 4.84
CA ASP H 159 62.47 19.86 5.30
C ASP H 159 62.12 18.40 5.55
N SER H 160 62.96 17.51 5.02
CA SER H 160 62.66 16.09 5.11
C SER H 160 62.71 15.56 6.53
N ASN H 161 63.45 16.22 7.42
CA ASN H 161 63.67 15.69 8.75
C ASN H 161 62.46 15.88 9.67
N SER H 162 61.72 16.97 9.53
CA SER H 162 60.61 17.24 10.42
C SER H 162 59.52 16.19 10.28
N LYS H 163 58.85 15.91 11.40
CA LYS H 163 57.94 14.78 11.49
C LYS H 163 56.64 15.16 12.17
N LEU H 164 56.11 16.35 11.88
CA LEU H 164 54.77 16.70 12.31
C LEU H 164 53.97 17.29 11.17
N MET H 165 52.65 17.14 11.25
CA MET H 165 51.77 17.67 10.23
C MET H 165 51.80 19.20 10.20
N ASP H 166 52.07 19.82 11.35
CA ASP H 166 52.33 21.25 11.36
C ASP H 166 53.61 21.60 10.61
N LYS H 167 54.50 20.63 10.40
CA LYS H 167 55.86 20.91 9.96
C LYS H 167 56.52 21.93 10.88
N SER H 168 56.22 21.84 12.18
CA SER H 168 56.75 22.79 13.14
C SER H 168 58.26 22.67 13.28
N ASP H 169 58.78 21.43 13.32
CA ASP H 169 60.21 21.25 13.56
C ASP H 169 61.04 21.67 12.36
N ALA H 170 60.45 21.74 11.18
CA ALA H 170 61.23 21.99 9.98
C ALA H 170 62.02 23.28 10.11
N ARG H 171 63.32 23.19 9.89
CA ARG H 171 64.22 24.31 10.07
C ARG H 171 64.49 25.06 8.78
N HIS H 172 63.84 24.65 7.69
CA HIS H 172 63.95 25.33 6.40
C HIS H 172 62.93 24.73 5.46
N CYS H 173 62.41 25.57 4.57
CA CYS H 173 61.46 25.10 3.57
C CYS H 173 61.44 26.10 2.43
N THR H 174 61.87 25.66 1.26
CA THR H 174 62.01 26.55 0.11
C THR H 174 60.65 26.80 -0.52
N VAL H 175 60.60 27.81 -1.40
CA VAL H 175 59.44 28.04 -2.23
C VAL H 175 59.93 28.30 -3.64
N ILE H 176 59.93 27.26 -4.47
CA ILE H 176 60.46 27.37 -5.82
C ILE H 176 59.54 28.27 -6.66
N HIS H 177 60.14 29.05 -7.54
CA HIS H 177 59.40 29.86 -8.50
C HIS H 177 59.97 29.59 -9.88
N SER H 178 59.19 28.94 -10.74
CA SER H 178 59.62 28.67 -12.10
C SER H 178 59.30 29.90 -12.94
N MET H 179 60.24 30.84 -13.00
CA MET H 179 60.02 32.09 -13.69
C MET H 179 60.77 32.13 -15.02
N SER H 180 60.11 32.67 -16.02
CA SER H 180 60.68 32.93 -17.33
C SER H 180 61.43 34.26 -17.29
N GLN H 181 61.78 34.80 -18.45
CA GLN H 181 62.51 36.06 -18.51
C GLN H 181 61.73 37.18 -17.83
N ASN H 182 60.43 37.30 -18.17
CA ASN H 182 59.61 38.35 -17.58
C ASN H 182 59.53 38.21 -16.06
N GLY H 183 59.22 37.01 -15.58
CA GLY H 183 59.24 36.78 -14.15
C GLY H 183 60.63 37.03 -13.58
N TRP H 184 61.67 36.69 -14.33
CA TRP H 184 63.02 36.93 -13.83
C TRP H 184 63.23 38.40 -13.52
N GLU H 185 62.99 39.30 -14.50
CA GLU H 185 63.37 40.68 -14.24
C GLU H 185 62.42 41.33 -13.25
N ASP H 186 61.14 40.95 -13.25
CA ASP H 186 60.27 41.65 -12.31
C ASP H 186 60.54 41.18 -10.88
N PHE H 187 60.69 39.87 -10.66
CA PHE H 187 60.97 39.39 -9.31
C PHE H 187 62.41 39.64 -8.89
N ALA H 188 63.28 40.07 -9.81
CA ALA H 188 64.62 40.51 -9.44
C ALA H 188 64.68 41.99 -9.11
N GLU H 189 64.05 42.84 -9.92
CA GLU H 189 64.02 44.27 -9.63
C GLU H 189 63.13 44.58 -8.43
N LYS H 190 62.13 43.74 -8.18
CA LYS H 190 61.16 44.06 -7.13
C LYS H 190 61.83 44.14 -5.77
N TYR H 191 62.73 43.21 -5.47
CA TYR H 191 63.29 43.12 -4.12
C TYR H 191 64.78 43.41 -4.06
N ASP H 192 65.62 42.66 -4.76
CA ASP H 192 67.05 42.75 -4.48
C ASP H 192 67.86 43.54 -5.48
N LEU H 193 67.93 43.08 -6.74
CA LEU H 193 68.77 43.64 -7.79
C LEU H 193 68.39 42.97 -9.10
N ASP H 194 68.76 43.61 -10.20
CA ASP H 194 68.55 43.07 -11.54
C ASP H 194 69.80 42.39 -12.10
N ALA H 195 70.62 41.82 -11.22
CA ALA H 195 71.85 41.17 -11.65
C ALA H 195 71.50 39.81 -12.24
N ASP H 196 71.80 39.63 -13.52
CA ASP H 196 71.43 38.41 -14.24
C ASP H 196 72.17 37.21 -13.65
N ASP H 197 71.66 36.02 -13.98
CA ASP H 197 72.27 34.76 -13.53
C ASP H 197 73.70 34.62 -14.05
N ILE H 217 64.48 29.82 -15.57
CA ILE H 217 65.06 30.61 -14.48
C ILE H 217 64.28 30.34 -13.20
N GLN H 218 64.73 29.35 -12.44
CA GLN H 218 64.04 28.92 -11.23
C GLN H 218 64.70 29.54 -10.02
N ILE H 219 64.02 30.50 -9.39
CA ILE H 219 64.51 31.15 -8.21
C ILE H 219 63.86 30.49 -7.00
N ALA H 220 64.39 30.76 -5.81
CA ALA H 220 63.92 30.11 -4.61
C ALA H 220 63.80 31.13 -3.48
N GLU H 221 63.05 30.76 -2.44
CA GLU H 221 62.95 31.55 -1.21
C GLU H 221 63.23 30.59 -0.06
N PHE H 222 64.49 30.52 0.36
CA PHE H 222 64.92 29.52 1.34
C PHE H 222 64.71 30.09 2.74
N TYR H 223 63.56 29.77 3.34
CA TYR H 223 63.32 30.15 4.72
C TYR H 223 64.21 29.34 5.64
N GLU H 224 64.40 29.85 6.85
CA GLU H 224 65.31 29.21 7.79
C GLU H 224 64.96 29.62 9.21
N VAL H 225 65.16 28.69 10.14
CA VAL H 225 64.96 28.94 11.56
C VAL H 225 66.26 28.61 12.27
N VAL H 226 66.88 29.61 12.85
CA VAL H 226 68.14 29.42 13.57
C VAL H 226 67.85 29.42 15.06
N GLU H 227 68.60 28.59 15.79
CA GLU H 227 68.39 28.43 17.22
C GLU H 227 69.72 28.55 17.95
N LYS H 228 69.64 29.00 19.19
CA LYS H 228 70.80 29.12 20.07
C LYS H 228 70.53 28.28 21.31
N LYS H 229 71.29 27.20 21.47
CA LYS H 229 71.09 26.26 22.56
C LYS H 229 72.30 26.27 23.48
N GLU H 230 72.06 26.51 24.77
CA GLU H 230 73.12 26.53 25.77
C GLU H 230 72.73 25.68 26.96
N THR H 231 73.47 25.77 28.06
CA THR H 231 73.22 24.94 29.24
C THR H 231 72.60 25.70 30.41
N ALA H 232 73.09 26.90 30.71
CA ALA H 232 72.50 27.85 31.64
C ALA H 232 72.58 27.46 33.11
N PHE H 233 72.96 26.20 33.39
CA PHE H 233 73.50 25.77 34.69
C PHE H 233 72.91 26.48 35.90
N ILE H 234 71.59 26.36 36.13
CA ILE H 234 70.98 27.07 37.25
C ILE H 234 71.62 26.67 38.58
N TYR H 235 71.85 27.67 39.43
CA TYR H 235 72.42 27.48 40.76
C TYR H 235 71.43 28.04 41.79
N GLN H 236 71.39 27.44 42.96
CA GLN H 236 70.44 27.83 43.99
C GLN H 236 71.14 28.39 45.22
N ASP H 237 70.49 29.37 45.85
CA ASP H 237 70.98 30.04 47.05
C ASP H 237 69.86 30.05 48.10
N PRO H 238 70.10 30.55 49.32
CA PRO H 238 68.99 30.71 50.28
C PRO H 238 67.83 31.52 49.71
N VAL H 239 68.15 32.60 49.01
CA VAL H 239 67.12 33.33 48.28
C VAL H 239 66.71 32.53 47.04
N THR H 240 65.61 32.95 46.42
CA THR H 240 65.15 32.27 45.21
C THR H 240 66.23 32.30 44.14
N GLY H 241 66.36 31.19 43.43
CA GLY H 241 67.45 31.05 42.47
C GLY H 241 67.28 31.92 41.25
N GLU H 242 68.05 32.99 41.18
CA GLU H 242 68.05 33.87 40.02
C GLU H 242 68.88 33.25 38.90
N PRO H 243 68.69 33.70 37.65
CA PRO H 243 69.51 33.17 36.56
C PRO H 243 70.98 33.50 36.77
N VAL H 244 71.78 32.48 37.08
CA VAL H 244 73.20 32.63 37.33
C VAL H 244 73.91 31.58 36.48
N SER H 245 75.13 31.90 36.08
CA SER H 245 75.97 31.00 35.28
C SER H 245 75.27 30.66 33.96
N TYR H 246 74.92 31.71 33.22
CA TYR H 246 74.15 31.53 31.99
C TYR H 246 74.92 30.74 30.94
N PHE H 247 76.22 30.96 30.84
CA PHE H 247 77.03 30.33 29.80
C PHE H 247 78.01 29.36 30.45
N LYS H 248 78.79 28.68 29.60
CA LYS H 248 79.94 27.93 30.09
C LYS H 248 81.11 28.85 30.42
N ARG H 249 81.18 30.01 29.79
CA ARG H 249 82.21 30.99 30.14
C ARG H 249 81.89 31.70 31.44
N ASP H 250 80.60 31.90 31.74
CA ASP H 250 80.24 32.48 33.03
C ASP H 250 80.60 31.54 34.18
N ILE H 251 80.64 30.23 33.95
CA ILE H 251 81.20 29.31 34.93
C ILE H 251 82.64 29.68 35.23
N LYS H 252 83.45 29.84 34.18
CA LYS H 252 84.85 30.21 34.37
C LYS H 252 85.02 31.64 34.87
N ASP H 253 83.95 32.43 34.87
CA ASP H 253 83.98 33.74 35.52
C ASP H 253 83.56 33.68 36.98
N VAL H 254 82.97 32.58 37.44
CA VAL H 254 82.54 32.46 38.83
C VAL H 254 83.16 31.23 39.49
N ILE H 255 84.40 30.89 39.10
CA ILE H 255 85.07 29.73 39.67
C ILE H 255 85.07 29.76 41.19
N ASP H 256 85.09 30.97 41.78
CA ASP H 256 84.97 31.09 43.23
C ASP H 256 83.52 31.07 43.70
N ASP H 257 82.65 31.81 43.00
CA ASP H 257 81.27 31.93 43.43
C ASP H 257 80.53 30.60 43.39
N LEU H 258 80.88 29.72 42.44
CA LEU H 258 80.23 28.41 42.37
C LEU H 258 80.53 27.58 43.61
N ALA H 259 81.71 27.73 44.20
CA ALA H 259 82.06 27.01 45.41
C ALA H 259 81.66 27.74 46.68
N ASP H 260 81.45 29.05 46.62
CA ASP H 260 81.03 29.80 47.80
C ASP H 260 79.53 29.84 48.00
N SER H 261 78.74 29.39 47.03
CA SER H 261 77.29 29.42 47.16
C SER H 261 76.80 28.30 48.06
N GLY H 262 75.53 28.40 48.47
CA GLY H 262 74.95 27.40 49.33
C GLY H 262 74.81 26.04 48.66
N PHE H 263 74.38 26.03 47.40
CA PHE H 263 74.17 24.80 46.65
C PHE H 263 75.01 24.83 45.38
N ILE H 264 75.52 23.66 44.98
CA ILE H 264 76.51 23.59 43.90
C ILE H 264 75.86 23.43 42.54
N LYS H 265 74.76 22.68 42.44
CA LYS H 265 74.09 22.47 41.15
C LYS H 265 72.73 21.87 41.41
N ILE H 266 71.71 22.37 40.72
CA ILE H 266 70.35 21.87 40.84
C ILE H 266 69.82 21.36 39.51
N ALA H 267 69.98 22.12 38.44
CA ALA H 267 69.46 21.70 37.15
C ALA H 267 70.29 22.33 36.04
N GLU H 268 70.11 21.81 34.82
CA GLU H 268 70.86 22.21 33.65
C GLU H 268 69.92 22.66 32.54
N ARG H 269 69.00 23.56 32.88
CA ARG H 269 67.98 23.98 31.92
C ARG H 269 68.57 24.59 30.65
N GLN H 270 68.41 23.90 29.53
CA GLN H 270 68.96 24.35 28.26
C GLN H 270 68.03 25.37 27.64
N ILE H 271 68.25 26.65 27.97
CA ILE H 271 67.42 27.72 27.44
C ILE H 271 67.66 27.88 25.94
N LYS H 272 66.60 28.20 25.21
CA LYS H 272 66.63 28.26 23.75
C LYS H 272 65.87 29.49 23.27
N ARG H 273 66.40 30.13 22.24
CA ARG H 273 65.69 31.20 21.54
C ARG H 273 65.89 31.03 20.03
N ARG H 274 64.85 31.33 19.28
CA ARG H 274 64.83 31.08 17.85
C ARG H 274 64.35 32.32 17.11
N ARG H 275 64.84 32.49 15.88
CA ARG H 275 64.46 33.60 15.04
C ARG H 275 64.58 33.18 13.59
N VAL H 276 63.60 33.57 12.77
CA VAL H 276 63.52 33.10 11.39
C VAL H 276 64.49 33.89 10.53
N TYR H 277 64.96 33.27 9.44
CA TYR H 277 65.82 33.93 8.46
C TYR H 277 65.39 33.50 7.06
N LYS H 278 65.34 34.46 6.14
CA LYS H 278 64.86 34.24 4.78
C LYS H 278 65.92 34.67 3.79
N SER H 279 66.24 33.79 2.84
CA SER H 279 67.24 34.08 1.83
C SER H 279 66.72 33.65 0.47
N ILE H 280 67.02 34.45 -0.55
CA ILE H 280 66.56 34.20 -1.91
C ILE H 280 67.75 33.74 -2.72
N ILE H 281 67.77 32.47 -3.11
CA ILE H 281 68.90 31.87 -3.80
C ILE H 281 68.49 31.50 -5.21
N THR H 282 69.47 31.06 -6.00
CA THR H 282 69.25 30.52 -7.33
C THR H 282 70.17 29.32 -7.52
N CYS H 283 69.78 28.44 -8.44
CA CYS H 283 70.48 27.17 -8.59
C CYS H 283 71.91 27.37 -9.07
N THR H 284 72.08 28.13 -10.16
CA THR H 284 73.41 28.27 -10.76
C THR H 284 74.23 29.34 -10.04
N ALA H 285 73.76 30.58 -10.07
CA ALA H 285 74.52 31.68 -9.51
C ALA H 285 74.47 31.66 -7.99
N VAL H 286 75.20 32.59 -7.39
CA VAL H 286 75.26 32.70 -5.93
C VAL H 286 73.94 33.27 -5.42
N LEU H 287 73.73 33.18 -4.11
CA LEU H 287 72.50 33.70 -3.53
C LEU H 287 72.46 35.23 -3.64
N LYS H 288 71.25 35.77 -3.71
CA LYS H 288 71.06 37.20 -3.91
C LYS H 288 70.86 37.96 -2.61
N ASP H 289 70.15 37.39 -1.64
CA ASP H 289 70.05 37.96 -0.31
C ASP H 289 70.52 36.93 0.71
N LYS H 290 71.37 37.37 1.64
CA LYS H 290 71.96 36.41 2.56
C LYS H 290 71.00 36.03 3.69
N GLN H 291 70.51 37.02 4.43
CA GLN H 291 69.66 36.72 5.58
C GLN H 291 68.78 37.93 5.87
N LEU H 292 67.52 37.65 6.21
CA LEU H 292 66.56 38.68 6.57
C LEU H 292 65.61 38.09 7.60
N ILE H 293 65.06 38.96 8.45
CA ILE H 293 64.13 38.52 9.50
C ILE H 293 62.71 38.87 9.09
N ALA H 294 61.79 37.94 9.31
CA ALA H 294 60.38 38.22 9.06
C ALA H 294 59.55 37.38 10.03
N GLY H 295 59.20 37.98 11.18
CA GLY H 295 58.39 37.27 12.17
C GLY H 295 59.20 36.41 13.12
N GLU H 296 58.65 35.27 13.55
CA GLU H 296 59.37 34.39 14.46
C GLU H 296 59.38 32.94 13.98
N HIS H 297 58.33 32.50 13.31
CA HIS H 297 58.28 31.17 12.70
C HIS H 297 58.46 31.31 11.19
N ILE H 298 58.52 30.18 10.50
CA ILE H 298 58.48 30.18 9.05
C ILE H 298 57.03 30.32 8.60
N PRO H 299 56.70 31.34 7.82
CA PRO H 299 55.28 31.65 7.56
C PRO H 299 54.51 30.54 6.89
N ILE H 300 55.14 29.74 6.03
CA ILE H 300 54.39 28.77 5.24
C ILE H 300 53.72 27.77 6.16
N VAL H 301 52.41 27.62 6.02
CA VAL H 301 51.63 26.66 6.80
C VAL H 301 51.02 25.64 5.85
N PRO H 302 51.32 24.37 6.00
CA PRO H 302 50.77 23.38 5.06
C PRO H 302 49.51 22.71 5.55
N VAL H 303 48.62 22.34 4.63
CA VAL H 303 47.53 21.43 4.96
C VAL H 303 47.84 20.10 4.28
N PHE H 304 47.41 19.01 4.90
CA PHE H 304 47.65 17.68 4.37
C PHE H 304 46.35 16.89 4.36
N GLY H 305 46.25 15.96 3.42
CA GLY H 305 45.10 15.09 3.41
C GLY H 305 45.28 13.98 4.41
N GLU H 306 44.98 12.74 4.03
CA GLU H 306 45.33 11.60 4.87
C GLU H 306 46.85 11.46 4.88
N TRP H 307 47.48 11.81 5.99
CA TRP H 307 48.94 11.92 6.07
C TRP H 307 49.46 10.99 7.14
N GLY H 308 50.51 10.24 6.80
CA GLY H 308 51.12 9.32 7.74
C GLY H 308 52.46 8.87 7.22
N PHE H 309 53.19 8.17 8.08
CA PHE H 309 54.51 7.66 7.73
C PHE H 309 54.43 6.17 7.48
N VAL H 310 55.00 5.72 6.37
CA VAL H 310 55.03 4.31 6.00
C VAL H 310 56.47 3.95 5.64
N GLU H 311 57.06 3.04 6.41
CA GLU H 311 58.45 2.62 6.21
C GLU H 311 59.38 3.82 6.18
N ASP H 312 59.12 4.78 7.07
CA ASP H 312 59.94 5.99 7.22
C ASP H 312 59.96 6.81 5.94
N LYS H 313 58.80 6.94 5.31
CA LYS H 313 58.64 7.81 4.15
C LYS H 313 57.34 8.59 4.33
N GLU H 314 57.42 9.91 4.13
CA GLU H 314 56.24 10.74 4.26
C GLU H 314 55.31 10.53 3.06
N VAL H 315 54.11 10.02 3.32
CA VAL H 315 53.15 9.78 2.26
C VAL H 315 51.84 10.45 2.65
N TYR H 316 51.28 11.23 1.72
CA TYR H 316 49.99 11.90 1.91
C TYR H 316 49.12 11.63 0.70
N GLU H 317 47.81 11.60 0.90
CA GLU H 317 46.90 11.34 -0.20
C GLU H 317 45.80 12.38 -0.28
N GLY H 318 44.81 12.13 -1.13
CA GLY H 318 43.68 13.01 -1.24
C GLY H 318 42.40 12.23 -1.39
N VAL H 319 41.51 12.68 -2.25
CA VAL H 319 40.30 11.93 -2.54
C VAL H 319 40.28 11.71 -4.05
N VAL H 320 41.45 11.72 -4.66
CA VAL H 320 41.55 11.64 -6.11
C VAL H 320 42.23 10.37 -6.61
N ARG H 321 43.03 9.67 -5.80
CA ARG H 321 43.65 8.45 -6.29
C ARG H 321 42.62 7.35 -6.49
N LEU H 322 41.77 7.14 -5.50
CA LEU H 322 40.82 6.05 -5.53
C LEU H 322 39.76 6.28 -6.60
N THR H 323 39.15 7.45 -6.56
CA THR H 323 38.28 7.87 -7.63
C THR H 323 39.02 7.93 -8.95
N LYS H 324 40.34 8.05 -8.94
CA LYS H 324 41.08 8.09 -10.19
C LYS H 324 41.04 6.74 -10.88
N ASP H 325 41.29 5.68 -10.13
CA ASP H 325 41.20 4.35 -10.71
C ASP H 325 39.77 4.06 -11.18
N GLY H 326 38.79 4.37 -10.34
CA GLY H 326 37.41 4.15 -10.75
C GLY H 326 37.03 4.96 -11.99
N GLN H 327 37.53 6.19 -12.06
CA GLN H 327 37.21 7.07 -13.17
C GLN H 327 37.86 6.60 -14.46
N ARG H 328 39.07 6.04 -14.36
CA ARG H 328 39.68 5.46 -15.56
C ARG H 328 38.83 4.31 -16.09
N LEU H 329 38.32 3.46 -15.18
CA LEU H 329 37.47 2.37 -15.66
C LEU H 329 36.19 2.91 -16.32
N ARG H 330 35.56 3.92 -15.71
CA ARG H 330 34.35 4.48 -16.31
C ARG H 330 34.63 5.11 -17.68
N ASN H 331 35.73 5.85 -17.78
CA ASN H 331 36.11 6.44 -19.07
C ASN H 331 36.30 5.37 -20.11
N MET H 332 36.97 4.27 -19.75
CA MET H 332 37.20 3.20 -20.70
C MET H 332 35.89 2.58 -21.17
N ILE H 333 34.93 2.39 -20.26
CA ILE H 333 33.66 1.79 -20.65
C ILE H 333 32.90 2.71 -21.60
N MET H 334 32.79 4.00 -21.25
CA MET H 334 32.13 4.94 -22.15
C MET H 334 32.82 5.00 -23.51
N SER H 335 34.15 5.03 -23.53
CA SER H 335 34.85 5.10 -24.80
C SER H 335 34.63 3.84 -25.62
N PHE H 336 34.54 2.68 -24.98
CA PHE H 336 34.21 1.46 -25.70
C PHE H 336 32.84 1.56 -26.35
N ASN H 337 31.85 2.06 -25.60
CA ASN H 337 30.53 2.24 -26.18
C ASN H 337 30.58 3.18 -27.38
N ALA H 338 31.26 4.31 -27.23
CA ALA H 338 31.32 5.28 -28.31
C ALA H 338 32.06 4.74 -29.52
N ASP H 339 33.06 3.90 -29.30
CA ASP H 339 33.75 3.28 -30.42
C ASP H 339 32.86 2.30 -31.15
N ILE H 340 31.99 1.60 -30.43
CA ILE H 340 30.98 0.79 -31.12
C ILE H 340 30.06 1.65 -31.96
N VAL H 341 29.62 2.79 -31.42
CA VAL H 341 28.56 3.56 -32.06
C VAL H 341 29.03 4.17 -33.38
N ALA H 342 30.20 4.79 -33.39
CA ALA H 342 30.56 5.64 -34.53
C ALA H 342 31.02 4.85 -35.75
N ARG H 343 30.19 3.95 -36.24
CA ARG H 343 30.38 3.32 -37.54
C ARG H 343 29.01 3.17 -38.19
N THR H 344 28.94 3.45 -39.47
CA THR H 344 27.66 3.38 -40.16
C THR H 344 27.07 1.99 -40.01
N PRO H 345 25.82 1.88 -39.58
CA PRO H 345 25.21 0.55 -39.40
C PRO H 345 25.08 -0.23 -40.69
N LYS H 346 25.14 0.41 -41.85
CA LYS H 346 24.99 -0.31 -43.10
C LYS H 346 26.03 -1.42 -43.20
N LYS H 347 25.59 -2.60 -43.60
CA LYS H 347 26.49 -3.74 -43.71
C LYS H 347 27.46 -3.53 -44.86
N LYS H 348 28.69 -3.98 -44.66
CA LYS H 348 29.69 -4.00 -45.71
C LYS H 348 29.85 -5.42 -46.22
N PRO H 349 29.54 -5.70 -47.48
CA PRO H 349 29.60 -7.07 -47.99
C PRO H 349 30.98 -7.47 -48.51
N PHE H 350 31.20 -8.77 -48.52
CA PHE H 350 32.42 -9.38 -49.06
C PHE H 350 32.09 -10.11 -50.34
N PHE H 351 32.64 -9.66 -51.47
CA PHE H 351 32.53 -10.41 -52.70
C PHE H 351 33.64 -10.07 -53.67
N TRP H 352 33.90 -11.01 -54.59
CA TRP H 352 34.99 -11.03 -55.55
C TRP H 352 34.91 -9.85 -56.51
N PRO H 353 36.03 -9.36 -57.03
CA PRO H 353 35.97 -8.26 -57.98
C PRO H 353 35.21 -8.62 -59.25
N GLU H 354 35.26 -9.87 -59.70
CA GLU H 354 34.49 -10.25 -60.88
C GLU H 354 33.05 -10.60 -60.56
N GLN H 355 32.68 -10.68 -59.28
CA GLN H 355 31.30 -10.88 -58.92
C GLN H 355 30.45 -9.64 -59.21
N ILE H 356 31.07 -8.47 -59.31
CA ILE H 356 30.38 -7.24 -59.67
C ILE H 356 31.10 -6.55 -60.82
N ALA H 357 31.75 -7.34 -61.69
CA ALA H 357 32.58 -6.81 -62.75
C ALA H 357 31.97 -5.59 -63.43
N GLY H 358 30.74 -5.71 -63.92
CA GLY H 358 30.08 -4.60 -64.56
C GLY H 358 29.34 -3.70 -63.60
N PHE H 359 28.61 -4.30 -62.66
CA PHE H 359 27.75 -3.56 -61.73
C PHE H 359 28.57 -3.10 -60.54
N GLU H 360 29.30 -2.00 -60.73
CA GLU H 360 29.96 -1.32 -59.63
C GLU H 360 29.27 -0.04 -59.22
N HIS H 361 28.40 0.50 -60.06
CA HIS H 361 27.66 1.70 -59.73
C HIS H 361 26.45 1.41 -58.86
N MET H 362 26.17 0.15 -58.60
CA MET H 362 25.04 -0.23 -57.74
C MET H 362 25.42 -0.11 -56.27
N TYR H 363 26.60 -0.58 -55.91
CA TYR H 363 27.01 -0.69 -54.51
C TYR H 363 27.91 0.50 -54.13
N ASP H 364 27.27 1.67 -54.03
CA ASP H 364 27.97 2.86 -53.58
C ASP H 364 27.27 3.61 -52.46
N GLY H 365 26.00 3.36 -52.22
CA GLY H 365 25.29 4.04 -51.15
C GLY H 365 24.78 5.41 -51.58
N ASN H 366 25.22 5.87 -52.74
CA ASN H 366 24.75 7.13 -53.29
C ASN H 366 23.38 7.01 -53.94
N ASP H 367 22.87 5.79 -54.10
CA ASP H 367 21.54 5.56 -54.65
C ASP H 367 20.93 4.36 -53.95
N ASP H 368 19.62 4.20 -54.11
CA ASP H 368 18.92 3.01 -53.62
C ASP H 368 18.15 2.42 -54.79
N TYR H 369 18.57 1.23 -55.25
CA TYR H 369 17.96 0.57 -56.39
C TYR H 369 16.96 -0.49 -55.93
N PRO H 370 16.00 -0.86 -56.77
CA PRO H 370 15.01 -1.86 -56.36
C PRO H 370 15.62 -3.22 -56.08
N TYR H 371 16.40 -3.75 -57.01
CA TYR H 371 17.04 -5.05 -56.85
C TYR H 371 18.55 -4.90 -57.02
N TYR H 372 19.28 -5.88 -56.52
CA TYR H 372 20.73 -5.88 -56.58
C TYR H 372 21.18 -7.03 -57.49
N LEU H 373 22.04 -6.72 -58.45
CA LEU H 373 22.46 -7.68 -59.46
C LEU H 373 23.84 -8.24 -59.15
N LEU H 374 24.02 -9.52 -59.45
CA LEU H 374 25.30 -10.19 -59.34
C LEU H 374 25.48 -11.08 -60.56
N ASN H 375 26.65 -11.03 -61.18
CA ASN H 375 26.89 -11.77 -62.41
C ASN H 375 27.17 -13.23 -62.08
N ARG H 376 27.69 -13.98 -63.07
CA ARG H 376 27.67 -15.43 -63.07
C ARG H 376 28.02 -16.06 -61.72
N THR H 377 29.24 -15.81 -61.22
CA THR H 377 29.69 -16.34 -59.94
C THR H 377 31.02 -15.73 -59.53
N PRO H 388 24.09 -14.41 -53.06
CA PRO H 388 25.20 -15.20 -52.51
C PRO H 388 26.39 -14.33 -52.17
N LEU H 389 26.62 -14.06 -50.88
CA LEU H 389 27.71 -13.20 -50.43
C LEU H 389 27.72 -13.19 -48.91
N ALA H 390 28.82 -12.71 -48.33
CA ALA H 390 29.01 -12.66 -46.89
C ALA H 390 29.32 -11.22 -46.48
N TYR H 391 29.03 -10.91 -45.21
CA TYR H 391 29.12 -9.54 -44.72
C TYR H 391 30.23 -9.40 -43.68
N TYR H 392 30.54 -8.13 -43.38
CA TYR H 392 31.57 -7.76 -42.40
C TYR H 392 30.87 -7.47 -41.08
N GLU H 393 31.19 -8.28 -40.07
CA GLU H 393 30.44 -8.23 -38.81
C GLU H 393 30.79 -6.96 -38.05
N ASN H 394 29.82 -6.05 -37.93
CA ASN H 394 29.98 -4.90 -37.07
C ASN H 394 30.02 -5.35 -35.61
N PRO H 395 30.69 -4.59 -34.74
CA PRO H 395 30.72 -4.95 -33.32
C PRO H 395 29.34 -4.80 -32.70
N GLU H 396 29.13 -5.56 -31.63
CA GLU H 396 27.87 -5.51 -30.90
C GLU H 396 28.11 -5.07 -29.47
N VAL H 397 27.18 -4.30 -28.93
CA VAL H 397 27.28 -3.85 -27.54
C VAL H 397 27.06 -5.04 -26.63
N PRO H 398 27.95 -5.29 -25.66
CA PRO H 398 27.81 -6.48 -24.81
C PRO H 398 26.51 -6.51 -24.04
N GLN H 399 26.00 -5.36 -23.61
CA GLN H 399 24.78 -5.23 -22.80
C GLN H 399 25.05 -5.82 -21.42
N ALA H 400 26.21 -6.41 -21.24
CA ALA H 400 26.72 -6.74 -19.92
C ALA H 400 27.50 -5.59 -19.33
N ASN H 401 27.67 -4.50 -20.07
CA ASN H 401 28.38 -3.34 -19.57
C ASN H 401 27.52 -2.49 -18.65
N ALA H 402 26.22 -2.76 -18.55
CA ALA H 402 25.37 -1.98 -17.64
C ALA H 402 25.91 -2.05 -16.22
N TYR H 403 26.11 -3.27 -15.72
CA TYR H 403 26.59 -3.39 -14.35
C TYR H 403 28.05 -2.98 -14.24
N MET H 404 28.83 -3.15 -15.30
CA MET H 404 30.22 -2.70 -15.27
C MET H 404 30.29 -1.20 -15.03
N LEU H 405 29.54 -0.45 -15.83
CA LEU H 405 29.51 1.00 -15.70
C LEU H 405 28.94 1.41 -14.35
N GLU H 406 27.88 0.74 -13.91
CA GLU H 406 27.29 1.11 -12.62
C GLU H 406 28.23 0.84 -11.48
N ALA H 407 28.96 -0.27 -11.52
CA ALA H 407 29.94 -0.55 -10.48
C ALA H 407 31.05 0.49 -10.47
N ALA H 408 31.57 0.86 -11.64
CA ALA H 408 32.64 1.86 -11.67
C ALA H 408 32.17 3.21 -11.17
N THR H 409 31.00 3.67 -11.65
CA THR H 409 30.49 4.97 -11.23
C THR H 409 30.18 4.99 -9.74
N SER H 410 29.51 3.95 -9.24
CA SER H 410 29.20 3.90 -7.82
C SER H 410 30.47 3.82 -6.99
N ALA H 411 31.50 3.12 -7.48
CA ALA H 411 32.77 3.11 -6.76
C ALA H 411 33.33 4.51 -6.64
N VAL H 412 33.37 5.26 -7.74
CA VAL H 412 33.89 6.62 -7.68
C VAL H 412 33.07 7.47 -6.71
N LYS H 413 31.75 7.32 -6.74
CA LYS H 413 30.90 8.20 -5.96
C LYS H 413 30.74 7.79 -4.50
N GLU H 414 31.14 6.59 -4.10
CA GLU H 414 31.03 6.26 -2.69
C GLU H 414 32.38 6.02 -2.01
N VAL H 415 33.33 5.40 -2.71
CA VAL H 415 34.66 5.19 -2.13
C VAL H 415 35.26 6.53 -1.71
N ALA H 416 34.96 7.57 -2.46
CA ALA H 416 35.39 8.91 -2.09
C ALA H 416 34.69 9.37 -0.81
N THR H 417 33.36 9.50 -0.87
CA THR H 417 32.59 10.02 0.25
C THR H 417 31.41 9.10 0.54
N LEU H 418 31.02 9.06 1.81
CA LEU H 418 29.92 8.23 2.32
C LEU H 418 29.87 6.84 1.69
N ASP H 443 29.71 11.18 10.30
CA ASP H 443 30.58 12.10 9.57
C ASP H 443 30.03 13.52 9.58
N LEU H 444 29.20 13.83 8.59
CA LEU H 444 28.66 15.16 8.33
C LEU H 444 29.77 16.12 7.94
N GLU H 445 31.00 15.62 7.94
CA GLU H 445 32.21 16.23 7.41
C GLU H 445 33.31 15.20 7.50
N THR H 446 34.11 15.07 6.45
CA THR H 446 35.12 14.02 6.42
C THR H 446 36.11 14.32 7.54
N TYR H 447 36.04 13.52 8.61
CA TYR H 447 36.69 13.88 9.86
C TYR H 447 38.20 14.01 9.69
N VAL H 448 38.81 13.19 8.84
CA VAL H 448 40.27 13.26 8.70
C VAL H 448 40.68 14.55 8.02
N PHE H 449 39.99 14.92 6.93
CA PHE H 449 40.32 16.16 6.25
C PHE H 449 40.01 17.37 7.12
N GLN H 450 38.89 17.33 7.85
CA GLN H 450 38.54 18.44 8.72
C GLN H 450 39.53 18.60 9.86
N ASP H 451 39.95 17.49 10.47
CA ASP H 451 40.94 17.56 11.54
C ASP H 451 42.28 18.06 11.03
N ASN H 452 42.69 17.62 9.84
CA ASN H 452 43.95 18.11 9.28
C ASN H 452 43.87 19.61 8.98
N LEU H 453 42.74 20.07 8.45
CA LEU H 453 42.57 21.50 8.25
C LEU H 453 42.59 22.25 9.57
N ALA H 454 42.00 21.67 10.62
CA ALA H 454 42.03 22.31 11.93
C ALA H 454 43.45 22.43 12.46
N THR H 455 44.24 21.36 12.32
CA THR H 455 45.62 21.42 12.80
C THR H 455 46.42 22.45 12.02
N ALA H 456 46.24 22.50 10.70
CA ALA H 456 46.92 23.51 9.91
C ALA H 456 46.48 24.91 10.28
N MET H 457 45.19 25.11 10.54
CA MET H 457 44.72 26.42 10.96
C MET H 457 45.27 26.81 12.32
N ARG H 458 45.48 25.83 13.21
CA ARG H 458 46.14 26.14 14.48
C ARG H 458 47.58 26.58 14.25
N ARG H 459 48.29 25.93 13.33
CA ARG H 459 49.64 26.41 12.99
C ARG H 459 49.57 27.83 12.44
N ASP H 460 48.58 28.10 11.60
CA ASP H 460 48.38 29.46 11.10
C ASP H 460 48.16 30.43 12.25
N GLY H 461 47.41 30.01 13.26
CA GLY H 461 47.21 30.84 14.43
C GLY H 461 48.51 31.14 15.15
N GLU H 462 49.36 30.14 15.32
CA GLU H 462 50.65 30.39 15.99
C GLU H 462 51.50 31.36 15.19
N ILE H 463 51.57 31.17 13.87
CA ILE H 463 52.40 32.06 13.06
C ILE H 463 51.86 33.49 13.12
N TYR H 464 50.54 33.62 12.98
CA TYR H 464 49.92 34.94 13.02
C TYR H 464 50.14 35.60 14.37
N GLN H 465 50.04 34.85 15.46
CA GLN H 465 50.26 35.43 16.77
C GLN H 465 51.70 35.88 16.94
N SER H 466 52.67 35.09 16.47
CA SER H 466 54.06 35.53 16.58
C SER H 466 54.30 36.81 15.79
N ILE H 467 53.76 36.87 14.57
CA ILE H 467 53.97 38.07 13.77
C ILE H 467 53.29 39.28 14.41
N VAL H 468 52.08 39.09 14.93
CA VAL H 468 51.39 40.17 15.62
C VAL H 468 52.18 40.64 16.82
N ASN H 469 52.71 39.70 17.61
CA ASN H 469 53.54 40.06 18.75
C ASN H 469 54.76 40.86 18.32
N ASP H 470 55.28 40.60 17.12
CA ASP H 470 56.53 41.23 16.73
C ASP H 470 56.38 42.52 15.91
N ILE H 471 55.20 42.81 15.35
CA ILE H 471 55.02 44.01 14.54
C ILE H 471 54.10 45.03 15.22
N TYR H 472 53.05 44.55 15.88
CA TYR H 472 52.10 45.43 16.54
C TYR H 472 52.67 45.98 17.85
N ASP H 473 53.71 46.81 17.74
CA ASP H 473 54.36 47.42 18.89
C ASP H 473 53.99 48.89 19.03
N VAL H 474 54.14 49.67 17.97
CA VAL H 474 53.84 51.09 17.97
C VAL H 474 52.36 51.26 18.29
N PRO H 475 51.96 52.30 19.04
CA PRO H 475 50.53 52.54 19.24
C PRO H 475 49.78 52.72 17.93
N ARG H 476 48.88 51.80 17.64
CA ARG H 476 48.14 51.78 16.40
C ARG H 476 46.65 51.68 16.68
N ASN H 477 45.86 51.84 15.61
CA ASN H 477 44.43 51.64 15.65
C ASN H 477 44.08 50.48 14.73
N VAL H 478 43.30 49.53 15.26
CA VAL H 478 42.92 48.34 14.52
C VAL H 478 41.42 48.19 14.58
N THR H 479 40.90 47.33 13.70
CA THR H 479 39.50 46.97 13.69
C THR H 479 39.36 45.53 14.16
N ILE H 480 38.37 45.27 15.00
CA ILE H 480 38.13 43.97 15.58
C ILE H 480 36.77 43.49 15.13
N THR H 481 36.71 42.26 14.65
CA THR H 481 35.44 41.62 14.32
C THR H 481 35.11 40.66 15.44
N LEU H 482 34.35 41.14 16.42
CA LEU H 482 33.89 40.27 17.49
C LEU H 482 32.99 39.18 16.91
N GLU H 483 32.69 38.20 17.74
CA GLU H 483 31.81 37.12 17.32
C GLU H 483 30.42 37.71 17.03
N ASP H 484 29.70 37.04 16.13
CA ASP H 484 28.44 37.52 15.56
C ASP H 484 28.67 38.73 14.65
N GLY H 485 29.78 38.74 13.92
CA GLY H 485 30.03 39.72 12.88
C GLY H 485 29.99 41.17 13.29
N SER H 486 29.84 41.47 14.57
CA SER H 486 29.70 42.85 15.03
C SER H 486 31.07 43.53 14.99
N GLU H 487 31.30 44.35 13.98
CA GLU H 487 32.57 45.05 13.88
C GLU H 487 32.73 46.03 15.03
N LYS H 488 33.98 46.35 15.33
CA LYS H 488 34.26 47.28 16.41
C LYS H 488 35.62 47.91 16.17
N ASP H 489 35.78 49.14 16.63
CA ASP H 489 37.03 49.88 16.53
C ASP H 489 37.70 49.92 17.90
N VAL H 490 38.99 49.60 17.93
CA VAL H 490 39.73 49.51 19.17
C VAL H 490 41.14 50.03 18.95
N GLN H 491 41.65 50.80 19.90
CA GLN H 491 43.05 51.20 19.92
C GLN H 491 43.86 50.19 20.72
N LEU H 492 45.10 49.97 20.31
CA LEU H 492 45.90 48.91 20.92
C LEU H 492 46.54 49.35 22.23
N MET H 493 47.40 50.36 22.20
CA MET H 493 48.10 50.73 23.42
C MET H 493 47.20 51.50 24.37
N ALA H 494 46.60 52.60 23.90
CA ALA H 494 45.64 53.39 24.67
C ALA H 494 46.27 53.87 25.98
N GLU H 495 47.26 54.75 25.82
CA GLU H 495 48.13 55.19 26.90
C GLU H 495 47.41 55.98 27.99
N VAL H 496 46.07 56.11 27.91
CA VAL H 496 45.33 56.92 28.88
C VAL H 496 45.67 56.50 30.30
N VAL H 497 45.91 57.48 31.16
CA VAL H 497 46.21 57.26 32.58
C VAL H 497 44.90 57.16 33.34
N ASP H 498 44.89 56.31 34.37
CA ASP H 498 43.66 56.02 35.10
C ASP H 498 43.18 57.24 35.88
N LEU H 499 41.92 57.18 36.30
CA LEU H 499 41.33 58.26 37.07
C LEU H 499 41.41 57.99 38.58
N ALA H 500 40.82 56.89 39.03
CA ALA H 500 40.77 56.56 40.44
C ALA H 500 41.91 55.65 40.89
N THR H 501 42.81 55.26 39.99
CA THR H 501 43.91 54.37 40.33
C THR H 501 45.22 55.12 40.53
N GLY H 502 45.64 55.90 39.53
CA GLY H 502 46.86 56.66 39.61
C GLY H 502 48.05 56.05 38.89
N GLU H 503 47.91 54.88 38.29
CA GLU H 503 48.97 54.23 37.55
C GLU H 503 48.77 54.42 36.05
N LYS H 504 49.76 53.99 35.28
CA LYS H 504 49.68 54.14 33.83
C LYS H 504 48.65 53.19 33.23
N GLN H 505 48.88 51.88 33.38
CA GLN H 505 47.90 50.85 33.04
C GLN H 505 47.46 50.97 31.57
N VAL H 506 48.42 50.66 30.69
CA VAL H 506 48.08 50.54 29.26
C VAL H 506 46.97 49.53 29.11
N LEU H 507 46.04 49.82 28.19
CA LEU H 507 44.76 49.13 28.20
C LEU H 507 44.88 47.70 27.64
N ASN H 508 45.27 47.56 26.38
CA ASN H 508 45.21 46.27 25.71
C ASN H 508 46.57 45.58 25.66
N ASP H 509 47.57 46.21 25.04
CA ASP H 509 48.95 45.71 25.03
C ASP H 509 49.01 44.25 24.57
N ILE H 510 48.70 44.07 23.28
CA ILE H 510 48.59 42.75 22.66
C ILE H 510 49.83 41.90 22.92
N ARG H 511 51.00 42.52 22.95
CA ARG H 511 52.25 41.77 23.07
C ARG H 511 52.23 40.90 24.30
N GLY H 512 52.60 39.63 24.13
CA GLY H 512 52.62 38.66 25.21
C GLY H 512 53.07 37.29 24.75
N ARG H 513 52.39 36.24 25.22
CA ARG H 513 52.68 34.88 24.76
C ARG H 513 51.40 34.08 24.87
N TYR H 514 50.85 33.69 23.73
CA TYR H 514 49.60 32.96 23.67
C TYR H 514 49.80 31.67 22.89
N GLU H 515 49.01 30.65 23.23
CA GLU H 515 48.99 29.42 22.47
C GLU H 515 47.58 29.21 21.90
N CYS H 516 47.51 28.71 20.68
CA CYS H 516 46.25 28.59 19.98
C CYS H 516 45.59 27.25 20.26
N TYR H 517 44.26 27.25 20.27
CA TYR H 517 43.50 26.01 20.35
C TYR H 517 42.16 26.22 19.68
N THR H 518 41.82 25.37 18.73
CA THR H 518 40.63 25.53 17.91
C THR H 518 39.49 24.66 18.43
N ASP H 519 38.27 25.18 18.29
CA ASP H 519 37.06 24.47 18.70
C ASP H 519 36.22 24.23 17.45
N VAL H 520 36.53 23.15 16.74
CA VAL H 520 35.74 22.77 15.56
C VAL H 520 34.41 22.21 16.01
N GLY H 521 33.34 22.66 15.38
CA GLY H 521 32.02 22.16 15.71
C GLY H 521 30.91 23.11 15.32
N PRO H 522 30.02 23.41 16.27
CA PRO H 522 28.84 24.23 15.97
C PRO H 522 29.23 25.65 15.62
N SER H 523 28.87 26.07 14.41
CA SER H 523 29.06 27.45 14.01
C SER H 523 28.12 28.35 14.81
N PHE H 524 28.49 29.63 14.92
CA PHE H 524 27.71 30.55 15.75
C PHE H 524 26.29 30.67 15.25
N GLN H 525 26.09 30.77 13.94
CA GLN H 525 24.72 30.85 13.42
C GLN H 525 23.95 29.58 13.73
N SER H 526 24.59 28.41 13.63
CA SER H 526 23.92 27.17 13.98
C SER H 526 23.58 27.13 15.46
N MET H 527 24.50 27.61 16.31
CA MET H 527 24.20 27.68 17.74
C MET H 527 23.00 28.58 18.01
N LYS H 528 22.94 29.73 17.34
CA LYS H 528 21.82 30.63 17.55
C LYS H 528 20.51 30.02 17.05
N GLN H 529 20.55 29.31 15.92
CA GLN H 529 19.33 28.68 15.43
C GLN H 529 18.86 27.59 16.39
N GLN H 530 19.79 26.81 16.95
CA GLN H 530 19.40 25.81 17.93
C GLN H 530 18.83 26.47 19.18
N ASN H 531 19.41 27.59 19.61
CA ASN H 531 18.88 28.32 20.76
C ASN H 531 17.46 28.81 20.50
N ARG H 532 17.21 29.35 19.31
CA ARG H 532 15.87 29.79 18.99
C ARG H 532 14.89 28.63 18.98
N ALA H 533 15.32 27.48 18.46
CA ALA H 533 14.45 26.30 18.47
C ALA H 533 14.10 25.89 19.89
N GLU H 534 15.09 25.88 20.77
CA GLU H 534 14.85 25.48 22.16
C GLU H 534 13.92 26.47 22.88
N ILE H 535 14.14 27.76 22.68
CA ILE H 535 13.30 28.76 23.32
C ILE H 535 11.87 28.67 22.79
N LEU H 536 11.72 28.43 21.48
CA LEU H 536 10.38 28.27 20.93
C LEU H 536 9.69 27.04 21.51
N GLU H 537 10.44 25.95 21.70
CA GLU H 537 9.86 24.77 22.31
C GLU H 537 9.37 25.06 23.72
N LEU H 538 10.19 25.76 24.51
CA LEU H 538 9.76 26.12 25.86
C LEU H 538 8.53 27.02 25.83
N LEU H 539 8.49 27.97 24.91
CA LEU H 539 7.28 28.77 24.75
C LEU H 539 6.08 27.89 24.46
N GLY H 540 6.28 26.81 23.72
CA GLY H 540 5.19 25.86 23.50
C GLY H 540 4.82 25.08 24.74
N LYS H 541 5.77 24.92 25.68
CA LYS H 541 5.53 24.09 26.85
C LYS H 541 5.64 24.85 28.16
N THR H 542 5.00 26.01 28.25
CA THR H 542 5.04 26.81 29.47
C THR H 542 3.73 27.57 29.61
N PRO H 543 3.11 27.57 30.79
CA PRO H 543 1.89 28.36 30.98
C PRO H 543 2.16 29.85 30.83
N GLN H 544 1.16 30.55 30.33
CA GLN H 544 1.30 31.95 29.97
C GLN H 544 1.16 32.86 31.19
N GLY H 545 1.50 34.13 30.98
CA GLY H 545 1.35 35.13 32.02
C GLY H 545 2.50 35.19 33.00
N THR H 546 3.05 34.03 33.37
CA THR H 546 4.11 33.98 34.35
C THR H 546 5.34 34.73 33.83
N PRO H 547 6.15 35.30 34.72
CA PRO H 547 7.34 36.03 34.27
C PRO H 547 8.31 35.16 33.48
N GLU H 548 8.32 33.84 33.70
CA GLU H 548 9.16 32.97 32.89
C GLU H 548 8.76 33.02 31.43
N TYR H 549 7.45 33.00 31.15
CA TYR H 549 6.99 33.05 29.78
C TYR H 549 7.35 34.38 29.14
N GLN H 550 7.16 35.49 29.86
CA GLN H 550 7.51 36.79 29.30
C GLN H 550 9.00 36.87 29.03
N LEU H 551 9.83 36.36 29.95
CA LEU H 551 11.26 36.40 29.74
C LEU H 551 11.67 35.56 28.55
N LEU H 552 11.07 34.37 28.39
CA LEU H 552 11.38 33.52 27.25
C LEU H 552 11.00 34.21 25.95
N LEU H 553 9.82 34.84 25.91
CA LEU H 553 9.39 35.52 24.70
C LEU H 553 10.32 36.68 24.37
N LEU H 554 10.72 37.44 25.39
CA LEU H 554 11.63 38.56 25.16
C LEU H 554 12.98 38.07 24.66
N GLN H 555 13.48 36.97 25.22
CA GLN H 555 14.76 36.45 24.76
C GLN H 555 14.65 35.92 23.34
N TYR H 556 13.53 35.31 22.98
CA TYR H 556 13.32 34.91 21.60
C TYR H 556 13.32 36.12 20.67
N PHE H 557 12.71 37.21 21.11
CA PHE H 557 12.77 38.45 20.33
C PHE H 557 14.22 38.88 20.14
N THR H 558 15.02 38.79 21.19
CA THR H 558 16.40 39.25 21.11
C THR H 558 17.23 38.43 20.13
N LEU H 559 16.82 37.19 19.88
CA LEU H 559 17.61 36.28 19.05
C LEU H 559 17.19 36.32 17.58
N LEU H 560 16.39 37.29 17.17
CA LEU H 560 15.90 37.32 15.80
C LEU H 560 17.00 37.82 14.86
N ASP H 561 16.64 38.04 13.60
CA ASP H 561 17.57 38.47 12.57
C ASP H 561 17.59 40.00 12.52
N GLY H 562 18.14 40.57 11.45
CA GLY H 562 18.54 41.96 11.47
C GLY H 562 17.51 42.98 11.03
N LYS H 563 17.66 43.50 9.80
CA LYS H 563 16.99 44.73 9.38
C LYS H 563 15.48 44.69 9.58
N GLY H 564 14.85 43.58 9.26
CA GLY H 564 13.41 43.50 9.27
C GLY H 564 12.76 43.74 10.62
N VAL H 565 13.27 43.08 11.67
CA VAL H 565 12.62 43.10 12.97
C VAL H 565 13.49 43.82 13.99
N GLU H 566 14.27 44.79 13.52
CA GLU H 566 15.12 45.56 14.42
C GLU H 566 14.32 46.22 15.52
N MET H 567 13.13 46.71 15.19
CA MET H 567 12.31 47.41 16.18
C MET H 567 11.87 46.46 17.29
N MET H 568 11.50 45.22 16.96
CA MET H 568 11.14 44.28 18.02
C MET H 568 12.33 43.92 18.89
N ARG H 569 13.51 43.77 18.29
CA ARG H 569 14.70 43.48 19.10
C ARG H 569 15.01 44.63 20.05
N ASP H 570 14.90 45.87 19.57
CA ASP H 570 15.14 47.01 20.43
C ASP H 570 14.11 47.09 21.55
N TYR H 571 12.84 46.82 21.23
CA TYR H 571 11.82 46.81 22.28
C TYR H 571 12.11 45.72 23.29
N ALA H 572 12.57 44.56 22.83
CA ALA H 572 12.88 43.47 23.76
C ALA H 572 14.03 43.86 24.67
N ASN H 573 15.07 44.51 24.13
CA ASN H 573 16.16 44.97 24.99
C ASN H 573 15.65 45.96 26.02
N LYS H 574 14.80 46.90 25.60
CA LYS H 574 14.27 47.87 26.55
C LYS H 574 13.47 47.17 27.65
N GLN H 575 12.62 46.21 27.26
CA GLN H 575 11.78 45.54 28.24
C GLN H 575 12.62 44.70 29.20
N LEU H 576 13.64 44.01 28.69
CA LEU H 576 14.51 43.24 29.56
C LEU H 576 15.26 44.13 30.54
N ILE H 577 15.79 45.25 30.05
CA ILE H 577 16.57 46.13 30.91
C ILE H 577 15.69 46.76 31.98
N GLN H 578 14.50 47.22 31.59
CA GLN H 578 13.58 47.79 32.57
C GLN H 578 13.00 46.73 33.49
N MET H 579 13.02 45.46 33.08
CA MET H 579 12.65 44.38 33.99
C MET H 579 13.73 44.14 35.03
N GLY H 580 14.98 44.45 34.71
CA GLY H 580 16.09 44.26 35.61
C GLY H 580 16.84 42.97 35.43
N VAL H 581 16.54 42.19 34.38
CA VAL H 581 17.19 40.90 34.20
C VAL H 581 18.48 41.05 33.41
N LYS H 582 18.42 41.76 32.28
CA LYS H 582 19.61 42.05 31.49
C LYS H 582 20.27 43.32 32.00
N LYS H 583 21.58 43.27 32.16
CA LYS H 583 22.32 44.41 32.67
C LYS H 583 22.35 45.53 31.64
N PRO H 584 22.28 46.79 32.07
CA PRO H 584 22.39 47.91 31.13
C PRO H 584 23.80 48.03 30.59
N GLU H 585 23.91 48.61 29.40
CA GLU H 585 25.21 48.76 28.74
C GLU H 585 25.51 50.17 28.28
N THR H 586 24.63 51.14 28.52
CA THR H 586 24.85 52.52 28.09
C THR H 586 23.93 53.41 28.90
N PRO H 587 24.32 54.68 29.13
CA PRO H 587 23.56 55.52 30.08
C PRO H 587 22.09 55.71 29.75
N GLU H 588 21.70 55.67 28.47
CA GLU H 588 20.28 55.75 28.16
C GLU H 588 19.53 54.55 28.73
N GLU H 589 20.14 53.36 28.66
CA GLU H 589 19.53 52.19 29.28
C GLU H 589 19.47 52.34 30.79
N GLN H 590 20.49 52.95 31.39
CA GLN H 590 20.46 53.20 32.83
C GLN H 590 19.31 54.14 33.19
N GLN H 591 19.12 55.19 32.40
CA GLN H 591 17.99 56.08 32.63
C GLN H 591 16.67 55.35 32.50
N TRP H 592 16.56 54.46 31.50
CA TRP H 592 15.35 53.67 31.36
C TRP H 592 15.12 52.79 32.58
N LEU H 593 16.19 52.16 33.08
CA LEU H 593 16.07 51.29 34.25
C LEU H 593 15.59 52.06 35.47
N VAL H 594 16.20 53.22 35.74
CA VAL H 594 15.79 53.99 36.91
C VAL H 594 14.39 54.56 36.73
N GLU H 595 14.03 54.94 35.50
CA GLU H 595 12.67 55.43 35.26
C GLU H 595 11.64 54.34 35.55
N ALA H 596 11.92 53.12 35.08
CA ALA H 596 11.00 52.02 35.33
C ALA H 596 10.94 51.67 36.82
N GLN H 597 12.09 51.67 37.49
CA GLN H 597 12.12 51.27 38.89
C GLN H 597 11.40 52.28 39.78
N GLN H 598 11.72 53.57 39.61
CA GLN H 598 11.11 54.60 40.44
C GLN H 598 9.64 54.83 40.09
N ALA H 599 9.17 54.34 38.96
CA ALA H 599 7.78 54.52 38.56
C ALA H 599 6.82 53.86 39.53
N ASN I 6 60.17 53.04 -30.49
CA ASN I 6 60.61 51.89 -29.69
C ASN I 6 59.55 51.49 -28.68
N ARG I 7 58.71 52.45 -28.30
CA ARG I 7 57.67 52.16 -27.31
C ARG I 7 56.73 51.07 -27.80
N LEU I 8 56.32 51.14 -29.07
CA LEU I 8 55.43 50.12 -29.61
C LEU I 8 56.10 48.75 -29.62
N GLU I 9 57.41 48.71 -29.81
CA GLU I 9 58.07 47.41 -29.77
C GLU I 9 58.00 46.79 -28.39
N SER I 10 58.15 47.60 -27.33
CA SER I 10 57.95 47.08 -25.98
C SER I 10 56.51 46.65 -25.75
N ILE I 11 55.56 47.45 -26.23
CA ILE I 11 54.14 47.09 -26.04
C ILE I 11 53.85 45.76 -26.70
N LEU I 12 54.29 45.59 -27.95
CA LEU I 12 54.02 44.36 -28.67
C LEU I 12 54.81 43.19 -28.09
N SER I 13 56.00 43.43 -27.54
CA SER I 13 56.70 42.35 -26.85
C SER I 13 55.88 41.84 -25.68
N ARG I 14 55.36 42.75 -24.86
CA ARG I 14 54.55 42.33 -23.72
C ARG I 14 53.28 41.63 -24.18
N PHE I 15 52.63 42.17 -25.21
CA PHE I 15 51.39 41.57 -25.68
C PHE I 15 51.63 40.18 -26.27
N ASP I 16 52.71 40.00 -27.04
CA ASP I 16 53.02 38.69 -27.59
C ASP I 16 53.37 37.70 -26.50
N ALA I 17 54.10 38.15 -25.47
CA ALA I 17 54.40 37.25 -24.37
C ALA I 17 53.12 36.78 -23.69
N ASP I 18 52.20 37.71 -23.44
CA ASP I 18 50.92 37.32 -22.81
C ASP I 18 50.14 36.37 -23.70
N TRP I 19 50.10 36.65 -25.00
CA TRP I 19 49.36 35.82 -25.94
C TRP I 19 49.91 34.40 -25.97
N THR I 20 51.22 34.27 -26.16
CA THR I 20 51.79 32.92 -26.24
C THR I 20 51.71 32.19 -24.91
N ALA I 21 51.75 32.92 -23.79
CA ALA I 21 51.64 32.25 -22.50
C ALA I 21 50.22 31.73 -22.26
N SER I 22 49.20 32.45 -22.70
CA SER I 22 47.83 32.00 -22.49
C SER I 22 47.23 31.29 -23.70
N ASP I 23 48.05 30.96 -24.69
CA ASP I 23 47.53 30.36 -25.92
C ASP I 23 46.75 29.06 -25.67
N GLU I 24 47.28 28.17 -24.83
CA GLU I 24 46.62 26.89 -24.65
C GLU I 24 45.25 27.05 -24.01
N ALA I 25 45.18 27.85 -22.94
CA ALA I 25 43.90 28.08 -22.28
C ALA I 25 42.92 28.78 -23.19
N ARG I 26 43.40 29.75 -23.97
CA ARG I 26 42.51 30.44 -24.89
C ARG I 26 41.99 29.51 -25.97
N ARG I 27 42.85 28.61 -26.47
CA ARG I 27 42.40 27.64 -27.47
C ARG I 27 41.29 26.76 -26.92
N GLU I 28 41.51 26.19 -25.74
CA GLU I 28 40.50 25.30 -25.19
C GLU I 28 39.22 26.05 -24.86
N ALA I 29 39.32 27.28 -24.36
CA ALA I 29 38.11 28.05 -24.07
C ALA I 29 37.35 28.41 -25.34
N LYS I 30 38.05 28.79 -26.40
CA LYS I 30 37.35 29.07 -27.66
C LYS I 30 36.68 27.83 -28.20
N ASN I 31 37.33 26.68 -28.09
CA ASN I 31 36.68 25.45 -28.52
C ASN I 31 35.43 25.17 -27.70
N ASP I 32 35.50 25.41 -26.39
CA ASP I 32 34.33 25.23 -25.53
C ASP I 32 33.18 26.13 -25.96
N LEU I 33 33.48 27.42 -26.16
CA LEU I 33 32.45 28.37 -26.54
C LEU I 33 31.85 28.01 -27.88
N PHE I 34 32.69 27.63 -28.85
CA PHE I 34 32.19 27.25 -30.16
C PHE I 34 31.36 25.98 -30.09
N PHE I 35 31.70 25.05 -29.21
CA PHE I 35 30.88 23.87 -29.03
C PHE I 35 29.54 24.21 -28.43
N SER I 36 29.50 25.14 -27.49
CA SER I 36 28.27 25.46 -26.77
C SER I 36 27.41 26.51 -27.47
N ARG I 37 27.83 27.00 -28.63
CA ARG I 37 27.04 28.02 -29.31
C ARG I 37 26.87 27.84 -30.80
N VAL I 38 27.63 26.96 -31.45
CA VAL I 38 27.56 26.84 -32.91
C VAL I 38 27.19 25.42 -33.32
N SER I 39 28.04 24.45 -33.00
CA SER I 39 27.82 23.09 -33.45
C SER I 39 28.56 22.13 -32.54
N GLN I 40 27.86 21.07 -32.11
CA GLN I 40 28.46 20.10 -31.20
C GLN I 40 29.55 19.29 -31.87
N TRP I 41 29.53 19.19 -33.19
CA TRP I 41 30.40 18.28 -33.92
C TRP I 41 31.68 19.00 -34.33
N ASP I 42 32.69 18.93 -33.46
CA ASP I 42 33.99 19.50 -33.78
C ASP I 42 34.60 18.80 -34.98
N ASP I 43 35.69 19.35 -35.52
CA ASP I 43 36.26 18.75 -36.72
C ASP I 43 36.93 17.41 -36.42
N TRP I 44 37.60 17.30 -35.27
CA TRP I 44 38.11 16.00 -34.85
C TRP I 44 37.04 14.94 -34.89
N LEU I 45 35.87 15.26 -34.35
CA LEU I 45 34.79 14.28 -34.33
C LEU I 45 34.31 13.96 -35.74
N SER I 46 34.25 14.95 -36.61
CA SER I 46 33.84 14.68 -37.99
C SER I 46 34.87 13.82 -38.71
N GLN I 47 36.12 13.81 -38.25
CA GLN I 47 37.10 12.91 -38.87
C GLN I 47 36.96 11.49 -38.33
N TYR I 48 36.93 11.34 -37.00
CA TYR I 48 36.56 10.08 -36.38
C TYR I 48 35.05 9.95 -36.33
N THR I 49 34.48 9.54 -37.45
CA THR I 49 33.10 9.11 -37.56
C THR I 49 32.88 8.71 -39.00
N THR I 50 31.78 8.00 -39.24
CA THR I 50 31.36 7.71 -40.59
C THR I 50 29.88 8.01 -40.75
N LEU I 51 29.19 8.28 -39.65
CA LEU I 51 27.77 8.61 -39.66
C LEU I 51 27.46 9.66 -40.72
N GLN I 52 26.33 9.50 -41.39
CA GLN I 52 25.93 10.44 -42.43
C GLN I 52 24.91 11.46 -41.96
N TYR I 53 24.13 11.17 -40.92
CA TYR I 53 23.19 12.14 -40.38
C TYR I 53 23.79 12.72 -39.10
N ARG I 54 24.55 13.79 -39.26
CA ARG I 54 25.15 14.45 -38.11
C ARG I 54 24.09 15.36 -37.47
N GLY I 55 23.64 14.99 -36.26
CA GLY I 55 22.62 15.72 -35.56
C GLY I 55 23.14 16.31 -34.27
N GLN I 56 22.30 17.12 -33.64
CA GLN I 56 22.65 17.77 -32.36
C GLN I 56 21.42 17.69 -31.45
N PHE I 57 21.33 16.62 -30.67
CA PHE I 57 20.29 16.47 -29.67
C PHE I 57 20.87 16.76 -28.29
N ASP I 58 21.13 18.04 -28.05
CA ASP I 58 21.94 18.40 -26.89
C ASP I 58 21.10 18.55 -25.62
N VAL I 59 21.76 18.34 -24.49
CA VAL I 59 21.15 18.60 -23.19
C VAL I 59 22.09 19.45 -22.36
N VAL I 60 22.97 20.20 -23.04
CA VAL I 60 23.89 21.09 -22.34
C VAL I 60 23.20 22.39 -21.96
N ARG I 61 22.56 23.03 -22.93
CA ARG I 61 21.90 24.31 -22.67
C ARG I 61 20.87 24.26 -21.55
N PRO I 62 20.06 23.21 -21.39
CA PRO I 62 19.24 23.15 -20.16
C PRO I 62 20.07 23.22 -18.89
N VAL I 63 21.25 22.58 -18.87
CA VAL I 63 22.07 22.64 -17.67
C VAL I 63 22.61 24.05 -17.45
N VAL I 64 23.10 24.67 -18.52
CA VAL I 64 23.63 26.03 -18.37
C VAL I 64 22.53 26.98 -17.93
N ARG I 65 21.32 26.81 -18.47
CA ARG I 65 20.21 27.64 -18.07
C ARG I 65 19.88 27.45 -16.59
N LYS I 66 19.89 26.20 -16.12
CA LYS I 66 19.63 25.95 -14.71
C LYS I 66 20.69 26.63 -13.83
N LEU I 67 21.96 26.53 -14.22
CA LEU I 67 23.01 27.15 -13.42
C LEU I 67 22.86 28.66 -13.38
N VAL I 68 22.59 29.28 -14.53
CA VAL I 68 22.43 30.73 -14.55
C VAL I 68 21.25 31.16 -13.71
N SER I 69 20.15 30.41 -13.78
CA SER I 69 19.00 30.75 -12.95
C SER I 69 19.33 30.63 -11.47
N GLU I 70 20.05 29.58 -11.09
CA GLU I 70 20.42 29.42 -9.70
C GLU I 70 21.28 30.59 -9.23
N MET I 71 22.22 31.04 -10.06
CA MET I 71 22.98 32.23 -9.69
C MET I 71 22.10 33.45 -9.57
N ARG I 72 21.15 33.62 -10.49
CA ARG I 72 20.29 34.79 -10.47
C ARG I 72 19.41 34.83 -9.23
N GLN I 73 19.08 33.68 -8.67
CA GLN I 73 18.22 33.62 -7.50
C GLN I 73 18.97 33.81 -6.18
N ASN I 74 20.28 33.98 -6.21
CA ASN I 74 21.08 34.25 -5.01
C ASN I 74 21.91 35.49 -5.24
N PRO I 75 21.29 36.66 -5.24
CA PRO I 75 21.99 37.88 -5.65
C PRO I 75 23.09 38.25 -4.67
N ILE I 76 24.14 38.88 -5.20
CA ILE I 76 25.33 39.24 -4.45
C ILE I 76 25.33 40.74 -4.22
N ASP I 77 25.44 41.16 -2.98
CA ASP I 77 25.53 42.57 -2.63
C ASP I 77 26.98 42.96 -2.40
N VAL I 78 27.26 44.25 -2.52
CA VAL I 78 28.57 44.80 -2.25
C VAL I 78 28.44 45.85 -1.17
N LEU I 79 29.28 45.74 -0.15
CA LEU I 79 29.30 46.63 0.99
C LEU I 79 30.55 47.51 0.91
N TYR I 80 30.75 48.35 1.92
CA TYR I 80 31.92 49.22 1.94
C TYR I 80 32.34 49.44 3.38
N ARG I 81 33.53 48.97 3.74
CA ARG I 81 34.08 49.23 5.06
C ARG I 81 34.60 50.66 5.09
N PRO I 82 34.13 51.50 6.01
CA PRO I 82 34.68 52.87 6.11
C PRO I 82 36.05 52.85 6.77
N LYS I 83 37.05 53.37 6.07
CA LYS I 83 38.42 53.36 6.56
C LYS I 83 38.92 54.77 6.78
N ASP I 84 39.99 54.86 7.58
CA ASP I 84 40.65 56.13 7.87
C ASP I 84 39.66 57.16 8.43
N GLY I 85 38.81 56.70 9.33
CA GLY I 85 37.90 57.58 10.03
C GLY I 85 36.79 58.18 9.20
N ALA I 86 36.50 57.60 8.04
CA ALA I 86 35.38 58.08 7.25
C ALA I 86 34.06 57.77 7.95
N ARG I 87 33.12 58.69 7.83
CA ARG I 87 31.84 58.55 8.51
C ARG I 87 31.05 57.39 7.91
N PRO I 88 30.23 56.72 8.72
CA PRO I 88 29.39 55.64 8.19
C PRO I 88 28.39 56.15 7.15
N ASP I 89 27.98 57.41 7.21
CA ASP I 89 27.03 57.92 6.23
C ASP I 89 27.62 57.96 4.84
N ALA I 90 28.91 58.30 4.71
CA ALA I 90 29.55 58.23 3.40
C ALA I 90 29.58 56.79 2.89
N ALA I 91 29.84 55.83 3.78
CA ALA I 91 29.78 54.44 3.37
C ALA I 91 28.39 54.05 2.89
N ASP I 92 27.36 54.53 3.57
CA ASP I 92 25.99 54.24 3.14
C ASP I 92 25.71 54.87 1.78
N VAL I 93 26.21 56.08 1.54
CA VAL I 93 25.97 56.72 0.26
C VAL I 93 26.66 55.97 -0.87
N LEU I 94 27.91 55.52 -0.65
CA LEU I 94 28.55 54.70 -1.68
C LEU I 94 27.83 53.38 -1.88
N MET I 95 27.39 52.73 -0.81
CA MET I 95 26.61 51.52 -0.98
C MET I 95 25.40 51.76 -1.86
N GLY I 96 24.69 52.86 -1.61
CA GLY I 96 23.51 53.17 -2.40
C GLY I 96 23.84 53.48 -3.85
N MET I 97 24.90 54.26 -4.09
CA MET I 97 25.24 54.58 -5.47
C MET I 97 25.68 53.35 -6.23
N TYR I 98 26.44 52.45 -5.58
CA TYR I 98 26.79 51.21 -6.25
C TYR I 98 25.54 50.38 -6.54
N ARG I 99 24.60 50.34 -5.61
CA ARG I 99 23.38 49.58 -5.87
C ARG I 99 22.61 50.15 -7.05
N THR I 100 22.52 51.48 -7.15
CA THR I 100 21.78 52.06 -8.26
C THR I 100 22.54 52.05 -9.57
N ASP I 101 23.87 51.89 -9.52
CA ASP I 101 24.65 51.74 -10.74
C ASP I 101 24.80 50.29 -11.16
N MET I 102 24.41 49.34 -10.31
CA MET I 102 24.37 47.94 -10.65
C MET I 102 22.97 47.46 -11.02
N ARG I 103 21.93 48.16 -10.55
CA ARG I 103 20.58 47.83 -10.95
C ARG I 103 20.23 48.40 -12.32
N HIS I 104 21.02 49.34 -12.83
CA HIS I 104 20.77 49.89 -14.16
C HIS I 104 20.86 48.80 -15.21
N ASN I 105 20.02 48.89 -16.24
CA ASN I 105 19.84 47.75 -17.13
C ASN I 105 21.09 47.42 -17.92
N THR I 106 21.90 48.42 -18.29
CA THR I 106 23.14 48.12 -19.00
C THR I 106 24.08 47.28 -18.15
N ALA I 107 24.19 47.61 -16.86
CA ALA I 107 25.00 46.80 -15.97
C ALA I 107 24.45 45.40 -15.82
N LYS I 108 23.13 45.25 -15.82
CA LYS I 108 22.55 43.91 -15.74
C LYS I 108 22.87 43.11 -16.99
N ILE I 109 22.82 43.74 -18.16
CA ILE I 109 23.20 43.04 -19.39
C ILE I 109 24.67 42.61 -19.33
N ALA I 110 25.55 43.51 -18.88
CA ALA I 110 26.96 43.17 -18.81
C ALA I 110 27.21 42.02 -17.84
N VAL I 111 26.61 42.07 -16.66
CA VAL I 111 26.82 41.00 -15.68
C VAL I 111 26.27 39.69 -16.21
N ASN I 112 25.09 39.73 -16.85
CA ASN I 112 24.51 38.49 -17.36
C ASN I 112 25.36 37.87 -18.45
N ILE I 113 25.90 38.68 -19.36
CA ILE I 113 26.76 38.14 -20.41
C ILE I 113 28.03 37.56 -19.80
N ALA I 114 28.61 38.27 -18.83
CA ALA I 114 29.81 37.74 -18.19
C ALA I 114 29.54 36.42 -17.50
N VAL I 115 28.42 36.32 -16.79
CA VAL I 115 28.10 35.06 -16.11
C VAL I 115 27.85 33.95 -17.12
N ARG I 116 27.14 34.23 -18.20
CA ARG I 116 26.85 33.20 -19.18
C ARG I 116 28.14 32.68 -19.82
N GLU I 117 29.07 33.58 -20.16
CA GLU I 117 30.33 33.12 -20.72
C GLU I 117 31.25 32.51 -19.67
N GLN I 118 31.05 32.83 -18.39
CA GLN I 118 31.74 32.10 -17.34
C GLN I 118 31.29 30.66 -17.29
N ILE I 119 29.98 30.44 -17.28
CA ILE I 119 29.45 29.11 -17.14
C ILE I 119 29.74 28.27 -18.38
N GLU I 120 29.65 28.88 -19.56
CA GLU I 120 29.92 28.11 -20.77
C GLU I 120 31.41 27.94 -21.01
N ALA I 121 32.11 29.04 -21.26
CA ALA I 121 33.53 28.95 -21.61
C ALA I 121 34.40 28.82 -20.38
N GLY I 122 34.35 29.82 -19.50
CA GLY I 122 35.18 29.84 -18.32
C GLY I 122 35.64 31.24 -17.94
N VAL I 123 35.46 32.21 -18.84
CA VAL I 123 35.87 33.59 -18.59
C VAL I 123 34.79 34.51 -19.13
N GLY I 124 34.43 35.55 -18.35
CA GLY I 124 33.44 36.49 -18.85
C GLY I 124 33.88 37.94 -18.98
N ALA I 125 34.71 38.41 -18.05
CA ALA I 125 35.39 39.70 -18.14
C ALA I 125 34.57 40.88 -18.64
N TRP I 126 33.56 41.31 -17.90
CA TRP I 126 32.90 42.56 -18.26
C TRP I 126 33.80 43.75 -17.89
N ARG I 127 33.44 44.94 -18.39
CA ARG I 127 34.33 46.09 -18.34
C ARG I 127 33.61 47.32 -17.81
N LEU I 128 34.33 48.16 -17.06
CA LEU I 128 33.84 49.45 -16.61
C LEU I 128 34.21 50.54 -17.59
N VAL I 129 33.40 51.60 -17.65
CA VAL I 129 33.66 52.72 -18.55
C VAL I 129 32.96 53.94 -18.00
N THR I 130 33.42 55.12 -18.41
CA THR I 130 32.91 56.41 -17.94
C THR I 130 32.39 57.22 -19.11
N ASP I 131 31.30 57.95 -18.90
CA ASP I 131 30.77 58.84 -19.92
C ASP I 131 29.93 59.91 -19.27
N TYR I 132 29.66 60.98 -20.01
CA TYR I 132 28.92 62.10 -19.47
C TYR I 132 27.43 61.80 -19.41
N GLU I 133 26.76 62.44 -18.47
CA GLU I 133 25.30 62.52 -18.45
C GLU I 133 24.90 63.97 -18.64
N ASP I 134 23.60 64.20 -18.82
CA ASP I 134 23.03 65.54 -18.79
C ASP I 134 23.71 66.45 -19.82
N GLN I 135 23.47 66.12 -21.09
CA GLN I 135 24.20 66.77 -22.17
C GLN I 135 23.95 68.26 -22.19
N SER I 136 24.95 69.03 -21.74
CA SER I 136 24.96 70.48 -21.72
C SER I 136 26.37 70.94 -21.37
N PRO I 137 26.91 71.95 -22.04
CA PRO I 137 28.30 72.35 -21.76
C PRO I 137 28.48 73.06 -20.43
N THR I 138 27.40 73.39 -19.73
CA THR I 138 27.51 74.12 -18.48
C THR I 138 28.31 73.33 -17.45
N SER I 139 28.09 72.03 -17.37
CA SER I 139 28.74 71.19 -16.38
C SER I 139 29.59 70.12 -17.06
N ASN I 140 30.21 69.27 -16.24
CA ASN I 140 31.03 68.16 -16.70
C ASN I 140 30.73 66.90 -15.89
N ASN I 141 29.46 66.68 -15.57
CA ASN I 141 29.09 65.53 -14.75
C ASN I 141 29.27 64.23 -15.53
N GLN I 142 29.71 63.19 -14.82
CA GLN I 142 29.97 61.89 -15.42
C GLN I 142 29.34 60.78 -14.59
N VAL I 143 29.10 59.64 -15.23
CA VAL I 143 28.50 58.49 -14.58
C VAL I 143 29.30 57.25 -14.95
N ILE I 144 28.87 56.10 -14.44
CA ILE I 144 29.58 54.83 -14.60
C ILE I 144 28.62 53.81 -15.19
N ARG I 145 28.93 53.30 -16.36
CA ARG I 145 28.19 52.18 -16.93
C ARG I 145 29.17 51.09 -17.33
N ARG I 146 28.64 49.89 -17.55
CA ARG I 146 29.45 48.71 -17.78
C ARG I 146 29.16 48.16 -19.17
N GLU I 147 30.14 48.24 -20.04
CA GLU I 147 30.02 47.65 -21.37
C GLU I 147 30.56 46.23 -21.36
N PRO I 148 29.76 45.24 -21.70
CA PRO I 148 30.25 43.86 -21.68
C PRO I 148 31.28 43.62 -22.77
N ILE I 149 32.14 42.63 -22.52
CA ILE I 149 33.15 42.20 -23.48
C ILE I 149 32.75 40.82 -23.96
N HIS I 150 32.38 40.72 -25.23
CA HIS I 150 31.88 39.46 -25.76
C HIS I 150 33.02 38.53 -26.14
N SER I 151 32.83 37.25 -25.87
CA SER I 151 33.86 36.23 -26.07
C SER I 151 35.16 36.67 -25.41
N ALA I 152 35.07 36.93 -24.11
CA ALA I 152 36.19 37.47 -23.37
C ALA I 152 37.34 36.49 -23.22
N CYS I 153 37.13 35.22 -23.53
CA CYS I 153 38.22 34.25 -23.48
C CYS I 153 39.21 34.44 -24.62
N SER I 154 38.88 35.25 -25.62
CA SER I 154 39.76 35.49 -26.75
C SER I 154 39.99 36.96 -27.07
N HIS I 155 39.16 37.87 -26.56
CA HIS I 155 39.31 39.29 -26.84
C HIS I 155 39.90 40.06 -25.68
N VAL I 156 40.23 39.39 -24.58
CA VAL I 156 40.90 40.00 -23.44
C VAL I 156 42.14 39.17 -23.16
N ILE I 157 43.30 39.81 -23.13
CA ILE I 157 44.57 39.11 -22.94
C ILE I 157 45.19 39.66 -21.67
N TRP I 158 44.90 39.00 -20.55
CA TRP I 158 45.41 39.43 -19.26
C TRP I 158 46.92 39.22 -19.20
N ASP I 159 47.56 39.98 -18.32
CA ASP I 159 49.00 39.85 -18.17
C ASP I 159 49.33 38.46 -17.65
N SER I 160 50.20 37.77 -18.38
CA SER I 160 50.52 36.38 -18.05
C SER I 160 51.18 36.26 -16.69
N ASN I 161 51.84 37.31 -16.23
CA ASN I 161 52.65 37.23 -15.02
C ASN I 161 51.79 37.24 -13.75
N SER I 162 50.67 37.97 -13.76
CA SER I 162 49.86 38.10 -12.57
C SER I 162 49.29 36.75 -12.15
N LYS I 163 49.21 36.55 -10.83
CA LYS I 163 48.86 35.26 -10.25
C LYS I 163 47.72 35.40 -9.25
N LEU I 164 46.83 36.37 -9.47
CA LEU I 164 45.65 36.51 -8.63
C LEU I 164 44.41 36.38 -9.50
N MET I 165 43.34 35.88 -8.90
CA MET I 165 42.12 35.65 -9.66
C MET I 165 41.40 36.95 -9.97
N ASP I 166 41.53 37.97 -9.12
CA ASP I 166 41.05 39.30 -9.50
C ASP I 166 41.83 39.87 -10.65
N LYS I 167 42.97 39.29 -11.00
CA LYS I 167 43.96 39.91 -11.89
C LYS I 167 44.35 41.28 -11.37
N SER I 168 44.39 41.42 -10.04
CA SER I 168 44.75 42.68 -9.42
C SER I 168 46.20 43.04 -9.71
N ASP I 169 47.09 42.05 -9.66
CA ASP I 169 48.52 42.33 -9.85
C ASP I 169 48.83 42.69 -11.29
N ALA I 170 47.98 42.31 -12.25
CA ALA I 170 48.29 42.51 -13.66
C ALA I 170 48.53 43.98 -13.94
N ARG I 171 49.63 44.26 -14.62
CA ARG I 171 50.04 45.63 -14.91
C ARG I 171 49.65 46.07 -16.31
N HIS I 172 48.97 45.22 -17.08
CA HIS I 172 48.50 45.57 -18.40
C HIS I 172 47.59 44.45 -18.89
N CYS I 173 46.55 44.83 -19.65
CA CYS I 173 45.65 43.85 -20.23
C CYS I 173 44.96 44.47 -21.43
N THR I 174 45.11 43.84 -22.59
CA THR I 174 44.61 44.41 -23.83
C THR I 174 43.15 44.04 -24.06
N VAL I 175 42.53 44.73 -25.00
CA VAL I 175 41.20 44.36 -25.47
C VAL I 175 41.22 44.41 -26.99
N ILE I 176 41.43 43.26 -27.62
CA ILE I 176 41.52 43.21 -29.08
C ILE I 176 40.16 43.51 -29.68
N HIS I 177 40.17 44.19 -30.84
CA HIS I 177 38.96 44.43 -31.60
C HIS I 177 39.22 44.04 -33.04
N SER I 178 38.54 42.99 -33.51
CA SER I 178 38.69 42.54 -34.88
C SER I 178 37.73 43.36 -35.75
N MET I 179 38.21 44.48 -36.25
CA MET I 179 37.40 45.36 -37.09
C MET I 179 37.73 45.19 -38.56
N SER I 180 36.69 45.23 -39.38
CA SER I 180 36.80 45.33 -40.83
C SER I 180 36.92 46.81 -41.20
N GLN I 181 36.75 47.12 -42.47
CA GLN I 181 36.87 48.51 -42.92
C GLN I 181 35.92 49.42 -42.17
N ASN I 182 34.63 49.03 -42.09
CA ASN I 182 33.63 49.87 -41.43
C ASN I 182 33.97 50.10 -39.96
N GLY I 183 34.26 49.03 -39.24
CA GLY I 183 34.71 49.18 -37.87
C GLY I 183 35.97 50.03 -37.80
N TRP I 184 36.84 49.89 -38.80
CA TRP I 184 38.06 50.68 -38.79
C TRP I 184 37.77 52.17 -38.79
N GLU I 185 36.98 52.66 -39.76
CA GLU I 185 36.88 54.11 -39.84
C GLU I 185 35.98 54.65 -38.73
N ASP I 186 35.00 53.86 -38.26
CA ASP I 186 34.18 54.42 -37.20
C ASP I 186 34.95 54.47 -35.87
N PHE I 187 35.67 53.41 -35.53
CA PHE I 187 36.45 53.41 -34.30
C PHE I 187 37.71 54.25 -34.42
N ALA I 188 38.07 54.69 -35.62
CA ALA I 188 39.15 55.65 -35.80
C ALA I 188 38.69 57.10 -35.72
N GLU I 189 37.59 57.46 -36.40
CA GLU I 189 37.07 58.81 -36.30
C GLU I 189 36.45 59.07 -34.93
N LYS I 190 36.00 58.03 -34.24
CA LYS I 190 35.29 58.23 -32.98
C LYS I 190 36.18 58.89 -31.93
N TYR I 191 37.43 58.44 -31.81
CA TYR I 191 38.27 58.94 -30.73
C TYR I 191 39.48 59.73 -31.20
N ASP I 192 40.37 59.14 -31.99
CA ASP I 192 41.68 59.78 -32.18
C ASP I 192 41.87 60.48 -33.52
N LEU I 193 41.83 59.73 -34.62
CA LEU I 193 42.14 60.21 -35.97
C LEU I 193 41.72 59.14 -36.96
N ASP I 194 41.53 59.56 -38.21
CA ASP I 194 41.20 58.64 -39.30
C ASP I 194 42.43 58.27 -40.14
N ALA I 195 43.60 58.24 -39.52
CA ALA I 195 44.83 57.94 -40.24
C ALA I 195 44.90 56.43 -40.47
N ASP I 196 44.91 56.02 -41.74
CA ASP I 196 44.87 54.61 -42.09
C ASP I 196 46.16 53.92 -41.62
N ASP I 197 46.09 52.59 -41.57
CA ASP I 197 47.23 51.77 -41.17
C ASP I 197 48.42 51.96 -42.11
N ILE I 217 41.76 44.28 -39.87
CA ILE I 217 42.20 45.47 -39.16
C ILE I 217 41.93 45.28 -37.67
N GLN I 218 42.90 44.75 -36.95
CA GLN I 218 42.76 44.42 -35.54
C GLN I 218 43.41 45.53 -34.71
N ILE I 219 42.59 46.30 -34.01
CA ILE I 219 43.07 47.36 -33.15
C ILE I 219 43.05 46.84 -31.72
N ALA I 220 43.70 47.57 -30.81
CA ALA I 220 43.84 47.13 -29.44
C ALA I 220 43.62 48.30 -28.50
N GLU I 221 43.34 47.99 -27.24
CA GLU I 221 43.24 48.97 -26.17
C GLU I 221 44.15 48.51 -25.05
N PHE I 222 45.42 48.93 -25.08
CA PHE I 222 46.44 48.43 -24.16
C PHE I 222 46.39 49.23 -22.88
N TYR I 223 45.65 48.73 -21.89
CA TYR I 223 45.65 49.36 -20.59
C TYR I 223 47.00 49.16 -19.91
N GLU I 224 47.27 49.96 -18.88
CA GLU I 224 48.56 49.93 -18.22
C GLU I 224 48.43 50.55 -16.84
N VAL I 225 49.21 50.04 -15.90
CA VAL I 225 49.27 50.57 -14.54
C VAL I 225 50.72 50.92 -14.26
N VAL I 226 51.00 52.20 -14.13
CA VAL I 226 52.36 52.68 -13.87
C VAL I 226 52.47 53.02 -12.39
N GLU I 227 53.62 52.67 -11.81
CA GLU I 227 53.83 52.81 -10.37
C GLU I 227 55.17 53.47 -10.12
N LYS I 228 55.26 54.15 -8.98
CA LYS I 228 56.47 54.83 -8.55
C LYS I 228 56.85 54.27 -7.18
N LYS I 229 57.98 53.59 -7.10
CA LYS I 229 58.42 52.93 -5.87
C LYS I 229 59.74 53.56 -5.41
N GLU I 230 59.75 54.02 -4.16
CA GLU I 230 60.94 54.64 -3.58
C GLU I 230 61.21 54.03 -2.20
N THR I 231 62.12 54.62 -1.43
CA THR I 231 62.49 54.09 -0.12
C THR I 231 61.93 54.89 1.05
N ALA I 232 62.00 56.22 0.99
CA ALA I 232 61.32 57.13 1.91
C ALA I 232 61.90 57.18 3.31
N PHE I 233 62.78 56.24 3.66
CA PHE I 233 63.73 56.37 4.78
C PHE I 233 63.22 57.14 6.00
N ILE I 234 62.15 56.66 6.65
CA ILE I 234 61.61 57.39 7.79
C ILE I 234 62.67 57.55 8.87
N TYR I 235 62.71 58.74 9.47
CA TYR I 235 63.62 59.09 10.55
C TYR I 235 62.80 59.54 11.75
N GLN I 236 63.30 59.28 12.95
CA GLN I 236 62.56 59.58 14.18
C GLN I 236 63.28 60.65 15.00
N ASP I 237 62.48 61.48 15.66
CA ASP I 237 62.95 62.56 16.53
C ASP I 237 62.23 62.45 17.87
N PRO I 238 62.55 63.31 18.86
CA PRO I 238 61.76 63.33 20.11
C PRO I 238 60.27 63.52 19.85
N VAL I 239 59.93 64.46 18.95
CA VAL I 239 58.55 64.58 18.50
C VAL I 239 58.20 63.41 17.59
N THR I 240 56.91 63.26 17.29
CA THR I 240 56.48 62.18 16.42
C THR I 240 57.17 62.30 15.06
N GLY I 241 57.54 61.15 14.50
CA GLY I 241 58.33 61.15 13.29
C GLY I 241 57.55 61.56 12.07
N GLU I 242 57.81 62.77 11.58
CA GLU I 242 57.20 63.26 10.36
C GLU I 242 57.91 62.68 9.15
N PRO I 243 57.24 62.68 7.97
CA PRO I 243 57.90 62.14 6.78
C PRO I 243 59.13 62.94 6.40
N VAL I 244 60.30 62.32 6.55
CA VAL I 244 61.57 62.95 6.21
C VAL I 244 62.32 61.98 5.30
N SER I 245 63.18 62.55 4.45
CA SER I 245 63.96 61.77 3.49
C SER I 245 63.05 60.99 2.55
N TYR I 246 62.07 61.70 1.98
CA TYR I 246 61.10 61.08 1.09
C TYR I 246 61.77 60.38 -0.08
N PHE I 247 62.89 60.91 -0.54
CA PHE I 247 63.64 60.35 -1.65
C PHE I 247 65.04 59.96 -1.17
N LYS I 248 65.82 59.39 -2.08
CA LYS I 248 67.24 59.21 -1.83
C LYS I 248 68.02 60.51 -1.98
N ARG I 249 67.53 61.44 -2.82
CA ARG I 249 68.20 62.72 -2.98
C ARG I 249 68.00 63.62 -1.78
N ASP I 250 66.84 63.54 -1.12
CA ASP I 250 66.63 64.34 0.09
C ASP I 250 67.57 63.91 1.22
N ILE I 251 67.98 62.64 1.24
CA ILE I 251 69.01 62.20 2.17
C ILE I 251 70.31 62.97 1.91
N LYS I 252 70.73 63.04 0.65
CA LYS I 252 71.91 63.80 0.29
C LYS I 252 71.70 65.31 0.44
N ASP I 253 70.47 65.75 0.65
CA ASP I 253 70.21 67.14 1.01
C ASP I 253 70.26 67.38 2.52
N VAL I 254 70.24 66.32 3.32
CA VAL I 254 70.26 66.46 4.78
C VAL I 254 71.42 65.71 5.40
N ILE I 255 72.56 65.67 4.68
CA ILE I 255 73.74 64.95 5.17
C ILE I 255 74.11 65.38 6.60
N ASP I 256 73.83 66.63 6.95
CA ASP I 256 74.07 67.08 8.32
C ASP I 256 72.90 66.73 9.24
N ASP I 257 71.68 66.92 8.78
CA ASP I 257 70.51 66.71 9.63
C ASP I 257 70.37 65.25 10.05
N LEU I 258 70.76 64.33 9.18
CA LEU I 258 70.66 62.91 9.52
C LEU I 258 71.56 62.56 10.71
N ALA I 259 72.70 63.23 10.83
CA ALA I 259 73.59 63.01 11.96
C ALA I 259 73.27 63.88 13.16
N ASP I 260 72.56 65.00 12.96
CA ASP I 260 72.20 65.86 14.08
C ASP I 260 70.88 65.45 14.74
N SER I 261 70.12 64.53 14.16
CA SER I 261 68.85 64.13 14.74
C SER I 261 69.07 63.17 15.90
N GLY I 262 67.99 62.95 16.67
CA GLY I 262 68.08 62.06 17.81
C GLY I 262 68.31 60.61 17.42
N PHE I 263 67.62 60.15 16.38
CA PHE I 263 67.71 58.76 15.92
C PHE I 263 68.14 58.73 14.45
N ILE I 264 68.90 57.70 14.09
CA ILE I 264 69.54 57.66 12.78
C ILE I 264 68.71 56.89 11.75
N LYS I 265 68.00 55.84 12.17
CA LYS I 265 67.24 55.03 11.22
C LYS I 265 66.27 54.15 12.01
N ILE I 266 65.02 54.10 11.57
CA ILE I 266 64.00 53.28 12.20
C ILE I 266 63.38 52.29 11.22
N ALA I 267 62.97 52.77 10.05
CA ALA I 267 62.30 51.90 9.09
C ALA I 267 62.54 52.43 7.68
N GLU I 268 62.26 51.56 6.70
CA GLU I 268 62.50 51.83 5.28
C GLU I 268 61.21 51.65 4.49
N ARG I 269 60.12 52.27 4.96
CA ARG I 269 58.83 52.10 4.32
C ARG I 269 58.85 52.56 2.87
N GLN I 270 58.71 51.62 1.94
CA GLN I 270 58.73 51.92 0.51
C GLN I 270 57.36 52.39 0.07
N ILE I 271 57.14 53.70 0.11
CA ILE I 271 55.85 54.27 -0.29
C ILE I 271 55.66 54.10 -1.79
N LYS I 272 54.43 53.80 -2.18
CA LYS I 272 54.09 53.49 -3.56
C LYS I 272 52.87 54.31 -3.99
N ARG I 273 52.87 54.72 -5.26
CA ARG I 273 51.78 55.51 -5.81
C ARG I 273 51.56 55.06 -7.25
N ARG I 274 50.31 54.82 -7.63
CA ARG I 274 49.99 54.20 -8.90
C ARG I 274 48.87 54.96 -9.62
N ARG I 275 48.92 54.92 -10.96
CA ARG I 275 47.90 55.51 -11.81
C ARG I 275 47.77 54.68 -13.06
N VAL I 276 46.53 54.48 -13.53
CA VAL I 276 46.27 53.66 -14.69
C VAL I 276 46.40 54.48 -15.97
N TYR I 277 47.05 53.91 -16.99
CA TYR I 277 47.23 54.61 -18.26
C TYR I 277 46.74 53.71 -19.39
N LYS I 278 46.11 54.33 -20.38
CA LYS I 278 45.46 53.61 -21.47
C LYS I 278 46.04 54.06 -22.81
N SER I 279 46.36 53.10 -23.66
CA SER I 279 46.92 53.41 -24.98
C SER I 279 46.27 52.52 -26.02
N ILE I 280 46.08 53.07 -27.22
CA ILE I 280 45.44 52.36 -28.32
C ILE I 280 46.50 52.12 -29.38
N ILE I 281 46.83 50.86 -29.63
CA ILE I 281 47.89 50.50 -30.55
C ILE I 281 47.29 49.74 -31.74
N THR I 282 48.15 49.41 -32.69
CA THR I 282 47.81 48.53 -33.79
C THR I 282 49.04 47.68 -34.11
N CYS I 283 48.80 46.51 -34.71
CA CYS I 283 49.87 45.55 -34.89
C CYS I 283 50.94 46.08 -35.84
N THR I 284 50.54 46.56 -37.01
CA THR I 284 51.51 46.97 -38.02
C THR I 284 51.99 48.40 -37.78
N ALA I 285 51.08 49.36 -37.86
CA ALA I 285 51.46 50.77 -37.80
C ALA I 285 51.81 51.17 -36.37
N VAL I 286 52.27 52.40 -36.22
CA VAL I 286 52.66 52.94 -34.92
C VAL I 286 51.42 53.11 -34.06
N LEU I 287 51.62 53.26 -32.75
CA LEU I 287 50.49 53.42 -31.84
C LEU I 287 49.81 54.77 -32.09
N LYS I 288 48.51 54.80 -31.86
CA LYS I 288 47.71 55.97 -32.18
C LYS I 288 47.57 56.94 -31.03
N ASP I 289 47.38 56.45 -29.80
CA ASP I 289 47.38 57.28 -28.60
C ASP I 289 48.47 56.77 -27.66
N LYS I 290 49.27 57.69 -27.14
CA LYS I 290 50.42 57.26 -26.34
C LYS I 290 49.99 56.87 -24.93
N GLN I 291 49.35 57.79 -24.21
CA GLN I 291 49.04 57.53 -22.80
C GLN I 291 47.89 58.43 -22.38
N LEU I 292 46.91 57.86 -21.69
CA LEU I 292 45.77 58.60 -21.19
C LEU I 292 45.36 58.01 -19.85
N ILE I 293 44.88 58.87 -18.96
CA ILE I 293 44.52 58.48 -17.60
C ILE I 293 43.01 58.34 -17.51
N ALA I 294 42.54 57.25 -16.89
CA ALA I 294 41.11 57.07 -16.65
C ALA I 294 40.93 56.21 -15.41
N GLY I 295 40.71 56.85 -14.26
CA GLY I 295 40.52 56.13 -13.01
C GLY I 295 41.82 55.83 -12.28
N GLU I 296 41.86 54.72 -11.54
CA GLU I 296 43.08 54.33 -10.84
C GLU I 296 43.46 52.87 -11.09
N HIS I 297 42.46 52.01 -11.27
CA HIS I 297 42.69 50.62 -11.62
C HIS I 297 42.39 50.41 -13.10
N ILE I 298 42.79 49.26 -13.62
CA ILE I 298 42.39 48.89 -14.98
C ILE I 298 40.93 48.43 -14.93
N PRO I 299 40.05 49.07 -15.70
CA PRO I 299 38.61 48.82 -15.52
C PRO I 299 38.19 47.38 -15.74
N ILE I 300 38.85 46.64 -16.64
CA ILE I 300 38.39 45.30 -16.97
C ILE I 300 38.42 44.43 -15.73
N VAL I 301 37.29 43.83 -15.41
CA VAL I 301 37.16 42.90 -14.30
C VAL I 301 36.77 41.53 -14.83
N PRO I 302 37.57 40.50 -14.59
CA PRO I 302 37.24 39.18 -15.15
C PRO I 302 36.49 38.30 -14.18
N VAL I 303 35.63 37.43 -14.70
CA VAL I 303 35.07 36.33 -13.92
C VAL I 303 35.69 35.05 -14.47
N PHE I 304 35.88 34.06 -13.59
CA PHE I 304 36.46 32.80 -13.98
C PHE I 304 35.60 31.66 -13.46
N GLY I 305 35.64 30.53 -14.16
CA GLY I 305 34.98 29.35 -13.67
C GLY I 305 35.83 28.66 -12.63
N GLU I 306 35.95 27.35 -12.71
CA GLU I 306 36.92 26.64 -11.87
C GLU I 306 38.31 27.00 -12.34
N TRP I 307 39.02 27.82 -11.56
CA TRP I 307 40.28 28.42 -11.98
C TRP I 307 41.39 28.03 -11.01
N GLY I 308 42.52 27.59 -11.56
CA GLY I 308 43.66 27.22 -10.74
C GLY I 308 44.90 27.11 -11.59
N PHE I 309 46.03 26.96 -10.92
CA PHE I 309 47.32 26.84 -11.58
C PHE I 309 47.75 25.38 -11.56
N VAL I 310 48.13 24.86 -12.72
CA VAL I 310 48.61 23.49 -12.85
C VAL I 310 49.93 23.53 -13.61
N GLU I 311 51.00 23.10 -12.94
CA GLU I 311 52.35 23.12 -13.53
C GLU I 311 52.70 24.50 -14.05
N ASP I 312 52.32 25.52 -13.27
CA ASP I 312 52.65 26.91 -13.55
C ASP I 312 52.03 27.40 -14.87
N LYS I 313 50.81 26.92 -15.14
CA LYS I 313 50.05 27.39 -16.29
C LYS I 313 48.64 27.72 -15.82
N GLU I 314 48.14 28.89 -16.23
CA GLU I 314 46.78 29.26 -15.90
C GLU I 314 45.79 28.38 -16.66
N VAL I 315 44.97 27.64 -15.93
CA VAL I 315 43.92 26.83 -16.54
C VAL I 315 42.60 27.17 -15.87
N TYR I 316 41.59 27.48 -16.68
CA TYR I 316 40.25 27.73 -16.20
C TYR I 316 39.27 26.90 -17.00
N GLU I 317 38.19 26.48 -16.35
CA GLU I 317 37.22 25.63 -17.03
C GLU I 317 35.81 26.18 -16.92
N GLY I 318 34.83 25.40 -17.33
CA GLY I 318 33.44 25.79 -17.20
C GLY I 318 32.60 24.61 -16.81
N VAL I 319 31.40 24.52 -17.36
CA VAL I 319 30.56 23.35 -17.14
C VAL I 319 30.19 22.81 -18.51
N VAL I 320 31.09 23.02 -19.48
CA VAL I 320 30.83 22.61 -20.85
C VAL I 320 31.79 21.56 -21.35
N ARG I 321 32.98 21.38 -20.78
CA ARG I 321 33.88 20.35 -21.28
C ARG I 321 33.35 18.95 -20.98
N LEU I 322 32.91 18.74 -19.74
CA LEU I 322 32.52 17.41 -19.31
C LEU I 322 31.22 16.99 -19.99
N THR I 323 30.23 17.88 -19.92
CA THR I 323 29.02 17.71 -20.69
C THR I 323 29.31 17.66 -22.17
N LYS I 324 30.43 18.21 -22.62
CA LYS I 324 30.76 18.19 -24.03
C LYS I 324 31.09 16.77 -24.47
N ASP I 325 31.91 16.08 -23.69
CA ASP I 325 32.21 14.69 -24.03
C ASP I 325 30.95 13.83 -23.96
N GLY I 326 30.16 14.00 -22.89
CA GLY I 326 28.91 13.25 -22.80
C GLY I 326 27.97 13.53 -23.96
N GLN I 327 27.90 14.79 -24.36
CA GLN I 327 27.02 15.22 -25.44
C GLN I 327 27.48 14.67 -26.78
N ARG I 328 28.78 14.57 -26.99
CA ARG I 328 29.26 13.94 -28.22
C ARG I 328 28.85 12.49 -28.27
N LEU I 329 28.94 11.78 -27.14
CA LEU I 329 28.49 10.39 -27.15
C LEU I 329 26.99 10.29 -27.45
N ARG I 330 26.18 11.16 -26.83
CA ARG I 330 24.74 11.11 -27.09
C ARG I 330 24.42 11.41 -28.54
N ASN I 331 25.09 12.42 -29.12
CA ASN I 331 24.89 12.74 -30.51
C ASN I 331 25.23 11.57 -31.41
N MET I 332 26.35 10.90 -31.12
CA MET I 332 26.72 9.72 -31.89
C MET I 332 25.62 8.67 -31.83
N ILE I 333 25.10 8.39 -30.63
CA ILE I 333 24.13 7.32 -30.48
C ILE I 333 22.87 7.64 -31.28
N MET I 334 22.36 8.85 -31.11
CA MET I 334 21.10 9.20 -31.77
C MET I 334 21.28 9.30 -33.28
N SER I 335 22.42 9.78 -33.74
CA SER I 335 22.69 9.78 -35.18
C SER I 335 22.80 8.36 -35.72
N PHE I 336 23.35 7.44 -34.94
CA PHE I 336 23.41 6.05 -35.36
C PHE I 336 22.01 5.46 -35.51
N ASN I 337 21.12 5.75 -34.56
CA ASN I 337 19.74 5.31 -34.71
C ASN I 337 19.09 5.90 -35.95
N ALA I 338 19.30 7.20 -36.18
CA ALA I 338 18.71 7.84 -37.35
C ALA I 338 19.26 7.25 -38.64
N ASP I 339 20.54 6.88 -38.64
CA ASP I 339 21.12 6.26 -39.82
C ASP I 339 20.53 4.88 -40.08
N ILE I 340 20.22 4.13 -39.03
CA ILE I 340 19.49 2.88 -39.22
C ILE I 340 18.12 3.14 -39.82
N VAL I 341 17.43 4.16 -39.34
CA VAL I 341 16.02 4.36 -39.73
C VAL I 341 15.90 4.73 -41.21
N ALA I 342 16.72 5.68 -41.67
CA ALA I 342 16.47 6.26 -42.99
C ALA I 342 16.88 5.33 -44.12
N ARG I 343 16.33 4.12 -44.14
CA ARG I 343 16.45 3.19 -45.26
C ARG I 343 15.08 2.60 -45.48
N THR I 344 14.66 2.47 -46.74
CA THR I 344 13.38 1.85 -46.99
C THR I 344 13.38 0.42 -46.45
N PRO I 345 12.41 0.04 -45.63
CA PRO I 345 12.40 -1.30 -45.06
C PRO I 345 12.27 -2.40 -46.10
N LYS I 346 11.81 -2.10 -47.31
CA LYS I 346 11.65 -3.12 -48.33
C LYS I 346 12.99 -3.79 -48.60
N LYS I 347 12.96 -5.12 -48.66
CA LYS I 347 14.17 -5.87 -48.89
C LYS I 347 14.67 -5.67 -50.31
N LYS I 348 16.00 -5.63 -50.46
CA LYS I 348 16.61 -5.59 -51.77
C LYS I 348 17.19 -6.97 -52.06
N PRO I 349 16.73 -7.65 -53.10
CA PRO I 349 17.19 -9.01 -53.36
C PRO I 349 18.41 -9.07 -54.28
N PHE I 350 19.13 -10.19 -54.17
CA PHE I 350 20.30 -10.48 -54.99
C PHE I 350 19.96 -11.59 -55.96
N PHE I 351 20.03 -11.29 -57.26
CA PHE I 351 19.92 -12.33 -58.27
C PHE I 351 20.51 -11.89 -59.60
N TRP I 352 20.90 -12.90 -60.39
CA TRP I 352 21.64 -12.80 -61.65
C TRP I 352 20.86 -12.00 -62.68
N PRO I 353 21.53 -11.31 -63.61
CA PRO I 353 20.79 -10.60 -64.65
C PRO I 353 19.95 -11.50 -65.52
N GLU I 354 20.38 -12.74 -65.77
CA GLU I 354 19.56 -13.66 -66.56
C GLU I 354 18.49 -14.35 -65.74
N GLN I 355 18.53 -14.20 -64.41
CA GLN I 355 17.46 -14.74 -63.59
C GLN I 355 16.16 -13.97 -63.76
N ILE I 356 16.24 -12.74 -64.25
CA ILE I 356 15.07 -11.94 -64.60
C ILE I 356 15.19 -11.40 -66.01
N ALA I 357 15.88 -12.14 -66.88
CA ALA I 357 16.22 -11.68 -68.21
C ALA I 357 15.10 -10.87 -68.87
N GLY I 358 13.91 -11.44 -68.93
CA GLY I 358 12.78 -10.71 -69.48
C GLY I 358 11.97 -9.99 -68.43
N PHE I 359 11.89 -10.58 -67.23
CA PHE I 359 10.97 -10.11 -66.19
C PHE I 359 11.67 -9.03 -65.38
N GLU I 360 11.78 -7.85 -65.96
CA GLU I 360 12.35 -6.71 -65.25
C GLU I 360 11.34 -5.66 -64.85
N HIS I 361 10.16 -5.66 -65.46
CA HIS I 361 9.12 -4.72 -65.09
C HIS I 361 8.38 -5.14 -63.82
N MET I 362 8.63 -6.35 -63.34
CA MET I 362 8.01 -6.84 -62.11
C MET I 362 8.66 -6.22 -60.88
N TYR I 363 9.99 -6.11 -60.90
CA TYR I 363 10.75 -5.75 -59.71
C TYR I 363 11.15 -4.28 -59.78
N ASP I 364 10.17 -3.41 -59.53
CA ASP I 364 10.42 -1.98 -59.50
C ASP I 364 9.82 -1.26 -58.31
N GLY I 365 8.80 -1.82 -57.67
CA GLY I 365 8.17 -1.16 -56.55
C GLY I 365 7.09 -0.18 -57.00
N ASN I 366 7.05 0.10 -58.31
CA ASN I 366 6.01 0.95 -58.87
C ASN I 366 4.69 0.21 -59.04
N ASP I 367 4.69 -1.11 -58.89
CA ASP I 367 3.47 -1.91 -58.94
C ASP I 367 3.64 -3.07 -57.96
N ASP I 368 2.51 -3.64 -57.52
CA ASP I 368 2.53 -4.86 -56.73
C ASP I 368 1.70 -5.91 -57.47
N TYR I 369 2.33 -7.00 -57.85
CA TYR I 369 1.74 -8.09 -58.61
C TYR I 369 1.39 -9.26 -57.69
N PRO I 370 0.47 -10.12 -58.10
CA PRO I 370 0.07 -11.24 -57.24
C PRO I 370 1.21 -12.22 -56.96
N TYR I 371 1.91 -12.64 -58.02
CA TYR I 371 3.04 -13.55 -57.89
C TYR I 371 4.27 -12.94 -58.56
N TYR I 372 5.43 -13.47 -58.20
CA TYR I 372 6.69 -13.01 -58.77
C TYR I 372 7.30 -14.14 -59.60
N LEU I 373 7.70 -13.82 -60.81
CA LEU I 373 8.20 -14.82 -61.76
C LEU I 373 9.71 -14.78 -61.85
N LEU I 374 10.30 -15.96 -62.01
CA LEU I 374 11.73 -16.13 -62.21
C LEU I 374 11.93 -17.20 -63.26
N ASN I 375 12.81 -16.95 -64.22
CA ASN I 375 13.02 -17.88 -65.32
C ASN I 375 13.93 -19.02 -64.86
N ARG I 376 14.44 -19.79 -65.83
CA ARG I 376 15.00 -21.12 -65.58
C ARG I 376 15.91 -21.20 -64.35
N THR I 377 17.01 -20.44 -64.35
CA THR I 377 17.94 -20.42 -63.23
C THR I 377 18.99 -19.33 -63.40
N PRO I 388 13.93 -18.81 -55.35
CA PRO I 388 15.35 -18.99 -55.06
C PRO I 388 16.15 -17.70 -55.25
N LEU I 389 16.55 -17.07 -54.16
CA LEU I 389 17.27 -15.80 -54.20
C LEU I 389 17.65 -15.41 -52.78
N ALA I 390 18.57 -14.46 -52.66
CA ALA I 390 19.06 -13.98 -51.38
C ALA I 390 18.91 -12.46 -51.30
N TYR I 391 18.79 -11.95 -50.08
CA TYR I 391 18.47 -10.54 -49.86
C TYR I 391 19.65 -9.80 -49.25
N TYR I 392 19.55 -8.46 -49.26
CA TYR I 392 20.56 -7.57 -48.74
C TYR I 392 20.18 -7.21 -47.31
N GLU I 393 21.03 -7.56 -46.36
CA GLU I 393 20.70 -7.44 -44.94
C GLU I 393 20.70 -5.99 -44.51
N ASN I 394 19.51 -5.45 -44.21
CA ASN I 394 19.42 -4.13 -43.63
C ASN I 394 19.98 -4.16 -42.20
N PRO I 395 20.48 -3.03 -41.72
CA PRO I 395 20.99 -2.99 -40.35
C PRO I 395 19.86 -3.14 -39.35
N GLU I 396 20.22 -3.60 -38.15
CA GLU I 396 19.25 -3.79 -37.08
C GLU I 396 19.66 -2.94 -35.87
N VAL I 397 18.68 -2.36 -35.21
CA VAL I 397 18.94 -1.54 -34.03
C VAL I 397 19.40 -2.44 -32.89
N PRO I 398 20.52 -2.13 -32.24
CA PRO I 398 21.08 -3.07 -31.26
C PRO I 398 20.15 -3.38 -30.10
N GLN I 399 19.33 -2.41 -29.68
CA GLN I 399 18.44 -2.53 -28.53
C GLN I 399 19.25 -2.61 -27.25
N ALA I 400 20.56 -2.67 -27.38
CA ALA I 400 21.47 -2.46 -26.27
C ALA I 400 21.83 -1.00 -26.12
N ASN I 401 21.38 -0.15 -27.04
CA ASN I 401 21.66 1.28 -26.94
C ASN I 401 20.75 1.99 -25.95
N ALA I 402 19.74 1.31 -25.40
CA ALA I 402 18.90 1.94 -24.40
C ALA I 402 19.75 2.41 -23.22
N TYR I 403 20.45 1.48 -22.57
CA TYR I 403 21.26 1.89 -21.43
C TYR I 403 22.44 2.75 -21.85
N MET I 404 22.94 2.57 -23.07
CA MET I 404 24.05 3.39 -23.53
C MET I 404 23.64 4.86 -23.59
N LEU I 405 22.52 5.13 -24.26
CA LEU I 405 22.00 6.48 -24.36
C LEU I 405 21.64 7.02 -22.99
N GLU I 406 21.06 6.18 -22.12
CA GLU I 406 20.69 6.66 -20.80
C GLU I 406 21.91 7.03 -19.99
N ALA I 407 22.98 6.24 -20.09
CA ALA I 407 24.22 6.59 -19.40
C ALA I 407 24.78 7.90 -19.90
N ALA I 408 24.80 8.10 -21.22
CA ALA I 408 25.36 9.34 -21.76
C ALA I 408 24.54 10.55 -21.33
N THR I 409 23.21 10.48 -21.49
CA THR I 409 22.37 11.61 -21.13
C THR I 409 22.44 11.90 -19.63
N SER I 410 22.37 10.85 -18.80
CA SER I 410 22.46 11.07 -17.36
C SER I 410 23.81 11.63 -16.98
N ALA I 411 24.89 11.21 -17.65
CA ALA I 411 26.19 11.79 -17.38
C ALA I 411 26.17 13.29 -17.66
N VAL I 412 25.64 13.69 -18.80
CA VAL I 412 25.61 15.12 -19.11
C VAL I 412 24.78 15.88 -18.08
N LYS I 413 23.66 15.29 -17.65
CA LYS I 413 22.75 16.01 -16.77
C LYS I 413 23.13 15.95 -15.29
N GLU I 414 24.03 15.08 -14.87
CA GLU I 414 24.41 15.10 -13.46
C GLU I 414 25.86 15.48 -13.22
N VAL I 415 26.78 15.08 -14.10
CA VAL I 415 28.18 15.47 -13.95
C VAL I 415 28.29 16.99 -13.92
N ALA I 416 27.45 17.65 -14.72
CA ALA I 416 27.43 19.11 -14.70
C ALA I 416 26.89 19.64 -13.39
N THR I 417 25.64 19.32 -13.07
CA THR I 417 24.98 19.85 -11.88
C THR I 417 24.41 18.72 -11.04
N LEU I 418 24.38 18.94 -9.73
CA LEU I 418 23.87 17.99 -8.74
C LEU I 418 24.26 16.54 -9.03
N ASP I 443 24.41 22.45 -1.73
CA ASP I 443 24.71 23.39 -2.80
C ASP I 443 23.68 24.51 -2.88
N LEU I 444 22.58 24.23 -3.60
CA LEU I 444 21.52 25.20 -3.89
C LEU I 444 22.05 26.29 -4.80
N GLU I 445 23.34 26.24 -5.08
CA GLU I 445 24.08 27.08 -6.01
C GLU I 445 25.48 26.53 -6.11
N THR I 446 26.02 26.45 -7.32
CA THR I 446 27.35 25.86 -7.50
C THR I 446 28.32 26.75 -6.75
N TYR I 447 28.80 26.26 -5.60
CA TYR I 447 29.55 27.13 -4.69
C TYR I 447 30.80 27.68 -5.33
N VAL I 448 31.46 26.92 -6.20
CA VAL I 448 32.69 27.41 -6.82
C VAL I 448 32.37 28.56 -7.77
N PHE I 449 31.34 28.40 -8.58
CA PHE I 449 30.97 29.47 -9.50
C PHE I 449 30.46 30.69 -8.76
N GLN I 450 29.68 30.49 -7.69
CA GLN I 450 29.17 31.62 -6.91
C GLN I 450 30.30 32.37 -6.22
N ASP I 451 31.24 31.64 -5.62
CA ASP I 451 32.38 32.29 -5.00
C ASP I 451 33.23 33.04 -6.01
N ASN I 452 33.42 32.46 -7.20
CA ASN I 452 34.18 33.16 -8.23
C ASN I 452 33.48 34.44 -8.66
N LEU I 453 32.16 34.38 -8.85
CA LEU I 453 31.42 35.59 -9.19
C LEU I 453 31.49 36.60 -8.06
N ALA I 454 31.49 36.16 -6.81
CA ALA I 454 31.60 37.08 -5.69
C ALA I 454 32.95 37.78 -5.68
N THR I 455 34.03 37.03 -5.91
CA THR I 455 35.34 37.65 -5.94
C THR I 455 35.46 38.65 -7.08
N ALA I 456 34.94 38.29 -8.26
CA ALA I 456 34.97 39.22 -9.38
C ALA I 456 34.13 40.46 -9.08
N MET I 457 32.97 40.29 -8.44
CA MET I 457 32.15 41.43 -8.10
C MET I 457 32.83 42.31 -7.05
N ARG I 458 33.61 41.72 -6.16
CA ARG I 458 34.39 42.54 -5.23
C ARG I 458 35.44 43.36 -5.97
N ARG I 459 36.10 42.76 -6.96
CA ARG I 459 37.01 43.56 -7.79
C ARG I 459 36.27 44.69 -8.49
N ASP I 460 35.06 44.39 -9.00
CA ASP I 460 34.24 45.43 -9.60
C ASP I 460 33.95 46.52 -8.59
N GLY I 461 33.70 46.15 -7.34
CA GLY I 461 33.47 47.13 -6.32
C GLY I 461 34.67 48.03 -6.09
N GLU I 462 35.87 47.45 -6.06
CA GLU I 462 37.07 48.27 -5.89
C GLU I 462 37.24 49.23 -7.05
N ILE I 463 37.07 48.76 -8.28
CA ILE I 463 37.23 49.62 -9.43
C ILE I 463 36.20 50.74 -9.41
N TYR I 464 34.94 50.39 -9.14
CA TYR I 464 33.89 51.40 -9.11
C TYR I 464 34.14 52.42 -8.01
N GLN I 465 34.57 51.96 -6.84
CA GLN I 465 34.84 52.90 -5.75
C GLN I 465 35.97 53.84 -6.11
N SER I 466 37.04 53.33 -6.72
CA SER I 466 38.14 54.21 -7.08
C SER I 466 37.71 55.24 -8.12
N ILE I 467 36.92 54.81 -9.10
CA ILE I 467 36.47 55.74 -10.14
C ILE I 467 35.52 56.78 -9.54
N VAL I 468 34.67 56.36 -8.60
CA VAL I 468 33.82 57.33 -7.89
C VAL I 468 34.67 58.32 -7.10
N ASN I 469 35.71 57.82 -6.43
CA ASN I 469 36.58 58.71 -5.67
C ASN I 469 37.24 59.73 -6.57
N ASP I 470 37.59 59.35 -7.80
CA ASP I 470 38.32 60.24 -8.68
C ASP I 470 37.44 61.08 -9.59
N ILE I 471 36.12 60.82 -9.65
CA ILE I 471 35.20 61.61 -10.46
C ILE I 471 34.28 62.46 -9.61
N TYR I 472 33.60 61.86 -8.64
CA TYR I 472 32.60 62.60 -7.88
C TYR I 472 33.25 63.62 -6.96
N ASP I 473 33.85 64.65 -7.56
CA ASP I 473 34.50 65.73 -6.82
C ASP I 473 33.65 66.99 -6.79
N VAL I 474 33.20 67.45 -7.95
CA VAL I 474 32.40 68.67 -8.06
C VAL I 474 31.09 68.44 -7.33
N PRO I 475 30.52 69.47 -6.68
CA PRO I 475 29.16 69.32 -6.12
C PRO I 475 28.18 68.77 -7.14
N ARG I 476 27.56 67.65 -6.79
CA ARG I 476 26.68 66.93 -7.70
C ARG I 476 25.38 66.58 -7.00
N ASN I 477 24.39 66.19 -7.81
CA ASN I 477 23.18 65.57 -7.31
C ASN I 477 23.12 64.17 -7.89
N VAL I 478 22.97 63.17 -7.01
CA VAL I 478 22.94 61.78 -7.41
C VAL I 478 21.67 61.15 -6.86
N THR I 479 21.34 59.98 -7.41
CA THR I 479 20.24 59.17 -6.93
C THR I 479 20.80 57.95 -6.21
N ILE I 480 20.21 57.62 -5.08
CA ILE I 480 20.66 56.51 -4.24
C ILE I 480 19.52 55.51 -4.15
N THR I 481 19.84 54.24 -4.37
CA THR I 481 18.87 53.17 -4.18
C THR I 481 19.21 52.51 -2.85
N LEU I 482 18.59 53.00 -1.78
CA LEU I 482 18.72 52.35 -0.50
C LEU I 482 18.15 50.94 -0.58
N GLU I 483 18.39 50.16 0.45
CA GLU I 483 17.94 48.78 0.42
C GLU I 483 16.41 48.74 0.40
N ASP I 484 15.88 47.63 -0.10
CA ASP I 484 14.44 47.43 -0.30
C ASP I 484 13.91 48.34 -1.40
N GLY I 485 14.71 48.57 -2.44
CA GLY I 485 14.28 49.32 -3.60
C GLY I 485 13.83 50.74 -3.34
N SER I 486 13.98 51.25 -2.13
CA SER I 486 13.49 52.57 -1.78
C SER I 486 14.37 53.62 -2.44
N GLU I 487 13.87 54.21 -3.53
CA GLU I 487 14.59 55.28 -4.20
C GLU I 487 14.80 56.45 -3.25
N LYS I 488 15.84 57.23 -3.51
CA LYS I 488 16.09 58.43 -2.72
C LYS I 488 16.93 59.38 -3.53
N ASP I 489 16.82 60.67 -3.20
CA ASP I 489 17.59 61.73 -3.83
C ASP I 489 18.51 62.34 -2.78
N VAL I 490 19.79 62.50 -3.14
CA VAL I 490 20.80 62.98 -2.20
C VAL I 490 21.79 63.85 -2.95
N GLN I 491 22.16 64.97 -2.34
CA GLN I 491 23.24 65.80 -2.84
C GLN I 491 24.57 65.33 -2.26
N LEU I 492 25.64 65.47 -3.04
CA LEU I 492 26.91 64.88 -2.64
C LEU I 492 27.67 65.78 -1.66
N MET I 493 27.94 67.03 -2.03
CA MET I 493 28.71 67.89 -1.13
C MET I 493 27.83 68.50 -0.05
N ALA I 494 26.78 69.21 -0.45
CA ALA I 494 25.83 69.82 0.48
C ALA I 494 26.57 70.78 1.43
N GLU I 495 27.08 71.85 0.82
CA GLU I 495 27.97 72.81 1.48
C GLU I 495 27.31 73.56 2.63
N VAL I 496 26.04 73.28 2.95
CA VAL I 496 25.31 74.04 3.96
C VAL I 496 26.09 74.10 5.26
N VAL I 497 26.13 75.30 5.85
CA VAL I 497 26.82 75.54 7.12
C VAL I 497 25.87 75.19 8.25
N ASP I 498 26.44 74.67 9.35
CA ASP I 498 25.65 74.18 10.46
C ASP I 498 24.92 75.34 11.16
N LEU I 499 23.93 74.98 11.97
CA LEU I 499 23.16 75.97 12.73
C LEU I 499 23.72 76.15 14.14
N ALA I 500 23.75 75.08 14.93
CA ALA I 500 24.19 75.14 16.32
C ALA I 500 25.66 74.83 16.50
N THR I 501 26.39 74.52 15.42
CA THR I 501 27.80 74.17 15.50
C THR I 501 28.70 75.33 15.13
N GLY I 502 28.52 75.91 13.95
CA GLY I 502 29.32 77.01 13.49
C GLY I 502 30.43 76.67 12.52
N GLU I 503 30.64 75.38 12.23
CA GLU I 503 31.66 74.94 11.30
C GLU I 503 31.04 74.66 9.93
N LYS I 504 31.92 74.39 8.96
CA LYS I 504 31.44 74.15 7.60
C LYS I 504 30.75 72.80 7.51
N GLN I 505 31.49 71.71 7.75
CA GLN I 505 30.92 70.37 7.91
C GLN I 505 30.13 69.95 6.66
N VAL I 506 30.87 69.77 5.56
CA VAL I 506 30.26 69.19 4.37
C VAL I 506 29.64 67.86 4.72
N LEU I 507 28.48 67.59 4.13
CA LEU I 507 27.62 66.52 4.65
C LEU I 507 28.15 65.13 4.30
N ASN I 508 28.23 64.82 3.00
CA ASN I 508 28.53 63.46 2.58
C ASN I 508 30.00 63.25 2.23
N ASP I 509 30.51 63.99 1.23
CA ASP I 509 31.93 63.97 0.89
C ASP I 509 32.43 62.54 0.64
N ILE I 510 31.93 61.97 -0.44
CA ILE I 510 32.20 60.57 -0.79
C ILE I 510 33.70 60.29 -0.85
N ARG I 511 34.49 61.26 -1.29
CA ARG I 511 35.92 61.06 -1.46
C ARG I 511 36.56 60.54 -0.17
N GLY I 512 37.27 59.43 -0.27
CA GLY I 512 37.93 58.83 0.87
C GLY I 512 38.75 57.61 0.51
N ARG I 513 38.75 56.60 1.38
CA ARG I 513 39.41 55.33 1.09
C ARG I 513 38.55 54.22 1.65
N TYR I 514 38.21 53.24 0.81
CA TYR I 514 37.24 52.22 1.16
C TYR I 514 37.69 50.87 0.61
N GLU I 515 37.39 49.81 1.35
CA GLU I 515 37.61 48.46 0.88
C GLU I 515 36.28 47.75 0.78
N CYS I 516 36.14 46.90 -0.23
CA CYS I 516 34.87 46.24 -0.50
C CYS I 516 34.85 44.84 0.11
N TYR I 517 33.70 44.45 0.64
CA TYR I 517 33.52 43.10 1.14
C TYR I 517 32.08 42.69 0.89
N THR I 518 31.88 41.54 0.25
CA THR I 518 30.57 41.10 -0.18
C THR I 518 30.01 40.07 0.80
N ASP I 519 28.70 40.12 1.01
CA ASP I 519 28.00 39.19 1.89
C ASP I 519 27.03 38.38 1.02
N VAL I 520 27.54 37.30 0.44
CA VAL I 520 26.69 36.41 -0.34
C VAL I 520 25.87 35.54 0.60
N GLY I 521 24.58 35.43 0.32
CA GLY I 521 23.71 34.62 1.14
C GLY I 521 22.25 34.98 1.01
N PRO I 522 21.59 35.21 2.14
CA PRO I 522 20.14 35.46 2.13
C PRO I 522 19.83 36.80 1.46
N SER I 523 19.07 36.73 0.38
CA SER I 523 18.62 37.95 -0.28
C SER I 523 17.62 38.68 0.62
N PHE I 524 17.48 39.98 0.39
CA PHE I 524 16.66 40.80 1.28
C PHE I 524 15.21 40.35 1.27
N GLN I 525 14.67 40.03 0.09
CA GLN I 525 13.30 39.54 0.04
C GLN I 525 13.18 38.21 0.77
N SER I 526 14.18 37.34 0.64
CA SER I 526 14.17 36.10 1.40
C SER I 526 14.24 36.36 2.90
N MET I 527 15.05 37.35 3.30
CA MET I 527 15.11 37.72 4.71
C MET I 527 13.74 38.17 5.20
N LYS I 528 13.06 38.99 4.42
CA LYS I 528 11.75 39.49 4.84
C LYS I 528 10.72 38.36 4.90
N GLN I 529 10.76 37.45 3.94
CA GLN I 529 9.81 36.33 3.97
C GLN I 529 10.06 35.44 5.18
N GLN I 530 11.32 35.17 5.50
CA GLN I 530 11.61 34.38 6.69
C GLN I 530 11.18 35.11 7.96
N ASN I 531 11.36 36.43 8.00
CA ASN I 531 10.91 37.21 9.14
C ASN I 531 9.40 37.13 9.30
N ARG I 532 8.66 37.25 8.21
CA ARG I 532 7.21 37.13 8.28
C ARG I 532 6.79 35.74 8.75
N ALA I 533 7.49 34.70 8.28
CA ALA I 533 7.17 33.36 8.73
C ALA I 533 7.39 33.21 10.23
N GLU I 534 8.49 33.75 10.74
CA GLU I 534 8.78 33.66 12.17
C GLU I 534 7.74 34.42 13.00
N ILE I 535 7.38 35.63 12.54
CA ILE I 535 6.40 36.41 13.28
C ILE I 535 5.04 35.72 13.26
N LEU I 536 4.67 35.12 12.12
CA LEU I 536 3.41 34.40 12.06
C LEU I 536 3.42 33.20 13.00
N GLU I 537 4.54 32.49 13.08
CA GLU I 537 4.64 31.38 14.03
C GLU I 537 4.46 31.86 15.46
N LEU I 538 5.10 32.99 15.82
CA LEU I 538 4.94 33.52 17.16
C LEU I 538 3.49 33.91 17.43
N LEU I 539 2.83 34.52 16.45
CA LEU I 539 1.40 34.82 16.59
C LEU I 539 0.60 33.55 16.84
N GLY I 540 1.02 32.44 16.21
CA GLY I 540 0.37 31.18 16.49
C GLY I 540 0.66 30.65 17.89
N LYS I 541 1.79 31.06 18.47
CA LYS I 541 2.19 30.54 19.78
C LYS I 541 2.32 31.61 20.85
N THR I 542 1.32 32.48 20.96
CA THR I 542 1.36 33.53 21.96
C THR I 542 -0.06 33.85 22.41
N PRO I 543 -0.32 33.96 23.72
CA PRO I 543 -1.65 34.32 24.18
C PRO I 543 -2.03 35.73 23.72
N GLN I 544 -3.32 35.92 23.50
CA GLN I 544 -3.85 37.14 22.92
C GLN I 544 -4.01 38.24 23.98
N GLY I 545 -4.27 39.45 23.50
CA GLY I 545 -4.55 40.57 24.37
C GLY I 545 -3.30 41.25 24.92
N THR I 546 -2.28 40.48 25.24
CA THR I 546 -1.07 41.04 25.82
C THR I 546 -0.40 41.97 24.82
N PRO I 547 0.30 43.01 25.30
CA PRO I 547 0.97 43.93 24.36
C PRO I 547 1.97 43.26 23.45
N GLU I 548 2.53 42.12 23.84
CA GLU I 548 3.42 41.38 22.94
C GLU I 548 2.67 40.93 21.69
N TYR I 549 1.45 40.42 21.86
CA TYR I 549 0.66 39.99 20.71
C TYR I 549 0.33 41.16 19.80
N GLN I 550 -0.08 42.29 20.38
CA GLN I 550 -0.38 43.46 19.55
C GLN I 550 0.85 43.94 18.81
N LEU I 551 2.00 43.95 19.49
CA LEU I 551 3.23 44.39 18.84
C LEU I 551 3.61 43.45 17.70
N LEU I 552 3.50 42.13 17.91
CA LEU I 552 3.82 41.19 16.87
C LEU I 552 2.89 41.34 15.67
N LEU I 553 1.60 41.51 15.94
CA LEU I 553 0.64 41.69 14.84
C LEU I 553 0.93 42.96 14.06
N LEU I 554 1.26 44.05 14.77
CA LEU I 554 1.56 45.30 14.09
C LEU I 554 2.83 45.17 13.25
N GLN I 555 3.84 44.46 13.77
CA GLN I 555 5.06 44.29 13.00
C GLN I 555 4.82 43.39 11.79
N TYR I 556 3.94 42.41 11.92
CA TYR I 556 3.57 41.63 10.75
C TYR I 556 2.88 42.50 9.71
N PHE I 557 2.03 43.42 10.16
CA PHE I 557 1.39 44.35 9.24
C PHE I 557 2.43 45.17 8.50
N THR I 558 3.43 45.69 9.22
CA THR I 558 4.37 46.61 8.57
C THR I 558 5.35 45.86 7.68
N LEU I 559 5.33 44.53 7.69
CA LEU I 559 6.18 43.73 6.82
C LEU I 559 5.47 43.21 5.58
N LEU I 560 4.27 43.72 5.28
CA LEU I 560 3.51 43.21 4.16
C LEU I 560 4.06 43.79 2.85
N ASP I 561 3.34 43.55 1.76
CA ASP I 561 3.74 43.99 0.43
C ASP I 561 3.15 45.36 0.15
N GLY I 562 3.14 45.80 -1.10
CA GLY I 562 2.94 47.20 -1.42
C GLY I 562 1.51 47.66 -1.64
N LYS I 563 1.14 47.86 -2.91
CA LYS I 563 -0.05 48.63 -3.26
C LYS I 563 -1.31 48.13 -2.58
N GLY I 564 -1.48 46.82 -2.49
CA GLY I 564 -2.71 46.25 -1.99
C GLY I 564 -3.05 46.62 -0.55
N VAL I 565 -2.08 46.54 0.35
CA VAL I 565 -2.34 46.69 1.77
C VAL I 565 -1.61 47.92 2.32
N GLU I 566 -1.46 48.95 1.48
CA GLU I 566 -0.76 50.16 1.91
C GLU I 566 -1.45 50.79 3.12
N MET I 567 -2.78 50.82 3.11
CA MET I 567 -3.50 51.42 4.23
C MET I 567 -3.27 50.66 5.53
N MET I 568 -3.21 49.32 5.46
CA MET I 568 -2.91 48.54 6.65
C MET I 568 -1.52 48.85 7.18
N ARG I 569 -0.53 48.95 6.28
CA ARG I 569 0.82 49.27 6.73
C ARG I 569 0.88 50.65 7.36
N ASP I 570 0.18 51.63 6.77
CA ASP I 570 0.17 52.97 7.35
C ASP I 570 -0.50 52.98 8.71
N TYR I 571 -1.60 52.25 8.86
CA TYR I 571 -2.24 52.15 10.17
C TYR I 571 -1.31 51.49 11.18
N ALA I 572 -0.57 50.47 10.75
CA ALA I 572 0.37 49.82 11.65
C ALA I 572 1.45 50.79 12.10
N ASN I 573 1.98 51.59 11.17
CA ASN I 573 2.98 52.58 11.56
C ASN I 573 2.41 53.58 12.55
N LYS I 574 1.19 54.04 12.32
CA LYS I 574 0.58 54.98 13.25
C LYS I 574 0.41 54.35 14.62
N GLN I 575 -0.07 53.11 14.68
CA GLN I 575 -0.28 52.45 15.96
C GLN I 575 1.04 52.22 16.69
N LEU I 576 2.08 51.83 15.96
CA LEU I 576 3.38 51.63 16.58
C LEU I 576 3.95 52.92 17.12
N ILE I 577 3.84 54.00 16.35
CA ILE I 577 4.42 55.27 16.78
C ILE I 577 3.66 55.83 17.98
N GLN I 578 2.33 55.78 17.94
CA GLN I 578 1.54 56.23 19.08
C GLN I 578 1.66 55.30 20.28
N MET I 579 2.06 54.05 20.07
CA MET I 579 2.34 53.15 21.18
C MET I 579 3.65 53.51 21.85
N GLY I 580 4.61 54.06 21.10
CA GLY I 580 5.88 54.46 21.64
C GLY I 580 7.02 53.50 21.38
N VAL I 581 6.80 52.44 20.60
CA VAL I 581 7.85 51.47 20.35
C VAL I 581 8.74 51.90 19.19
N LYS I 582 8.12 52.27 18.07
CA LYS I 582 8.86 52.74 16.91
C LYS I 582 9.05 54.25 16.98
N LYS I 583 10.28 54.69 16.77
CA LYS I 583 10.59 56.10 16.85
C LYS I 583 9.93 56.86 15.70
N PRO I 584 9.46 58.09 15.95
CA PRO I 584 8.91 58.91 14.86
C PRO I 584 10.00 59.34 13.90
N GLU I 585 9.60 59.56 12.64
CA GLU I 585 10.54 59.94 11.60
C GLU I 585 10.15 61.21 10.85
N THR I 586 9.04 61.85 11.22
CA THR I 586 8.58 63.05 10.53
C THR I 586 7.62 63.79 11.45
N PRO I 587 7.54 65.12 11.34
CA PRO I 587 6.78 65.89 12.35
C PRO I 587 5.32 65.51 12.49
N GLU I 588 4.66 65.01 11.44
CA GLU I 588 3.28 64.55 11.61
C GLU I 588 3.23 63.37 12.57
N GLU I 589 4.20 62.46 12.47
CA GLU I 589 4.28 61.36 13.42
C GLU I 589 4.56 61.87 14.84
N GLN I 590 5.39 62.91 14.95
CA GLN I 590 5.63 63.50 16.27
C GLN I 590 4.34 64.08 16.86
N GLN I 591 3.55 64.77 16.03
CA GLN I 591 2.27 65.28 16.50
C GLN I 591 1.35 64.14 16.92
N TRP I 592 1.34 63.05 16.15
CA TRP I 592 0.54 61.89 16.54
C TRP I 592 0.99 61.33 17.88
N LEU I 593 2.30 61.23 18.09
CA LEU I 593 2.83 60.69 19.33
C LEU I 593 2.42 61.56 20.51
N VAL I 594 2.60 62.88 20.39
CA VAL I 594 2.26 63.74 21.51
C VAL I 594 0.75 63.76 21.75
N GLU I 595 -0.06 63.70 20.69
CA GLU I 595 -1.51 63.65 20.85
C GLU I 595 -1.93 62.39 21.58
N ALA I 596 -1.34 61.25 21.21
CA ALA I 596 -1.67 60.01 21.90
C ALA I 596 -1.22 60.02 23.35
N GLN I 597 -0.01 60.55 23.61
CA GLN I 597 0.52 60.55 24.97
C GLN I 597 -0.29 61.46 25.89
N GLN I 598 -0.56 62.69 25.43
CA GLN I 598 -1.30 63.63 26.27
C GLN I 598 -2.78 63.29 26.36
N ALA I 599 -3.27 62.37 25.54
CA ALA I 599 -4.68 61.99 25.56
C ALA I 599 -5.06 61.35 26.90
N ASN J 6 25.25 60.20 -55.72
CA ASN J 6 26.27 59.48 -54.96
C ASN J 6 25.74 59.02 -53.62
N ARG J 7 24.70 59.70 -53.12
CA ARG J 7 24.12 59.34 -51.84
C ARG J 7 23.62 57.91 -51.84
N LEU J 8 22.92 57.53 -52.91
CA LEU J 8 22.38 56.17 -52.98
C LEU J 8 23.50 55.14 -53.01
N GLU J 9 24.65 55.48 -53.59
CA GLU J 9 25.75 54.52 -53.57
C GLU J 9 26.27 54.29 -52.16
N SER J 10 26.33 55.35 -51.35
CA SER J 10 26.69 55.17 -49.94
C SER J 10 25.64 54.35 -49.20
N ILE J 11 24.37 54.63 -49.46
CA ILE J 11 23.30 53.87 -48.80
C ILE J 11 23.41 52.40 -49.14
N LEU J 12 23.60 52.09 -50.42
CA LEU J 12 23.68 50.70 -50.85
C LEU J 12 24.96 50.05 -50.36
N SER J 13 26.05 50.79 -50.25
CA SER J 13 27.26 50.22 -49.67
C SER J 13 27.02 49.79 -48.23
N ARG J 14 26.39 50.66 -47.43
CA ARG J 14 26.11 50.30 -46.04
C ARG J 14 25.16 49.12 -45.97
N PHE J 15 24.11 49.13 -46.79
CA PHE J 15 23.13 48.05 -46.75
C PHE J 15 23.74 46.72 -47.18
N ASP J 16 24.58 46.73 -48.22
CA ASP J 16 25.23 45.50 -48.65
C ASP J 16 26.19 45.00 -47.60
N ALA J 17 26.93 45.89 -46.95
CA ALA J 17 27.83 45.46 -45.88
C ALA J 17 27.05 44.78 -44.76
N ASP J 18 25.94 45.39 -44.34
CA ASP J 18 25.13 44.81 -43.27
C ASP J 18 24.56 43.46 -43.69
N TRP J 19 24.07 43.38 -44.93
CA TRP J 19 23.48 42.15 -45.44
C TRP J 19 24.51 41.01 -45.45
N THR J 20 25.67 41.25 -46.05
CA THR J 20 26.67 40.19 -46.13
C THR J 20 27.23 39.85 -44.76
N ALA J 21 27.25 40.81 -43.83
CA ALA J 21 27.74 40.49 -42.49
C ALA J 21 26.75 39.61 -41.73
N SER J 22 25.45 39.81 -41.92
CA SER J 22 24.46 39.02 -41.20
C SER J 22 23.90 37.88 -42.03
N ASP J 23 24.51 37.57 -43.18
CA ASP J 23 23.99 36.54 -44.07
C ASP J 23 23.87 35.19 -43.39
N GLU J 24 24.89 34.76 -42.65
CA GLU J 24 24.86 33.41 -42.08
C GLU J 24 23.72 33.27 -41.06
N ALA J 25 23.61 34.24 -40.15
CA ALA J 25 22.54 34.19 -39.15
C ALA J 25 21.18 34.27 -39.82
N ARG J 26 21.03 35.13 -40.82
CA ARG J 26 19.75 35.24 -41.51
C ARG J 26 19.40 33.95 -42.22
N ARG J 27 20.37 33.28 -42.83
CA ARG J 27 20.12 32.00 -43.49
C ARG J 27 19.62 30.97 -42.48
N GLU J 28 20.33 30.82 -41.37
CA GLU J 28 19.91 29.81 -40.41
C GLU J 28 18.56 30.15 -39.79
N ALA J 29 18.29 31.43 -39.53
CA ALA J 29 16.99 31.79 -38.97
C ALA J 29 15.86 31.57 -39.96
N LYS J 30 16.08 31.89 -41.24
CA LYS J 30 15.05 31.62 -42.23
C LYS J 30 14.78 30.13 -42.35
N ASN J 31 15.83 29.31 -42.29
CA ASN J 31 15.62 27.87 -42.32
C ASN J 31 14.83 27.42 -41.10
N ASP J 32 15.13 27.99 -39.93
CA ASP J 32 14.38 27.65 -38.71
C ASP J 32 12.91 27.99 -38.85
N LEU J 33 12.63 29.21 -39.31
CA LEU J 33 11.25 29.64 -39.45
C LEU J 33 10.51 28.79 -40.47
N PHE J 34 11.16 28.48 -41.59
CA PHE J 34 10.53 27.65 -42.61
C PHE J 34 10.29 26.24 -42.10
N PHE J 35 11.19 25.72 -41.27
CA PHE J 35 10.97 24.41 -40.67
C PHE J 35 9.80 24.43 -39.71
N SER J 36 9.63 25.51 -38.95
CA SER J 36 8.59 25.56 -37.93
C SER J 36 7.27 26.09 -38.45
N ARG J 37 7.14 26.36 -39.74
CA ARG J 37 5.87 26.87 -40.26
C ARG J 37 5.41 26.25 -41.56
N VAL J 38 6.26 25.53 -42.30
CA VAL J 38 5.85 25.02 -43.60
C VAL J 38 5.97 23.51 -43.65
N SER J 39 7.18 22.98 -43.49
CA SER J 39 7.41 21.55 -43.64
C SER J 39 8.66 21.15 -42.88
N GLN J 40 8.55 20.07 -42.10
CA GLN J 40 9.69 19.62 -41.30
C GLN J 40 10.80 19.07 -42.17
N TRP J 41 10.49 18.65 -43.40
CA TRP J 41 11.44 17.91 -44.23
C TRP J 41 12.20 18.88 -45.12
N ASP J 42 13.33 19.37 -44.63
CA ASP J 42 14.20 20.22 -45.44
C ASP J 42 14.72 19.45 -46.64
N ASP J 43 15.39 20.14 -47.57
CA ASP J 43 15.84 19.47 -48.77
C ASP J 43 17.02 18.54 -48.49
N TRP J 44 17.92 18.94 -47.59
CA TRP J 44 19.00 18.05 -47.20
C TRP J 44 18.46 16.70 -46.75
N LEU J 45 17.45 16.71 -45.88
CA LEU J 45 16.89 15.45 -45.40
C LEU J 45 16.20 14.69 -46.52
N SER J 46 15.56 15.39 -47.45
CA SER J 46 14.97 14.71 -48.59
C SER J 46 16.02 14.08 -49.49
N GLN J 47 17.27 14.54 -49.40
CA GLN J 47 18.33 13.87 -50.17
C GLN J 47 18.89 12.68 -49.41
N TYR J 48 19.27 12.87 -48.15
CA TYR J 48 19.59 11.74 -47.27
C TYR J 48 18.31 11.17 -46.69
N THR J 49 17.64 10.36 -47.51
CA THR J 49 16.58 9.46 -47.09
C THR J 49 16.12 8.74 -48.35
N THR J 50 15.37 7.67 -48.15
CA THR J 50 14.76 6.98 -49.28
C THR J 50 13.30 6.68 -48.97
N LEU J 51 12.85 6.98 -47.76
CA LEU J 51 11.47 6.79 -47.35
C LEU J 51 10.52 7.36 -48.39
N GLN J 52 9.42 6.65 -48.63
CA GLN J 52 8.44 7.09 -49.61
C GLN J 52 7.27 7.85 -49.00
N TYR J 53 6.98 7.63 -47.72
CA TYR J 53 5.91 8.36 -47.05
C TYR J 53 6.54 9.37 -46.11
N ARG J 54 6.76 10.57 -46.61
CA ARG J 54 7.29 11.65 -45.79
C ARG J 54 6.16 12.22 -44.96
N GLY J 55 6.24 12.06 -43.64
CA GLY J 55 5.21 12.51 -42.73
C GLY J 55 5.73 13.61 -41.82
N GLN J 56 4.81 14.25 -41.10
CA GLN J 56 5.16 15.28 -40.12
C GLN J 56 4.34 15.04 -38.86
N PHE J 57 4.87 14.21 -37.96
CA PHE J 57 4.25 13.98 -36.66
C PHE J 57 5.01 14.79 -35.61
N ASP J 58 4.77 16.10 -35.63
CA ASP J 58 5.63 17.03 -34.90
C ASP J 58 5.19 17.19 -33.45
N VAL J 59 6.15 17.52 -32.59
CA VAL J 59 5.86 17.89 -31.22
C VAL J 59 6.57 19.19 -30.90
N VAL J 60 6.87 19.98 -31.93
CA VAL J 60 7.50 21.27 -31.72
C VAL J 60 6.47 22.32 -31.33
N ARG J 61 5.40 22.43 -32.12
CA ARG J 61 4.38 23.44 -31.84
C ARG J 61 3.76 23.34 -30.46
N PRO J 62 3.49 22.16 -29.89
CA PRO J 62 3.09 22.15 -28.48
C PRO J 62 4.10 22.82 -27.57
N VAL J 63 5.39 22.64 -27.81
CA VAL J 63 6.40 23.27 -26.98
C VAL J 63 6.38 24.79 -27.16
N VAL J 64 6.30 25.25 -28.42
CA VAL J 64 6.27 26.68 -28.66
C VAL J 64 5.04 27.31 -28.04
N ARG J 65 3.90 26.63 -28.13
CA ARG J 65 2.68 27.13 -27.51
C ARG J 65 2.83 27.21 -26.00
N LYS J 66 3.42 26.20 -25.39
CA LYS J 66 3.64 26.26 -23.95
C LYS J 66 4.53 27.43 -23.58
N LEU J 67 5.60 27.66 -24.33
CA LEU J 67 6.49 28.77 -24.01
C LEU J 67 5.78 30.12 -24.16
N VAL J 68 5.01 30.30 -25.23
CA VAL J 68 4.34 31.58 -25.43
C VAL J 68 3.31 31.83 -24.34
N SER J 69 2.53 30.80 -23.99
CA SER J 69 1.57 30.96 -22.91
C SER J 69 2.27 31.29 -21.61
N GLU J 70 3.39 30.62 -21.35
CA GLU J 70 4.12 30.83 -20.10
C GLU J 70 4.68 32.25 -20.03
N MET J 71 5.06 32.81 -21.19
CA MET J 71 5.31 34.25 -21.26
C MET J 71 4.07 35.06 -20.89
N ARG J 72 2.94 34.73 -21.51
CA ARG J 72 1.73 35.50 -21.35
C ARG J 72 1.28 35.57 -19.90
N GLN J 73 1.62 34.56 -19.10
CA GLN J 73 1.21 34.51 -17.70
C GLN J 73 2.16 35.27 -16.79
N ASN J 74 3.23 35.87 -17.30
CA ASN J 74 4.16 36.67 -16.51
C ASN J 74 4.37 38.01 -17.21
N PRO J 75 3.39 38.90 -17.14
CA PRO J 75 3.46 40.12 -17.95
C PRO J 75 4.52 41.08 -17.45
N ILE J 76 5.07 41.86 -18.36
CA ILE J 76 6.17 42.79 -18.09
C ILE J 76 5.63 44.21 -18.14
N ASP J 77 5.88 44.96 -17.08
CA ASP J 77 5.48 46.36 -17.02
C ASP J 77 6.69 47.25 -17.29
N VAL J 78 6.41 48.46 -17.76
CA VAL J 78 7.45 49.45 -18.01
C VAL J 78 7.20 50.64 -17.11
N LEU J 79 8.24 51.07 -16.43
CA LEU J 79 8.19 52.18 -15.48
C LEU J 79 8.93 53.37 -16.08
N TYR J 80 9.00 54.45 -15.31
CA TYR J 80 9.69 55.65 -15.80
C TYR J 80 10.33 56.37 -14.62
N ARG J 81 11.65 56.38 -14.59
CA ARG J 81 12.38 57.16 -13.60
C ARG J 81 12.31 58.63 -13.99
N PRO J 82 11.78 59.51 -13.15
CA PRO J 82 11.76 60.94 -13.49
C PRO J 82 13.13 61.55 -13.22
N LYS J 83 13.70 62.19 -14.22
CA LYS J 83 15.04 62.76 -14.12
C LYS J 83 14.99 64.27 -14.25
N ASP J 84 16.09 64.91 -13.86
CA ASP J 84 16.27 66.36 -13.97
C ASP J 84 15.13 67.11 -13.28
N GLY J 85 14.77 66.64 -12.09
CA GLY J 85 13.83 67.34 -11.25
C GLY J 85 12.40 67.35 -11.75
N ALA J 86 12.04 66.45 -12.66
CA ALA J 86 10.67 66.37 -13.12
C ALA J 86 9.77 65.82 -12.01
N ARG J 87 8.54 66.30 -11.96
CA ARG J 87 7.62 65.91 -10.91
C ARG J 87 7.22 64.44 -11.05
N PRO J 88 6.99 63.76 -9.94
CA PRO J 88 6.52 62.37 -10.03
C PRO J 88 5.17 62.22 -10.70
N ASP J 89 4.34 63.28 -10.69
CA ASP J 89 3.03 63.17 -11.34
C ASP J 89 3.15 63.05 -12.85
N ALA J 90 4.08 63.76 -13.46
CA ALA J 90 4.33 63.57 -14.89
C ALA J 90 4.82 62.15 -15.17
N ALA J 91 5.67 61.62 -14.28
CA ALA J 91 6.10 60.24 -14.43
C ALA J 91 4.92 59.29 -14.37
N ASP J 92 3.99 59.52 -13.44
CA ASP J 92 2.81 58.67 -13.35
C ASP J 92 1.94 58.78 -14.61
N VAL J 93 1.84 59.99 -15.15
CA VAL J 93 1.05 60.15 -16.37
C VAL J 93 1.68 59.38 -17.53
N LEU J 94 3.00 59.45 -17.67
CA LEU J 94 3.64 58.63 -18.71
C LEU J 94 3.50 57.14 -18.43
N MET J 95 3.59 56.73 -17.17
CA MET J 95 3.36 55.34 -16.83
C MET J 95 2.01 54.87 -17.36
N GLY J 96 0.96 55.62 -17.03
CA GLY J 96 -0.37 55.24 -17.46
C GLY J 96 -0.55 55.34 -18.97
N MET J 97 0.06 56.34 -19.59
CA MET J 97 -0.07 56.49 -21.04
C MET J 97 0.59 55.34 -21.77
N TYR J 98 1.77 54.92 -21.33
CA TYR J 98 2.39 53.74 -21.93
C TYR J 98 1.54 52.51 -21.67
N ARG J 99 0.95 52.39 -20.49
CA ARG J 99 0.11 51.24 -20.23
C ARG J 99 -1.10 51.20 -21.16
N THR J 100 -1.72 52.33 -21.42
CA THR J 100 -2.88 52.33 -22.31
C THR J 100 -2.50 52.25 -23.78
N ASP J 101 -1.26 52.57 -24.14
CA ASP J 101 -0.82 52.37 -25.50
C ASP J 101 -0.24 50.99 -25.73
N MET J 102 0.03 50.23 -24.67
CA MET J 102 0.43 48.83 -24.77
C MET J 102 -0.73 47.87 -24.60
N ARG J 103 -1.83 48.31 -23.99
CA ARG J 103 -3.00 47.46 -23.87
C ARG J 103 -3.90 47.53 -25.09
N HIS J 104 -3.66 48.48 -25.99
CA HIS J 104 -4.43 48.57 -27.22
C HIS J 104 -4.20 47.32 -28.06
N ASN J 105 -5.24 46.87 -28.77
CA ASN J 105 -5.20 45.55 -29.37
C ASN J 105 -4.14 45.45 -30.48
N THR J 106 -3.90 46.52 -31.22
CA THR J 106 -2.87 46.47 -32.25
C THR J 106 -1.49 46.22 -31.63
N ALA J 107 -1.21 46.89 -30.53
CA ALA J 107 0.05 46.65 -29.83
C ALA J 107 0.14 45.22 -29.32
N LYS J 108 -0.97 44.66 -28.86
CA LYS J 108 -0.96 43.27 -28.42
C LYS J 108 -0.68 42.33 -29.57
N ILE J 109 -1.25 42.59 -30.75
CA ILE J 109 -0.94 41.76 -31.91
C ILE J 109 0.54 41.86 -32.26
N ALA J 110 1.09 43.08 -32.26
CA ALA J 110 2.49 43.25 -32.60
C ALA J 110 3.41 42.53 -31.62
N VAL J 111 3.15 42.68 -30.32
CA VAL J 111 3.99 42.03 -29.34
C VAL J 111 3.86 40.52 -29.45
N ASN J 112 2.64 40.01 -29.68
CA ASN J 112 2.47 38.57 -29.78
C ASN J 112 3.21 38.00 -30.99
N ILE J 113 3.14 38.68 -32.13
CA ILE J 113 3.87 38.20 -33.31
C ILE J 113 5.37 38.24 -33.07
N ALA J 114 5.85 39.32 -32.45
CA ALA J 114 7.28 39.42 -32.17
C ALA J 114 7.73 38.31 -31.24
N VAL J 115 6.98 38.02 -30.19
CA VAL J 115 7.37 36.99 -29.26
C VAL J 115 7.32 35.62 -29.91
N ARG J 116 6.30 35.36 -30.73
CA ARG J 116 6.20 34.07 -31.41
C ARG J 116 7.36 33.85 -32.35
N GLU J 117 7.77 34.89 -33.09
CA GLU J 117 8.93 34.73 -33.97
C GLU J 117 10.24 34.70 -33.19
N GLN J 118 10.29 35.32 -32.02
CA GLN J 118 11.44 35.15 -31.14
C GLN J 118 11.59 33.69 -30.74
N ILE J 119 10.51 33.08 -30.29
CA ILE J 119 10.59 31.71 -29.80
C ILE J 119 10.85 30.74 -30.93
N GLU J 120 10.25 30.97 -32.10
CA GLU J 120 10.48 30.06 -33.20
C GLU J 120 11.82 30.30 -33.89
N ALA J 121 12.00 31.48 -34.47
CA ALA J 121 13.21 31.73 -35.24
C ALA J 121 14.34 32.25 -34.36
N GLY J 122 14.10 33.37 -33.69
CA GLY J 122 15.12 33.99 -32.85
C GLY J 122 15.08 35.49 -32.86
N VAL J 123 14.34 36.08 -33.81
CA VAL J 123 14.22 37.54 -33.91
C VAL J 123 12.76 37.88 -34.17
N GLY J 124 12.25 38.91 -33.49
CA GLY J 124 10.88 39.32 -33.75
C GLY J 124 10.66 40.74 -34.24
N ALA J 125 11.47 41.68 -33.75
CA ALA J 125 11.55 43.04 -34.26
C ALA J 125 10.22 43.72 -34.61
N TRP J 126 9.35 43.97 -33.64
CA TRP J 126 8.18 44.78 -33.95
C TRP J 126 8.60 46.25 -34.08
N ARG J 127 7.69 47.06 -34.62
CA ARG J 127 8.04 48.42 -35.04
C ARG J 127 7.06 49.45 -34.49
N LEU J 128 7.59 50.61 -34.09
CA LEU J 128 6.79 51.75 -33.69
C LEU J 128 6.45 52.61 -34.90
N VAL J 129 5.29 53.25 -34.87
CA VAL J 129 4.87 54.16 -35.93
C VAL J 129 3.84 55.11 -35.37
N THR J 130 3.71 56.28 -35.99
CA THR J 130 2.82 57.34 -35.52
C THR J 130 1.86 57.74 -36.63
N ASP J 131 0.64 58.10 -36.23
CA ASP J 131 -0.38 58.53 -37.20
C ASP J 131 -1.41 59.39 -36.48
N TYR J 132 -2.21 60.08 -37.28
CA TYR J 132 -3.19 61.00 -36.72
C TYR J 132 -4.37 60.23 -36.11
N GLU J 133 -4.99 60.84 -35.11
CA GLU J 133 -6.30 60.43 -34.62
C GLU J 133 -7.28 61.56 -34.83
N ASP J 134 -8.56 61.27 -34.64
CA ASP J 134 -9.61 62.30 -34.61
C ASP J 134 -9.60 63.10 -35.93
N GLN J 135 -10.00 62.40 -36.99
CA GLN J 135 -9.88 62.95 -38.33
C GLN J 135 -10.71 64.23 -38.47
N SER J 136 -10.03 65.37 -38.49
CA SER J 136 -10.60 66.69 -38.67
C SER J 136 -9.45 67.67 -38.89
N PRO J 137 -9.57 68.61 -39.83
CA PRO J 137 -8.44 69.50 -40.11
C PRO J 137 -8.19 70.53 -39.03
N THR J 138 -9.08 70.65 -38.04
CA THR J 138 -8.94 71.68 -37.01
C THR J 138 -7.65 71.49 -36.22
N SER J 139 -7.34 70.25 -35.87
CA SER J 139 -6.20 69.95 -35.01
C SER J 139 -5.19 69.06 -35.75
N ASN J 140 -4.11 68.72 -35.06
CA ASN J 140 -3.05 67.86 -35.58
C ASN J 140 -2.59 66.86 -34.53
N ASN J 141 -3.51 66.35 -33.72
CA ASN J 141 -3.16 65.41 -32.68
C ASN J 141 -2.72 64.09 -33.29
N GLN J 142 -1.72 63.45 -32.68
CA GLN J 142 -1.18 62.20 -33.16
C GLN J 142 -1.11 61.18 -32.03
N VAL J 143 -1.08 59.90 -32.41
CA VAL J 143 -1.02 58.81 -31.47
C VAL J 143 0.07 57.84 -31.92
N ILE J 144 0.33 56.83 -31.09
CA ILE J 144 1.40 55.85 -31.32
C ILE J 144 0.78 54.46 -31.37
N ARG J 145 0.95 53.79 -32.50
CA ARG J 145 0.56 52.39 -32.62
C ARG J 145 1.74 51.61 -33.17
N ARG J 146 1.71 50.30 -32.98
CA ARG J 146 2.84 49.44 -33.29
C ARG J 146 2.45 48.46 -34.39
N GLU J 147 3.07 48.60 -35.54
CA GLU J 147 2.85 47.68 -36.65
C GLU J 147 3.88 46.57 -36.61
N PRO J 148 3.47 45.31 -36.52
CA PRO J 148 4.44 44.22 -36.46
C PRO J 148 5.18 44.07 -37.78
N ILE J 149 6.39 43.51 -37.69
CA ILE J 149 7.21 43.20 -38.84
C ILE J 149 7.27 41.69 -38.96
N HIS J 150 6.71 41.15 -40.03
CA HIS J 150 6.60 39.71 -40.18
C HIS J 150 7.88 39.14 -40.76
N SER J 151 8.25 37.96 -40.28
CA SER J 151 9.51 37.31 -40.62
C SER J 151 10.67 38.29 -40.48
N ALA J 152 10.82 38.79 -39.26
CA ALA J 152 11.78 39.85 -39.00
C ALA J 152 13.23 39.41 -39.14
N CYS J 153 13.49 38.11 -39.22
CA CYS J 153 14.86 37.65 -39.41
C CYS J 153 15.34 37.86 -40.83
N SER J 154 14.46 38.21 -41.76
CA SER J 154 14.84 38.40 -43.15
C SER J 154 14.39 39.72 -43.74
N HIS J 155 13.48 40.45 -43.10
CA HIS J 155 13.00 41.72 -43.62
C HIS J 155 13.53 42.91 -42.85
N VAL J 156 14.40 42.69 -41.87
CA VAL J 156 15.06 43.76 -41.13
C VAL J 156 16.54 43.45 -41.09
N ILE J 157 17.36 44.40 -41.49
CA ILE J 157 18.80 44.22 -41.51
C ILE J 157 19.41 45.28 -40.61
N TRP J 158 19.65 44.92 -39.36
CA TRP J 158 20.26 45.83 -38.41
C TRP J 158 21.69 46.14 -38.82
N ASP J 159 22.19 47.28 -38.35
CA ASP J 159 23.55 47.66 -38.66
C ASP J 159 24.51 46.60 -38.13
N SER J 160 25.41 46.14 -39.01
CA SER J 160 26.30 45.06 -38.63
C SER J 160 27.25 45.45 -37.52
N ASN J 161 27.51 46.74 -37.34
CA ASN J 161 28.56 47.18 -36.43
C ASN J 161 28.06 47.34 -35.01
N SER J 162 26.76 47.52 -34.80
CA SER J 162 26.22 47.66 -33.46
C SER J 162 26.42 46.37 -32.67
N LYS J 163 26.63 46.51 -31.36
CA LYS J 163 26.96 45.39 -30.49
C LYS J 163 26.15 45.44 -29.23
N LEU J 164 24.85 45.71 -29.33
CA LEU J 164 23.97 45.71 -28.18
C LEU J 164 22.68 44.99 -28.54
N MET J 165 22.08 44.34 -27.53
CA MET J 165 20.84 43.62 -27.79
C MET J 165 19.68 44.57 -28.06
N ASP J 166 19.74 45.79 -27.52
CA ASP J 166 18.76 46.80 -27.89
C ASP J 166 18.90 47.22 -29.35
N LYS J 167 20.05 46.93 -29.96
CA LYS J 167 20.47 47.60 -31.19
C LYS J 167 20.43 49.11 -31.01
N SER J 168 20.70 49.56 -29.78
CA SER J 168 20.75 50.99 -29.49
C SER J 168 21.88 51.66 -30.24
N ASP J 169 23.04 51.00 -30.32
CA ASP J 169 24.19 51.59 -30.98
C ASP J 169 24.00 51.68 -32.48
N ALA J 170 23.08 50.88 -33.04
CA ALA J 170 22.90 50.85 -34.48
C ALA J 170 22.50 52.23 -34.98
N ARG J 171 23.19 52.69 -36.02
CA ARG J 171 23.01 54.02 -36.57
C ARG J 171 22.28 54.02 -37.90
N HIS J 172 21.76 52.88 -38.33
CA HIS J 172 20.89 52.75 -39.49
C HIS J 172 20.37 51.33 -39.53
N CYS J 173 19.16 51.15 -40.03
CA CYS J 173 18.59 49.81 -40.16
C CYS J 173 17.46 49.85 -41.19
N THR J 174 17.57 49.00 -42.21
CA THR J 174 16.62 49.00 -43.30
C THR J 174 15.40 48.13 -42.96
N VAL J 175 14.36 48.27 -43.76
CA VAL J 175 13.21 47.37 -43.70
C VAL J 175 12.82 47.00 -45.13
N ILE J 176 13.26 45.84 -45.60
CA ILE J 176 12.95 45.43 -46.96
C ILE J 176 11.47 45.14 -47.09
N HIS J 177 10.90 45.52 -48.23
CA HIS J 177 9.54 45.14 -48.60
C HIS J 177 9.59 44.50 -49.97
N SER J 178 9.32 43.20 -50.03
CA SER J 178 9.31 42.49 -51.32
C SER J 178 7.93 42.67 -51.95
N MET J 179 7.77 43.72 -52.73
CA MET J 179 6.50 44.07 -53.32
C MET J 179 6.45 43.68 -54.80
N SER J 180 5.29 43.20 -55.22
CA SER J 180 4.99 42.92 -56.62
C SER J 180 4.49 44.21 -57.27
N GLN J 181 3.91 44.08 -58.47
CA GLN J 181 3.41 45.26 -59.17
C GLN J 181 2.35 45.99 -58.34
N ASN J 182 1.34 45.25 -57.86
CA ASN J 182 0.26 45.88 -57.11
C ASN J 182 0.77 46.55 -55.83
N GLY J 183 1.62 45.85 -55.08
CA GLY J 183 2.26 46.46 -53.94
C GLY J 183 3.10 47.65 -54.34
N TRP J 184 3.73 47.56 -55.51
CA TRP J 184 4.52 48.70 -55.98
C TRP J 184 3.66 49.94 -56.13
N GLU J 185 2.54 49.85 -56.85
CA GLU J 185 1.77 51.07 -57.07
C GLU J 185 1.16 51.57 -55.77
N ASP J 186 0.70 50.66 -54.89
CA ASP J 186 0.04 51.16 -53.70
C ASP J 186 1.04 51.81 -52.74
N PHE J 187 2.19 51.15 -52.49
CA PHE J 187 3.18 51.71 -51.59
C PHE J 187 3.99 52.84 -52.23
N ALA J 188 3.85 53.07 -53.53
CA ALA J 188 4.44 54.23 -54.17
C ALA J 188 3.51 55.44 -54.19
N GLU J 189 2.24 55.23 -54.52
CA GLU J 189 1.28 56.34 -54.50
C GLU J 189 0.94 56.74 -53.07
N LYS J 190 1.04 55.81 -52.12
CA LYS J 190 0.63 56.12 -50.76
C LYS J 190 1.43 57.26 -50.16
N TYR J 191 2.74 57.27 -50.38
CA TYR J 191 3.59 58.25 -49.71
C TYR J 191 4.27 59.23 -50.67
N ASP J 192 5.08 58.77 -51.62
CA ASP J 192 5.92 59.72 -52.33
C ASP J 192 5.45 60.07 -53.73
N LEU J 193 5.42 59.10 -54.64
CA LEU J 193 5.14 59.29 -56.06
C LEU J 193 4.97 57.92 -56.70
N ASP J 194 4.31 57.91 -57.86
CA ASP J 194 4.13 56.69 -58.65
C ASP J 194 5.17 56.57 -59.76
N ALA J 195 6.36 57.14 -59.55
CA ALA J 195 7.41 57.10 -60.56
C ALA J 195 8.01 55.70 -60.59
N ASP J 196 7.84 55.01 -61.71
CA ASP J 196 8.27 53.63 -61.83
C ASP J 196 9.79 53.52 -61.72
N ASP J 197 10.26 52.30 -61.46
CA ASP J 197 11.69 52.02 -61.33
C ASP J 197 12.44 52.35 -62.61
N ILE J 217 9.99 43.74 -57.21
CA ILE J 217 10.14 45.16 -56.88
C ILE J 217 10.35 45.29 -55.37
N GLN J 218 11.60 45.25 -54.94
CA GLN J 218 11.94 45.26 -53.53
C GLN J 218 12.30 46.69 -53.12
N ILE J 219 11.43 47.32 -52.36
CA ILE J 219 11.65 48.66 -51.88
C ILE J 219 12.16 48.58 -50.44
N ALA J 220 12.70 49.68 -49.94
CA ALA J 220 13.33 49.69 -48.62
C ALA J 220 12.90 50.92 -47.84
N GLU J 221 13.13 50.89 -46.53
CA GLU J 221 12.94 52.04 -45.66
C GLU J 221 14.22 52.19 -44.84
N PHE J 222 15.14 53.02 -45.29
CA PHE J 222 16.47 53.12 -44.69
C PHE J 222 16.43 54.15 -43.58
N TYR J 223 16.19 53.69 -42.35
CA TYR J 223 16.27 54.58 -41.21
C TYR J 223 17.70 55.00 -40.97
N GLU J 224 17.87 56.09 -40.23
CA GLU J 224 19.19 56.65 -40.01
C GLU J 224 19.19 57.53 -38.77
N VAL J 225 20.30 57.52 -38.06
CA VAL J 225 20.50 58.37 -36.88
C VAL J 225 21.77 59.15 -37.10
N VAL J 226 21.64 60.46 -37.21
CA VAL J 226 22.79 61.33 -37.43
C VAL J 226 23.10 62.06 -36.13
N GLU J 227 24.38 62.34 -35.92
CA GLU J 227 24.83 62.95 -34.69
C GLU J 227 25.77 64.11 -35.01
N LYS J 228 25.82 65.07 -34.11
CA LYS J 228 26.73 66.21 -34.20
C LYS J 228 27.62 66.18 -32.98
N LYS J 229 28.92 65.99 -33.19
CA LYS J 229 29.89 65.82 -32.10
C LYS J 229 30.93 66.93 -32.20
N GLU J 230 31.13 67.64 -31.09
CA GLU J 230 32.10 68.73 -31.03
C GLU J 230 32.91 68.63 -29.74
N THR J 231 33.66 69.67 -29.40
CA THR J 231 34.52 69.66 -28.22
C THR J 231 33.98 70.48 -27.05
N ALA J 232 33.47 71.68 -27.32
CA ALA J 232 32.72 72.50 -26.37
C ALA J 232 33.56 73.11 -25.26
N PHE J 233 34.80 72.65 -25.10
CA PHE J 233 35.87 73.38 -24.39
C PHE J 233 35.42 74.21 -23.20
N ILE J 234 34.84 73.58 -22.17
CA ILE J 234 34.38 74.36 -21.02
C ILE J 234 35.52 75.14 -20.39
N TYR J 235 35.23 76.40 -20.04
CA TYR J 235 36.16 77.30 -19.39
C TYR J 235 35.56 77.75 -18.07
N GLN J 236 36.39 77.97 -17.06
CA GLN J 236 35.93 78.32 -15.72
C GLN J 236 36.36 79.73 -15.35
N ASP J 237 35.49 80.40 -14.59
CA ASP J 237 35.71 81.75 -14.09
C ASP J 237 35.43 81.78 -12.59
N PRO J 238 35.62 82.92 -11.90
CA PRO J 238 35.21 82.99 -10.48
C PRO J 238 33.75 82.61 -10.29
N VAL J 239 32.87 83.13 -11.14
CA VAL J 239 31.48 82.68 -11.13
C VAL J 239 31.40 81.26 -11.70
N THR J 240 30.25 80.63 -11.53
CA THR J 240 30.06 79.29 -12.05
C THR J 240 30.28 79.27 -13.57
N GLY J 241 30.92 78.20 -14.05
CA GLY J 241 31.31 78.14 -15.44
C GLY J 241 30.14 77.95 -16.38
N GLU J 242 29.79 79.01 -17.10
CA GLU J 242 28.74 78.94 -18.10
C GLU J 242 29.28 78.30 -19.38
N PRO J 243 28.39 77.80 -20.24
CA PRO J 243 28.87 77.20 -21.49
C PRO J 243 29.57 78.21 -22.38
N VAL J 244 30.89 78.05 -22.53
CA VAL J 244 31.69 78.93 -23.35
C VAL J 244 32.50 78.07 -24.30
N SER J 245 32.84 78.63 -25.45
CA SER J 245 33.60 77.93 -26.48
C SER J 245 32.85 76.70 -26.97
N TYR J 246 31.57 76.88 -27.30
CA TYR J 246 30.73 75.77 -27.72
C TYR J 246 31.32 75.05 -28.93
N PHE J 247 31.98 75.80 -29.81
CA PHE J 247 32.63 75.25 -31.00
C PHE J 247 34.12 75.53 -30.93
N LYS J 248 34.84 75.05 -31.94
CA LYS J 248 36.23 75.43 -32.11
C LYS J 248 36.36 76.84 -32.68
N ARG J 249 35.40 77.28 -33.50
CA ARG J 249 35.45 78.62 -34.06
C ARG J 249 35.21 79.68 -33.00
N ASP J 250 34.38 79.40 -32.00
CA ASP J 250 34.17 80.35 -30.92
C ASP J 250 35.44 80.56 -30.10
N ILE J 251 36.30 79.54 -30.02
CA ILE J 251 37.63 79.73 -29.41
C ILE J 251 38.41 80.79 -30.18
N LYS J 252 38.45 80.66 -31.51
CA LYS J 252 39.12 81.66 -32.34
C LYS J 252 38.39 82.99 -32.34
N ASP J 253 37.17 83.03 -31.82
CA ASP J 253 36.49 84.30 -31.58
C ASP J 253 36.81 84.92 -30.23
N VAL J 254 37.42 84.15 -29.32
CA VAL J 254 37.74 84.65 -27.98
C VAL J 254 39.22 84.50 -27.68
N ILE J 255 40.06 84.65 -28.71
CA ILE J 255 41.51 84.50 -28.53
C ILE J 255 42.03 85.39 -27.40
N ASP J 256 41.39 86.52 -27.17
CA ASP J 256 41.77 87.37 -26.04
C ASP J 256 41.09 86.92 -24.75
N ASP J 257 39.80 86.58 -24.82
CA ASP J 257 39.06 86.23 -23.61
C ASP J 257 39.60 84.96 -22.97
N LEU J 258 40.10 84.02 -23.76
CA LEU J 258 40.66 82.79 -23.19
C LEU J 258 41.88 83.09 -22.33
N ALA J 259 42.68 84.09 -22.70
CA ALA J 259 43.84 84.48 -21.91
C ALA J 259 43.51 85.46 -20.80
N ASP J 260 42.40 86.20 -20.92
CA ASP J 260 42.03 87.14 -19.87
C ASP J 260 41.18 86.53 -18.76
N SER J 261 40.72 85.29 -18.92
CA SER J 261 39.89 84.66 -17.90
C SER J 261 40.75 84.16 -16.75
N GLY J 262 40.08 83.82 -15.64
CA GLY J 262 40.79 83.33 -14.47
C GLY J 262 41.43 81.98 -14.69
N PHE J 263 40.73 81.06 -15.36
CA PHE J 263 41.22 79.72 -15.64
C PHE J 263 41.23 79.47 -17.14
N ILE J 264 42.22 78.71 -17.59
CA ILE J 264 42.48 78.57 -19.03
C ILE J 264 41.75 77.36 -19.62
N LYS J 265 41.65 76.26 -18.89
CA LYS J 265 40.99 75.06 -19.41
C LYS J 265 40.73 74.11 -18.25
N ILE J 266 39.54 73.52 -18.21
CA ILE J 266 39.17 72.58 -17.16
C ILE J 266 38.78 71.23 -17.74
N ALA J 267 37.95 71.20 -18.78
CA ALA J 267 37.48 69.95 -19.35
C ALA J 267 37.11 70.16 -20.81
N GLU J 268 36.95 69.05 -21.52
CA GLU J 268 36.66 69.02 -22.95
C GLU J 268 35.40 68.19 -23.22
N ARG J 269 34.32 68.48 -22.50
CA ARG J 269 33.09 67.73 -22.64
C ARG J 269 32.58 67.76 -24.08
N GLN J 270 32.58 66.62 -24.76
CA GLN J 270 32.14 66.52 -26.14
C GLN J 270 30.62 66.39 -26.16
N ILE J 271 29.93 67.54 -26.25
CA ILE J 271 28.49 67.53 -26.28
C ILE J 271 28.00 66.91 -27.59
N LYS J 272 26.92 66.13 -27.50
CA LYS J 272 26.39 65.39 -28.63
C LYS J 272 24.90 65.64 -28.75
N ARG J 273 24.42 65.72 -29.99
CA ARG J 273 23.00 65.94 -30.27
C ARG J 273 22.62 65.09 -31.47
N ARG J 274 21.56 64.29 -31.34
CA ARG J 274 21.19 63.31 -32.35
C ARG J 274 19.73 63.47 -32.75
N ARG J 275 19.45 63.16 -34.01
CA ARG J 275 18.11 63.20 -34.56
C ARG J 275 18.01 62.18 -35.69
N VAL J 276 16.84 61.53 -35.80
CA VAL J 276 16.64 60.42 -36.72
C VAL J 276 16.38 60.94 -38.11
N TYR J 277 16.61 60.09 -39.13
CA TYR J 277 16.21 60.41 -40.50
C TYR J 277 15.81 59.13 -41.21
N LYS J 278 14.74 59.20 -42.00
CA LYS J 278 14.17 58.06 -42.69
C LYS J 278 14.14 58.34 -44.18
N SER J 279 14.64 57.39 -44.97
CA SER J 279 14.67 57.54 -46.41
C SER J 279 14.21 56.25 -47.06
N ILE J 280 13.45 56.38 -48.14
CA ILE J 280 12.88 55.23 -48.85
C ILE J 280 13.64 55.09 -50.15
N ILE J 281 14.40 54.02 -50.27
CA ILE J 281 15.26 53.79 -51.43
C ILE J 281 14.80 52.55 -52.18
N THR J 282 15.38 52.34 -53.35
CA THR J 282 15.21 51.12 -54.12
C THR J 282 16.54 50.72 -54.71
N CYS J 283 16.66 49.44 -55.07
CA CYS J 283 17.95 48.90 -55.46
C CYS J 283 18.47 49.53 -56.75
N THR J 284 17.69 49.44 -57.83
CA THR J 284 18.16 49.92 -59.12
C THR J 284 17.99 51.43 -59.24
N ALA J 285 16.76 51.91 -59.17
CA ALA J 285 16.49 53.32 -59.42
C ALA J 285 16.98 54.17 -58.25
N VAL J 286 16.88 55.49 -58.44
CA VAL J 286 17.34 56.44 -57.44
C VAL J 286 16.41 56.39 -56.23
N LEU J 287 16.86 56.95 -55.11
CA LEU J 287 16.06 56.97 -53.91
C LEU J 287 14.84 57.87 -54.06
N LYS J 288 13.77 57.52 -53.36
CA LYS J 288 12.48 58.19 -53.49
C LYS J 288 12.35 59.41 -52.59
N ASP J 289 12.73 59.29 -51.32
CA ASP J 289 12.71 60.42 -50.39
C ASP J 289 14.07 60.52 -49.71
N LYS J 290 14.58 61.75 -49.61
CA LYS J 290 15.96 61.91 -49.15
C LYS J 290 16.07 61.81 -47.64
N GLN J 291 15.31 62.63 -46.91
CA GLN J 291 15.39 62.60 -45.45
C GLN J 291 14.07 63.09 -44.88
N LEU J 292 13.65 62.47 -43.78
CA LEU J 292 12.47 62.88 -43.05
C LEU J 292 12.71 62.59 -41.58
N ILE J 293 12.09 63.36 -40.71
CA ILE J 293 12.27 63.20 -39.27
C ILE J 293 11.05 62.50 -38.69
N ALA J 294 11.29 61.53 -37.81
CA ALA J 294 10.19 60.86 -37.12
C ALA J 294 10.69 60.42 -35.74
N GLY J 295 10.46 61.26 -34.74
CA GLY J 295 10.86 60.91 -33.39
C GLY J 295 12.30 61.27 -33.06
N GLU J 296 12.96 60.47 -32.22
CA GLU J 296 14.35 60.73 -31.87
C GLU J 296 15.24 59.50 -32.03
N HIS J 297 14.69 58.32 -31.85
CA HIS J 297 15.39 57.07 -32.08
C HIS J 297 14.86 56.41 -33.34
N ILE J 298 15.49 55.32 -33.75
CA ILE J 298 14.96 54.51 -34.84
C ILE J 298 13.86 53.63 -34.27
N PRO J 299 12.64 53.71 -34.80
CA PRO J 299 11.49 53.07 -34.13
C PRO J 299 11.61 51.56 -33.99
N ILE J 300 12.26 50.88 -34.93
CA ILE J 300 12.29 49.42 -34.89
C ILE J 300 12.95 48.96 -33.62
N VAL J 301 12.27 48.09 -32.88
CA VAL J 301 12.80 47.49 -31.66
C VAL J 301 12.85 45.98 -31.83
N PRO J 302 14.00 45.35 -31.73
CA PRO J 302 14.07 43.90 -31.94
C PRO J 302 14.00 43.10 -30.66
N VAL J 303 13.44 41.90 -30.72
CA VAL J 303 13.59 40.92 -29.65
C VAL J 303 14.49 39.83 -30.17
N PHE J 304 15.26 39.22 -29.27
CA PHE J 304 16.20 38.18 -29.63
C PHE J 304 16.01 36.98 -28.70
N GLY J 305 16.31 35.80 -29.23
CA GLY J 305 16.28 34.61 -28.40
C GLY J 305 17.55 34.53 -27.60
N GLU J 306 18.16 33.35 -27.53
CA GLU J 306 19.50 33.24 -26.96
C GLU J 306 20.48 33.92 -27.92
N TRP J 307 20.96 35.10 -27.53
CA TRP J 307 21.74 35.95 -28.41
C TRP J 307 23.11 36.21 -27.82
N GLY J 308 24.15 36.07 -28.64
CA GLY J 308 25.50 36.31 -28.18
C GLY J 308 26.45 36.39 -29.36
N PHE J 309 27.68 36.77 -29.07
CA PHE J 309 28.72 36.89 -30.08
C PHE J 309 29.66 35.71 -29.99
N VAL J 310 29.93 35.08 -31.13
CA VAL J 310 30.85 33.95 -31.22
C VAL J 310 31.82 34.23 -32.35
N GLU J 311 33.11 34.35 -32.04
CA GLU J 311 34.14 34.65 -33.02
C GLU J 311 33.78 35.92 -33.81
N ASP J 312 33.22 36.90 -33.11
CA ASP J 312 32.88 38.21 -33.66
C ASP J 312 31.82 38.10 -34.75
N LYS J 313 30.85 37.21 -34.56
CA LYS J 313 29.71 37.10 -35.45
C LYS J 313 28.44 37.07 -34.62
N GLU J 314 27.46 37.88 -35.00
CA GLU J 314 26.17 37.85 -34.32
C GLU J 314 25.47 36.52 -34.57
N VAL J 315 25.20 35.77 -33.52
CA VAL J 315 24.45 34.52 -33.63
C VAL J 315 23.32 34.55 -32.61
N TYR J 316 22.11 34.30 -33.08
CA TYR J 316 20.94 34.23 -32.23
C TYR J 316 20.19 32.94 -32.54
N GLU J 317 19.53 32.39 -31.53
CA GLU J 317 18.85 31.12 -31.73
C GLU J 317 17.41 31.18 -31.23
N GLY J 318 16.75 30.04 -31.19
CA GLY J 318 15.40 29.97 -30.66
C GLY J 318 15.20 28.71 -29.86
N VAL J 319 14.02 28.12 -29.96
CA VAL J 319 13.76 26.85 -29.30
C VAL J 319 13.34 25.87 -30.39
N VAL J 320 13.82 26.11 -31.61
CA VAL J 320 13.40 25.31 -32.76
C VAL J 320 14.55 24.53 -33.38
N ARG J 321 15.82 24.89 -33.18
CA ARG J 321 16.88 24.11 -33.79
C ARG J 321 17.03 22.75 -33.12
N LEU J 322 17.03 22.73 -31.79
CA LEU J 322 17.25 21.50 -31.05
C LEU J 322 16.08 20.55 -31.25
N THR J 323 14.88 21.05 -31.03
CA THR J 323 13.68 20.30 -31.35
C THR J 323 13.63 19.98 -32.84
N LYS J 324 14.32 20.74 -33.68
CA LYS J 324 14.30 20.46 -35.10
C LYS J 324 15.02 19.16 -35.40
N ASP J 325 16.20 18.99 -34.83
CA ASP J 325 16.92 17.74 -35.04
C ASP J 325 16.15 16.57 -34.43
N GLY J 326 15.64 16.75 -33.20
CA GLY J 326 14.85 15.67 -32.61
C GLY J 326 13.62 15.33 -33.43
N GLN J 327 12.97 16.35 -33.98
CA GLN J 327 11.75 16.17 -34.76
C GLN J 327 12.04 15.47 -36.07
N ARG J 328 13.20 15.75 -36.68
CA ARG J 328 13.57 15.01 -37.88
C ARG J 328 13.76 13.54 -37.57
N LEU J 329 14.38 13.22 -36.43
CA LEU J 329 14.52 11.80 -36.09
C LEU J 329 13.16 11.15 -35.86
N ARG J 330 12.26 11.83 -35.15
CA ARG J 330 10.93 11.25 -34.93
C ARG J 330 10.17 11.06 -36.23
N ASN J 331 10.25 12.04 -37.14
CA ASN J 331 9.60 11.92 -38.43
C ASN J 331 10.13 10.72 -39.19
N MET J 332 11.45 10.54 -39.19
CA MET J 332 12.02 9.40 -39.89
C MET J 332 11.53 8.08 -39.29
N ILE J 333 11.47 7.99 -37.97
CA ILE J 333 11.06 6.72 -37.35
C ILE J 333 9.61 6.40 -37.71
N MET J 334 8.71 7.37 -37.56
CA MET J 334 7.32 7.07 -37.89
C MET J 334 7.11 6.85 -39.38
N SER J 335 7.87 7.55 -40.24
CA SER J 335 7.74 7.28 -41.66
C SER J 335 8.26 5.90 -42.01
N PHE J 336 9.30 5.43 -41.33
CA PHE J 336 9.76 4.06 -41.52
C PHE J 336 8.68 3.06 -41.15
N ASN J 337 8.01 3.29 -40.02
CA ASN J 337 6.89 2.43 -39.64
C ASN J 337 5.80 2.44 -40.71
N ALA J 338 5.44 3.62 -41.18
CA ALA J 338 4.37 3.72 -42.18
C ALA J 338 4.77 3.08 -43.49
N ASP J 339 6.06 3.12 -43.83
CA ASP J 339 6.52 2.43 -45.03
C ASP J 339 6.44 0.93 -44.87
N ILE J 340 6.68 0.42 -43.66
CA ILE J 340 6.47 -1.01 -43.43
C ILE J 340 5.00 -1.37 -43.61
N VAL J 341 4.09 -0.53 -43.10
CA VAL J 341 2.68 -0.92 -43.03
C VAL J 341 2.07 -1.05 -44.43
N ALA J 342 2.30 -0.06 -45.29
CA ALA J 342 1.53 0.01 -46.53
C ALA J 342 1.96 -1.02 -47.57
N ARG J 343 1.81 -2.29 -47.27
CA ARG J 343 2.07 -3.36 -48.22
C ARG J 343 1.02 -4.43 -47.99
N THR J 344 0.55 -5.05 -49.07
CA THR J 344 -0.37 -6.17 -48.86
C THR J 344 0.33 -7.22 -48.01
N PRO J 345 -0.22 -7.58 -46.86
CA PRO J 345 0.40 -8.62 -46.04
C PRO J 345 0.44 -9.97 -46.71
N LYS J 346 -0.35 -10.18 -47.76
CA LYS J 346 -0.32 -11.44 -48.48
C LYS J 346 1.08 -11.69 -49.01
N LYS J 347 1.55 -12.93 -48.86
CA LYS J 347 2.86 -13.28 -49.36
C LYS J 347 2.86 -13.30 -50.88
N LYS J 348 3.96 -12.85 -51.47
CA LYS J 348 4.15 -12.94 -52.91
C LYS J 348 5.12 -14.07 -53.19
N PRO J 349 4.72 -15.10 -53.93
CA PRO J 349 5.58 -16.26 -54.15
C PRO J 349 6.48 -16.12 -55.37
N PHE J 350 7.56 -16.89 -55.36
CA PHE J 350 8.52 -16.97 -56.46
C PHE J 350 8.41 -18.33 -57.12
N PHE J 351 7.98 -18.36 -58.37
CA PHE J 351 8.05 -19.60 -59.13
C PHE J 351 8.09 -19.34 -60.64
N TRP J 352 8.64 -20.32 -61.36
CA TRP J 352 8.94 -20.31 -62.78
C TRP J 352 7.67 -20.12 -63.61
N PRO J 353 7.77 -19.52 -64.80
CA PRO J 353 6.57 -19.38 -65.62
C PRO J 353 5.96 -20.70 -66.03
N GLU J 354 6.77 -21.74 -66.22
CA GLU J 354 6.22 -23.04 -66.57
C GLU J 354 5.74 -23.82 -65.35
N GLN J 355 6.05 -23.34 -64.13
CA GLN J 355 5.50 -23.98 -62.94
C GLN J 355 4.01 -23.74 -62.79
N ILE J 356 3.48 -22.70 -63.43
CA ILE J 356 2.05 -22.43 -63.44
C ILE J 356 1.55 -22.23 -64.86
N ALA J 357 2.19 -22.91 -65.82
CA ALA J 357 1.92 -22.72 -67.24
C ALA J 357 0.42 -22.60 -67.53
N GLY J 358 -0.36 -23.58 -67.11
CA GLY J 358 -1.78 -23.54 -67.35
C GLY J 358 -2.55 -22.81 -66.27
N PHE J 359 -2.23 -23.07 -65.01
CA PHE J 359 -2.96 -22.51 -63.87
C PHE J 359 -2.40 -21.13 -63.55
N GLU J 360 -2.84 -20.15 -64.32
CA GLU J 360 -2.55 -18.75 -64.03
C GLU J 360 -3.74 -18.01 -63.46
N HIS J 361 -4.95 -18.55 -63.62
CA HIS J 361 -6.14 -17.93 -63.06
C HIS J 361 -6.34 -18.24 -61.59
N MET J 362 -5.47 -19.09 -61.02
CA MET J 362 -5.55 -19.44 -59.61
C MET J 362 -4.91 -18.37 -58.73
N TYR J 363 -3.75 -17.87 -59.15
CA TYR J 363 -2.95 -16.96 -58.33
C TYR J 363 -3.18 -15.52 -58.81
N ASP J 364 -4.34 -14.98 -58.44
CA ASP J 364 -4.65 -13.59 -58.73
C ASP J 364 -5.20 -12.82 -57.54
N GLY J 365 -5.71 -13.49 -56.52
CA GLY J 365 -6.28 -12.81 -55.38
C GLY J 365 -7.72 -12.40 -55.60
N ASN J 366 -8.18 -12.50 -56.84
CA ASN J 366 -9.57 -12.23 -57.17
C ASN J 366 -10.50 -13.37 -56.80
N ASP J 367 -9.96 -14.52 -56.42
CA ASP J 367 -10.74 -15.67 -55.99
C ASP J 367 -10.00 -16.36 -54.86
N ASP J 368 -10.72 -17.17 -54.09
CA ASP J 368 -10.13 -18.02 -53.07
C ASP J 368 -10.52 -19.45 -53.38
N TYR J 369 -9.54 -20.27 -53.73
CA TYR J 369 -9.75 -21.64 -54.15
C TYR J 369 -9.42 -22.61 -53.03
N PRO J 370 -10.00 -23.82 -53.04
CA PRO J 370 -9.73 -24.77 -51.96
C PRO J 370 -8.29 -25.24 -51.92
N TYR J 371 -7.77 -25.70 -53.04
CA TYR J 371 -6.39 -26.15 -53.13
C TYR J 371 -5.68 -25.37 -54.24
N TYR J 372 -4.36 -25.42 -54.21
CA TYR J 372 -3.53 -24.73 -55.20
C TYR J 372 -2.77 -25.76 -56.01
N LEU J 373 -2.85 -25.65 -57.33
CA LEU J 373 -2.26 -26.62 -58.24
C LEU J 373 -0.94 -26.13 -58.80
N LEU J 374 0.00 -27.06 -58.95
CA LEU J 374 1.29 -26.80 -59.57
C LEU J 374 1.62 -27.97 -60.47
N ASN J 375 2.07 -27.69 -61.69
CA ASN J 375 2.33 -28.74 -62.66
C ASN J 375 3.70 -29.37 -62.37
N ARG J 376 4.22 -30.15 -63.33
CA ARG J 376 5.30 -31.10 -63.08
C ARG J 376 6.44 -30.55 -62.21
N THR J 377 7.11 -29.50 -62.67
CA THR J 377 8.21 -28.88 -61.92
C THR J 377 8.67 -27.60 -62.59
N PRO J 388 5.94 -26.74 -53.52
CA PRO J 388 7.35 -26.36 -53.63
C PRO J 388 7.52 -24.99 -54.26
N LEU J 389 7.93 -23.99 -53.48
CA LEU J 389 8.08 -22.62 -53.95
C LEU J 389 8.63 -21.77 -52.81
N ALA J 390 9.11 -20.58 -53.16
CA ALA J 390 9.71 -19.66 -52.21
C ALA J 390 8.98 -18.32 -52.26
N TYR J 391 9.04 -17.58 -51.16
CA TYR J 391 8.24 -16.37 -50.99
C TYR J 391 9.11 -15.12 -50.96
N TYR J 392 8.46 -13.97 -51.09
CA TYR J 392 9.12 -12.67 -51.07
C TYR J 392 9.00 -12.10 -49.67
N GLU J 393 10.14 -11.87 -49.02
CA GLU J 393 10.14 -11.50 -47.60
C GLU J 393 9.68 -10.07 -47.43
N ASN J 394 8.49 -9.89 -46.87
CA ASN J 394 8.03 -8.56 -46.50
C ASN J 394 8.89 -8.04 -45.34
N PRO J 395 9.03 -6.72 -45.21
CA PRO J 395 9.80 -6.16 -44.11
C PRO J 395 9.11 -6.43 -42.78
N GLU J 396 9.92 -6.45 -41.72
CA GLU J 396 9.41 -6.66 -40.37
C GLU J 396 9.74 -5.45 -39.51
N VAL J 397 8.80 -5.09 -38.65
CA VAL J 397 9.01 -3.97 -37.73
C VAL J 397 10.04 -4.38 -36.69
N PRO J 398 11.13 -3.62 -36.51
CA PRO J 398 12.21 -4.10 -35.62
C PRO J 398 11.80 -4.25 -34.18
N GLN J 399 10.79 -3.50 -33.73
CA GLN J 399 10.26 -3.56 -32.37
C GLN J 399 11.30 -3.01 -31.40
N ALA J 400 12.47 -2.68 -31.91
CA ALA J 400 13.44 -1.89 -31.18
C ALA J 400 13.20 -0.41 -31.37
N ASN J 401 12.26 -0.04 -32.22
CA ASN J 401 11.94 1.38 -32.43
C ASN J 401 11.14 1.98 -31.30
N ALA J 402 10.64 1.17 -30.36
CA ALA J 402 9.90 1.76 -29.24
C ALA J 402 10.77 2.76 -28.49
N TYR J 403 11.96 2.32 -28.08
CA TYR J 403 12.81 3.23 -27.35
C TYR J 403 13.40 4.30 -28.25
N MET J 404 13.58 4.00 -29.53
CA MET J 404 14.09 5.01 -30.45
C MET J 404 13.14 6.19 -30.53
N LEU J 405 11.86 5.90 -30.80
CA LEU J 405 10.84 6.93 -30.88
C LEU J 405 10.69 7.63 -29.54
N GLU J 406 10.72 6.88 -28.44
CA GLU J 406 10.54 7.53 -27.14
C GLU J 406 11.70 8.46 -26.82
N ALA J 407 12.93 8.06 -27.17
CA ALA J 407 14.07 8.93 -26.95
C ALA J 407 13.97 10.19 -27.79
N ALA J 408 13.59 10.06 -29.07
CA ALA J 408 13.49 11.25 -29.91
C ALA J 408 12.40 12.20 -29.42
N THR J 409 11.22 11.67 -29.11
CA THR J 409 10.13 12.51 -28.66
C THR J 409 10.44 13.16 -27.32
N SER J 410 10.99 12.40 -26.38
CA SER J 410 11.34 12.99 -25.10
C SER J 410 12.43 14.02 -25.25
N ALA J 411 13.37 13.82 -26.17
CA ALA J 411 14.37 14.84 -26.42
C ALA J 411 13.73 16.13 -26.89
N VAL J 412 12.81 16.04 -27.85
CA VAL J 412 12.16 17.25 -28.33
C VAL J 412 11.40 17.93 -27.21
N LYS J 413 10.70 17.15 -26.38
CA LYS J 413 9.82 17.74 -25.38
C LYS J 413 10.55 18.19 -24.11
N GLU J 414 11.79 17.78 -23.88
CA GLU J 414 12.45 18.30 -22.68
C GLU J 414 13.66 19.16 -22.97
N VAL J 415 14.43 18.87 -24.02
CA VAL J 415 15.54 19.74 -24.40
C VAL J 415 15.05 21.15 -24.65
N ALA J 416 13.86 21.27 -25.24
CA ALA J 416 13.27 22.58 -25.46
C ALA J 416 12.93 23.24 -24.13
N THR J 417 12.05 22.63 -23.34
CA THR J 417 11.59 23.22 -22.10
C THR J 417 11.67 22.19 -20.98
N LEU J 418 11.91 22.67 -19.76
CA LEU J 418 12.06 21.86 -18.54
C LEU J 418 12.84 20.57 -18.78
N ASP J 443 12.66 27.95 -12.83
CA ASP J 443 12.30 28.70 -14.03
C ASP J 443 10.98 29.43 -13.85
N LEU J 444 9.89 28.70 -14.10
CA LEU J 444 8.51 29.23 -14.11
C LEU J 444 8.34 30.23 -15.23
N GLU J 445 9.42 30.50 -15.96
CA GLU J 445 9.45 31.23 -17.22
C GLU J 445 10.88 31.12 -17.74
N THR J 446 11.01 30.87 -19.05
CA THR J 446 12.34 30.66 -19.62
C THR J 446 13.12 31.96 -19.44
N TYR J 447 14.05 31.96 -18.49
CA TYR J 447 14.62 33.21 -18.01
C TYR J 447 15.34 33.97 -19.10
N VAL J 448 16.00 33.26 -20.03
CA VAL J 448 16.74 33.96 -21.08
C VAL J 448 15.77 34.65 -22.04
N PHE J 449 14.72 33.95 -22.45
CA PHE J 449 13.74 34.56 -23.34
C PHE J 449 12.99 35.69 -22.65
N GLN J 450 12.63 35.50 -21.38
CA GLN J 450 11.93 36.55 -20.65
C GLN J 450 12.80 37.78 -20.45
N ASP J 451 14.08 37.58 -20.11
CA ASP J 451 14.99 38.70 -19.96
C ASP J 451 15.20 39.44 -21.27
N ASN J 452 15.34 38.70 -22.38
CA ASN J 452 15.50 39.37 -23.67
C ASN J 452 14.25 40.15 -24.04
N LEU J 453 13.07 39.58 -23.79
CA LEU J 453 11.84 40.33 -24.03
C LEU J 453 11.76 41.57 -23.14
N ALA J 454 12.21 41.47 -21.90
CA ALA J 454 12.21 42.62 -21.01
C ALA J 454 13.14 43.71 -21.53
N THR J 455 14.33 43.34 -21.98
CA THR J 455 15.26 44.33 -22.52
C THR J 455 14.70 44.99 -23.75
N ALA J 456 14.09 44.21 -24.65
CA ALA J 456 13.48 44.79 -25.84
C ALA J 456 12.32 45.70 -25.47
N MET J 457 11.53 45.32 -24.48
CA MET J 457 10.42 46.17 -24.05
C MET J 457 10.94 47.46 -23.42
N ARG J 458 12.09 47.42 -22.74
CA ARG J 458 12.68 48.65 -22.26
C ARG J 458 13.12 49.54 -23.40
N ARG J 459 13.69 48.96 -24.46
CA ARG J 459 13.99 49.76 -25.64
C ARG J 459 12.72 50.37 -26.22
N ASP J 460 11.65 49.59 -26.27
CA ASP J 460 10.37 50.11 -26.72
C ASP J 460 9.92 51.27 -25.84
N GLY J 461 10.15 51.17 -24.55
CA GLY J 461 9.83 52.27 -23.66
C GLY J 461 10.60 53.53 -24.00
N GLU J 462 11.90 53.38 -24.26
CA GLU J 462 12.71 54.55 -24.61
C GLU J 462 12.22 55.20 -25.90
N ILE J 463 11.94 54.38 -26.92
CA ILE J 463 11.47 54.94 -28.19
C ILE J 463 10.12 55.62 -28.00
N TYR J 464 9.21 54.98 -27.27
CA TYR J 464 7.90 55.56 -27.04
C TYR J 464 8.01 56.86 -26.27
N GLN J 465 8.89 56.92 -25.27
CA GLN J 465 9.04 58.14 -24.51
C GLN J 465 9.61 59.25 -25.36
N SER J 466 10.59 58.96 -26.21
CA SER J 466 11.12 60.01 -27.09
C SER J 466 10.05 60.54 -28.02
N ILE J 467 9.26 59.64 -28.61
CA ILE J 467 8.22 60.10 -29.52
C ILE J 467 7.16 60.90 -28.77
N VAL J 468 6.77 60.45 -27.58
CA VAL J 468 5.79 61.18 -26.78
C VAL J 468 6.32 62.56 -26.42
N ASN J 469 7.58 62.65 -26.05
CA ASN J 469 8.18 63.94 -25.76
C ASN J 469 8.17 64.85 -26.98
N ASP J 470 8.29 64.28 -28.18
CA ASP J 470 8.43 65.11 -29.37
C ASP J 470 7.13 65.38 -30.11
N ILE J 471 6.01 64.72 -29.77
CA ILE J 471 4.74 64.95 -30.45
C ILE J 471 3.71 65.61 -29.55
N TYR J 472 3.67 65.23 -28.28
CA TYR J 472 2.67 65.80 -27.38
C TYR J 472 3.10 67.16 -26.87
N ASP J 473 3.11 68.15 -27.75
CA ASP J 473 3.42 69.53 -27.38
C ASP J 473 2.15 70.36 -27.25
N VAL J 474 1.28 70.32 -28.25
CA VAL J 474 0.04 71.08 -28.24
C VAL J 474 -0.83 70.57 -27.10
N PRO J 475 -1.54 71.44 -26.38
CA PRO J 475 -2.50 70.96 -25.38
C PRO J 475 -3.44 69.90 -25.93
N ARG J 476 -3.34 68.69 -25.42
CA ARG J 476 -4.16 67.58 -25.87
C ARG J 476 -4.90 66.98 -24.69
N ASN J 477 -5.85 66.11 -25.00
CA ASN J 477 -6.55 65.31 -24.00
C ASN J 477 -6.23 63.84 -24.26
N VAL J 478 -5.80 63.15 -23.21
CA VAL J 478 -5.39 61.75 -23.32
C VAL J 478 -6.19 60.92 -22.34
N THR J 479 -6.20 59.62 -22.59
CA THR J 479 -6.77 58.65 -21.66
C THR J 479 -5.63 57.89 -21.00
N ILE J 480 -5.72 57.71 -19.69
CA ILE J 480 -4.69 57.07 -18.90
C ILE J 480 -5.26 55.81 -18.29
N THR J 481 -4.53 54.71 -18.38
CA THR J 481 -4.92 53.48 -17.73
C THR J 481 -4.03 53.31 -16.51
N LEU J 482 -4.48 53.86 -15.39
CA LEU J 482 -3.79 53.62 -14.13
C LEU J 482 -3.83 52.13 -13.82
N GLU J 483 -3.04 51.73 -12.82
CA GLU J 483 -2.92 50.32 -12.54
C GLU J 483 -4.26 49.79 -12.02
N ASP J 484 -4.46 48.48 -12.18
CA ASP J 484 -5.71 47.80 -11.85
C ASP J 484 -6.82 48.21 -12.81
N GLY J 485 -6.46 48.51 -14.06
CA GLY J 485 -7.44 48.84 -15.08
C GLY J 485 -8.30 50.05 -14.81
N SER J 486 -8.02 50.79 -13.74
CA SER J 486 -8.86 51.93 -13.37
C SER J 486 -8.66 53.02 -14.42
N GLU J 487 -9.54 53.06 -15.41
CA GLU J 487 -9.40 53.99 -16.51
C GLU J 487 -9.62 55.41 -16.01
N LYS J 488 -9.03 56.37 -16.72
CA LYS J 488 -9.09 57.76 -16.27
C LYS J 488 -8.88 58.68 -17.45
N ASP J 489 -9.51 59.85 -17.39
CA ASP J 489 -9.35 60.90 -18.38
C ASP J 489 -8.52 62.02 -17.77
N VAL J 490 -7.52 62.48 -18.52
CA VAL J 490 -6.60 63.50 -18.02
C VAL J 490 -6.22 64.43 -19.16
N GLN J 491 -6.18 65.73 -18.87
CA GLN J 491 -5.66 66.71 -19.81
C GLN J 491 -4.15 66.87 -19.59
N LEU J 492 -3.43 67.15 -20.67
CA LEU J 492 -1.97 67.15 -20.61
C LEU J 492 -1.42 68.47 -20.07
N MET J 493 -1.77 69.58 -20.71
CA MET J 493 -1.21 70.85 -20.25
C MET J 493 -1.95 71.38 -19.03
N ALA J 494 -3.27 71.54 -19.13
CA ALA J 494 -4.10 72.03 -18.03
C ALA J 494 -3.61 73.39 -17.54
N GLU J 495 -3.74 74.37 -18.44
CA GLU J 495 -3.17 75.71 -18.27
C GLU J 495 -3.79 76.49 -17.11
N VAL J 496 -4.69 75.88 -16.32
CA VAL J 496 -5.38 76.59 -15.25
C VAL J 496 -4.36 77.27 -14.34
N VAL J 497 -4.63 78.53 -14.00
CA VAL J 497 -3.79 79.31 -13.10
C VAL J 497 -4.20 79.00 -11.66
N ASP J 498 -3.22 79.01 -10.77
CA ASP J 498 -3.45 78.61 -9.38
C ASP J 498 -4.36 79.60 -8.67
N LEU J 499 -4.92 79.15 -7.55
CA LEU J 499 -5.80 79.99 -6.74
C LEU J 499 -5.03 80.71 -5.63
N ALA J 500 -4.39 79.95 -4.74
CA ALA J 500 -3.70 80.50 -3.59
C ALA J 500 -2.22 80.73 -3.84
N THR J 501 -1.71 80.41 -5.03
CA THR J 501 -0.29 80.56 -5.34
C THR J 501 -0.01 81.82 -6.15
N GLY J 502 -0.68 81.97 -7.29
CA GLY J 502 -0.50 83.12 -8.14
C GLY J 502 0.40 82.93 -9.34
N GLU J 503 0.95 81.73 -9.53
CA GLU J 503 1.80 81.42 -10.67
C GLU J 503 1.00 80.62 -11.69
N LYS J 504 1.63 80.40 -12.86
CA LYS J 504 0.97 79.67 -13.93
C LYS J 504 0.86 78.19 -13.60
N GLN J 505 2.00 77.51 -13.44
CA GLN J 505 2.06 76.15 -12.92
C GLN J 505 1.21 75.19 -13.77
N VAL J 506 1.68 74.98 -15.01
CA VAL J 506 1.08 73.96 -15.85
C VAL J 506 1.15 72.62 -15.11
N LEU J 507 0.07 71.85 -15.22
CA LEU J 507 -0.13 70.75 -14.29
C LEU J 507 0.78 69.55 -14.61
N ASN J 508 0.60 68.95 -15.78
CA ASN J 508 1.28 67.69 -16.08
C ASN J 508 2.57 67.89 -16.87
N ASP J 509 2.48 68.47 -18.07
CA ASP J 509 3.65 68.82 -18.87
C ASP J 509 4.59 67.62 -19.05
N ILE J 510 4.07 66.64 -19.80
CA ILE J 510 4.76 65.37 -20.01
C ILE J 510 6.19 65.57 -20.49
N ARG J 511 6.42 66.58 -21.33
CA ARG J 511 7.73 66.81 -21.92
C ARG J 511 8.80 66.89 -20.84
N GLY J 512 9.86 66.11 -21.02
CA GLY J 512 10.94 66.06 -20.05
C GLY J 512 12.09 65.18 -20.49
N ARG J 513 12.65 64.40 -19.57
CA ARG J 513 13.74 63.49 -19.89
C ARG J 513 13.66 62.31 -18.93
N TYR J 514 13.12 61.20 -19.39
CA TYR J 514 12.89 60.04 -18.55
C TYR J 514 13.66 58.85 -19.10
N GLU J 515 14.11 57.97 -18.20
CA GLU J 515 14.70 56.70 -18.58
C GLU J 515 13.83 55.57 -18.07
N CYS J 516 13.73 54.50 -18.85
CA CYS J 516 12.82 53.41 -18.55
C CYS J 516 13.52 52.32 -17.77
N TYR J 517 12.78 51.64 -16.90
CA TYR J 517 13.29 50.48 -16.20
C TYR J 517 12.13 49.57 -15.88
N THR J 518 12.26 48.29 -16.20
CA THR J 518 11.17 47.34 -16.09
C THR J 518 11.30 46.49 -14.83
N ASP J 519 10.17 46.12 -14.25
CA ASP J 519 10.12 45.27 -13.06
C ASP J 519 9.37 44.00 -13.42
N VAL J 520 10.10 43.03 -13.98
CA VAL J 520 9.51 41.74 -14.31
C VAL J 520 9.34 40.94 -13.02
N GLY J 521 8.16 40.36 -12.84
CA GLY J 521 7.91 39.57 -11.66
C GLY J 521 6.43 39.38 -11.38
N PRO J 522 6.02 39.65 -10.13
CA PRO J 522 4.64 39.40 -9.73
C PRO J 522 3.68 40.34 -10.45
N SER J 523 2.75 39.78 -11.21
CA SER J 523 1.71 40.57 -11.84
C SER J 523 0.77 41.14 -10.78
N PHE J 524 0.08 42.22 -11.14
CA PHE J 524 -0.75 42.91 -10.17
C PHE J 524 -1.86 42.01 -9.64
N GLN J 525 -2.50 41.25 -10.52
CA GLN J 525 -3.54 40.32 -10.06
C GLN J 525 -2.95 39.27 -9.14
N SER J 526 -1.75 38.77 -9.45
CA SER J 526 -1.10 37.83 -8.55
C SER J 526 -0.77 38.47 -7.22
N MET J 527 -0.33 39.74 -7.24
CA MET J 527 -0.07 40.45 -6.01
C MET J 527 -1.34 40.55 -5.18
N LYS J 528 -2.46 40.88 -5.80
CA LYS J 528 -3.71 41.01 -5.06
C LYS J 528 -4.17 39.67 -4.51
N GLN J 529 -4.03 38.60 -5.29
CA GLN J 529 -4.43 37.29 -4.79
C GLN J 529 -3.57 36.86 -3.60
N GLN J 530 -2.26 37.12 -3.66
CA GLN J 530 -1.41 36.80 -2.52
C GLN J 530 -1.76 37.64 -1.31
N ASN J 531 -2.10 38.92 -1.54
CA ASN J 531 -2.52 39.78 -0.45
C ASN J 531 -3.79 39.25 0.22
N ARG J 532 -4.76 38.84 -0.58
CA ARG J 532 -5.99 38.28 -0.03
C ARG J 532 -5.70 37.01 0.74
N ALA J 533 -4.79 36.17 0.24
CA ALA J 533 -4.45 34.95 0.97
C ALA J 533 -3.83 35.28 2.33
N GLU J 534 -2.93 36.26 2.36
CA GLU J 534 -2.29 36.64 3.62
C GLU J 534 -3.30 37.23 4.61
N ILE J 535 -4.20 38.09 4.12
CA ILE J 535 -5.20 38.68 5.00
C ILE J 535 -6.13 37.60 5.53
N LEU J 536 -6.51 36.64 4.69
CA LEU J 536 -7.36 35.55 5.15
C LEU J 536 -6.65 34.72 6.20
N GLU J 537 -5.35 34.48 6.02
CA GLU J 537 -4.61 33.74 7.03
C GLU J 537 -4.60 34.47 8.36
N LEU J 538 -4.37 35.79 8.33
CA LEU J 538 -4.40 36.55 9.57
C LEU J 538 -5.79 36.51 10.22
N LEU J 539 -6.84 36.62 9.40
CA LEU J 539 -8.19 36.46 9.94
C LEU J 539 -8.36 35.12 10.61
N GLY J 540 -7.71 34.08 10.09
CA GLY J 540 -7.74 32.79 10.75
C GLY J 540 -6.92 32.76 12.03
N LYS J 541 -5.93 33.64 12.15
CA LYS J 541 -5.03 33.61 13.31
C LYS J 541 -5.06 34.91 14.11
N THR J 542 -6.26 35.42 14.40
CA THR J 542 -6.39 36.65 15.18
C THR J 542 -7.66 36.57 16.02
N PRO J 543 -7.59 36.90 17.31
CA PRO J 543 -8.82 36.90 18.13
C PRO J 543 -9.81 37.93 17.62
N GLN J 544 -11.08 37.61 17.79
CA GLN J 544 -12.17 38.40 17.23
C GLN J 544 -12.49 39.61 18.11
N GLY J 545 -13.30 40.51 17.56
CA GLY J 545 -13.77 41.66 18.31
C GLY J 545 -12.80 42.82 18.32
N THR J 546 -11.50 42.53 18.41
CA THR J 546 -10.51 43.59 18.49
C THR J 546 -10.51 44.40 17.19
N PRO J 547 -10.15 45.69 17.27
CA PRO J 547 -10.15 46.53 16.05
C PRO J 547 -9.22 46.01 14.97
N GLU J 548 -8.17 45.27 15.33
CA GLU J 548 -7.31 44.67 14.30
C GLU J 548 -8.08 43.68 13.45
N TYR J 549 -8.89 42.83 14.07
CA TYR J 549 -9.66 41.85 13.31
C TYR J 549 -10.68 42.54 12.41
N GLN J 550 -11.34 43.58 12.92
CA GLN J 550 -12.29 44.30 12.08
C GLN J 550 -11.57 44.97 10.92
N LEU J 551 -10.42 45.58 11.16
CA LEU J 551 -9.68 46.22 10.09
C LEU J 551 -9.25 45.20 9.04
N LEU J 552 -8.80 44.03 9.47
CA LEU J 552 -8.42 42.98 8.53
C LEU J 552 -9.62 42.53 7.70
N LEU J 553 -10.77 42.36 8.33
CA LEU J 553 -11.95 41.92 7.59
C LEU J 553 -12.37 42.96 6.56
N LEU J 554 -12.37 44.23 6.95
CA LEU J 554 -12.73 45.28 5.98
C LEU J 554 -11.71 45.39 4.86
N GLN J 555 -10.42 45.20 5.16
CA GLN J 555 -9.44 45.26 4.08
C GLN J 555 -9.58 44.06 3.16
N TYR J 556 -9.99 42.91 3.69
CA TYR J 556 -10.32 41.79 2.82
C TYR J 556 -11.51 42.13 1.93
N PHE J 557 -12.51 42.80 2.50
CA PHE J 557 -13.66 43.19 1.70
C PHE J 557 -13.25 44.10 0.55
N THR J 558 -12.39 45.08 0.83
CA THR J 558 -12.07 46.05 -0.21
C THR J 558 -11.14 45.47 -1.27
N LEU J 559 -10.66 44.25 -1.06
CA LEU J 559 -9.80 43.57 -2.04
C LEU J 559 -10.54 42.55 -2.88
N LEU J 560 -11.87 42.56 -2.87
CA LEU J 560 -12.64 41.55 -3.58
C LEU J 560 -12.69 41.90 -5.08
N ASP J 561 -13.52 41.18 -5.82
CA ASP J 561 -13.62 41.34 -7.26
C ASP J 561 -14.69 42.40 -7.56
N GLY J 562 -15.15 42.45 -8.82
CA GLY J 562 -15.93 43.58 -9.27
C GLY J 562 -17.43 43.51 -9.08
N LYS J 563 -18.16 43.27 -10.18
CA LYS J 563 -19.60 43.55 -10.23
C LYS J 563 -20.39 42.84 -9.13
N GLY J 564 -20.04 41.59 -8.86
CA GLY J 564 -20.83 40.79 -7.95
C GLY J 564 -20.95 41.32 -6.53
N VAL J 565 -19.84 41.77 -5.96
CA VAL J 565 -19.81 42.11 -4.53
C VAL J 565 -19.49 43.59 -4.36
N GLU J 566 -19.89 44.40 -5.33
CA GLU J 566 -19.62 45.84 -5.27
C GLU J 566 -20.18 46.45 -3.99
N MET J 567 -21.34 45.96 -3.55
CA MET J 567 -22.00 46.58 -2.40
C MET J 567 -21.20 46.38 -1.12
N MET J 568 -20.61 45.19 -0.91
CA MET J 568 -19.78 45.02 0.27
C MET J 568 -18.50 45.85 0.19
N ARG J 569 -17.93 45.99 -1.00
CA ARG J 569 -16.74 46.83 -1.13
C ARG J 569 -17.06 48.28 -0.79
N ASP J 570 -18.20 48.79 -1.26
CA ASP J 570 -18.59 50.15 -0.92
C ASP J 570 -18.86 50.30 0.57
N TYR J 571 -19.52 49.30 1.18
CA TYR J 571 -19.73 49.34 2.62
C TYR J 571 -18.41 49.35 3.37
N ALA J 572 -17.45 48.55 2.92
CA ALA J 572 -16.15 48.50 3.56
C ALA J 572 -15.44 49.84 3.45
N ASN J 573 -15.50 50.49 2.29
CA ASN J 573 -14.90 51.81 2.18
C ASN J 573 -15.56 52.80 3.13
N LYS J 574 -16.89 52.73 3.24
CA LYS J 574 -17.58 53.65 4.15
C LYS J 574 -17.15 53.42 5.59
N GLN J 575 -17.08 52.16 6.02
CA GLN J 575 -16.68 51.87 7.39
C GLN J 575 -15.23 52.24 7.64
N LEU J 576 -14.34 52.01 6.66
CA LEU J 576 -12.95 52.39 6.83
C LEU J 576 -12.80 53.88 6.95
N ILE J 577 -13.51 54.64 6.13
CA ILE J 577 -13.37 56.10 6.16
C ILE J 577 -13.97 56.66 7.43
N GLN J 578 -15.12 56.14 7.87
CA GLN J 578 -15.70 56.58 9.12
C GLN J 578 -14.90 56.12 10.33
N MET J 579 -14.11 55.06 10.19
CA MET J 579 -13.21 54.65 11.27
C MET J 579 -12.01 55.57 11.38
N GLY J 580 -11.61 56.20 10.29
CA GLY J 580 -10.46 57.08 10.27
C GLY J 580 -9.18 56.44 9.79
N VAL J 581 -9.22 55.20 9.32
CA VAL J 581 -8.00 54.51 8.89
C VAL J 581 -7.67 54.88 7.45
N LYS J 582 -8.65 54.77 6.57
CA LYS J 582 -8.47 55.16 5.17
C LYS J 582 -8.84 56.61 4.97
N LYS J 583 -7.97 57.35 4.31
CA LYS J 583 -8.23 58.76 4.08
C LYS J 583 -9.39 58.97 3.12
N PRO J 584 -10.19 60.01 3.31
CA PRO J 584 -11.26 60.31 2.36
C PRO J 584 -10.71 60.78 1.03
N GLU J 585 -11.48 60.53 -0.03
CA GLU J 585 -11.06 60.90 -1.38
C GLU J 585 -12.09 61.73 -2.13
N THR J 586 -13.22 62.09 -1.51
CA THR J 586 -14.26 62.86 -2.17
C THR J 586 -15.15 63.46 -1.09
N PRO J 587 -15.78 64.62 -1.35
CA PRO J 587 -16.49 65.33 -0.28
C PRO J 587 -17.60 64.54 0.38
N GLU J 588 -18.26 63.61 -0.32
CA GLU J 588 -19.26 62.78 0.35
C GLU J 588 -18.62 61.92 1.43
N GLU J 589 -17.43 61.39 1.16
CA GLU J 589 -16.71 60.65 2.19
C GLU J 589 -16.32 61.56 3.35
N GLN J 590 -15.96 62.80 3.06
CA GLN J 590 -15.65 63.75 4.13
C GLN J 590 -16.87 64.00 5.00
N GLN J 591 -18.05 64.17 4.37
CA GLN J 591 -19.27 64.32 5.14
C GLN J 591 -19.56 63.10 5.99
N TRP J 592 -19.31 61.90 5.44
CA TRP J 592 -19.49 60.69 6.22
C TRP J 592 -18.54 60.66 7.41
N LEU J 593 -17.29 61.06 7.20
CA LEU J 593 -16.31 61.07 8.27
C LEU J 593 -16.72 62.01 9.39
N VAL J 594 -17.14 63.22 9.03
CA VAL J 594 -17.53 64.19 10.07
C VAL J 594 -18.82 63.75 10.76
N GLU J 595 -19.75 63.13 10.02
CA GLU J 595 -20.96 62.61 10.63
C GLU J 595 -20.63 61.54 11.66
N ALA J 596 -19.74 60.62 11.30
CA ALA J 596 -19.36 59.57 12.26
C ALA J 596 -18.62 60.14 13.45
N GLN J 597 -17.73 61.10 13.22
CA GLN J 597 -16.92 61.63 14.31
C GLN J 597 -17.76 62.43 15.30
N GLN J 598 -18.60 63.35 14.78
CA GLN J 598 -19.41 64.18 15.65
C GLN J 598 -20.57 63.41 16.28
N ALA J 599 -20.84 62.19 15.83
CA ALA J 599 -21.94 61.40 16.38
C ALA J 599 -21.67 61.04 17.83
N ASN K 6 -14.73 48.73 -69.09
CA ASN K 6 -13.36 48.62 -68.60
C ASN K 6 -13.32 48.37 -67.10
N ARG K 7 -14.38 48.79 -66.41
CA ARG K 7 -14.45 48.62 -64.97
C ARG K 7 -14.37 47.14 -64.58
N LEU K 8 -15.11 46.29 -65.30
CA LEU K 8 -15.09 44.87 -64.99
C LEU K 8 -13.71 44.28 -65.23
N GLU K 9 -12.97 44.80 -66.20
CA GLU K 9 -11.62 44.30 -66.40
C GLU K 9 -10.72 44.63 -65.22
N SER K 10 -10.85 45.82 -64.64
CA SER K 10 -10.10 46.14 -63.42
C SER K 10 -10.53 45.24 -62.27
N ILE K 11 -11.83 45.03 -62.11
CA ILE K 11 -12.31 44.16 -61.03
C ILE K 11 -11.74 42.77 -61.18
N LEU K 12 -11.79 42.21 -62.39
CA LEU K 12 -11.29 40.87 -62.61
C LEU K 12 -9.78 40.80 -62.47
N SER K 13 -9.07 41.86 -62.84
CA SER K 13 -7.63 41.88 -62.62
C SER K 13 -7.31 41.79 -61.13
N ARG K 14 -7.99 42.58 -60.31
CA ARG K 14 -7.75 42.52 -58.87
C ARG K 14 -8.12 41.17 -58.30
N PHE K 15 -9.26 40.62 -58.73
CA PHE K 15 -9.70 39.32 -58.21
C PHE K 15 -8.74 38.21 -58.61
N ASP K 16 -8.26 38.23 -59.86
CA ASP K 16 -7.31 37.21 -60.29
C ASP K 16 -5.99 37.33 -59.56
N ALA K 17 -5.53 38.56 -59.31
CA ALA K 17 -4.31 38.73 -58.54
C ALA K 17 -4.46 38.15 -57.14
N ASP K 18 -5.58 38.44 -56.48
CA ASP K 18 -5.80 37.90 -55.15
C ASP K 18 -5.88 36.38 -55.16
N TRP K 19 -6.58 35.83 -56.15
CA TRP K 19 -6.74 34.39 -56.26
C TRP K 19 -5.39 33.69 -56.44
N THR K 20 -4.60 34.16 -57.40
CA THR K 20 -3.32 33.52 -57.64
C THR K 20 -2.35 33.74 -56.48
N ALA K 21 -2.49 34.85 -55.75
CA ALA K 21 -1.62 35.06 -54.61
C ALA K 21 -1.96 34.12 -53.45
N SER K 22 -3.24 33.82 -53.24
CA SER K 22 -3.63 32.96 -52.13
C SER K 22 -3.88 31.52 -52.56
N ASP K 23 -3.51 31.16 -53.80
CA ASP K 23 -3.80 29.82 -54.30
C ASP K 23 -3.21 28.72 -53.43
N GLU K 24 -1.95 28.85 -53.00
CA GLU K 24 -1.32 27.77 -52.27
C GLU K 24 -2.02 27.53 -50.92
N ALA K 25 -2.27 28.61 -50.19
CA ALA K 25 -2.95 28.49 -48.89
C ALA K 25 -4.36 27.95 -49.07
N ARG K 26 -5.07 28.40 -50.10
CA ARG K 26 -6.42 27.89 -50.32
C ARG K 26 -6.40 26.42 -50.67
N ARG K 27 -5.43 25.98 -51.48
CA ARG K 27 -5.31 24.57 -51.81
C ARG K 27 -5.12 23.73 -50.56
N GLU K 28 -4.15 24.11 -49.73
CA GLU K 28 -3.89 23.30 -48.55
C GLU K 28 -5.06 23.34 -47.58
N ALA K 29 -5.74 24.48 -47.44
CA ALA K 29 -6.90 24.54 -46.54
C ALA K 29 -8.06 23.69 -47.06
N LYS K 30 -8.30 23.72 -48.37
CA LYS K 30 -9.35 22.88 -48.93
C LYS K 30 -9.04 21.40 -48.72
N ASN K 31 -7.77 21.02 -48.89
CA ASN K 31 -7.40 19.64 -48.63
C ASN K 31 -7.62 19.29 -47.16
N ASP K 32 -7.29 20.20 -46.25
CA ASP K 32 -7.52 19.97 -44.84
C ASP K 32 -9.00 19.75 -44.54
N LEU K 33 -9.84 20.63 -45.06
CA LEU K 33 -11.27 20.54 -44.81
C LEU K 33 -11.83 19.25 -45.40
N PHE K 34 -11.41 18.90 -46.61
CA PHE K 34 -11.89 17.67 -47.23
C PHE K 34 -11.43 16.44 -46.46
N PHE K 35 -10.23 16.48 -45.90
CA PHE K 35 -9.77 15.38 -45.07
C PHE K 35 -10.59 15.27 -43.80
N SER K 36 -10.97 16.40 -43.21
CA SER K 36 -11.67 16.38 -41.94
C SER K 36 -13.18 16.28 -42.07
N ARG K 37 -13.71 16.16 -43.28
CA ARG K 37 -15.16 16.08 -43.44
C ARG K 37 -15.65 15.05 -44.44
N VAL K 38 -14.81 14.48 -45.28
CA VAL K 38 -15.28 13.57 -46.31
C VAL K 38 -14.62 12.21 -46.19
N SER K 39 -13.29 12.16 -46.33
CA SER K 39 -12.59 10.88 -46.33
C SER K 39 -11.13 11.11 -45.95
N GLN K 40 -10.62 10.32 -45.01
CA GLN K 40 -9.25 10.49 -44.56
C GLN K 40 -8.24 10.11 -45.64
N TRP K 41 -8.66 9.33 -46.64
CA TRP K 41 -7.74 8.78 -47.62
C TRP K 41 -7.65 9.69 -48.83
N ASP K 42 -6.69 10.61 -48.81
CA ASP K 42 -6.44 11.46 -49.96
C ASP K 42 -6.00 10.63 -51.14
N ASP K 43 -5.90 11.24 -52.32
CA ASP K 43 -5.54 10.46 -53.50
C ASP K 43 -4.06 10.07 -53.49
N TRP K 44 -3.19 10.93 -52.98
CA TRP K 44 -1.79 10.56 -52.82
C TRP K 44 -1.65 9.27 -52.06
N LEU K 45 -2.32 9.17 -50.90
CA LEU K 45 -2.23 7.95 -50.11
C LEU K 45 -2.82 6.76 -50.84
N SER K 46 -3.87 6.98 -51.63
CA SER K 46 -4.43 5.88 -52.42
C SER K 46 -3.48 5.43 -53.51
N GLN K 47 -2.54 6.27 -53.94
CA GLN K 47 -1.56 5.83 -54.92
C GLN K 47 -0.40 5.12 -54.23
N TYR K 48 0.16 5.72 -53.19
CA TYR K 48 1.10 5.02 -52.30
C TYR K 48 0.32 4.24 -51.26
N THR K 49 -0.19 3.09 -51.70
CA THR K 49 -0.66 2.04 -50.81
C THR K 49 -1.10 0.89 -51.69
N THR K 50 -1.15 -0.29 -51.10
CA THR K 50 -1.69 -1.46 -51.76
C THR K 50 -2.75 -2.14 -50.91
N LEU K 51 -3.08 -1.57 -49.75
CA LEU K 51 -4.13 -2.11 -48.90
C LEU K 51 -5.44 -2.18 -49.67
N GLN K 52 -6.21 -3.24 -49.42
CA GLN K 52 -7.49 -3.40 -50.09
C GLN K 52 -8.67 -2.96 -49.22
N TYR K 53 -8.54 -2.98 -47.90
CA TYR K 53 -9.61 -2.50 -47.03
C TYR K 53 -9.23 -1.13 -46.52
N ARG K 54 -9.58 -0.11 -47.30
CA ARG K 54 -9.34 1.27 -46.89
C ARG K 54 -10.39 1.67 -45.88
N GLY K 55 -9.97 1.84 -44.62
CA GLY K 55 -10.87 2.18 -43.54
C GLY K 55 -10.58 3.58 -43.01
N GLN K 56 -11.46 4.05 -42.13
CA GLN K 56 -11.31 5.36 -41.50
C GLN K 56 -11.61 5.22 -40.01
N PHE K 57 -10.58 4.89 -39.24
CA PHE K 57 -10.70 4.78 -37.79
C PHE K 57 -10.12 6.03 -37.14
N ASP K 58 -10.85 7.13 -37.25
CA ASP K 58 -10.27 8.43 -36.96
C ASP K 58 -10.36 8.79 -35.49
N VAL K 59 -9.43 9.62 -35.04
CA VAL K 59 -9.49 10.20 -33.71
C VAL K 59 -9.29 11.70 -33.82
N VAL K 60 -9.56 12.26 -34.99
CA VAL K 60 -9.44 13.70 -35.17
C VAL K 60 -10.67 14.42 -34.64
N ARG K 61 -11.86 13.97 -35.06
CA ARG K 61 -13.08 14.64 -34.65
C ARG K 61 -13.27 14.70 -33.14
N PRO K 62 -12.93 13.69 -32.34
CA PRO K 62 -12.93 13.91 -30.89
C PRO K 62 -12.07 15.08 -30.46
N VAL K 63 -10.91 15.26 -31.07
CA VAL K 63 -10.05 16.38 -30.70
C VAL K 63 -10.69 17.71 -31.08
N VAL K 64 -11.23 17.78 -32.30
CA VAL K 64 -11.87 19.03 -32.73
C VAL K 64 -13.06 19.34 -31.84
N ARG K 65 -13.83 18.32 -31.47
CA ARG K 65 -14.96 18.54 -30.56
C ARG K 65 -14.48 19.06 -29.22
N LYS K 66 -13.40 18.49 -28.69
CA LYS K 66 -12.88 18.98 -27.42
C LYS K 66 -12.46 20.44 -27.52
N LEU K 67 -11.79 20.81 -28.62
CA LEU K 67 -11.37 22.20 -28.77
C LEU K 67 -12.55 23.15 -28.86
N VAL K 68 -13.57 22.79 -29.65
CA VAL K 68 -14.71 23.68 -29.79
C VAL K 68 -15.44 23.83 -28.47
N SER K 69 -15.63 22.73 -27.74
CA SER K 69 -16.28 22.83 -26.43
C SER K 69 -15.46 23.70 -25.48
N GLU K 70 -14.14 23.52 -25.50
CA GLU K 70 -13.28 24.25 -24.59
C GLU K 70 -13.33 25.75 -24.90
N MET K 71 -13.48 26.11 -26.17
CA MET K 71 -13.80 27.50 -26.50
C MET K 71 -15.16 27.92 -25.96
N ARG K 72 -16.17 27.08 -26.15
CA ARG K 72 -17.52 27.42 -25.73
C ARG K 72 -17.60 27.71 -24.24
N GLN K 73 -16.72 27.11 -23.45
CA GLN K 73 -16.74 27.31 -22.01
C GLN K 73 -15.98 28.55 -21.55
N ASN K 74 -15.38 29.31 -22.46
CA ASN K 74 -14.68 30.55 -22.13
C ASN K 74 -15.18 31.66 -23.05
N PRO K 75 -16.40 32.15 -22.84
CA PRO K 75 -17.00 33.08 -23.79
C PRO K 75 -16.28 34.43 -23.79
N ILE K 76 -16.30 35.08 -24.95
CA ILE K 76 -15.63 36.35 -25.16
C ILE K 76 -16.68 37.45 -25.24
N ASP K 77 -16.54 38.47 -24.42
CA ASP K 77 -17.42 39.62 -24.43
C ASP K 77 -16.76 40.75 -25.20
N VAL K 78 -17.59 41.65 -25.73
CA VAL K 78 -17.12 42.83 -26.43
C VAL K 78 -17.61 44.05 -25.68
N LEU K 79 -16.68 44.96 -25.40
CA LEU K 79 -16.97 46.21 -24.70
C LEU K 79 -16.93 47.33 -25.72
N TYR K 80 -17.13 48.56 -25.25
CA TYR K 80 -17.08 49.71 -26.14
C TYR K 80 -16.48 50.90 -25.39
N ARG K 81 -15.34 51.36 -25.85
CA ARG K 81 -14.72 52.56 -25.31
C ARG K 81 -15.50 53.78 -25.76
N PRO K 82 -16.00 54.63 -24.85
CA PRO K 82 -16.63 55.88 -25.27
C PRO K 82 -15.56 56.92 -25.59
N LYS K 83 -15.58 57.42 -26.81
CA LYS K 83 -14.59 58.39 -27.26
C LYS K 83 -15.25 59.73 -27.59
N ASP K 84 -14.41 60.75 -27.68
CA ASP K 84 -14.83 62.10 -28.05
C ASP K 84 -15.94 62.60 -27.14
N GLY K 85 -15.77 62.37 -25.84
CA GLY K 85 -16.69 62.90 -24.85
C GLY K 85 -18.07 62.31 -24.86
N ALA K 86 -18.26 61.15 -25.48
CA ALA K 86 -19.56 60.50 -25.45
C ALA K 86 -19.86 59.99 -24.04
N ARG K 87 -21.13 60.04 -23.68
CA ARG K 87 -21.54 59.67 -22.34
C ARG K 87 -21.35 58.17 -22.12
N PRO K 88 -21.02 57.76 -20.89
CA PRO K 88 -20.90 56.32 -20.62
C PRO K 88 -22.20 55.57 -20.79
N ASP K 89 -23.35 56.24 -20.67
CA ASP K 89 -24.63 55.55 -20.84
C ASP K 89 -24.82 55.07 -22.27
N ALA K 90 -24.40 55.85 -23.26
CA ALA K 90 -24.47 55.38 -24.64
C ALA K 90 -23.55 54.20 -24.86
N ALA K 91 -22.37 54.21 -24.23
CA ALA K 91 -21.48 53.06 -24.30
C ALA K 91 -22.14 51.83 -23.71
N ASP K 92 -22.83 51.99 -22.57
CA ASP K 92 -23.51 50.85 -21.96
C ASP K 92 -24.63 50.35 -22.88
N VAL K 93 -25.33 51.27 -23.54
CA VAL K 93 -26.40 50.86 -24.44
C VAL K 93 -25.85 50.06 -25.60
N LEU K 94 -24.74 50.49 -26.20
CA LEU K 94 -24.16 49.68 -27.27
C LEU K 94 -23.62 48.35 -26.77
N MET K 95 -23.02 48.33 -25.58
CA MET K 95 -22.60 47.06 -25.02
C MET K 95 -23.77 46.09 -24.93
N GLY K 96 -24.89 46.55 -24.37
CA GLY K 96 -26.05 45.68 -24.26
C GLY K 96 -26.65 45.32 -25.61
N MET K 97 -26.66 46.25 -26.54
CA MET K 97 -27.22 45.97 -27.86
C MET K 97 -26.40 44.93 -28.60
N TYR K 98 -25.07 45.03 -28.52
CA TYR K 98 -24.24 44.01 -29.11
C TYR K 98 -24.45 42.67 -28.42
N ARG K 99 -24.61 42.67 -27.09
CA ARG K 99 -24.87 41.42 -26.42
C ARG K 99 -26.17 40.78 -26.88
N THR K 100 -27.23 41.57 -27.06
CA THR K 100 -28.48 40.99 -27.50
C THR K 100 -28.50 40.64 -28.98
N ASP K 101 -27.62 41.24 -29.77
CA ASP K 101 -27.49 40.85 -31.17
C ASP K 101 -26.52 39.70 -31.37
N MET K 102 -25.75 39.34 -30.33
CA MET K 102 -24.85 38.19 -30.41
C MET K 102 -25.42 36.95 -29.73
N ARG K 103 -26.37 37.10 -28.81
CA ARG K 103 -27.03 35.92 -28.27
C ARG K 103 -28.14 35.41 -29.18
N HIS K 104 -28.54 36.18 -30.17
CA HIS K 104 -29.56 35.73 -31.11
C HIS K 104 -29.06 34.49 -31.83
N ASN K 105 -29.99 33.56 -32.08
CA ASN K 105 -29.57 32.21 -32.48
C ASN K 105 -28.86 32.20 -33.83
N THR K 106 -29.24 33.08 -34.75
CA THR K 106 -28.54 33.11 -36.04
C THR K 106 -27.08 33.49 -35.86
N ALA K 107 -26.81 34.46 -34.99
CA ALA K 107 -25.43 34.83 -34.70
C ALA K 107 -24.67 33.69 -34.05
N LYS K 108 -25.33 32.92 -33.18
CA LYS K 108 -24.66 31.79 -32.57
C LYS K 108 -24.33 30.72 -33.60
N ILE K 109 -25.24 30.47 -34.55
CA ILE K 109 -24.93 29.52 -35.62
C ILE K 109 -23.75 30.00 -36.44
N ALA K 110 -23.73 31.29 -36.79
CA ALA K 110 -22.63 31.82 -37.59
C ALA K 110 -21.30 31.71 -36.85
N VAL K 111 -21.28 32.09 -35.57
CA VAL K 111 -20.04 32.00 -34.81
C VAL K 111 -19.59 30.56 -34.67
N ASN K 112 -20.52 29.64 -34.41
CA ASN K 112 -20.14 28.25 -34.26
C ASN K 112 -19.57 27.67 -35.55
N ILE K 113 -20.18 27.98 -36.69
CA ILE K 113 -19.64 27.48 -37.96
C ILE K 113 -18.26 28.08 -38.21
N ALA K 114 -18.10 29.38 -37.95
CA ALA K 114 -16.80 30.01 -38.18
C ALA K 114 -15.72 29.39 -37.29
N VAL K 115 -16.04 29.14 -36.02
CA VAL K 115 -15.03 28.57 -35.13
C VAL K 115 -14.72 27.12 -35.52
N ARG K 116 -15.74 26.37 -35.92
CA ARG K 116 -15.49 24.98 -36.32
C ARG K 116 -14.59 24.93 -37.55
N GLU K 117 -14.81 25.82 -38.52
CA GLU K 117 -13.94 25.84 -39.69
C GLU K 117 -12.58 26.45 -39.38
N GLN K 118 -12.48 27.31 -38.38
CA GLN K 118 -11.17 27.76 -37.90
C GLN K 118 -10.37 26.59 -37.37
N ILE K 119 -10.99 25.79 -36.50
CA ILE K 119 -10.26 24.70 -35.87
C ILE K 119 -9.94 23.60 -36.87
N GLU K 120 -10.85 23.32 -37.79
CA GLU K 120 -10.57 22.27 -38.77
C GLU K 120 -9.66 22.76 -39.88
N ALA K 121 -10.13 23.73 -40.67
CA ALA K 121 -9.37 24.16 -41.84
C ALA K 121 -8.33 25.21 -41.48
N GLY K 122 -8.77 26.32 -40.92
CA GLY K 122 -7.90 27.42 -40.59
C GLY K 122 -8.52 28.79 -40.79
N VAL K 123 -9.62 28.86 -41.53
CA VAL K 123 -10.32 30.11 -41.79
C VAL K 123 -11.81 29.88 -41.65
N GLY K 124 -12.51 30.80 -40.97
CA GLY K 124 -13.95 30.65 -40.85
C GLY K 124 -14.82 31.76 -41.41
N ALA K 125 -14.35 33.00 -41.31
CA ALA K 125 -14.94 34.15 -41.98
C ALA K 125 -16.47 34.23 -41.99
N TRP K 126 -17.11 34.40 -40.84
CA TRP K 126 -18.54 34.67 -40.87
C TRP K 126 -18.78 36.10 -41.35
N ARG K 127 -20.03 36.41 -41.70
CA ARG K 127 -20.34 37.64 -42.40
C ARG K 127 -21.47 38.40 -41.73
N LEU K 128 -21.35 39.73 -41.72
CA LEU K 128 -22.43 40.62 -41.26
C LEU K 128 -23.36 40.97 -42.41
N VAL K 129 -24.63 41.20 -42.08
CA VAL K 129 -25.62 41.61 -43.08
C VAL K 129 -26.73 42.33 -42.36
N THR K 130 -27.42 43.22 -43.07
CA THR K 130 -28.49 44.02 -42.50
C THR K 130 -29.79 43.82 -43.29
N ASP K 131 -30.92 43.84 -42.57
CA ASP K 131 -32.22 43.65 -43.20
C ASP K 131 -33.29 44.26 -42.32
N TYR K 132 -34.49 44.39 -42.88
CA TYR K 132 -35.58 45.03 -42.17
C TYR K 132 -36.15 44.12 -41.10
N GLU K 133 -36.74 44.73 -40.08
CA GLU K 133 -37.62 44.04 -39.13
C GLU K 133 -38.99 44.70 -39.21
N ASP K 134 -39.96 44.06 -38.55
CA ASP K 134 -41.28 44.67 -38.32
C ASP K 134 -41.93 45.06 -39.65
N GLN K 135 -42.28 44.02 -40.41
CA GLN K 135 -42.74 44.23 -41.78
C GLN K 135 -44.00 45.08 -41.83
N SER K 136 -43.84 46.35 -42.21
CA SER K 136 -44.90 47.32 -42.40
C SER K 136 -44.30 48.54 -43.09
N PRO K 137 -44.96 49.12 -44.10
CA PRO K 137 -44.34 50.23 -44.83
C PRO K 137 -44.27 51.53 -44.04
N THR K 138 -44.91 51.60 -42.87
CA THR K 138 -44.93 52.84 -42.10
C THR K 138 -43.52 53.26 -41.70
N SER K 139 -42.69 52.30 -41.31
CA SER K 139 -41.34 52.58 -40.84
C SER K 139 -40.30 51.96 -41.76
N ASN K 140 -39.03 52.18 -41.42
CA ASN K 140 -37.89 51.62 -42.15
C ASN K 140 -36.84 51.12 -41.19
N ASN K 141 -37.26 50.55 -40.06
CA ASN K 141 -36.31 50.07 -39.07
C ASN K 141 -35.55 48.86 -39.59
N GLN K 142 -34.26 48.78 -39.25
CA GLN K 142 -33.39 47.70 -39.71
C GLN K 142 -32.66 47.10 -38.52
N VAL K 143 -32.24 45.84 -38.67
CA VAL K 143 -31.51 45.11 -37.65
C VAL K 143 -30.28 44.48 -38.30
N ILE K 144 -29.45 43.85 -37.46
CA ILE K 144 -28.19 43.28 -37.88
C ILE K 144 -28.18 41.80 -37.52
N ARG K 145 -28.05 40.94 -38.52
CA ARG K 145 -27.89 39.51 -38.30
C ARG K 145 -26.66 39.04 -39.06
N ARG K 146 -26.13 37.89 -38.66
CA ARG K 146 -24.87 37.40 -39.19
C ARG K 146 -25.12 36.11 -39.96
N GLU K 147 -24.91 36.15 -41.25
CA GLU K 147 -25.04 34.97 -42.10
C GLU K 147 -23.68 34.30 -42.24
N PRO K 148 -23.55 33.03 -41.87
CA PRO K 148 -22.25 32.38 -41.98
C PRO K 148 -21.86 32.16 -43.43
N ILE K 149 -20.56 32.04 -43.66
CA ILE K 149 -20.00 31.75 -44.97
C ILE K 149 -19.37 30.36 -44.88
N HIS K 150 -19.94 29.41 -45.60
CA HIS K 150 -19.50 28.02 -45.50
C HIS K 150 -18.28 27.78 -46.37
N SER K 151 -17.36 26.98 -45.85
CA SER K 151 -16.07 26.72 -46.50
C SER K 151 -15.41 28.04 -46.90
N ALA K 152 -15.18 28.87 -45.89
CA ALA K 152 -14.67 30.21 -46.11
C ALA K 152 -13.25 30.22 -46.65
N CYS K 153 -12.53 29.11 -46.58
CA CYS K 153 -11.19 29.07 -47.13
C CYS K 153 -11.18 29.05 -48.66
N SER K 154 -12.33 28.86 -49.29
CA SER K 154 -12.42 28.81 -50.73
C SER K 154 -13.48 29.72 -51.33
N HIS K 155 -14.42 30.24 -50.54
CA HIS K 155 -15.47 31.10 -51.05
C HIS K 155 -15.28 32.56 -50.65
N VAL K 156 -14.19 32.90 -49.98
CA VAL K 156 -13.86 34.27 -49.65
C VAL K 156 -12.43 34.51 -50.08
N ILE K 157 -12.22 35.53 -50.91
CA ILE K 157 -10.90 35.83 -51.45
C ILE K 157 -10.51 37.19 -50.92
N TRP K 158 -9.80 37.21 -49.80
CA TRP K 158 -9.34 38.45 -49.22
C TRP K 158 -8.28 39.09 -50.09
N ASP K 159 -8.20 40.42 -50.02
CA ASP K 159 -7.20 41.13 -50.79
C ASP K 159 -5.80 40.68 -50.38
N SER K 160 -4.97 40.38 -51.37
CA SER K 160 -3.64 39.83 -51.09
C SER K 160 -2.73 40.83 -50.41
N ASN K 161 -2.99 42.12 -50.58
CA ASN K 161 -2.07 43.15 -50.10
C ASN K 161 -2.18 43.37 -48.59
N SER K 162 -3.37 43.26 -48.02
CA SER K 162 -3.56 43.53 -46.60
C SER K 162 -2.78 42.55 -45.74
N LYS K 163 -2.30 43.04 -44.60
CA LYS K 163 -1.36 42.29 -43.78
C LYS K 163 -1.73 42.33 -42.30
N LEU K 164 -3.03 42.24 -41.99
CA LEU K 164 -3.46 42.05 -40.61
C LEU K 164 -4.47 40.92 -40.52
N MET K 165 -4.51 40.30 -39.34
CA MET K 165 -5.45 39.21 -39.10
C MET K 165 -6.89 39.72 -39.12
N ASP K 166 -7.10 40.98 -38.77
CA ASP K 166 -8.41 41.58 -38.98
C ASP K 166 -8.75 41.70 -40.45
N LYS K 167 -7.76 41.65 -41.34
CA LYS K 167 -7.92 42.05 -42.73
C LYS K 167 -8.51 43.44 -42.82
N SER K 168 -8.11 44.31 -41.89
CA SER K 168 -8.64 45.67 -41.85
C SER K 168 -8.25 46.48 -43.08
N ASP K 169 -6.99 46.36 -43.51
CA ASP K 169 -6.52 47.19 -44.62
C ASP K 169 -7.12 46.76 -45.94
N ALA K 170 -7.62 45.53 -46.05
CA ALA K 170 -8.07 45.01 -47.33
C ALA K 170 -9.12 45.94 -47.92
N ARG K 171 -8.89 46.36 -49.16
CA ARG K 171 -9.75 47.31 -49.83
C ARG K 171 -10.79 46.63 -50.71
N HIS K 172 -10.81 45.30 -50.73
CA HIS K 172 -11.80 44.55 -51.48
C HIS K 172 -11.66 43.08 -51.09
N CYS K 173 -12.80 42.39 -51.08
CA CYS K 173 -12.79 40.96 -50.78
C CYS K 173 -14.06 40.35 -51.34
N THR K 174 -13.92 39.46 -52.31
CA THR K 174 -15.06 38.89 -53.00
C THR K 174 -15.70 37.79 -52.16
N VAL K 175 -16.91 37.40 -52.56
CA VAL K 175 -17.55 36.23 -51.99
C VAL K 175 -18.11 35.40 -53.13
N ILE K 176 -17.36 34.39 -53.57
CA ILE K 176 -17.78 33.59 -54.70
C ILE K 176 -19.01 32.76 -54.33
N HIS K 177 -19.91 32.60 -55.30
CA HIS K 177 -21.07 31.74 -55.14
C HIS K 177 -21.14 30.81 -56.34
N SER K 178 -20.99 29.51 -56.11
CA SER K 178 -21.08 28.53 -57.19
C SER K 178 -22.54 28.13 -57.35
N MET K 179 -23.26 28.83 -58.22
CA MET K 179 -24.67 28.56 -58.46
C MET K 179 -24.86 27.80 -59.77
N SER K 180 -25.77 26.83 -59.72
CA SER K 180 -26.28 26.15 -60.90
C SER K 180 -27.41 26.99 -61.48
N GLN K 181 -28.20 26.40 -62.37
CA GLN K 181 -29.31 27.14 -62.97
C GLN K 181 -30.28 27.66 -61.91
N ASN K 182 -30.66 26.79 -60.97
CA ASN K 182 -31.61 27.18 -59.93
C ASN K 182 -31.07 28.34 -59.08
N GLY K 183 -29.84 28.18 -58.57
CA GLY K 183 -29.21 29.27 -57.85
C GLY K 183 -29.06 30.51 -58.72
N TRP K 184 -28.81 30.29 -60.02
CA TRP K 184 -28.67 31.44 -60.91
C TRP K 184 -29.94 32.28 -60.93
N GLU K 185 -31.10 31.67 -61.20
CA GLU K 185 -32.27 32.52 -61.36
C GLU K 185 -32.73 33.05 -60.01
N ASP K 186 -32.52 32.29 -58.92
CA ASP K 186 -33.00 32.84 -57.65
C ASP K 186 -32.14 34.02 -57.21
N PHE K 187 -30.81 33.90 -57.29
CA PHE K 187 -29.94 34.99 -56.89
C PHE K 187 -29.87 36.10 -57.93
N ALA K 188 -30.42 35.89 -59.12
CA ALA K 188 -30.57 36.96 -60.10
C ALA K 188 -31.87 37.73 -59.95
N GLU K 189 -33.00 37.04 -59.78
CA GLU K 189 -34.27 37.71 -59.57
C GLU K 189 -34.36 38.35 -58.19
N LYS K 190 -33.64 37.79 -57.21
CA LYS K 190 -33.78 38.28 -55.84
C LYS K 190 -33.38 39.74 -55.72
N TYR K 191 -32.27 40.13 -56.36
CA TYR K 191 -31.72 41.46 -56.15
C TYR K 191 -31.75 42.33 -57.39
N ASP K 192 -31.10 41.93 -58.48
CA ASP K 192 -30.87 42.90 -59.56
C ASP K 192 -31.78 42.73 -60.77
N LEU K 193 -31.68 41.61 -61.47
CA LEU K 193 -32.36 41.35 -62.74
C LEU K 193 -32.15 39.88 -63.09
N ASP K 194 -33.03 39.36 -63.96
CA ASP K 194 -32.93 38.00 -64.46
C ASP K 194 -32.24 37.95 -65.82
N ALA K 195 -31.32 38.87 -66.09
CA ALA K 195 -30.62 38.91 -67.37
C ALA K 195 -29.56 37.80 -67.38
N ASP K 196 -29.71 36.85 -68.29
CA ASP K 196 -28.81 35.70 -68.35
C ASP K 196 -27.40 36.14 -68.70
N ASP K 197 -26.45 35.24 -68.44
CA ASP K 197 -25.04 35.49 -68.73
C ASP K 197 -24.82 35.71 -70.23
N ILE K 217 -22.22 28.45 -63.17
CA ILE K 217 -22.55 29.87 -63.09
C ILE K 217 -22.06 30.42 -61.75
N GLN K 218 -20.84 30.96 -61.76
CA GLN K 218 -20.20 31.45 -60.55
C GLN K 218 -20.33 32.97 -60.50
N ILE K 219 -21.17 33.45 -59.58
CA ILE K 219 -21.37 34.87 -59.39
C ILE K 219 -20.50 35.31 -58.21
N ALA K 220 -20.33 36.62 -58.06
CA ALA K 220 -19.45 37.16 -57.05
C ALA K 220 -20.12 38.34 -56.36
N GLU K 221 -19.59 38.71 -55.19
CA GLU K 221 -20.00 39.91 -54.47
C GLU K 221 -18.73 40.67 -54.12
N PHE K 222 -18.33 41.59 -54.99
CA PHE K 222 -17.04 42.28 -54.87
C PHE K 222 -17.22 43.49 -53.96
N TYR K 223 -16.93 43.31 -52.68
CA TYR K 223 -16.94 44.44 -51.76
C TYR K 223 -15.77 45.36 -52.06
N GLU K 224 -15.87 46.60 -51.60
CA GLU K 224 -14.85 47.59 -51.90
C GLU K 224 -14.89 48.71 -50.87
N VAL K 225 -13.72 49.25 -50.58
CA VAL K 225 -13.59 50.39 -49.67
C VAL K 225 -12.86 51.49 -50.42
N VAL K 226 -13.54 52.59 -50.66
CA VAL K 226 -12.96 53.72 -51.37
C VAL K 226 -12.57 54.79 -50.36
N GLU K 227 -11.47 55.48 -50.63
CA GLU K 227 -10.94 56.47 -49.72
C GLU K 227 -10.63 57.75 -50.50
N LYS K 228 -10.72 58.87 -49.79
CA LYS K 228 -10.40 60.18 -50.33
C LYS K 228 -9.29 60.78 -49.47
N LYS K 229 -8.11 60.94 -50.05
CA LYS K 229 -6.93 61.41 -49.32
C LYS K 229 -6.48 62.74 -49.89
N GLU K 230 -6.38 63.75 -49.03
CA GLU K 230 -5.95 65.09 -49.42
C GLU K 230 -4.86 65.58 -48.48
N THR K 231 -4.51 66.86 -48.55
CA THR K 231 -3.43 67.42 -47.74
C THR K 231 -3.92 68.29 -46.60
N ALA K 232 -4.89 69.17 -46.85
CA ALA K 232 -5.63 69.94 -45.84
C ALA K 232 -4.82 71.04 -45.16
N PHE K 233 -3.50 71.06 -45.36
CA PHE K 233 -2.65 72.24 -45.18
C PHE K 233 -3.06 73.17 -44.04
N ILE K 234 -3.09 72.68 -42.79
CA ILE K 234 -3.55 73.53 -41.69
C ILE K 234 -2.69 74.78 -41.57
N TYR K 235 -3.35 75.91 -41.33
CA TYR K 235 -2.72 77.20 -41.13
C TYR K 235 -3.12 77.74 -39.76
N GLN K 236 -2.21 78.48 -39.13
CA GLN K 236 -2.44 78.98 -37.78
C GLN K 236 -2.52 80.50 -37.76
N ASP K 237 -3.36 81.02 -36.87
CA ASP K 237 -3.57 82.44 -36.66
C ASP K 237 -3.46 82.75 -35.17
N PRO K 238 -3.56 84.03 -34.75
CA PRO K 238 -3.61 84.32 -33.30
C PRO K 238 -4.72 83.56 -32.59
N VAL K 239 -5.89 83.49 -33.21
CA VAL K 239 -6.96 82.64 -32.70
C VAL K 239 -6.62 81.19 -32.98
N THR K 240 -7.37 80.28 -32.35
CA THR K 240 -7.14 78.86 -32.57
C THR K 240 -7.30 78.53 -34.06
N GLY K 241 -6.44 77.64 -34.54
CA GLY K 241 -6.40 77.36 -35.96
C GLY K 241 -7.59 76.56 -36.44
N GLU K 242 -8.50 77.23 -37.13
CA GLU K 242 -9.66 76.57 -37.72
C GLU K 242 -9.26 75.86 -39.00
N PRO K 243 -10.07 74.90 -39.47
CA PRO K 243 -9.73 74.24 -40.74
C PRO K 243 -9.76 75.22 -41.89
N VAL K 244 -8.57 75.53 -42.41
CA VAL K 244 -8.41 76.46 -43.52
C VAL K 244 -7.55 75.77 -44.56
N SER K 245 -7.76 76.14 -45.83
CA SER K 245 -7.01 75.59 -46.94
C SER K 245 -7.18 74.07 -47.02
N TYR K 246 -8.45 73.65 -47.09
CA TYR K 246 -8.76 72.23 -47.05
C TYR K 246 -8.20 71.49 -48.26
N PHE K 247 -8.22 72.12 -49.42
CA PHE K 247 -7.77 71.48 -50.66
C PHE K 247 -6.51 72.16 -51.17
N LYS K 248 -5.99 71.63 -52.29
CA LYS K 248 -4.96 72.33 -53.02
C LYS K 248 -5.53 73.47 -53.86
N ARG K 249 -6.80 73.39 -54.23
CA ARG K 249 -7.45 74.49 -54.94
C ARG K 249 -7.81 75.63 -54.00
N ASP K 250 -8.12 75.32 -52.74
CA ASP K 250 -8.37 76.38 -51.77
C ASP K 250 -7.10 77.18 -51.50
N ILE K 251 -5.92 76.58 -51.67
CA ILE K 251 -4.67 77.35 -51.65
C ILE K 251 -4.71 78.42 -52.73
N LYS K 252 -5.03 78.02 -53.96
CA LYS K 252 -5.10 78.97 -55.06
C LYS K 252 -6.28 79.93 -54.94
N ASP K 253 -7.20 79.66 -54.02
CA ASP K 253 -8.25 80.62 -53.70
C ASP K 253 -7.85 81.59 -52.59
N VAL K 254 -6.77 81.32 -51.85
CA VAL K 254 -6.34 82.20 -50.78
C VAL K 254 -4.89 82.64 -50.99
N ILE K 255 -4.48 82.81 -52.24
CA ILE K 255 -3.10 83.22 -52.54
C ILE K 255 -2.71 84.47 -51.77
N ASP K 256 -3.68 85.35 -51.47
CA ASP K 256 -3.39 86.50 -50.64
C ASP K 256 -3.48 86.17 -49.15
N ASP K 257 -4.51 85.40 -48.75
CA ASP K 257 -4.71 85.13 -47.34
C ASP K 257 -3.59 84.30 -46.76
N LEU K 258 -2.98 83.42 -47.54
CA LEU K 258 -1.87 82.61 -47.03
C LEU K 258 -0.68 83.49 -46.65
N ALA K 259 -0.48 84.60 -47.35
CA ALA K 259 0.61 85.51 -47.03
C ALA K 259 0.21 86.58 -46.03
N ASP K 260 -1.08 86.88 -45.89
CA ASP K 260 -1.52 87.88 -44.92
C ASP K 260 -1.73 87.31 -43.52
N SER K 261 -1.72 85.98 -43.37
CA SER K 261 -1.95 85.38 -42.06
C SER K 261 -0.71 85.52 -41.17
N GLY K 262 -0.91 85.26 -39.88
CA GLY K 262 0.19 85.36 -38.93
C GLY K 262 1.26 84.31 -39.17
N PHE K 263 0.86 83.07 -39.42
CA PHE K 263 1.77 81.96 -39.65
C PHE K 263 1.52 81.36 -41.02
N ILE K 264 2.59 80.90 -41.67
CA ILE K 264 2.52 80.48 -43.06
C ILE K 264 2.17 79.00 -43.21
N LYS K 265 2.68 78.15 -42.32
CA LYS K 265 2.41 76.71 -42.40
C LYS K 265 2.83 76.06 -41.10
N ILE K 266 2.00 75.16 -40.59
CA ILE K 266 2.29 74.44 -39.35
C ILE K 266 2.33 72.94 -39.56
N ALA K 267 1.34 72.38 -40.26
CA ALA K 267 1.27 70.94 -40.45
C ALA K 267 0.50 70.63 -41.72
N GLU K 268 0.63 69.39 -42.18
CA GLU K 268 0.04 68.90 -43.42
C GLU K 268 -0.82 67.68 -43.15
N ARG K 269 -1.70 67.78 -42.16
CA ARG K 269 -2.55 66.63 -41.79
C ARG K 269 -3.40 66.15 -42.96
N GLN K 270 -3.12 64.93 -43.43
CA GLN K 270 -3.84 64.36 -44.57
C GLN K 270 -5.13 63.74 -44.08
N ILE K 271 -6.21 64.54 -44.11
CA ILE K 271 -7.51 64.04 -43.65
C ILE K 271 -8.04 63.00 -44.63
N LYS K 272 -8.71 61.98 -44.09
CA LYS K 272 -9.17 60.84 -44.86
C LYS K 272 -10.59 60.49 -44.46
N ARG K 273 -11.39 60.11 -45.45
CA ARG K 273 -12.74 59.60 -45.22
C ARG K 273 -13.00 58.42 -46.14
N ARG K 274 -13.66 57.39 -45.62
CA ARG K 274 -13.84 56.14 -46.33
C ARG K 274 -15.30 55.71 -46.29
N ARG K 275 -15.72 55.00 -47.33
CA ARG K 275 -17.09 54.50 -47.42
C ARG K 275 -17.07 53.24 -48.27
N VAL K 276 -17.84 52.23 -47.84
CA VAL K 276 -17.80 50.92 -48.48
C VAL K 276 -18.63 50.94 -49.76
N TYR K 277 -18.29 50.09 -50.72
CA TYR K 277 -19.04 49.92 -51.96
C TYR K 277 -19.11 48.45 -52.30
N LYS K 278 -20.28 47.99 -52.73
CA LYS K 278 -20.53 46.59 -53.01
C LYS K 278 -21.05 46.43 -54.43
N SER K 279 -20.44 45.53 -55.19
CA SER K 279 -20.83 45.29 -56.57
C SER K 279 -20.90 43.79 -56.81
N ILE K 280 -21.88 43.37 -57.60
CA ILE K 280 -22.11 41.97 -57.89
C ILE K 280 -21.73 41.74 -59.34
N ILE K 281 -20.64 41.01 -59.57
CA ILE K 281 -20.08 40.81 -60.89
C ILE K 281 -20.19 39.34 -61.27
N THR K 282 -19.84 39.04 -62.51
CA THR K 282 -19.74 37.68 -63.01
C THR K 282 -18.52 37.57 -63.91
N CYS K 283 -18.01 36.35 -64.06
CA CYS K 283 -16.74 36.16 -64.75
C CYS K 283 -16.84 36.52 -66.22
N THR K 284 -17.84 35.98 -66.92
CA THR K 284 -17.93 36.18 -68.36
C THR K 284 -18.61 37.51 -68.69
N ALA K 285 -19.87 37.67 -68.29
CA ALA K 285 -20.63 38.85 -68.66
C ALA K 285 -20.18 40.05 -67.83
N VAL K 286 -20.77 41.20 -68.14
CA VAL K 286 -20.45 42.44 -67.44
C VAL K 286 -21.05 42.40 -66.04
N LEU K 287 -20.63 43.32 -65.19
CA LEU K 287 -21.16 43.38 -63.84
C LEU K 287 -22.63 43.77 -63.85
N LYS K 288 -23.37 43.29 -62.85
CA LYS K 288 -24.80 43.50 -62.77
C LYS K 288 -25.19 44.71 -61.92
N ASP K 289 -24.48 44.97 -60.83
CA ASP K 289 -24.66 46.18 -60.05
C ASP K 289 -23.32 46.90 -59.95
N LYS K 290 -23.33 48.21 -60.20
CA LYS K 290 -22.05 48.93 -60.24
C LYS K 290 -21.55 49.26 -58.83
N GLN K 291 -22.36 49.94 -58.02
CA GLN K 291 -21.89 50.36 -56.72
C GLN K 291 -23.08 50.56 -55.80
N LEU K 292 -22.93 50.13 -54.56
CA LEU K 292 -23.96 50.30 -53.53
C LEU K 292 -23.26 50.48 -52.19
N ILE K 293 -23.91 51.20 -51.28
CA ILE K 293 -23.35 51.46 -49.96
C ILE K 293 -24.02 50.55 -48.95
N ALA K 294 -23.23 49.96 -48.05
CA ALA K 294 -23.80 49.18 -46.96
C ALA K 294 -22.87 49.28 -45.75
N GLY K 295 -23.14 50.23 -44.86
CA GLY K 295 -22.33 50.40 -43.68
C GLY K 295 -21.12 51.29 -43.87
N GLU K 296 -20.01 51.00 -43.19
CA GLU K 296 -18.81 51.81 -43.34
C GLU K 296 -17.57 50.96 -43.61
N HIS K 297 -17.52 49.76 -43.06
CA HIS K 297 -16.44 48.80 -43.33
C HIS K 297 -16.97 47.71 -44.25
N ILE K 298 -16.09 46.81 -44.67
CA ILE K 298 -16.52 45.61 -45.38
C ILE K 298 -17.01 44.60 -44.36
N PRO K 299 -18.25 44.13 -44.47
CA PRO K 299 -18.84 43.34 -43.39
C PRO K 299 -18.10 42.05 -43.07
N ILE K 300 -17.50 41.40 -44.06
CA ILE K 300 -16.93 40.07 -43.83
C ILE K 300 -15.83 40.18 -42.79
N VAL K 301 -15.94 39.37 -41.74
CA VAL K 301 -14.94 39.31 -40.68
C VAL K 301 -14.34 37.91 -40.65
N PRO K 302 -13.04 37.76 -40.83
CA PRO K 302 -12.46 36.42 -40.86
C PRO K 302 -11.90 35.97 -39.52
N VAL K 303 -11.95 34.68 -39.23
CA VAL K 303 -11.18 34.11 -38.14
C VAL K 303 -10.06 33.28 -38.76
N PHE K 304 -8.93 33.22 -38.07
CA PHE K 304 -7.78 32.47 -38.56
C PHE K 304 -7.25 31.58 -37.46
N GLY K 305 -6.65 30.46 -37.86
CA GLY K 305 -6.01 29.61 -36.89
C GLY K 305 -4.65 30.14 -36.54
N GLU K 306 -3.64 29.28 -36.48
CA GLU K 306 -2.27 29.76 -36.36
C GLU K 306 -1.89 30.46 -37.66
N TRP K 307 -1.80 31.79 -37.63
CA TRP K 307 -1.65 32.60 -38.84
C TRP K 307 -0.38 33.42 -38.75
N GLY K 308 0.40 33.40 -39.83
CA GLY K 308 1.64 34.16 -39.88
C GLY K 308 2.13 34.24 -41.30
N PHE K 309 3.16 35.06 -41.49
CA PHE K 309 3.75 35.26 -42.81
C PHE K 309 5.08 34.53 -42.88
N VAL K 310 5.28 33.76 -43.94
CA VAL K 310 6.51 33.02 -44.17
C VAL K 310 6.98 33.30 -45.58
N GLU K 311 8.16 33.92 -45.71
CA GLU K 311 8.72 34.29 -47.00
C GLU K 311 7.72 35.10 -47.81
N ASP K 312 7.02 36.01 -47.12
CA ASP K 312 6.06 36.93 -47.74
C ASP K 312 4.92 36.17 -48.41
N LYS K 313 4.44 35.14 -47.74
CA LYS K 313 3.25 34.41 -48.18
C LYS K 313 2.35 34.17 -46.99
N GLU K 314 1.08 34.50 -47.13
CA GLU K 314 0.13 34.30 -46.04
C GLU K 314 -0.15 32.81 -45.87
N VAL K 315 0.20 32.26 -44.72
CA VAL K 315 -0.02 30.85 -44.43
C VAL K 315 -0.76 30.75 -43.10
N TYR K 316 -1.84 29.99 -43.09
CA TYR K 316 -2.63 29.74 -41.88
C TYR K 316 -2.86 28.24 -41.76
N GLU K 317 -3.00 27.77 -40.52
CA GLU K 317 -3.21 26.34 -40.31
C GLU K 317 -4.39 26.08 -39.40
N GLY K 318 -4.55 24.83 -38.99
CA GLY K 318 -5.60 24.47 -38.06
C GLY K 318 -5.10 23.48 -37.04
N VAL K 319 -5.93 22.49 -36.72
CA VAL K 319 -5.49 21.42 -35.83
C VAL K 319 -5.72 20.12 -36.58
N VAL K 320 -5.71 20.19 -37.91
CA VAL K 320 -6.04 19.04 -38.74
C VAL K 320 -4.87 18.56 -39.58
N ARG K 321 -3.85 19.37 -39.86
CA ARG K 321 -2.73 18.87 -40.66
C ARG K 321 -1.91 17.85 -39.88
N LEU K 322 -1.57 18.17 -38.64
CA LEU K 322 -0.69 17.33 -37.85
C LEU K 322 -1.39 16.02 -37.49
N THR K 323 -2.60 16.15 -36.94
CA THR K 323 -3.43 14.99 -36.73
C THR K 323 -3.74 14.29 -38.04
N LYS K 324 -3.63 14.99 -39.17
CA LYS K 324 -3.91 14.34 -40.44
C LYS K 324 -2.83 13.33 -40.77
N ASP K 325 -1.58 13.72 -40.62
CA ASP K 325 -0.51 12.76 -40.84
C ASP K 325 -0.59 11.59 -39.86
N GLY K 326 -0.81 11.90 -38.58
CA GLY K 326 -0.94 10.82 -37.61
C GLY K 326 -2.11 9.89 -37.91
N GLN K 327 -3.22 10.48 -38.37
CA GLN K 327 -4.42 9.71 -38.65
C GLN K 327 -4.24 8.84 -39.87
N ARG K 328 -3.48 9.31 -40.87
CA ARG K 328 -3.18 8.45 -42.01
C ARG K 328 -2.37 7.24 -41.56
N LEU K 329 -1.41 7.45 -40.67
CA LEU K 329 -0.66 6.28 -40.19
C LEU K 329 -1.55 5.32 -39.42
N ARG K 330 -2.43 5.82 -38.56
CA ARG K 330 -3.33 4.93 -37.82
C ARG K 330 -4.26 4.17 -38.76
N ASN K 331 -4.81 4.86 -39.76
CA ASN K 331 -5.68 4.20 -40.74
C ASN K 331 -4.93 3.09 -41.45
N MET K 332 -3.68 3.35 -41.83
CA MET K 332 -2.90 2.34 -42.52
C MET K 332 -2.67 1.12 -41.64
N ILE K 333 -2.38 1.33 -40.35
CA ILE K 333 -2.13 0.20 -39.47
C ILE K 333 -3.40 -0.64 -39.28
N MET K 334 -4.53 0.01 -39.01
CA MET K 334 -5.78 -0.74 -38.91
C MET K 334 -6.12 -1.48 -40.20
N SER K 335 -5.94 -0.83 -41.35
CA SER K 335 -6.24 -1.50 -42.60
C SER K 335 -5.32 -2.69 -42.84
N PHE K 336 -4.06 -2.59 -42.44
CA PHE K 336 -3.16 -3.73 -42.54
C PHE K 336 -3.66 -4.89 -41.69
N ASN K 337 -4.09 -4.60 -40.46
CA ASN K 337 -4.63 -5.66 -39.62
C ASN K 337 -5.85 -6.30 -40.26
N ALA K 338 -6.76 -5.47 -40.76
CA ALA K 338 -7.98 -6.01 -41.36
C ALA K 338 -7.70 -6.80 -42.62
N ASP K 339 -6.68 -6.41 -43.38
CA ASP K 339 -6.30 -7.17 -44.55
C ASP K 339 -5.73 -8.53 -44.17
N ILE K 340 -5.00 -8.60 -43.05
CA ILE K 340 -4.58 -9.91 -42.55
C ILE K 340 -5.78 -10.75 -42.17
N VAL K 341 -6.77 -10.17 -41.51
CA VAL K 341 -7.86 -10.95 -40.92
C VAL K 341 -8.74 -11.59 -41.99
N ALA K 342 -9.13 -10.83 -43.00
CA ALA K 342 -10.20 -11.29 -43.89
C ALA K 342 -9.74 -12.32 -44.91
N ARG K 343 -9.17 -13.42 -44.44
CA ARG K 343 -8.90 -14.58 -45.28
C ARG K 343 -9.16 -15.82 -44.44
N THR K 344 -9.80 -16.81 -45.04
CA THR K 344 -10.14 -18.01 -44.30
C THR K 344 -8.88 -18.64 -43.72
N PRO K 345 -8.85 -18.93 -42.43
CA PRO K 345 -7.63 -19.49 -41.82
C PRO K 345 -7.26 -20.85 -42.36
N LYS K 346 -8.16 -21.56 -43.03
CA LYS K 346 -7.83 -22.88 -43.55
C LYS K 346 -6.64 -22.81 -44.47
N LYS K 347 -5.71 -23.73 -44.28
CA LYS K 347 -4.53 -23.76 -45.14
C LYS K 347 -4.90 -24.17 -46.56
N LYS K 348 -4.23 -23.56 -47.52
CA LYS K 348 -4.38 -23.94 -48.92
C LYS K 348 -3.17 -24.75 -49.33
N PRO K 349 -3.32 -26.01 -49.73
CA PRO K 349 -2.16 -26.84 -50.04
C PRO K 349 -1.71 -26.71 -51.50
N PHE K 350 -0.44 -27.04 -51.71
CA PHE K 350 0.17 -27.08 -53.03
C PHE K 350 0.45 -28.53 -53.41
N PHE K 351 -0.23 -29.02 -54.45
CA PHE K 351 0.12 -30.32 -55.00
C PHE K 351 -0.31 -30.45 -56.45
N TRP K 352 0.37 -31.37 -57.15
CA TRP K 352 0.29 -31.63 -58.58
C TRP K 352 -1.10 -32.06 -58.99
N PRO K 353 -1.53 -31.77 -60.22
CA PRO K 353 -2.86 -32.23 -60.64
C PRO K 353 -3.00 -33.74 -60.64
N GLU K 354 -1.94 -34.48 -60.92
CA GLU K 354 -2.03 -35.94 -60.88
C GLU K 354 -1.85 -36.49 -59.48
N GLN K 355 -1.47 -35.67 -58.51
CA GLN K 355 -1.40 -36.11 -57.12
C GLN K 355 -2.78 -36.36 -56.55
N ILE K 356 -3.82 -35.75 -57.12
CA ILE K 356 -5.19 -35.99 -56.70
C ILE K 356 -6.06 -36.33 -57.90
N ALA K 357 -5.46 -36.98 -58.91
CA ALA K 357 -6.13 -37.26 -60.16
C ALA K 357 -7.57 -37.71 -59.97
N GLY K 358 -7.79 -38.74 -59.17
CA GLY K 358 -9.14 -39.22 -58.93
C GLY K 358 -9.83 -38.51 -57.79
N PHE K 359 -9.11 -38.29 -56.69
CA PHE K 359 -9.69 -37.72 -55.47
C PHE K 359 -9.65 -36.20 -55.56
N GLU K 360 -10.63 -35.65 -56.27
CA GLU K 360 -10.85 -34.21 -56.27
C GLU K 360 -12.06 -33.80 -55.47
N HIS K 361 -12.96 -34.72 -55.15
CA HIS K 361 -14.11 -34.42 -54.33
C HIS K 361 -13.78 -34.40 -52.85
N MET K 362 -12.56 -34.74 -52.48
CA MET K 362 -12.14 -34.71 -51.08
C MET K 362 -11.78 -33.30 -50.65
N TYR K 363 -11.03 -32.58 -51.49
CA TYR K 363 -10.47 -31.28 -51.12
C TYR K 363 -11.34 -30.16 -51.68
N ASP K 364 -12.52 -30.00 -51.08
CA ASP K 364 -13.41 -28.91 -51.44
C ASP K 364 -13.90 -28.11 -50.26
N GLY K 365 -13.80 -28.61 -49.03
CA GLY K 365 -14.26 -27.88 -47.88
C GLY K 365 -15.76 -28.03 -47.66
N ASN K 366 -16.45 -28.61 -48.63
CA ASN K 366 -17.88 -28.87 -48.50
C ASN K 366 -18.17 -30.09 -47.66
N ASP K 367 -17.15 -30.89 -47.33
CA ASP K 367 -17.31 -32.05 -46.46
C ASP K 367 -16.05 -32.19 -45.62
N ASP K 368 -16.16 -32.95 -44.53
CA ASP K 368 -15.00 -33.29 -43.70
C ASP K 368 -14.90 -34.81 -43.65
N TYR K 369 -13.86 -35.36 -44.25
CA TYR K 369 -13.66 -36.80 -44.31
C TYR K 369 -12.67 -37.26 -43.22
N PRO K 370 -12.73 -38.53 -42.82
CA PRO K 370 -11.83 -38.99 -41.76
C PRO K 370 -10.37 -38.91 -42.14
N TYR K 371 -10.00 -39.46 -43.30
CA TYR K 371 -8.62 -39.44 -43.78
C TYR K 371 -8.57 -38.81 -45.16
N TYR K 372 -7.39 -38.36 -45.54
CA TYR K 372 -7.17 -37.72 -46.82
C TYR K 372 -6.27 -38.61 -47.67
N LEU K 373 -6.70 -38.87 -48.91
CA LEU K 373 -6.01 -39.79 -49.78
C LEU K 373 -5.16 -39.05 -50.81
N LEU K 374 -4.02 -39.65 -51.15
CA LEU K 374 -3.14 -39.15 -52.19
C LEU K 374 -2.62 -40.33 -52.97
N ASN K 375 -2.65 -40.25 -54.29
CA ASN K 375 -2.26 -41.38 -55.14
C ASN K 375 -0.74 -41.45 -55.23
N ARG K 376 -0.23 -42.23 -56.18
CA ARG K 376 1.14 -42.73 -56.17
C ARG K 376 2.18 -41.67 -55.79
N THR K 377 2.28 -40.59 -56.58
CA THR K 377 3.21 -39.50 -56.31
C THR K 377 2.97 -38.32 -57.24
N PRO K 388 2.44 -36.03 -47.96
CA PRO K 388 3.51 -35.30 -48.64
C PRO K 388 2.99 -34.15 -49.49
N LEU K 389 3.13 -32.91 -49.02
CA LEU K 389 2.63 -31.74 -49.72
C LEU K 389 3.05 -30.49 -48.94
N ALA K 390 2.94 -29.34 -49.60
CA ALA K 390 3.33 -28.05 -49.03
C ALA K 390 2.14 -27.10 -49.07
N TYR K 391 2.16 -26.11 -48.17
CA TYR K 391 1.02 -25.22 -47.98
C TYR K 391 1.35 -23.79 -48.40
N TYR K 392 0.30 -22.98 -48.50
CA TYR K 392 0.39 -21.58 -48.87
C TYR K 392 0.39 -20.76 -47.60
N GLU K 393 1.47 -20.01 -47.37
CA GLU K 393 1.67 -19.33 -46.09
C GLU K 393 0.73 -18.13 -45.98
N ASN K 394 -0.24 -18.23 -45.07
CA ASN K 394 -1.07 -17.08 -44.76
C ASN K 394 -0.22 -16.02 -44.05
N PRO K 395 -0.58 -14.75 -44.18
CA PRO K 395 0.16 -13.70 -43.48
C PRO K 395 -0.01 -13.82 -41.98
N GLU K 396 0.97 -13.28 -41.25
CA GLU K 396 0.94 -13.30 -39.80
C GLU K 396 0.97 -11.88 -39.27
N VAL K 397 0.23 -11.64 -38.20
CA VAL K 397 0.22 -10.33 -37.56
C VAL K 397 1.58 -10.07 -36.92
N PRO K 398 2.22 -8.94 -37.19
CA PRO K 398 3.57 -8.72 -36.64
C PRO K 398 3.61 -8.73 -35.12
N GLN K 399 2.56 -8.26 -34.46
CA GLN K 399 2.46 -8.15 -33.00
C GLN K 399 3.46 -7.09 -32.52
N ALA K 400 4.26 -6.57 -33.44
CA ALA K 400 5.02 -5.36 -33.20
C ALA K 400 4.23 -4.12 -33.55
N ASN K 401 3.01 -4.29 -34.08
CA ASN K 401 2.16 -3.16 -34.42
C ASN K 401 1.49 -2.56 -33.20
N ALA K 402 1.57 -3.19 -32.04
CA ALA K 402 0.95 -2.62 -30.85
C ALA K 402 1.51 -1.23 -30.57
N TYR K 403 2.84 -1.12 -30.49
CA TYR K 403 3.42 0.18 -30.22
C TYR K 403 3.31 1.11 -31.40
N MET K 404 3.29 0.58 -32.62
CA MET K 404 3.09 1.42 -33.79
C MET K 404 1.76 2.14 -33.72
N LEU K 405 0.70 1.38 -33.48
CA LEU K 405 -0.64 1.94 -33.38
C LEU K 405 -0.74 2.89 -32.19
N GLU K 406 -0.15 2.52 -31.06
CA GLU K 406 -0.24 3.38 -29.89
C GLU K 406 0.50 4.69 -30.12
N ALA K 407 1.66 4.65 -30.78
CA ALA K 407 2.37 5.88 -31.09
C ALA K 407 1.57 6.76 -32.02
N ALA K 408 0.97 6.18 -33.07
CA ALA K 408 0.19 7.00 -34.01
C ALA K 408 -1.02 7.62 -33.32
N THR K 409 -1.77 6.82 -32.56
CA THR K 409 -2.97 7.34 -31.90
C THR K 409 -2.61 8.40 -30.87
N SER K 410 -1.59 8.14 -30.06
CA SER K 410 -1.20 9.13 -29.06
C SER K 410 -0.68 10.39 -29.73
N ALA K 411 0.01 10.27 -30.86
CA ALA K 411 0.43 11.46 -31.58
C ALA K 411 -0.77 12.29 -31.99
N VAL K 412 -1.79 11.65 -32.59
CA VAL K 412 -2.96 12.41 -33.00
C VAL K 412 -3.63 13.06 -31.80
N LYS K 413 -3.70 12.36 -30.68
CA LYS K 413 -4.46 12.86 -29.53
C LYS K 413 -3.68 13.83 -28.66
N GLU K 414 -2.36 13.95 -28.81
CA GLU K 414 -1.68 14.95 -27.98
C GLU K 414 -1.03 16.07 -28.80
N VAL K 415 -0.50 15.77 -29.98
CA VAL K 415 0.08 16.82 -30.82
C VAL K 415 -0.96 17.88 -31.12
N ALA K 416 -2.22 17.47 -31.24
CA ALA K 416 -3.30 18.42 -31.41
C ALA K 416 -3.50 19.26 -30.15
N THR K 417 -3.84 18.61 -29.04
CA THR K 417 -4.14 19.31 -27.80
C THR K 417 -3.38 18.67 -26.63
N LEU K 418 -3.04 19.50 -25.65
CA LEU K 418 -2.29 19.11 -24.46
C LEU K 418 -1.16 18.12 -24.74
N ASP K 443 -2.85 26.45 -20.18
CA ASP K 443 -3.78 26.58 -21.28
C ASP K 443 -5.21 26.79 -20.80
N LEU K 444 -5.92 25.67 -20.59
CA LEU K 444 -7.34 25.63 -20.25
C LEU K 444 -8.18 26.17 -21.40
N GLU K 445 -7.49 26.61 -22.45
CA GLU K 445 -8.04 26.96 -23.76
C GLU K 445 -6.85 27.24 -24.66
N THR K 446 -6.91 26.73 -25.89
CA THR K 446 -5.75 26.86 -26.77
C THR K 446 -5.55 28.34 -27.05
N TYR K 447 -4.52 28.91 -26.45
CA TYR K 447 -4.40 30.37 -26.37
C TYR K 447 -4.33 31.00 -27.75
N VAL K 448 -3.69 30.34 -28.72
CA VAL K 448 -3.56 30.95 -30.04
C VAL K 448 -4.91 31.02 -30.73
N PHE K 449 -5.67 29.92 -30.70
CA PHE K 449 -6.98 29.93 -31.32
C PHE K 449 -7.94 30.88 -30.59
N GLN K 450 -7.87 30.92 -29.26
CA GLN K 450 -8.72 31.81 -28.49
C GLN K 450 -8.39 33.27 -28.77
N ASP K 451 -7.11 33.62 -28.83
CA ASP K 451 -6.72 34.98 -29.12
C ASP K 451 -7.12 35.38 -30.53
N ASN K 452 -6.97 34.48 -31.50
CA ASN K 452 -7.39 34.80 -32.86
C ASN K 452 -8.89 35.00 -32.95
N LEU K 453 -9.67 34.16 -32.24
CA LEU K 453 -11.11 34.39 -32.19
C LEU K 453 -11.45 35.70 -31.52
N ALA K 454 -10.70 36.08 -30.49
CA ALA K 454 -10.94 37.36 -29.83
C ALA K 454 -10.66 38.52 -30.77
N THR K 455 -9.57 38.45 -31.53
CA THR K 455 -9.26 39.53 -32.46
C THR K 455 -10.31 39.63 -33.55
N ALA K 456 -10.78 38.48 -34.06
CA ALA K 456 -11.83 38.50 -35.06
C ALA K 456 -13.13 39.05 -34.48
N MET K 457 -13.45 38.70 -33.23
CA MET K 457 -14.65 39.24 -32.60
C MET K 457 -14.54 40.74 -32.38
N ARG K 458 -13.33 41.24 -32.12
CA ARG K 458 -13.15 42.68 -32.04
C ARG K 458 -13.40 43.35 -33.38
N ARG K 459 -12.93 42.74 -34.47
CA ARG K 459 -13.27 43.27 -35.79
C ARG K 459 -14.78 43.26 -36.01
N ASP K 460 -15.43 42.18 -35.58
CA ASP K 460 -16.89 42.13 -35.67
C ASP K 460 -17.51 43.27 -34.89
N GLY K 461 -16.95 43.58 -33.73
CA GLY K 461 -17.44 44.70 -32.95
C GLY K 461 -17.31 46.01 -33.70
N GLU K 462 -16.18 46.24 -34.35
CA GLU K 462 -16.01 47.48 -35.09
C GLU K 462 -17.01 47.59 -36.24
N ILE K 463 -17.19 46.49 -36.97
CA ILE K 463 -18.13 46.51 -38.09
C ILE K 463 -19.56 46.76 -37.59
N TYR K 464 -19.94 46.06 -36.52
CA TYR K 464 -21.27 46.23 -35.96
C TYR K 464 -21.48 47.64 -35.46
N GLN K 465 -20.47 48.23 -34.83
CA GLN K 465 -20.61 49.59 -34.34
C GLN K 465 -20.75 50.57 -35.48
N SER K 466 -19.99 50.39 -36.56
CA SER K 466 -20.14 51.31 -37.69
C SER K 466 -21.53 51.20 -38.29
N ILE K 467 -22.03 49.98 -38.45
CA ILE K 467 -23.36 49.83 -39.04
C ILE K 467 -24.42 50.42 -38.12
N VAL K 468 -24.30 50.19 -36.80
CA VAL K 468 -25.24 50.76 -35.84
C VAL K 468 -25.20 52.28 -35.90
N ASN K 469 -24.00 52.85 -35.98
CA ASN K 469 -23.86 54.29 -36.09
C ASN K 469 -24.54 54.81 -37.35
N ASP K 470 -24.56 54.03 -38.41
CA ASP K 470 -25.06 54.52 -39.68
C ASP K 470 -26.53 54.23 -39.96
N ILE K 471 -27.17 53.29 -39.24
CA ILE K 471 -28.56 52.93 -39.50
C ILE K 471 -29.48 53.36 -38.36
N TYR K 472 -29.01 53.24 -37.12
CA TYR K 472 -29.83 53.60 -35.97
C TYR K 472 -29.91 55.11 -35.79
N ASP K 473 -30.53 55.80 -36.75
CA ASP K 473 -30.69 57.25 -36.71
C ASP K 473 -32.11 57.65 -36.33
N VAL K 474 -33.10 57.09 -37.02
CA VAL K 474 -34.51 57.37 -36.76
C VAL K 474 -34.80 56.97 -35.31
N PRO K 475 -35.61 57.73 -34.56
CA PRO K 475 -35.95 57.28 -33.20
C PRO K 475 -36.68 55.94 -33.20
N ARG K 476 -36.04 54.94 -32.60
CA ARG K 476 -36.52 53.57 -32.60
C ARG K 476 -36.62 53.05 -31.18
N ASN K 477 -37.18 51.86 -31.05
CA ASN K 477 -37.22 51.13 -29.80
C ASN K 477 -36.41 49.86 -29.97
N VAL K 478 -35.49 49.60 -29.03
CA VAL K 478 -34.62 48.46 -29.10
C VAL K 478 -34.70 47.70 -27.77
N THR K 479 -34.22 46.47 -27.79
CA THR K 479 -34.10 45.65 -26.59
C THR K 479 -32.63 45.50 -26.23
N ILE K 480 -32.33 45.61 -24.96
CA ILE K 480 -30.96 45.53 -24.45
C ILE K 480 -30.87 44.33 -23.53
N THR K 481 -29.85 43.51 -23.73
CA THR K 481 -29.56 42.42 -22.82
C THR K 481 -28.37 42.86 -21.96
N LEU K 482 -28.67 43.44 -20.80
CA LEU K 482 -27.62 43.79 -19.88
C LEU K 482 -26.90 42.54 -19.41
N GLU K 483 -25.78 42.75 -18.72
CA GLU K 483 -25.04 41.62 -18.19
C GLU K 483 -25.90 40.90 -17.16
N ASP K 484 -25.64 39.60 -17.00
CA ASP K 484 -26.46 38.69 -16.20
C ASP K 484 -27.83 38.45 -16.86
N GLY K 485 -27.86 38.40 -18.19
CA GLY K 485 -29.03 38.00 -18.93
C GLY K 485 -30.30 38.78 -18.68
N SER K 486 -30.25 39.84 -17.88
CA SER K 486 -31.46 40.59 -17.53
C SER K 486 -31.87 41.44 -18.72
N GLU K 487 -32.89 41.00 -19.44
CA GLU K 487 -33.37 41.77 -20.58
C GLU K 487 -33.94 43.10 -20.12
N LYS K 488 -33.98 44.06 -21.03
CA LYS K 488 -34.49 45.38 -20.71
C LYS K 488 -34.95 46.05 -21.99
N ASP K 489 -35.95 46.91 -21.88
CA ASP K 489 -36.48 47.68 -23.00
C ASP K 489 -36.02 49.12 -22.86
N VAL K 490 -35.50 49.68 -23.95
CA VAL K 490 -34.94 51.02 -23.95
C VAL K 490 -35.26 51.70 -25.27
N GLN K 491 -35.65 52.97 -25.21
CA GLN K 491 -35.81 53.79 -26.41
C GLN K 491 -34.51 54.48 -26.73
N LEU K 492 -34.27 54.71 -28.02
CA LEU K 492 -32.95 55.18 -28.46
C LEU K 492 -32.82 56.69 -28.32
N MET K 493 -33.71 57.46 -28.95
CA MET K 493 -33.58 58.91 -28.87
C MET K 493 -34.17 59.45 -27.57
N ALA K 494 -35.44 59.14 -27.30
CA ALA K 494 -36.12 59.57 -26.07
C ALA K 494 -36.09 61.10 -25.95
N GLU K 495 -36.78 61.74 -26.90
CA GLU K 495 -36.74 63.17 -27.11
C GLU K 495 -37.31 63.99 -25.94
N VAL K 496 -37.67 63.34 -24.83
CA VAL K 496 -38.29 64.03 -23.71
C VAL K 496 -37.43 65.21 -23.28
N VAL K 497 -38.08 66.36 -23.06
CA VAL K 497 -37.42 67.58 -22.60
C VAL K 497 -37.31 67.53 -21.09
N ASP K 498 -36.21 68.08 -20.55
CA ASP K 498 -35.94 67.97 -19.13
C ASP K 498 -36.94 68.77 -18.31
N LEU K 499 -36.96 68.47 -17.01
CA LEU K 499 -37.87 69.16 -16.08
C LEU K 499 -37.17 70.34 -15.40
N ALA K 500 -36.10 70.07 -14.67
CA ALA K 500 -35.40 71.09 -13.91
C ALA K 500 -34.22 71.71 -14.65
N THR K 501 -33.97 71.29 -15.90
CA THR K 501 -32.84 71.80 -16.68
C THR K 501 -33.28 72.85 -17.70
N GLY K 502 -34.24 72.50 -18.57
CA GLY K 502 -34.73 73.40 -19.57
C GLY K 502 -34.17 73.19 -20.96
N GLU K 503 -33.26 72.26 -21.15
CA GLU K 503 -32.69 71.96 -22.45
C GLU K 503 -33.33 70.70 -23.04
N LYS K 504 -32.98 70.41 -24.29
CA LYS K 504 -33.55 69.26 -24.97
C LYS K 504 -32.99 67.96 -24.39
N GLN K 505 -31.67 67.76 -24.52
CA GLN K 505 -30.95 66.67 -23.87
C GLN K 505 -31.55 65.31 -24.23
N VAL K 506 -31.36 64.95 -25.50
CA VAL K 506 -31.70 63.60 -25.95
C VAL K 506 -30.96 62.60 -25.09
N LEU K 507 -31.65 61.51 -24.74
CA LEU K 507 -31.18 60.66 -23.65
C LEU K 507 -29.98 59.81 -24.06
N ASN K 508 -30.15 58.92 -25.04
CA ASN K 508 -29.13 57.94 -25.34
C ASN K 508 -28.27 58.33 -26.54
N ASP K 509 -28.88 58.51 -27.71
CA ASP K 509 -28.19 59.02 -28.89
C ASP K 509 -26.94 58.20 -29.20
N ILE K 510 -27.18 56.95 -29.59
CA ILE K 510 -26.13 55.97 -29.84
C ILE K 510 -25.04 56.51 -30.77
N ARG K 511 -25.42 57.37 -31.72
CA ARG K 511 -24.49 57.85 -32.72
C ARG K 511 -23.26 58.46 -32.07
N GLY K 512 -22.08 58.05 -32.53
CA GLY K 512 -20.84 58.58 -32.00
C GLY K 512 -19.60 57.98 -32.65
N ARG K 513 -18.58 57.70 -31.85
CA ARG K 513 -17.38 57.04 -32.35
C ARG K 513 -16.79 56.24 -31.20
N TYR K 514 -16.85 54.92 -31.31
CA TYR K 514 -16.37 54.01 -30.28
C TYR K 514 -15.36 53.05 -30.87
N GLU K 515 -14.41 52.62 -30.03
CA GLU K 515 -13.48 51.57 -30.42
C GLU K 515 -13.66 50.39 -29.48
N CYS K 516 -13.59 49.18 -30.04
CA CYS K 516 -13.89 47.97 -29.29
C CYS K 516 -12.66 47.45 -28.58
N TYR K 517 -12.86 46.84 -27.42
CA TYR K 517 -11.79 46.14 -26.73
C TYR K 517 -12.41 45.02 -25.92
N THR K 518 -11.93 43.80 -26.12
CA THR K 518 -12.50 42.61 -25.53
C THR K 518 -11.72 42.19 -24.29
N ASP K 519 -12.44 41.64 -23.31
CA ASP K 519 -11.85 41.14 -22.07
C ASP K 519 -12.11 39.64 -22.01
N VAL K 520 -11.23 38.86 -22.64
CA VAL K 520 -11.33 37.41 -22.57
C VAL K 520 -10.88 36.94 -21.19
N GLY K 521 -11.67 36.07 -20.59
CA GLY K 521 -11.32 35.53 -19.29
C GLY K 521 -12.51 34.99 -18.52
N PRO K 522 -12.66 35.44 -17.27
CA PRO K 522 -13.71 34.88 -16.41
C PRO K 522 -15.10 35.26 -16.92
N SER K 523 -15.89 34.23 -17.23
CA SER K 523 -17.28 34.45 -17.58
C SER K 523 -18.06 34.92 -16.37
N PHE K 524 -19.17 35.60 -16.61
CA PHE K 524 -19.93 36.19 -15.52
C PHE K 524 -20.42 35.14 -14.54
N GLN K 525 -20.92 34.01 -15.05
CA GLN K 525 -21.38 32.96 -14.16
C GLN K 525 -20.23 32.41 -13.33
N SER K 526 -19.05 32.24 -13.94
CA SER K 526 -17.88 31.82 -13.17
C SER K 526 -17.49 32.86 -12.15
N MET K 527 -17.60 34.14 -12.51
CA MET K 527 -17.30 35.21 -11.56
C MET K 527 -18.22 35.11 -10.35
N LYS K 528 -19.51 34.90 -10.60
CA LYS K 528 -20.47 34.82 -9.50
C LYS K 528 -20.24 33.57 -8.66
N GLN K 529 -19.90 32.45 -9.29
CA GLN K 529 -19.63 31.24 -8.52
C GLN K 529 -18.42 31.42 -7.62
N GLN K 530 -17.35 32.03 -8.14
CA GLN K 530 -16.19 32.29 -7.29
C GLN K 530 -16.53 33.26 -6.18
N ASN K 531 -17.38 34.26 -6.46
CA ASN K 531 -17.80 35.18 -5.42
C ASN K 531 -18.57 34.46 -4.31
N ARG K 532 -19.48 33.56 -4.68
CA ARG K 532 -20.21 32.80 -3.69
C ARG K 532 -19.26 31.94 -2.88
N ALA K 533 -18.25 31.34 -3.51
CA ALA K 533 -17.28 30.55 -2.78
C ALA K 533 -16.54 31.40 -1.75
N GLU K 534 -16.11 32.59 -2.15
CA GLU K 534 -15.39 33.47 -1.23
C GLU K 534 -16.27 33.92 -0.07
N ILE K 535 -17.52 34.29 -0.36
CA ILE K 535 -18.42 34.71 0.71
C ILE K 535 -18.69 33.56 1.67
N LEU K 536 -18.90 32.36 1.14
CA LEU K 536 -19.12 31.21 2.01
C LEU K 536 -17.90 30.94 2.88
N GLU K 537 -16.70 31.11 2.32
CA GLU K 537 -15.50 30.95 3.14
C GLU K 537 -15.47 31.96 4.27
N LEU K 538 -15.82 33.23 3.98
CA LEU K 538 -15.83 34.24 5.04
C LEU K 538 -16.84 33.91 6.12
N LEU K 539 -18.04 33.47 5.74
CA LEU K 539 -18.97 32.97 6.77
C LEU K 539 -18.37 31.82 7.55
N GLY K 540 -17.52 31.02 6.93
CA GLY K 540 -16.81 30.00 7.68
C GLY K 540 -15.80 30.56 8.65
N LYS K 541 -15.27 31.75 8.37
CA LYS K 541 -14.19 32.31 9.17
C LYS K 541 -14.53 33.68 9.76
N THR K 542 -15.72 33.81 10.36
CA THR K 542 -16.14 35.07 10.95
C THR K 542 -17.03 34.81 12.15
N PRO K 543 -16.79 35.47 13.29
CA PRO K 543 -17.69 35.28 14.44
C PRO K 543 -19.09 35.78 14.13
N GLN K 544 -20.07 35.12 14.75
CA GLN K 544 -21.47 35.35 14.44
C GLN K 544 -22.00 36.56 15.20
N GLY K 545 -23.20 36.99 14.80
CA GLY K 545 -23.88 38.08 15.47
C GLY K 545 -23.46 39.45 14.99
N THR K 546 -22.17 39.63 14.71
CA THR K 546 -21.67 40.93 14.30
C THR K 546 -22.31 41.36 12.99
N PRO K 547 -22.49 42.67 12.76
CA PRO K 547 -23.10 43.12 11.51
C PRO K 547 -22.36 42.68 10.27
N GLU K 548 -21.05 42.44 10.36
CA GLU K 548 -20.32 41.91 9.20
C GLU K 548 -20.84 40.54 8.80
N TYR K 549 -21.08 39.67 9.78
CA TYR K 549 -21.62 38.34 9.48
C TYR K 549 -22.99 38.43 8.85
N GLN K 550 -23.86 39.28 9.40
CA GLN K 550 -25.19 39.43 8.82
C GLN K 550 -25.11 39.96 7.39
N LEU K 551 -24.26 40.96 7.15
CA LEU K 551 -24.13 41.51 5.82
C LEU K 551 -23.62 40.46 4.85
N LEU K 552 -22.64 39.65 5.27
CA LEU K 552 -22.12 38.59 4.43
C LEU K 552 -23.21 37.58 4.10
N LEU K 553 -24.01 37.19 5.10
CA LEU K 553 -25.07 36.21 4.86
C LEU K 553 -26.11 36.75 3.88
N LEU K 554 -26.52 38.00 4.06
CA LEU K 554 -27.48 38.60 3.13
C LEU K 554 -26.90 38.72 1.73
N GLN K 555 -25.62 39.06 1.61
CA GLN K 555 -25.02 39.14 0.29
C GLN K 555 -24.95 37.77 -0.36
N TYR K 556 -24.67 36.73 0.42
CA TYR K 556 -24.70 35.38 -0.13
C TYR K 556 -26.11 35.04 -0.60
N PHE K 557 -27.13 35.45 0.15
CA PHE K 557 -28.49 35.24 -0.30
C PHE K 557 -28.73 35.92 -1.65
N THR K 558 -28.21 37.15 -1.79
CA THR K 558 -28.46 37.90 -3.02
C THR K 558 -27.81 37.24 -4.23
N LEU K 559 -26.77 36.44 -4.03
CA LEU K 559 -26.04 35.84 -5.12
C LEU K 559 -26.55 34.46 -5.52
N LEU K 560 -27.71 34.06 -5.03
CA LEU K 560 -28.21 32.71 -5.31
C LEU K 560 -28.78 32.65 -6.72
N ASP K 561 -29.40 31.53 -7.06
CA ASP K 561 -29.95 31.28 -8.38
C ASP K 561 -31.41 31.75 -8.42
N GLY K 562 -32.16 31.35 -9.43
CA GLY K 562 -33.41 32.01 -9.75
C GLY K 562 -34.67 31.48 -9.08
N LYS K 563 -35.48 30.74 -9.84
CA LYS K 563 -36.87 30.48 -9.47
C LYS K 563 -37.02 29.89 -8.07
N GLY K 564 -36.16 28.95 -7.71
CA GLY K 564 -36.32 28.24 -6.46
C GLY K 564 -36.26 29.10 -5.21
N VAL K 565 -35.26 29.98 -5.11
CA VAL K 565 -35.02 30.71 -3.89
C VAL K 565 -35.26 32.21 -4.11
N GLU K 566 -36.20 32.53 -5.00
CA GLU K 566 -36.52 33.93 -5.27
C GLU K 566 -36.97 34.64 -4.01
N MET K 567 -37.72 33.95 -3.15
CA MET K 567 -38.23 34.58 -1.94
C MET K 567 -37.09 34.96 -0.99
N MET K 568 -36.07 34.11 -0.86
CA MET K 568 -34.94 34.47 -0.02
C MET K 568 -34.17 35.65 -0.60
N ARG K 569 -33.98 35.69 -1.92
CA ARG K 569 -33.29 36.82 -2.51
C ARG K 569 -34.07 38.12 -2.30
N ASP K 570 -35.39 38.07 -2.44
CA ASP K 570 -36.20 39.27 -2.20
C ASP K 570 -36.12 39.70 -0.74
N TYR K 571 -36.18 38.75 0.19
CA TYR K 571 -36.02 39.09 1.60
C TYR K 571 -34.66 39.71 1.86
N ALA K 572 -33.61 39.17 1.23
CA ALA K 572 -32.28 39.72 1.43
C ALA K 572 -32.20 41.16 0.91
N ASN K 573 -32.80 41.43 -0.25
CA ASN K 573 -32.79 42.80 -0.76
C ASN K 573 -33.55 43.72 0.19
N LYS K 574 -34.69 43.28 0.72
CA LYS K 574 -35.42 44.11 1.65
C LYS K 574 -34.61 44.40 2.90
N GLN K 575 -33.96 43.37 3.44
CA GLN K 575 -33.20 43.55 4.68
C GLN K 575 -31.97 44.42 4.46
N LEU K 576 -31.30 44.27 3.31
CA LEU K 576 -30.16 45.13 3.00
C LEU K 576 -30.59 46.57 2.85
N ILE K 577 -31.71 46.81 2.14
CA ILE K 577 -32.15 48.18 1.92
C ILE K 577 -32.59 48.82 3.23
N GLN K 578 -33.32 48.09 4.05
CA GLN K 578 -33.72 48.62 5.35
C GLN K 578 -32.54 48.73 6.31
N MET K 579 -31.45 48.01 6.06
CA MET K 579 -30.24 48.21 6.84
C MET K 579 -29.53 49.50 6.44
N GLY K 580 -29.71 49.94 5.19
CA GLY K 580 -29.07 51.14 4.70
C GLY K 580 -27.79 50.92 3.94
N VAL K 581 -27.40 49.67 3.69
CA VAL K 581 -26.14 49.39 3.02
C VAL K 581 -26.32 49.45 1.50
N LYS K 582 -27.34 48.76 0.99
CA LYS K 582 -27.65 48.79 -0.42
C LYS K 582 -28.60 49.94 -0.73
N LYS K 583 -28.29 50.70 -1.76
CA LYS K 583 -29.12 51.84 -2.13
C LYS K 583 -30.47 51.38 -2.67
N PRO K 584 -31.54 52.11 -2.37
CA PRO K 584 -32.85 51.77 -2.95
C PRO K 584 -32.89 52.07 -4.43
N GLU K 585 -33.75 51.33 -5.15
CA GLU K 585 -33.86 51.47 -6.59
C GLU K 585 -35.28 51.71 -7.08
N THR K 586 -36.26 51.78 -6.19
CA THR K 586 -37.65 51.99 -6.58
C THR K 586 -38.42 52.49 -5.37
N PRO K 587 -39.48 53.28 -5.58
CA PRO K 587 -40.12 53.97 -4.43
C PRO K 587 -40.65 53.04 -3.34
N GLU K 588 -41.03 51.80 -3.66
CA GLU K 588 -41.42 50.90 -2.59
C GLU K 588 -40.25 50.60 -1.67
N GLU K 589 -39.04 50.45 -2.24
CA GLU K 589 -37.86 50.28 -1.42
C GLU K 589 -37.59 51.52 -0.59
N GLN K 590 -37.83 52.70 -1.15
CA GLN K 590 -37.66 53.93 -0.38
C GLN K 590 -38.62 53.98 0.79
N GLN K 591 -39.87 53.58 0.56
CA GLN K 591 -40.85 53.52 1.66
C GLN K 591 -40.40 52.52 2.72
N TRP K 592 -39.85 51.37 2.29
CA TRP K 592 -39.34 50.40 3.26
C TRP K 592 -38.20 51.00 4.07
N LEU K 593 -37.30 51.73 3.41
CA LEU K 593 -36.16 52.32 4.10
C LEU K 593 -36.63 53.33 5.14
N VAL K 594 -37.54 54.23 4.76
CA VAL K 594 -38.00 55.23 5.72
C VAL K 594 -38.82 54.59 6.83
N GLU K 595 -39.58 53.54 6.53
CA GLU K 595 -40.33 52.85 7.57
C GLU K 595 -39.39 52.22 8.58
N ALA K 596 -38.32 51.58 8.11
CA ALA K 596 -37.35 50.98 9.02
C ALA K 596 -36.62 52.04 9.82
N GLN K 597 -36.24 53.14 9.18
CA GLN K 597 -35.45 54.17 9.87
C GLN K 597 -36.28 54.87 10.94
N GLN K 598 -37.49 55.30 10.60
CA GLN K 598 -38.33 56.01 11.56
C GLN K 598 -38.90 55.10 12.63
N ALA K 599 -38.80 53.78 12.46
CA ALA K 599 -39.32 52.84 13.44
C ALA K 599 -38.59 52.95 14.77
N ASN L 6 -49.08 21.85 -66.91
CA ASN L 6 -47.70 22.34 -66.89
C ASN L 6 -47.20 22.51 -65.47
N ARG L 7 -48.12 22.72 -64.54
CA ARG L 7 -47.75 22.92 -63.14
C ARG L 7 -47.01 21.71 -62.59
N LEU L 8 -47.50 20.51 -62.89
CA LEU L 8 -46.83 19.30 -62.41
C LEU L 8 -45.44 19.17 -63.00
N GLU L 9 -45.24 19.64 -64.23
CA GLU L 9 -43.89 19.58 -64.79
C GLU L 9 -42.92 20.46 -64.02
N SER L 10 -43.37 21.66 -63.60
CA SER L 10 -42.52 22.49 -62.74
C SER L 10 -42.29 21.82 -61.39
N ILE L 11 -43.33 21.23 -60.81
CA ILE L 11 -43.16 20.58 -59.51
C ILE L 11 -42.14 19.47 -59.60
N LEU L 12 -42.26 18.62 -60.62
CA LEU L 12 -41.34 17.51 -60.77
C LEU L 12 -39.95 17.96 -61.16
N SER L 13 -39.83 19.07 -61.88
CA SER L 13 -38.51 19.62 -62.15
C SER L 13 -37.82 20.01 -60.85
N ARG L 14 -38.53 20.72 -59.97
CA ARG L 14 -37.94 21.11 -58.70
C ARG L 14 -37.62 19.89 -57.85
N PHE L 15 -38.51 18.91 -57.81
CA PHE L 15 -38.28 17.72 -57.00
C PHE L 15 -37.10 16.92 -57.51
N ASP L 16 -36.98 16.76 -58.83
CA ASP L 16 -35.85 16.04 -59.39
C ASP L 16 -34.54 16.77 -59.14
N ALA L 17 -34.56 18.10 -59.24
CA ALA L 17 -33.35 18.86 -58.93
C ALA L 17 -32.91 18.62 -57.48
N ASP L 18 -33.87 18.69 -56.55
CA ASP L 18 -33.53 18.45 -55.15
C ASP L 18 -33.01 17.03 -54.94
N TRP L 19 -33.65 16.05 -55.57
CA TRP L 19 -33.26 14.66 -55.43
C TRP L 19 -31.83 14.45 -55.92
N THR L 20 -31.55 14.88 -57.14
CA THR L 20 -30.21 14.65 -57.69
C THR L 20 -29.15 15.46 -56.94
N ALA L 21 -29.52 16.62 -56.39
CA ALA L 21 -28.54 17.38 -55.64
C ALA L 21 -28.20 16.73 -54.31
N SER L 22 -29.17 16.10 -53.65
CA SER L 22 -28.91 15.46 -52.37
C SER L 22 -28.69 13.96 -52.48
N ASP L 23 -28.52 13.45 -53.69
CA ASP L 23 -28.38 12.00 -53.87
C ASP L 23 -27.22 11.41 -53.09
N GLU L 24 -26.05 12.05 -53.12
CA GLU L 24 -24.89 11.46 -52.47
C GLU L 24 -25.09 11.36 -50.97
N ALA L 25 -25.54 12.45 -50.35
CA ALA L 25 -25.78 12.45 -48.91
C ALA L 25 -26.86 11.45 -48.53
N ARG L 26 -27.93 11.38 -49.34
CA ARG L 26 -28.98 10.42 -49.04
C ARG L 26 -28.49 8.99 -49.15
N ARG L 27 -27.64 8.71 -50.14
CA ARG L 27 -27.09 7.37 -50.28
C ARG L 27 -26.28 6.98 -49.06
N GLU L 28 -25.36 7.86 -48.65
CA GLU L 28 -24.53 7.52 -47.50
C GLU L 28 -25.34 7.41 -46.22
N ALA L 29 -26.36 8.26 -46.05
CA ALA L 29 -27.20 8.17 -44.85
C ALA L 29 -28.02 6.89 -44.85
N LYS L 30 -28.57 6.49 -45.99
CA LYS L 30 -29.31 5.23 -46.04
C LYS L 30 -28.39 4.06 -45.75
N ASN L 31 -27.17 4.08 -46.26
CA ASN L 31 -26.23 3.02 -45.93
C ASN L 31 -25.94 2.98 -44.44
N ASP L 32 -25.79 4.16 -43.82
CA ASP L 32 -25.56 4.22 -42.38
C ASP L 32 -26.72 3.62 -41.61
N LEU L 33 -27.94 4.02 -41.96
CA LEU L 33 -29.12 3.52 -41.26
C LEU L 33 -29.26 2.01 -41.43
N PHE L 34 -29.03 1.52 -42.65
CA PHE L 34 -29.13 0.10 -42.90
C PHE L 34 -28.05 -0.67 -42.15
N PHE L 35 -26.86 -0.09 -42.01
CA PHE L 35 -25.82 -0.73 -41.22
C PHE L 35 -26.20 -0.79 -39.75
N SER L 36 -26.81 0.26 -39.23
CA SER L 36 -27.10 0.35 -37.80
C SER L 36 -28.43 -0.29 -37.42
N ARG L 37 -29.16 -0.87 -38.37
CA ARG L 37 -30.45 -1.46 -38.02
C ARG L 37 -30.71 -2.82 -38.65
N VAL L 38 -29.96 -3.27 -39.64
CA VAL L 38 -30.27 -4.51 -40.32
C VAL L 38 -29.11 -5.50 -40.23
N SER L 39 -27.96 -5.14 -40.80
CA SER L 39 -26.83 -6.06 -40.86
C SER L 39 -25.54 -5.27 -41.03
N GLN L 40 -24.53 -5.61 -40.22
CA GLN L 40 -23.27 -4.89 -40.27
C GLN L 40 -22.51 -5.17 -41.56
N TRP L 41 -22.80 -6.28 -42.22
CA TRP L 41 -22.00 -6.75 -43.35
C TRP L 41 -22.60 -6.22 -44.64
N ASP L 42 -22.12 -5.05 -45.07
CA ASP L 42 -22.54 -4.49 -46.35
C ASP L 42 -22.12 -5.40 -47.49
N ASP L 43 -22.60 -5.13 -48.70
CA ASP L 43 -22.29 -6.02 -49.81
C ASP L 43 -20.83 -5.89 -50.24
N TRP L 44 -20.29 -4.67 -50.23
CA TRP L 44 -18.86 -4.50 -50.48
C TRP L 44 -18.04 -5.41 -49.57
N LEU L 45 -18.38 -5.43 -48.29
CA LEU L 45 -17.63 -6.26 -47.36
C LEU L 45 -17.80 -7.73 -47.66
N SER L 46 -19.00 -8.15 -48.05
CA SER L 46 -19.20 -9.55 -48.42
C SER L 46 -18.43 -9.93 -49.67
N GLN L 47 -18.08 -8.96 -50.52
CA GLN L 47 -17.26 -9.27 -51.68
C GLN L 47 -15.79 -9.36 -51.29
N TYR L 48 -15.27 -8.36 -50.58
CA TYR L 48 -13.95 -8.44 -49.95
C TYR L 48 -14.06 -9.18 -48.62
N THR L 49 -14.09 -10.50 -48.73
CA THR L 49 -13.94 -11.40 -47.59
C THR L 49 -14.00 -12.81 -48.15
N THR L 50 -13.58 -13.76 -47.32
CA THR L 50 -13.77 -15.16 -47.67
C THR L 50 -14.32 -15.91 -46.47
N LEU L 51 -14.38 -15.26 -45.31
CA LEU L 51 -14.92 -15.84 -44.09
C LEU L 51 -16.27 -16.51 -44.37
N GLN L 52 -16.50 -17.64 -43.71
CA GLN L 52 -17.74 -18.38 -43.89
C GLN L 52 -18.74 -18.15 -42.78
N TYR L 53 -18.29 -17.79 -41.57
CA TYR L 53 -19.21 -17.49 -40.47
C TYR L 53 -19.29 -15.97 -40.34
N ARG L 54 -20.20 -15.38 -41.08
CA ARG L 54 -20.41 -13.93 -41.01
C ARG L 54 -21.25 -13.63 -39.79
N GLY L 55 -20.65 -13.01 -38.77
CA GLY L 55 -21.33 -12.71 -37.53
C GLY L 55 -21.41 -11.22 -37.30
N GLN L 56 -22.16 -10.83 -36.27
CA GLN L 56 -22.34 -9.43 -35.90
C GLN L 56 -22.19 -9.31 -34.38
N PHE L 57 -20.97 -9.10 -33.92
CA PHE L 57 -20.70 -8.85 -32.51
C PHE L 57 -20.50 -7.35 -32.30
N ASP L 58 -21.61 -6.62 -32.39
CA ASP L 58 -21.52 -5.17 -32.49
C ASP L 58 -21.41 -4.51 -31.12
N VAL L 59 -20.80 -3.32 -31.11
CA VAL L 59 -20.76 -2.48 -29.92
C VAL L 59 -21.19 -1.08 -30.29
N VAL L 60 -21.94 -0.93 -31.39
CA VAL L 60 -22.42 0.38 -31.80
C VAL L 60 -23.66 0.77 -31.00
N ARG L 61 -24.64 -0.13 -30.94
CA ARG L 61 -25.88 0.20 -30.24
C ARG L 61 -25.69 0.59 -28.78
N PRO L 62 -24.79 -0.01 -28.01
CA PRO L 62 -24.50 0.56 -26.69
C PRO L 62 -24.08 2.02 -26.75
N VAL L 63 -23.28 2.40 -27.74
CA VAL L 63 -22.85 3.79 -27.85
C VAL L 63 -24.03 4.69 -28.18
N VAL L 64 -24.85 4.28 -29.15
CA VAL L 64 -26.01 5.09 -29.52
C VAL L 64 -26.96 5.22 -28.34
N ARG L 65 -27.14 4.14 -27.59
CA ARG L 65 -28.00 4.20 -26.41
C ARG L 65 -27.45 5.17 -25.39
N LYS L 66 -26.14 5.16 -25.16
CA LYS L 66 -25.55 6.09 -24.21
C LYS L 66 -25.75 7.53 -24.67
N LEU L 67 -25.57 7.81 -25.95
CA LEU L 67 -25.76 9.17 -26.44
C LEU L 67 -27.20 9.63 -26.29
N VAL L 68 -28.15 8.76 -26.63
CA VAL L 68 -29.56 9.14 -26.51
C VAL L 68 -29.91 9.39 -25.05
N SER L 69 -29.40 8.55 -24.15
CA SER L 69 -29.67 8.77 -22.73
C SER L 69 -29.09 10.09 -22.25
N GLU L 70 -27.87 10.41 -22.69
CA GLU L 70 -27.26 11.67 -22.29
C GLU L 70 -28.10 12.85 -22.78
N MET L 71 -28.61 12.78 -24.01
CA MET L 71 -29.50 13.83 -24.48
C MET L 71 -30.77 13.90 -23.64
N ARG L 72 -31.34 12.75 -23.31
CA ARG L 72 -32.58 12.73 -22.55
C ARG L 72 -32.41 13.33 -21.15
N GLN L 73 -31.20 13.24 -20.59
CA GLN L 73 -30.97 13.76 -19.25
C GLN L 73 -30.65 15.24 -19.20
N ASN L 74 -30.61 15.92 -20.36
CA ASN L 74 -30.38 17.36 -20.42
C ASN L 74 -31.50 17.99 -21.25
N PRO L 75 -32.70 18.07 -20.70
CA PRO L 75 -33.85 18.48 -21.51
C PRO L 75 -33.75 19.93 -21.95
N ILE L 76 -34.32 20.20 -23.12
CA ILE L 76 -34.26 21.52 -23.74
C ILE L 76 -35.62 22.18 -23.63
N ASP L 77 -35.63 23.39 -23.09
CA ASP L 77 -36.86 24.17 -22.99
C ASP L 77 -36.92 25.17 -24.13
N VAL L 78 -38.14 25.62 -24.43
CA VAL L 78 -38.35 26.64 -25.45
C VAL L 78 -39.04 27.83 -24.79
N LEU L 79 -38.50 29.01 -25.02
CA LEU L 79 -39.00 30.23 -24.43
C LEU L 79 -39.64 31.08 -25.52
N TYR L 80 -40.12 32.26 -25.14
CA TYR L 80 -40.76 33.15 -26.09
C TYR L 80 -40.51 34.61 -25.70
N ARG L 81 -39.76 35.32 -26.53
CA ARG L 81 -39.60 36.75 -26.34
C ARG L 81 -40.87 37.46 -26.77
N PRO L 82 -41.49 38.26 -25.90
CA PRO L 82 -42.67 39.03 -26.32
C PRO L 82 -42.24 40.24 -27.15
N LYS L 83 -42.75 40.34 -28.36
CA LYS L 83 -42.37 41.40 -29.28
C LYS L 83 -43.56 42.31 -29.58
N ASP L 84 -43.25 43.49 -30.09
CA ASP L 84 -44.25 44.47 -30.50
C ASP L 84 -45.22 44.77 -29.35
N GLY L 85 -44.67 44.94 -28.16
CA GLY L 85 -45.45 45.36 -27.02
C GLY L 85 -46.44 44.35 -26.48
N ALA L 86 -46.27 43.07 -26.82
CA ALA L 86 -47.14 42.04 -26.27
C ALA L 86 -46.87 41.88 -24.78
N ARG L 87 -47.93 41.63 -24.02
CA ARG L 87 -47.82 41.53 -22.59
C ARG L 87 -47.02 40.28 -22.20
N PRO L 88 -46.29 40.32 -21.09
CA PRO L 88 -45.58 39.13 -20.64
C PRO L 88 -46.51 37.99 -20.28
N ASP L 89 -47.76 38.26 -19.91
CA ASP L 89 -48.67 37.18 -19.55
C ASP L 89 -49.03 36.32 -20.76
N ALA L 90 -49.23 36.94 -21.92
CA ALA L 90 -49.45 36.14 -23.13
C ALA L 90 -48.23 35.30 -23.45
N ALA L 91 -47.04 35.87 -23.26
CA ALA L 91 -45.82 35.09 -23.47
C ALA L 91 -45.78 33.89 -22.53
N ASP L 92 -46.13 34.08 -21.26
CA ASP L 92 -46.13 32.98 -20.31
C ASP L 92 -47.18 31.93 -20.68
N VAL L 93 -48.33 32.36 -21.20
CA VAL L 93 -49.33 31.41 -21.64
C VAL L 93 -48.79 30.56 -22.78
N LEU L 94 -48.08 31.16 -23.74
CA LEU L 94 -47.46 30.36 -24.79
C LEU L 94 -46.35 29.45 -24.24
N MET L 95 -45.56 29.93 -23.28
CA MET L 95 -44.58 29.06 -22.66
C MET L 95 -45.24 27.79 -22.14
N GLY L 96 -46.27 27.94 -21.34
CA GLY L 96 -46.94 26.77 -20.76
C GLY L 96 -47.64 25.94 -21.82
N MET L 97 -48.24 26.59 -22.82
CA MET L 97 -48.98 25.88 -23.85
C MET L 97 -48.05 25.02 -24.68
N TYR L 98 -46.89 25.56 -25.06
CA TYR L 98 -45.90 24.74 -25.75
C TYR L 98 -45.38 23.63 -24.86
N ARG L 99 -45.21 23.90 -23.57
CA ARG L 99 -44.75 22.84 -22.69
C ARG L 99 -45.76 21.70 -22.62
N THR L 100 -47.05 22.00 -22.58
CA THR L 100 -48.03 20.93 -22.52
C THR L 100 -48.29 20.30 -23.88
N ASP L 101 -47.93 20.96 -24.98
CA ASP L 101 -48.01 20.31 -26.28
C ASP L 101 -46.74 19.56 -26.64
N MET L 102 -45.69 19.71 -25.85
CA MET L 102 -44.46 18.93 -26.02
C MET L 102 -44.36 17.77 -25.04
N ARG L 103 -45.03 17.87 -23.89
CA ARG L 103 -45.04 16.76 -22.95
C ARG L 103 -46.01 15.67 -23.34
N HIS L 104 -46.91 15.94 -24.28
CA HIS L 104 -47.84 14.92 -24.73
C HIS L 104 -47.08 13.75 -25.36
N ASN L 105 -47.60 12.54 -25.15
CA ASN L 105 -46.81 11.36 -25.47
C ASN L 105 -46.51 11.21 -26.95
N THR L 106 -47.42 11.64 -27.83
CA THR L 106 -47.15 11.56 -29.26
C THR L 106 -45.95 12.44 -29.63
N ALA L 107 -45.89 13.64 -29.07
CA ALA L 107 -44.74 14.49 -29.31
C ALA L 107 -43.45 13.88 -28.78
N LYS L 108 -43.53 13.19 -27.64
CA LYS L 108 -42.34 12.54 -27.12
C LYS L 108 -41.88 11.42 -28.03
N ILE L 109 -42.82 10.65 -28.59
CA ILE L 109 -42.44 9.61 -29.55
C ILE L 109 -41.78 10.24 -30.78
N ALA L 110 -42.36 11.32 -31.30
CA ALA L 110 -41.79 11.96 -32.48
C ALA L 110 -40.39 12.48 -32.21
N VAL L 111 -40.20 13.17 -31.09
CA VAL L 111 -38.88 13.72 -30.77
C VAL L 111 -37.88 12.58 -30.58
N ASN L 112 -38.28 11.51 -29.89
CA ASN L 112 -37.36 10.41 -29.66
C ASN L 112 -36.94 9.73 -30.96
N ILE L 113 -37.88 9.52 -31.88
CA ILE L 113 -37.52 8.92 -33.16
C ILE L 113 -36.60 9.84 -33.94
N ALA L 114 -36.90 11.14 -33.94
CA ALA L 114 -36.03 12.07 -34.65
C ALA L 114 -34.62 12.06 -34.08
N VAL L 115 -34.51 12.06 -32.75
CA VAL L 115 -33.18 12.04 -32.13
C VAL L 115 -32.45 10.75 -32.43
N ARG L 116 -33.15 9.61 -32.38
CA ARG L 116 -32.49 8.34 -32.65
C ARG L 116 -31.98 8.28 -34.08
N GLU L 117 -32.77 8.75 -35.05
CA GLU L 117 -32.30 8.76 -36.42
C GLU L 117 -31.27 9.85 -36.68
N GLN L 118 -31.24 10.90 -35.85
CA GLN L 118 -30.14 11.85 -35.91
C GLN L 118 -28.84 11.20 -35.51
N ILE L 119 -28.85 10.51 -34.39
CA ILE L 119 -27.62 9.93 -33.86
C ILE L 119 -27.14 8.79 -34.75
N GLU L 120 -28.06 7.98 -35.28
CA GLU L 120 -27.63 6.87 -36.12
C GLU L 120 -27.30 7.35 -37.54
N ALA L 121 -28.30 7.85 -38.26
CA ALA L 121 -28.08 8.22 -39.66
C ALA L 121 -27.47 9.60 -39.78
N GLY L 122 -28.16 10.61 -39.27
CA GLY L 122 -27.71 11.99 -39.39
C GLY L 122 -28.84 12.97 -39.57
N VAL L 123 -30.04 12.48 -39.88
CA VAL L 123 -31.21 13.32 -40.08
C VAL L 123 -32.40 12.65 -39.42
N GLY L 124 -33.22 13.44 -38.71
CA GLY L 124 -34.41 12.87 -38.12
C GLY L 124 -35.75 13.45 -38.54
N ALA L 125 -35.78 14.75 -38.78
CA ALA L 125 -36.91 15.45 -39.39
C ALA L 125 -38.31 15.03 -38.95
N TRP L 126 -38.67 15.26 -37.69
CA TRP L 126 -40.06 15.06 -37.30
C TRP L 126 -40.93 16.17 -37.88
N ARG L 127 -42.25 15.99 -37.82
CA ARG L 127 -43.18 16.84 -38.55
C ARG L 127 -44.30 17.33 -37.65
N LEU L 128 -44.75 18.57 -37.87
CA LEU L 128 -45.92 19.12 -37.21
C LEU L 128 -47.17 18.85 -38.03
N VAL L 129 -48.31 18.72 -37.34
CA VAL L 129 -49.59 18.48 -38.01
C VAL L 129 -50.69 18.95 -37.07
N THR L 130 -51.84 19.29 -37.63
CA THR L 130 -52.97 19.81 -36.87
C THR L 130 -54.23 19.00 -37.15
N ASP L 131 -55.06 18.84 -36.14
CA ASP L 131 -56.31 18.10 -36.28
C ASP L 131 -57.27 18.51 -35.17
N TYR L 132 -58.53 18.14 -35.34
CA TYR L 132 -59.56 18.57 -34.40
C TYR L 132 -59.48 17.78 -33.10
N GLU L 133 -59.94 18.41 -32.03
CA GLU L 133 -60.24 17.74 -30.78
C GLU L 133 -61.73 17.86 -30.51
N ASP L 134 -62.19 17.15 -29.49
CA ASP L 134 -63.54 17.34 -28.95
C ASP L 134 -64.59 17.14 -30.05
N GLN L 135 -64.68 15.89 -30.50
CA GLN L 135 -65.49 15.58 -31.68
C GLN L 135 -66.95 15.94 -31.45
N SER L 136 -67.38 17.03 -32.06
CA SER L 136 -68.76 17.54 -32.05
C SER L 136 -68.86 18.65 -33.07
N PRO L 137 -69.92 18.71 -33.88
CA PRO L 137 -70.00 19.73 -34.93
C PRO L 137 -70.25 21.13 -34.40
N THR L 138 -70.54 21.28 -33.11
CA THR L 138 -70.86 22.59 -32.56
C THR L 138 -69.70 23.57 -32.73
N SER L 139 -68.48 23.09 -32.50
CA SER L 139 -67.30 23.93 -32.57
C SER L 139 -66.34 23.45 -33.66
N ASN L 140 -65.21 24.15 -33.77
CA ASN L 140 -64.16 23.81 -34.71
C ASN L 140 -62.78 23.91 -34.05
N ASN L 141 -62.69 23.47 -32.80
CA ASN L 141 -61.43 23.58 -32.08
C ASN L 141 -60.40 22.61 -32.64
N GLN L 142 -59.14 23.06 -32.65
CA GLN L 142 -58.04 22.27 -33.21
C GLN L 142 -56.86 22.28 -32.25
N VAL L 143 -56.02 21.26 -32.36
CA VAL L 143 -54.83 21.11 -31.54
C VAL L 143 -53.64 20.79 -32.45
N ILE L 144 -52.46 20.66 -31.84
CA ILE L 144 -51.21 20.45 -32.57
C ILE L 144 -50.53 19.21 -32.01
N ARG L 145 -50.35 18.21 -32.86
CA ARG L 145 -49.59 17.03 -32.51
C ARG L 145 -48.50 16.81 -33.56
N ARG L 146 -47.52 16.00 -33.21
CA ARG L 146 -46.33 15.81 -34.04
C ARG L 146 -46.25 14.37 -34.51
N GLU L 147 -46.41 14.16 -35.79
CA GLU L 147 -46.26 12.83 -36.37
C GLU L 147 -44.83 12.64 -36.85
N PRO L 148 -44.11 11.64 -36.34
CA PRO L 148 -42.72 11.45 -36.76
C PRO L 148 -42.64 10.99 -38.21
N ILE L 149 -41.51 11.28 -38.83
CA ILE L 149 -41.21 10.86 -40.19
C ILE L 149 -40.11 9.83 -40.09
N HIS L 150 -40.42 8.59 -40.44
CA HIS L 150 -39.47 7.49 -40.29
C HIS L 150 -38.51 7.45 -41.46
N SER L 151 -37.25 7.15 -41.17
CA SER L 151 -36.19 7.15 -42.17
C SER L 151 -36.19 8.46 -42.96
N ALA L 152 -36.09 9.56 -42.21
CA ALA L 152 -36.22 10.88 -42.79
C ALA L 152 -35.06 11.24 -43.70
N CYS L 153 -33.98 10.47 -43.69
CA CYS L 153 -32.88 10.73 -44.61
C CYS L 153 -33.21 10.34 -46.04
N SER L 154 -34.31 9.64 -46.26
CA SER L 154 -34.72 9.23 -47.59
C SER L 154 -36.16 9.55 -47.94
N HIS L 155 -37.01 9.87 -46.97
CA HIS L 155 -38.41 10.18 -47.22
C HIS L 155 -38.71 11.67 -47.14
N VAL L 156 -37.71 12.50 -46.87
CA VAL L 156 -37.85 13.95 -46.86
C VAL L 156 -36.79 14.50 -47.78
N ILE L 157 -37.20 15.31 -48.75
CA ILE L 157 -36.28 15.84 -49.75
C ILE L 157 -36.34 17.36 -49.62
N TRP L 158 -35.43 17.91 -48.81
CA TRP L 158 -35.39 19.34 -48.59
C TRP L 158 -34.94 20.06 -49.85
N ASP L 159 -35.30 21.33 -49.95
CA ASP L 159 -34.90 22.12 -51.10
C ASP L 159 -33.40 22.25 -51.15
N SER L 160 -32.81 21.85 -52.28
CA SER L 160 -31.35 21.84 -52.40
C SER L 160 -30.76 23.23 -52.28
N ASN L 161 -31.53 24.27 -52.60
CA ASN L 161 -30.99 25.62 -52.66
C ASN L 161 -30.76 26.22 -51.28
N SER L 162 -31.63 25.91 -50.31
CA SER L 162 -31.53 26.51 -48.99
C SER L 162 -30.22 26.13 -48.32
N LYS L 163 -29.68 27.08 -47.55
CA LYS L 163 -28.35 26.94 -46.97
C LYS L 163 -28.39 27.25 -45.47
N LEU L 164 -29.50 26.95 -44.81
CA LEU L 164 -29.60 27.11 -43.38
C LEU L 164 -29.92 25.76 -42.75
N MET L 165 -29.45 25.57 -41.52
CA MET L 165 -29.64 24.28 -40.87
C MET L 165 -31.07 24.10 -40.40
N ASP L 166 -31.77 25.19 -40.08
CA ASP L 166 -33.21 25.10 -39.85
C ASP L 166 -33.96 24.71 -41.11
N LYS L 167 -33.31 24.80 -42.27
CA LYS L 167 -34.00 24.76 -43.56
C LYS L 167 -35.08 25.82 -43.62
N SER L 168 -34.83 26.95 -42.97
CA SER L 168 -35.80 28.05 -42.96
C SER L 168 -35.97 28.65 -44.35
N ASP L 169 -34.88 28.79 -45.10
CA ASP L 169 -34.98 29.42 -46.41
C ASP L 169 -35.68 28.52 -47.43
N ALA L 170 -35.72 27.21 -47.18
CA ALA L 170 -36.26 26.28 -48.17
C ALA L 170 -37.69 26.64 -48.51
N ARG L 171 -37.99 26.73 -49.80
CA ARG L 171 -39.29 27.14 -50.29
C ARG L 171 -40.18 25.95 -50.66
N HIS L 172 -39.69 24.72 -50.48
CA HIS L 172 -40.47 23.53 -50.75
C HIS L 172 -39.70 22.33 -50.23
N CYS L 173 -40.44 21.33 -49.73
CA CYS L 173 -39.82 20.11 -49.26
C CYS L 173 -40.86 19.00 -49.28
N THR L 174 -40.58 17.93 -50.00
CA THR L 174 -41.54 16.87 -50.21
C THR L 174 -41.49 15.86 -49.07
N VAL L 175 -42.51 15.01 -49.02
CA VAL L 175 -42.51 13.87 -48.12
C VAL L 175 -42.98 12.66 -48.90
N ILE L 176 -42.05 11.87 -49.41
CA ILE L 176 -42.40 10.72 -50.24
C ILE L 176 -43.07 9.66 -49.38
N HIS L 177 -44.04 8.96 -49.97
CA HIS L 177 -44.69 7.84 -49.31
C HIS L 177 -44.70 6.66 -50.27
N SER L 178 -43.96 5.61 -49.93
CA SER L 178 -43.92 4.41 -50.76
C SER L 178 -45.08 3.51 -50.38
N MET L 179 -46.22 3.69 -51.04
CA MET L 179 -47.42 2.91 -50.78
C MET L 179 -47.60 1.83 -51.83
N SER L 180 -48.04 0.66 -51.36
CA SER L 180 -48.52 -0.42 -52.20
C SER L 180 -49.98 -0.17 -52.52
N GLN L 181 -50.67 -1.19 -53.02
CA GLN L 181 -52.09 -1.04 -53.35
C GLN L 181 -52.90 -0.59 -52.13
N ASN L 182 -52.74 -1.30 -51.00
CA ASN L 182 -53.53 -1.00 -49.81
C ASN L 182 -53.28 0.42 -49.32
N GLY L 183 -52.00 0.80 -49.19
CA GLY L 183 -51.68 2.17 -48.85
C GLY L 183 -52.24 3.15 -49.87
N TRP L 184 -52.24 2.74 -51.14
CA TRP L 184 -52.79 3.62 -52.16
C TRP L 184 -54.27 3.92 -51.89
N GLU L 185 -55.09 2.89 -51.70
CA GLU L 185 -56.51 3.19 -51.55
C GLU L 185 -56.78 3.93 -50.24
N ASP L 186 -56.04 3.60 -49.18
CA ASP L 186 -56.35 4.27 -47.92
C ASP L 186 -55.93 5.73 -47.96
N PHE L 187 -54.73 6.03 -48.44
CA PHE L 187 -54.28 7.42 -48.52
C PHE L 187 -54.92 8.18 -49.67
N ALA L 188 -55.63 7.51 -50.57
CA ALA L 188 -56.43 8.19 -51.58
C ALA L 188 -57.85 8.49 -51.12
N GLU L 189 -58.53 7.52 -50.51
CA GLU L 189 -59.87 7.78 -50.00
C GLU L 189 -59.84 8.67 -48.77
N LYS L 190 -58.72 8.68 -48.02
CA LYS L 190 -58.69 9.43 -46.77
C LYS L 190 -58.87 10.92 -47.00
N TYR L 191 -58.21 11.48 -48.02
CA TYR L 191 -58.22 12.93 -48.18
C TYR L 191 -58.91 13.40 -49.46
N ASP L 192 -58.44 13.00 -50.64
CA ASP L 192 -58.88 13.68 -51.85
C ASP L 192 -59.89 12.91 -52.69
N LEU L 193 -59.51 11.77 -53.23
CA LEU L 193 -60.29 10.98 -54.18
C LEU L 193 -59.63 9.62 -54.34
N ASP L 194 -60.41 8.64 -54.80
CA ASP L 194 -59.92 7.30 -55.07
C ASP L 194 -59.61 7.10 -56.55
N ALA L 195 -59.24 8.17 -57.26
CA ALA L 195 -58.94 8.09 -58.69
C ALA L 195 -57.57 7.45 -58.87
N ASP L 196 -57.54 6.29 -59.52
CA ASP L 196 -56.32 5.53 -59.68
C ASP L 196 -55.32 6.30 -60.55
N ASP L 197 -54.07 5.88 -60.48
CA ASP L 197 -52.99 6.48 -61.27
C ASP L 197 -53.26 6.36 -62.76
N ILE L 217 -46.45 2.43 -55.95
CA ILE L 217 -47.29 3.61 -55.95
C ILE L 217 -46.73 4.62 -54.96
N GLN L 218 -45.87 5.50 -55.44
CA GLN L 218 -45.18 6.48 -54.60
C GLN L 218 -45.88 7.82 -54.73
N ILE L 219 -46.55 8.24 -53.66
CA ILE L 219 -47.23 9.52 -53.63
C ILE L 219 -46.34 10.51 -52.88
N ALA L 220 -46.66 11.79 -52.98
CA ALA L 220 -45.83 12.83 -52.39
C ALA L 220 -46.71 13.86 -51.71
N GLU L 221 -46.10 14.64 -50.83
CA GLU L 221 -46.74 15.79 -50.19
C GLU L 221 -45.83 16.99 -50.40
N PHE L 222 -46.04 17.71 -51.50
CA PHE L 222 -45.14 18.79 -51.91
C PHE L 222 -45.54 20.08 -51.20
N TYR L 223 -44.91 20.34 -50.07
CA TYR L 223 -45.13 21.62 -49.40
C TYR L 223 -44.53 22.75 -50.22
N GLU L 224 -44.96 23.98 -49.90
CA GLU L 224 -44.53 25.13 -50.68
C GLU L 224 -44.74 26.39 -49.85
N VAL L 225 -43.87 27.36 -50.05
CA VAL L 225 -43.97 28.67 -49.40
C VAL L 225 -43.98 29.71 -50.50
N VAL L 226 -45.11 30.39 -50.66
CA VAL L 226 -45.26 31.41 -51.69
C VAL L 226 -45.15 32.78 -51.03
N GLU L 227 -44.47 33.69 -51.71
CA GLU L 227 -44.18 35.01 -51.15
C GLU L 227 -44.51 36.08 -52.17
N LYS L 228 -44.82 37.26 -51.67
CA LYS L 228 -45.14 38.43 -52.48
C LYS L 228 -44.16 39.54 -52.11
N LYS L 229 -43.31 39.93 -53.05
CA LYS L 229 -42.27 40.92 -52.81
C LYS L 229 -42.51 42.14 -53.69
N GLU L 230 -42.59 43.31 -53.07
CA GLU L 230 -42.82 44.56 -53.79
C GLU L 230 -41.81 45.60 -53.32
N THR L 231 -42.01 46.87 -53.69
CA THR L 231 -41.07 47.93 -53.36
C THR L 231 -41.57 48.88 -52.27
N ALA L 232 -42.84 49.30 -52.35
CA ALA L 232 -43.55 50.00 -51.29
C ALA L 232 -43.11 51.44 -51.06
N PHE L 233 -41.97 51.85 -51.66
CA PHE L 233 -41.63 53.25 -51.90
C PHE L 233 -42.09 54.25 -50.83
N ILE L 234 -41.63 54.09 -49.58
CA ILE L 234 -42.08 55.01 -48.53
C ILE L 234 -41.75 56.45 -48.89
N TYR L 235 -42.70 57.34 -48.61
CA TYR L 235 -42.58 58.77 -48.82
C TYR L 235 -42.80 59.48 -47.50
N GLN L 236 -42.13 60.62 -47.32
CA GLN L 236 -42.18 61.35 -46.06
C GLN L 236 -42.84 62.71 -46.25
N ASP L 237 -43.57 63.14 -45.21
CA ASP L 237 -44.27 64.42 -45.16
C ASP L 237 -43.91 65.13 -43.85
N PRO L 238 -44.39 66.37 -43.62
CA PRO L 238 -44.17 66.99 -42.30
C PRO L 238 -44.67 66.11 -41.15
N VAL L 239 -45.87 65.54 -41.31
CA VAL L 239 -46.33 64.54 -40.35
C VAL L 239 -45.54 63.25 -40.54
N THR L 240 -45.69 62.33 -39.58
CA THR L 240 -44.98 61.06 -39.66
C THR L 240 -45.37 60.33 -40.94
N GLY L 241 -44.39 59.69 -41.57
CA GLY L 241 -44.60 59.08 -42.86
C GLY L 241 -45.47 57.85 -42.81
N GLU L 242 -46.70 57.97 -43.28
CA GLU L 242 -47.61 56.85 -43.37
C GLU L 242 -47.28 56.01 -44.60
N PRO L 243 -47.73 54.75 -44.64
CA PRO L 243 -47.46 53.92 -45.82
C PRO L 243 -48.11 54.48 -47.07
N VAL L 244 -47.28 54.97 -47.99
CA VAL L 244 -47.76 55.52 -49.25
C VAL L 244 -46.99 54.83 -50.37
N SER L 245 -47.63 54.73 -51.54
CA SER L 245 -47.05 54.09 -52.70
C SER L 245 -46.75 52.62 -52.41
N TYR L 246 -47.73 51.92 -51.86
CA TYR L 246 -47.55 50.52 -51.48
C TYR L 246 -47.12 49.67 -52.67
N PHE L 247 -47.56 50.02 -53.86
CA PHE L 247 -47.22 49.29 -55.08
C PHE L 247 -46.50 50.24 -56.03
N LYS L 248 -46.09 49.69 -57.18
CA LYS L 248 -45.61 50.52 -58.27
C LYS L 248 -46.77 51.21 -59.00
N ARG L 249 -47.95 50.60 -59.02
CA ARG L 249 -49.10 51.21 -59.66
C ARG L 249 -49.65 52.39 -58.87
N ASP L 250 -49.58 52.33 -57.54
CA ASP L 250 -50.02 53.46 -56.74
C ASP L 250 -49.15 54.69 -56.97
N ILE L 251 -47.87 54.50 -57.31
CA ILE L 251 -47.03 55.62 -57.73
C ILE L 251 -47.62 56.28 -58.96
N LYS L 252 -47.97 55.48 -59.97
CA LYS L 252 -48.61 56.02 -61.17
C LYS L 252 -50.01 56.53 -60.90
N ASP L 253 -50.58 56.23 -59.74
CA ASP L 253 -51.82 56.86 -59.32
C ASP L 253 -51.61 58.18 -58.59
N VAL L 254 -50.39 58.49 -58.17
CA VAL L 254 -50.12 59.72 -57.43
C VAL L 254 -49.04 60.55 -58.13
N ILE L 255 -49.01 60.51 -59.46
CA ILE L 255 -48.01 61.24 -60.23
C ILE L 255 -47.95 62.71 -59.82
N ASP L 256 -49.07 63.28 -59.39
CA ASP L 256 -49.07 64.65 -58.89
C ASP L 256 -48.67 64.72 -57.42
N ASP L 257 -49.19 63.80 -56.60
CA ASP L 257 -48.94 63.87 -55.17
C ASP L 257 -47.46 63.65 -54.84
N LEU L 258 -46.77 62.83 -55.63
CA LEU L 258 -45.34 62.61 -55.38
C LEU L 258 -44.53 63.89 -55.54
N ALA L 259 -44.94 64.77 -56.45
CA ALA L 259 -44.27 66.04 -56.64
C ALA L 259 -44.82 67.14 -55.74
N ASP L 260 -46.04 66.99 -55.23
CA ASP L 260 -46.59 68.00 -54.34
C ASP L 260 -46.24 67.78 -52.87
N SER L 261 -45.66 66.64 -52.52
CA SER L 261 -45.32 66.36 -51.12
C SER L 261 -44.04 67.10 -50.74
N GLY L 262 -43.79 67.12 -49.42
CA GLY L 262 -42.59 67.79 -48.92
C GLY L 262 -41.30 67.12 -49.33
N PHE L 263 -41.27 65.78 -49.26
CA PHE L 263 -40.09 65.00 -49.60
C PHE L 263 -40.40 64.02 -50.71
N ILE L 264 -39.41 63.75 -51.56
CA ILE L 264 -39.64 62.99 -52.79
C ILE L 264 -39.34 61.50 -52.59
N LYS L 265 -38.34 61.15 -51.79
CA LYS L 265 -37.97 59.75 -51.62
C LYS L 265 -37.08 59.63 -50.40
N ILE L 266 -37.36 58.65 -49.54
CA ILE L 266 -36.57 58.41 -48.35
C ILE L 266 -36.01 56.98 -48.32
N ALA L 267 -36.85 55.99 -48.59
CA ALA L 267 -36.41 54.60 -48.51
C ALA L 267 -37.27 53.74 -49.44
N GLU L 268 -36.77 52.53 -49.69
CA GLU L 268 -37.39 51.58 -50.62
C GLU L 268 -37.66 50.25 -49.92
N ARG L 269 -38.28 50.31 -48.73
CA ARG L 269 -38.51 49.11 -47.96
C ARG L 269 -39.35 48.10 -48.71
N GLN L 270 -38.76 46.96 -49.07
CA GLN L 270 -39.44 45.92 -49.83
C GLN L 270 -40.24 45.05 -48.85
N ILE L 271 -41.50 45.40 -48.65
CA ILE L 271 -42.36 44.64 -47.74
C ILE L 271 -42.65 43.28 -48.34
N LYS L 272 -42.69 42.26 -47.47
CA LYS L 272 -42.85 40.87 -47.89
C LYS L 272 -43.93 40.21 -47.08
N ARG L 273 -44.67 39.30 -47.72
CA ARG L 273 -45.75 38.57 -47.05
C ARG L 273 -45.77 37.16 -47.60
N ARG L 274 -45.86 36.16 -46.72
CA ARG L 274 -45.69 34.77 -47.10
C ARG L 274 -46.79 33.90 -46.51
N ARG L 275 -47.13 32.83 -47.23
CA ARG L 275 -48.09 31.84 -46.79
C ARG L 275 -47.68 30.49 -47.33
N VAL L 276 -47.84 29.45 -46.50
CA VAL L 276 -47.42 28.10 -46.88
C VAL L 276 -48.54 27.39 -47.65
N TYR L 277 -48.19 26.70 -48.73
CA TYR L 277 -49.17 25.99 -49.52
C TYR L 277 -48.73 24.54 -49.68
N LYS L 278 -49.69 23.63 -49.65
CA LYS L 278 -49.43 22.20 -49.66
C LYS L 278 -50.14 21.55 -50.82
N SER L 279 -49.43 20.69 -51.55
CA SER L 279 -50.01 19.99 -52.69
C SER L 279 -49.57 18.54 -52.68
N ILE L 280 -50.45 17.66 -53.13
CA ILE L 280 -50.20 16.22 -53.16
C ILE L 280 -50.11 15.80 -54.61
N ILE L 281 -48.92 15.35 -55.03
CA ILE L 281 -48.67 15.00 -56.41
C ILE L 281 -48.40 13.50 -56.51
N THR L 282 -48.21 13.04 -57.74
CA THR L 282 -47.74 11.69 -58.02
C THR L 282 -46.84 11.75 -59.24
N CYS L 283 -45.94 10.77 -59.35
CA CYS L 283 -44.91 10.82 -60.38
C CYS L 283 -45.50 10.75 -61.77
N THR L 284 -46.36 9.75 -62.03
CA THR L 284 -46.87 9.55 -63.37
C THR L 284 -48.08 10.43 -63.65
N ALA L 285 -49.17 10.25 -62.90
CA ALA L 285 -50.40 10.95 -63.19
C ALA L 285 -50.32 12.41 -62.76
N VAL L 286 -51.38 13.15 -63.07
CA VAL L 286 -51.44 14.57 -62.73
C VAL L 286 -51.57 14.72 -61.22
N LEU L 287 -51.30 15.93 -60.72
CA LEU L 287 -51.39 16.17 -59.30
C LEU L 287 -52.83 16.09 -58.83
N LYS L 288 -53.01 15.65 -57.59
CA LYS L 288 -54.33 15.37 -57.06
C LYS L 288 -54.95 16.55 -56.32
N ASP L 289 -54.17 17.30 -55.56
CA ASP L 289 -54.61 18.54 -54.94
C ASP L 289 -53.69 19.66 -55.39
N LYS L 290 -54.27 20.78 -55.81
CA LYS L 290 -53.46 21.84 -56.39
C LYS L 290 -52.76 22.65 -55.30
N GLN L 291 -53.52 23.23 -54.38
CA GLN L 291 -52.93 24.13 -53.39
C GLN L 291 -53.85 24.20 -52.18
N LEU L 292 -53.27 24.11 -50.98
CA LEU L 292 -54.02 24.20 -49.74
C LEU L 292 -53.15 24.91 -48.71
N ILE L 293 -53.78 25.67 -47.83
CA ILE L 293 -53.08 26.46 -46.84
C ILE L 293 -53.16 25.74 -45.50
N ALA L 294 -52.03 25.65 -44.80
CA ALA L 294 -52.02 25.04 -43.46
C ALA L 294 -50.90 25.68 -42.66
N GLY L 295 -51.22 26.69 -41.84
CA GLY L 295 -50.23 27.34 -41.01
C GLY L 295 -49.54 28.50 -41.69
N GLU L 296 -48.27 28.76 -41.34
CA GLU L 296 -47.53 29.85 -41.97
C GLU L 296 -46.16 29.40 -42.48
N HIS L 297 -45.54 28.44 -41.81
CA HIS L 297 -44.30 27.85 -42.26
C HIS L 297 -44.56 26.45 -42.77
N ILE L 298 -43.55 25.84 -43.38
CA ILE L 298 -43.63 24.42 -43.73
C ILE L 298 -43.42 23.61 -42.46
N PRO L 299 -44.38 22.76 -42.09
CA PRO L 299 -44.32 22.12 -40.76
C PRO L 299 -43.10 21.27 -40.53
N ILE L 300 -42.54 20.62 -41.56
CA ILE L 300 -41.45 19.70 -41.35
C ILE L 300 -40.26 20.43 -40.74
N VAL L 301 -39.78 19.94 -39.61
CA VAL L 301 -38.61 20.48 -38.94
C VAL L 301 -37.53 19.42 -38.89
N PRO L 302 -36.35 19.65 -39.46
CA PRO L 302 -35.32 18.62 -39.48
C PRO L 302 -34.33 18.74 -38.34
N VAL L 303 -33.79 17.62 -37.87
CA VAL L 303 -32.62 17.63 -37.01
C VAL L 303 -31.47 17.06 -37.81
N PHE L 304 -30.26 17.54 -37.53
CA PHE L 304 -29.07 17.09 -38.24
C PHE L 304 -27.99 16.72 -37.25
N GLY L 305 -27.12 15.81 -37.65
CA GLY L 305 -25.98 15.50 -36.83
C GLY L 305 -24.89 16.53 -37.04
N GLU L 306 -23.65 16.09 -37.20
CA GLU L 306 -22.59 17.01 -37.60
C GLU L 306 -22.84 17.43 -39.04
N TRP L 307 -23.27 18.67 -39.24
CA TRP L 307 -23.76 19.15 -40.53
C TRP L 307 -22.92 20.34 -40.99
N GLY L 308 -22.50 20.31 -42.25
CA GLY L 308 -21.74 21.41 -42.82
C GLY L 308 -21.67 21.28 -44.31
N PHE L 309 -21.16 22.32 -44.94
CA PHE L 309 -21.02 22.38 -46.39
C PHE L 309 -19.56 22.13 -46.76
N VAL L 310 -19.34 21.20 -47.69
CA VAL L 310 -18.01 20.88 -48.18
C VAL L 310 -18.04 20.92 -49.70
N GLU L 311 -17.27 21.83 -50.29
CA GLU L 311 -17.24 22.02 -51.74
C GLU L 311 -18.64 22.23 -52.30
N ASP L 312 -19.45 22.99 -51.56
CA ASP L 312 -20.80 23.38 -51.96
C ASP L 312 -21.72 22.17 -52.09
N LYS L 313 -21.54 21.19 -51.21
CA LYS L 313 -22.44 20.04 -51.13
C LYS L 313 -22.85 19.85 -49.69
N GLU L 314 -24.14 19.67 -49.46
CA GLU L 314 -24.62 19.40 -48.11
C GLU L 314 -24.16 18.02 -47.66
N VAL L 315 -23.39 17.96 -46.58
CA VAL L 315 -22.97 16.70 -46.00
C VAL L 315 -23.32 16.72 -44.53
N TYR L 316 -23.97 15.65 -44.07
CA TYR L 316 -24.31 15.49 -42.66
C TYR L 316 -23.91 14.09 -42.24
N GLU L 317 -23.50 13.94 -40.97
CA GLU L 317 -23.05 12.65 -40.50
C GLU L 317 -23.77 12.25 -39.22
N GLY L 318 -23.31 11.16 -38.60
CA GLY L 318 -23.86 10.74 -37.34
C GLY L 318 -22.77 10.25 -36.43
N VAL L 319 -23.04 9.19 -35.67
CA VAL L 319 -22.01 8.59 -34.85
C VAL L 319 -21.95 7.12 -35.25
N VAL L 320 -22.27 6.84 -36.51
CA VAL L 320 -22.33 5.47 -37.00
C VAL L 320 -21.30 5.18 -38.09
N ARG L 321 -20.79 6.16 -38.81
CA ARG L 321 -19.81 5.86 -39.85
C ARG L 321 -18.49 5.39 -39.25
N LEU L 322 -18.01 6.11 -38.24
CA LEU L 322 -16.69 5.84 -37.69
C LEU L 322 -16.70 4.52 -36.92
N THR L 323 -17.68 4.38 -36.03
CA THR L 323 -17.94 3.11 -35.39
C THR L 323 -18.25 2.04 -36.40
N LYS L 324 -18.73 2.40 -37.59
CA LYS L 324 -19.04 1.40 -38.59
C LYS L 324 -17.79 0.75 -39.11
N ASP L 325 -16.78 1.56 -39.42
CA ASP L 325 -15.51 0.96 -39.86
C ASP L 325 -14.89 0.14 -38.74
N GLY L 326 -14.87 0.67 -37.52
CA GLY L 326 -14.33 -0.11 -36.41
C GLY L 326 -15.09 -1.41 -36.19
N GLN L 327 -16.41 -1.36 -36.32
CA GLN L 327 -17.25 -2.53 -36.12
C GLN L 327 -17.03 -3.57 -37.19
N ARG L 328 -16.79 -3.13 -38.44
CA ARG L 328 -16.47 -4.10 -39.48
C ARG L 328 -15.17 -4.82 -39.16
N LEU L 329 -14.17 -4.09 -38.67
CA LEU L 329 -12.93 -4.78 -38.28
C LEU L 329 -13.16 -5.77 -37.16
N ARG L 330 -13.94 -5.39 -36.14
CA ARG L 330 -14.21 -6.31 -35.04
C ARG L 330 -14.96 -7.55 -35.50
N ASN L 331 -15.96 -7.36 -36.37
CA ASN L 331 -16.70 -8.49 -36.91
C ASN L 331 -15.78 -9.42 -37.67
N MET L 332 -14.88 -8.87 -38.49
CA MET L 332 -13.93 -9.70 -39.21
C MET L 332 -13.10 -10.52 -38.25
N ILE L 333 -12.58 -9.89 -37.19
CA ILE L 333 -11.68 -10.61 -36.28
C ILE L 333 -12.41 -11.75 -35.60
N MET L 334 -13.60 -11.47 -35.06
CA MET L 334 -14.31 -12.51 -34.33
C MET L 334 -14.80 -13.60 -35.25
N SER L 335 -15.21 -13.27 -36.47
CA SER L 335 -15.57 -14.30 -37.43
C SER L 335 -14.37 -15.15 -37.81
N PHE L 336 -13.18 -14.55 -37.89
CA PHE L 336 -11.98 -15.32 -38.17
C PHE L 336 -11.70 -16.32 -37.05
N ASN L 337 -11.84 -15.88 -35.79
CA ASN L 337 -11.69 -16.81 -34.69
C ASN L 337 -12.70 -17.95 -34.76
N ALA L 338 -13.97 -17.61 -35.06
CA ALA L 338 -14.99 -18.63 -35.14
C ALA L 338 -14.72 -19.61 -36.28
N ASP L 339 -14.18 -19.11 -37.39
CA ASP L 339 -13.84 -19.99 -38.50
C ASP L 339 -12.70 -20.93 -38.14
N ILE L 340 -11.74 -20.46 -37.33
CA ILE L 340 -10.72 -21.37 -36.82
C ILE L 340 -11.36 -22.46 -35.96
N VAL L 341 -12.29 -22.08 -35.08
CA VAL L 341 -12.81 -23.02 -34.09
C VAL L 341 -13.61 -24.14 -34.74
N ALA L 342 -14.53 -23.80 -35.64
CA ALA L 342 -15.53 -24.78 -36.05
C ALA L 342 -14.99 -25.83 -37.02
N ARG L 343 -13.94 -26.54 -36.63
CA ARG L 343 -13.47 -27.72 -37.34
C ARG L 343 -12.97 -28.70 -36.29
N THR L 344 -13.31 -29.98 -36.45
CA THR L 344 -12.95 -30.96 -35.44
C THR L 344 -11.44 -30.98 -35.24
N PRO L 345 -10.97 -30.90 -34.00
CA PRO L 345 -9.53 -30.90 -33.75
C PRO L 345 -8.83 -32.17 -34.18
N LYS L 346 -9.55 -33.27 -34.38
CA LYS L 346 -8.90 -34.51 -34.77
C LYS L 346 -8.12 -34.32 -36.07
N LYS L 347 -6.89 -34.83 -36.08
CA LYS L 347 -6.05 -34.66 -37.25
C LYS L 347 -6.56 -35.52 -38.40
N LYS L 348 -6.43 -34.98 -39.61
CA LYS L 348 -6.74 -35.72 -40.83
C LYS L 348 -5.44 -36.13 -41.48
N PRO L 349 -5.15 -37.43 -41.61
CA PRO L 349 -3.87 -37.87 -42.14
C PRO L 349 -3.88 -38.02 -43.66
N PHE L 350 -2.68 -37.96 -44.24
CA PHE L 350 -2.45 -38.15 -45.66
C PHE L 350 -1.74 -39.47 -45.88
N PHE L 351 -2.37 -40.39 -46.59
CA PHE L 351 -1.70 -41.60 -47.02
C PHE L 351 -2.38 -42.24 -48.22
N TRP L 352 -1.59 -43.02 -48.97
CA TRP L 352 -1.92 -43.64 -50.24
C TRP L 352 -3.10 -44.60 -50.10
N PRO L 353 -3.89 -44.80 -51.15
CA PRO L 353 -4.99 -45.77 -51.04
C PRO L 353 -4.52 -47.18 -50.76
N GLU L 354 -3.35 -47.58 -51.26
CA GLU L 354 -2.84 -48.91 -50.96
C GLU L 354 -2.12 -48.99 -49.63
N GLN L 355 -1.86 -47.85 -48.99
CA GLN L 355 -1.29 -47.87 -47.65
C GLN L 355 -2.29 -48.38 -46.62
N ILE L 356 -3.58 -48.31 -46.91
CA ILE L 356 -4.62 -48.88 -46.05
C ILE L 356 -5.52 -49.77 -46.88
N ALA L 357 -4.98 -50.40 -47.91
CA ALA L 357 -5.75 -51.16 -48.89
C ALA L 357 -6.88 -51.96 -48.25
N GLY L 358 -6.55 -52.82 -47.31
CA GLY L 358 -7.57 -53.59 -46.63
C GLY L 358 -8.08 -52.91 -45.37
N PHE L 359 -7.20 -52.17 -44.70
CA PHE L 359 -7.48 -51.62 -43.37
C PHE L 359 -8.16 -50.27 -43.55
N GLU L 360 -9.45 -50.30 -43.89
CA GLU L 360 -10.23 -49.09 -44.02
C GLU L 360 -11.26 -48.93 -42.92
N HIS L 361 -11.64 -50.00 -42.23
CA HIS L 361 -12.56 -49.91 -41.12
C HIS L 361 -11.91 -49.39 -39.85
N MET L 362 -10.58 -49.30 -39.84
CA MET L 362 -9.85 -48.77 -38.71
C MET L 362 -9.99 -47.25 -38.62
N TYR L 363 -9.87 -46.58 -39.78
CA TYR L 363 -9.74 -45.13 -39.82
C TYR L 363 -11.08 -44.48 -40.17
N ASP L 364 -12.01 -44.55 -39.21
CA ASP L 364 -13.30 -43.91 -39.40
C ASP L 364 -13.73 -43.01 -38.24
N GLY L 365 -13.17 -43.18 -37.05
CA GLY L 365 -13.58 -42.37 -35.92
C GLY L 365 -14.82 -42.92 -35.24
N ASN L 366 -15.50 -43.85 -35.90
CA ASN L 366 -16.63 -44.52 -35.30
C ASN L 366 -16.21 -45.56 -34.27
N ASP L 367 -14.92 -45.84 -34.16
CA ASP L 367 -14.39 -46.76 -33.17
C ASP L 367 -13.05 -46.24 -32.68
N ASP L 368 -12.63 -46.71 -31.52
CA ASP L 368 -11.30 -46.41 -30.98
C ASP L 368 -10.60 -47.73 -30.70
N TYR L 369 -9.58 -48.01 -31.48
CA TYR L 369 -8.78 -49.22 -31.59
C TYR L 369 -7.44 -49.05 -30.88
N PRO L 370 -6.88 -50.14 -30.35
CA PRO L 370 -5.67 -50.02 -29.54
C PRO L 370 -4.46 -49.57 -30.35
N TYR L 371 -4.22 -50.21 -31.49
CA TYR L 371 -3.13 -49.85 -32.38
C TYR L 371 -3.69 -49.62 -33.77
N TYR L 372 -2.91 -48.93 -34.58
CA TYR L 372 -3.29 -48.61 -35.96
C TYR L 372 -2.37 -49.35 -36.90
N LEU L 373 -2.95 -50.05 -37.87
CA LEU L 373 -2.20 -50.90 -38.79
C LEU L 373 -2.01 -50.23 -40.14
N LEU L 374 -0.84 -50.47 -40.73
CA LEU L 374 -0.51 -49.99 -42.06
C LEU L 374 0.23 -51.10 -42.78
N ASN L 375 -0.14 -51.37 -44.02
CA ASN L 375 0.45 -52.47 -44.77
C ASN L 375 1.81 -52.04 -45.33
N ARG L 376 2.35 -52.82 -46.27
CA ARG L 376 3.77 -52.78 -46.62
C ARG L 376 4.34 -51.37 -46.77
N THR L 377 3.80 -50.58 -47.71
CA THR L 377 4.25 -49.21 -47.93
C THR L 377 3.33 -48.48 -48.92
N PRO L 388 4.31 -44.25 -40.43
CA PRO L 388 4.79 -43.39 -41.51
C PRO L 388 3.65 -42.74 -42.29
N LEU L 389 3.42 -41.44 -42.07
CA LEU L 389 2.33 -40.71 -42.71
C LEU L 389 2.43 -39.24 -42.30
N ALA L 390 1.71 -38.40 -43.03
CA ALA L 390 1.70 -36.96 -42.78
C ALA L 390 0.28 -36.47 -42.61
N TYR L 391 0.11 -35.38 -41.87
CA TYR L 391 -1.21 -34.89 -41.47
C TYR L 391 -1.54 -33.58 -42.17
N TYR L 392 -2.82 -33.20 -42.06
CA TYR L 392 -3.36 -31.99 -42.67
C TYR L 392 -3.37 -30.89 -41.60
N GLU L 393 -2.61 -29.83 -41.84
CA GLU L 393 -2.38 -28.81 -40.84
C GLU L 393 -3.64 -27.98 -40.61
N ASN L 394 -4.25 -28.14 -39.43
CA ASN L 394 -5.36 -27.28 -39.05
C ASN L 394 -4.83 -25.87 -38.81
N PRO L 395 -5.68 -24.86 -38.97
CA PRO L 395 -5.25 -23.48 -38.71
C PRO L 395 -5.00 -23.27 -37.23
N GLU L 396 -4.17 -22.28 -36.93
CA GLU L 396 -3.85 -21.94 -35.55
C GLU L 396 -4.24 -20.49 -35.28
N VAL L 397 -4.75 -20.23 -34.09
CA VAL L 397 -5.15 -18.88 -33.71
C VAL L 397 -3.91 -18.03 -33.52
N PRO L 398 -3.83 -16.85 -34.15
CA PRO L 398 -2.56 -16.10 -34.14
C PRO L 398 -2.10 -15.70 -32.75
N GLN L 399 -3.03 -15.45 -31.82
CA GLN L 399 -2.74 -15.00 -30.47
C GLN L 399 -2.17 -13.58 -30.51
N ALA L 400 -1.93 -13.07 -31.71
CA ALA L 400 -1.67 -11.66 -31.91
C ALA L 400 -2.95 -10.89 -32.13
N ASN L 401 -4.09 -11.57 -32.21
CA ASN L 401 -5.36 -10.89 -32.39
C ASN L 401 -5.90 -10.31 -31.10
N ALA L 402 -5.27 -10.57 -29.96
CA ALA L 402 -5.71 -9.96 -28.71
C ALA L 402 -5.69 -8.45 -28.83
N TYR L 403 -4.51 -7.88 -29.11
CA TYR L 403 -4.44 -6.43 -29.22
C TYR L 403 -5.17 -5.91 -30.43
N MET L 404 -5.27 -6.71 -31.49
CA MET L 404 -6.00 -6.28 -32.68
C MET L 404 -7.48 -6.04 -32.35
N LEU L 405 -8.10 -7.05 -31.73
CA LEU L 405 -9.49 -6.93 -31.32
C LEU L 405 -9.67 -5.81 -30.30
N GLU L 406 -8.73 -5.68 -29.36
CA GLU L 406 -8.87 -4.63 -28.37
C GLU L 406 -8.79 -3.25 -29.00
N ALA L 407 -7.90 -3.07 -29.98
CA ALA L 407 -7.83 -1.80 -30.67
C ALA L 407 -9.11 -1.50 -31.42
N ALA L 408 -9.67 -2.50 -32.11
CA ALA L 408 -10.90 -2.26 -32.86
C ALA L 408 -12.07 -1.91 -31.93
N THR L 409 -12.25 -2.69 -30.86
CA THR L 409 -13.36 -2.45 -29.95
C THR L 409 -13.20 -1.11 -29.23
N SER L 410 -11.98 -0.80 -28.77
CA SER L 410 -11.77 0.47 -28.11
C SER L 410 -11.96 1.62 -29.07
N ALA L 411 -11.58 1.46 -30.35
CA ALA L 411 -11.86 2.49 -31.33
C ALA L 411 -13.35 2.75 -31.43
N VAL L 412 -14.14 1.68 -31.56
CA VAL L 412 -15.59 1.89 -31.67
C VAL L 412 -16.14 2.57 -30.43
N LYS L 413 -15.64 2.19 -29.25
CA LYS L 413 -16.23 2.69 -28.02
C LYS L 413 -15.70 4.06 -27.58
N GLU L 414 -14.60 4.55 -28.15
CA GLU L 414 -14.17 5.89 -27.73
C GLU L 414 -14.20 6.91 -28.86
N VAL L 415 -13.92 6.51 -30.10
CA VAL L 415 -14.02 7.44 -31.22
C VAL L 415 -15.43 8.01 -31.30
N ALA L 416 -16.43 7.18 -30.98
CA ALA L 416 -17.80 7.64 -30.95
C ALA L 416 -18.02 8.63 -29.81
N THR L 417 -17.83 8.18 -28.58
CA THR L 417 -18.09 9.00 -27.41
C THR L 417 -16.89 9.03 -26.49
N LEU L 418 -16.72 10.15 -25.79
CA LEU L 418 -15.62 10.39 -24.85
C LEU L 418 -14.28 9.86 -25.33
N ASP L 443 -17.77 17.79 -21.69
CA ASP L 443 -18.91 17.37 -22.50
C ASP L 443 -20.16 17.18 -21.64
N LEU L 444 -20.28 15.97 -21.07
CA LEU L 444 -21.45 15.53 -20.30
C LEU L 444 -22.66 15.40 -21.21
N GLU L 445 -22.47 15.79 -22.47
CA GLU L 445 -23.42 15.66 -23.57
C GLU L 445 -22.69 16.09 -24.83
N THR L 446 -22.87 15.34 -25.92
CA THR L 446 -22.16 15.66 -27.14
C THR L 446 -22.63 17.03 -27.59
N TYR L 447 -21.78 18.03 -27.43
CA TYR L 447 -22.19 19.42 -27.58
C TYR L 447 -22.72 19.69 -28.98
N VAL L 448 -22.12 19.06 -30.00
CA VAL L 448 -22.57 19.32 -31.37
C VAL L 448 -23.97 18.77 -31.58
N PHE L 449 -24.23 17.55 -31.11
CA PHE L 449 -25.55 16.97 -31.25
C PHE L 449 -26.58 17.73 -30.42
N GLN L 450 -26.21 18.15 -29.21
CA GLN L 450 -27.14 18.90 -28.38
C GLN L 450 -27.47 20.26 -28.97
N ASP L 451 -26.46 20.96 -29.49
CA ASP L 451 -26.72 22.23 -30.15
C ASP L 451 -27.58 22.07 -31.39
N ASN L 452 -27.34 21.01 -32.17
CA ASN L 452 -28.16 20.77 -33.34
C ASN L 452 -29.61 20.50 -32.95
N LEU L 453 -29.82 19.68 -31.91
CA LEU L 453 -31.17 19.44 -31.44
C LEU L 453 -31.81 20.72 -30.93
N ALA L 454 -31.03 21.59 -30.27
CA ALA L 454 -31.57 22.85 -29.78
C ALA L 454 -32.01 23.74 -30.94
N THR L 455 -31.19 23.84 -31.99
CA THR L 455 -31.56 24.67 -33.13
C THR L 455 -32.81 24.12 -33.81
N ALA L 456 -32.89 22.80 -33.97
CA ALA L 456 -34.09 22.21 -34.56
C ALA L 456 -35.31 22.45 -33.68
N MET L 457 -35.15 22.34 -32.37
CA MET L 457 -36.28 22.60 -31.47
C MET L 457 -36.70 24.05 -31.51
N ARG L 458 -35.77 24.97 -31.73
CA ARG L 458 -36.15 26.37 -31.91
C ARG L 458 -36.96 26.55 -33.20
N ARG L 459 -36.57 25.86 -34.27
CA ARG L 459 -37.41 25.90 -35.47
C ARG L 459 -38.78 25.34 -35.19
N ASP L 460 -38.86 24.25 -34.42
CA ASP L 460 -40.13 23.71 -34.00
C ASP L 460 -40.94 24.74 -33.24
N GLY L 461 -40.27 25.51 -32.39
CA GLY L 461 -40.95 26.57 -31.68
C GLY L 461 -41.54 27.61 -32.60
N GLU L 462 -40.79 28.03 -33.62
CA GLU L 462 -41.31 29.02 -34.56
C GLU L 462 -42.51 28.48 -35.30
N ILE L 463 -42.43 27.23 -35.78
CA ILE L 463 -43.55 26.65 -36.51
C ILE L 463 -44.78 26.55 -35.61
N TYR L 464 -44.58 26.07 -34.39
CA TYR L 464 -45.69 25.91 -33.46
C TYR L 464 -46.30 27.26 -33.13
N GLN L 465 -45.49 28.29 -32.94
CA GLN L 465 -46.03 29.60 -32.63
C GLN L 465 -46.83 30.17 -33.79
N SER L 466 -46.34 29.99 -35.03
CA SER L 466 -47.10 30.49 -36.17
C SER L 466 -48.44 29.76 -36.28
N ILE L 467 -48.43 28.45 -36.06
CA ILE L 467 -49.68 27.70 -36.19
C ILE L 467 -50.64 28.07 -35.06
N VAL L 468 -50.12 28.28 -33.84
CA VAL L 468 -50.97 28.74 -32.74
C VAL L 468 -51.54 30.12 -33.05
N ASN L 469 -50.73 31.01 -33.60
CA ASN L 469 -51.21 32.34 -33.95
C ASN L 469 -52.31 32.27 -34.99
N ASP L 470 -52.24 31.33 -35.91
CA ASP L 470 -53.21 31.27 -37.00
C ASP L 470 -54.41 30.36 -36.71
N ILE L 471 -54.39 29.61 -35.61
CA ILE L 471 -55.52 28.76 -35.23
C ILE L 471 -56.25 29.29 -34.00
N TYR L 472 -55.51 29.54 -32.92
CA TYR L 472 -56.18 29.88 -31.66
C TYR L 472 -56.77 31.29 -31.72
N ASP L 473 -57.81 31.46 -32.54
CA ASP L 473 -58.51 32.73 -32.68
C ASP L 473 -59.83 32.74 -31.90
N VAL L 474 -60.67 31.73 -32.11
CA VAL L 474 -61.97 31.64 -31.47
C VAL L 474 -61.75 31.53 -29.97
N PRO L 475 -62.62 32.11 -29.14
CA PRO L 475 -62.54 31.86 -27.68
C PRO L 475 -62.47 30.38 -27.36
N ARG L 476 -61.43 29.97 -26.63
CA ARG L 476 -61.15 28.59 -26.36
C ARG L 476 -60.83 28.40 -24.89
N ASN L 477 -60.85 27.13 -24.47
CA ASN L 477 -60.31 26.74 -23.17
C ASN L 477 -59.15 25.80 -23.43
N VAL L 478 -57.99 26.10 -22.84
CA VAL L 478 -56.79 25.32 -23.03
C VAL L 478 -56.24 24.93 -21.68
N THR L 479 -55.36 23.94 -21.68
CA THR L 479 -54.63 23.53 -20.49
C THR L 479 -53.19 23.99 -20.62
N ILE L 480 -52.64 24.49 -19.53
CA ILE L 480 -51.30 25.03 -19.50
C ILE L 480 -50.49 24.24 -18.49
N THR L 481 -49.31 23.79 -18.88
CA THR L 481 -48.39 23.14 -17.95
C THR L 481 -47.33 24.18 -17.57
N LEU L 482 -47.60 24.90 -16.50
CA LEU L 482 -46.60 25.80 -15.95
C LEU L 482 -45.38 24.99 -15.52
N GLU L 483 -44.30 25.69 -15.20
CA GLU L 483 -43.08 25.00 -14.85
C GLU L 483 -43.29 24.23 -13.54
N ASP L 484 -42.49 23.19 -13.35
CA ASP L 484 -42.57 22.27 -12.21
C ASP L 484 -43.84 21.43 -12.30
N GLY L 485 -44.27 21.09 -13.52
CA GLY L 485 -45.39 20.20 -13.73
C GLY L 485 -46.71 20.68 -13.18
N SER L 486 -46.78 21.90 -12.64
CA SER L 486 -48.00 22.39 -12.02
C SER L 486 -49.03 22.65 -13.09
N GLU L 487 -49.99 21.73 -13.22
CA GLU L 487 -51.03 21.88 -14.22
C GLU L 487 -51.88 23.10 -13.91
N LYS L 488 -52.53 23.63 -14.95
CA LYS L 488 -53.42 24.77 -14.76
C LYS L 488 -54.42 24.81 -15.91
N ASP L 489 -55.55 25.43 -15.65
CA ASP L 489 -56.60 25.63 -16.64
C ASP L 489 -56.75 27.12 -16.90
N VAL L 490 -56.76 27.49 -18.17
CA VAL L 490 -56.79 28.90 -18.56
C VAL L 490 -57.68 29.06 -19.79
N GLN L 491 -58.50 30.10 -19.79
CA GLN L 491 -59.25 30.49 -20.98
C GLN L 491 -58.42 31.46 -21.81
N LEU L 492 -58.60 31.39 -23.13
CA LEU L 492 -57.71 32.14 -24.02
C LEU L 492 -58.16 33.59 -24.18
N MET L 493 -59.42 33.82 -24.54
CA MET L 493 -59.85 35.20 -24.74
C MET L 493 -60.26 35.85 -23.42
N ALA L 494 -61.22 35.25 -22.72
CA ALA L 494 -61.70 35.75 -21.44
C ALA L 494 -62.21 37.18 -21.57
N GLU L 495 -63.31 37.30 -22.32
CA GLU L 495 -63.89 38.56 -22.74
C GLU L 495 -64.38 39.44 -21.58
N VAL L 496 -64.23 38.97 -20.33
CA VAL L 496 -64.78 39.68 -19.18
C VAL L 496 -64.33 41.14 -19.18
N VAL L 497 -65.29 42.03 -18.91
CA VAL L 497 -65.05 43.47 -18.85
C VAL L 497 -64.54 43.82 -17.46
N ASP L 498 -63.65 44.81 -17.38
CA ASP L 498 -63.01 45.17 -16.13
C ASP L 498 -64.02 45.77 -15.15
N LEU L 499 -63.60 45.82 -13.88
CA LEU L 499 -64.43 46.38 -12.83
C LEU L 499 -64.13 47.85 -12.58
N ALA L 500 -62.89 48.16 -12.23
CA ALA L 500 -62.49 49.52 -11.89
C ALA L 500 -61.90 50.29 -13.06
N THR L 501 -61.80 49.66 -14.24
CA THR L 501 -61.20 50.30 -15.40
C THR L 501 -62.26 50.82 -16.37
N GLY L 502 -63.17 49.96 -16.82
CA GLY L 502 -64.22 50.35 -17.73
C GLY L 502 -63.98 50.00 -19.18
N GLU L 503 -62.84 49.42 -19.52
CA GLU L 503 -62.52 49.01 -20.88
C GLU L 503 -62.73 47.51 -21.05
N LYS L 504 -62.62 47.06 -22.29
CA LYS L 504 -62.85 45.65 -22.59
C LYS L 504 -61.71 44.79 -22.05
N GLN L 505 -60.50 45.00 -22.56
CA GLN L 505 -59.27 44.42 -22.01
C GLN L 505 -59.36 42.88 -21.97
N VAL L 506 -59.37 42.30 -23.18
CA VAL L 506 -59.27 40.85 -23.27
C VAL L 506 -58.00 40.39 -22.56
N LEU L 507 -58.10 39.26 -21.88
CA LEU L 507 -57.09 38.91 -20.88
C LEU L 507 -55.79 38.42 -21.52
N ASN L 508 -55.85 37.31 -22.26
CA ASN L 508 -54.63 36.66 -22.72
C ASN L 508 -54.29 36.99 -24.18
N ASP L 509 -55.18 36.68 -25.11
CA ASP L 509 -55.03 37.07 -26.51
C ASP L 509 -53.67 36.65 -27.08
N ILE L 510 -53.51 35.33 -27.19
CA ILE L 510 -52.24 34.73 -27.62
C ILE L 510 -51.75 35.33 -28.93
N ARG L 511 -52.67 35.68 -29.82
CA ARG L 511 -52.30 36.19 -31.14
C ARG L 511 -51.34 37.38 -31.00
N GLY L 512 -50.21 37.28 -31.69
CA GLY L 512 -49.22 38.34 -31.67
C GLY L 512 -48.04 38.06 -32.58
N ARG L 513 -46.84 38.42 -32.14
CA ARG L 513 -45.62 38.10 -32.87
C ARG L 513 -44.54 37.77 -31.85
N TYR L 514 -43.96 36.59 -31.97
CA TYR L 514 -43.05 36.06 -30.97
C TYR L 514 -41.85 35.42 -31.66
N GLU L 515 -40.69 35.52 -31.03
CA GLU L 515 -39.49 34.81 -31.49
C GLU L 515 -39.06 33.85 -30.40
N CYS L 516 -38.58 32.68 -30.81
CA CYS L 516 -38.22 31.64 -29.86
C CYS L 516 -36.73 31.67 -29.56
N TYR L 517 -36.38 31.40 -28.31
CA TYR L 517 -34.98 31.29 -27.93
C TYR L 517 -34.89 30.25 -26.81
N THR L 518 -34.03 29.26 -26.99
CA THR L 518 -33.93 28.14 -26.08
C THR L 518 -32.79 28.33 -25.10
N ASP L 519 -32.99 27.85 -23.87
CA ASP L 519 -31.98 27.92 -22.81
C ASP L 519 -31.61 26.50 -22.43
N VAL L 520 -30.67 25.91 -23.17
CA VAL L 520 -30.19 24.58 -22.85
C VAL L 520 -29.24 24.66 -21.66
N GLY L 521 -29.42 23.76 -20.70
CA GLY L 521 -28.57 23.75 -19.53
C GLY L 521 -29.18 23.05 -18.35
N PRO L 522 -29.17 23.73 -17.19
CA PRO L 522 -29.66 23.10 -15.95
C PRO L 522 -31.15 22.83 -16.02
N SER L 523 -31.53 21.56 -15.93
CA SER L 523 -32.93 21.21 -15.86
C SER L 523 -33.52 21.69 -14.54
N PHE L 524 -34.85 21.86 -14.53
CA PHE L 524 -35.50 22.45 -13.36
C PHE L 524 -35.31 21.59 -12.12
N GLN L 525 -35.44 20.27 -12.26
CA GLN L 525 -35.20 19.40 -11.11
C GLN L 525 -33.76 19.50 -10.65
N SER L 526 -32.81 19.60 -11.58
CA SER L 526 -31.42 19.81 -11.19
C SER L 526 -31.25 21.15 -10.49
N MET L 527 -31.92 22.18 -10.97
CA MET L 527 -31.87 23.48 -10.30
C MET L 527 -32.38 23.36 -8.87
N LYS L 528 -33.49 22.66 -8.67
CA LYS L 528 -34.05 22.53 -7.33
C LYS L 528 -33.14 21.71 -6.43
N GLN L 529 -32.54 20.65 -6.96
CA GLN L 529 -31.63 19.85 -6.14
C GLN L 529 -30.40 20.66 -5.73
N GLN L 530 -29.85 21.45 -6.65
CA GLN L 530 -28.72 22.30 -6.30
C GLN L 530 -29.12 23.35 -5.27
N ASN L 531 -30.33 23.90 -5.40
CA ASN L 531 -30.82 24.87 -4.42
C ASN L 531 -30.93 24.23 -3.04
N ARG L 532 -31.48 23.03 -2.97
CA ARG L 532 -31.58 22.34 -1.68
C ARG L 532 -30.20 22.07 -1.10
N ALA L 533 -29.24 21.69 -1.94
CA ALA L 533 -27.89 21.46 -1.45
C ALA L 533 -27.29 22.73 -0.87
N GLU L 534 -27.48 23.86 -1.55
CA GLU L 534 -26.94 25.13 -1.06
C GLU L 534 -27.59 25.54 0.25
N ILE L 535 -28.91 25.40 0.34
CA ILE L 535 -29.61 25.77 1.57
C ILE L 535 -29.18 24.87 2.72
N LEU L 536 -29.00 23.57 2.45
CA LEU L 536 -28.53 22.67 3.50
C LEU L 536 -27.13 23.05 3.95
N GLU L 537 -26.26 23.44 3.03
CA GLU L 537 -24.93 23.88 3.42
C GLU L 537 -25.00 25.10 4.32
N LEU L 538 -25.86 26.07 3.95
CA LEU L 538 -26.01 27.26 4.79
C LEU L 538 -26.54 26.90 6.17
N LEU L 539 -27.50 25.98 6.24
CA LEU L 539 -27.97 25.52 7.54
C LEU L 539 -26.83 24.89 8.34
N GLY L 540 -25.89 24.23 7.66
CA GLY L 540 -24.72 23.73 8.35
C GLY L 540 -23.78 24.83 8.81
N LYS L 541 -23.81 25.99 8.15
CA LYS L 541 -22.88 27.07 8.47
C LYS L 541 -23.58 28.36 8.91
N THR L 542 -24.54 28.24 9.83
CA THR L 542 -25.25 29.41 10.31
C THR L 542 -25.64 29.20 11.77
N PRO L 543 -25.41 30.16 12.66
CA PRO L 543 -25.84 30.01 14.05
C PRO L 543 -27.36 29.91 14.15
N GLN L 544 -27.81 29.17 15.14
CA GLN L 544 -29.22 28.84 15.31
C GLN L 544 -29.97 29.97 15.99
N GLY L 545 -31.30 29.86 15.98
CA GLY L 545 -32.15 30.80 16.68
C GLY L 545 -32.45 32.07 15.89
N THR L 546 -31.45 32.57 15.18
CA THR L 546 -31.63 33.82 14.44
C THR L 546 -32.68 33.63 13.35
N PRO L 547 -33.41 34.71 13.00
CA PRO L 547 -34.44 34.57 11.96
C PRO L 547 -33.91 34.09 10.62
N GLU L 548 -32.63 34.31 10.34
CA GLU L 548 -32.05 33.77 9.11
C GLU L 548 -32.10 32.25 9.11
N TYR L 549 -31.77 31.62 10.24
CA TYR L 549 -31.81 30.17 10.33
C TYR L 549 -33.23 29.66 10.15
N GLN L 550 -34.20 30.30 10.80
CA GLN L 550 -35.58 29.86 10.65
C GLN L 550 -36.05 30.02 9.22
N LEU L 551 -35.68 31.13 8.57
CA LEU L 551 -36.07 31.34 7.18
C LEU L 551 -35.45 30.30 6.26
N LEU L 552 -34.17 29.99 6.46
CA LEU L 552 -33.52 28.98 5.64
C LEU L 552 -34.15 27.62 5.84
N LEU L 553 -34.45 27.26 7.09
CA LEU L 553 -35.08 25.96 7.35
C LEU L 553 -36.46 25.88 6.71
N LEU L 554 -37.24 26.97 6.80
CA LEU L 554 -38.56 26.97 6.20
C LEU L 554 -38.48 26.87 4.68
N GLN L 555 -37.49 27.55 4.07
CA GLN L 555 -37.36 27.46 2.63
C GLN L 555 -36.89 26.08 2.21
N TYR L 556 -36.07 25.43 3.02
CA TYR L 556 -35.72 24.05 2.74
C TYR L 556 -36.95 23.16 2.81
N PHE L 557 -37.82 23.41 3.79
CA PHE L 557 -39.07 22.66 3.85
C PHE L 557 -39.89 22.82 2.58
N THR L 558 -40.02 24.06 2.10
CA THR L 558 -40.91 24.29 0.96
C THR L 558 -40.30 23.80 -0.35
N LEU L 559 -39.04 23.36 -0.33
CA LEU L 559 -38.39 22.82 -1.51
C LEU L 559 -38.37 21.29 -1.53
N LEU L 560 -39.14 20.64 -0.65
CA LEU L 560 -39.09 19.19 -0.57
C LEU L 560 -39.91 18.58 -1.72
N ASP L 561 -40.11 17.27 -1.66
CA ASP L 561 -40.84 16.53 -2.67
C ASP L 561 -42.32 16.47 -2.30
N GLY L 562 -43.08 15.59 -2.93
CA GLY L 562 -44.53 15.69 -2.90
C GLY L 562 -45.26 14.97 -1.80
N LYS L 563 -45.88 13.83 -2.13
CA LYS L 563 -46.90 13.22 -1.28
C LYS L 563 -46.44 12.99 0.15
N GLY L 564 -45.20 12.55 0.33
CA GLY L 564 -44.72 12.18 1.64
C GLY L 564 -44.71 13.30 2.68
N VAL L 565 -44.22 14.47 2.30
CA VAL L 565 -44.01 15.55 3.25
C VAL L 565 -44.89 16.74 2.91
N GLU L 566 -46.08 16.48 2.36
CA GLU L 566 -46.99 17.56 2.00
C GLU L 566 -47.36 18.41 3.21
N MET L 567 -47.59 17.77 4.36
CA MET L 567 -47.96 18.52 5.55
C MET L 567 -46.84 19.44 6.00
N MET L 568 -45.58 18.97 5.90
CA MET L 568 -44.46 19.83 6.25
C MET L 568 -44.37 21.03 5.33
N ARG L 569 -44.56 20.82 4.02
CA ARG L 569 -44.52 21.95 3.09
C ARG L 569 -45.65 22.94 3.37
N ASP L 570 -46.85 22.44 3.68
CA ASP L 570 -47.95 23.34 4.00
C ASP L 570 -47.68 24.12 5.27
N TYR L 571 -47.12 23.47 6.29
CA TYR L 571 -46.77 24.19 7.50
C TYR L 571 -45.70 25.24 7.22
N ALA L 572 -44.74 24.92 6.36
CA ALA L 572 -43.72 25.90 6.01
C ALA L 572 -44.33 27.10 5.31
N ASN L 573 -45.26 26.87 4.39
CA ASN L 573 -45.93 27.99 3.74
C ASN L 573 -46.69 28.85 4.73
N LYS L 574 -47.39 28.21 5.67
CA LYS L 574 -48.11 28.98 6.68
C LYS L 574 -47.16 29.81 7.53
N GLN L 575 -46.05 29.21 7.96
CA GLN L 575 -45.09 29.93 8.79
C GLN L 575 -44.45 31.09 8.02
N LEU L 576 -44.12 30.88 6.75
CA LEU L 576 -43.54 31.95 5.95
C LEU L 576 -44.53 33.08 5.75
N ILE L 577 -45.78 32.76 5.46
CA ILE L 577 -46.75 33.80 5.19
C ILE L 577 -47.08 34.59 6.44
N GLN L 578 -47.24 33.90 7.58
CA GLN L 578 -47.47 34.59 8.84
C GLN L 578 -46.24 35.32 9.34
N MET L 579 -45.05 34.92 8.90
CA MET L 579 -43.84 35.67 9.21
C MET L 579 -43.78 36.97 8.43
N GLY L 580 -44.34 36.99 7.23
CA GLY L 580 -44.37 38.18 6.41
C GLY L 580 -43.36 38.21 5.29
N VAL L 581 -42.61 37.13 5.08
CA VAL L 581 -41.59 37.13 4.03
C VAL L 581 -42.20 36.75 2.68
N LYS L 582 -42.96 35.66 2.64
CA LYS L 582 -43.62 35.23 1.42
C LYS L 582 -44.99 35.88 1.30
N LYS L 583 -45.26 36.45 0.14
CA LYS L 583 -46.53 37.12 -0.08
C LYS L 583 -47.68 36.12 -0.10
N PRO L 584 -48.84 36.50 0.44
CA PRO L 584 -50.01 35.62 0.37
C PRO L 584 -50.52 35.51 -1.06
N GLU L 585 -51.15 34.37 -1.36
CA GLU L 585 -51.65 34.11 -2.71
C GLU L 585 -53.12 33.73 -2.74
N THR L 586 -53.81 33.67 -1.60
CA THR L 586 -55.21 33.28 -1.55
C THR L 586 -55.80 33.82 -0.25
N PRO L 587 -57.10 34.11 -0.22
CA PRO L 587 -57.67 34.82 0.93
C PRO L 587 -57.50 34.10 2.27
N GLU L 588 -57.44 32.77 2.29
CA GLU L 588 -57.17 32.10 3.56
C GLU L 588 -55.79 32.45 4.10
N GLU L 589 -54.80 32.55 3.21
CA GLU L 589 -53.47 32.99 3.63
C GLU L 589 -53.51 34.43 4.11
N GLN L 590 -54.31 35.28 3.46
CA GLN L 590 -54.45 36.65 3.93
C GLN L 590 -55.04 36.70 5.33
N GLN L 591 -56.06 35.88 5.58
CA GLN L 591 -56.64 35.81 6.92
C GLN L 591 -55.61 35.33 7.93
N TRP L 592 -54.80 34.34 7.55
CA TRP L 592 -53.74 33.88 8.45
C TRP L 592 -52.76 35.00 8.74
N LEU L 593 -52.38 35.76 7.72
CA LEU L 593 -51.43 36.85 7.91
C LEU L 593 -51.98 37.89 8.86
N VAL L 594 -53.24 38.29 8.67
CA VAL L 594 -53.80 39.33 9.53
C VAL L 594 -54.00 38.81 10.95
N GLU L 595 -54.38 37.53 11.12
CA GLU L 595 -54.50 36.97 12.46
C GLU L 595 -53.16 36.96 13.17
N ALA L 596 -52.10 36.55 12.45
CA ALA L 596 -50.78 36.53 13.08
C ALA L 596 -50.30 37.93 13.42
N GLN L 597 -50.54 38.90 12.53
CA GLN L 597 -50.05 40.25 12.77
C GLN L 597 -50.79 40.91 13.93
N GLN L 598 -52.12 40.81 13.95
CA GLN L 598 -52.89 41.43 15.02
C GLN L 598 -52.78 40.67 16.34
N ALA L 599 -52.22 39.47 16.34
CA ALA L 599 -52.08 38.69 17.56
C ALA L 599 -51.16 39.38 18.56
#